data_7T3K
#
_entry.id   7T3K
#
_cell.length_a   1.00
_cell.length_b   1.00
_cell.length_c   1.00
_cell.angle_alpha   90.00
_cell.angle_beta   90.00
_cell.angle_gamma   90.00
#
_symmetry.space_group_name_H-M   'P 1'
#
loop_
_entity.id
_entity.type
_entity.pdbx_description
1 polymer 'CRISPR-associated protein Csy1'
2 polymer 'CRISPR type I-F/YPEST-associated protein Csy2'
3 polymer 'CRISPR-associated endonuclease Cas6/Csy4'
4 polymer 'CRISPR type I-F/YPEST-associated protein Csy3'
5 polymer AcrIF24
6 polymer 'RNA (61-MER)'
#
loop_
_entity_poly.entity_id
_entity_poly.type
_entity_poly.pdbx_seq_one_letter_code
_entity_poly.pdbx_strand_id
1 'polypeptide(L)'
;MTSPLPTPTWQELRQFIESFIQERLQGKLDKLQPDEDDKRQTLLATHRREAWLADAARRVGQLQLVTHTLKPIHPDARGS
NLHSLPQAPGQPGLAGSHELGDRLVSDVVGNAAALDVFKFLSLQYQGKNLLNWLTEDSAEALQALSDNAEQAREWRQAFI
GITTVKGAPASHSLAKQLYFPLPGSGYHLLAPLFPTSLVHHVHALLREARFGDAAKAAREARSRQESWPHGFSEYPNLAI
QKFGGTKPQNISQLNNERRGENWLLPSLPPNWQRQNVNAPMRHSSVFEHDFGRTPEVSRLTRTLQRFLAKTVHNNLAIRQ
RRAQLVAQICDEALQYAARLRELEPGWSATPGCQLHDAEQLWLDPLRAQTDETFLQRRLRGDWPAEVGNRFANWLNRAVS
SDSQILGSPEAAQWSQELSKELTMFKEILEDERD
;
A,a
2 'polypeptide(L)'
;MSVTDPEALLLLPRLSIQNANAISSPLTWGFPSPGAFTGFVHALQRRVGISLDIELDGVGIVCHRFEAQISQPAGKRTKV
FNLTRNPLNRDGSTAAIVEEGRAHLEVSLLLGVHGDGLDDHPAQEIARQVQEQAGAMRLAGGSILPWCNERFPAPNAELL
MLGGSDEQRRKNQRRLTRRLLPGFALVSREALLQQHLETLRTTLPEATTLDALLDLCRINFEPPATSSEEEASPPDAAWQ
VRDKPGWLVPIPAGYNALSPLYLPGEVRNARDRETPLRFVENLFGLGEWLSPHRVAALSDLLWYHHAEPDKGLYRWSTPR
FVEHAIA
;
B,b
3 'polypeptide(L)'
;MDHYLDIRLRPDPEFPPAQLMSVLFGKLHQALVAQGGDRIGVSFPDLDESRSRLGERLRIHASADDLRALLARPWLEGLR
DHLQFGEPAVVPHPTPYRQVSRVQAKSNPERLRRRLMRRHDLSEEEARKRIPDTVARALDLPFVTLRSQSTGQHFRLFIR
HGPLQVTAEEGGFTCYGLSKGGFVPWF
;
C,c
4 'polypeptide(L)'
;MKSSHHHHHHENLYFQSNASKPILSTASVLAFERKLDPSDALMSAGAWAQRDASQEWPAVTVREKSVRGTISNRLKTKDR
DPAKLDASIQSPNLQTVDVANLPSDADTLKVRFTLRVLGGAGTPSACNDAAYRDKLLQTVATYVNDQGFAELARRYAHNL
ANARFLWRNRVGAEAVEVRINHIRQGEVARAWRFDALAIGLRDFKADAELDALAELIASGLSGSGHVLLEVVAFARIGDG
QEVFPSQELILDKGDKKGQKSKTLYSVRDAAAIHSQKIGNALRTIDTWYPDEDGLGPIAVEPYGSVTSQGKAYRQPKQKL
DFYTLLDNWVLRDEAPAVEQQHYVIANLIRGGVFGEAEEK
;
D,E,F,G,H,I,d,e,f,g,h,i
5 'polypeptide(L)'
;MNAIHIGPFSITPAARGLHYGGLPHHQWTLYYGPREMAIKTLPDSYTSSEVRDEFSDIIAEFVIDARHRYAPDVLELVNS
DGDAVLARVAVSRLPEALSGCIPDDRFPYWLLTASRPRLGLPVTLNEYTALAVELSAPPLAWITGLLPGEVLTHDAEEWR
PPTSWELRHVVGEGSFTGVSGAAAAALLGMSATNFRKYTAGDSAANRQKISFAAWHYLLDRLGVKRAS
;
J,K
6 'polyribonucleotide' CUAAGAAAUUCACGGCGGGCUUGAUGUCCGCGUCUACCUGAUUCACUGCCGUAUAGGCAGC M,m
#
# COMPACT_ATOMS: atom_id res chain seq x y z
N PRO A 8 -4.03 60.15 27.45
CA PRO A 8 -4.47 60.44 28.82
C PRO A 8 -3.83 61.71 29.36
N THR A 9 -2.50 61.70 29.52
CA THR A 9 -1.78 62.85 30.01
C THR A 9 -1.44 63.80 28.86
N TRP A 10 -1.45 65.10 29.14
CA TRP A 10 -1.04 66.08 28.14
C TRP A 10 0.47 66.11 27.93
N GLN A 11 1.24 65.61 28.90
CA GLN A 11 2.70 65.68 28.82
C GLN A 11 3.25 64.76 27.74
N GLU A 12 2.66 63.57 27.57
CA GLU A 12 3.12 62.67 26.52
C GLU A 12 2.75 63.19 25.13
N LEU A 13 1.61 63.87 25.00
CA LEU A 13 1.25 64.50 23.74
C LEU A 13 2.21 65.66 23.41
N ARG A 14 2.57 66.44 24.45
CA ARG A 14 3.57 67.50 24.28
C ARG A 14 4.93 66.92 23.88
N GLN A 15 5.32 65.81 24.49
CA GLN A 15 6.57 65.14 24.14
C GLN A 15 6.54 64.63 22.70
N PHE A 16 5.40 64.08 22.27
CA PHE A 16 5.29 63.56 20.91
C PHE A 16 5.32 64.68 19.87
N ILE A 17 4.63 65.80 20.13
CA ILE A 17 4.66 66.87 19.14
C ILE A 17 6.02 67.58 19.13
N GLU A 18 6.70 67.66 20.28
CA GLU A 18 8.05 68.22 20.29
C GLU A 18 9.04 67.29 19.58
N SER A 19 8.85 65.97 19.72
CA SER A 19 9.67 65.02 18.99
C SER A 19 9.41 65.11 17.49
N PHE A 20 8.16 65.35 17.10
CA PHE A 20 7.82 65.49 15.68
C PHE A 20 8.46 66.75 15.09
N ILE A 21 8.39 67.88 15.80
CA ILE A 21 8.98 69.10 15.26
C ILE A 21 10.51 69.04 15.32
N GLN A 22 11.08 68.29 16.28
CA GLN A 22 12.52 68.11 16.31
C GLN A 22 12.99 67.20 15.17
N GLU A 23 12.21 66.17 14.86
CA GLU A 23 12.51 65.31 13.71
C GLU A 23 12.42 66.07 12.41
N ARG A 24 11.43 66.96 12.28
CA ARG A 24 11.33 67.79 11.09
C ARG A 24 12.48 68.80 11.01
N LEU A 25 12.91 69.32 12.16
CA LEU A 25 14.03 70.26 12.21
C LEU A 25 15.33 69.59 11.79
N GLN A 26 15.60 68.38 12.30
CA GLN A 26 16.83 67.70 11.92
C GLN A 26 16.76 67.17 10.50
N GLY A 27 15.55 66.84 10.01
CA GLY A 27 15.40 66.45 8.61
C GLY A 27 15.68 67.59 7.66
N LYS A 28 15.15 68.79 7.94
CA LYS A 28 15.44 69.92 7.07
C LYS A 28 16.86 70.44 7.26
N LEU A 29 17.47 70.19 8.43
CA LEU A 29 18.88 70.51 8.60
C LEU A 29 19.77 69.58 7.78
N ASP A 30 19.42 68.29 7.73
CA ASP A 30 20.17 67.36 6.90
C ASP A 30 19.93 67.60 5.42
N LYS A 31 18.72 68.04 5.05
CA LYS A 31 18.42 68.34 3.65
C LYS A 31 19.12 69.61 3.20
N LEU A 32 19.16 70.64 4.05
CA LEU A 32 19.82 71.89 3.67
C LEU A 32 21.33 71.76 3.70
N GLN A 33 21.85 70.96 4.65
CA GLN A 33 23.28 70.78 4.88
C GLN A 33 24.03 72.10 5.08
N PRO A 34 23.50 73.01 5.89
CA PRO A 34 24.14 74.32 6.05
C PRO A 34 25.18 74.33 7.15
N ASP A 35 26.37 74.88 6.85
CA ASP A 35 27.44 75.00 7.82
C ASP A 35 27.79 76.45 8.13
N GLU A 36 27.15 77.41 7.47
CA GLU A 36 27.44 78.83 7.68
C GLU A 36 26.19 79.63 7.31
N ASP A 37 26.36 80.95 7.20
CA ASP A 37 25.37 81.93 6.75
C ASP A 37 24.13 82.00 7.65
N ASP A 38 24.27 81.52 8.90
CA ASP A 38 23.23 81.61 9.95
C ASP A 38 21.92 80.95 9.54
N LYS A 39 21.98 79.89 8.74
CA LYS A 39 20.76 79.21 8.31
C LYS A 39 20.16 78.35 9.42
N ARG A 40 20.99 77.85 10.33
CA ARG A 40 20.50 77.02 11.43
C ARG A 40 19.67 77.84 12.41
N GLN A 41 20.09 79.09 12.68
CA GLN A 41 19.33 79.95 13.58
C GLN A 41 17.98 80.34 12.98
N THR A 42 17.96 80.64 11.67
CA THR A 42 16.70 80.96 11.01
C THR A 42 15.80 79.74 10.86
N LEU A 43 16.40 78.55 10.77
CA LEU A 43 15.60 77.33 10.70
C LEU A 43 15.00 76.98 12.07
N LEU A 44 15.76 77.18 13.13
CA LEU A 44 15.28 76.89 14.48
C LEU A 44 14.46 78.02 15.07
N ALA A 45 14.43 79.19 14.43
CA ALA A 45 13.62 80.31 14.91
C ALA A 45 12.17 80.23 14.47
N THR A 46 11.81 79.26 13.63
CA THR A 46 10.44 79.15 13.13
C THR A 46 9.88 77.74 13.16
N HIS A 47 10.67 76.71 13.48
CA HIS A 47 10.18 75.34 13.50
C HIS A 47 10.74 74.59 14.71
N ARG A 48 10.80 75.24 15.85
CA ARG A 48 11.26 74.59 17.07
C ARG A 48 10.41 74.91 18.31
N ARG A 49 9.47 75.86 18.23
CA ARG A 49 8.70 76.26 19.39
C ARG A 49 7.20 76.23 19.09
N GLU A 50 6.39 76.80 19.97
CA GLU A 50 4.95 76.86 19.77
C GLU A 50 4.56 77.79 18.63
N ALA A 51 5.43 78.74 18.27
CA ALA A 51 5.15 79.67 17.17
C ALA A 51 5.03 78.96 15.84
N TRP A 52 5.73 77.82 15.68
CA TRP A 52 5.53 76.96 14.51
C TRP A 52 4.08 76.48 14.44
N LEU A 53 3.50 76.12 15.59
CA LEU A 53 2.08 75.84 15.66
C LEU A 53 1.26 77.05 15.25
N ALA A 54 1.69 78.25 15.68
CA ALA A 54 1.10 79.48 15.18
C ALA A 54 1.34 79.62 13.69
N ASP A 55 2.54 79.24 13.23
CA ASP A 55 2.78 79.17 11.79
C ASP A 55 1.91 78.09 11.15
N ALA A 56 1.65 77.01 11.88
CA ALA A 56 0.70 76.00 11.42
C ALA A 56 -0.71 76.57 11.35
N ALA A 57 -1.02 77.57 12.18
CA ALA A 57 -2.29 78.26 12.07
C ALA A 57 -2.40 79.04 10.76
N ARG A 58 -1.26 79.44 10.19
CA ARG A 58 -1.28 80.03 8.86
C ARG A 58 -1.33 78.99 7.75
N ARG A 59 -1.14 77.71 8.10
CA ARG A 59 -1.09 76.66 7.09
C ARG A 59 -2.34 75.77 7.07
N VAL A 60 -3.09 75.70 8.16
CA VAL A 60 -4.29 74.87 8.17
C VAL A 60 -5.44 75.53 7.44
N GLY A 61 -5.43 76.86 7.32
CA GLY A 61 -6.47 77.54 6.55
C GLY A 61 -6.32 77.42 5.05
N GLN A 62 -5.11 77.10 4.58
CA GLN A 62 -4.87 76.91 3.16
C GLN A 62 -5.21 75.49 2.71
N LEU A 63 -4.93 74.49 3.53
CA LEU A 63 -5.19 73.10 3.20
C LEU A 63 -6.67 72.77 3.41
N GLN A 64 -7.09 71.67 2.79
CA GLN A 64 -8.46 71.19 2.98
C GLN A 64 -8.48 69.67 2.89
N LEU A 65 -9.12 69.05 3.87
CA LEU A 65 -9.31 67.60 3.90
C LEU A 65 -10.64 67.26 3.25
N VAL A 66 -10.57 66.55 2.12
CA VAL A 66 -11.76 66.28 1.31
C VAL A 66 -11.82 64.80 0.95
N THR A 67 -13.03 64.33 0.62
CA THR A 67 -13.23 63.01 0.07
C THR A 67 -13.64 63.03 -1.41
N HIS A 68 -14.16 64.15 -1.89
CA HIS A 68 -14.55 64.30 -3.29
C HIS A 68 -14.09 65.66 -3.77
N THR A 69 -13.29 65.70 -4.82
CA THR A 69 -12.69 66.93 -5.32
C THR A 69 -13.03 67.14 -6.79
N LEU A 70 -12.84 68.38 -7.23
CA LEU A 70 -13.16 68.82 -8.58
C LEU A 70 -11.93 68.94 -9.47
N LYS A 71 -10.74 68.98 -8.90
CA LYS A 71 -9.48 69.22 -9.58
C LYS A 71 -9.06 68.11 -10.56
N PRO A 72 -9.48 66.83 -10.40
CA PRO A 72 -9.40 65.91 -11.55
C PRO A 72 -10.12 66.38 -12.81
N ILE A 73 -11.30 67.00 -12.70
CA ILE A 73 -11.82 67.77 -13.83
C ILE A 73 -10.95 69.02 -13.98
N HIS A 74 -10.93 69.59 -15.21
CA HIS A 74 -9.94 70.46 -15.86
C HIS A 74 -9.20 71.39 -14.89
N PRO A 75 -7.87 71.27 -14.76
CA PRO A 75 -7.18 71.88 -13.61
C PRO A 75 -7.18 73.40 -13.55
N ASP A 76 -7.70 74.09 -14.56
CA ASP A 76 -7.93 75.53 -14.44
C ASP A 76 -9.30 75.87 -13.88
N ALA A 77 -9.95 74.92 -13.22
CA ALA A 77 -11.26 75.14 -12.60
C ALA A 77 -11.12 75.25 -11.10
N ARG A 78 -11.72 76.28 -10.52
CA ARG A 78 -11.67 76.53 -9.08
C ARG A 78 -13.08 76.40 -8.52
N GLY A 79 -13.39 75.24 -7.94
CA GLY A 79 -14.68 75.00 -7.34
C GLY A 79 -14.59 74.74 -5.85
N SER A 80 -15.66 74.23 -5.26
CA SER A 80 -15.70 73.94 -3.84
C SER A 80 -15.56 72.44 -3.64
N ASN A 81 -14.38 72.01 -3.21
CA ASN A 81 -14.15 70.60 -2.89
C ASN A 81 -14.70 70.33 -1.50
N LEU A 82 -15.53 69.30 -1.38
CA LEU A 82 -16.28 69.08 -0.14
C LEU A 82 -16.02 67.68 0.40
N HIS A 83 -15.95 67.59 1.72
CA HIS A 83 -15.79 66.35 2.47
C HIS A 83 -17.17 65.96 2.99
N SER A 84 -17.81 65.00 2.34
CA SER A 84 -19.10 64.50 2.78
C SER A 84 -19.22 63.02 2.50
N LEU A 85 -19.71 62.28 3.49
CA LEU A 85 -20.02 60.87 3.31
C LEU A 85 -21.46 60.75 2.84
N PRO A 86 -21.72 60.20 1.66
CA PRO A 86 -23.10 60.08 1.18
C PRO A 86 -23.90 59.06 1.99
N GLN A 87 -25.21 59.29 2.04
CA GLN A 87 -26.10 58.40 2.77
C GLN A 87 -26.22 57.06 2.04
N ALA A 88 -26.38 55.99 2.81
CA ALA A 88 -26.54 54.66 2.24
C ALA A 88 -27.90 54.55 1.55
N PRO A 89 -27.94 54.17 0.27
CA PRO A 89 -29.22 54.10 -0.43
C PRO A 89 -30.07 52.93 0.03
N GLY A 90 -31.38 53.14 0.09
CA GLY A 90 -32.30 52.07 0.44
C GLY A 90 -32.55 51.07 -0.66
N GLN A 91 -32.31 51.45 -1.91
CA GLN A 91 -32.48 50.54 -3.03
C GLN A 91 -31.33 49.53 -3.06
N PRO A 92 -31.59 48.28 -3.41
CA PRO A 92 -30.55 47.26 -3.37
C PRO A 92 -29.70 47.24 -4.63
N GLY A 93 -28.54 46.60 -4.50
CA GLY A 93 -27.71 46.27 -5.64
C GLY A 93 -27.00 47.41 -6.34
N LEU A 94 -26.46 48.36 -5.58
CA LEU A 94 -25.61 49.41 -6.15
C LEU A 94 -24.67 49.93 -5.07
N ALA A 95 -23.48 50.33 -5.49
CA ALA A 95 -22.40 50.69 -4.59
C ALA A 95 -22.05 52.17 -4.73
N GLY A 96 -21.00 52.58 -4.02
CA GLY A 96 -20.56 53.96 -4.06
C GLY A 96 -19.55 54.23 -2.97
N SER A 97 -19.31 55.52 -2.71
CA SER A 97 -18.43 55.92 -1.63
C SER A 97 -19.10 55.86 -0.26
N HIS A 98 -20.42 55.62 -0.22
CA HIS A 98 -21.11 55.35 1.03
C HIS A 98 -20.68 54.02 1.65
N GLU A 99 -20.20 53.08 0.83
CA GLU A 99 -19.70 51.81 1.35
C GLU A 99 -18.39 51.97 2.12
N LEU A 100 -17.66 53.05 1.91
CA LEU A 100 -16.43 53.31 2.65
C LEU A 100 -16.80 53.76 4.07
N GLY A 101 -16.59 52.87 5.04
CA GLY A 101 -16.84 53.20 6.43
C GLY A 101 -15.56 53.57 7.15
N ASP A 102 -15.03 52.65 7.94
CA ASP A 102 -13.76 52.88 8.61
C ASP A 102 -12.57 52.76 7.66
N ARG A 103 -12.77 52.18 6.48
CA ARG A 103 -11.72 52.08 5.47
C ARG A 103 -11.75 53.29 4.54
N LEU A 104 -11.61 54.47 5.15
CA LEU A 104 -11.71 55.74 4.45
C LEU A 104 -10.39 56.49 4.58
N VAL A 105 -9.83 56.91 3.45
CA VAL A 105 -8.65 57.77 3.41
C VAL A 105 -9.09 59.12 2.85
N SER A 106 -8.83 60.17 3.62
CA SER A 106 -9.30 61.51 3.26
C SER A 106 -8.21 62.24 2.48
N ASP A 107 -8.56 62.71 1.29
CA ASP A 107 -7.60 63.40 0.44
C ASP A 107 -7.32 64.81 0.95
N VAL A 108 -6.15 65.32 0.59
CA VAL A 108 -5.70 66.65 0.99
C VAL A 108 -5.52 67.48 -0.27
N VAL A 109 -6.10 68.69 -0.27
CA VAL A 109 -5.93 69.61 -1.38
C VAL A 109 -5.39 70.93 -0.85
N GLY A 110 -4.62 71.62 -1.68
CA GLY A 110 -4.02 72.88 -1.28
C GLY A 110 -2.59 73.04 -1.74
N ASN A 111 -1.78 73.74 -0.95
CA ASN A 111 -0.39 73.93 -1.30
C ASN A 111 0.42 72.66 -1.08
N ALA A 112 1.56 72.57 -1.75
CA ALA A 112 2.47 71.44 -1.64
C ALA A 112 3.50 71.63 -0.53
N ALA A 113 3.41 72.72 0.23
CA ALA A 113 4.34 72.99 1.33
C ALA A 113 3.69 72.96 2.70
N ALA A 114 2.39 73.23 2.81
CA ALA A 114 1.70 73.17 4.08
C ALA A 114 1.36 71.75 4.51
N LEU A 115 1.52 70.77 3.60
CA LEU A 115 1.06 69.41 3.79
C LEU A 115 1.73 68.69 4.96
N ASP A 116 2.85 69.22 5.45
CA ASP A 116 3.49 68.71 6.66
C ASP A 116 2.55 68.72 7.85
N VAL A 117 1.73 69.77 7.97
CA VAL A 117 0.79 69.87 9.09
C VAL A 117 -0.31 68.81 8.99
N PHE A 118 -0.47 68.18 7.81
CA PHE A 118 -1.37 67.06 7.67
C PHE A 118 -0.96 65.89 8.55
N LYS A 119 0.36 65.59 8.61
CA LYS A 119 0.78 64.58 9.57
C LYS A 119 0.69 65.10 10.99
N PHE A 120 0.74 66.42 11.17
CA PHE A 120 0.50 66.99 12.49
C PHE A 120 -0.97 66.87 12.89
N LEU A 121 -1.85 66.54 11.95
CA LEU A 121 -3.22 66.16 12.24
C LEU A 121 -3.47 64.67 12.05
N SER A 122 -2.43 63.88 11.77
CA SER A 122 -2.63 62.45 11.50
C SER A 122 -1.72 61.55 12.33
N LEU A 123 -1.15 62.07 13.41
CA LEU A 123 -0.34 61.22 14.28
C LEU A 123 -1.25 60.38 15.17
N GLN A 124 -0.63 59.40 15.85
CA GLN A 124 -1.30 58.55 16.82
C GLN A 124 -0.51 58.66 18.13
N TYR A 125 -0.85 59.67 18.94
CA TYR A 125 -0.13 59.89 20.19
C TYR A 125 -0.71 59.05 21.32
N GLN A 126 -2.01 59.16 21.57
CA GLN A 126 -2.69 58.35 22.57
C GLN A 126 -3.28 57.07 22.00
N GLY A 127 -3.06 56.80 20.72
CA GLY A 127 -3.61 55.63 20.06
C GLY A 127 -4.73 55.93 19.08
N LYS A 128 -5.06 57.20 18.85
CA LYS A 128 -6.13 57.57 17.95
C LYS A 128 -5.72 58.80 17.14
N ASN A 129 -6.44 59.04 16.05
CA ASN A 129 -6.15 60.17 15.18
C ASN A 129 -6.52 61.49 15.86
N LEU A 130 -5.66 62.49 15.69
CA LEU A 130 -5.78 63.73 16.46
C LEU A 130 -6.91 64.64 15.96
N LEU A 131 -7.44 64.42 14.75
CA LEU A 131 -8.61 65.18 14.33
C LEU A 131 -9.85 64.77 15.13
N ASN A 132 -10.01 63.46 15.37
CA ASN A 132 -11.07 63.00 16.24
C ASN A 132 -10.77 63.28 17.71
N TRP A 133 -9.50 63.54 18.05
CA TRP A 133 -9.18 63.99 19.40
C TRP A 133 -9.55 65.46 19.58
N LEU A 134 -9.41 66.26 18.53
CA LEU A 134 -9.74 67.67 18.57
C LEU A 134 -11.20 67.96 18.24
N THR A 135 -11.96 66.97 17.78
CA THR A 135 -13.39 67.16 17.62
C THR A 135 -14.16 67.04 18.94
N GLU A 136 -13.50 66.56 20.00
CA GLU A 136 -14.09 66.47 21.32
C GLU A 136 -13.32 67.35 22.29
N ASP A 137 -14.03 67.88 23.29
CA ASP A 137 -13.42 68.74 24.31
C ASP A 137 -12.86 67.85 25.42
N SER A 138 -11.74 67.22 25.12
CA SER A 138 -11.10 66.31 26.06
C SER A 138 -10.29 67.09 27.10
N ALA A 139 -9.99 66.41 28.21
CA ALA A 139 -9.20 67.03 29.27
C ALA A 139 -7.74 67.19 28.86
N GLU A 140 -7.18 66.20 28.17
CA GLU A 140 -5.81 66.32 27.68
C GLU A 140 -5.72 67.28 26.50
N ALA A 141 -6.82 67.48 25.78
CA ALA A 141 -6.87 68.47 24.72
C ALA A 141 -6.87 69.87 25.29
N LEU A 142 -6.45 70.84 24.46
CA LEU A 142 -6.39 72.27 24.73
C LEU A 142 -5.43 72.65 25.85
N GLN A 143 -4.59 71.72 26.30
CA GLN A 143 -3.55 72.00 27.29
C GLN A 143 -2.22 71.47 26.81
N ALA A 144 -2.26 70.41 25.99
CA ALA A 144 -1.04 69.80 25.48
C ALA A 144 -0.38 70.63 24.39
N LEU A 145 -1.11 71.55 23.76
CA LEU A 145 -0.58 72.37 22.69
C LEU A 145 -0.49 73.86 23.02
N SER A 146 -1.21 74.34 24.04
CA SER A 146 -1.20 75.75 24.37
C SER A 146 -1.37 75.92 25.88
N ASP A 147 -0.59 76.84 26.45
CA ASP A 147 -0.74 77.18 27.86
C ASP A 147 -1.96 78.07 28.08
N ASN A 148 -2.23 78.98 27.16
CA ASN A 148 -3.37 79.87 27.25
C ASN A 148 -4.62 79.21 26.69
N ALA A 149 -5.78 79.58 27.27
CA ALA A 149 -7.04 78.95 26.87
C ALA A 149 -7.50 79.44 25.51
N GLU A 150 -7.43 80.76 25.27
CA GLU A 150 -7.97 81.34 24.04
C GLU A 150 -7.14 80.95 22.83
N GLN A 151 -5.81 80.88 23.00
CA GLN A 151 -4.94 80.39 21.94
C GLN A 151 -5.24 78.93 21.61
N ALA A 152 -5.54 78.12 22.62
CA ALA A 152 -5.93 76.74 22.41
C ALA A 152 -7.25 76.65 21.65
N ARG A 153 -8.22 77.53 21.98
CA ARG A 153 -9.51 77.52 21.30
C ARG A 153 -9.37 77.91 19.83
N GLU A 154 -8.60 78.97 19.54
CA GLU A 154 -8.46 79.39 18.14
C GLU A 154 -7.61 78.41 17.35
N TRP A 155 -6.61 77.77 17.98
CA TRP A 155 -5.82 76.75 17.30
C TRP A 155 -6.66 75.51 17.02
N ARG A 156 -7.54 75.13 17.96
CA ARG A 156 -8.43 73.99 17.75
C ARG A 156 -9.43 74.28 16.64
N GLN A 157 -9.98 75.50 16.60
CA GLN A 157 -10.91 75.87 15.54
C GLN A 157 -10.24 75.90 14.17
N ALA A 158 -9.03 76.48 14.08
CA ALA A 158 -8.32 76.51 12.81
C ALA A 158 -7.87 75.12 12.38
N PHE A 159 -7.48 74.26 13.32
CA PHE A 159 -7.02 72.92 12.99
C PHE A 159 -8.17 72.00 12.62
N ILE A 160 -9.37 72.24 13.18
CA ILE A 160 -10.55 71.46 12.82
C ILE A 160 -11.26 72.02 11.60
N GLY A 161 -10.93 73.24 11.16
CA GLY A 161 -11.50 73.77 9.93
C GLY A 161 -10.95 73.18 8.65
N ILE A 162 -9.98 72.25 8.73
CA ILE A 162 -9.46 71.61 7.53
C ILE A 162 -10.47 70.60 6.95
N THR A 163 -11.45 70.18 7.74
CA THR A 163 -12.47 69.23 7.29
C THR A 163 -13.65 69.95 6.65
N THR A 164 -14.13 71.01 7.28
CA THR A 164 -15.25 71.79 6.76
C THR A 164 -14.86 72.51 5.47
N VAL A 165 -15.80 72.58 4.53
CA VAL A 165 -15.55 73.22 3.24
C VAL A 165 -15.42 74.72 3.43
N LYS A 166 -14.45 75.31 2.73
CA LYS A 166 -14.25 76.75 2.77
C LYS A 166 -14.94 77.42 1.59
N GLY A 167 -15.27 78.70 1.77
CA GLY A 167 -15.89 79.48 0.72
C GLY A 167 -17.34 79.13 0.49
N ALA A 168 -17.91 79.79 -0.52
CA ALA A 168 -19.28 79.53 -0.92
C ALA A 168 -19.38 78.18 -1.63
N PRO A 169 -20.56 77.53 -1.59
CA PRO A 169 -20.76 76.34 -2.42
C PRO A 169 -20.74 76.72 -3.90
N ALA A 170 -19.80 76.15 -4.64
CA ALA A 170 -19.57 76.58 -6.02
C ALA A 170 -19.00 75.42 -6.83
N SER A 171 -19.38 75.38 -8.10
CA SER A 171 -18.80 74.49 -9.08
C SER A 171 -18.44 75.33 -10.30
N HIS A 172 -17.21 75.17 -10.80
CA HIS A 172 -16.71 76.03 -11.86
C HIS A 172 -17.36 75.67 -13.20
N SER A 173 -17.15 76.56 -14.19
CA SER A 173 -17.67 76.34 -15.54
C SER A 173 -17.04 75.11 -16.19
N LEU A 174 -15.75 74.89 -15.95
CA LEU A 174 -15.07 73.73 -16.52
C LEU A 174 -15.48 72.43 -15.85
N ALA A 175 -16.12 72.49 -14.69
CA ALA A 175 -16.68 71.30 -14.06
C ALA A 175 -17.92 70.84 -14.82
N LYS A 176 -18.26 69.57 -14.61
CA LYS A 176 -19.43 68.99 -15.26
C LYS A 176 -20.68 69.32 -14.46
N GLN A 177 -21.75 69.68 -15.18
CA GLN A 177 -23.08 69.87 -14.60
C GLN A 177 -24.09 69.23 -15.55
N LEU A 178 -24.96 68.36 -15.03
CA LEU A 178 -25.80 67.51 -15.86
C LEU A 178 -27.23 67.52 -15.33
N TYR A 179 -28.17 68.01 -16.15
CA TYR A 179 -29.58 68.05 -15.77
C TYR A 179 -30.16 66.66 -15.61
N PHE A 180 -31.02 66.49 -14.62
CA PHE A 180 -31.71 65.24 -14.37
C PHE A 180 -33.21 65.50 -14.32
N PRO A 181 -34.02 64.83 -15.14
CA PRO A 181 -35.47 65.08 -15.13
C PRO A 181 -36.12 64.54 -13.87
N LEU A 182 -36.83 65.42 -13.17
CA LEU A 182 -37.65 65.04 -12.04
C LEU A 182 -38.88 64.26 -12.54
N PRO A 183 -39.54 63.49 -11.66
CA PRO A 183 -40.80 62.83 -12.09
C PRO A 183 -41.89 63.82 -12.50
N GLY A 184 -42.22 64.77 -11.63
CA GLY A 184 -43.14 65.80 -12.07
C GLY A 184 -42.53 67.18 -12.25
N SER A 185 -42.25 67.52 -13.52
CA SER A 185 -42.00 68.88 -14.01
C SER A 185 -40.87 69.60 -13.26
N GLY A 186 -39.66 69.07 -13.40
CA GLY A 186 -38.52 69.71 -12.77
C GLY A 186 -37.21 69.15 -13.25
N TYR A 187 -36.13 69.83 -12.85
CA TYR A 187 -34.77 69.41 -13.12
C TYR A 187 -33.89 69.76 -11.94
N HIS A 188 -32.83 68.96 -11.74
CA HIS A 188 -31.76 69.26 -10.81
C HIS A 188 -30.44 69.24 -11.57
N LEU A 189 -29.53 70.13 -11.18
CA LEU A 189 -28.36 70.41 -12.01
C LEU A 189 -27.21 69.43 -11.79
N LEU A 190 -27.01 68.96 -10.55
CA LEU A 190 -26.29 67.74 -10.18
C LEU A 190 -24.84 67.72 -10.70
N ALA A 191 -24.03 68.63 -10.17
CA ALA A 191 -22.61 68.65 -10.53
C ALA A 191 -21.88 67.52 -9.82
N PRO A 192 -21.23 66.61 -10.55
CA PRO A 192 -20.48 65.53 -9.90
C PRO A 192 -19.05 65.91 -9.56
N LEU A 193 -18.56 65.32 -8.47
CA LEU A 193 -17.19 65.48 -8.04
C LEU A 193 -16.48 64.14 -8.10
N PHE A 194 -15.17 64.19 -8.24
CA PHE A 194 -14.38 62.97 -8.39
C PHE A 194 -14.20 62.29 -7.04
N PRO A 195 -14.67 61.05 -6.85
CA PRO A 195 -14.51 60.36 -5.56
C PRO A 195 -13.10 59.81 -5.38
N THR A 196 -12.20 60.70 -4.97
CA THR A 196 -10.78 60.34 -4.86
C THR A 196 -10.52 59.37 -3.71
N SER A 197 -11.35 59.42 -2.66
CA SER A 197 -11.25 58.41 -1.60
C SER A 197 -11.68 57.03 -2.12
N LEU A 198 -12.79 56.99 -2.86
CA LEU A 198 -13.27 55.75 -3.44
C LEU A 198 -12.33 55.23 -4.51
N VAL A 199 -11.76 56.13 -5.32
CA VAL A 199 -10.81 55.74 -6.35
C VAL A 199 -9.52 55.22 -5.71
N HIS A 200 -9.09 55.85 -4.62
CA HIS A 200 -7.92 55.37 -3.88
C HIS A 200 -8.16 53.99 -3.26
N HIS A 201 -9.37 53.77 -2.74
CA HIS A 201 -9.71 52.46 -2.18
C HIS A 201 -9.74 51.38 -3.26
N VAL A 202 -10.32 51.68 -4.42
CA VAL A 202 -10.38 50.73 -5.53
C VAL A 202 -8.98 50.46 -6.08
N HIS A 203 -8.14 51.50 -6.14
CA HIS A 203 -6.77 51.34 -6.63
C HIS A 203 -5.93 50.54 -5.64
N ALA A 204 -6.19 50.71 -4.34
CA ALA A 204 -5.50 49.90 -3.33
C ALA A 204 -5.92 48.43 -3.43
N LEU A 205 -7.21 48.17 -3.63
CA LEU A 205 -7.70 46.80 -3.79
C LEU A 205 -7.12 46.16 -5.05
N LEU A 206 -7.02 46.93 -6.14
CA LEU A 206 -6.41 46.42 -7.36
C LEU A 206 -4.91 46.21 -7.19
N ARG A 207 -4.25 47.03 -6.36
CA ARG A 207 -2.84 46.83 -6.05
C ARG A 207 -2.62 45.51 -5.30
N GLU A 208 -3.50 45.22 -4.33
CA GLU A 208 -3.40 43.93 -3.65
C GLU A 208 -3.76 42.78 -4.57
N ALA A 209 -4.67 43.00 -5.52
CA ALA A 209 -5.08 41.94 -6.43
C ALA A 209 -4.03 41.63 -7.49
N ARG A 210 -3.27 42.63 -7.94
CA ARG A 210 -2.35 42.43 -9.05
C ARG A 210 -0.88 42.38 -8.66
N PHE A 211 -0.47 43.06 -7.58
CA PHE A 211 0.92 43.07 -7.16
C PHE A 211 1.12 42.69 -5.71
N GLY A 212 0.11 42.13 -5.05
CA GLY A 212 0.27 41.69 -3.69
C GLY A 212 1.13 40.44 -3.58
N ASP A 213 1.60 40.18 -2.36
CA ASP A 213 2.44 39.01 -2.13
C ASP A 213 1.65 37.72 -2.23
N ALA A 214 0.45 37.70 -1.65
CA ALA A 214 -0.41 36.52 -1.74
C ALA A 214 -0.89 36.29 -3.17
N ALA A 215 -1.21 37.37 -3.89
CA ALA A 215 -1.63 37.26 -5.27
C ALA A 215 -0.50 36.76 -6.17
N LYS A 216 0.73 37.25 -5.93
CA LYS A 216 1.87 36.77 -6.70
C LYS A 216 2.22 35.33 -6.36
N ALA A 217 2.04 34.93 -5.10
CA ALA A 217 2.23 33.53 -4.71
C ALA A 217 1.21 32.62 -5.37
N ALA A 218 -0.05 33.07 -5.46
CA ALA A 218 -1.07 32.29 -6.16
C ALA A 218 -0.81 32.24 -7.66
N ARG A 219 -0.27 33.32 -8.23
CA ARG A 219 0.11 33.32 -9.63
C ARG A 219 1.26 32.35 -9.89
N GLU A 220 2.23 32.28 -8.98
CA GLU A 220 3.30 31.30 -9.10
C GLU A 220 2.81 29.88 -8.93
N ALA A 221 1.82 29.68 -8.04
CA ALA A 221 1.22 28.35 -7.87
C ALA A 221 0.44 27.93 -9.12
N ARG A 222 -0.22 28.88 -9.78
CA ARG A 222 -0.84 28.60 -11.07
C ARG A 222 0.21 28.29 -12.13
N SER A 223 1.34 29.00 -12.08
CA SER A 223 2.42 28.74 -13.04
C SER A 223 3.10 27.40 -12.76
N ARG A 224 3.14 26.98 -11.50
CA ARG A 224 3.67 25.66 -11.15
C ARG A 224 2.62 24.56 -11.25
N GLN A 225 1.36 24.92 -11.55
CA GLN A 225 0.22 23.99 -11.65
C GLN A 225 0.04 23.18 -10.37
N GLU A 226 0.22 23.82 -9.23
CA GLU A 226 0.07 23.20 -7.92
C GLU A 226 -1.11 23.82 -7.19
N SER A 227 -1.47 23.21 -6.06
CA SER A 227 -2.57 23.71 -5.25
C SER A 227 -2.11 24.86 -4.36
N TRP A 228 -3.08 25.64 -3.89
CA TRP A 228 -2.83 26.80 -3.05
C TRP A 228 -4.08 27.03 -2.21
N PRO A 229 -3.94 27.53 -0.97
CA PRO A 229 -5.12 27.75 -0.13
C PRO A 229 -6.04 28.87 -0.61
N HIS A 230 -5.57 29.77 -1.46
CA HIS A 230 -6.38 30.87 -1.96
C HIS A 230 -6.11 31.07 -3.45
N GLY A 231 -7.06 31.70 -4.12
CA GLY A 231 -6.95 31.99 -5.53
C GLY A 231 -6.40 33.38 -5.80
N PHE A 232 -6.60 33.83 -7.03
CA PHE A 232 -6.13 35.14 -7.46
C PHE A 232 -7.03 35.65 -8.58
N SER A 233 -6.67 36.80 -9.14
CA SER A 233 -7.41 37.44 -10.22
C SER A 233 -6.43 38.02 -11.23
N GLU A 234 -6.96 38.53 -12.32
CA GLU A 234 -6.09 39.07 -13.36
C GLU A 234 -6.41 40.52 -13.71
N TYR A 235 -7.70 40.92 -13.71
CA TYR A 235 -8.21 42.23 -14.11
C TYR A 235 -7.72 42.66 -15.48
N PRO A 236 -8.18 42.04 -16.56
CA PRO A 236 -7.69 42.41 -17.90
C PRO A 236 -8.35 43.69 -18.39
N ASN A 237 -7.76 44.24 -19.46
CA ASN A 237 -8.27 45.39 -20.21
C ASN A 237 -8.46 46.63 -19.34
N LEU A 238 -7.54 46.83 -18.39
CA LEU A 238 -7.58 48.03 -17.58
C LEU A 238 -7.08 49.23 -18.39
N ALA A 239 -7.56 50.42 -18.03
CA ALA A 239 -7.19 51.65 -18.70
C ALA A 239 -6.56 52.61 -17.71
N ILE A 240 -5.57 53.36 -18.18
CA ILE A 240 -4.82 54.30 -17.36
C ILE A 240 -5.21 55.71 -17.77
N GLN A 241 -5.61 56.52 -16.79
CA GLN A 241 -6.02 57.90 -17.02
C GLN A 241 -5.24 58.79 -16.07
N LYS A 242 -4.16 59.38 -16.55
CA LYS A 242 -3.32 60.25 -15.73
C LYS A 242 -3.93 61.66 -15.70
N PHE A 243 -4.16 62.17 -14.49
CA PHE A 243 -4.77 63.49 -14.35
C PHE A 243 -3.74 64.60 -14.46
N GLY A 244 -2.77 64.61 -13.56
CA GLY A 244 -1.65 65.53 -13.69
C GLY A 244 -0.76 65.12 -14.85
N GLY A 245 -0.43 66.08 -15.71
CA GLY A 245 0.42 65.79 -16.86
C GLY A 245 1.84 65.49 -16.48
N THR A 246 2.53 66.47 -15.90
CA THR A 246 3.86 66.28 -15.36
C THR A 246 3.95 66.55 -13.87
N LYS A 247 2.90 67.09 -13.25
CA LYS A 247 2.86 67.37 -11.82
C LYS A 247 1.61 66.73 -11.22
N PRO A 248 1.69 65.44 -10.86
CA PRO A 248 0.55 64.82 -10.17
C PRO A 248 0.35 65.34 -8.75
N GLN A 249 1.35 65.96 -8.15
CA GLN A 249 1.21 66.54 -6.82
C GLN A 249 0.31 67.76 -6.84
N ASN A 250 0.19 68.43 -7.99
CA ASN A 250 -0.69 69.58 -8.11
C ASN A 250 -2.16 69.20 -8.12
N ILE A 251 -2.48 67.92 -8.35
CA ILE A 251 -3.87 67.50 -8.39
C ILE A 251 -4.40 67.34 -6.96
N SER A 252 -3.77 66.44 -6.20
CA SER A 252 -4.07 66.21 -4.79
C SER A 252 -2.93 65.38 -4.20
N GLN A 253 -3.00 65.13 -2.90
CA GLN A 253 -2.00 64.30 -2.24
C GLN A 253 -2.19 62.82 -2.54
N LEU A 254 -3.45 62.36 -2.62
CA LEU A 254 -3.70 60.97 -2.99
C LEU A 254 -3.31 60.71 -4.44
N ASN A 255 -3.49 61.71 -5.31
CA ASN A 255 -2.99 61.59 -6.67
C ASN A 255 -1.47 61.76 -6.75
N ASN A 256 -0.83 62.21 -5.67
CA ASN A 256 0.62 62.10 -5.61
C ASN A 256 1.05 60.73 -5.09
N GLU A 257 0.20 60.07 -4.31
CA GLU A 257 0.49 58.70 -3.90
C GLU A 257 0.42 57.74 -5.08
N ARG A 258 -0.65 57.79 -5.86
CA ARG A 258 -0.75 57.08 -7.13
C ARG A 258 -0.63 58.13 -8.24
N ARG A 259 0.55 58.20 -8.85
CA ARG A 259 0.89 59.26 -9.81
C ARG A 259 0.07 59.07 -11.07
N GLY A 260 -0.98 59.86 -11.22
CA GLY A 260 -1.96 59.61 -12.28
C GLY A 260 -2.69 58.32 -12.00
N GLU A 261 -2.84 57.51 -13.05
CA GLU A 261 -3.19 56.09 -12.99
C GLU A 261 -4.55 55.87 -12.30
N ASN A 262 -5.59 56.35 -12.98
CA ASN A 262 -6.95 56.25 -12.45
C ASN A 262 -7.46 54.81 -12.39
N TRP A 263 -6.92 53.93 -13.23
CA TRP A 263 -7.16 52.47 -13.20
C TRP A 263 -8.64 52.14 -13.40
N LEU A 264 -9.14 52.48 -14.60
CA LEU A 264 -10.54 52.32 -14.92
C LEU A 264 -10.87 50.89 -15.32
N LEU A 265 -12.03 50.40 -14.83
CA LEU A 265 -12.50 49.03 -15.05
C LEU A 265 -13.12 48.88 -16.44
N PRO A 266 -12.92 47.73 -17.10
CA PRO A 266 -13.40 47.57 -18.48
C PRO A 266 -14.90 47.33 -18.61
N SER A 267 -15.69 48.41 -18.65
CA SER A 267 -17.12 48.31 -18.91
C SER A 267 -17.33 48.29 -20.43
N LEU A 268 -17.09 47.12 -21.02
CA LEU A 268 -17.10 47.04 -22.47
C LEU A 268 -18.20 46.11 -22.97
N PRO A 269 -18.84 46.44 -24.09
CA PRO A 269 -19.78 45.51 -24.71
C PRO A 269 -19.05 44.34 -25.33
N PRO A 270 -19.74 43.21 -25.58
CA PRO A 270 -19.03 42.04 -26.13
C PRO A 270 -18.56 42.21 -27.56
N ASN A 271 -19.10 43.16 -28.32
CA ASN A 271 -18.63 43.44 -29.67
C ASN A 271 -17.62 44.58 -29.71
N TRP A 272 -16.87 44.78 -28.62
CA TRP A 272 -15.85 45.82 -28.57
C TRP A 272 -14.55 45.40 -29.27
N GLN A 273 -14.44 44.14 -29.67
CA GLN A 273 -13.26 43.61 -30.36
C GLN A 273 -13.69 42.80 -31.56
N ARG A 274 -14.58 43.38 -32.38
CA ARG A 274 -15.04 42.77 -33.62
C ARG A 274 -13.89 42.61 -34.59
N GLN A 275 -13.51 41.36 -34.88
CA GLN A 275 -12.30 41.12 -35.66
C GLN A 275 -12.50 41.44 -37.14
N ASN A 276 -13.41 40.72 -37.79
CA ASN A 276 -13.72 40.88 -39.20
C ASN A 276 -14.98 40.07 -39.49
N VAL A 277 -15.48 40.22 -40.72
CA VAL A 277 -16.54 39.37 -41.24
C VAL A 277 -15.98 38.60 -42.43
N ASN A 278 -16.12 37.28 -42.40
CA ASN A 278 -15.54 36.42 -43.41
C ASN A 278 -16.61 35.48 -43.95
N ALA A 279 -16.50 35.18 -45.24
CA ALA A 279 -17.46 34.32 -45.90
C ALA A 279 -16.88 32.91 -46.04
N PRO A 280 -17.50 31.88 -45.46
CA PRO A 280 -16.96 30.52 -45.57
C PRO A 280 -17.21 29.88 -46.93
N MET A 281 -16.29 30.11 -47.88
CA MET A 281 -16.51 29.66 -49.25
C MET A 281 -16.24 28.17 -49.43
N ARG A 282 -14.99 27.76 -49.31
CA ARG A 282 -14.59 26.39 -49.67
C ARG A 282 -14.55 25.47 -48.45
N HIS A 283 -15.62 25.46 -47.65
CA HIS A 283 -15.66 24.64 -46.44
C HIS A 283 -16.99 23.90 -46.38
N SER A 284 -17.04 22.86 -45.56
CA SER A 284 -18.13 21.89 -45.59
C SER A 284 -19.26 22.21 -44.60
N SER A 285 -18.96 22.73 -43.43
CA SER A 285 -19.99 23.04 -42.44
C SER A 285 -19.58 24.28 -41.68
N VAL A 286 -20.55 25.20 -41.49
CA VAL A 286 -20.22 26.49 -40.88
C VAL A 286 -19.96 26.36 -39.39
N PHE A 287 -20.67 25.46 -38.70
CA PHE A 287 -20.59 25.40 -37.24
C PHE A 287 -19.29 24.76 -36.77
N GLU A 288 -18.72 23.85 -37.55
CA GLU A 288 -17.52 23.12 -37.15
C GLU A 288 -16.25 23.65 -37.77
N HIS A 289 -16.33 24.67 -38.61
CA HIS A 289 -15.13 25.12 -39.30
C HIS A 289 -14.83 26.61 -39.14
N ASP A 290 -15.86 27.46 -39.17
CA ASP A 290 -15.67 28.90 -39.08
C ASP A 290 -16.36 29.52 -37.87
N PHE A 291 -17.63 29.16 -37.63
CA PHE A 291 -18.35 29.69 -36.49
C PHE A 291 -17.81 29.13 -35.18
N GLY A 292 -17.40 27.86 -35.18
CA GLY A 292 -16.92 27.23 -33.96
C GLY A 292 -15.54 27.67 -33.52
N ARG A 293 -14.77 28.29 -34.42
CA ARG A 293 -13.42 28.73 -34.10
C ARG A 293 -13.38 30.13 -33.50
N THR A 294 -14.52 30.81 -33.37
CA THR A 294 -14.55 32.07 -32.66
C THR A 294 -14.33 31.82 -31.17
N PRO A 295 -13.64 32.75 -30.46
CA PRO A 295 -13.27 32.45 -29.07
C PRO A 295 -14.43 32.40 -28.09
N GLU A 296 -15.54 33.10 -28.37
CA GLU A 296 -16.67 33.10 -27.46
C GLU A 296 -17.33 31.73 -27.38
N VAL A 297 -17.66 31.14 -28.54
CA VAL A 297 -18.22 29.80 -28.52
C VAL A 297 -17.17 28.76 -28.17
N SER A 298 -15.88 29.10 -28.31
CA SER A 298 -14.83 28.21 -27.83
C SER A 298 -14.87 28.10 -26.31
N ARG A 299 -14.93 29.24 -25.62
CA ARG A 299 -15.05 29.23 -24.16
C ARG A 299 -16.37 28.62 -23.72
N LEU A 300 -17.43 28.81 -24.50
CA LEU A 300 -18.72 28.17 -24.18
C LEU A 300 -18.66 26.65 -24.31
N THR A 301 -17.96 26.15 -25.33
CA THR A 301 -17.86 24.70 -25.52
C THR A 301 -16.95 24.06 -24.48
N ARG A 302 -15.84 24.73 -24.11
CA ARG A 302 -15.04 24.24 -22.98
C ARG A 302 -15.82 24.29 -21.66
N THR A 303 -16.69 25.29 -21.49
CA THR A 303 -17.54 25.35 -20.31
C THR A 303 -18.55 24.21 -20.29
N LEU A 304 -19.14 23.88 -21.44
CA LEU A 304 -20.04 22.73 -21.52
C LEU A 304 -19.30 21.41 -21.29
N GLN A 305 -18.06 21.31 -21.76
CA GLN A 305 -17.26 20.12 -21.52
C GLN A 305 -16.92 19.96 -20.04
N ARG A 306 -16.68 21.08 -19.36
CA ARG A 306 -16.41 21.03 -17.92
C ARG A 306 -17.68 20.72 -17.13
N PHE A 307 -18.83 21.25 -17.56
CA PHE A 307 -20.07 21.07 -16.82
C PHE A 307 -20.77 19.76 -17.14
N LEU A 308 -20.41 19.09 -18.23
CA LEU A 308 -21.07 17.84 -18.59
C LEU A 308 -20.61 16.70 -17.69
N ALA A 309 -19.32 16.62 -17.41
CA ALA A 309 -18.77 15.59 -16.53
C ALA A 309 -18.59 16.20 -15.14
N LYS A 310 -19.66 16.17 -14.35
CA LYS A 310 -19.66 16.76 -13.03
C LYS A 310 -20.68 16.04 -12.16
N THR A 311 -20.59 16.30 -10.86
CA THR A 311 -21.51 15.69 -9.90
C THR A 311 -22.90 16.33 -10.04
N VAL A 312 -23.89 15.65 -9.46
CA VAL A 312 -25.29 16.02 -9.61
C VAL A 312 -25.87 16.62 -8.35
N HIS A 313 -25.02 16.99 -7.38
CA HIS A 313 -25.49 17.43 -6.06
C HIS A 313 -26.26 18.74 -6.14
N ASN A 314 -25.81 19.66 -6.98
CA ASN A 314 -26.55 20.89 -7.28
C ASN A 314 -27.28 20.81 -8.61
N ASN A 315 -27.57 19.58 -9.07
CA ASN A 315 -27.81 19.19 -10.46
C ASN A 315 -28.72 20.13 -11.24
N LEU A 316 -29.98 20.22 -10.79
CA LEU A 316 -30.99 21.01 -11.49
C LEU A 316 -30.62 22.48 -11.54
N ALA A 317 -30.09 23.02 -10.43
CA ALA A 317 -29.59 24.39 -10.44
C ALA A 317 -28.45 24.54 -11.42
N ILE A 318 -27.51 23.58 -11.40
CA ILE A 318 -26.44 23.53 -12.39
C ILE A 318 -27.04 23.36 -13.78
N ARG A 319 -28.08 22.52 -13.89
CA ARG A 319 -28.76 22.32 -15.17
C ARG A 319 -29.41 23.61 -15.64
N GLN A 320 -29.94 24.40 -14.70
CA GLN A 320 -30.48 25.71 -15.04
C GLN A 320 -29.38 26.60 -15.62
N ARG A 321 -28.23 26.61 -14.94
CA ARG A 321 -27.05 27.29 -15.47
C ARG A 321 -26.64 26.69 -16.80
N ARG A 322 -26.68 25.35 -16.89
CA ARG A 322 -26.36 24.67 -18.14
C ARG A 322 -27.33 25.06 -19.24
N ALA A 323 -28.62 25.17 -18.89
CA ALA A 323 -29.61 25.61 -19.86
C ALA A 323 -29.30 27.02 -20.32
N GLN A 324 -28.98 27.90 -19.36
CA GLN A 324 -28.57 29.26 -19.68
C GLN A 324 -27.30 29.25 -20.52
N LEU A 325 -26.36 28.35 -20.17
CA LEU A 325 -25.11 28.22 -20.89
C LEU A 325 -25.39 27.82 -22.33
N VAL A 326 -26.28 26.84 -22.53
CA VAL A 326 -26.49 26.35 -23.88
C VAL A 326 -27.25 27.39 -24.70
N ALA A 327 -28.05 28.22 -24.01
CA ALA A 327 -28.79 29.30 -24.67
C ALA A 327 -27.82 30.29 -25.28
N GLN A 328 -26.73 30.56 -24.55
CA GLN A 328 -25.73 31.53 -25.00
C GLN A 328 -25.14 31.11 -26.34
N ILE A 329 -24.93 29.78 -26.52
CA ILE A 329 -24.29 29.31 -27.73
C ILE A 329 -25.18 29.53 -28.94
N CYS A 330 -26.49 29.27 -28.80
CA CYS A 330 -27.35 29.46 -29.95
C CYS A 330 -27.56 30.95 -30.20
N ASP A 331 -27.41 31.75 -29.13
CA ASP A 331 -27.44 33.20 -29.24
C ASP A 331 -26.32 33.67 -30.15
N GLU A 332 -25.12 33.10 -29.94
CA GLU A 332 -23.96 33.46 -30.75
C GLU A 332 -24.15 33.02 -32.18
N ALA A 333 -24.87 31.90 -32.38
CA ALA A 333 -25.18 31.44 -33.73
C ALA A 333 -26.01 32.47 -34.46
N LEU A 334 -27.03 33.01 -33.77
CA LEU A 334 -27.81 34.10 -34.32
C LEU A 334 -26.94 35.33 -34.53
N GLN A 335 -26.04 35.59 -33.57
CA GLN A 335 -25.11 36.69 -33.69
C GLN A 335 -24.19 36.49 -34.89
N TYR A 336 -23.79 35.24 -35.15
CA TYR A 336 -23.01 34.94 -36.33
C TYR A 336 -23.80 35.23 -37.59
N ALA A 337 -25.08 34.81 -37.60
CA ALA A 337 -25.97 35.13 -38.72
C ALA A 337 -26.19 36.63 -38.81
N ALA A 338 -26.15 37.30 -37.66
CA ALA A 338 -26.28 38.75 -37.62
C ALA A 338 -25.13 39.43 -38.36
N ARG A 339 -23.89 38.96 -38.14
CA ARG A 339 -22.82 39.58 -38.90
C ARG A 339 -22.76 39.04 -40.32
N LEU A 340 -23.46 37.94 -40.59
CA LEU A 340 -23.66 37.52 -41.97
C LEU A 340 -24.67 38.41 -42.69
N ARG A 341 -25.40 39.26 -41.97
CA ARG A 341 -26.14 40.33 -42.61
C ARG A 341 -25.25 41.49 -43.03
N GLU A 342 -24.00 41.53 -42.56
CA GLU A 342 -23.09 42.61 -42.91
C GLU A 342 -22.21 42.29 -44.11
N LEU A 343 -22.38 41.11 -44.72
CA LEU A 343 -21.53 40.67 -45.82
C LEU A 343 -22.15 41.07 -47.16
N GLU A 344 -21.63 40.50 -48.23
CA GLU A 344 -22.14 40.75 -49.58
C GLU A 344 -23.56 40.17 -49.72
N PRO A 345 -24.40 40.80 -50.56
CA PRO A 345 -25.75 40.24 -50.79
C PRO A 345 -25.77 38.89 -51.47
N GLY A 346 -24.78 38.59 -52.32
CA GLY A 346 -24.82 37.38 -53.12
C GLY A 346 -23.59 36.50 -53.04
N TRP A 347 -23.02 36.35 -51.85
CA TRP A 347 -21.85 35.51 -51.70
C TRP A 347 -22.19 34.02 -51.81
N SER A 348 -23.43 33.65 -51.51
CA SER A 348 -23.82 32.25 -51.54
C SER A 348 -24.02 31.73 -52.96
N ALA A 349 -24.12 32.60 -53.96
CA ALA A 349 -24.28 32.20 -55.35
C ALA A 349 -22.96 32.04 -56.09
N THR A 350 -21.83 32.18 -55.39
CA THR A 350 -20.54 32.02 -56.03
C THR A 350 -20.28 30.55 -56.36
N PRO A 351 -19.41 30.27 -57.33
CA PRO A 351 -19.13 28.88 -57.69
C PRO A 351 -18.27 28.19 -56.64
N GLY A 352 -18.52 26.89 -56.48
CA GLY A 352 -17.77 26.09 -55.53
C GLY A 352 -18.22 24.65 -55.51
N CYS A 353 -17.28 23.73 -55.25
CA CYS A 353 -17.63 22.31 -55.17
C CYS A 353 -18.40 22.00 -53.89
N GLN A 354 -17.96 22.58 -52.77
CA GLN A 354 -18.62 22.37 -51.48
C GLN A 354 -18.64 23.70 -50.74
N LEU A 355 -19.85 24.21 -50.47
CA LEU A 355 -19.99 25.48 -49.78
C LEU A 355 -21.11 25.47 -48.74
N HIS A 356 -21.49 24.27 -48.26
CA HIS A 356 -22.56 24.07 -47.27
C HIS A 356 -23.89 24.65 -47.74
N ASP A 357 -24.40 24.08 -48.84
CA ASP A 357 -25.63 24.58 -49.46
C ASP A 357 -26.87 24.27 -48.62
N ALA A 358 -26.79 23.34 -47.68
CA ALA A 358 -27.91 23.08 -46.79
C ALA A 358 -28.14 24.25 -45.83
N GLU A 359 -27.06 24.88 -45.38
CA GLU A 359 -27.14 26.04 -44.50
C GLU A 359 -27.24 27.36 -45.27
N GLN A 360 -27.07 27.33 -46.59
CA GLN A 360 -26.96 28.56 -47.38
C GLN A 360 -28.29 29.31 -47.50
N LEU A 361 -29.41 28.66 -47.19
CA LEU A 361 -30.69 29.37 -47.19
C LEU A 361 -30.79 30.33 -46.01
N TRP A 362 -30.09 30.03 -44.91
CA TRP A 362 -30.06 30.88 -43.74
C TRP A 362 -28.78 31.71 -43.65
N LEU A 363 -27.70 31.26 -44.29
CA LEU A 363 -26.43 31.99 -44.29
C LEU A 363 -26.55 33.32 -45.00
N ASP A 364 -27.22 33.36 -46.15
CA ASP A 364 -27.38 34.56 -46.96
C ASP A 364 -28.86 34.82 -47.17
N PRO A 365 -29.48 35.66 -46.33
CA PRO A 365 -30.89 36.00 -46.56
C PRO A 365 -31.10 37.00 -47.68
N LEU A 366 -30.04 37.69 -48.13
CA LEU A 366 -30.17 38.75 -49.11
C LEU A 366 -30.14 38.26 -50.55
N ARG A 367 -29.81 36.99 -50.78
CA ARG A 367 -29.81 36.45 -52.14
C ARG A 367 -31.22 36.35 -52.73
N ALA A 368 -32.25 36.37 -51.89
CA ALA A 368 -33.62 36.51 -52.36
C ALA A 368 -33.86 37.85 -53.03
N GLN A 369 -33.08 38.88 -52.69
CA GLN A 369 -33.08 40.10 -53.48
C GLN A 369 -32.30 39.93 -54.78
N THR A 370 -31.27 39.09 -54.78
CA THR A 370 -30.44 38.91 -55.97
C THR A 370 -31.18 38.10 -57.04
N ASP A 371 -31.82 37.01 -56.64
CA ASP A 371 -32.56 36.16 -57.55
C ASP A 371 -34.05 36.40 -57.35
N GLU A 372 -34.76 36.72 -58.43
CA GLU A 372 -36.19 37.01 -58.34
C GLU A 372 -37.00 35.76 -58.05
N THR A 373 -36.71 34.67 -58.76
CA THR A 373 -37.44 33.42 -58.55
C THR A 373 -36.55 32.19 -58.53
N PHE A 374 -35.23 32.34 -58.71
CA PHE A 374 -34.35 31.18 -58.72
C PHE A 374 -34.16 30.61 -57.31
N LEU A 375 -34.02 31.49 -56.31
CA LEU A 375 -33.86 31.04 -54.93
C LEU A 375 -34.66 31.85 -53.93
N GLN A 376 -35.41 32.88 -54.33
CA GLN A 376 -36.20 33.66 -53.39
C GLN A 376 -37.38 32.88 -52.86
N ARG A 377 -38.05 32.13 -53.73
CA ARG A 377 -39.19 31.32 -53.32
C ARG A 377 -38.76 30.04 -52.60
N ARG A 378 -37.51 29.63 -52.76
CA ARG A 378 -37.03 28.39 -52.14
C ARG A 378 -36.99 28.49 -50.63
N LEU A 379 -36.52 29.62 -50.10
CA LEU A 379 -36.48 29.82 -48.65
C LEU A 379 -37.87 30.02 -48.07
N ARG A 380 -38.79 30.60 -48.85
CA ARG A 380 -40.15 30.79 -48.38
C ARG A 380 -40.92 29.47 -48.34
N GLY A 381 -40.77 28.65 -49.39
CA GLY A 381 -41.47 27.38 -49.42
C GLY A 381 -40.86 26.34 -48.49
N ASP A 382 -39.53 26.32 -48.39
CA ASP A 382 -38.87 25.32 -47.56
C ASP A 382 -39.00 25.64 -46.08
N TRP A 383 -38.87 26.94 -45.72
CA TRP A 383 -38.80 27.48 -44.35
C TRP A 383 -37.72 26.75 -43.56
N PRO A 384 -36.44 27.01 -43.85
CA PRO A 384 -35.37 26.18 -43.28
C PRO A 384 -35.14 26.39 -41.80
N ALA A 385 -35.57 25.39 -41.01
CA ALA A 385 -35.37 25.41 -39.57
C ALA A 385 -34.65 24.17 -39.06
N GLU A 386 -34.33 23.21 -39.94
CA GLU A 386 -33.61 22.01 -39.56
C GLU A 386 -32.11 22.22 -39.43
N VAL A 387 -31.61 23.39 -39.86
CA VAL A 387 -30.17 23.67 -39.87
C VAL A 387 -29.63 23.70 -38.45
N GLY A 388 -30.41 24.22 -37.51
CA GLY A 388 -30.04 24.17 -36.11
C GLY A 388 -29.90 22.76 -35.57
N ASN A 389 -30.69 21.82 -36.11
CA ASN A 389 -30.50 20.41 -35.80
C ASN A 389 -29.10 19.94 -36.22
N ARG A 390 -28.64 20.38 -37.39
CA ARG A 390 -27.25 20.18 -37.78
C ARG A 390 -26.31 20.83 -36.78
N PHE A 391 -26.65 22.06 -36.35
CA PHE A 391 -25.89 22.74 -35.31
C PHE A 391 -26.00 21.98 -34.00
N ALA A 392 -27.16 21.34 -33.76
CA ALA A 392 -27.33 20.49 -32.59
C ALA A 392 -26.38 19.30 -32.65
N ASN A 393 -26.14 18.78 -33.86
CA ASN A 393 -25.14 17.74 -34.05
C ASN A 393 -23.76 18.25 -33.66
N TRP A 394 -23.44 19.49 -34.05
CA TRP A 394 -22.21 20.12 -33.58
C TRP A 394 -22.26 20.35 -32.08
N LEU A 395 -23.46 20.67 -31.57
CA LEU A 395 -23.62 20.78 -30.12
C LEU A 395 -23.54 19.42 -29.44
N ASN A 396 -23.83 18.34 -30.18
CA ASN A 396 -23.58 17.00 -29.65
C ASN A 396 -22.10 16.67 -29.58
N ARG A 397 -21.25 17.42 -30.28
CA ARG A 397 -19.82 17.32 -30.07
C ARG A 397 -19.34 18.19 -28.92
N ALA A 398 -20.24 18.96 -28.30
CA ALA A 398 -19.90 19.78 -27.14
C ALA A 398 -20.13 19.05 -25.82
N VAL A 399 -20.69 17.84 -25.85
CA VAL A 399 -20.97 17.08 -24.64
C VAL A 399 -19.80 16.15 -24.37
N SER A 400 -19.66 15.75 -23.11
CA SER A 400 -18.60 14.84 -22.71
C SER A 400 -18.94 13.41 -23.09
N SER A 401 -17.90 12.63 -23.42
CA SER A 401 -18.07 11.22 -23.77
C SER A 401 -17.94 10.36 -22.52
N ASP A 402 -18.92 10.52 -21.63
CA ASP A 402 -18.97 9.79 -20.37
C ASP A 402 -20.19 8.89 -20.36
N SER A 403 -19.98 7.60 -20.06
CA SER A 403 -21.08 6.65 -19.99
C SER A 403 -21.91 6.81 -18.73
N GLN A 404 -21.36 7.45 -17.69
CA GLN A 404 -22.11 7.68 -16.46
C GLN A 404 -23.26 8.67 -16.67
N ILE A 405 -23.08 9.65 -17.55
CA ILE A 405 -24.15 10.57 -17.87
C ILE A 405 -25.24 9.85 -18.68
N LEU A 406 -24.83 8.97 -19.60
CA LEU A 406 -25.80 8.26 -20.44
C LEU A 406 -26.58 7.23 -19.63
N GLY A 407 -25.94 6.59 -18.66
CA GLY A 407 -26.65 5.64 -17.81
C GLY A 407 -27.67 6.30 -16.89
N SER A 408 -27.32 7.47 -16.36
CA SER A 408 -28.19 8.21 -15.45
C SER A 408 -29.12 9.13 -16.24
N PRO A 409 -29.98 9.88 -15.56
CA PRO A 409 -30.87 10.83 -16.26
C PRO A 409 -30.23 12.15 -16.61
N GLU A 410 -28.91 12.28 -16.44
CA GLU A 410 -28.22 13.51 -16.85
C GLU A 410 -28.27 13.69 -18.36
N ALA A 411 -28.12 12.60 -19.12
CA ALA A 411 -28.29 12.66 -20.57
C ALA A 411 -29.73 12.97 -20.95
N ALA A 412 -30.69 12.50 -20.16
CA ALA A 412 -32.10 12.83 -20.41
C ALA A 412 -32.37 14.33 -20.22
N GLN A 413 -31.81 14.91 -19.14
CA GLN A 413 -31.97 16.35 -18.92
C GLN A 413 -31.22 17.16 -19.98
N TRP A 414 -30.05 16.68 -20.39
CA TRP A 414 -29.29 17.34 -21.44
C TRP A 414 -30.05 17.33 -22.77
N SER A 415 -30.65 16.18 -23.12
CA SER A 415 -31.45 16.09 -24.33
C SER A 415 -32.72 16.93 -24.23
N GLN A 416 -33.31 17.04 -23.04
CA GLN A 416 -34.51 17.85 -22.86
C GLN A 416 -34.22 19.33 -23.06
N GLU A 417 -33.17 19.84 -22.41
CA GLU A 417 -32.83 21.26 -22.58
C GLU A 417 -32.28 21.55 -23.96
N LEU A 418 -31.60 20.57 -24.59
CA LEU A 418 -31.16 20.72 -25.97
C LEU A 418 -32.35 20.79 -26.92
N SER A 419 -33.35 19.93 -26.72
CA SER A 419 -34.53 19.94 -27.57
C SER A 419 -35.33 21.22 -27.41
N LYS A 420 -35.42 21.74 -26.18
CA LYS A 420 -36.14 23.00 -25.95
C LYS A 420 -35.41 24.17 -26.60
N GLU A 421 -34.08 24.23 -26.46
CA GLU A 421 -33.36 25.38 -27.00
C GLU A 421 -33.25 25.33 -28.52
N LEU A 422 -33.10 24.14 -29.11
CA LEU A 422 -33.18 24.08 -30.58
C LEU A 422 -34.61 24.18 -31.10
N THR A 423 -35.63 23.91 -30.28
CA THR A 423 -36.98 24.26 -30.66
C THR A 423 -37.14 25.77 -30.76
N MET A 424 -36.59 26.50 -29.80
CA MET A 424 -36.58 27.97 -29.86
C MET A 424 -35.76 28.48 -31.04
N PHE A 425 -34.61 27.83 -31.31
CA PHE A 425 -33.76 28.21 -32.45
C PHE A 425 -34.45 27.95 -33.79
N LYS A 426 -35.15 26.82 -33.91
CA LYS A 426 -35.88 26.51 -35.13
C LYS A 426 -37.08 27.44 -35.33
N GLU A 427 -37.72 27.83 -34.23
CA GLU A 427 -38.81 28.79 -34.33
C GLU A 427 -38.30 30.18 -34.70
N ILE A 428 -37.09 30.53 -34.24
CA ILE A 428 -36.45 31.78 -34.66
C ILE A 428 -36.12 31.74 -36.15
N LEU A 429 -35.57 30.60 -36.61
CA LEU A 429 -35.22 30.46 -38.01
C LEU A 429 -36.43 30.29 -38.92
N GLU A 430 -37.59 29.96 -38.37
CA GLU A 430 -38.78 29.77 -39.19
C GLU A 430 -39.30 31.09 -39.76
N ASP A 431 -39.44 32.10 -38.91
CA ASP A 431 -40.00 33.38 -39.35
C ASP A 431 -38.90 34.37 -39.75
N GLU A 432 -38.00 33.94 -40.62
CA GLU A 432 -37.00 34.82 -41.19
C GLU A 432 -37.53 35.57 -42.40
N ARG A 433 -38.69 35.18 -42.93
CA ARG A 433 -39.25 35.75 -44.15
C ARG A 433 -39.98 37.07 -43.91
N ASP A 434 -40.30 37.39 -42.67
CA ASP A 434 -41.05 38.61 -42.36
C ASP A 434 -40.14 39.84 -42.41
N VAL B 3 -41.58 53.73 -15.49
CA VAL B 3 -42.64 54.07 -14.56
C VAL B 3 -44.01 53.85 -15.22
N THR B 4 -44.00 53.59 -16.53
CA THR B 4 -45.23 53.34 -17.25
C THR B 4 -44.93 52.39 -18.41
N ASP B 5 -45.97 51.68 -18.85
CA ASP B 5 -45.83 50.81 -20.00
C ASP B 5 -45.95 51.62 -21.28
N PRO B 6 -45.01 51.49 -22.21
CA PRO B 6 -45.08 52.26 -23.46
C PRO B 6 -46.19 51.76 -24.37
N GLU B 7 -46.92 52.72 -24.96
CA GLU B 7 -47.93 52.36 -25.95
C GLU B 7 -47.31 51.99 -27.29
N ALA B 8 -46.10 52.47 -27.57
CA ALA B 8 -45.42 52.15 -28.82
C ALA B 8 -43.92 52.12 -28.59
N LEU B 9 -43.20 51.46 -29.49
CA LEU B 9 -41.75 51.39 -29.46
C LEU B 9 -41.21 51.92 -30.78
N LEU B 10 -40.39 52.96 -30.71
CA LEU B 10 -39.77 53.56 -31.88
C LEU B 10 -38.33 53.11 -31.98
N LEU B 11 -37.95 52.53 -33.11
CA LEU B 11 -36.60 52.02 -33.30
C LEU B 11 -35.80 53.05 -34.09
N LEU B 12 -35.01 53.85 -33.38
CA LEU B 12 -33.96 54.62 -34.04
C LEU B 12 -32.89 53.64 -34.51
N PRO B 13 -32.50 53.70 -35.78
CA PRO B 13 -31.63 52.66 -36.36
C PRO B 13 -30.18 52.82 -35.96
N ARG B 14 -29.30 52.13 -36.69
CA ARG B 14 -27.85 52.25 -36.53
C ARG B 14 -27.40 53.71 -36.58
N LEU B 15 -26.96 54.21 -35.43
CA LEU B 15 -26.47 55.57 -35.27
C LEU B 15 -24.99 55.48 -34.97
N SER B 16 -24.19 56.14 -35.79
CA SER B 16 -22.74 56.15 -35.65
C SER B 16 -22.36 57.39 -34.88
N ILE B 17 -22.08 57.21 -33.59
CA ILE B 17 -21.61 58.29 -32.72
C ILE B 17 -20.10 58.33 -32.84
N GLN B 18 -19.57 59.51 -33.14
CA GLN B 18 -18.19 59.60 -33.60
C GLN B 18 -17.19 59.51 -32.45
N ASN B 19 -17.24 60.47 -31.53
CA ASN B 19 -16.27 60.52 -30.42
C ASN B 19 -17.05 60.60 -29.12
N ALA B 20 -17.51 59.46 -28.65
CA ALA B 20 -18.26 59.38 -27.41
C ALA B 20 -17.32 59.30 -26.22
N ASN B 21 -17.83 59.68 -25.06
CA ASN B 21 -17.03 59.69 -23.84
C ASN B 21 -16.77 58.26 -23.38
N ALA B 22 -15.56 57.75 -23.66
CA ALA B 22 -15.22 56.38 -23.30
C ALA B 22 -15.07 56.19 -21.81
N ILE B 23 -14.65 57.20 -21.07
CA ILE B 23 -14.61 57.14 -19.61
C ILE B 23 -16.03 57.35 -19.12
N SER B 24 -16.72 56.24 -18.82
CA SER B 24 -18.12 56.32 -18.41
C SER B 24 -18.26 56.82 -16.98
N SER B 25 -17.26 56.58 -16.15
CA SER B 25 -17.38 56.78 -14.72
C SER B 25 -15.98 57.00 -14.17
N PRO B 26 -15.86 57.52 -12.94
CA PRO B 26 -14.52 57.59 -12.30
C PRO B 26 -13.86 56.25 -12.06
N LEU B 27 -14.61 55.14 -12.07
CA LEU B 27 -14.04 53.82 -11.88
C LEU B 27 -14.05 52.94 -13.12
N THR B 28 -14.88 53.26 -14.12
CA THR B 28 -15.05 52.41 -15.29
C THR B 28 -14.79 53.20 -16.57
N TRP B 29 -14.34 52.48 -17.61
CA TRP B 29 -14.17 53.03 -18.94
C TRP B 29 -14.86 52.10 -19.93
N GLY B 30 -15.01 52.58 -21.16
CA GLY B 30 -15.54 51.75 -22.22
C GLY B 30 -16.80 52.28 -22.85
N PHE B 31 -17.86 51.49 -22.78
CA PHE B 31 -19.17 51.93 -23.24
C PHE B 31 -19.67 53.06 -22.34
N PRO B 32 -20.28 54.10 -22.90
CA PRO B 32 -20.69 55.26 -22.11
C PRO B 32 -21.83 54.93 -21.15
N SER B 33 -22.17 55.94 -20.34
CA SER B 33 -23.17 55.77 -19.31
C SER B 33 -24.56 55.60 -19.93
N PRO B 34 -25.42 54.75 -19.33
CA PRO B 34 -26.83 54.75 -19.73
C PRO B 34 -27.54 56.05 -19.43
N GLY B 35 -27.04 56.82 -18.46
CA GLY B 35 -27.59 58.14 -18.20
C GLY B 35 -27.44 59.09 -19.38
N ALA B 36 -26.37 58.91 -20.17
CA ALA B 36 -26.23 59.68 -21.41
C ALA B 36 -27.34 59.35 -22.39
N PHE B 37 -27.70 58.08 -22.49
CA PHE B 37 -28.76 57.67 -23.42
C PHE B 37 -30.13 58.15 -22.95
N THR B 38 -30.40 58.03 -21.65
CA THR B 38 -31.66 58.53 -21.11
C THR B 38 -31.76 60.05 -21.21
N GLY B 39 -30.65 60.76 -20.99
CA GLY B 39 -30.63 62.20 -21.19
C GLY B 39 -30.80 62.61 -22.63
N PHE B 40 -30.26 61.82 -23.56
CA PHE B 40 -30.46 62.08 -24.99
C PHE B 40 -31.92 61.91 -25.38
N VAL B 41 -32.57 60.88 -24.86
CA VAL B 41 -33.98 60.67 -25.17
C VAL B 41 -34.84 61.75 -24.53
N HIS B 42 -34.48 62.20 -23.33
CA HIS B 42 -35.21 63.31 -22.72
C HIS B 42 -34.96 64.63 -23.47
N ALA B 43 -33.76 64.82 -24.03
CA ALA B 43 -33.52 66.00 -24.86
C ALA B 43 -34.29 65.92 -26.17
N LEU B 44 -34.45 64.71 -26.71
CA LEU B 44 -35.28 64.52 -27.90
C LEU B 44 -36.74 64.83 -27.61
N GLN B 45 -37.23 64.43 -26.43
CA GLN B 45 -38.59 64.77 -26.03
C GLN B 45 -38.73 66.26 -25.75
N ARG B 46 -37.66 66.88 -25.23
CA ARG B 46 -37.67 68.31 -24.97
C ARG B 46 -37.68 69.12 -26.26
N ARG B 47 -37.03 68.61 -27.31
CA ARG B 47 -36.87 69.39 -28.53
C ARG B 47 -37.98 69.14 -29.54
N VAL B 48 -38.40 67.89 -29.73
CA VAL B 48 -39.35 67.56 -30.79
C VAL B 48 -40.50 66.70 -30.25
N GLY B 49 -40.36 66.20 -29.03
CA GLY B 49 -41.41 65.37 -28.46
C GLY B 49 -42.65 66.16 -28.11
N ILE B 50 -42.49 67.38 -27.61
CA ILE B 50 -43.63 68.19 -27.17
C ILE B 50 -44.45 68.65 -28.37
N SER B 51 -43.77 69.01 -29.48
CA SER B 51 -44.47 69.46 -30.68
C SER B 51 -45.24 68.34 -31.37
N LEU B 52 -44.88 67.08 -31.14
CA LEU B 52 -45.57 65.94 -31.71
C LEU B 52 -46.65 65.38 -30.78
N ASP B 53 -46.88 66.02 -29.63
CA ASP B 53 -47.86 65.63 -28.62
C ASP B 53 -47.64 64.21 -28.11
N ILE B 54 -46.38 63.80 -28.00
CA ILE B 54 -46.00 62.48 -27.51
C ILE B 54 -44.99 62.65 -26.39
N GLU B 55 -44.77 61.57 -25.65
CA GLU B 55 -43.76 61.51 -24.61
C GLU B 55 -42.77 60.42 -24.95
N LEU B 56 -41.49 60.69 -24.71
CA LEU B 56 -40.40 59.77 -25.03
C LEU B 56 -39.69 59.42 -23.73
N ASP B 57 -40.06 58.29 -23.14
CA ASP B 57 -39.44 57.82 -21.90
C ASP B 57 -39.06 56.36 -22.08
N GLY B 58 -37.83 56.02 -21.68
CA GLY B 58 -37.36 54.65 -21.80
C GLY B 58 -36.57 54.42 -23.07
N VAL B 59 -35.32 53.96 -22.92
CA VAL B 59 -34.44 53.72 -24.06
C VAL B 59 -33.79 52.35 -23.90
N GLY B 60 -33.85 51.54 -24.95
CA GLY B 60 -33.14 50.29 -25.01
C GLY B 60 -31.96 50.38 -25.95
N ILE B 61 -30.76 50.08 -25.45
CA ILE B 61 -29.52 50.21 -26.19
C ILE B 61 -29.12 48.85 -26.75
N VAL B 62 -28.65 48.83 -28.00
CA VAL B 62 -28.31 47.57 -28.65
C VAL B 62 -26.80 47.48 -28.90
N CYS B 63 -26.16 48.61 -29.24
CA CYS B 63 -24.71 48.74 -29.40
C CYS B 63 -24.17 47.79 -30.48
N HIS B 64 -24.53 48.10 -31.72
CA HIS B 64 -24.14 47.26 -32.85
C HIS B 64 -22.63 47.23 -33.08
N ARG B 65 -21.92 48.29 -32.73
CA ARG B 65 -20.47 48.30 -32.91
C ARG B 65 -19.83 49.20 -31.88
N PHE B 66 -18.66 48.80 -31.37
CA PHE B 66 -17.88 49.62 -30.46
C PHE B 66 -16.42 49.58 -30.89
N GLU B 67 -15.79 50.75 -30.95
CA GLU B 67 -14.36 50.86 -31.17
C GLU B 67 -13.82 51.90 -30.19
N ALA B 68 -12.78 51.54 -29.46
CA ALA B 68 -12.19 52.43 -28.47
C ALA B 68 -10.90 53.03 -29.02
N GLN B 69 -10.77 54.35 -28.92
CA GLN B 69 -9.56 55.04 -29.33
C GLN B 69 -8.52 54.90 -28.22
N ILE B 70 -7.95 53.69 -28.14
CA ILE B 70 -7.01 53.31 -27.10
C ILE B 70 -5.81 52.66 -27.77
N SER B 71 -4.76 52.45 -26.98
CA SER B 71 -3.60 51.72 -27.43
C SER B 71 -3.01 50.97 -26.24
N GLN B 72 -2.31 49.88 -26.54
CA GLN B 72 -1.62 49.10 -25.51
C GLN B 72 -0.13 49.38 -25.60
N PRO B 73 0.47 50.06 -24.63
CA PRO B 73 1.92 50.26 -24.66
C PRO B 73 2.66 48.96 -24.43
N ALA B 74 3.87 48.88 -25.00
CA ALA B 74 4.67 47.68 -24.91
C ALA B 74 5.19 47.48 -23.49
N GLY B 75 5.12 46.25 -23.00
CA GLY B 75 5.54 45.93 -21.65
C GLY B 75 4.47 46.05 -20.60
N LYS B 76 3.28 46.52 -20.95
CA LYS B 76 2.18 46.67 -20.00
C LYS B 76 0.96 45.94 -20.53
N ARG B 77 0.21 45.31 -19.61
CA ARG B 77 -1.03 44.65 -19.96
C ARG B 77 -2.24 45.58 -19.88
N THR B 78 -2.06 46.79 -19.35
CA THR B 78 -3.13 47.77 -19.30
C THR B 78 -3.16 48.56 -20.61
N LYS B 79 -4.01 49.58 -20.68
CA LYS B 79 -4.17 50.38 -21.88
C LYS B 79 -4.17 51.86 -21.52
N VAL B 80 -3.92 52.69 -22.53
CA VAL B 80 -3.91 54.14 -22.38
C VAL B 80 -4.83 54.73 -23.43
N PHE B 81 -5.28 55.96 -23.17
CA PHE B 81 -6.21 56.65 -24.06
C PHE B 81 -5.45 57.54 -25.03
N ASN B 82 -5.77 57.40 -26.31
CA ASN B 82 -5.25 58.31 -27.31
C ASN B 82 -5.88 59.68 -27.14
N LEU B 83 -5.06 60.72 -27.27
CA LEU B 83 -5.47 62.08 -26.92
C LEU B 83 -5.58 62.95 -28.16
N THR B 84 -6.10 64.15 -27.94
CA THR B 84 -6.21 65.18 -28.96
C THR B 84 -5.32 66.35 -28.58
N ARG B 85 -4.66 66.93 -29.58
CA ARG B 85 -3.80 68.08 -29.33
C ARG B 85 -4.65 69.32 -29.18
N ASN B 86 -4.78 69.78 -27.94
CA ASN B 86 -5.48 71.02 -27.65
C ASN B 86 -4.68 72.21 -28.18
N PRO B 87 -5.34 73.34 -28.47
CA PRO B 87 -4.60 74.52 -28.93
C PRO B 87 -3.70 75.09 -27.85
N LEU B 88 -2.66 75.80 -28.31
CA LEU B 88 -1.68 76.38 -27.41
C LEU B 88 -2.28 77.52 -26.60
N ASN B 89 -1.59 77.90 -25.54
CA ASN B 89 -2.03 79.02 -24.72
C ASN B 89 -1.68 80.34 -25.41
N ARG B 90 -1.97 81.45 -24.73
CA ARG B 90 -1.69 82.76 -25.29
C ARG B 90 -0.21 83.11 -25.30
N ASP B 91 0.63 82.38 -24.56
CA ASP B 91 2.07 82.59 -24.58
C ASP B 91 2.78 81.59 -25.50
N GLY B 92 2.04 80.79 -26.26
CA GLY B 92 2.64 79.86 -27.20
C GLY B 92 3.06 78.53 -26.61
N SER B 93 2.74 78.26 -25.36
CA SER B 93 3.13 77.02 -24.71
C SER B 93 1.99 76.01 -24.76
N THR B 94 2.36 74.74 -24.59
CA THR B 94 1.37 73.67 -24.58
C THR B 94 0.59 73.70 -23.27
N ALA B 95 -0.73 73.60 -23.36
CA ALA B 95 -1.58 73.63 -22.18
C ALA B 95 -1.50 72.30 -21.42
N ALA B 96 -1.99 72.33 -20.18
CA ALA B 96 -2.04 71.12 -19.37
C ALA B 96 -3.04 70.14 -19.97
N ILE B 97 -2.64 68.87 -20.05
CA ILE B 97 -3.42 67.85 -20.74
C ILE B 97 -4.37 67.19 -19.77
N VAL B 98 -5.66 67.18 -20.11
CA VAL B 98 -6.67 66.42 -19.40
C VAL B 98 -6.95 65.16 -20.22
N GLU B 99 -6.68 64.00 -19.63
CA GLU B 99 -6.76 62.74 -20.35
C GLU B 99 -8.22 62.38 -20.59
N GLU B 100 -8.68 62.60 -21.82
CA GLU B 100 -10.05 62.32 -22.22
C GLU B 100 -10.03 61.29 -23.33
N GLY B 101 -10.77 60.20 -23.15
CA GLY B 101 -10.81 59.11 -24.10
C GLY B 101 -12.04 59.19 -24.98
N ARG B 102 -11.92 58.63 -26.18
CA ARG B 102 -12.97 58.72 -27.18
C ARG B 102 -13.30 57.32 -27.70
N ALA B 103 -14.51 57.16 -28.20
CA ALA B 103 -14.96 55.88 -28.71
C ALA B 103 -15.95 56.10 -29.84
N HIS B 104 -15.81 55.30 -30.89
CA HIS B 104 -16.74 55.29 -32.01
C HIS B 104 -17.79 54.21 -31.76
N LEU B 105 -19.03 54.64 -31.60
CA LEU B 105 -20.14 53.75 -31.29
C LEU B 105 -21.07 53.64 -32.49
N GLU B 106 -21.81 52.54 -32.54
CA GLU B 106 -22.88 52.35 -33.51
C GLU B 106 -23.99 51.65 -32.75
N VAL B 107 -24.98 52.42 -32.30
CA VAL B 107 -26.04 51.91 -31.44
C VAL B 107 -27.39 52.17 -32.11
N SER B 108 -28.37 51.35 -31.74
CA SER B 108 -29.76 51.56 -32.15
C SER B 108 -30.62 51.60 -30.90
N LEU B 109 -31.61 52.50 -30.89
CA LEU B 109 -32.32 52.83 -29.66
C LEU B 109 -33.80 52.50 -29.78
N LEU B 110 -34.32 51.79 -28.79
CA LEU B 110 -35.75 51.56 -28.66
C LEU B 110 -36.33 52.60 -27.71
N LEU B 111 -37.29 53.38 -28.19
CA LEU B 111 -37.84 54.50 -27.44
C LEU B 111 -39.30 54.21 -27.10
N GLY B 112 -39.64 54.37 -25.82
CA GLY B 112 -41.01 54.18 -25.39
C GLY B 112 -41.86 55.41 -25.63
N VAL B 113 -42.89 55.28 -26.46
CA VAL B 113 -43.73 56.41 -26.85
C VAL B 113 -45.12 56.20 -26.28
N HIS B 114 -45.61 57.19 -25.54
CA HIS B 114 -46.97 57.21 -25.04
C HIS B 114 -47.52 58.63 -25.11
N GLY B 115 -48.78 58.75 -25.45
CA GLY B 115 -49.42 60.04 -25.60
C GLY B 115 -50.49 59.98 -26.68
N ASP B 116 -51.33 61.02 -26.69
CA ASP B 116 -52.43 61.08 -27.65
C ASP B 116 -51.96 61.41 -29.06
N GLY B 117 -50.77 61.99 -29.20
CA GLY B 117 -50.24 62.33 -30.52
C GLY B 117 -49.98 61.15 -31.41
N LEU B 118 -49.81 59.95 -30.82
CA LEU B 118 -49.74 58.72 -31.60
C LEU B 118 -51.02 58.47 -32.39
N ASP B 119 -52.16 58.94 -31.88
CA ASP B 119 -53.40 58.89 -32.63
C ASP B 119 -53.60 60.08 -33.54
N ASP B 120 -52.74 61.10 -33.46
CA ASP B 120 -52.93 62.32 -34.23
C ASP B 120 -52.04 62.40 -35.46
N HIS B 121 -51.02 61.58 -35.55
CA HIS B 121 -50.06 61.59 -36.65
C HIS B 121 -49.84 60.18 -37.15
N PRO B 122 -49.41 60.02 -38.40
CA PRO B 122 -48.92 58.70 -38.84
C PRO B 122 -47.65 58.32 -38.08
N ALA B 123 -47.46 57.01 -37.93
CA ALA B 123 -46.31 56.49 -37.18
C ALA B 123 -45.00 56.84 -37.87
N GLN B 124 -44.96 56.74 -39.20
CA GLN B 124 -43.76 57.08 -39.93
C GLN B 124 -43.48 58.58 -39.89
N GLU B 125 -44.51 59.41 -39.75
CA GLU B 125 -44.30 60.85 -39.68
C GLU B 125 -43.59 61.26 -38.38
N ILE B 126 -44.08 60.78 -37.23
CA ILE B 126 -43.44 61.10 -35.97
C ILE B 126 -42.09 60.40 -35.86
N ALA B 127 -41.97 59.20 -36.45
CA ALA B 127 -40.68 58.50 -36.48
C ALA B 127 -39.65 59.28 -37.29
N ARG B 128 -40.03 59.79 -38.45
CA ARG B 128 -39.10 60.56 -39.27
C ARG B 128 -38.77 61.91 -38.63
N GLN B 129 -39.74 62.50 -37.92
CA GLN B 129 -39.48 63.76 -37.23
C GLN B 129 -38.49 63.58 -36.09
N VAL B 130 -38.64 62.54 -35.27
CA VAL B 130 -37.68 62.33 -34.19
C VAL B 130 -36.34 61.85 -34.74
N GLN B 131 -36.32 61.17 -35.89
CA GLN B 131 -35.04 60.78 -36.49
C GLN B 131 -34.28 61.97 -37.04
N GLU B 132 -34.97 62.88 -37.74
CA GLU B 132 -34.29 64.06 -38.25
C GLU B 132 -33.98 65.07 -37.15
N GLN B 133 -34.66 64.99 -36.01
CA GLN B 133 -34.21 65.77 -34.86
C GLN B 133 -32.96 65.15 -34.24
N ALA B 134 -32.93 63.82 -34.12
CA ALA B 134 -31.80 63.15 -33.49
C ALA B 134 -30.56 63.13 -34.38
N GLY B 135 -30.72 63.36 -35.68
CA GLY B 135 -29.58 63.39 -36.58
C GLY B 135 -28.71 64.64 -36.47
N ALA B 136 -29.11 65.61 -35.67
CA ALA B 136 -28.33 66.83 -35.44
C ALA B 136 -28.05 67.02 -33.96
N MET B 137 -27.94 65.93 -33.20
CA MET B 137 -27.70 66.00 -31.76
C MET B 137 -26.47 65.18 -31.37
N ARG B 138 -26.25 65.05 -30.07
CA ARG B 138 -25.15 64.27 -29.53
C ARG B 138 -25.70 63.25 -28.54
N LEU B 139 -24.99 62.13 -28.42
CA LEU B 139 -25.47 61.01 -27.61
C LEU B 139 -24.61 60.73 -26.38
N ALA B 140 -23.29 60.85 -26.48
CA ALA B 140 -22.45 60.73 -25.31
C ALA B 140 -21.28 61.70 -25.36
N GLY B 141 -21.46 62.82 -26.05
CA GLY B 141 -20.37 63.73 -26.33
C GLY B 141 -19.82 63.61 -27.74
N GLY B 142 -20.43 62.80 -28.60
CA GLY B 142 -19.94 62.62 -29.95
C GLY B 142 -21.00 62.99 -30.98
N SER B 143 -20.53 63.44 -32.13
CA SER B 143 -21.42 63.76 -33.23
C SER B 143 -22.00 62.49 -33.84
N ILE B 144 -23.24 62.59 -34.30
CA ILE B 144 -23.96 61.45 -34.87
C ILE B 144 -23.81 61.52 -36.38
N LEU B 145 -23.27 60.46 -36.97
CA LEU B 145 -23.11 60.40 -38.41
C LEU B 145 -24.45 60.05 -39.05
N PRO B 146 -25.03 60.93 -39.85
CA PRO B 146 -26.41 60.73 -40.30
C PRO B 146 -26.57 59.95 -41.60
N TRP B 147 -25.54 59.17 -41.97
CA TRP B 147 -25.60 58.17 -43.05
C TRP B 147 -25.87 58.84 -44.40
N CYS B 148 -24.84 59.52 -44.90
CA CYS B 148 -24.89 60.17 -46.20
C CYS B 148 -24.17 59.33 -47.25
N ASN B 149 -24.83 59.15 -48.40
CA ASN B 149 -24.26 58.59 -49.64
C ASN B 149 -23.72 57.17 -49.47
N GLU B 150 -24.37 56.38 -48.63
CA GLU B 150 -24.13 54.94 -48.60
C GLU B 150 -25.15 54.23 -49.48
N ARG B 151 -25.25 52.91 -49.35
CA ARG B 151 -26.11 52.13 -50.23
C ARG B 151 -27.59 52.29 -49.87
N PHE B 152 -27.97 51.87 -48.66
CA PHE B 152 -29.37 51.78 -48.30
C PHE B 152 -29.59 52.35 -46.91
N PRO B 153 -30.14 53.55 -46.79
CA PRO B 153 -30.37 54.12 -45.46
C PRO B 153 -31.53 53.45 -44.75
N ALA B 154 -31.51 53.55 -43.42
CA ALA B 154 -32.49 52.84 -42.59
C ALA B 154 -33.44 53.82 -41.93
N PRO B 155 -34.71 53.88 -42.35
CA PRO B 155 -35.71 54.63 -41.58
C PRO B 155 -36.09 53.92 -40.29
N ASN B 156 -36.91 54.56 -39.47
CA ASN B 156 -37.37 53.93 -38.23
C ASN B 156 -38.46 52.90 -38.53
N ALA B 157 -38.94 52.28 -37.46
CA ALA B 157 -40.13 51.43 -37.52
C ALA B 157 -40.81 51.54 -36.15
N GLU B 158 -41.76 52.46 -36.06
CA GLU B 158 -42.51 52.62 -34.81
C GLU B 158 -43.58 51.55 -34.76
N LEU B 159 -43.51 50.69 -33.75
CA LEU B 159 -44.41 49.56 -33.60
C LEU B 159 -45.28 49.79 -32.38
N LEU B 160 -46.59 49.77 -32.57
CA LEU B 160 -47.52 50.02 -31.48
C LEU B 160 -47.56 48.80 -30.56
N MET B 161 -47.34 49.02 -29.27
CA MET B 161 -47.32 47.94 -28.30
C MET B 161 -48.72 47.48 -27.90
N LEU B 162 -49.76 48.22 -28.27
CA LEU B 162 -51.14 47.80 -28.04
C LEU B 162 -51.53 46.88 -29.19
N GLY B 163 -51.10 45.62 -29.09
CA GLY B 163 -51.38 44.65 -30.12
C GLY B 163 -52.82 44.14 -30.04
N GLY B 164 -53.42 43.92 -31.21
CA GLY B 164 -54.77 43.37 -31.25
C GLY B 164 -54.83 41.93 -30.76
N SER B 165 -53.79 41.16 -31.04
CA SER B 165 -53.70 39.77 -30.59
C SER B 165 -52.32 39.54 -29.99
N ASP B 166 -52.23 38.49 -29.16
CA ASP B 166 -50.97 38.15 -28.52
C ASP B 166 -49.97 37.61 -29.55
N GLU B 167 -50.45 36.87 -30.54
CA GLU B 167 -49.55 36.33 -31.56
C GLU B 167 -49.03 37.43 -32.48
N GLN B 168 -49.88 38.41 -32.82
CA GLN B 168 -49.42 39.54 -33.63
C GLN B 168 -48.43 40.41 -32.88
N ARG B 169 -48.67 40.63 -31.59
CA ARG B 169 -47.71 41.36 -30.75
C ARG B 169 -46.39 40.61 -30.64
N ARG B 170 -46.46 39.29 -30.50
CA ARG B 170 -45.26 38.45 -30.45
C ARG B 170 -44.48 38.51 -31.75
N LYS B 171 -45.18 38.45 -32.89
CA LYS B 171 -44.52 38.54 -34.19
C LYS B 171 -43.90 39.90 -34.42
N ASN B 172 -44.58 40.97 -33.97
CA ASN B 172 -44.02 42.31 -34.06
C ASN B 172 -42.76 42.47 -33.21
N GLN B 173 -42.77 41.92 -31.99
CA GLN B 173 -41.59 42.00 -31.14
C GLN B 173 -40.44 41.18 -31.68
N ARG B 174 -40.73 40.03 -32.29
CA ARG B 174 -39.66 39.22 -32.87
C ARG B 174 -39.09 39.85 -34.12
N ARG B 175 -39.93 40.52 -34.93
CA ARG B 175 -39.41 41.25 -36.09
C ARG B 175 -38.56 42.44 -35.66
N LEU B 176 -38.99 43.16 -34.62
CA LEU B 176 -38.22 44.28 -34.10
C LEU B 176 -36.91 43.82 -33.47
N THR B 177 -36.90 42.61 -32.88
CA THR B 177 -35.65 42.04 -32.38
C THR B 177 -34.75 41.62 -33.54
N ARG B 178 -35.34 41.13 -34.63
CA ARG B 178 -34.56 40.75 -35.80
C ARG B 178 -33.94 41.96 -36.48
N ARG B 179 -34.57 43.13 -36.37
CA ARG B 179 -34.00 44.36 -36.93
C ARG B 179 -32.71 44.74 -36.20
N LEU B 180 -32.74 44.72 -34.87
CA LEU B 180 -31.57 45.08 -34.05
C LEU B 180 -30.74 43.87 -33.65
N LEU B 181 -30.41 43.03 -34.63
CA LEU B 181 -29.79 41.74 -34.34
C LEU B 181 -28.30 41.78 -33.98
N PRO B 182 -27.38 42.48 -34.74
CA PRO B 182 -25.94 42.35 -34.37
C PRO B 182 -25.53 43.25 -33.21
N GLY B 183 -26.16 43.04 -32.05
CA GLY B 183 -25.85 43.87 -30.90
C GLY B 183 -26.29 43.17 -29.62
N PHE B 184 -26.11 43.88 -28.51
CA PHE B 184 -26.38 43.33 -27.19
C PHE B 184 -27.15 44.34 -26.37
N ALA B 185 -28.32 43.93 -25.87
CA ALA B 185 -29.07 44.78 -24.96
C ALA B 185 -28.35 44.91 -23.63
N LEU B 186 -28.17 46.15 -23.18
CA LEU B 186 -27.53 46.44 -21.90
C LEU B 186 -28.63 46.70 -20.87
N VAL B 187 -28.68 45.88 -19.83
CA VAL B 187 -29.73 45.94 -18.83
C VAL B 187 -29.10 46.10 -17.46
N SER B 188 -29.93 46.47 -16.49
CA SER B 188 -29.51 46.69 -15.11
C SER B 188 -29.80 45.45 -14.28
N ARG B 189 -28.88 45.13 -13.36
CA ARG B 189 -28.87 43.89 -12.60
C ARG B 189 -28.72 44.16 -11.11
N GLU B 190 -29.58 45.02 -10.57
CA GLU B 190 -29.56 45.31 -9.13
C GLU B 190 -29.88 44.07 -8.31
N ALA B 191 -30.82 43.25 -8.77
CA ALA B 191 -31.19 42.04 -8.04
C ALA B 191 -30.05 41.02 -8.05
N LEU B 192 -29.38 40.85 -9.20
CA LEU B 192 -28.27 39.91 -9.29
C LEU B 192 -27.07 40.38 -8.46
N LEU B 193 -26.78 41.68 -8.49
CA LEU B 193 -25.69 42.23 -7.68
C LEU B 193 -26.00 42.12 -6.19
N GLN B 194 -27.25 42.35 -5.80
CA GLN B 194 -27.62 42.23 -4.39
C GLN B 194 -27.56 40.78 -3.92
N GLN B 195 -28.01 39.83 -4.73
CA GLN B 195 -27.94 38.43 -4.32
C GLN B 195 -26.51 37.91 -4.33
N HIS B 196 -25.65 38.45 -5.20
CA HIS B 196 -24.24 38.10 -5.16
C HIS B 196 -23.55 38.71 -3.95
N LEU B 197 -24.00 39.90 -3.53
CA LEU B 197 -23.53 40.50 -2.28
C LEU B 197 -23.93 39.65 -1.08
N GLU B 198 -25.16 39.13 -1.07
CA GLU B 198 -25.58 38.24 0.00
C GLU B 198 -24.80 36.92 -0.02
N THR B 199 -24.49 36.41 -1.22
CA THR B 199 -23.68 35.20 -1.32
C THR B 199 -22.27 35.42 -0.79
N LEU B 200 -21.67 36.57 -1.10
CA LEU B 200 -20.35 36.89 -0.54
C LEU B 200 -20.40 37.15 0.95
N ARG B 201 -21.50 37.73 1.45
CA ARG B 201 -21.63 37.96 2.89
C ARG B 201 -21.79 36.64 3.64
N THR B 202 -22.44 35.65 3.02
CA THR B 202 -22.41 34.30 3.59
C THR B 202 -21.02 33.70 3.47
N THR B 203 -20.30 34.01 2.40
CA THR B 203 -18.92 33.52 2.26
C THR B 203 -18.00 34.23 3.24
N LEU B 204 -18.07 35.56 3.32
CA LEU B 204 -17.26 36.33 4.26
C LEU B 204 -18.01 37.59 4.69
N PRO B 205 -18.15 37.84 5.99
CA PRO B 205 -18.91 39.01 6.45
C PRO B 205 -18.22 40.34 6.17
N GLU B 206 -18.89 41.44 6.57
CA GLU B 206 -18.56 42.85 6.36
C GLU B 206 -18.03 43.17 4.96
N ALA B 207 -18.60 42.53 3.94
CA ALA B 207 -18.23 42.77 2.55
C ALA B 207 -19.16 43.80 1.95
N THR B 208 -18.59 44.85 1.37
CA THR B 208 -19.37 45.93 0.81
C THR B 208 -19.91 45.54 -0.56
N THR B 209 -20.81 46.38 -1.08
CA THR B 209 -21.35 46.18 -2.42
C THR B 209 -20.30 46.44 -3.50
N LEU B 210 -19.29 47.26 -3.17
CA LEU B 210 -18.18 47.50 -4.10
C LEU B 210 -17.39 46.23 -4.35
N ASP B 211 -17.14 45.44 -3.30
CA ASP B 211 -16.37 44.21 -3.48
C ASP B 211 -17.17 43.16 -4.24
N ALA B 212 -18.50 43.13 -4.03
CA ALA B 212 -19.34 42.22 -4.79
C ALA B 212 -19.43 42.65 -6.26
N LEU B 213 -19.41 43.95 -6.51
CA LEU B 213 -19.36 44.45 -7.88
C LEU B 213 -18.03 44.11 -8.54
N LEU B 214 -16.93 44.23 -7.79
CA LEU B 214 -15.60 43.91 -8.32
C LEU B 214 -15.46 42.42 -8.61
N ASP B 215 -16.01 41.57 -7.74
CA ASP B 215 -15.93 40.13 -7.91
C ASP B 215 -16.71 39.65 -9.13
N LEU B 216 -17.74 40.39 -9.52
CA LEU B 216 -18.55 40.06 -10.69
C LEU B 216 -17.93 40.58 -11.99
N CYS B 217 -16.72 41.13 -11.95
CA CYS B 217 -16.07 41.65 -13.15
C CYS B 217 -14.69 41.05 -13.38
N ARG B 218 -13.93 40.80 -12.31
CA ARG B 218 -12.64 40.14 -12.46
C ARG B 218 -12.82 38.67 -12.77
N ILE B 219 -11.82 38.08 -13.42
CA ILE B 219 -11.81 36.65 -13.66
C ILE B 219 -11.18 35.97 -12.44
N ASN B 220 -12.02 35.26 -11.68
CA ASN B 220 -11.55 34.58 -10.49
C ASN B 220 -10.95 33.23 -10.86
N PHE B 221 -9.72 32.98 -10.40
CA PHE B 221 -9.05 31.71 -10.63
C PHE B 221 -9.12 30.90 -9.35
N GLU B 222 -9.67 29.70 -9.44
CA GLU B 222 -9.84 28.85 -8.28
C GLU B 222 -8.84 27.70 -8.30
N PRO B 223 -8.22 27.39 -7.17
CA PRO B 223 -7.28 26.25 -7.12
C PRO B 223 -8.03 24.93 -7.17
N PRO B 224 -7.37 23.86 -7.64
CA PRO B 224 -8.01 22.53 -7.67
C PRO B 224 -8.21 21.96 -6.27
N TRP B 239 -6.52 24.40 -12.13
CA TRP B 239 -6.81 25.80 -11.92
C TRP B 239 -7.86 26.29 -12.92
N GLN B 240 -9.11 26.34 -12.49
CA GLN B 240 -10.23 26.71 -13.33
C GLN B 240 -10.64 28.16 -13.05
N VAL B 241 -11.58 28.65 -13.84
CA VAL B 241 -12.07 30.02 -13.75
C VAL B 241 -13.50 29.99 -13.21
N ARG B 242 -13.77 30.81 -12.20
CA ARG B 242 -15.12 30.91 -11.66
C ARG B 242 -16.02 31.62 -12.67
N ASP B 243 -17.09 30.96 -13.09
CA ASP B 243 -17.91 31.42 -14.18
C ASP B 243 -18.84 32.56 -13.75
N LYS B 244 -19.42 33.22 -14.74
CA LYS B 244 -20.35 34.31 -14.54
C LYS B 244 -21.63 34.06 -15.33
N PRO B 245 -22.77 34.52 -14.82
CA PRO B 245 -24.03 34.36 -15.57
C PRO B 245 -24.06 35.07 -16.91
N GLY B 246 -23.43 36.22 -17.04
CA GLY B 246 -23.46 36.99 -18.28
C GLY B 246 -22.18 37.77 -18.47
N TRP B 247 -22.28 38.89 -19.18
CA TRP B 247 -21.10 39.72 -19.40
C TRP B 247 -20.70 40.46 -18.13
N LEU B 248 -21.68 41.05 -17.43
CA LEU B 248 -21.56 41.59 -16.08
C LEU B 248 -20.51 42.71 -16.00
N VAL B 249 -20.82 43.79 -16.71
CA VAL B 249 -19.98 44.99 -16.73
C VAL B 249 -20.27 45.83 -15.48
N PRO B 250 -19.32 46.65 -15.02
CA PRO B 250 -19.66 47.65 -14.00
C PRO B 250 -20.15 48.94 -14.66
N ILE B 251 -21.39 49.33 -14.38
CA ILE B 251 -21.97 50.50 -15.02
C ILE B 251 -22.10 51.62 -13.99
N PRO B 252 -22.11 52.89 -14.41
CA PRO B 252 -22.58 53.95 -13.51
C PRO B 252 -24.09 53.86 -13.35
N ALA B 253 -24.52 53.60 -12.12
CA ALA B 253 -25.93 53.33 -11.84
C ALA B 253 -26.70 54.59 -11.42
N GLY B 254 -26.06 55.75 -11.43
CA GLY B 254 -26.75 56.97 -11.09
C GLY B 254 -25.89 57.88 -10.25
N TYR B 255 -26.56 58.78 -9.52
CA TYR B 255 -25.88 59.78 -8.71
C TYR B 255 -26.53 59.85 -7.33
N ASN B 256 -25.71 59.80 -6.29
CA ASN B 256 -26.16 59.90 -4.91
C ASN B 256 -25.81 61.27 -4.36
N ALA B 257 -26.60 61.72 -3.38
CA ALA B 257 -26.45 63.05 -2.81
C ALA B 257 -25.15 63.18 -2.04
N LEU B 258 -24.43 64.27 -2.29
CA LEU B 258 -23.23 64.63 -1.57
C LEU B 258 -23.37 65.97 -0.86
N SER B 259 -24.50 66.65 -1.05
CA SER B 259 -24.74 67.97 -0.50
C SER B 259 -26.25 68.18 -0.45
N PRO B 260 -26.73 69.10 0.39
CA PRO B 260 -28.15 69.46 0.31
C PRO B 260 -28.47 70.20 -0.98
N LEU B 261 -29.72 70.06 -1.41
CA LEU B 261 -30.20 70.68 -2.65
C LEU B 261 -30.27 72.19 -2.45
N TYR B 262 -29.29 72.90 -2.98
CA TYR B 262 -29.21 74.35 -2.81
C TYR B 262 -30.22 75.04 -3.72
N LEU B 263 -30.40 76.34 -3.46
CA LEU B 263 -31.33 77.15 -4.22
C LEU B 263 -30.79 77.37 -5.63
N PRO B 264 -31.67 77.66 -6.61
CA PRO B 264 -31.21 77.88 -8.00
C PRO B 264 -30.22 79.02 -8.17
N GLY B 265 -30.34 80.09 -7.41
CA GLY B 265 -29.35 81.14 -7.44
C GLY B 265 -28.25 81.01 -6.42
N GLU B 266 -28.29 79.97 -5.59
CA GLU B 266 -27.32 79.85 -4.50
C GLU B 266 -25.95 79.42 -4.99
N VAL B 267 -25.89 78.47 -5.91
CA VAL B 267 -24.62 77.88 -6.31
C VAL B 267 -23.93 78.80 -7.32
N ARG B 268 -22.70 79.18 -7.01
CA ARG B 268 -21.93 80.05 -7.88
C ARG B 268 -21.45 79.29 -9.11
N ASN B 269 -21.53 79.96 -10.27
CA ASN B 269 -21.12 79.43 -11.58
C ASN B 269 -21.88 78.16 -11.97
N ALA B 270 -23.18 78.13 -11.67
CA ALA B 270 -24.01 77.02 -12.13
C ALA B 270 -24.30 77.16 -13.62
N ARG B 271 -24.82 76.07 -14.21
CA ARG B 271 -25.17 76.09 -15.63
C ARG B 271 -26.31 77.06 -15.92
N ASP B 272 -27.33 77.05 -15.06
CA ASP B 272 -28.38 78.07 -15.11
C ASP B 272 -28.80 78.39 -13.69
N ARG B 273 -29.26 79.63 -13.49
CA ARG B 273 -29.66 80.10 -12.18
C ARG B 273 -31.15 79.89 -11.92
N GLU B 274 -31.79 79.00 -12.67
CA GLU B 274 -33.19 78.64 -12.46
C GLU B 274 -33.38 77.19 -12.04
N THR B 275 -32.39 76.33 -12.25
CA THR B 275 -32.37 74.92 -11.87
C THR B 275 -31.60 74.75 -10.58
N PRO B 276 -32.15 74.06 -9.57
CA PRO B 276 -31.41 73.83 -8.33
C PRO B 276 -30.24 72.89 -8.56
N LEU B 277 -29.14 73.13 -7.83
CA LEU B 277 -27.92 72.34 -7.95
C LEU B 277 -27.66 71.60 -6.64
N ARG B 278 -27.19 70.36 -6.76
CA ARG B 278 -26.79 69.56 -5.63
C ARG B 278 -25.55 68.77 -6.03
N PHE B 279 -24.49 68.87 -5.23
CA PHE B 279 -23.29 68.10 -5.54
C PHE B 279 -23.54 66.62 -5.31
N VAL B 280 -23.07 65.78 -6.23
CA VAL B 280 -23.38 64.36 -6.24
C VAL B 280 -22.09 63.54 -6.29
N GLU B 281 -22.25 62.25 -6.05
CA GLU B 281 -21.21 61.24 -6.21
C GLU B 281 -21.76 60.15 -7.12
N ASN B 282 -20.88 59.55 -7.91
CA ASN B 282 -21.31 58.51 -8.84
C ASN B 282 -21.75 57.24 -8.11
N LEU B 283 -22.85 56.66 -8.57
CA LEU B 283 -23.33 55.38 -8.08
C LEU B 283 -22.96 54.30 -9.08
N PHE B 284 -22.40 53.21 -8.59
CA PHE B 284 -21.91 52.13 -9.44
C PHE B 284 -22.75 50.88 -9.22
N GLY B 285 -23.27 50.33 -10.32
CA GLY B 285 -24.04 49.10 -10.26
C GLY B 285 -23.50 48.09 -11.26
N LEU B 286 -24.22 46.98 -11.35
CA LEU B 286 -23.86 45.90 -12.27
C LEU B 286 -24.80 45.91 -13.46
N GLY B 287 -24.24 45.97 -14.66
CA GLY B 287 -25.03 45.85 -15.87
C GLY B 287 -24.71 44.56 -16.58
N GLU B 288 -25.59 44.13 -17.47
CA GLU B 288 -25.38 42.90 -18.23
C GLU B 288 -25.71 43.13 -19.69
N TRP B 289 -24.83 42.61 -20.55
CA TRP B 289 -25.06 42.62 -21.99
C TRP B 289 -25.58 41.26 -22.40
N LEU B 290 -26.77 41.24 -22.99
CA LEU B 290 -27.40 40.00 -23.42
C LEU B 290 -27.76 40.08 -24.90
N SER B 291 -27.87 38.92 -25.53
CA SER B 291 -28.46 38.88 -26.86
C SER B 291 -29.94 39.20 -26.74
N PRO B 292 -30.47 40.11 -27.57
CA PRO B 292 -31.83 40.63 -27.34
C PRO B 292 -32.96 39.63 -27.61
N HIS B 293 -32.65 38.43 -28.12
CA HIS B 293 -33.64 37.37 -28.23
C HIS B 293 -33.91 36.67 -26.91
N ARG B 294 -33.17 36.98 -25.85
CA ARG B 294 -33.34 36.37 -24.55
C ARG B 294 -34.19 37.21 -23.60
N VAL B 295 -35.16 37.95 -24.14
CA VAL B 295 -36.04 38.78 -23.34
C VAL B 295 -37.48 38.44 -23.72
N ALA B 296 -38.39 38.63 -22.76
CA ALA B 296 -39.80 38.36 -23.02
C ALA B 296 -40.39 39.40 -23.96
N ALA B 297 -40.13 40.68 -23.67
CA ALA B 297 -40.58 41.77 -24.52
C ALA B 297 -39.46 42.79 -24.62
N LEU B 298 -39.43 43.52 -25.73
CA LEU B 298 -38.40 44.54 -25.94
C LEU B 298 -38.63 45.80 -25.12
N SER B 299 -39.81 45.95 -24.50
CA SER B 299 -40.04 47.05 -23.57
C SER B 299 -39.35 46.82 -22.23
N ASP B 300 -38.85 45.61 -21.97
CA ASP B 300 -38.10 45.36 -20.75
C ASP B 300 -36.72 46.00 -20.78
N LEU B 301 -36.18 46.22 -21.98
CA LEU B 301 -34.84 46.76 -22.16
C LEU B 301 -34.78 48.27 -22.00
N LEU B 302 -35.91 48.93 -21.80
CA LEU B 302 -35.94 50.39 -21.75
C LEU B 302 -35.31 50.90 -20.46
N TRP B 303 -34.40 51.87 -20.59
CA TRP B 303 -33.76 52.49 -19.45
C TRP B 303 -34.56 53.71 -19.02
N TYR B 304 -35.06 53.68 -17.79
CA TYR B 304 -35.89 54.75 -17.25
C TYR B 304 -35.13 55.53 -16.18
N HIS B 305 -35.39 56.83 -16.13
CA HIS B 305 -34.95 57.65 -15.02
C HIS B 305 -35.73 57.27 -13.77
N HIS B 306 -35.12 57.53 -12.60
CA HIS B 306 -35.79 57.37 -11.32
C HIS B 306 -35.08 58.31 -10.35
N ALA B 307 -35.71 59.45 -10.05
CA ALA B 307 -35.01 60.50 -9.33
C ALA B 307 -34.97 60.23 -7.83
N GLU B 308 -36.15 60.14 -7.20
CA GLU B 308 -36.31 60.15 -5.75
C GLU B 308 -35.57 61.32 -5.09
N PRO B 309 -35.94 62.56 -5.42
CA PRO B 309 -35.05 63.70 -5.14
C PRO B 309 -34.93 64.09 -3.68
N ASP B 310 -35.76 63.52 -2.79
CA ASP B 310 -35.63 63.84 -1.37
C ASP B 310 -34.44 63.14 -0.74
N LYS B 311 -33.96 62.05 -1.34
CA LYS B 311 -32.89 61.24 -0.78
C LYS B 311 -31.70 61.11 -1.73
N GLY B 312 -31.53 62.05 -2.65
CA GLY B 312 -30.52 61.91 -3.68
C GLY B 312 -30.95 60.87 -4.70
N LEU B 313 -30.11 59.85 -4.91
CA LEU B 313 -30.48 58.59 -5.57
C LEU B 313 -30.97 58.78 -7.02
N TYR B 314 -30.37 59.73 -7.73
CA TYR B 314 -30.78 60.04 -9.09
C TYR B 314 -30.27 58.94 -10.00
N ARG B 315 -31.08 57.88 -10.12
CA ARG B 315 -30.68 56.66 -10.79
C ARG B 315 -31.28 56.55 -12.19
N TRP B 316 -30.67 55.70 -12.99
CA TRP B 316 -31.27 55.19 -14.21
C TRP B 316 -31.20 53.67 -14.16
N SER B 317 -32.25 53.01 -14.61
CA SER B 317 -32.33 51.56 -14.47
C SER B 317 -33.10 50.99 -15.64
N THR B 318 -33.41 49.69 -15.57
CA THR B 318 -34.34 49.02 -16.47
C THR B 318 -35.42 48.37 -15.62
N PRO B 319 -36.46 49.12 -15.25
CA PRO B 319 -37.59 48.50 -14.56
C PRO B 319 -38.40 47.66 -15.54
N ARG B 320 -39.23 46.78 -14.96
CA ARG B 320 -40.03 45.78 -15.68
C ARG B 320 -39.16 44.90 -16.57
N PHE B 321 -37.97 44.55 -16.10
CA PHE B 321 -37.08 43.69 -16.86
C PHE B 321 -37.44 42.22 -16.66
N VAL B 322 -37.33 41.74 -15.43
CA VAL B 322 -37.69 40.36 -15.11
C VAL B 322 -38.59 40.33 -13.89
N MET C 1 -79.00 27.84 -79.95
CA MET C 1 -78.55 28.87 -79.02
C MET C 1 -79.42 28.89 -77.76
N ASP C 2 -80.58 28.24 -77.84
CA ASP C 2 -81.53 28.23 -76.73
C ASP C 2 -81.13 27.28 -75.62
N HIS C 3 -80.44 26.18 -75.93
CA HIS C 3 -80.08 25.20 -74.92
C HIS C 3 -78.67 25.42 -74.40
N TYR C 4 -78.44 24.96 -73.17
CA TYR C 4 -77.12 25.04 -72.56
C TYR C 4 -76.83 23.74 -71.82
N LEU C 5 -75.55 23.43 -71.71
CA LEU C 5 -75.05 22.25 -71.01
C LEU C 5 -73.89 22.67 -70.12
N ASP C 6 -73.97 22.28 -68.85
CA ASP C 6 -72.93 22.61 -67.87
C ASP C 6 -72.08 21.37 -67.62
N ILE C 7 -70.80 21.46 -67.93
CA ILE C 7 -69.83 20.40 -67.66
C ILE C 7 -68.97 20.87 -66.51
N ARG C 8 -69.06 20.20 -65.37
CA ARG C 8 -68.28 20.55 -64.20
C ARG C 8 -67.18 19.53 -64.02
N LEU C 9 -65.95 20.00 -63.83
CA LEU C 9 -64.81 19.13 -63.60
C LEU C 9 -64.93 18.52 -62.22
N ARG C 10 -65.11 17.21 -62.16
CA ARG C 10 -65.00 16.51 -60.88
C ARG C 10 -63.56 16.58 -60.40
N PRO C 11 -63.33 16.91 -59.12
CA PRO C 11 -61.96 17.10 -58.65
C PRO C 11 -61.15 15.82 -58.67
N ASP C 12 -59.85 15.98 -58.92
CA ASP C 12 -58.95 14.87 -59.15
C ASP C 12 -57.80 14.95 -58.16
N PRO C 13 -57.47 13.85 -57.47
CA PRO C 13 -56.27 13.84 -56.62
C PRO C 13 -54.96 13.83 -57.40
N GLU C 14 -54.99 13.70 -58.72
CA GLU C 14 -53.80 13.67 -59.56
C GLU C 14 -53.51 15.01 -60.22
N PHE C 15 -54.53 15.75 -60.67
CA PHE C 15 -54.33 16.97 -61.44
C PHE C 15 -55.09 18.13 -60.80
N PRO C 16 -54.45 19.30 -60.69
CA PRO C 16 -55.20 20.54 -60.50
C PRO C 16 -56.12 20.80 -61.70
N PRO C 17 -57.23 21.50 -61.50
CA PRO C 17 -58.27 21.59 -62.55
C PRO C 17 -57.88 22.38 -63.81
N ALA C 18 -56.74 23.07 -63.81
CA ALA C 18 -56.33 23.82 -65.00
C ALA C 18 -56.02 22.90 -66.17
N GLN C 19 -55.34 21.78 -65.90
CA GLN C 19 -55.05 20.82 -66.97
C GLN C 19 -56.30 20.09 -67.41
N LEU C 20 -57.26 19.87 -66.50
CA LEU C 20 -58.54 19.30 -66.90
C LEU C 20 -59.31 20.25 -67.81
N MET C 21 -59.26 21.56 -67.51
CA MET C 21 -59.86 22.56 -68.39
C MET C 21 -59.17 22.57 -69.76
N SER C 22 -57.84 22.45 -69.77
CA SER C 22 -57.10 22.43 -71.03
C SER C 22 -57.43 21.20 -71.87
N VAL C 23 -57.51 20.03 -71.24
CA VAL C 23 -57.83 18.79 -71.96
C VAL C 23 -59.26 18.82 -72.48
N LEU C 24 -60.20 19.31 -71.67
CA LEU C 24 -61.59 19.42 -72.11
C LEU C 24 -61.73 20.44 -73.24
N PHE C 25 -60.97 21.54 -73.18
CA PHE C 25 -61.01 22.54 -74.24
C PHE C 25 -60.45 22.00 -75.55
N GLY C 26 -59.35 21.25 -75.47
CA GLY C 26 -58.80 20.63 -76.68
C GLY C 26 -59.73 19.57 -77.26
N LYS C 27 -60.39 18.80 -76.40
CA LYS C 27 -61.31 17.76 -76.87
C LYS C 27 -62.56 18.38 -77.51
N LEU C 28 -63.09 19.46 -76.93
CA LEU C 28 -64.23 20.13 -77.56
C LEU C 28 -63.81 20.86 -78.83
N HIS C 29 -62.56 21.33 -78.90
CA HIS C 29 -62.04 21.90 -80.14
C HIS C 29 -61.97 20.86 -81.25
N GLN C 30 -61.49 19.66 -80.92
CA GLN C 30 -61.46 18.58 -81.91
C GLN C 30 -62.87 18.16 -82.32
N ALA C 31 -63.80 18.13 -81.37
CA ALA C 31 -65.20 17.80 -81.67
C ALA C 31 -65.83 18.86 -82.57
N LEU C 32 -65.52 20.14 -82.34
CA LEU C 32 -66.08 21.19 -83.17
C LEU C 32 -65.44 21.24 -84.54
N VAL C 33 -64.17 20.83 -84.65
CA VAL C 33 -63.53 20.69 -85.96
C VAL C 33 -64.19 19.56 -86.74
N ALA C 34 -64.42 18.42 -86.07
CA ALA C 34 -64.99 17.26 -86.76
C ALA C 34 -66.47 17.48 -87.13
N GLN C 35 -67.22 18.17 -86.27
CA GLN C 35 -68.66 18.30 -86.50
C GLN C 35 -68.98 19.40 -87.50
N GLY C 36 -68.45 20.60 -87.26
CA GLY C 36 -68.77 21.74 -88.08
C GLY C 36 -69.94 22.54 -87.53
N GLY C 37 -70.02 23.80 -87.92
CA GLY C 37 -70.99 24.73 -87.37
C GLY C 37 -70.35 25.82 -86.54
N ASP C 38 -71.13 26.86 -86.25
CA ASP C 38 -70.61 28.07 -85.61
C ASP C 38 -71.68 28.69 -84.72
N ARG C 39 -72.66 27.89 -84.34
CA ARG C 39 -73.68 28.31 -83.39
C ARG C 39 -73.50 27.62 -82.04
N ILE C 40 -72.25 27.37 -81.65
CA ILE C 40 -71.92 26.66 -80.42
C ILE C 40 -71.14 27.61 -79.53
N GLY C 41 -71.73 28.01 -78.40
CA GLY C 41 -71.09 28.96 -77.52
C GLY C 41 -70.30 28.31 -76.39
N VAL C 42 -69.45 29.13 -75.77
CA VAL C 42 -68.62 28.70 -74.65
C VAL C 42 -68.61 29.81 -73.61
N SER C 43 -68.87 29.46 -72.35
CA SER C 43 -68.83 30.40 -71.24
C SER C 43 -68.08 29.79 -70.07
N PHE C 44 -67.90 30.58 -69.02
CA PHE C 44 -67.30 30.12 -67.77
C PHE C 44 -68.16 30.63 -66.62
N PRO C 45 -68.98 29.77 -66.00
CA PRO C 45 -70.01 30.26 -65.07
C PRO C 45 -69.48 30.84 -63.78
N ASP C 46 -68.43 30.27 -63.21
CA ASP C 46 -67.81 30.77 -61.99
C ASP C 46 -66.51 31.52 -62.28
N LEU C 47 -66.49 32.29 -63.35
CA LEU C 47 -65.31 33.07 -63.73
C LEU C 47 -65.12 34.22 -62.75
N ASP C 48 -64.13 34.09 -61.88
CA ASP C 48 -63.76 35.15 -60.94
C ASP C 48 -62.71 36.04 -61.59
N GLU C 49 -62.97 37.34 -61.63
CA GLU C 49 -62.06 38.31 -62.22
C GLU C 49 -61.04 38.86 -61.23
N SER C 50 -61.05 38.36 -59.98
CA SER C 50 -60.10 38.85 -58.98
C SER C 50 -58.68 38.41 -59.28
N ARG C 51 -58.50 37.13 -59.61
CA ARG C 51 -57.18 36.58 -59.93
C ARG C 51 -57.12 35.99 -61.33
N SER C 52 -58.07 36.39 -62.19
CA SER C 52 -58.21 35.88 -63.57
C SER C 52 -58.34 34.36 -63.60
N ARG C 53 -59.14 33.82 -62.69
CA ARG C 53 -59.33 32.39 -62.57
C ARG C 53 -60.44 31.93 -63.50
N LEU C 54 -60.23 30.78 -64.14
CA LEU C 54 -61.24 30.21 -65.03
C LEU C 54 -62.45 29.71 -64.25
N GLY C 55 -62.22 29.12 -63.08
CA GLY C 55 -63.29 28.54 -62.29
C GLY C 55 -63.19 27.02 -62.20
N GLU C 56 -64.32 26.35 -62.07
CA GLU C 56 -64.35 24.90 -62.05
C GLU C 56 -65.48 24.30 -62.89
N ARG C 57 -66.26 25.13 -63.60
CA ARG C 57 -67.31 24.66 -64.48
C ARG C 57 -67.14 25.30 -65.85
N LEU C 58 -67.81 24.70 -66.84
CA LEU C 58 -67.81 25.21 -68.21
C LEU C 58 -69.22 25.12 -68.76
N ARG C 59 -69.61 26.13 -69.53
CA ARG C 59 -70.97 26.23 -70.05
C ARG C 59 -70.93 26.25 -71.57
N ILE C 60 -71.75 25.41 -72.20
CA ILE C 60 -71.84 25.32 -73.65
C ILE C 60 -73.25 25.71 -74.07
N HIS C 61 -73.37 26.70 -74.95
CA HIS C 61 -74.66 27.16 -75.44
C HIS C 61 -74.81 26.82 -76.91
N ALA C 62 -75.86 26.08 -77.25
CA ALA C 62 -76.12 25.65 -78.62
C ALA C 62 -77.58 25.26 -78.76
N SER C 63 -77.92 24.75 -79.94
CA SER C 63 -79.28 24.30 -80.22
C SER C 63 -79.48 22.87 -79.73
N ALA C 64 -80.69 22.35 -79.94
CA ALA C 64 -81.01 20.99 -79.51
C ALA C 64 -80.30 19.95 -80.37
N ASP C 65 -80.40 20.11 -81.70
CA ASP C 65 -79.83 19.11 -82.62
C ASP C 65 -78.31 19.15 -82.61
N ASP C 66 -77.74 20.35 -82.48
CA ASP C 66 -76.28 20.49 -82.43
C ASP C 66 -75.70 19.89 -81.15
N LEU C 67 -76.38 20.09 -80.02
CA LEU C 67 -75.90 19.49 -78.78
C LEU C 67 -76.13 17.99 -78.76
N ARG C 68 -77.20 17.51 -79.40
CA ARG C 68 -77.41 16.07 -79.53
C ARG C 68 -76.34 15.43 -80.40
N ALA C 69 -75.94 16.10 -81.48
CA ALA C 69 -74.83 15.60 -82.29
C ALA C 69 -73.50 15.71 -81.57
N LEU C 70 -73.36 16.69 -80.67
CA LEU C 70 -72.13 16.83 -79.89
C LEU C 70 -72.01 15.70 -78.86
N LEU C 71 -73.11 15.35 -78.20
CA LEU C 71 -73.09 14.21 -77.28
C LEU C 71 -73.01 12.89 -78.03
N ALA C 72 -73.52 12.83 -79.25
CA ALA C 72 -73.38 11.62 -80.07
C ALA C 72 -71.99 11.47 -80.64
N ARG C 73 -71.20 12.55 -80.68
CA ARG C 73 -69.82 12.49 -81.14
C ARG C 73 -68.98 11.71 -80.12
N PRO C 74 -68.06 10.85 -80.57
CA PRO C 74 -67.26 10.05 -79.63
C PRO C 74 -66.08 10.78 -79.00
N TRP C 75 -66.08 12.12 -79.04
CA TRP C 75 -65.05 12.91 -78.38
C TRP C 75 -65.09 12.80 -76.85
N LEU C 76 -66.21 12.40 -76.29
CA LEU C 76 -66.41 12.39 -74.84
C LEU C 76 -65.83 11.13 -74.19
N GLU C 77 -65.32 10.19 -74.96
CA GLU C 77 -64.70 8.99 -74.40
C GLU C 77 -63.38 9.34 -73.73
N GLY C 78 -63.14 8.74 -72.56
CA GLY C 78 -61.96 9.00 -71.78
C GLY C 78 -62.04 10.20 -70.87
N LEU C 79 -63.14 10.94 -70.90
CA LEU C 79 -63.32 12.11 -70.04
C LEU C 79 -64.43 11.95 -69.02
N ARG C 80 -65.04 10.76 -68.92
CA ARG C 80 -66.17 10.58 -68.00
C ARG C 80 -65.73 10.52 -66.55
N ASP C 81 -64.47 10.19 -66.28
CA ASP C 81 -64.00 10.13 -64.91
C ASP C 81 -63.78 11.53 -64.33
N HIS C 82 -63.25 12.45 -65.14
CA HIS C 82 -62.87 13.76 -64.64
C HIS C 82 -63.98 14.79 -64.73
N LEU C 83 -65.01 14.54 -65.54
CA LEU C 83 -66.08 15.51 -65.76
C LEU C 83 -67.42 14.87 -65.42
N GLN C 84 -68.38 15.72 -65.06
CA GLN C 84 -69.76 15.29 -64.99
C GLN C 84 -70.67 16.42 -65.48
N PHE C 85 -71.78 16.03 -66.09
CA PHE C 85 -72.65 16.97 -66.79
C PHE C 85 -74.09 16.49 -66.64
N GLY C 86 -75.02 17.43 -66.84
CA GLY C 86 -76.43 17.09 -66.78
C GLY C 86 -77.02 16.80 -68.14
N GLU C 87 -77.97 17.62 -68.56
CA GLU C 87 -78.65 17.48 -69.85
C GLU C 87 -78.64 18.80 -70.58
N PRO C 88 -78.76 18.80 -71.92
CA PRO C 88 -78.90 20.08 -72.65
C PRO C 88 -80.23 20.76 -72.40
N ALA C 89 -80.38 21.39 -71.24
CA ALA C 89 -81.61 22.11 -70.91
C ALA C 89 -81.56 23.53 -71.47
N VAL C 90 -82.74 24.15 -71.53
CA VAL C 90 -82.87 25.51 -72.08
C VAL C 90 -82.30 26.52 -71.10
N VAL C 91 -81.89 27.68 -71.61
CA VAL C 91 -81.40 28.77 -70.79
C VAL C 91 -82.60 29.47 -70.13
N PRO C 92 -82.42 30.16 -69.00
CA PRO C 92 -83.51 31.00 -68.49
C PRO C 92 -83.81 32.17 -69.42
N HIS C 93 -85.06 32.63 -69.37
CA HIS C 93 -85.47 33.72 -70.27
C HIS C 93 -84.85 35.07 -69.90
N PRO C 94 -84.98 35.61 -68.65
CA PRO C 94 -84.36 36.94 -68.45
C PRO C 94 -82.87 36.86 -68.13
N THR C 95 -82.07 36.61 -69.16
CA THR C 95 -80.63 36.45 -69.02
C THR C 95 -79.91 37.47 -69.89
N PRO C 96 -79.08 38.34 -69.30
CA PRO C 96 -78.29 39.26 -70.11
C PRO C 96 -77.21 38.54 -70.90
N TYR C 97 -76.89 39.08 -72.07
CA TYR C 97 -75.97 38.44 -73.01
C TYR C 97 -74.62 39.15 -72.98
N ARG C 98 -73.54 38.36 -73.03
CA ARG C 98 -72.19 38.87 -73.10
C ARG C 98 -71.42 38.10 -74.16
N GLN C 99 -70.34 38.69 -74.65
CA GLN C 99 -69.53 38.07 -75.69
C GLN C 99 -68.29 37.43 -75.09
N VAL C 100 -67.72 36.48 -75.84
CA VAL C 100 -66.49 35.80 -75.46
C VAL C 100 -65.49 35.94 -76.60
N SER C 101 -64.25 36.31 -76.26
CA SER C 101 -63.25 36.64 -77.27
C SER C 101 -61.92 36.00 -76.92
N ARG C 102 -61.17 35.63 -77.96
CA ARG C 102 -59.81 35.15 -77.82
C ARG C 102 -58.87 36.30 -78.10
N VAL C 103 -58.18 36.78 -77.07
CA VAL C 103 -57.28 37.91 -77.18
C VAL C 103 -55.86 37.35 -77.18
N GLN C 104 -55.26 37.27 -78.37
CA GLN C 104 -53.88 36.83 -78.48
C GLN C 104 -52.93 37.98 -78.14
N ALA C 105 -51.63 37.69 -78.13
CA ALA C 105 -50.65 38.69 -77.78
C ALA C 105 -49.38 38.49 -78.60
N LYS C 106 -48.65 39.58 -78.79
CA LYS C 106 -47.34 39.54 -79.45
C LYS C 106 -46.23 39.45 -78.40
N SER C 107 -46.23 38.32 -77.70
CA SER C 107 -45.30 38.13 -76.58
C SER C 107 -43.87 37.90 -77.02
N ASN C 108 -43.65 37.43 -78.25
CA ASN C 108 -42.30 37.21 -78.75
C ASN C 108 -41.94 38.30 -79.75
N PRO C 109 -41.00 39.20 -79.42
CA PRO C 109 -40.48 40.12 -80.45
C PRO C 109 -39.75 39.42 -81.58
N GLU C 110 -39.09 38.29 -81.28
CA GLU C 110 -38.32 37.57 -82.30
C GLU C 110 -39.20 36.97 -83.38
N ARG C 111 -40.43 36.56 -83.02
CA ARG C 111 -41.37 36.05 -84.02
C ARG C 111 -41.77 37.13 -85.01
N LEU C 112 -42.02 38.35 -84.53
CA LEU C 112 -42.35 39.45 -85.42
C LEU C 112 -41.14 39.90 -86.23
N ARG C 113 -39.93 39.79 -85.64
CA ARG C 113 -38.72 40.07 -86.40
C ARG C 113 -38.53 39.07 -87.54
N ARG C 114 -38.76 37.79 -87.27
CA ARG C 114 -38.70 36.77 -88.32
C ARG C 114 -39.82 36.95 -89.35
N ARG C 115 -40.95 37.51 -88.93
CA ARG C 115 -41.99 37.89 -89.89
C ARG C 115 -41.50 39.01 -90.81
N LEU C 116 -40.82 40.00 -90.24
CA LEU C 116 -40.35 41.14 -91.02
C LEU C 116 -39.15 40.79 -91.91
N MET C 117 -38.47 39.69 -91.63
CA MET C 117 -37.54 39.15 -92.62
C MET C 117 -38.27 38.69 -93.87
N ARG C 118 -39.47 38.14 -93.71
CA ARG C 118 -40.23 37.59 -94.82
C ARG C 118 -41.11 38.61 -95.52
N ARG C 119 -41.07 39.88 -95.12
CA ARG C 119 -41.88 40.91 -95.74
C ARG C 119 -41.09 42.07 -96.31
N HIS C 120 -39.98 42.47 -95.68
CA HIS C 120 -39.16 43.57 -96.18
C HIS C 120 -37.70 43.20 -96.37
N ASP C 121 -37.30 41.97 -96.02
CA ASP C 121 -35.93 41.43 -96.17
C ASP C 121 -34.90 42.31 -95.46
N LEU C 122 -35.25 42.80 -94.27
CA LEU C 122 -34.35 43.63 -93.49
C LEU C 122 -33.34 42.76 -92.75
N SER C 123 -32.31 43.41 -92.20
CA SER C 123 -31.26 42.71 -91.47
C SER C 123 -31.70 42.47 -90.03
N GLU C 124 -30.84 41.77 -89.29
CA GLU C 124 -31.10 41.48 -87.88
C GLU C 124 -31.01 42.74 -87.03
N GLU C 125 -30.00 43.58 -87.29
CA GLU C 125 -29.85 44.82 -86.53
C GLU C 125 -30.94 45.83 -86.88
N GLU C 126 -31.41 45.82 -88.14
CA GLU C 126 -32.55 46.65 -88.51
C GLU C 126 -33.82 46.19 -87.78
N ALA C 127 -33.97 44.88 -87.60
CA ALA C 127 -35.10 44.35 -86.84
C ALA C 127 -35.00 44.72 -85.36
N ARG C 128 -33.79 44.70 -84.80
CA ARG C 128 -33.62 45.03 -83.39
C ARG C 128 -33.81 46.53 -83.14
N LYS C 129 -33.36 47.38 -84.08
CA LYS C 129 -33.54 48.81 -83.91
C LYS C 129 -34.98 49.23 -84.19
N ARG C 130 -35.63 48.58 -85.16
CA ARG C 130 -37.03 48.91 -85.46
C ARG C 130 -37.96 48.37 -84.39
N ILE C 131 -37.75 47.14 -83.95
CA ILE C 131 -38.57 46.53 -82.90
C ILE C 131 -37.69 46.20 -81.70
N PRO C 132 -37.84 46.88 -80.58
CA PRO C 132 -37.06 46.57 -79.39
C PRO C 132 -37.65 45.38 -78.64
N ASP C 133 -37.03 45.03 -77.52
CA ASP C 133 -37.46 43.90 -76.72
C ASP C 133 -38.59 44.24 -75.76
N THR C 134 -39.00 45.50 -75.67
CA THR C 134 -40.06 45.92 -74.77
C THR C 134 -41.45 45.84 -75.39
N VAL C 135 -41.56 45.31 -76.63
CA VAL C 135 -42.85 45.22 -77.29
C VAL C 135 -43.67 44.02 -76.86
N ALA C 136 -43.15 43.19 -75.95
CA ALA C 136 -43.87 42.01 -75.49
C ALA C 136 -45.08 42.41 -74.67
N ARG C 137 -46.21 41.74 -74.92
CA ARG C 137 -47.47 42.07 -74.30
C ARG C 137 -47.76 41.10 -73.16
N ALA C 138 -48.00 41.66 -71.97
CA ALA C 138 -48.42 40.89 -70.81
C ALA C 138 -49.92 41.04 -70.64
N LEU C 139 -50.65 39.93 -70.67
CA LEU C 139 -52.10 39.92 -70.68
C LEU C 139 -52.61 39.29 -69.40
N ASP C 140 -53.35 40.06 -68.61
CA ASP C 140 -53.90 39.57 -67.34
C ASP C 140 -55.34 39.09 -67.52
N LEU C 141 -55.48 38.05 -68.32
CA LEU C 141 -56.76 37.43 -68.63
C LEU C 141 -56.68 35.93 -68.33
N PRO C 142 -57.82 35.30 -68.00
CA PRO C 142 -57.83 33.83 -67.88
C PRO C 142 -57.51 33.16 -69.19
N PHE C 143 -56.80 32.03 -69.10
CA PHE C 143 -56.25 31.38 -70.27
C PHE C 143 -56.18 29.88 -70.05
N VAL C 144 -56.21 29.14 -71.17
CA VAL C 144 -55.95 27.71 -71.18
C VAL C 144 -54.78 27.46 -72.14
N THR C 145 -54.07 26.36 -71.93
CA THR C 145 -52.85 26.04 -72.67
C THR C 145 -53.09 24.78 -73.50
N LEU C 146 -52.68 24.83 -74.77
CA LEU C 146 -53.02 23.80 -75.74
C LEU C 146 -51.90 23.53 -76.75
N ARG C 147 -51.91 22.35 -77.37
CA ARG C 147 -50.96 22.01 -78.42
C ARG C 147 -51.78 21.50 -79.61
N SER C 148 -51.25 21.69 -80.81
CA SER C 148 -51.99 21.39 -82.03
C SER C 148 -51.31 20.29 -82.82
N GLN C 149 -52.12 19.51 -83.54
CA GLN C 149 -51.59 18.47 -84.41
C GLN C 149 -50.96 19.07 -85.66
N SER C 150 -51.55 20.15 -86.18
CA SER C 150 -50.99 20.81 -87.36
C SER C 150 -49.70 21.55 -87.01
N THR C 151 -49.71 22.31 -85.91
CA THR C 151 -48.54 23.06 -85.45
C THR C 151 -48.16 22.52 -84.08
N GLY C 152 -47.00 21.86 -83.99
CA GLY C 152 -46.60 21.16 -82.78
C GLY C 152 -46.21 22.04 -81.63
N GLN C 153 -46.11 23.35 -81.83
CA GLN C 153 -45.79 24.26 -80.74
C GLN C 153 -46.94 24.37 -79.75
N HIS C 154 -46.60 24.53 -78.48
CA HIS C 154 -47.61 24.65 -77.42
C HIS C 154 -48.02 26.11 -77.30
N PHE C 155 -49.31 26.39 -77.46
CA PHE C 155 -49.83 27.74 -77.48
C PHE C 155 -50.79 27.98 -76.34
N ARG C 156 -50.84 29.23 -75.88
CA ARG C 156 -51.77 29.67 -74.84
C ARG C 156 -52.94 30.38 -75.48
N LEU C 157 -54.15 30.03 -75.05
CA LEU C 157 -55.38 30.62 -75.57
C LEU C 157 -56.05 31.43 -74.47
N PHE C 158 -55.95 32.75 -74.55
CA PHE C 158 -56.61 33.62 -73.59
C PHE C 158 -58.08 33.76 -73.93
N ILE C 159 -58.92 33.72 -72.90
CA ILE C 159 -60.37 33.84 -73.03
C ILE C 159 -60.82 35.04 -72.21
N ARG C 160 -61.58 35.93 -72.83
CA ARG C 160 -62.11 37.11 -72.13
C ARG C 160 -63.61 37.20 -72.36
N HIS C 161 -64.36 37.37 -71.26
CA HIS C 161 -65.79 37.57 -71.33
C HIS C 161 -66.11 39.07 -71.41
N GLY C 162 -66.99 39.43 -72.33
CA GLY C 162 -67.27 40.81 -72.60
C GLY C 162 -68.20 41.43 -71.57
N PRO C 163 -68.44 42.73 -71.73
CA PRO C 163 -69.44 43.43 -70.90
C PRO C 163 -70.83 42.85 -71.08
N LEU C 164 -71.62 42.95 -70.01
CA LEU C 164 -72.97 42.37 -69.96
C LEU C 164 -73.93 43.31 -70.66
N GLN C 165 -74.34 42.94 -71.87
CA GLN C 165 -75.33 43.71 -72.62
C GLN C 165 -76.75 43.27 -72.25
N VAL C 166 -77.74 43.71 -73.02
CA VAL C 166 -79.14 43.39 -72.76
C VAL C 166 -79.76 42.53 -73.85
N THR C 167 -79.06 42.29 -74.95
CA THR C 167 -79.62 41.51 -76.04
C THR C 167 -78.50 40.78 -76.78
N ALA C 168 -78.90 39.80 -77.57
CA ALA C 168 -77.95 39.00 -78.35
C ALA C 168 -77.81 39.56 -79.76
N GLU C 169 -76.65 39.28 -80.36
CA GLU C 169 -76.35 39.70 -81.72
C GLU C 169 -76.06 38.48 -82.58
N GLU C 170 -76.56 38.50 -83.82
CA GLU C 170 -76.41 37.38 -84.73
C GLU C 170 -74.96 37.30 -85.22
N GLY C 171 -74.20 36.36 -84.68
CA GLY C 171 -72.82 36.19 -85.06
C GLY C 171 -72.39 34.75 -84.93
N GLY C 172 -71.31 34.42 -85.62
CA GLY C 172 -70.81 33.06 -85.61
C GLY C 172 -69.92 32.77 -84.42
N PHE C 173 -69.50 31.52 -84.33
CA PHE C 173 -68.59 31.04 -83.29
C PHE C 173 -67.42 30.32 -83.93
N THR C 174 -66.26 30.43 -83.30
CA THR C 174 -65.06 29.77 -83.80
C THR C 174 -65.08 28.29 -83.42
N CYS C 175 -64.04 27.56 -83.84
CA CYS C 175 -63.94 26.15 -83.50
CA CYS C 175 -63.93 26.14 -83.50
C CYS C 175 -63.59 25.92 -82.03
N TYR C 176 -63.07 26.94 -81.35
CA TYR C 176 -62.80 26.85 -79.93
C TYR C 176 -64.02 27.19 -79.08
N GLY C 177 -65.13 27.56 -79.71
CA GLY C 177 -66.29 28.07 -79.01
C GLY C 177 -66.26 29.55 -78.75
N LEU C 178 -65.15 30.23 -79.07
CA LEU C 178 -65.07 31.67 -78.95
C LEU C 178 -65.86 32.33 -80.08
N SER C 179 -66.27 33.56 -79.85
CA SER C 179 -67.18 34.26 -80.75
C SER C 179 -66.40 35.16 -81.71
N LYS C 180 -66.70 35.04 -83.00
CA LYS C 180 -66.28 36.00 -84.01
C LYS C 180 -67.32 37.10 -84.22
N GLY C 181 -68.18 37.33 -83.23
CA GLY C 181 -69.28 38.27 -83.34
C GLY C 181 -70.52 37.78 -82.62
N GLY C 182 -70.48 36.54 -82.15
CA GLY C 182 -71.61 35.97 -81.45
C GLY C 182 -71.68 36.39 -79.98
N PHE C 183 -72.79 36.02 -79.35
CA PHE C 183 -73.04 36.33 -77.95
C PHE C 183 -73.61 35.11 -77.25
N VAL C 184 -73.41 35.04 -75.94
CA VAL C 184 -73.93 33.93 -75.14
C VAL C 184 -74.64 34.49 -73.90
N PRO C 185 -75.69 33.83 -73.42
CA PRO C 185 -76.36 34.30 -72.19
C PRO C 185 -75.51 34.05 -70.96
N TRP C 186 -75.82 34.81 -69.91
CA TRP C 186 -75.10 34.75 -68.65
C TRP C 186 -76.10 34.55 -67.51
N PHE C 187 -75.88 33.51 -66.72
CA PHE C 187 -76.75 33.23 -65.57
C PHE C 187 -76.01 32.42 -64.51
N ILE D 23 -47.08 -3.07 -20.90
CA ILE D 23 -47.21 -1.72 -21.42
C ILE D 23 -47.60 -1.78 -22.89
N LEU D 24 -46.81 -2.54 -23.66
CA LEU D 24 -46.98 -2.75 -25.11
C LEU D 24 -46.98 -1.41 -25.86
N SER D 25 -45.82 -0.77 -25.84
CA SER D 25 -45.61 0.46 -26.57
C SER D 25 -45.20 0.17 -28.01
N THR D 26 -45.26 1.20 -28.83
CA THR D 26 -44.83 1.08 -30.23
C THR D 26 -43.31 1.00 -30.30
N ALA D 27 -42.81 0.22 -31.25
CA ALA D 27 -41.38 0.06 -31.43
C ALA D 27 -40.74 1.35 -31.96
N SER D 28 -39.51 1.62 -31.52
CA SER D 28 -38.81 2.83 -31.93
C SER D 28 -38.44 2.77 -33.42
N VAL D 29 -38.06 1.60 -33.91
CA VAL D 29 -37.86 1.40 -35.35
C VAL D 29 -38.93 0.40 -35.81
N LEU D 30 -39.66 0.81 -36.85
CA LEU D 30 -40.73 0.03 -37.45
C LEU D 30 -40.68 0.21 -38.96
N ALA D 31 -39.53 -0.09 -39.55
CA ALA D 31 -39.41 -0.07 -41.00
C ALA D 31 -40.18 -1.23 -41.61
N PHE D 32 -41.01 -0.92 -42.60
CA PHE D 32 -41.75 -1.89 -43.39
C PHE D 32 -41.35 -1.79 -44.85
N GLU D 33 -40.98 -2.93 -45.43
CA GLU D 33 -40.64 -2.98 -46.84
C GLU D 33 -41.87 -2.77 -47.70
N ARG D 34 -41.64 -2.31 -48.93
CA ARG D 34 -42.72 -2.16 -49.89
C ARG D 34 -43.13 -3.53 -50.41
N LYS D 35 -44.42 -3.85 -50.30
CA LYS D 35 -44.99 -4.94 -51.07
C LYS D 35 -45.56 -4.37 -52.37
N LEU D 36 -45.78 -5.26 -53.34
CA LEU D 36 -46.11 -4.93 -54.73
C LEU D 36 -45.01 -4.03 -55.33
N ASP D 37 -43.83 -4.63 -55.47
CA ASP D 37 -42.68 -3.93 -56.03
C ASP D 37 -42.89 -3.65 -57.51
N PRO D 38 -42.89 -2.39 -57.95
CA PRO D 38 -43.00 -2.12 -59.39
C PRO D 38 -41.65 -1.93 -60.06
N SER D 39 -41.55 -2.47 -61.28
CA SER D 39 -40.36 -2.20 -62.07
C SER D 39 -40.42 -0.79 -62.65
N ASP D 40 -39.31 -0.36 -63.22
CA ASP D 40 -39.22 0.99 -63.75
C ASP D 40 -39.91 1.02 -65.11
N ALA D 41 -41.05 1.69 -65.16
CA ALA D 41 -41.93 1.63 -66.33
C ALA D 41 -41.36 2.45 -67.48
N LEU D 42 -41.12 1.80 -68.61
CA LEU D 42 -40.66 2.47 -69.81
C LEU D 42 -41.85 3.10 -70.52
N MET D 43 -41.60 3.73 -71.68
CA MET D 43 -42.65 3.89 -72.68
C MET D 43 -42.08 3.61 -74.05
N SER D 44 -42.98 3.37 -75.00
CA SER D 44 -42.64 3.11 -76.39
C SER D 44 -43.84 3.48 -77.24
N ALA D 45 -43.62 3.60 -78.55
CA ALA D 45 -44.62 4.10 -79.47
C ALA D 45 -44.97 3.06 -80.51
N GLY D 46 -46.20 3.12 -81.00
CA GLY D 46 -46.65 2.20 -82.02
C GLY D 46 -48.06 2.51 -82.45
N ALA D 47 -48.58 1.66 -83.33
CA ALA D 47 -49.88 1.86 -83.94
C ALA D 47 -50.91 0.91 -83.34
N TRP D 48 -52.15 1.41 -83.21
CA TRP D 48 -53.26 0.55 -82.82
C TRP D 48 -53.55 -0.47 -83.91
N ALA D 49 -54.09 -1.61 -83.49
CA ALA D 49 -54.30 -2.84 -84.26
C ALA D 49 -52.99 -3.46 -84.77
N GLN D 50 -51.85 -3.03 -84.24
CA GLN D 50 -50.57 -3.70 -84.41
C GLN D 50 -49.98 -4.07 -83.05
N ARG D 51 -50.74 -3.86 -81.97
CA ARG D 51 -50.32 -4.17 -80.62
C ARG D 51 -50.20 -5.67 -80.36
N ASP D 52 -50.76 -6.52 -81.23
CA ASP D 52 -50.47 -7.94 -81.17
C ASP D 52 -49.03 -8.23 -81.55
N ALA D 53 -48.44 -7.39 -82.39
CA ALA D 53 -47.04 -7.51 -82.78
C ALA D 53 -46.17 -6.46 -82.08
N SER D 54 -46.51 -6.12 -80.84
CA SER D 54 -45.79 -5.10 -80.10
C SER D 54 -44.60 -5.72 -79.35
N GLN D 55 -43.57 -6.04 -80.15
CA GLN D 55 -42.33 -6.60 -79.61
C GLN D 55 -41.14 -5.69 -79.87
N GLU D 56 -40.93 -5.27 -81.11
CA GLU D 56 -39.82 -4.41 -81.49
C GLU D 56 -40.28 -2.97 -81.73
N TRP D 57 -41.21 -2.51 -80.91
CA TRP D 57 -41.72 -1.14 -81.04
C TRP D 57 -40.65 -0.14 -80.61
N PRO D 58 -40.44 0.93 -81.37
CA PRO D 58 -39.37 1.87 -81.05
C PRO D 58 -39.77 2.79 -79.89
N ALA D 59 -38.92 2.83 -78.87
CA ALA D 59 -39.19 3.61 -77.68
C ALA D 59 -39.00 5.10 -77.95
N VAL D 60 -39.84 5.92 -77.34
CA VAL D 60 -39.70 7.37 -77.47
C VAL D 60 -38.50 7.83 -76.65
N THR D 61 -37.95 8.98 -77.03
CA THR D 61 -36.70 9.48 -76.46
C THR D 61 -36.89 10.90 -75.97
N VAL D 62 -36.20 11.23 -74.87
CA VAL D 62 -36.22 12.59 -74.35
C VAL D 62 -35.34 13.47 -75.23
N ARG D 63 -35.91 14.56 -75.74
CA ARG D 63 -35.20 15.45 -76.66
C ARG D 63 -35.13 16.86 -76.09
N GLU D 64 -33.97 17.49 -76.24
CA GLU D 64 -33.79 18.87 -75.83
C GLU D 64 -34.21 19.80 -76.96
N LYS D 65 -35.12 20.71 -76.67
CA LYS D 65 -35.65 21.65 -77.65
C LYS D 65 -35.53 23.06 -77.09
N SER D 66 -35.12 23.99 -77.96
CA SER D 66 -34.92 25.38 -77.56
C SER D 66 -36.22 26.15 -77.75
N VAL D 67 -36.72 26.73 -76.67
CA VAL D 67 -37.94 27.52 -76.71
C VAL D 67 -37.64 28.98 -76.41
N GLN D 95 -33.83 29.59 -73.86
CA GLN D 95 -33.96 28.52 -72.87
C GLN D 95 -34.33 27.21 -73.54
N THR D 96 -33.69 26.12 -73.12
CA THR D 96 -33.91 24.80 -73.68
C THR D 96 -34.58 23.92 -72.62
N VAL D 97 -35.63 23.21 -73.02
CA VAL D 97 -36.36 22.31 -72.14
C VAL D 97 -36.45 20.94 -72.80
N ASP D 98 -36.75 19.93 -71.98
CA ASP D 98 -36.83 18.56 -72.46
C ASP D 98 -38.28 18.18 -72.75
N VAL D 99 -38.49 17.57 -73.92
CA VAL D 99 -39.81 17.18 -74.37
C VAL D 99 -39.75 15.73 -74.83
N ALA D 100 -40.85 15.00 -74.63
CA ALA D 100 -41.00 13.63 -75.11
C ALA D 100 -42.33 13.51 -75.82
N ASN D 101 -42.30 12.97 -77.04
CA ASN D 101 -43.51 12.85 -77.84
C ASN D 101 -43.39 11.65 -78.79
N LEU D 102 -44.54 11.22 -79.28
CA LEU D 102 -44.58 10.12 -80.24
C LEU D 102 -44.08 10.58 -81.60
N PRO D 103 -43.58 9.65 -82.42
CA PRO D 103 -43.29 9.99 -83.83
C PRO D 103 -44.56 10.12 -84.66
N SER D 104 -44.38 10.36 -85.97
CA SER D 104 -45.53 10.59 -86.84
C SER D 104 -46.32 9.31 -87.09
N ASP D 105 -45.64 8.18 -87.25
CA ASP D 105 -46.30 6.92 -87.58
C ASP D 105 -46.59 6.09 -86.34
N ALA D 106 -47.26 6.69 -85.36
CA ALA D 106 -47.64 6.01 -84.13
C ALA D 106 -48.76 6.79 -83.46
N ASP D 107 -49.64 6.07 -82.77
CA ASP D 107 -50.67 6.70 -81.95
C ASP D 107 -50.92 6.02 -80.61
N THR D 108 -50.13 5.01 -80.25
CA THR D 108 -50.36 4.22 -79.05
C THR D 108 -49.10 4.18 -78.19
N LEU D 109 -49.29 4.30 -76.87
CA LEU D 109 -48.19 4.18 -75.92
C LEU D 109 -48.01 2.72 -75.50
N LYS D 110 -46.79 2.41 -75.04
CA LYS D 110 -46.35 1.04 -74.75
C LYS D 110 -45.62 1.03 -73.40
N VAL D 111 -46.29 1.54 -72.38
CA VAL D 111 -45.70 1.56 -71.04
C VAL D 111 -45.69 0.16 -70.46
N ARG D 112 -44.48 -0.33 -70.14
CA ARG D 112 -44.30 -1.70 -69.67
C ARG D 112 -43.57 -1.72 -68.34
N PHE D 113 -44.11 -2.45 -67.37
CA PHE D 113 -43.45 -2.62 -66.09
C PHE D 113 -43.85 -3.98 -65.52
N THR D 114 -43.01 -4.52 -64.64
CA THR D 114 -43.32 -5.77 -63.95
C THR D 114 -43.59 -5.50 -62.49
N LEU D 115 -44.62 -6.16 -61.96
CA LEU D 115 -45.03 -6.03 -60.58
C LEU D 115 -44.88 -7.38 -59.88
N ARG D 116 -44.22 -7.37 -58.73
CA ARG D 116 -44.00 -8.58 -57.94
C ARG D 116 -44.77 -8.50 -56.64
N VAL D 117 -45.63 -9.49 -56.40
CA VAL D 117 -46.38 -9.56 -55.16
C VAL D 117 -45.62 -10.47 -54.20
N LEU D 118 -45.23 -9.94 -53.05
CA LEU D 118 -44.29 -10.62 -52.17
C LEU D 118 -45.00 -11.44 -51.08
N GLY D 119 -45.82 -10.80 -50.27
CA GLY D 119 -46.42 -11.43 -49.11
C GLY D 119 -45.66 -11.09 -47.84
N GLY D 120 -46.26 -11.50 -46.71
CA GLY D 120 -45.73 -11.12 -45.41
C GLY D 120 -45.90 -9.64 -45.14
N ALA D 121 -47.12 -9.14 -45.37
CA ALA D 121 -47.39 -7.71 -45.26
C ALA D 121 -47.27 -7.21 -43.83
N GLY D 122 -47.70 -8.01 -42.86
CA GLY D 122 -47.61 -7.58 -41.48
C GLY D 122 -46.24 -7.69 -40.85
N THR D 123 -45.31 -8.39 -41.49
CA THR D 123 -43.98 -8.58 -40.94
C THR D 123 -43.14 -7.33 -41.18
N PRO D 124 -42.62 -6.67 -40.15
CA PRO D 124 -41.70 -5.56 -40.36
C PRO D 124 -40.31 -6.06 -40.73
N SER D 125 -39.57 -5.21 -41.44
CA SER D 125 -38.18 -5.52 -41.76
C SER D 125 -37.29 -5.36 -40.54
N ALA D 126 -37.50 -4.30 -39.77
CA ALA D 126 -36.67 -4.02 -38.59
C ALA D 126 -37.60 -3.50 -37.50
N CYS D 127 -37.87 -4.34 -36.51
CA CYS D 127 -38.71 -3.98 -35.37
C CYS D 127 -37.87 -3.93 -34.11
N ASN D 128 -38.01 -2.83 -33.35
CA ASN D 128 -37.26 -2.70 -32.11
C ASN D 128 -37.76 -3.67 -31.04
N ASP D 129 -39.08 -3.83 -30.92
CA ASP D 129 -39.68 -4.63 -29.87
C ASP D 129 -40.21 -5.94 -30.46
N ALA D 130 -39.84 -7.05 -29.83
CA ALA D 130 -40.31 -8.36 -30.26
C ALA D 130 -41.75 -8.62 -29.83
N ALA D 131 -42.14 -8.11 -28.66
CA ALA D 131 -43.52 -8.26 -28.19
C ALA D 131 -44.49 -7.48 -29.07
N TYR D 132 -44.11 -6.27 -29.47
CA TYR D 132 -44.93 -5.49 -30.40
C TYR D 132 -45.00 -6.16 -31.76
N ARG D 133 -43.90 -6.75 -32.22
CA ARG D 133 -43.89 -7.46 -33.49
C ARG D 133 -44.81 -8.68 -33.44
N ASP D 134 -44.79 -9.42 -32.34
CA ASP D 134 -45.66 -10.58 -32.18
C ASP D 134 -47.13 -10.17 -32.11
N LYS D 135 -47.44 -9.10 -31.37
CA LYS D 135 -48.81 -8.63 -31.28
C LYS D 135 -49.33 -8.10 -32.61
N LEU D 136 -48.47 -7.38 -33.35
CA LEU D 136 -48.87 -6.86 -34.66
C LEU D 136 -49.04 -7.99 -35.68
N LEU D 137 -48.19 -9.02 -35.61
CA LEU D 137 -48.35 -10.17 -36.47
C LEU D 137 -49.62 -10.94 -36.14
N GLN D 138 -49.97 -11.04 -34.85
CA GLN D 138 -51.23 -11.64 -34.44
C GLN D 138 -52.41 -10.85 -34.95
N THR D 139 -52.32 -9.51 -34.92
CA THR D 139 -53.40 -8.66 -35.41
C THR D 139 -53.57 -8.78 -36.92
N VAL D 140 -52.46 -8.81 -37.67
CA VAL D 140 -52.53 -8.95 -39.12
C VAL D 140 -53.04 -10.33 -39.51
N ALA D 141 -52.64 -11.37 -38.77
CA ALA D 141 -53.16 -12.72 -39.02
C ALA D 141 -54.65 -12.80 -38.69
N THR D 142 -55.09 -12.09 -37.65
CA THR D 142 -56.52 -12.01 -37.34
C THR D 142 -57.28 -11.32 -38.46
N TYR D 143 -56.68 -10.28 -39.06
CA TYR D 143 -57.27 -9.65 -40.23
C TYR D 143 -57.36 -10.63 -41.40
N VAL D 144 -56.34 -11.48 -41.57
CA VAL D 144 -56.33 -12.44 -42.67
C VAL D 144 -57.42 -13.50 -42.48
N ASN D 145 -57.63 -13.95 -41.23
CA ASN D 145 -58.76 -14.86 -40.98
C ASN D 145 -60.10 -14.15 -41.12
N ASP D 146 -60.15 -12.84 -40.86
CA ASP D 146 -61.40 -12.11 -41.08
C ASP D 146 -61.67 -11.95 -42.57
N GLN D 147 -60.67 -11.53 -43.36
CA GLN D 147 -60.76 -11.58 -44.81
C GLN D 147 -59.38 -11.81 -45.39
N GLY D 148 -59.30 -12.72 -46.36
CA GLY D 148 -58.01 -13.15 -46.88
C GLY D 148 -57.48 -12.29 -48.00
N PHE D 149 -57.23 -11.01 -47.69
CA PHE D 149 -56.79 -9.98 -48.65
C PHE D 149 -57.75 -9.90 -49.84
N ALA D 150 -59.04 -9.85 -49.55
CA ALA D 150 -60.04 -9.90 -50.60
C ALA D 150 -60.21 -8.55 -51.29
N GLU D 151 -60.55 -7.52 -50.51
CA GLU D 151 -60.88 -6.22 -51.08
C GLU D 151 -59.63 -5.48 -51.55
N LEU D 152 -58.53 -5.60 -50.80
CA LEU D 152 -57.30 -4.90 -51.16
C LEU D 152 -56.72 -5.42 -52.47
N ALA D 153 -56.73 -6.74 -52.67
CA ALA D 153 -56.24 -7.31 -53.92
C ALA D 153 -57.17 -6.97 -55.09
N ARG D 154 -58.48 -6.87 -54.83
CA ARG D 154 -59.42 -6.45 -55.87
C ARG D 154 -59.20 -5.01 -56.29
N ARG D 155 -58.94 -4.12 -55.33
CA ARG D 155 -58.71 -2.72 -55.67
C ARG D 155 -57.33 -2.51 -56.31
N TYR D 156 -56.34 -3.30 -55.89
CA TYR D 156 -55.05 -3.26 -56.55
C TYR D 156 -55.14 -3.83 -57.96
N ALA D 157 -55.99 -4.83 -58.17
CA ALA D 157 -56.24 -5.34 -59.51
C ALA D 157 -57.01 -4.33 -60.35
N HIS D 158 -57.80 -3.47 -59.71
CA HIS D 158 -58.39 -2.35 -60.42
C HIS D 158 -57.34 -1.34 -60.88
N ASN D 159 -56.45 -0.94 -59.96
CA ASN D 159 -55.40 0.00 -60.32
C ASN D 159 -54.39 -0.57 -61.32
N LEU D 160 -54.30 -1.90 -61.40
CA LEU D 160 -53.66 -2.51 -62.56
C LEU D 160 -54.55 -2.44 -63.79
N ALA D 161 -55.85 -2.67 -63.60
CA ALA D 161 -56.77 -2.85 -64.73
C ALA D 161 -57.04 -1.54 -65.45
N ASN D 162 -57.32 -0.47 -64.70
CA ASN D 162 -57.30 0.84 -65.31
C ASN D 162 -55.87 1.37 -65.29
N ALA D 163 -55.52 2.15 -66.30
CA ALA D 163 -54.16 2.67 -66.42
C ALA D 163 -53.99 3.94 -65.60
N ARG D 164 -54.11 3.77 -64.28
CA ARG D 164 -53.82 4.89 -63.38
C ARG D 164 -52.31 5.13 -63.28
N PHE D 165 -51.51 4.11 -63.58
CA PHE D 165 -50.08 4.30 -63.75
C PHE D 165 -49.76 5.12 -65.00
N LEU D 166 -50.70 5.21 -65.94
CA LEU D 166 -50.66 6.21 -67.00
C LEU D 166 -51.35 7.45 -66.46
N TRP D 167 -50.57 8.28 -65.76
CA TRP D 167 -51.10 9.44 -65.07
C TRP D 167 -51.68 10.47 -66.03
N ARG D 168 -50.84 11.10 -66.83
CA ARG D 168 -51.29 12.10 -67.79
C ARG D 168 -51.34 11.56 -69.21
N ASN D 169 -51.08 10.27 -69.40
CA ASN D 169 -51.19 9.62 -70.69
C ASN D 169 -52.54 8.93 -70.88
N ARG D 170 -53.48 9.16 -69.97
CA ARG D 170 -54.81 8.57 -70.04
C ARG D 170 -55.92 9.61 -70.22
N VAL D 171 -55.65 10.88 -69.91
CA VAL D 171 -56.68 11.90 -69.94
C VAL D 171 -57.10 12.21 -71.37
N GLY D 172 -56.14 12.26 -72.29
CA GLY D 172 -56.44 12.60 -73.67
C GLY D 172 -56.58 11.41 -74.57
N ALA D 173 -56.80 10.23 -73.99
CA ALA D 173 -56.84 8.99 -74.73
C ALA D 173 -58.29 8.54 -74.89
N GLU D 174 -58.68 8.23 -76.12
CA GLU D 174 -60.02 7.75 -76.41
C GLU D 174 -60.14 6.23 -76.32
N ALA D 175 -59.02 5.52 -76.14
CA ALA D 175 -59.05 4.07 -76.04
C ALA D 175 -57.81 3.64 -75.25
N VAL D 176 -58.04 3.08 -74.06
CA VAL D 176 -56.97 2.66 -73.17
C VAL D 176 -57.11 1.16 -72.93
N GLU D 177 -56.00 0.43 -73.05
CA GLU D 177 -55.99 -1.01 -72.92
C GLU D 177 -54.81 -1.44 -72.06
N VAL D 178 -55.05 -2.40 -71.17
CA VAL D 178 -54.03 -2.93 -70.27
C VAL D 178 -53.91 -4.43 -70.50
N ARG D 179 -52.69 -4.90 -70.77
CA ARG D 179 -52.39 -6.31 -70.92
C ARG D 179 -51.50 -6.76 -69.77
N ILE D 180 -51.91 -7.82 -69.08
CA ILE D 180 -51.17 -8.31 -67.91
C ILE D 180 -50.86 -9.79 -68.13
N ASN D 181 -49.57 -10.12 -68.21
CA ASN D 181 -49.12 -11.50 -68.35
C ASN D 181 -48.57 -11.97 -67.01
N HIS D 182 -48.88 -13.22 -66.66
CA HIS D 182 -48.41 -13.83 -65.43
C HIS D 182 -47.19 -14.69 -65.76
N ILE D 183 -46.00 -14.13 -65.56
CA ILE D 183 -44.76 -14.84 -65.85
C ILE D 183 -44.43 -15.75 -64.67
N ARG D 184 -44.33 -17.05 -64.96
CA ARG D 184 -43.94 -18.04 -63.96
C ARG D 184 -43.00 -19.01 -64.64
N GLN D 185 -41.76 -19.09 -64.14
CA GLN D 185 -40.64 -19.85 -64.72
C GLN D 185 -40.38 -19.45 -66.17
N GLY D 186 -40.49 -18.15 -66.40
CA GLY D 186 -40.15 -17.57 -67.69
C GLY D 186 -41.21 -17.66 -68.76
N GLU D 187 -42.36 -18.25 -68.43
CA GLU D 187 -43.42 -18.47 -69.40
C GLU D 187 -44.71 -17.83 -68.91
N VAL D 188 -45.59 -17.52 -69.86
CA VAL D 188 -46.87 -16.87 -69.58
C VAL D 188 -47.81 -17.93 -69.02
N ALA D 189 -48.05 -17.89 -67.71
CA ALA D 189 -48.95 -18.86 -67.08
C ALA D 189 -50.40 -18.54 -67.40
N ARG D 190 -50.78 -17.26 -67.37
CA ARG D 190 -52.16 -16.85 -67.55
C ARG D 190 -52.19 -15.40 -67.98
N ALA D 191 -52.83 -15.12 -69.12
CA ALA D 191 -52.85 -13.78 -69.68
C ALA D 191 -54.17 -13.08 -69.36
N TRP D 192 -54.12 -11.74 -69.36
CA TRP D 192 -55.29 -10.91 -69.15
C TRP D 192 -55.19 -9.71 -70.08
N ARG D 193 -56.35 -9.22 -70.53
CA ARG D 193 -56.39 -8.07 -71.42
C ARG D 193 -57.61 -7.23 -71.04
N PHE D 194 -57.37 -6.20 -70.22
CA PHE D 194 -58.45 -5.40 -69.66
C PHE D 194 -58.79 -4.23 -70.58
N ASP D 195 -59.68 -3.35 -70.10
CA ASP D 195 -60.04 -2.13 -70.79
C ASP D 195 -60.30 -1.06 -69.74
N ALA D 196 -59.51 0.01 -69.78
CA ALA D 196 -59.64 1.08 -68.81
C ALA D 196 -60.80 2.03 -69.11
N LEU D 197 -61.43 1.90 -70.29
CA LEU D 197 -62.60 2.72 -70.58
C LEU D 197 -63.82 2.25 -69.81
N ALA D 198 -64.04 0.94 -69.77
CA ALA D 198 -65.17 0.41 -69.00
C ALA D 198 -64.90 0.46 -67.50
N ILE D 199 -63.68 0.09 -67.08
CA ILE D 199 -63.32 0.09 -65.67
C ILE D 199 -62.99 1.53 -65.30
N GLY D 200 -63.91 2.20 -64.60
CA GLY D 200 -63.72 3.59 -64.28
C GLY D 200 -62.68 3.81 -63.19
N LEU D 201 -62.23 5.05 -63.10
CA LEU D 201 -61.25 5.45 -62.11
C LEU D 201 -61.87 5.87 -60.78
N ARG D 202 -63.19 5.82 -60.67
CA ARG D 202 -63.90 6.26 -59.47
C ARG D 202 -64.65 5.13 -58.79
N ASP D 203 -65.44 4.36 -59.53
CA ASP D 203 -66.23 3.28 -58.96
C ASP D 203 -65.38 2.01 -58.80
N PHE D 204 -65.91 1.07 -58.02
CA PHE D 204 -65.17 -0.13 -57.64
C PHE D 204 -66.07 -1.34 -57.90
N LYS D 205 -66.08 -1.81 -59.15
CA LYS D 205 -66.99 -2.83 -59.66
C LYS D 205 -66.34 -4.21 -59.63
N ALA D 206 -66.95 -5.19 -60.31
CA ALA D 206 -66.42 -6.54 -60.41
C ALA D 206 -66.54 -7.06 -61.84
N ASP D 207 -65.64 -7.98 -62.20
CA ASP D 207 -65.61 -8.63 -63.50
C ASP D 207 -64.85 -9.94 -63.34
N ALA D 208 -65.16 -10.92 -64.19
CA ALA D 208 -64.72 -12.30 -63.95
C ALA D 208 -63.21 -12.46 -64.07
N GLU D 209 -62.62 -11.93 -65.14
CA GLU D 209 -61.16 -11.93 -65.29
C GLU D 209 -60.52 -11.04 -64.22
N LEU D 210 -61.25 -9.98 -63.86
CA LEU D 210 -60.87 -9.15 -62.74
C LEU D 210 -60.73 -9.98 -61.48
N ASP D 211 -61.79 -10.73 -61.13
CA ASP D 211 -61.68 -11.53 -59.90
C ASP D 211 -60.57 -12.57 -60.00
N ALA D 212 -60.29 -13.07 -61.21
CA ALA D 212 -59.15 -13.97 -61.38
C ALA D 212 -57.84 -13.29 -61.03
N LEU D 213 -57.66 -12.06 -61.50
CA LEU D 213 -56.51 -11.25 -61.11
C LEU D 213 -56.54 -10.93 -59.62
N ALA D 214 -57.73 -10.77 -59.04
CA ALA D 214 -57.86 -10.49 -57.61
C ALA D 214 -57.41 -11.68 -56.77
N GLU D 215 -57.81 -12.90 -57.15
CA GLU D 215 -57.33 -14.08 -56.42
C GLU D 215 -55.83 -14.30 -56.63
N LEU D 216 -55.31 -13.96 -57.81
CA LEU D 216 -53.86 -14.06 -58.01
C LEU D 216 -53.08 -13.11 -57.11
N ILE D 217 -53.52 -11.84 -57.04
CA ILE D 217 -52.86 -10.85 -56.20
C ILE D 217 -53.05 -11.19 -54.72
N ALA D 218 -54.22 -11.73 -54.36
CA ALA D 218 -54.47 -12.12 -52.97
C ALA D 218 -53.62 -13.32 -52.56
N SER D 219 -53.41 -14.27 -53.48
CA SER D 219 -52.52 -15.39 -53.20
C SER D 219 -51.07 -14.92 -53.09
N GLY D 220 -50.69 -13.91 -53.87
CA GLY D 220 -49.37 -13.32 -53.70
C GLY D 220 -49.21 -12.61 -52.37
N LEU D 221 -50.23 -11.86 -51.94
CA LEU D 221 -50.14 -11.10 -50.70
C LEU D 221 -50.23 -12.01 -49.47
N SER D 222 -50.95 -13.13 -49.57
CA SER D 222 -51.05 -14.05 -48.44
C SER D 222 -49.73 -14.78 -48.22
N GLY D 223 -49.05 -15.16 -49.29
CA GLY D 223 -47.82 -15.91 -49.21
C GLY D 223 -47.89 -17.34 -49.71
N SER D 224 -48.93 -17.69 -50.47
CA SER D 224 -49.09 -19.04 -50.98
C SER D 224 -48.41 -19.25 -52.33
N GLY D 225 -47.73 -18.23 -52.85
CA GLY D 225 -47.03 -18.37 -54.11
C GLY D 225 -46.34 -17.07 -54.47
N HIS D 226 -45.66 -17.08 -55.60
CA HIS D 226 -44.97 -15.91 -56.11
C HIS D 226 -45.65 -15.43 -57.39
N VAL D 227 -46.01 -14.15 -57.41
CA VAL D 227 -46.73 -13.55 -58.53
C VAL D 227 -45.85 -12.48 -59.16
N LEU D 228 -45.55 -12.65 -60.45
CA LEU D 228 -44.81 -11.68 -61.24
C LEU D 228 -45.64 -11.36 -62.47
N LEU D 229 -46.05 -10.10 -62.63
CA LEU D 229 -46.95 -9.68 -63.68
C LEU D 229 -46.26 -8.65 -64.57
N GLU D 230 -46.17 -8.96 -65.86
CA GLU D 230 -45.72 -8.00 -66.86
C GLU D 230 -46.94 -7.24 -67.37
N VAL D 231 -47.00 -5.95 -67.07
CA VAL D 231 -48.13 -5.10 -67.42
C VAL D 231 -47.68 -4.15 -68.53
N VAL D 232 -48.36 -4.22 -69.66
CA VAL D 232 -48.11 -3.39 -70.83
C VAL D 232 -49.37 -2.58 -71.10
N ALA D 233 -49.24 -1.26 -71.13
CA ALA D 233 -50.37 -0.39 -71.39
C ALA D 233 -50.46 -0.03 -72.86
N PHE D 234 -51.66 0.37 -73.28
CA PHE D 234 -51.93 0.74 -74.67
C PHE D 234 -52.99 1.84 -74.67
N ALA D 235 -52.54 3.09 -74.71
CA ALA D 235 -53.44 4.24 -74.74
C ALA D 235 -53.33 4.96 -76.07
N ARG D 236 -54.48 5.22 -76.70
CA ARG D 236 -54.52 5.94 -77.97
C ARG D 236 -54.49 7.43 -77.68
N ILE D 237 -53.28 7.93 -77.41
CA ILE D 237 -53.11 9.34 -77.07
C ILE D 237 -53.14 10.23 -78.31
N GLY D 238 -52.98 9.67 -79.50
CA GLY D 238 -53.03 10.43 -80.73
C GLY D 238 -51.72 10.36 -81.49
N ASP D 239 -51.79 10.83 -82.74
CA ASP D 239 -50.66 10.79 -83.66
C ASP D 239 -49.65 11.86 -83.27
N GLY D 240 -48.52 11.44 -82.69
CA GLY D 240 -47.44 12.35 -82.39
C GLY D 240 -47.67 13.27 -81.21
N GLN D 241 -48.65 13.00 -80.36
CA GLN D 241 -48.95 13.87 -79.24
C GLN D 241 -47.90 13.73 -78.15
N GLU D 242 -47.77 14.79 -77.35
CA GLU D 242 -46.75 14.83 -76.31
C GLU D 242 -47.17 13.97 -75.12
N VAL D 243 -46.24 13.14 -74.65
CA VAL D 243 -46.50 12.26 -73.52
C VAL D 243 -45.83 12.85 -72.28
N PHE D 244 -46.16 12.28 -71.12
CA PHE D 244 -45.73 12.81 -69.84
C PHE D 244 -44.97 11.74 -69.07
N PRO D 245 -43.67 11.59 -69.31
CA PRO D 245 -42.82 10.81 -68.41
C PRO D 245 -42.64 11.51 -67.07
N SER D 246 -42.21 10.73 -66.08
CA SER D 246 -41.86 11.31 -64.79
C SER D 246 -40.61 12.16 -64.95
N GLN D 247 -40.61 13.33 -64.30
CA GLN D 247 -39.64 14.37 -64.59
C GLN D 247 -38.54 14.39 -63.55
N GLU D 248 -37.30 14.34 -64.02
CA GLU D 248 -36.09 14.45 -63.23
C GLU D 248 -35.76 15.93 -62.99
N LEU D 249 -34.95 16.20 -61.97
CA LEU D 249 -34.36 17.51 -61.81
C LEU D 249 -32.84 17.40 -61.71
N LYS D 260 -30.91 23.71 -69.63
CA LYS D 260 -31.78 22.61 -69.22
C LYS D 260 -32.43 22.90 -67.87
N SER D 261 -33.52 23.67 -67.89
CA SER D 261 -34.24 23.98 -66.66
C SER D 261 -35.00 22.77 -66.14
N LYS D 262 -35.70 22.07 -67.02
CA LYS D 262 -36.48 20.89 -66.66
C LYS D 262 -36.10 19.75 -67.58
N THR D 263 -35.80 18.59 -67.01
CA THR D 263 -35.44 17.40 -67.77
C THR D 263 -36.41 16.27 -67.47
N LEU D 264 -36.53 15.35 -68.43
CA LEU D 264 -37.41 14.19 -68.31
C LEU D 264 -36.55 12.95 -68.09
N TYR D 265 -36.95 12.13 -67.12
CA TYR D 265 -36.12 11.02 -66.69
C TYR D 265 -36.20 9.88 -67.71
N SER D 266 -35.05 9.23 -67.94
CA SER D 266 -34.96 8.10 -68.85
C SER D 266 -34.02 7.07 -68.22
N VAL D 267 -33.82 5.95 -68.91
CA VAL D 267 -32.92 4.92 -68.40
C VAL D 267 -31.73 4.67 -69.34
N ARG D 268 -31.98 4.21 -70.58
CA ARG D 268 -30.90 3.95 -71.52
C ARG D 268 -31.45 4.16 -72.93
N ASP D 269 -31.24 5.37 -73.48
CA ASP D 269 -31.67 5.77 -74.82
C ASP D 269 -33.18 5.59 -75.04
N ALA D 270 -33.95 5.69 -73.96
CA ALA D 270 -35.38 5.37 -73.99
C ALA D 270 -36.02 5.98 -72.75
N ALA D 271 -37.05 6.78 -72.95
CA ALA D 271 -37.67 7.49 -71.83
C ALA D 271 -38.49 6.54 -70.98
N ALA D 272 -38.60 6.86 -69.69
CA ALA D 272 -39.20 5.95 -68.73
C ALA D 272 -39.99 6.73 -67.69
N ILE D 273 -40.87 6.02 -67.00
CA ILE D 273 -41.61 6.52 -65.84
C ILE D 273 -41.02 5.87 -64.60
N HIS D 274 -40.96 6.63 -63.51
CA HIS D 274 -40.36 6.16 -62.26
C HIS D 274 -41.19 5.04 -61.65
N SER D 275 -40.51 4.18 -60.89
CA SER D 275 -41.18 3.08 -60.19
C SER D 275 -42.13 3.61 -59.11
N GLN D 276 -41.71 4.66 -58.41
CA GLN D 276 -42.52 5.15 -57.30
C GLN D 276 -43.78 5.87 -57.77
N LYS D 277 -43.78 6.37 -59.01
CA LYS D 277 -45.01 6.89 -59.60
C LYS D 277 -46.01 5.78 -59.83
N ILE D 278 -45.54 4.63 -60.33
CA ILE D 278 -46.41 3.47 -60.52
C ILE D 278 -46.91 2.95 -59.18
N GLY D 279 -46.05 2.99 -58.16
CA GLY D 279 -46.46 2.57 -56.83
C GLY D 279 -47.52 3.49 -56.22
N ASN D 280 -47.35 4.80 -56.37
CA ASN D 280 -48.34 5.75 -55.87
C ASN D 280 -49.65 5.66 -56.63
N ALA D 281 -49.58 5.31 -57.92
CA ALA D 281 -50.81 5.07 -58.68
C ALA D 281 -51.51 3.80 -58.21
N LEU D 282 -50.74 2.76 -57.87
CA LEU D 282 -51.33 1.52 -57.42
C LEU D 282 -51.95 1.64 -56.03
N ARG D 283 -51.45 2.56 -55.20
CA ARG D 283 -51.97 2.75 -53.86
C ARG D 283 -53.31 3.48 -53.83
N THR D 284 -53.78 4.00 -54.96
CA THR D 284 -54.99 4.81 -55.00
C THR D 284 -56.21 3.89 -54.92
N ILE D 285 -56.50 3.44 -53.70
CA ILE D 285 -57.65 2.59 -53.42
C ILE D 285 -58.49 3.22 -52.31
N ASP D 286 -57.94 4.23 -51.65
CA ASP D 286 -58.53 4.76 -50.43
C ASP D 286 -59.76 5.59 -50.76
N THR D 287 -60.94 5.04 -50.46
CA THR D 287 -62.20 5.78 -50.52
C THR D 287 -62.88 5.88 -49.17
N TRP D 288 -62.27 5.35 -48.12
CA TRP D 288 -62.88 5.33 -46.79
C TRP D 288 -62.52 6.55 -45.96
N TYR D 289 -61.82 7.51 -46.54
CA TYR D 289 -61.60 8.81 -45.93
C TYR D 289 -62.91 9.60 -45.92
N PRO D 290 -63.06 10.59 -45.01
CA PRO D 290 -64.29 11.40 -45.00
C PRO D 290 -64.42 12.29 -46.22
N ASP D 291 -64.86 11.68 -47.33
CA ASP D 291 -64.85 12.33 -48.63
C ASP D 291 -65.94 13.39 -48.73
N GLU D 292 -65.56 14.56 -49.23
CA GLU D 292 -66.49 15.63 -49.59
C GLU D 292 -66.12 16.14 -50.97
N ASP D 293 -67.02 16.95 -51.54
CA ASP D 293 -66.90 17.61 -52.84
C ASP D 293 -66.77 16.64 -54.01
N GLY D 294 -67.18 15.38 -53.84
CA GLY D 294 -67.18 14.43 -54.93
C GLY D 294 -65.82 13.91 -55.36
N LEU D 295 -64.82 13.95 -54.48
CA LEU D 295 -63.51 13.41 -54.82
C LEU D 295 -63.55 11.89 -54.83
N GLY D 296 -62.81 11.30 -55.76
CA GLY D 296 -62.75 9.86 -55.89
C GLY D 296 -61.75 9.24 -54.94
N PRO D 297 -61.12 8.14 -55.37
CA PRO D 297 -60.11 7.49 -54.54
C PRO D 297 -58.84 8.31 -54.46
N ILE D 298 -58.20 8.27 -53.29
CA ILE D 298 -56.89 8.88 -53.08
C ILE D 298 -55.89 7.78 -52.77
N ALA D 299 -54.60 8.14 -52.84
CA ALA D 299 -53.54 7.19 -52.55
C ALA D 299 -53.51 6.89 -51.05
N VAL D 300 -53.29 5.62 -50.72
CA VAL D 300 -53.15 5.22 -49.32
C VAL D 300 -51.82 5.75 -48.81
N GLU D 301 -51.88 6.83 -48.05
CA GLU D 301 -50.75 7.51 -47.44
C GLU D 301 -51.02 7.67 -45.96
N PRO D 302 -49.99 7.80 -45.14
CA PRO D 302 -50.21 8.26 -43.77
C PRO D 302 -50.75 9.69 -43.78
N TYR D 303 -51.81 9.90 -43.00
CA TYR D 303 -52.60 11.15 -42.94
C TYR D 303 -53.12 11.58 -44.32
N GLY D 304 -53.48 10.59 -45.15
CA GLY D 304 -54.28 10.71 -46.36
C GLY D 304 -54.11 11.92 -47.26
N SER D 305 -52.86 12.29 -47.55
CA SER D 305 -52.56 13.57 -48.16
C SER D 305 -52.49 13.45 -49.68
N VAL D 306 -52.94 14.50 -50.37
CA VAL D 306 -52.88 14.60 -51.82
C VAL D 306 -52.21 15.92 -52.18
N THR D 307 -51.33 15.88 -53.19
CA THR D 307 -50.60 17.07 -53.59
C THR D 307 -51.40 17.96 -54.51
N SER D 308 -52.36 17.39 -55.26
CA SER D 308 -53.13 18.17 -56.22
C SER D 308 -54.09 19.12 -55.52
N GLN D 309 -54.80 18.64 -54.49
CA GLN D 309 -55.69 19.51 -53.74
C GLN D 309 -54.96 20.35 -52.70
N GLY D 310 -53.71 20.02 -52.40
CA GLY D 310 -52.96 20.75 -51.39
C GLY D 310 -53.49 20.54 -49.98
N LYS D 311 -54.22 19.47 -49.73
CA LYS D 311 -54.84 19.24 -48.45
C LYS D 311 -54.66 17.77 -48.07
N ALA D 312 -54.86 17.47 -46.79
CA ALA D 312 -54.65 16.14 -46.24
C ALA D 312 -55.93 15.64 -45.59
N TYR D 313 -56.59 14.69 -46.25
CA TYR D 313 -57.72 13.98 -45.66
C TYR D 313 -57.20 13.01 -44.60
N ARG D 314 -58.14 12.45 -43.83
CA ARG D 314 -57.87 11.67 -42.62
C ARG D 314 -56.97 12.46 -41.67
N GLN D 315 -57.50 13.61 -41.24
CA GLN D 315 -56.74 14.53 -40.42
C GLN D 315 -56.47 13.93 -39.04
N PRO D 316 -55.30 14.18 -38.45
CA PRO D 316 -55.01 13.62 -37.11
C PRO D 316 -55.86 14.20 -36.00
N LYS D 317 -56.50 15.36 -36.20
CA LYS D 317 -57.49 15.84 -35.23
C LYS D 317 -58.74 14.97 -35.24
N GLN D 318 -59.01 14.26 -36.34
CA GLN D 318 -59.96 13.17 -36.35
C GLN D 318 -59.23 11.87 -36.02
N LYS D 319 -60.01 10.86 -35.62
CA LYS D 319 -59.42 9.56 -35.29
C LYS D 319 -59.46 8.63 -36.51
N LEU D 320 -58.95 9.12 -37.64
CA LEU D 320 -59.01 8.36 -38.89
C LEU D 320 -57.69 8.30 -39.64
N ASP D 321 -56.62 8.87 -39.10
CA ASP D 321 -55.31 8.70 -39.69
C ASP D 321 -54.76 7.31 -39.38
N PHE D 322 -53.70 6.92 -40.11
CA PHE D 322 -53.22 5.55 -40.08
C PHE D 322 -52.57 5.20 -38.75
N TYR D 323 -51.89 6.15 -38.13
CA TYR D 323 -51.13 5.86 -36.91
C TYR D 323 -52.05 5.71 -35.70
N THR D 324 -53.08 6.55 -35.59
CA THR D 324 -54.05 6.39 -34.51
C THR D 324 -54.84 5.11 -34.66
N LEU D 325 -55.12 4.70 -35.91
CA LEU D 325 -55.80 3.44 -36.13
C LEU D 325 -54.91 2.25 -35.78
N LEU D 326 -53.59 2.35 -36.04
CA LEU D 326 -52.66 1.32 -35.59
C LEU D 326 -52.60 1.23 -34.07
N ASP D 327 -52.44 2.35 -33.38
CA ASP D 327 -52.35 2.32 -31.92
C ASP D 327 -53.67 1.94 -31.28
N ASN D 328 -54.79 2.17 -31.95
CA ASN D 328 -56.04 1.60 -31.47
C ASN D 328 -56.11 0.10 -31.72
N TRP D 329 -55.65 -0.36 -32.88
CA TRP D 329 -55.84 -1.75 -33.26
C TRP D 329 -54.94 -2.70 -32.47
N VAL D 330 -53.65 -2.36 -32.32
CA VAL D 330 -52.66 -3.32 -31.84
C VAL D 330 -52.15 -3.01 -30.45
N LEU D 331 -52.55 -1.89 -29.84
CA LEU D 331 -52.07 -1.56 -28.50
C LEU D 331 -53.18 -1.60 -27.46
N ARG D 332 -54.25 -0.84 -27.65
CA ARG D 332 -55.35 -0.81 -26.69
C ARG D 332 -56.49 -1.75 -27.06
N ASP D 333 -56.30 -2.58 -28.10
CA ASP D 333 -57.26 -3.56 -28.60
C ASP D 333 -58.58 -2.92 -29.03
N GLU D 334 -58.56 -1.66 -29.43
CA GLU D 334 -59.73 -0.97 -29.95
C GLU D 334 -59.78 -1.24 -31.45
N ALA D 335 -60.45 -2.31 -31.83
CA ALA D 335 -60.51 -2.73 -33.23
C ALA D 335 -61.34 -1.76 -34.04
N PRO D 336 -60.79 -1.17 -35.09
CA PRO D 336 -61.55 -0.20 -35.89
C PRO D 336 -62.54 -0.86 -36.83
N ALA D 337 -63.14 -0.07 -37.71
CA ALA D 337 -64.06 -0.60 -38.70
C ALA D 337 -63.31 -1.43 -39.74
N VAL D 338 -64.10 -2.14 -40.55
CA VAL D 338 -63.54 -3.01 -41.59
C VAL D 338 -62.84 -2.17 -42.65
N GLU D 339 -63.40 -1.00 -42.96
CA GLU D 339 -62.78 -0.12 -43.95
C GLU D 339 -61.49 0.50 -43.42
N GLN D 340 -61.47 0.88 -42.14
CA GLN D 340 -60.27 1.46 -41.55
C GLN D 340 -59.15 0.45 -41.44
N GLN D 341 -59.47 -0.81 -41.13
CA GLN D 341 -58.43 -1.83 -41.09
C GLN D 341 -58.00 -2.24 -42.50
N HIS D 342 -58.90 -2.10 -43.49
CA HIS D 342 -58.49 -2.25 -44.89
C HIS D 342 -57.44 -1.22 -45.27
N TYR D 343 -57.69 0.04 -44.87
CA TYR D 343 -56.75 1.12 -45.13
C TYR D 343 -55.43 0.93 -44.38
N VAL D 344 -55.52 0.41 -43.15
CA VAL D 344 -54.32 0.14 -42.35
C VAL D 344 -53.46 -0.95 -42.98
N ILE D 345 -54.09 -2.03 -43.45
CA ILE D 345 -53.32 -3.11 -44.06
C ILE D 345 -52.78 -2.66 -45.43
N ALA D 346 -53.49 -1.78 -46.13
CA ALA D 346 -52.95 -1.20 -47.37
C ALA D 346 -51.71 -0.35 -47.11
N ASN D 347 -51.73 0.45 -46.04
CA ASN D 347 -50.55 1.23 -45.66
C ASN D 347 -49.42 0.34 -45.16
N LEU D 348 -49.73 -0.81 -44.56
CA LEU D 348 -48.68 -1.76 -44.20
C LEU D 348 -48.12 -2.45 -45.43
N ILE D 349 -48.94 -2.64 -46.46
CA ILE D 349 -48.49 -3.22 -47.72
C ILE D 349 -47.52 -2.26 -48.42
N ARG D 350 -47.84 -0.97 -48.43
CA ARG D 350 -46.98 0.00 -49.12
C ARG D 350 -45.65 0.23 -48.41
N GLY D 351 -45.51 -0.19 -47.15
CA GLY D 351 -44.28 0.02 -46.41
C GLY D 351 -44.27 1.34 -45.68
N GLY D 352 -43.20 1.56 -44.92
CA GLY D 352 -43.09 2.83 -44.21
C GLY D 352 -41.95 2.82 -43.21
N VAL D 353 -41.81 3.94 -42.52
CA VAL D 353 -40.71 4.11 -41.58
C VAL D 353 -41.29 4.28 -40.19
N PHE D 354 -42.42 3.63 -39.98
CA PHE D 354 -43.29 3.89 -38.83
C PHE D 354 -42.54 3.66 -37.51
N GLY D 355 -42.97 4.37 -36.48
CA GLY D 355 -42.40 4.22 -35.16
C GLY D 355 -42.18 5.56 -34.49
N GLU D 356 -42.02 5.52 -33.17
CA GLU D 356 -41.90 6.72 -32.36
C GLU D 356 -40.46 7.25 -32.40
N ALA D 357 -40.16 8.21 -31.54
CA ALA D 357 -38.82 8.77 -31.46
C ALA D 357 -38.49 9.16 -30.03
N ILE E 23 0.44 -16.82 -13.97
CA ILE E 23 -0.71 -16.46 -13.15
C ILE E 23 -1.95 -16.35 -14.04
N LEU E 24 -1.70 -16.22 -15.35
CA LEU E 24 -2.68 -16.42 -16.42
C LEU E 24 -3.86 -15.46 -16.33
N SER E 25 -3.57 -14.19 -16.58
CA SER E 25 -4.61 -13.21 -16.83
C SER E 25 -4.86 -13.08 -18.33
N THR E 26 -6.05 -12.58 -18.68
CA THR E 26 -6.36 -12.30 -20.08
C THR E 26 -5.50 -11.16 -20.61
N ALA E 27 -5.05 -11.31 -21.86
CA ALA E 27 -4.16 -10.31 -22.46
C ALA E 27 -4.92 -9.02 -22.72
N SER E 28 -4.20 -7.90 -22.59
CA SER E 28 -4.82 -6.58 -22.77
C SER E 28 -5.17 -6.34 -24.24
N VAL E 29 -4.34 -6.81 -25.16
CA VAL E 29 -4.69 -6.84 -26.57
C VAL E 29 -4.79 -8.31 -27.00
N LEU E 30 -5.86 -8.63 -27.72
CA LEU E 30 -6.09 -9.97 -28.24
C LEU E 30 -6.64 -9.84 -29.66
N ALA E 31 -5.97 -9.03 -30.47
CA ALA E 31 -6.39 -8.79 -31.84
C ALA E 31 -6.30 -10.05 -32.67
N PHE E 32 -7.38 -10.37 -33.36
CA PHE E 32 -7.47 -11.57 -34.18
C PHE E 32 -7.75 -11.19 -35.61
N GLU E 33 -6.93 -11.68 -36.53
CA GLU E 33 -7.23 -11.57 -37.95
C GLU E 33 -8.46 -12.41 -38.27
N ARG E 34 -9.34 -11.86 -39.09
CA ARG E 34 -10.54 -12.59 -39.48
C ARG E 34 -10.20 -13.72 -40.42
N LYS E 35 -10.85 -14.86 -40.23
CA LYS E 35 -10.86 -15.92 -41.20
C LYS E 35 -12.15 -15.82 -42.01
N LEU E 36 -12.24 -16.66 -43.05
CA LEU E 36 -13.26 -16.58 -44.10
C LEU E 36 -13.31 -15.18 -44.69
N ASP E 37 -12.21 -14.80 -45.34
CA ASP E 37 -12.09 -13.46 -45.91
C ASP E 37 -12.83 -13.40 -47.24
N PRO E 38 -13.87 -12.58 -47.34
CA PRO E 38 -14.64 -12.52 -48.60
C PRO E 38 -14.22 -11.39 -49.53
N SER E 39 -14.31 -11.60 -50.83
CA SER E 39 -14.11 -10.50 -51.76
C SER E 39 -15.41 -9.73 -51.93
N ASP E 40 -15.32 -8.59 -52.61
CA ASP E 40 -16.50 -7.76 -52.83
C ASP E 40 -17.36 -8.34 -53.93
N ALA E 41 -18.65 -8.51 -53.65
CA ALA E 41 -19.55 -9.29 -54.49
C ALA E 41 -20.13 -8.41 -55.59
N LEU E 42 -19.64 -8.58 -56.82
CA LEU E 42 -20.09 -7.80 -57.95
C LEU E 42 -21.44 -8.28 -58.43
N MET E 43 -22.26 -7.34 -58.90
CA MET E 43 -23.63 -7.61 -59.33
C MET E 43 -23.76 -7.33 -60.82
N SER E 44 -24.21 -8.33 -61.56
CA SER E 44 -24.56 -8.20 -62.97
C SER E 44 -25.97 -8.73 -63.16
N ALA E 45 -26.52 -8.57 -64.37
CA ALA E 45 -27.89 -8.97 -64.62
C ALA E 45 -27.99 -9.69 -65.96
N GLY E 46 -28.95 -10.59 -66.05
CA GLY E 46 -29.16 -11.39 -67.24
C GLY E 46 -30.44 -12.18 -67.13
N ALA E 47 -30.58 -13.16 -68.01
CA ALA E 47 -31.75 -14.03 -68.03
C ALA E 47 -31.44 -15.38 -67.43
N TRP E 48 -32.47 -16.02 -66.86
CA TRP E 48 -32.33 -17.37 -66.34
C TRP E 48 -32.10 -18.36 -67.46
N ALA E 49 -31.39 -19.46 -67.13
CA ALA E 49 -30.89 -20.52 -67.98
C ALA E 49 -29.82 -20.07 -68.97
N GLN E 50 -29.42 -18.79 -68.94
CA GLN E 50 -28.23 -18.31 -69.62
C GLN E 50 -27.07 -18.20 -68.63
N ARG E 51 -27.24 -18.71 -67.41
CA ARG E 51 -26.24 -18.59 -66.36
C ARG E 51 -24.95 -19.32 -66.70
N ASP E 52 -25.05 -20.44 -67.44
CA ASP E 52 -23.87 -21.13 -67.90
C ASP E 52 -23.08 -20.32 -68.93
N ALA E 53 -23.69 -19.33 -69.54
CA ALA E 53 -23.01 -18.35 -70.38
C ALA E 53 -23.04 -16.98 -69.72
N SER E 54 -22.94 -16.95 -68.39
CA SER E 54 -22.97 -15.70 -67.64
C SER E 54 -21.60 -15.09 -67.43
N GLN E 55 -20.63 -15.40 -68.30
CA GLN E 55 -19.28 -14.87 -68.13
C GLN E 55 -19.21 -13.40 -68.47
N GLU E 56 -19.85 -12.99 -69.56
CA GLU E 56 -19.80 -11.62 -70.05
C GLU E 56 -21.13 -10.90 -69.88
N TRP E 57 -21.81 -11.14 -68.77
CA TRP E 57 -23.07 -10.47 -68.50
C TRP E 57 -22.82 -8.99 -68.18
N PRO E 58 -23.71 -8.10 -68.61
CA PRO E 58 -23.53 -6.67 -68.29
C PRO E 58 -23.75 -6.41 -66.81
N ALA E 59 -22.83 -5.65 -66.22
CA ALA E 59 -22.88 -5.38 -64.79
C ALA E 59 -24.01 -4.42 -64.45
N VAL E 60 -24.55 -4.59 -63.25
CA VAL E 60 -25.60 -3.69 -62.76
C VAL E 60 -24.98 -2.33 -62.46
N THR E 61 -25.54 -1.29 -63.06
CA THR E 61 -25.01 0.06 -62.93
C THR E 61 -25.92 0.88 -62.03
N VAL E 62 -25.30 1.57 -61.06
CA VAL E 62 -26.05 2.43 -60.16
C VAL E 62 -26.47 3.69 -60.92
N ARG E 63 -27.76 4.01 -60.88
CA ARG E 63 -28.27 5.16 -61.63
C ARG E 63 -29.00 6.11 -60.69
N GLU E 64 -29.28 7.31 -61.18
CA GLU E 64 -29.97 8.35 -60.41
C GLU E 64 -31.44 8.41 -60.82
N LYS E 65 -32.31 8.63 -59.84
CA LYS E 65 -33.70 8.92 -60.14
C LYS E 65 -34.22 9.90 -59.09
N SER E 66 -35.14 10.77 -59.53
CA SER E 66 -35.64 11.84 -58.67
C SER E 66 -36.93 11.40 -57.99
N VAL E 67 -37.06 11.73 -56.71
CA VAL E 67 -38.24 11.40 -55.92
C VAL E 67 -38.74 12.67 -55.26
N ARG E 68 -40.06 12.89 -55.30
CA ARG E 68 -40.71 13.84 -54.42
C ARG E 68 -41.67 13.07 -53.53
N GLY E 69 -41.77 13.50 -52.28
CA GLY E 69 -42.49 12.74 -51.29
C GLY E 69 -43.40 13.60 -50.44
N THR E 70 -44.50 13.00 -50.00
CA THR E 70 -45.37 13.60 -49.02
C THR E 70 -44.79 13.41 -47.62
N ILE E 71 -45.29 14.20 -46.68
CA ILE E 71 -44.83 14.11 -45.29
C ILE E 71 -45.55 12.93 -44.65
N SER E 72 -44.79 11.89 -44.30
CA SER E 72 -45.37 10.61 -43.92
C SER E 72 -44.80 10.02 -42.64
N ASN E 73 -43.99 10.77 -41.89
CA ASN E 73 -43.54 10.26 -40.60
C ASN E 73 -44.57 10.57 -39.52
N ARG E 74 -44.36 9.99 -38.35
CA ARG E 74 -45.25 10.26 -37.22
C ARG E 74 -44.99 11.66 -36.67
N LEU E 75 -46.06 12.42 -36.46
CA LEU E 75 -45.94 13.77 -35.93
C LEU E 75 -45.91 13.75 -34.40
N LYS E 76 -45.40 14.84 -33.82
CA LYS E 76 -45.14 14.91 -32.39
C LYS E 76 -46.19 15.75 -31.66
N THR E 77 -47.46 15.61 -32.05
CA THR E 77 -48.67 16.23 -31.51
C THR E 77 -48.73 17.75 -31.68
N LYS E 78 -47.72 18.37 -32.29
CA LYS E 78 -47.77 19.79 -32.62
C LYS E 78 -47.77 20.05 -34.11
N ASP E 79 -47.40 19.06 -34.92
CA ASP E 79 -47.54 19.09 -36.37
C ASP E 79 -48.91 18.61 -36.83
N ARG E 80 -49.78 18.24 -35.90
CA ARG E 80 -51.08 17.64 -36.21
C ARG E 80 -52.17 18.67 -36.45
N ASP E 81 -51.84 19.97 -36.43
CA ASP E 81 -52.80 20.99 -36.80
C ASP E 81 -53.12 20.89 -38.30
N PRO E 82 -54.38 21.17 -38.69
CA PRO E 82 -54.77 20.98 -40.10
C PRO E 82 -54.10 21.93 -41.07
N ALA E 83 -54.04 23.22 -40.73
CA ALA E 83 -53.45 24.21 -41.63
C ALA E 83 -51.94 24.03 -41.74
N LYS E 84 -51.28 23.69 -40.63
CA LYS E 84 -49.83 23.52 -40.66
C LYS E 84 -49.44 22.25 -41.41
N LEU E 85 -50.20 21.17 -41.23
CA LEU E 85 -50.00 19.97 -42.05
C LEU E 85 -50.33 20.22 -43.51
N ASP E 86 -51.30 21.11 -43.78
CA ASP E 86 -51.63 21.47 -45.16
C ASP E 86 -50.48 22.23 -45.83
N ALA E 87 -49.87 23.16 -45.08
CA ALA E 87 -48.67 23.82 -45.58
C ALA E 87 -47.50 22.86 -45.70
N SER E 88 -47.49 21.78 -44.91
CA SER E 88 -46.45 20.77 -45.03
C SER E 88 -46.62 19.94 -46.30
N ILE E 89 -47.85 19.53 -46.64
CA ILE E 89 -48.04 18.69 -47.82
C ILE E 89 -47.93 19.55 -49.09
N GLN E 90 -48.24 20.85 -48.99
CA GLN E 90 -48.09 21.75 -50.15
C GLN E 90 -46.63 21.95 -50.59
N SER E 91 -45.66 21.54 -49.77
CA SER E 91 -44.24 21.56 -50.14
C SER E 91 -43.69 20.15 -49.99
N PRO E 92 -43.80 19.30 -51.01
CA PRO E 92 -43.25 17.95 -50.92
C PRO E 92 -41.72 17.97 -50.90
N ASN E 93 -41.13 16.99 -50.23
CA ASN E 93 -39.67 17.00 -50.09
C ASN E 93 -39.02 16.29 -51.28
N LEU E 94 -37.90 16.82 -51.72
CA LEU E 94 -37.27 16.42 -52.97
C LEU E 94 -35.92 15.78 -52.70
N GLN E 95 -35.67 14.63 -53.31
CA GLN E 95 -34.38 13.97 -53.23
C GLN E 95 -34.04 13.39 -54.59
N THR E 96 -32.75 13.10 -54.77
CA THR E 96 -32.28 12.26 -55.88
C THR E 96 -31.66 11.00 -55.27
N VAL E 97 -32.33 9.87 -55.48
CA VAL E 97 -31.92 8.61 -54.89
C VAL E 97 -31.19 7.79 -55.95
N ASP E 98 -30.10 7.16 -55.53
CA ASP E 98 -29.45 6.19 -56.39
C ASP E 98 -30.19 4.87 -56.30
N VAL E 99 -30.60 4.35 -57.44
CA VAL E 99 -31.33 3.10 -57.50
C VAL E 99 -30.54 2.14 -58.40
N ALA E 100 -30.68 0.85 -58.11
CA ALA E 100 -30.07 -0.21 -58.90
C ALA E 100 -31.21 -1.06 -59.46
N ASN E 101 -31.36 -1.06 -60.78
CA ASN E 101 -32.42 -1.78 -61.44
C ASN E 101 -31.81 -2.70 -62.49
N LEU E 102 -32.47 -3.84 -62.72
CA LEU E 102 -32.09 -4.70 -63.81
C LEU E 102 -32.46 -4.06 -65.15
N PRO E 103 -31.79 -4.46 -66.22
CA PRO E 103 -32.35 -4.20 -67.55
C PRO E 103 -33.67 -4.93 -67.73
N SER E 104 -34.53 -4.38 -68.59
CA SER E 104 -35.87 -4.92 -68.78
C SER E 104 -35.83 -6.29 -69.45
N ASP E 105 -34.79 -6.58 -70.21
CA ASP E 105 -34.58 -7.93 -70.75
C ASP E 105 -33.70 -8.76 -69.83
N ALA E 106 -34.03 -8.78 -68.54
CA ALA E 106 -33.24 -9.51 -67.54
C ALA E 106 -34.09 -9.70 -66.30
N ASP E 107 -34.42 -10.95 -65.98
CA ASP E 107 -35.15 -11.27 -64.76
C ASP E 107 -34.27 -11.88 -63.68
N THR E 108 -32.98 -12.09 -63.97
CA THR E 108 -32.08 -12.81 -63.09
C THR E 108 -30.91 -11.91 -62.73
N LEU E 109 -30.58 -11.87 -61.45
CA LEU E 109 -29.42 -11.14 -60.96
C LEU E 109 -28.30 -12.11 -60.58
N LYS E 110 -27.11 -11.85 -61.11
CA LYS E 110 -25.91 -12.63 -60.81
C LYS E 110 -25.04 -11.85 -59.85
N VAL E 111 -24.55 -12.52 -58.81
CA VAL E 111 -23.70 -11.91 -57.80
C VAL E 111 -22.49 -12.82 -57.59
N ARG E 112 -21.29 -12.26 -57.72
CA ARG E 112 -20.05 -13.05 -57.69
C ARG E 112 -19.11 -12.53 -56.62
N PHE E 113 -18.58 -13.44 -55.80
CA PHE E 113 -17.51 -13.09 -54.88
C PHE E 113 -16.59 -14.31 -54.70
N THR E 114 -15.47 -14.09 -54.03
CA THR E 114 -14.55 -15.16 -53.65
C THR E 114 -14.33 -15.12 -52.14
N LEU E 115 -14.16 -16.31 -51.56
CA LEU E 115 -13.95 -16.46 -50.12
C LEU E 115 -12.65 -17.22 -49.90
N ARG E 116 -11.82 -16.71 -49.00
CA ARG E 116 -10.54 -17.31 -48.65
C ARG E 116 -10.63 -17.91 -47.25
N VAL E 117 -10.35 -19.20 -47.14
CA VAL E 117 -10.30 -19.87 -45.85
C VAL E 117 -8.84 -20.04 -45.47
N LEU E 118 -8.43 -19.40 -44.37
CA LEU E 118 -7.02 -19.27 -44.03
C LEU E 118 -6.54 -20.36 -43.08
N GLY E 119 -7.14 -20.44 -41.90
CA GLY E 119 -6.65 -21.31 -40.85
C GLY E 119 -5.85 -20.55 -39.82
N GLY E 120 -5.44 -21.26 -38.78
CA GLY E 120 -4.80 -20.64 -37.64
C GLY E 120 -5.74 -19.73 -36.89
N ALA E 121 -6.95 -20.22 -36.61
CA ALA E 121 -8.00 -19.39 -36.04
C ALA E 121 -7.72 -19.01 -34.59
N GLY E 122 -7.01 -19.85 -33.85
CA GLY E 122 -6.73 -19.54 -32.46
C GLY E 122 -5.51 -18.69 -32.21
N THR E 123 -4.70 -18.42 -33.23
CA THR E 123 -3.50 -17.62 -33.07
C THR E 123 -3.82 -16.14 -33.26
N PRO E 124 -3.65 -15.30 -32.25
CA PRO E 124 -3.90 -13.87 -32.43
C PRO E 124 -2.81 -13.22 -33.27
N SER E 125 -3.21 -12.19 -34.02
CA SER E 125 -2.23 -11.41 -34.77
C SER E 125 -1.42 -10.53 -33.84
N ALA E 126 -2.08 -9.92 -32.85
CA ALA E 126 -1.42 -9.12 -31.84
C ALA E 126 -1.84 -9.62 -30.46
N CYS E 127 -0.87 -9.72 -29.56
CA CYS E 127 -1.13 -10.19 -28.20
C CYS E 127 -0.12 -9.56 -27.26
N ASN E 128 -0.47 -9.51 -25.98
CA ASN E 128 0.42 -8.96 -24.96
C ASN E 128 1.08 -10.04 -24.12
N ASP E 129 0.28 -10.90 -23.50
CA ASP E 129 0.78 -11.93 -22.61
C ASP E 129 1.08 -13.19 -23.41
N ALA E 130 2.33 -13.64 -23.39
CA ALA E 130 2.70 -14.85 -24.11
C ALA E 130 2.18 -16.10 -23.40
N ALA E 131 2.05 -16.05 -22.07
CA ALA E 131 1.48 -17.16 -21.33
C ALA E 131 0.00 -17.34 -21.66
N TYR E 132 -0.74 -16.24 -21.70
CA TYR E 132 -2.15 -16.30 -22.09
C TYR E 132 -2.31 -16.70 -23.54
N ARG E 133 -1.40 -16.25 -24.41
CA ARG E 133 -1.43 -16.64 -25.82
C ARG E 133 -1.19 -18.14 -25.97
N ASP E 134 -0.24 -18.69 -25.20
CA ASP E 134 0.05 -20.11 -25.26
C ASP E 134 -1.10 -20.94 -24.69
N LYS E 135 -1.74 -20.45 -23.61
CA LYS E 135 -2.88 -21.16 -23.06
C LYS E 135 -4.09 -21.13 -24.00
N LEU E 136 -4.32 -20.00 -24.66
CA LEU E 136 -5.41 -19.91 -25.63
C LEU E 136 -5.13 -20.78 -26.86
N LEU E 137 -3.85 -20.84 -27.28
CA LEU E 137 -3.47 -21.72 -28.38
C LEU E 137 -3.68 -23.19 -28.01
N GLN E 138 -3.33 -23.56 -26.77
CA GLN E 138 -3.53 -24.92 -26.33
C GLN E 138 -5.02 -25.25 -26.18
N THR E 139 -5.83 -24.27 -25.76
CA THR E 139 -7.27 -24.47 -25.66
C THR E 139 -7.91 -24.68 -27.04
N VAL E 140 -7.49 -23.87 -28.02
CA VAL E 140 -8.00 -24.02 -29.39
C VAL E 140 -7.52 -25.33 -29.99
N ALA E 141 -6.27 -25.73 -29.72
CA ALA E 141 -5.75 -26.99 -30.23
C ALA E 141 -6.43 -28.19 -29.57
N THR E 142 -6.80 -28.06 -28.28
CA THR E 142 -7.59 -29.08 -27.60
C THR E 142 -8.97 -29.22 -28.25
N TYR E 143 -9.61 -28.09 -28.55
CA TYR E 143 -10.90 -28.08 -29.23
C TYR E 143 -10.80 -28.73 -30.60
N VAL E 144 -9.73 -28.45 -31.35
CA VAL E 144 -9.51 -29.08 -32.65
C VAL E 144 -9.28 -30.58 -32.46
N ASN E 145 -8.64 -30.96 -31.36
CA ASN E 145 -8.32 -32.36 -31.11
C ASN E 145 -9.58 -33.20 -30.88
N ASP E 146 -10.54 -32.75 -30.06
CA ASP E 146 -11.69 -33.63 -29.88
C ASP E 146 -12.71 -33.42 -30.99
N GLN E 147 -13.03 -32.15 -31.31
CA GLN E 147 -14.08 -31.84 -32.29
C GLN E 147 -13.56 -30.77 -33.23
N GLY E 148 -12.96 -31.19 -34.34
CA GLY E 148 -12.38 -30.28 -35.31
C GLY E 148 -13.40 -29.45 -36.05
N PHE E 149 -12.90 -28.68 -37.02
CA PHE E 149 -13.73 -27.68 -37.69
C PHE E 149 -14.73 -28.34 -38.64
N ALA E 150 -15.75 -28.99 -38.09
CA ALA E 150 -16.72 -29.73 -38.88
C ALA E 150 -18.11 -29.14 -38.80
N GLU E 151 -18.61 -28.90 -37.57
CA GLU E 151 -19.94 -28.30 -37.40
C GLU E 151 -19.95 -26.86 -37.88
N LEU E 152 -18.92 -26.08 -37.52
CA LEU E 152 -18.81 -24.71 -37.99
C LEU E 152 -18.63 -24.64 -39.49
N ALA E 153 -17.83 -25.54 -40.06
CA ALA E 153 -17.64 -25.55 -41.51
C ALA E 153 -18.90 -26.01 -42.23
N ARG E 154 -19.67 -26.92 -41.63
CA ARG E 154 -20.95 -27.31 -42.23
C ARG E 154 -21.94 -26.15 -42.20
N ARG E 155 -21.94 -25.37 -41.12
CA ARG E 155 -22.85 -24.23 -41.04
C ARG E 155 -22.43 -23.10 -41.98
N TYR E 156 -21.12 -22.89 -42.13
CA TYR E 156 -20.62 -21.94 -43.11
C TYR E 156 -20.90 -22.42 -44.53
N ALA E 157 -20.86 -23.74 -44.76
CA ALA E 157 -21.23 -24.30 -46.05
C ALA E 157 -22.70 -24.08 -46.34
N HIS E 158 -23.55 -24.18 -45.32
CA HIS E 158 -24.97 -23.89 -45.50
C HIS E 158 -25.20 -22.40 -45.80
N ASN E 159 -24.48 -21.52 -45.10
CA ASN E 159 -24.58 -20.10 -45.39
C ASN E 159 -24.02 -19.72 -46.75
N LEU E 160 -23.11 -20.53 -47.30
CA LEU E 160 -22.77 -20.38 -48.71
C LEU E 160 -23.84 -20.97 -49.61
N ALA E 161 -24.51 -22.03 -49.16
CA ALA E 161 -25.47 -22.74 -50.01
C ALA E 161 -26.72 -21.91 -50.27
N ASN E 162 -27.30 -21.34 -49.22
CA ASN E 162 -28.36 -20.37 -49.41
C ASN E 162 -27.75 -18.99 -49.59
N ALA E 163 -28.40 -18.17 -50.41
CA ALA E 163 -27.89 -16.83 -50.72
C ALA E 163 -28.32 -15.87 -49.62
N ARG E 164 -27.72 -16.05 -48.44
CA ARG E 164 -27.95 -15.12 -47.35
C ARG E 164 -27.22 -13.80 -47.58
N PHE E 165 -26.21 -13.81 -48.45
CA PHE E 165 -25.54 -12.59 -48.87
C PHE E 165 -26.36 -11.82 -49.90
N LEU E 166 -27.45 -12.40 -50.38
CA LEU E 166 -28.48 -11.67 -51.11
C LEU E 166 -29.58 -11.33 -50.09
N TRP E 167 -29.31 -10.29 -49.29
CA TRP E 167 -30.04 -10.02 -48.05
C TRP E 167 -31.51 -9.66 -48.22
N ARG E 168 -31.81 -8.50 -48.78
CA ARG E 168 -33.14 -8.20 -49.28
C ARG E 168 -33.30 -8.64 -50.72
N ASN E 169 -32.35 -9.42 -51.21
CA ASN E 169 -32.09 -9.61 -52.62
C ASN E 169 -32.40 -11.03 -53.08
N ARG E 170 -32.85 -11.89 -52.15
CA ARG E 170 -33.52 -13.14 -52.46
C ARG E 170 -34.85 -13.26 -51.71
N VAL E 171 -35.29 -12.18 -51.07
CA VAL E 171 -36.52 -12.20 -50.26
C VAL E 171 -37.74 -12.45 -51.14
N GLY E 172 -37.83 -11.72 -52.24
CA GLY E 172 -38.93 -11.92 -53.17
C GLY E 172 -38.48 -12.58 -54.45
N ALA E 173 -37.63 -13.61 -54.33
CA ALA E 173 -37.08 -14.28 -55.50
C ALA E 173 -37.87 -15.57 -55.76
N GLU E 174 -38.25 -15.77 -57.03
CA GLU E 174 -38.95 -16.99 -57.40
C GLU E 174 -38.05 -18.21 -57.33
N ALA E 175 -36.78 -18.06 -57.71
CA ALA E 175 -35.82 -19.16 -57.65
C ALA E 175 -34.43 -18.59 -57.41
N VAL E 176 -33.71 -19.19 -56.47
CA VAL E 176 -32.34 -18.82 -56.15
C VAL E 176 -31.43 -20.02 -56.39
N GLU E 177 -30.31 -19.80 -57.08
CA GLU E 177 -29.34 -20.84 -57.36
C GLU E 177 -27.96 -20.35 -56.99
N VAL E 178 -27.13 -21.24 -56.45
CA VAL E 178 -25.79 -20.89 -55.97
C VAL E 178 -24.78 -21.89 -56.53
N ARG E 179 -23.73 -21.38 -57.18
CA ARG E 179 -22.63 -22.20 -57.68
C ARG E 179 -21.37 -21.81 -56.92
N ILE E 180 -20.72 -22.79 -56.30
CA ILE E 180 -19.49 -22.57 -55.55
C ILE E 180 -18.39 -23.40 -56.21
N ASN E 181 -17.46 -22.73 -56.87
CA ASN E 181 -16.35 -23.37 -57.54
C ASN E 181 -15.09 -23.29 -56.69
N HIS E 182 -14.23 -24.29 -56.82
CA HIS E 182 -12.98 -24.38 -56.07
C HIS E 182 -11.82 -24.18 -57.05
N ILE E 183 -11.06 -23.11 -56.85
CA ILE E 183 -9.94 -22.77 -57.73
C ILE E 183 -8.65 -23.26 -57.09
N ARG E 184 -7.85 -24.00 -57.86
CA ARG E 184 -6.62 -24.58 -57.35
C ARG E 184 -5.38 -23.92 -57.91
N GLN E 185 -5.20 -23.91 -59.23
CA GLN E 185 -4.07 -23.27 -59.89
C GLN E 185 -4.54 -22.36 -61.00
N GLY E 186 -5.60 -21.60 -60.74
CA GLY E 186 -6.25 -20.80 -61.75
C GLY E 186 -7.31 -21.55 -62.54
N GLU E 187 -7.46 -22.84 -62.29
CA GLU E 187 -8.47 -23.67 -62.93
C GLU E 187 -9.39 -24.24 -61.87
N VAL E 188 -10.60 -24.62 -62.27
CA VAL E 188 -11.60 -25.12 -61.34
C VAL E 188 -11.22 -26.53 -60.90
N ALA E 189 -11.47 -26.85 -59.63
CA ALA E 189 -11.14 -28.15 -59.09
C ALA E 189 -12.40 -28.94 -58.73
N ARG E 190 -13.28 -28.34 -57.95
CA ARG E 190 -14.53 -28.97 -57.54
C ARG E 190 -15.65 -27.94 -57.62
N ALA E 191 -16.66 -28.23 -58.44
CA ALA E 191 -17.81 -27.35 -58.64
C ALA E 191 -18.98 -27.85 -57.83
N TRP E 192 -19.66 -26.93 -57.15
CA TRP E 192 -20.76 -27.24 -56.23
C TRP E 192 -21.99 -26.45 -56.66
N ARG E 193 -22.75 -27.01 -57.58
CA ARG E 193 -24.01 -26.40 -58.02
C ARG E 193 -25.10 -26.74 -57.02
N PHE E 194 -25.78 -25.72 -56.50
CA PHE E 194 -26.73 -25.88 -55.41
C PHE E 194 -28.11 -25.38 -55.84
N ASP E 195 -29.03 -25.37 -54.88
CA ASP E 195 -30.38 -24.84 -55.06
C ASP E 195 -30.78 -24.21 -53.73
N ALA E 196 -30.69 -22.89 -53.65
CA ALA E 196 -30.85 -22.18 -52.38
C ALA E 196 -32.28 -22.16 -51.87
N LEU E 197 -33.27 -22.56 -52.68
CA LEU E 197 -34.62 -22.73 -52.16
C LEU E 197 -34.72 -23.95 -51.26
N ALA E 198 -34.02 -25.03 -51.61
CA ALA E 198 -34.06 -26.25 -50.82
C ALA E 198 -33.32 -26.07 -49.49
N ILE E 199 -32.11 -25.50 -49.55
CA ILE E 199 -31.34 -25.24 -48.34
C ILE E 199 -31.96 -24.02 -47.66
N GLY E 200 -32.64 -24.26 -46.54
CA GLY E 200 -33.35 -23.19 -45.87
C GLY E 200 -32.44 -22.25 -45.12
N LEU E 201 -33.02 -21.12 -44.71
CA LEU E 201 -32.32 -20.12 -43.91
C LEU E 201 -32.45 -20.37 -42.42
N ARG E 202 -33.07 -21.50 -42.03
CA ARG E 202 -33.27 -21.79 -40.61
C ARG E 202 -32.80 -23.19 -40.24
N ASP E 203 -32.81 -24.10 -41.20
CA ASP E 203 -32.54 -25.51 -40.95
C ASP E 203 -31.11 -25.85 -41.36
N PHE E 204 -30.33 -26.37 -40.41
CA PHE E 204 -28.96 -26.81 -40.66
C PHE E 204 -28.96 -28.33 -40.79
N LYS E 205 -29.41 -28.80 -41.95
CA LYS E 205 -29.52 -30.23 -42.23
C LYS E 205 -28.19 -30.76 -42.77
N ALA E 206 -28.21 -31.96 -43.34
CA ALA E 206 -27.01 -32.60 -43.88
C ALA E 206 -27.23 -32.98 -45.33
N ASP E 207 -26.22 -32.73 -46.16
CA ASP E 207 -26.26 -33.10 -47.57
C ASP E 207 -24.84 -33.48 -48.00
N ALA E 208 -24.75 -34.43 -48.94
CA ALA E 208 -23.46 -34.98 -49.35
C ALA E 208 -22.55 -33.94 -49.99
N GLU E 209 -23.11 -33.10 -50.86
CA GLU E 209 -22.35 -31.99 -51.42
C GLU E 209 -22.03 -30.94 -50.35
N LEU E 210 -22.97 -30.73 -49.42
CA LEU E 210 -22.70 -29.85 -48.29
C LEU E 210 -21.65 -30.43 -47.35
N ASP E 211 -21.63 -31.76 -47.17
CA ASP E 211 -20.55 -32.39 -46.41
C ASP E 211 -19.21 -32.27 -47.12
N ALA E 212 -19.20 -32.34 -48.46
CA ALA E 212 -17.95 -32.17 -49.19
C ALA E 212 -17.42 -30.74 -49.07
N LEU E 213 -18.32 -29.75 -49.17
CA LEU E 213 -17.92 -28.36 -48.96
C LEU E 213 -17.52 -28.11 -47.52
N ALA E 214 -18.16 -28.80 -46.57
CA ALA E 214 -17.77 -28.73 -45.17
C ALA E 214 -16.38 -29.31 -44.95
N GLU E 215 -16.05 -30.39 -45.65
CA GLU E 215 -14.71 -30.97 -45.53
C GLU E 215 -13.66 -30.06 -46.16
N LEU E 216 -14.02 -29.35 -47.23
CA LEU E 216 -13.06 -28.39 -47.81
C LEU E 216 -12.82 -27.20 -46.88
N ILE E 217 -13.88 -26.65 -46.29
CA ILE E 217 -13.71 -25.56 -45.32
C ILE E 217 -13.05 -26.09 -44.04
N ALA E 218 -13.22 -27.38 -43.73
CA ALA E 218 -12.50 -28.01 -42.64
C ALA E 218 -11.00 -28.05 -42.91
N SER E 219 -10.61 -28.41 -44.12
CA SER E 219 -9.20 -28.43 -44.48
C SER E 219 -8.61 -27.03 -44.51
N GLY E 220 -9.41 -26.04 -44.93
CA GLY E 220 -8.94 -24.67 -44.89
C GLY E 220 -8.78 -24.12 -43.49
N LEU E 221 -9.73 -24.42 -42.60
CA LEU E 221 -9.72 -23.88 -41.25
C LEU E 221 -8.70 -24.56 -40.36
N SER E 222 -8.36 -25.81 -40.63
CA SER E 222 -7.37 -26.54 -39.84
C SER E 222 -5.95 -26.32 -40.35
N GLY E 223 -5.77 -25.52 -41.39
CA GLY E 223 -4.45 -25.29 -41.94
C GLY E 223 -3.94 -26.40 -42.82
N SER E 224 -4.79 -27.33 -43.23
CA SER E 224 -4.34 -28.45 -44.05
C SER E 224 -4.01 -27.99 -45.47
N GLY E 225 -4.76 -27.04 -46.00
CA GLY E 225 -4.51 -26.56 -47.35
C GLY E 225 -5.10 -25.17 -47.53
N HIS E 226 -4.92 -24.64 -48.73
CA HIS E 226 -5.45 -23.33 -49.09
C HIS E 226 -6.76 -23.50 -49.83
N VAL E 227 -7.78 -22.75 -49.41
CA VAL E 227 -9.13 -22.86 -49.95
C VAL E 227 -9.57 -21.50 -50.44
N LEU E 228 -9.85 -21.39 -51.74
CA LEU E 228 -10.41 -20.19 -52.35
C LEU E 228 -11.63 -20.61 -53.16
N LEU E 229 -12.79 -20.05 -52.81
CA LEU E 229 -14.06 -20.45 -53.38
C LEU E 229 -14.71 -19.29 -54.11
N GLU E 230 -15.08 -19.50 -55.37
CA GLU E 230 -15.80 -18.50 -56.16
C GLU E 230 -17.28 -18.84 -56.09
N VAL E 231 -18.06 -17.97 -55.44
CA VAL E 231 -19.49 -18.19 -55.22
C VAL E 231 -20.26 -17.20 -56.08
N VAL E 232 -21.12 -17.75 -56.95
CA VAL E 232 -21.98 -16.99 -57.84
C VAL E 232 -23.43 -17.36 -57.53
N ALA E 233 -24.25 -16.36 -57.24
CA ALA E 233 -25.66 -16.55 -56.92
C ALA E 233 -26.52 -15.90 -57.99
N PHE E 234 -27.46 -16.67 -58.54
CA PHE E 234 -28.44 -16.18 -59.51
C PHE E 234 -29.81 -16.17 -58.84
N ALA E 235 -30.43 -15.00 -58.77
CA ALA E 235 -31.74 -14.84 -58.16
C ALA E 235 -32.73 -14.34 -59.20
N ARG E 236 -33.87 -15.01 -59.31
CA ARG E 236 -34.92 -14.61 -60.24
C ARG E 236 -35.84 -13.64 -59.54
N ILE E 237 -35.57 -12.34 -59.70
CA ILE E 237 -36.41 -11.33 -59.09
C ILE E 237 -37.51 -10.95 -60.08
N GLY E 238 -37.13 -10.35 -61.19
CA GLY E 238 -38.11 -9.90 -62.17
C GLY E 238 -37.46 -9.05 -63.22
N ASP E 239 -38.20 -8.84 -64.31
CA ASP E 239 -37.69 -8.08 -65.44
C ASP E 239 -37.65 -6.59 -65.10
N GLY E 240 -36.45 -6.01 -65.07
CA GLY E 240 -36.31 -4.60 -64.77
C GLY E 240 -36.61 -4.21 -63.36
N GLN E 241 -36.61 -5.17 -62.43
CA GLN E 241 -37.00 -4.91 -61.06
C GLN E 241 -35.86 -4.27 -60.29
N GLU E 242 -36.07 -4.04 -58.99
CA GLU E 242 -35.08 -3.38 -58.17
C GLU E 242 -34.24 -4.40 -57.42
N VAL E 243 -32.92 -4.27 -57.55
CA VAL E 243 -31.99 -5.05 -56.77
C VAL E 243 -31.43 -4.13 -55.68
N PHE E 244 -30.87 -4.74 -54.64
CA PHE E 244 -30.53 -4.03 -53.41
C PHE E 244 -29.06 -4.25 -53.08
N PRO E 245 -28.17 -3.41 -53.60
CA PRO E 245 -26.76 -3.50 -53.23
C PRO E 245 -26.50 -2.82 -51.89
N SER E 246 -25.22 -2.76 -51.53
CA SER E 246 -24.82 -2.09 -50.31
C SER E 246 -25.00 -0.58 -50.44
N GLN E 247 -25.53 0.04 -49.38
CA GLN E 247 -25.76 1.47 -49.34
C GLN E 247 -24.59 2.15 -48.65
N GLU E 248 -24.11 3.23 -49.24
CA GLU E 248 -22.95 3.94 -48.73
C GLU E 248 -23.36 5.01 -47.72
N LEU E 249 -22.43 5.92 -47.43
CA LEU E 249 -22.64 7.02 -46.51
C LEU E 249 -22.58 8.33 -47.29
N ILE E 250 -23.49 9.25 -46.95
CA ILE E 250 -23.59 10.54 -47.64
C ILE E 250 -23.13 11.62 -46.68
N LEU E 251 -22.21 12.48 -47.14
CA LEU E 251 -21.72 13.58 -46.33
C LEU E 251 -22.71 14.75 -46.28
N ASP E 252 -23.67 14.78 -47.22
CA ASP E 252 -24.72 15.80 -47.32
C ASP E 252 -24.13 17.20 -47.47
N LYS E 253 -23.32 17.37 -48.52
CA LYS E 253 -22.68 18.64 -48.82
C LYS E 253 -23.33 19.36 -49.99
N GLY E 254 -24.48 18.89 -50.47
CA GLY E 254 -25.16 19.48 -51.59
C GLY E 254 -26.33 20.34 -51.18
N ASP E 255 -27.25 20.54 -52.12
CA ASP E 255 -28.44 21.36 -51.90
C ASP E 255 -29.53 20.51 -51.23
N LYS E 256 -30.74 21.05 -51.17
CA LYS E 256 -31.86 20.35 -50.57
C LYS E 256 -32.80 19.73 -51.59
N LYS E 257 -32.87 20.28 -52.80
CA LYS E 257 -33.70 19.67 -53.84
C LYS E 257 -33.05 18.39 -54.37
N GLY E 258 -31.82 18.49 -54.87
CA GLY E 258 -31.03 17.32 -55.18
C GLY E 258 -30.18 16.92 -54.00
N GLN E 259 -30.84 16.49 -52.93
CA GLN E 259 -30.16 16.30 -51.64
C GLN E 259 -29.27 15.07 -51.61
N LYS E 260 -29.46 14.13 -52.55
CA LYS E 260 -28.72 12.87 -52.65
C LYS E 260 -28.82 12.06 -51.34
N SER E 261 -30.06 11.69 -51.02
CA SER E 261 -30.35 11.05 -49.74
C SER E 261 -29.92 9.58 -49.69
N LYS E 262 -29.58 8.98 -50.84
CA LYS E 262 -29.28 7.56 -50.89
C LYS E 262 -28.34 7.29 -52.05
N THR E 263 -27.19 6.69 -51.76
CA THR E 263 -26.26 6.23 -52.77
C THR E 263 -25.93 4.76 -52.52
N LEU E 264 -25.66 4.04 -53.60
CA LEU E 264 -25.41 2.60 -53.55
C LEU E 264 -23.98 2.32 -53.99
N TYR E 265 -23.40 1.26 -53.44
CA TYR E 265 -21.96 1.09 -53.53
C TYR E 265 -21.61 0.40 -54.85
N SER E 266 -20.51 0.84 -55.46
CA SER E 266 -20.04 0.26 -56.71
C SER E 266 -18.53 0.37 -56.73
N VAL E 267 -17.88 -0.44 -57.58
CA VAL E 267 -16.43 -0.37 -57.67
C VAL E 267 -15.95 0.37 -58.92
N ARG E 268 -16.27 -0.10 -60.13
CA ARG E 268 -15.90 0.56 -61.39
C ARG E 268 -17.12 0.43 -62.31
N ASP E 269 -18.05 1.38 -62.18
CA ASP E 269 -19.30 1.43 -62.95
C ASP E 269 -20.09 0.12 -62.87
N ALA E 270 -20.10 -0.47 -61.68
CA ALA E 270 -20.63 -1.82 -61.50
C ALA E 270 -21.05 -1.97 -60.05
N ALA E 271 -22.36 -2.05 -59.81
CA ALA E 271 -22.91 -2.13 -58.46
C ALA E 271 -22.47 -3.41 -57.77
N ALA E 272 -22.31 -3.34 -56.45
CA ALA E 272 -21.72 -4.45 -55.73
C ALA E 272 -22.16 -4.41 -54.28
N ILE E 273 -21.89 -5.50 -53.57
CA ILE E 273 -22.16 -5.63 -52.15
C ILE E 273 -20.84 -5.54 -51.40
N HIS E 274 -20.88 -4.94 -50.21
CA HIS E 274 -19.70 -4.85 -49.35
C HIS E 274 -19.26 -6.22 -48.89
N SER E 275 -17.94 -6.39 -48.73
CA SER E 275 -17.38 -7.67 -48.32
C SER E 275 -17.78 -8.02 -46.88
N GLN E 276 -17.84 -7.02 -46.00
CA GLN E 276 -18.25 -7.29 -44.63
C GLN E 276 -19.72 -7.67 -44.52
N LYS E 277 -20.55 -7.27 -45.49
CA LYS E 277 -21.94 -7.72 -45.52
C LYS E 277 -22.01 -9.20 -45.88
N ILE E 278 -21.18 -9.64 -46.83
CA ILE E 278 -21.09 -11.06 -47.17
C ILE E 278 -20.56 -11.84 -45.97
N GLY E 279 -19.58 -11.28 -45.27
CA GLY E 279 -19.03 -11.95 -44.10
C GLY E 279 -20.02 -12.09 -42.97
N ASN E 280 -20.85 -11.06 -42.75
CA ASN E 280 -21.91 -11.16 -41.77
C ASN E 280 -22.99 -12.14 -42.21
N ALA E 281 -23.18 -12.31 -43.52
CA ALA E 281 -24.10 -13.32 -43.99
C ALA E 281 -23.57 -14.73 -43.73
N LEU E 282 -22.28 -14.97 -43.98
CA LEU E 282 -21.72 -16.28 -43.66
C LEU E 282 -21.62 -16.52 -42.16
N ARG E 283 -21.54 -15.47 -41.36
CA ARG E 283 -21.47 -15.67 -39.91
C ARG E 283 -22.82 -16.00 -39.27
N THR E 284 -23.92 -15.97 -40.03
CA THR E 284 -25.23 -16.21 -39.42
C THR E 284 -25.38 -17.73 -39.33
N ILE E 285 -24.81 -18.27 -38.25
CA ILE E 285 -24.85 -19.70 -37.97
C ILE E 285 -25.24 -19.92 -36.51
N ASP E 286 -25.25 -18.83 -35.73
CA ASP E 286 -25.41 -18.93 -34.28
C ASP E 286 -26.84 -19.27 -33.90
N THR E 287 -27.13 -20.56 -33.71
CA THR E 287 -28.42 -21.03 -33.24
C THR E 287 -28.41 -21.39 -31.76
N TRP E 288 -27.37 -20.99 -31.02
CA TRP E 288 -27.20 -21.43 -29.65
C TRP E 288 -27.34 -20.29 -28.64
N TYR E 289 -28.00 -19.21 -29.04
CA TYR E 289 -28.25 -18.11 -28.10
C TYR E 289 -29.30 -18.54 -27.08
N PRO E 290 -29.19 -18.04 -25.84
CA PRO E 290 -30.06 -18.55 -24.76
C PRO E 290 -31.55 -18.27 -24.92
N ASP E 291 -31.95 -17.34 -25.79
CA ASP E 291 -33.36 -17.12 -26.04
C ASP E 291 -33.90 -18.17 -27.01
N GLU E 292 -35.15 -18.00 -27.41
CA GLU E 292 -35.80 -18.98 -28.28
C GLU E 292 -35.23 -18.93 -29.69
N ASP E 293 -34.93 -20.10 -30.24
CA ASP E 293 -34.33 -20.22 -31.56
C ASP E 293 -35.35 -20.50 -32.65
N GLY E 294 -36.64 -20.28 -32.38
CA GLY E 294 -37.65 -20.39 -33.40
C GLY E 294 -37.58 -19.30 -34.45
N LEU E 295 -36.96 -18.17 -34.12
CA LEU E 295 -36.72 -17.13 -35.11
C LEU E 295 -35.74 -17.61 -36.18
N GLY E 296 -34.68 -18.29 -35.76
CA GLY E 296 -33.67 -18.77 -36.68
C GLY E 296 -32.27 -18.42 -36.21
N PRO E 297 -31.28 -18.69 -37.05
CA PRO E 297 -29.89 -18.36 -36.70
C PRO E 297 -29.65 -16.85 -36.71
N ILE E 298 -28.76 -16.41 -35.82
CA ILE E 298 -28.28 -15.04 -35.81
C ILE E 298 -26.80 -15.06 -36.16
N ALA E 299 -26.22 -13.87 -36.30
CA ALA E 299 -24.84 -13.75 -36.72
C ALA E 299 -23.88 -14.11 -35.59
N VAL E 300 -22.73 -14.64 -35.97
CA VAL E 300 -21.63 -14.83 -35.03
C VAL E 300 -21.06 -13.46 -34.67
N GLU E 301 -21.09 -13.12 -33.38
CA GLU E 301 -20.73 -11.82 -32.83
C GLU E 301 -20.71 -11.91 -31.31
N PRO E 302 -19.89 -11.11 -30.62
CA PRO E 302 -20.05 -10.98 -29.17
C PRO E 302 -21.37 -10.30 -28.84
N TYR E 303 -21.98 -10.75 -27.74
CA TYR E 303 -23.30 -10.30 -27.25
C TYR E 303 -24.41 -10.42 -28.30
N GLY E 304 -24.30 -11.40 -29.21
CA GLY E 304 -25.32 -11.85 -30.15
C GLY E 304 -26.23 -10.82 -30.80
N SER E 305 -25.67 -9.70 -31.21
CA SER E 305 -26.42 -8.48 -31.47
C SER E 305 -26.80 -8.38 -32.94
N VAL E 306 -28.08 -8.60 -33.23
CA VAL E 306 -28.63 -8.37 -34.56
C VAL E 306 -29.19 -6.95 -34.61
N THR E 307 -28.82 -6.20 -35.66
CA THR E 307 -29.22 -4.81 -35.74
C THR E 307 -30.64 -4.62 -36.25
N SER E 308 -31.22 -5.63 -36.90
CA SER E 308 -32.61 -5.52 -37.35
C SER E 308 -33.58 -5.60 -36.17
N GLN E 309 -33.35 -6.54 -35.26
CA GLN E 309 -34.19 -6.67 -34.08
C GLN E 309 -33.89 -5.61 -33.02
N GLY E 310 -32.67 -5.11 -32.98
CA GLY E 310 -32.29 -4.15 -31.94
C GLY E 310 -32.19 -4.73 -30.55
N LYS E 311 -32.21 -6.05 -30.43
CA LYS E 311 -32.20 -6.75 -29.15
C LYS E 311 -31.03 -7.73 -29.15
N ALA E 312 -30.25 -7.71 -28.07
CA ALA E 312 -29.09 -8.58 -27.94
C ALA E 312 -29.50 -9.88 -27.24
N TYR E 313 -29.49 -10.98 -27.99
CA TYR E 313 -29.38 -12.27 -27.34
C TYR E 313 -27.92 -12.48 -26.94
N ARG E 314 -27.69 -13.52 -26.12
CA ARG E 314 -26.41 -13.75 -25.43
C ARG E 314 -25.97 -12.53 -24.63
N GLN E 315 -26.87 -12.06 -23.75
CA GLN E 315 -26.54 -10.94 -22.89
C GLN E 315 -25.47 -11.36 -21.87
N PRO E 316 -24.62 -10.42 -21.45
CA PRO E 316 -23.65 -10.74 -20.38
C PRO E 316 -24.30 -11.01 -19.03
N LYS E 317 -25.55 -10.62 -18.82
CA LYS E 317 -26.27 -11.01 -17.60
C LYS E 317 -26.47 -12.52 -17.56
N GLN E 318 -26.82 -13.13 -18.69
CA GLN E 318 -27.04 -14.57 -18.75
C GLN E 318 -25.75 -15.37 -18.83
N LYS E 319 -24.60 -14.69 -18.97
CA LYS E 319 -23.27 -15.30 -19.07
C LYS E 319 -23.17 -16.27 -20.24
N LEU E 320 -23.79 -15.93 -21.36
CA LEU E 320 -23.69 -16.71 -22.58
C LEU E 320 -23.06 -15.94 -23.73
N ASP E 321 -22.38 -14.84 -23.44
CA ASP E 321 -21.69 -14.07 -24.47
C ASP E 321 -20.34 -14.71 -24.77
N PHE E 322 -19.59 -14.10 -25.69
CA PHE E 322 -18.31 -14.67 -26.10
C PHE E 322 -17.23 -14.47 -25.04
N TYR E 323 -17.22 -13.30 -24.39
CA TYR E 323 -16.11 -12.95 -23.52
C TYR E 323 -16.13 -13.75 -22.22
N THR E 324 -17.31 -13.90 -21.61
CA THR E 324 -17.42 -14.68 -20.37
C THR E 324 -17.13 -16.16 -20.63
N LEU E 325 -17.61 -16.69 -21.74
CA LEU E 325 -17.36 -18.09 -22.08
C LEU E 325 -15.88 -18.33 -22.39
N LEU E 326 -15.24 -17.39 -23.09
CA LEU E 326 -13.82 -17.52 -23.41
C LEU E 326 -12.96 -17.42 -22.16
N ASP E 327 -13.28 -16.49 -21.25
CA ASP E 327 -12.52 -16.37 -20.01
C ASP E 327 -12.71 -17.59 -19.12
N ASN E 328 -13.94 -18.11 -19.04
CA ASN E 328 -14.17 -19.33 -18.27
C ASN E 328 -13.48 -20.53 -18.89
N TRP E 329 -13.40 -20.57 -20.22
CA TRP E 329 -12.75 -21.68 -20.89
C TRP E 329 -11.25 -21.66 -20.71
N VAL E 330 -10.63 -20.48 -20.81
CA VAL E 330 -9.18 -20.39 -20.81
C VAL E 330 -8.61 -20.25 -19.41
N LEU E 331 -9.11 -19.29 -18.61
CA LEU E 331 -8.50 -19.04 -17.31
C LEU E 331 -8.94 -20.07 -16.27
N ARG E 332 -10.25 -20.16 -16.01
CA ARG E 332 -10.77 -21.05 -14.99
C ARG E 332 -10.89 -22.49 -15.47
N ASP E 333 -10.63 -22.75 -16.75
CA ASP E 333 -10.73 -24.07 -17.39
C ASP E 333 -12.13 -24.66 -17.26
N GLU E 334 -13.16 -23.79 -17.26
CA GLU E 334 -14.54 -24.22 -17.23
C GLU E 334 -15.01 -24.31 -18.68
N ALA E 335 -14.85 -25.49 -19.26
CA ALA E 335 -15.23 -25.69 -20.65
C ALA E 335 -16.75 -25.67 -20.77
N PRO E 336 -17.31 -24.82 -21.62
CA PRO E 336 -18.77 -24.70 -21.71
C PRO E 336 -19.41 -25.86 -22.45
N ALA E 337 -20.70 -25.72 -22.77
CA ALA E 337 -21.37 -26.68 -23.62
C ALA E 337 -20.73 -26.67 -25.01
N VAL E 338 -20.84 -27.80 -25.72
CA VAL E 338 -20.11 -28.04 -26.95
C VAL E 338 -20.55 -27.09 -28.06
N GLU E 339 -21.83 -26.74 -28.07
CA GLU E 339 -22.32 -25.73 -28.99
C GLU E 339 -21.79 -24.35 -28.63
N GLN E 340 -21.57 -24.09 -27.34
CA GLN E 340 -21.06 -22.80 -26.93
C GLN E 340 -19.58 -22.65 -27.26
N GLN E 341 -18.80 -23.74 -27.18
CA GLN E 341 -17.41 -23.64 -27.61
C GLN E 341 -17.31 -23.61 -29.13
N HIS E 342 -18.29 -24.20 -29.83
CA HIS E 342 -18.43 -23.97 -31.27
C HIS E 342 -18.63 -22.49 -31.56
N TYR E 343 -19.49 -21.84 -30.78
CA TYR E 343 -19.74 -20.40 -30.93
C TYR E 343 -18.50 -19.56 -30.62
N VAL E 344 -17.76 -19.95 -29.59
CA VAL E 344 -16.55 -19.21 -29.19
C VAL E 344 -15.48 -19.31 -30.27
N ILE E 345 -15.28 -20.51 -30.82
CA ILE E 345 -14.28 -20.67 -31.87
C ILE E 345 -14.75 -20.02 -33.17
N ALA E 346 -16.07 -19.96 -33.41
CA ALA E 346 -16.58 -19.22 -34.56
C ALA E 346 -16.36 -17.72 -34.40
N ASN E 347 -16.43 -17.21 -33.16
CA ASN E 347 -16.06 -15.81 -32.90
C ASN E 347 -14.58 -15.58 -33.15
N LEU E 348 -13.74 -16.55 -32.79
CA LEU E 348 -12.32 -16.43 -33.10
C LEU E 348 -12.05 -16.52 -34.60
N ILE E 349 -12.90 -17.25 -35.33
CA ILE E 349 -12.79 -17.33 -36.78
C ILE E 349 -13.17 -15.99 -37.42
N ARG E 350 -14.24 -15.36 -36.91
CA ARG E 350 -14.65 -14.06 -37.43
C ARG E 350 -13.69 -12.93 -37.07
N GLY E 351 -12.79 -13.13 -36.11
CA GLY E 351 -11.81 -12.14 -35.75
C GLY E 351 -12.38 -11.08 -34.83
N GLY E 352 -11.50 -10.24 -34.33
CA GLY E 352 -11.95 -9.14 -33.50
C GLY E 352 -10.80 -8.40 -32.86
N VAL E 353 -11.18 -7.43 -32.03
CA VAL E 353 -10.30 -6.57 -31.25
C VAL E 353 -10.59 -6.91 -29.80
N PHE E 354 -10.77 -8.21 -29.53
CA PHE E 354 -10.97 -8.70 -28.17
C PHE E 354 -9.82 -8.29 -27.26
N GLY E 355 -10.09 -8.23 -25.98
CA GLY E 355 -9.19 -7.57 -25.05
C GLY E 355 -9.78 -6.26 -24.59
N GLU E 356 -8.95 -5.47 -23.91
CA GLU E 356 -9.42 -4.25 -23.28
C GLU E 356 -9.72 -3.19 -24.33
N ALA E 357 -10.92 -2.61 -24.26
CA ALA E 357 -11.29 -1.50 -25.13
C ALA E 357 -12.26 -0.56 -24.41
N ILE F 23 40.36 6.28 -20.55
CA ILE F 23 39.65 5.15 -19.97
C ILE F 23 38.80 4.49 -21.05
N LEU F 24 38.72 5.16 -22.21
CA LEU F 24 37.99 4.72 -23.41
C LEU F 24 36.51 4.48 -23.09
N SER F 25 35.83 5.57 -22.79
CA SER F 25 34.39 5.55 -22.57
C SER F 25 33.65 5.56 -23.90
N THR F 26 32.34 5.34 -23.82
CA THR F 26 31.50 5.37 -25.01
C THR F 26 31.28 6.81 -25.46
N ALA F 27 31.20 7.01 -26.78
CA ALA F 27 30.89 8.33 -27.32
C ALA F 27 29.44 8.70 -27.01
N SER F 28 29.22 9.97 -26.69
CA SER F 28 27.88 10.44 -26.37
C SER F 28 26.98 10.45 -27.61
N VAL F 29 27.53 10.85 -28.76
CA VAL F 29 26.78 10.84 -30.01
C VAL F 29 27.35 9.72 -30.87
N LEU F 30 26.51 8.73 -31.19
CA LEU F 30 26.92 7.59 -32.00
C LEU F 30 25.83 7.27 -33.02
N ALA F 31 25.40 8.29 -33.76
CA ALA F 31 24.43 8.08 -34.82
C ALA F 31 25.04 7.31 -35.98
N PHE F 32 24.27 6.37 -36.52
CA PHE F 32 24.70 5.55 -37.64
C PHE F 32 23.69 5.68 -38.78
N GLU F 33 24.18 5.77 -40.00
CA GLU F 33 23.31 5.71 -41.15
C GLU F 33 22.90 4.26 -41.40
N ARG F 34 21.72 4.08 -41.98
CA ARG F 34 21.24 2.74 -42.28
C ARG F 34 21.86 2.24 -43.58
N LYS F 35 22.30 1.00 -43.58
CA LYS F 35 22.56 0.30 -44.82
C LYS F 35 21.28 -0.45 -45.21
N LEU F 36 21.28 -0.96 -46.45
CA LEU F 36 20.15 -1.65 -47.07
C LEU F 36 18.90 -0.76 -47.08
N ASP F 37 18.99 0.32 -47.85
CA ASP F 37 17.89 1.28 -47.91
C ASP F 37 16.84 0.81 -48.91
N PRO F 38 15.61 0.54 -48.49
CA PRO F 38 14.58 0.14 -49.45
C PRO F 38 13.72 1.30 -49.93
N SER F 39 13.29 1.25 -51.20
CA SER F 39 12.35 2.23 -51.70
C SER F 39 10.94 1.86 -51.26
N ASP F 40 10.00 2.77 -51.52
CA ASP F 40 8.61 2.50 -51.23
C ASP F 40 8.07 1.42 -52.17
N ALA F 41 7.36 0.44 -51.61
CA ALA F 41 6.99 -0.77 -52.33
C ALA F 41 5.64 -0.57 -53.00
N LEU F 42 5.66 -0.31 -54.31
CA LEU F 42 4.45 0.01 -55.04
C LEU F 42 3.61 -1.24 -55.29
N MET F 43 2.32 -1.16 -54.99
CA MET F 43 1.39 -2.26 -55.21
C MET F 43 0.66 -2.06 -56.53
N SER F 44 0.63 -3.11 -57.35
CA SER F 44 -0.19 -3.15 -58.55
C SER F 44 -1.04 -4.41 -58.52
N ALA F 45 -1.85 -4.58 -59.56
CA ALA F 45 -2.79 -5.69 -59.63
C ALA F 45 -2.66 -6.39 -60.98
N GLY F 46 -2.79 -7.71 -60.97
CA GLY F 46 -2.64 -8.46 -62.19
C GLY F 46 -3.04 -9.91 -62.01
N ALA F 47 -2.68 -10.72 -63.00
CA ALA F 47 -3.04 -12.12 -63.04
C ALA F 47 -1.79 -13.00 -63.06
N TRP F 48 -1.93 -14.21 -62.52
CA TRP F 48 -0.86 -15.19 -62.55
C TRP F 48 -0.57 -15.63 -63.98
N ALA F 49 0.68 -16.03 -64.21
CA ALA F 49 1.31 -16.43 -65.48
C ALA F 49 1.46 -15.28 -66.47
N GLN F 50 0.99 -14.08 -66.14
CA GLN F 50 1.31 -12.87 -66.88
C GLN F 50 2.37 -12.05 -66.16
N ARG F 51 3.02 -12.62 -65.16
CA ARG F 51 4.02 -11.92 -64.37
C ARG F 51 5.35 -11.75 -65.10
N ASP F 52 5.56 -12.45 -66.22
CA ASP F 52 6.74 -12.21 -67.05
C ASP F 52 6.63 -10.93 -67.87
N ALA F 53 5.43 -10.35 -67.95
CA ALA F 53 5.17 -9.10 -68.65
C ALA F 53 4.31 -8.19 -67.78
N SER F 54 4.72 -8.00 -66.53
CA SER F 54 3.96 -7.22 -65.55
C SER F 54 4.42 -5.77 -65.47
N GLN F 55 4.93 -5.22 -66.56
CA GLN F 55 5.44 -3.85 -66.58
C GLN F 55 4.38 -2.83 -66.96
N GLU F 56 3.15 -3.27 -67.27
CA GLU F 56 2.07 -2.36 -67.63
C GLU F 56 0.87 -2.48 -66.68
N TRP F 57 1.01 -3.29 -65.63
CA TRP F 57 -0.11 -3.67 -64.76
C TRP F 57 -0.72 -2.46 -64.06
N PRO F 58 -2.05 -2.36 -64.01
CA PRO F 58 -2.68 -1.24 -63.31
C PRO F 58 -2.45 -1.31 -61.82
N ALA F 59 -2.22 -0.15 -61.22
CA ALA F 59 -1.88 -0.08 -59.81
C ALA F 59 -3.10 -0.30 -58.94
N VAL F 60 -2.86 -0.84 -57.75
CA VAL F 60 -3.92 -1.00 -56.77
C VAL F 60 -4.28 0.37 -56.23
N THR F 61 -5.55 0.74 -56.35
CA THR F 61 -6.02 2.07 -55.96
C THR F 61 -6.71 1.99 -54.62
N VAL F 62 -6.33 2.91 -53.71
CA VAL F 62 -6.92 2.97 -52.38
C VAL F 62 -8.30 3.58 -52.53
N ARG F 63 -9.34 2.73 -52.53
CA ARG F 63 -10.70 3.19 -52.65
C ARG F 63 -11.33 3.33 -51.27
N GLU F 64 -12.62 3.63 -51.23
CA GLU F 64 -13.33 3.85 -49.98
C GLU F 64 -14.58 2.98 -49.93
N LYS F 65 -14.90 2.49 -48.73
CA LYS F 65 -16.15 1.76 -48.57
C LYS F 65 -16.72 2.06 -47.18
N SER F 66 -18.04 1.96 -47.07
CA SER F 66 -18.72 2.28 -45.82
C SER F 66 -18.92 1.01 -44.99
N VAL F 67 -18.70 1.12 -43.69
CA VAL F 67 -18.86 0.02 -42.76
C VAL F 67 -19.83 0.43 -41.66
N ARG F 68 -20.78 -0.45 -41.37
CA ARG F 68 -21.69 -0.29 -40.25
C ARG F 68 -21.37 -1.37 -39.22
N GLY F 69 -21.19 -0.96 -37.96
CA GLY F 69 -20.79 -1.89 -36.93
C GLY F 69 -21.68 -1.80 -35.71
N THR F 70 -21.83 -2.94 -35.06
CA THR F 70 -22.48 -3.04 -33.76
C THR F 70 -21.40 -3.15 -32.68
N ILE F 71 -21.82 -3.42 -31.45
CA ILE F 71 -20.89 -3.47 -30.32
C ILE F 71 -20.17 -4.82 -30.34
N SER F 72 -18.84 -4.79 -30.37
CA SER F 72 -18.06 -6.01 -30.38
C SER F 72 -16.85 -5.95 -29.45
N ASN F 73 -16.76 -4.94 -28.60
CA ASN F 73 -15.66 -4.80 -27.66
C ASN F 73 -16.09 -5.21 -26.26
N ARG F 74 -15.10 -5.39 -25.39
CA ARG F 74 -15.40 -5.73 -23.99
C ARG F 74 -16.01 -4.53 -23.27
N LEU F 75 -17.12 -4.76 -22.61
CA LEU F 75 -17.81 -3.71 -21.88
C LEU F 75 -17.28 -3.63 -20.46
N LYS F 76 -17.14 -2.41 -19.95
CA LYS F 76 -16.54 -2.18 -18.64
C LYS F 76 -17.58 -2.20 -17.52
N THR F 77 -18.40 -3.26 -17.49
CA THR F 77 -19.32 -3.67 -16.41
C THR F 77 -20.47 -2.69 -16.19
N LYS F 78 -20.47 -1.56 -16.91
CA LYS F 78 -21.57 -0.60 -16.85
C LYS F 78 -22.37 -0.54 -18.13
N ASP F 79 -21.78 -0.93 -19.25
CA ASP F 79 -22.49 -1.08 -20.52
C ASP F 79 -23.09 -2.46 -20.68
N ARG F 80 -22.93 -3.34 -19.69
CA ARG F 80 -23.41 -4.72 -19.75
C ARG F 80 -24.88 -4.85 -19.41
N ASP F 81 -25.56 -3.76 -19.04
CA ASP F 81 -26.99 -3.80 -18.83
C ASP F 81 -27.70 -4.03 -20.17
N PRO F 82 -28.76 -4.85 -20.20
CA PRO F 82 -29.49 -5.11 -21.46
C PRO F 82 -30.02 -3.86 -22.15
N ALA F 83 -30.56 -2.89 -21.41
CA ALA F 83 -31.13 -1.70 -22.02
C ALA F 83 -30.05 -0.80 -22.59
N LYS F 84 -28.95 -0.63 -21.85
CA LYS F 84 -27.84 0.18 -22.32
C LYS F 84 -27.15 -0.45 -23.53
N LEU F 85 -26.99 -1.78 -23.50
CA LEU F 85 -26.41 -2.49 -24.63
C LEU F 85 -27.29 -2.40 -25.86
N ASP F 86 -28.61 -2.54 -25.69
CA ASP F 86 -29.52 -2.43 -26.84
C ASP F 86 -29.60 -1.01 -27.38
N ALA F 87 -29.48 0.00 -26.50
CA ALA F 87 -29.40 1.38 -26.96
C ALA F 87 -28.12 1.63 -27.74
N SER F 88 -27.01 0.99 -27.31
CA SER F 88 -25.78 1.08 -28.08
C SER F 88 -25.88 0.33 -29.41
N ILE F 89 -26.67 -0.74 -29.47
CA ILE F 89 -26.89 -1.45 -30.72
C ILE F 89 -27.70 -0.59 -31.70
N GLN F 90 -28.73 0.09 -31.20
CA GLN F 90 -29.57 0.94 -32.04
C GLN F 90 -28.86 2.18 -32.55
N SER F 91 -27.67 2.52 -32.03
CA SER F 91 -26.81 3.56 -32.57
C SER F 91 -25.53 2.89 -33.06
N PRO F 92 -25.54 2.37 -34.28
CA PRO F 92 -24.34 1.70 -34.81
C PRO F 92 -23.26 2.70 -35.14
N ASN F 93 -22.00 2.23 -35.12
CA ASN F 93 -20.92 3.17 -35.43
C ASN F 93 -20.61 3.07 -36.92
N LEU F 94 -21.10 4.06 -37.66
CA LEU F 94 -20.87 4.12 -39.10
C LEU F 94 -19.53 4.77 -39.38
N GLN F 95 -18.74 4.13 -40.23
CA GLN F 95 -17.44 4.66 -40.61
C GLN F 95 -17.25 4.51 -42.10
N THR F 96 -16.27 5.22 -42.63
CA THR F 96 -15.75 4.99 -43.97
C THR F 96 -14.31 4.51 -43.83
N VAL F 97 -13.97 3.43 -44.52
CA VAL F 97 -12.64 2.85 -44.42
C VAL F 97 -12.00 2.85 -45.80
N ASP F 98 -10.74 3.27 -45.82
CA ASP F 98 -9.93 3.09 -47.01
C ASP F 98 -9.63 1.61 -47.19
N VAL F 99 -9.94 1.10 -48.37
CA VAL F 99 -9.82 -0.32 -48.66
C VAL F 99 -9.00 -0.49 -49.94
N ALA F 100 -8.22 -1.57 -49.98
CA ALA F 100 -7.39 -1.90 -51.14
C ALA F 100 -7.77 -3.30 -51.59
N ASN F 101 -8.44 -3.40 -52.72
CA ASN F 101 -8.88 -4.67 -53.26
C ASN F 101 -8.40 -4.79 -54.70
N LEU F 102 -8.12 -6.01 -55.11
CA LEU F 102 -7.83 -6.28 -56.50
C LEU F 102 -9.12 -6.20 -57.32
N PRO F 103 -9.00 -5.96 -58.63
CA PRO F 103 -10.16 -6.12 -59.50
C PRO F 103 -10.59 -7.58 -59.59
N SER F 104 -11.83 -7.78 -60.04
CA SER F 104 -12.42 -9.12 -60.06
C SER F 104 -11.77 -10.05 -61.06
N ASP F 105 -11.03 -9.53 -62.03
CA ASP F 105 -10.27 -10.34 -62.96
C ASP F 105 -8.79 -10.44 -62.58
N ALA F 106 -8.40 -9.88 -61.45
CA ALA F 106 -7.01 -9.87 -61.01
C ALA F 106 -6.89 -10.60 -59.68
N ASP F 107 -6.00 -11.60 -59.63
CA ASP F 107 -5.74 -12.33 -58.39
C ASP F 107 -4.33 -12.13 -57.87
N THR F 108 -3.40 -11.64 -58.69
CA THR F 108 -2.00 -11.51 -58.33
C THR F 108 -1.71 -10.09 -57.88
N LEU F 109 -1.06 -9.95 -56.74
CA LEU F 109 -0.59 -8.65 -56.25
C LEU F 109 0.91 -8.55 -56.48
N LYS F 110 1.32 -7.51 -57.21
CA LYS F 110 2.72 -7.26 -57.50
C LYS F 110 3.24 -6.16 -56.59
N VAL F 111 4.42 -6.38 -56.00
CA VAL F 111 5.06 -5.39 -55.14
C VAL F 111 6.49 -5.21 -55.63
N ARG F 112 6.84 -3.97 -55.95
CA ARG F 112 8.16 -3.66 -56.50
C ARG F 112 8.86 -2.63 -55.64
N PHE F 113 10.08 -2.95 -55.22
CA PHE F 113 10.90 -1.98 -54.50
C PHE F 113 12.36 -2.19 -54.85
N THR F 114 13.15 -1.12 -54.75
CA THR F 114 14.58 -1.17 -54.96
C THR F 114 15.30 -1.08 -53.63
N LEU F 115 16.35 -1.89 -53.48
CA LEU F 115 17.15 -1.94 -52.27
C LEU F 115 18.58 -1.58 -52.62
N ARG F 116 19.13 -0.61 -51.90
CA ARG F 116 20.46 -0.08 -52.14
C ARG F 116 21.36 -0.48 -50.98
N VAL F 117 22.37 -1.29 -51.25
CA VAL F 117 23.32 -1.73 -50.23
C VAL F 117 24.52 -0.79 -50.29
N LEU F 118 24.83 -0.14 -49.18
CA LEU F 118 25.80 0.95 -49.15
C LEU F 118 27.19 0.51 -48.74
N GLY F 119 27.32 -0.07 -47.55
CA GLY F 119 28.62 -0.40 -47.00
C GLY F 119 29.13 0.67 -46.07
N GLY F 120 30.29 0.38 -45.48
CA GLY F 120 30.83 1.25 -44.45
C GLY F 120 30.01 1.26 -43.19
N ALA F 121 29.52 0.09 -42.76
CA ALA F 121 28.67 0.00 -41.57
C ALA F 121 29.45 0.22 -40.28
N GLY F 122 30.78 0.03 -40.31
CA GLY F 122 31.56 0.31 -39.13
C GLY F 122 31.65 1.79 -38.80
N THR F 123 31.76 2.62 -39.81
CA THR F 123 31.98 4.06 -39.61
C THR F 123 30.69 4.73 -39.15
N PRO F 124 30.68 5.39 -37.99
CA PRO F 124 29.48 6.13 -37.59
C PRO F 124 29.33 7.42 -38.38
N SER F 125 28.10 7.89 -38.48
CA SER F 125 27.85 9.20 -39.07
C SER F 125 28.34 10.31 -38.15
N ALA F 126 28.16 10.14 -36.85
CA ALA F 126 28.59 11.11 -35.86
C ALA F 126 29.28 10.38 -34.72
N CYS F 127 30.41 10.89 -34.27
CA CYS F 127 31.14 10.29 -33.15
C CYS F 127 31.89 11.38 -32.41
N ASN F 128 31.56 11.56 -31.13
CA ASN F 128 32.20 12.60 -30.32
C ASN F 128 33.66 12.25 -30.02
N ASP F 129 33.89 11.00 -29.64
CA ASP F 129 35.20 10.53 -29.26
C ASP F 129 35.94 9.91 -30.44
N ALA F 130 36.99 10.58 -30.89
CA ALA F 130 37.89 10.02 -31.88
C ALA F 130 38.35 8.62 -31.48
N ALA F 131 39.00 8.52 -30.33
CA ALA F 131 39.62 7.25 -29.93
C ALA F 131 38.58 6.14 -29.88
N TYR F 132 37.36 6.47 -29.46
CA TYR F 132 36.26 5.52 -29.50
C TYR F 132 35.91 5.16 -30.93
N ARG F 133 35.96 6.13 -31.84
CA ARG F 133 35.71 5.85 -33.26
C ARG F 133 36.77 4.92 -33.83
N ASP F 134 38.04 5.14 -33.47
CA ASP F 134 39.12 4.27 -33.91
C ASP F 134 38.98 2.87 -33.32
N LYS F 135 38.57 2.77 -32.05
CA LYS F 135 38.39 1.47 -31.42
C LYS F 135 37.21 0.72 -32.01
N LEU F 136 36.12 1.40 -32.31
CA LEU F 136 34.96 0.75 -32.92
C LEU F 136 35.26 0.33 -34.35
N LEU F 137 36.03 1.13 -35.08
CA LEU F 137 36.46 0.76 -36.41
C LEU F 137 37.39 -0.45 -36.37
N GLN F 138 38.29 -0.51 -35.38
CA GLN F 138 39.15 -1.66 -35.23
C GLN F 138 38.36 -2.90 -34.82
N THR F 139 37.31 -2.73 -34.02
CA THR F 139 36.46 -3.85 -33.63
C THR F 139 35.70 -4.42 -34.82
N VAL F 140 35.13 -3.54 -35.66
CA VAL F 140 34.44 -3.99 -36.87
C VAL F 140 35.44 -4.61 -37.86
N ALA F 141 36.65 -4.05 -37.94
CA ALA F 141 37.67 -4.59 -38.83
C ALA F 141 38.13 -5.97 -38.38
N THR F 142 38.30 -6.17 -37.08
CA THR F 142 38.67 -7.50 -36.57
C THR F 142 37.52 -8.48 -36.68
N TYR F 143 36.26 -7.99 -36.63
CA TYR F 143 35.12 -8.82 -36.95
C TYR F 143 35.19 -9.33 -38.38
N VAL F 144 35.37 -8.41 -39.33
CA VAL F 144 35.38 -8.76 -40.76
C VAL F 144 36.58 -9.64 -41.10
N ASN F 145 37.72 -9.41 -40.44
CA ASN F 145 38.87 -10.28 -40.58
C ASN F 145 38.60 -11.67 -39.99
N ASP F 146 37.81 -11.74 -38.91
CA ASP F 146 37.40 -13.04 -38.39
C ASP F 146 36.36 -13.67 -39.30
N GLN F 147 35.20 -13.04 -39.44
CA GLN F 147 34.18 -13.48 -40.38
C GLN F 147 33.55 -12.25 -41.03
N GLY F 148 33.54 -12.23 -42.36
CA GLY F 148 33.05 -11.06 -43.08
C GLY F 148 31.55 -10.94 -43.00
N PHE F 149 31.01 -10.01 -43.79
CA PHE F 149 29.57 -9.85 -43.87
C PHE F 149 28.96 -11.01 -44.66
N ALA F 150 28.96 -12.21 -44.09
CA ALA F 150 28.59 -13.41 -44.82
C ALA F 150 27.38 -14.13 -44.21
N GLU F 151 27.34 -14.25 -42.88
CA GLU F 151 26.14 -14.78 -42.24
C GLU F 151 25.00 -13.78 -42.28
N LEU F 152 25.30 -12.52 -42.00
CA LEU F 152 24.29 -11.46 -42.04
C LEU F 152 23.78 -11.24 -43.45
N ALA F 153 24.66 -11.27 -44.45
CA ALA F 153 24.22 -11.13 -45.83
C ALA F 153 23.44 -12.34 -46.30
N ARG F 154 23.77 -13.54 -45.80
CA ARG F 154 22.97 -14.73 -46.12
C ARG F 154 21.58 -14.63 -45.54
N ARG F 155 21.47 -14.14 -44.30
CA ARG F 155 20.15 -14.03 -43.67
C ARG F 155 19.34 -12.90 -44.29
N TYR F 156 19.99 -11.79 -44.64
CA TYR F 156 19.32 -10.70 -45.35
C TYR F 156 18.88 -11.15 -46.74
N ALA F 157 19.69 -11.97 -47.41
CA ALA F 157 19.32 -12.53 -48.71
C ALA F 157 18.16 -13.52 -48.58
N HIS F 158 18.11 -14.25 -47.46
CA HIS F 158 16.94 -15.11 -47.21
C HIS F 158 15.68 -14.28 -47.02
N ASN F 159 15.78 -13.17 -46.29
CA ASN F 159 14.64 -12.27 -46.15
C ASN F 159 14.31 -11.55 -47.46
N LEU F 160 15.27 -11.43 -48.37
CA LEU F 160 14.98 -10.98 -49.73
C LEU F 160 14.22 -12.06 -50.50
N ALA F 161 14.62 -13.32 -50.34
CA ALA F 161 14.09 -14.40 -51.16
C ALA F 161 12.64 -14.73 -50.80
N ASN F 162 12.36 -14.89 -49.51
CA ASN F 162 10.97 -14.98 -49.07
C ASN F 162 10.38 -13.58 -49.03
N ALA F 163 9.07 -13.49 -49.27
CA ALA F 163 8.40 -12.20 -49.31
C ALA F 163 7.88 -11.84 -47.91
N ARG F 164 8.83 -11.68 -46.99
CA ARG F 164 8.50 -11.19 -45.66
C ARG F 164 8.07 -9.73 -45.69
N PHE F 165 8.48 -8.99 -46.72
CA PHE F 165 7.98 -7.63 -46.94
C PHE F 165 6.52 -7.62 -47.37
N LEU F 166 5.99 -8.76 -47.82
CA LEU F 166 4.55 -8.94 -48.00
C LEU F 166 3.99 -9.45 -46.69
N TRP F 167 3.68 -8.50 -45.80
CA TRP F 167 3.35 -8.82 -44.41
C TRP F 167 2.07 -9.61 -44.24
N ARG F 168 0.93 -9.02 -44.58
CA ARG F 168 -0.34 -9.74 -44.52
C ARG F 168 -0.80 -10.21 -45.88
N ASN F 169 -0.03 -9.93 -46.93
CA ASN F 169 -0.30 -10.47 -48.26
C ASN F 169 0.46 -11.77 -48.50
N ARG F 170 0.82 -12.48 -47.43
CA ARG F 170 1.43 -13.80 -47.51
C ARG F 170 0.82 -14.80 -46.54
N VAL F 171 0.03 -14.35 -45.57
CA VAL F 171 -0.57 -15.25 -44.59
C VAL F 171 -1.70 -16.08 -45.18
N GLY F 172 -2.22 -15.68 -46.34
CA GLY F 172 -3.26 -16.45 -47.00
C GLY F 172 -3.01 -16.58 -48.48
N ALA F 173 -1.77 -16.33 -48.90
CA ALA F 173 -1.41 -16.43 -50.30
C ALA F 173 -1.19 -17.88 -50.69
N GLU F 174 -1.71 -18.25 -51.86
CA GLU F 174 -1.57 -19.63 -52.33
C GLU F 174 -0.15 -19.89 -52.84
N ALA F 175 0.42 -18.96 -53.59
CA ALA F 175 1.77 -19.10 -54.12
C ALA F 175 2.40 -17.72 -54.25
N VAL F 176 3.62 -17.58 -53.72
CA VAL F 176 4.36 -16.32 -53.76
C VAL F 176 5.67 -16.54 -54.50
N GLU F 177 6.04 -15.58 -55.34
CA GLU F 177 7.25 -15.64 -56.14
C GLU F 177 7.97 -14.30 -56.08
N VAL F 178 9.30 -14.34 -55.93
CA VAL F 178 10.13 -13.16 -55.79
C VAL F 178 11.22 -13.18 -56.86
N ARG F 179 11.31 -12.10 -57.64
CA ARG F 179 12.36 -11.92 -58.65
C ARG F 179 13.22 -10.74 -58.26
N ILE F 180 14.53 -10.97 -58.18
CA ILE F 180 15.50 -9.96 -57.77
C ILE F 180 16.50 -9.76 -58.89
N ASN F 181 16.63 -8.52 -59.36
CA ASN F 181 17.55 -8.17 -60.44
C ASN F 181 18.64 -7.24 -59.92
N HIS F 182 19.87 -7.47 -60.37
CA HIS F 182 21.00 -6.62 -60.01
C HIS F 182 21.12 -5.53 -61.08
N ILE F 183 20.72 -4.31 -60.72
CA ILE F 183 20.67 -3.20 -61.68
C ILE F 183 22.01 -2.47 -61.57
N ARG F 184 22.96 -2.83 -62.43
CA ARG F 184 24.29 -2.23 -62.33
C ARG F 184 24.36 -0.87 -63.02
N GLN F 185 24.34 -0.85 -64.35
CA GLN F 185 24.28 0.39 -65.11
C GLN F 185 22.89 0.64 -65.69
N GLY F 186 21.86 0.62 -64.86
CA GLY F 186 20.51 0.76 -65.36
C GLY F 186 19.99 -0.45 -66.10
N GLU F 187 20.67 -1.58 -66.02
CA GLU F 187 20.30 -2.79 -66.73
C GLU F 187 20.55 -3.99 -65.82
N VAL F 188 19.89 -5.09 -66.15
CA VAL F 188 19.94 -6.28 -65.29
C VAL F 188 21.31 -6.93 -65.49
N ALA F 189 22.13 -6.93 -64.44
CA ALA F 189 23.42 -7.61 -64.50
C ALA F 189 23.31 -9.07 -64.11
N ARG F 190 22.36 -9.41 -63.23
CA ARG F 190 22.16 -10.78 -62.81
C ARG F 190 20.72 -10.92 -62.30
N ALA F 191 20.04 -11.97 -62.75
CA ALA F 191 18.64 -12.20 -62.40
C ALA F 191 18.54 -13.40 -61.47
N TRP F 192 17.65 -13.31 -60.49
CA TRP F 192 17.35 -14.40 -59.58
C TRP F 192 15.84 -14.55 -59.48
N ARG F 193 15.35 -15.78 -59.53
CA ARG F 193 13.94 -16.08 -59.29
C ARG F 193 13.86 -17.09 -58.17
N PHE F 194 12.89 -16.89 -57.26
CA PHE F 194 12.81 -17.68 -56.05
C PHE F 194 11.37 -18.15 -55.84
N ASP F 195 11.19 -18.97 -54.81
CA ASP F 195 9.87 -19.36 -54.33
C ASP F 195 9.79 -18.95 -52.87
N ALA F 196 8.93 -17.98 -52.57
CA ALA F 196 8.87 -17.41 -51.23
C ALA F 196 8.18 -18.33 -50.23
N LEU F 197 7.45 -19.35 -50.71
CA LEU F 197 6.81 -20.30 -49.81
C LEU F 197 7.70 -21.50 -49.50
N ALA F 198 8.57 -21.90 -50.43
CA ALA F 198 9.52 -22.96 -50.16
C ALA F 198 10.58 -22.50 -49.17
N ILE F 199 11.13 -21.31 -49.39
CA ILE F 199 12.05 -20.68 -48.44
C ILE F 199 11.20 -20.05 -47.34
N GLY F 200 11.07 -20.75 -46.22
CA GLY F 200 10.15 -20.33 -45.19
C GLY F 200 10.64 -19.15 -44.40
N LEU F 201 9.79 -18.71 -43.47
CA LEU F 201 10.10 -17.61 -42.56
C LEU F 201 10.72 -18.09 -41.26
N ARG F 202 11.23 -19.32 -41.22
CA ARG F 202 11.74 -19.90 -39.99
C ARG F 202 13.16 -20.40 -40.12
N ASP F 203 13.51 -20.98 -41.27
CA ASP F 203 14.77 -21.69 -41.46
C ASP F 203 15.71 -20.89 -42.35
N PHE F 204 16.95 -20.74 -41.91
CA PHE F 204 18.01 -20.12 -42.72
C PHE F 204 18.88 -21.24 -43.29
N LYS F 205 18.40 -21.83 -44.38
CA LYS F 205 19.09 -22.95 -45.02
C LYS F 205 20.12 -22.42 -46.02
N ALA F 206 20.63 -23.30 -46.88
CA ALA F 206 21.63 -22.95 -47.88
C ALA F 206 21.12 -23.28 -49.27
N ASP F 207 21.34 -22.36 -50.21
CA ASP F 207 20.97 -22.54 -51.60
C ASP F 207 21.98 -21.79 -52.45
N ALA F 208 22.19 -22.27 -53.68
CA ALA F 208 23.23 -21.71 -54.54
C ALA F 208 22.90 -20.30 -55.01
N GLU F 209 21.66 -20.08 -55.47
CA GLU F 209 21.23 -18.73 -55.85
C GLU F 209 21.15 -17.82 -54.63
N LEU F 210 20.72 -18.38 -53.49
CA LEU F 210 20.72 -17.64 -52.24
C LEU F 210 22.13 -17.28 -51.81
N ASP F 211 23.09 -18.19 -52.03
CA ASP F 211 24.48 -17.87 -51.72
C ASP F 211 25.05 -16.81 -52.66
N ALA F 212 24.66 -16.84 -53.93
CA ALA F 212 25.13 -15.82 -54.87
C ALA F 212 24.59 -14.43 -54.51
N LEU F 213 23.30 -14.38 -54.13
CA LEU F 213 22.74 -13.13 -53.61
C LEU F 213 23.41 -12.74 -52.29
N ALA F 214 23.82 -13.72 -51.49
CA ALA F 214 24.54 -13.43 -50.25
C ALA F 214 25.91 -12.82 -50.52
N GLU F 215 26.64 -13.32 -51.53
CA GLU F 215 27.92 -12.66 -51.86
C GLU F 215 27.71 -11.30 -52.51
N LEU F 216 26.60 -11.09 -53.21
CA LEU F 216 26.33 -9.75 -53.74
C LEU F 216 26.06 -8.75 -52.62
N ILE F 217 25.24 -9.14 -51.64
CA ILE F 217 25.00 -8.29 -50.48
C ILE F 217 26.27 -8.15 -49.64
N ALA F 218 27.12 -9.19 -49.64
CA ALA F 218 28.41 -9.12 -48.94
C ALA F 218 29.33 -8.10 -49.56
N SER F 219 29.42 -8.08 -50.90
CA SER F 219 30.23 -7.07 -51.59
C SER F 219 29.65 -5.67 -51.42
N GLY F 220 28.32 -5.57 -51.34
CA GLY F 220 27.72 -4.28 -51.04
C GLY F 220 28.03 -3.78 -49.64
N LEU F 221 27.94 -4.67 -48.65
CA LEU F 221 28.11 -4.30 -47.25
C LEU F 221 29.57 -4.08 -46.89
N SER F 222 30.50 -4.79 -47.53
CA SER F 222 31.92 -4.58 -47.24
C SER F 222 32.41 -3.28 -47.83
N GLY F 223 32.00 -2.97 -49.06
CA GLY F 223 32.48 -1.80 -49.75
C GLY F 223 33.18 -2.16 -51.04
N SER F 224 33.02 -3.41 -51.48
CA SER F 224 33.66 -3.86 -52.70
C SER F 224 33.04 -3.23 -53.93
N GLY F 225 31.72 -3.05 -53.93
CA GLY F 225 31.05 -2.48 -55.08
C GLY F 225 29.72 -1.89 -54.69
N HIS F 226 29.05 -1.32 -55.70
CA HIS F 226 27.72 -0.73 -55.52
C HIS F 226 26.66 -1.75 -55.89
N VAL F 227 25.68 -1.94 -55.00
CA VAL F 227 24.64 -2.95 -55.18
C VAL F 227 23.28 -2.28 -55.13
N LEU F 228 22.54 -2.39 -56.23
CA LEU F 228 21.14 -1.99 -56.31
C LEU F 228 20.33 -3.17 -56.82
N LEU F 229 19.30 -3.54 -56.08
CA LEU F 229 18.49 -4.71 -56.37
C LEU F 229 17.04 -4.29 -56.60
N GLU F 230 16.47 -4.68 -57.73
CA GLU F 230 15.06 -4.48 -58.00
C GLU F 230 14.32 -5.76 -57.63
N VAL F 231 13.40 -5.66 -56.67
CA VAL F 231 12.72 -6.81 -56.09
C VAL F 231 11.25 -6.71 -56.46
N VAL F 232 10.73 -7.75 -57.13
CA VAL F 232 9.36 -7.83 -57.57
C VAL F 232 8.73 -9.06 -56.94
N ALA F 233 7.53 -8.91 -56.38
CA ALA F 233 6.84 -9.97 -55.66
C ALA F 233 5.46 -10.18 -56.24
N PHE F 234 5.07 -11.45 -56.36
CA PHE F 234 3.77 -11.85 -56.89
C PHE F 234 3.12 -12.82 -55.91
N ALA F 235 1.88 -12.54 -55.53
CA ALA F 235 1.19 -13.34 -54.52
C ALA F 235 -0.16 -13.80 -55.05
N ARG F 236 -0.43 -15.10 -54.93
CA ARG F 236 -1.72 -15.68 -55.29
C ARG F 236 -2.69 -15.50 -54.13
N ILE F 237 -3.23 -14.29 -54.02
CA ILE F 237 -4.24 -14.04 -52.99
C ILE F 237 -5.59 -14.55 -53.42
N GLY F 238 -6.13 -13.99 -54.49
CA GLY F 238 -7.44 -14.36 -54.98
C GLY F 238 -8.06 -13.24 -55.78
N ASP F 239 -9.04 -13.61 -56.61
CA ASP F 239 -9.67 -12.66 -57.53
C ASP F 239 -10.55 -11.70 -56.74
N GLY F 240 -10.18 -10.43 -56.73
CA GLY F 240 -10.94 -9.42 -56.02
C GLY F 240 -10.71 -9.37 -54.52
N GLN F 241 -9.74 -10.12 -54.02
CA GLN F 241 -9.50 -10.17 -52.58
C GLN F 241 -8.86 -8.88 -52.09
N GLU F 242 -8.92 -8.68 -50.77
CA GLU F 242 -8.38 -7.48 -50.15
C GLU F 242 -6.87 -7.63 -49.97
N VAL F 243 -6.11 -6.71 -50.56
CA VAL F 243 -4.68 -6.62 -50.33
C VAL F 243 -4.44 -5.58 -49.25
N PHE F 244 -3.34 -5.73 -48.52
CA PHE F 244 -3.09 -4.98 -47.29
C PHE F 244 -1.84 -4.14 -47.45
N PRO F 245 -1.97 -2.86 -47.79
CA PRO F 245 -0.83 -1.95 -47.78
C PRO F 245 -0.55 -1.47 -46.37
N SER F 246 0.48 -0.65 -46.25
CA SER F 246 0.76 0.00 -44.97
C SER F 246 -0.32 1.03 -44.67
N GLN F 247 -0.61 1.20 -43.39
CA GLN F 247 -1.71 2.01 -42.93
C GLN F 247 -1.18 3.29 -42.31
N GLU F 248 -1.83 4.41 -42.64
CA GLU F 248 -1.36 5.72 -42.23
C GLU F 248 -1.92 6.07 -40.86
N LEU F 249 -1.77 7.34 -40.47
CA LEU F 249 -2.18 7.83 -39.17
C LEU F 249 -3.31 8.83 -39.37
N ILE F 250 -4.30 8.77 -38.49
CA ILE F 250 -5.58 9.46 -38.68
C ILE F 250 -5.58 10.71 -37.80
N LEU F 251 -5.90 11.86 -38.39
CA LEU F 251 -5.87 13.11 -37.64
C LEU F 251 -7.05 13.25 -36.70
N ASP F 252 -8.17 12.58 -37.01
CA ASP F 252 -9.39 12.53 -36.19
C ASP F 252 -9.97 13.92 -35.93
N LYS F 253 -10.39 14.57 -37.01
CA LYS F 253 -10.95 15.92 -36.95
C LYS F 253 -12.37 16.02 -37.47
N GLY F 254 -12.78 15.14 -38.38
CA GLY F 254 -14.08 15.23 -38.99
C GLY F 254 -15.19 14.71 -38.10
N ASP F 255 -16.38 14.61 -38.70
CA ASP F 255 -17.56 14.14 -38.00
C ASP F 255 -17.46 12.65 -37.70
N LYS F 256 -18.27 12.20 -36.74
CA LYS F 256 -18.28 10.80 -36.36
C LYS F 256 -18.98 9.91 -37.37
N LYS F 257 -19.78 10.49 -38.27
CA LYS F 257 -20.41 9.71 -39.33
C LYS F 257 -19.39 9.29 -40.38
N GLY F 258 -18.77 10.27 -41.05
CA GLY F 258 -17.65 10.00 -41.92
C GLY F 258 -16.35 10.07 -41.15
N GLN F 259 -16.11 9.07 -40.30
CA GLN F 259 -15.03 9.16 -39.32
C GLN F 259 -13.65 8.99 -39.95
N LYS F 260 -13.55 8.19 -41.02
CA LYS F 260 -12.28 7.76 -41.62
C LYS F 260 -11.39 7.10 -40.57
N SER F 261 -11.84 5.93 -40.13
CA SER F 261 -11.12 5.19 -39.10
C SER F 261 -9.81 4.61 -39.62
N LYS F 262 -9.76 4.22 -40.90
CA LYS F 262 -8.59 3.59 -41.48
C LYS F 262 -8.19 4.31 -42.76
N THR F 263 -6.90 4.65 -42.87
CA THR F 263 -6.34 5.28 -44.06
C THR F 263 -5.13 4.50 -44.51
N LEU F 264 -5.11 4.11 -45.78
CA LEU F 264 -4.00 3.36 -46.34
C LEU F 264 -3.02 4.30 -47.03
N TYR F 265 -1.83 3.77 -47.34
CA TYR F 265 -0.73 4.57 -47.85
C TYR F 265 -0.65 4.44 -49.37
N SER F 266 -0.66 5.57 -50.05
CA SER F 266 -0.48 5.63 -51.49
C SER F 266 0.47 6.76 -51.83
N VAL F 267 1.15 6.65 -52.97
CA VAL F 267 2.14 7.64 -53.38
C VAL F 267 1.63 8.54 -54.52
N ARG F 268 1.09 7.94 -55.61
CA ARG F 268 0.43 8.70 -56.68
C ARG F 268 -0.74 7.86 -57.18
N ASP F 269 -1.89 7.99 -56.50
CA ASP F 269 -3.12 7.24 -56.80
C ASP F 269 -2.87 5.73 -56.90
N ALA F 270 -2.02 5.22 -56.01
CA ALA F 270 -1.45 3.89 -56.18
C ALA F 270 -0.98 3.39 -54.83
N ALA F 271 -1.60 2.31 -54.34
CA ALA F 271 -1.33 1.80 -52.99
C ALA F 271 0.11 1.32 -52.86
N ALA F 272 0.66 1.46 -51.67
CA ALA F 272 2.06 1.16 -51.45
C ALA F 272 2.29 0.78 -50.00
N ILE F 273 3.41 0.11 -49.75
CA ILE F 273 3.88 -0.21 -48.42
C ILE F 273 4.97 0.79 -48.06
N HIS F 274 5.04 1.16 -46.78
CA HIS F 274 6.08 2.07 -46.31
C HIS F 274 7.45 1.42 -46.43
N SER F 275 8.46 2.26 -46.67
CA SER F 275 9.82 1.77 -46.89
C SER F 275 10.41 1.17 -45.62
N GLN F 276 10.14 1.76 -44.46
CA GLN F 276 10.68 1.24 -43.21
C GLN F 276 10.02 -0.08 -42.82
N LYS F 277 8.80 -0.33 -43.29
CA LYS F 277 8.18 -1.64 -43.08
C LYS F 277 8.90 -2.72 -43.87
N ILE F 278 9.26 -2.40 -45.13
CA ILE F 278 10.07 -3.32 -45.94
C ILE F 278 11.42 -3.54 -45.30
N GLY F 279 12.04 -2.47 -44.80
CA GLY F 279 13.34 -2.60 -44.15
C GLY F 279 13.30 -3.40 -42.87
N ASN F 280 12.21 -3.27 -42.10
CA ASN F 280 12.03 -4.08 -40.90
C ASN F 280 11.81 -5.54 -41.26
N ALA F 281 11.11 -5.82 -42.35
CA ALA F 281 10.87 -7.20 -42.75
C ALA F 281 12.14 -7.85 -43.29
N LEU F 282 13.00 -7.08 -43.97
CA LEU F 282 14.31 -7.60 -44.36
C LEU F 282 15.20 -7.78 -43.14
N ARG F 283 15.01 -6.97 -42.11
CA ARG F 283 15.78 -7.03 -40.88
C ARG F 283 15.46 -8.25 -40.03
N THR F 284 14.37 -8.96 -40.31
CA THR F 284 13.89 -10.05 -39.46
C THR F 284 14.78 -11.28 -39.59
N ILE F 285 15.98 -11.22 -39.02
CA ILE F 285 16.97 -12.28 -39.15
C ILE F 285 17.49 -12.71 -37.78
N ASP F 286 17.12 -11.98 -36.73
CA ASP F 286 17.66 -12.20 -35.39
C ASP F 286 17.05 -13.46 -34.80
N THR F 287 17.83 -14.55 -34.80
CA THR F 287 17.43 -15.81 -34.18
C THR F 287 18.17 -16.10 -32.89
N TRP F 288 19.15 -15.29 -32.52
CA TRP F 288 20.05 -15.60 -31.41
C TRP F 288 19.61 -14.93 -30.11
N TYR F 289 18.35 -14.52 -30.02
CA TYR F 289 17.84 -13.98 -28.76
C TYR F 289 17.71 -15.11 -27.73
N PRO F 290 17.82 -14.79 -26.43
CA PRO F 290 17.86 -15.86 -25.42
C PRO F 290 16.57 -16.64 -25.25
N ASP F 291 15.45 -16.15 -25.77
CA ASP F 291 14.23 -16.94 -25.74
C ASP F 291 14.31 -18.07 -26.77
N GLU F 292 13.33 -18.98 -26.70
CA GLU F 292 13.35 -20.18 -27.52
C GLU F 292 13.04 -19.86 -28.98
N ASP F 293 13.22 -20.86 -29.84
CA ASP F 293 12.99 -20.75 -31.26
C ASP F 293 11.57 -21.07 -31.67
N GLY F 294 10.61 -20.96 -30.73
CA GLY F 294 9.21 -21.19 -31.06
C GLY F 294 8.63 -20.15 -31.99
N LEU F 295 9.09 -18.89 -31.87
CA LEU F 295 8.61 -17.84 -32.76
C LEU F 295 9.38 -17.84 -34.08
N GLY F 296 10.71 -17.91 -34.01
CA GLY F 296 11.54 -17.81 -35.17
C GLY F 296 12.36 -16.54 -35.17
N PRO F 297 12.77 -16.06 -36.34
CA PRO F 297 13.56 -14.83 -36.40
C PRO F 297 12.72 -13.61 -36.07
N ILE F 298 13.35 -12.65 -35.39
CA ILE F 298 12.75 -11.36 -35.11
C ILE F 298 13.60 -10.28 -35.77
N ALA F 299 13.09 -9.05 -35.78
CA ALA F 299 13.83 -7.94 -36.35
C ALA F 299 14.99 -7.54 -35.45
N VAL F 300 16.10 -7.13 -36.07
CA VAL F 300 17.29 -6.76 -35.31
C VAL F 300 17.10 -5.35 -34.77
N GLU F 301 16.55 -5.27 -33.58
CA GLU F 301 16.37 -4.00 -32.90
C GLU F 301 17.25 -3.96 -31.67
N PRO F 302 17.63 -2.77 -31.20
CA PRO F 302 18.14 -2.66 -29.84
C PRO F 302 17.06 -3.08 -28.86
N TYR F 303 17.45 -3.92 -27.90
CA TYR F 303 16.57 -4.64 -26.98
C TYR F 303 15.51 -5.47 -27.70
N GLY F 304 15.85 -5.99 -28.89
CA GLY F 304 15.11 -6.98 -29.67
C GLY F 304 13.59 -6.93 -29.70
N SER F 305 13.03 -5.74 -29.90
CA SER F 305 11.60 -5.51 -29.69
C SER F 305 10.77 -6.09 -30.83
N VAL F 306 9.61 -6.62 -30.47
CA VAL F 306 8.62 -7.12 -31.43
C VAL F 306 7.29 -6.45 -31.10
N THR F 307 6.72 -5.74 -32.07
CA THR F 307 5.51 -4.97 -31.82
C THR F 307 4.29 -5.87 -31.64
N SER F 308 4.20 -6.95 -32.42
CA SER F 308 3.03 -7.82 -32.38
C SER F 308 2.97 -8.61 -31.06
N GLN F 309 4.11 -9.10 -30.59
CA GLN F 309 4.14 -9.83 -29.33
C GLN F 309 4.08 -8.90 -28.12
N GLY F 310 4.38 -7.61 -28.29
CA GLY F 310 4.32 -6.68 -27.18
C GLY F 310 5.37 -6.87 -26.12
N LYS F 311 6.46 -7.55 -26.44
CA LYS F 311 7.50 -7.88 -25.48
C LYS F 311 8.86 -7.66 -26.12
N ALA F 312 9.89 -7.62 -25.29
CA ALA F 312 11.27 -7.41 -25.73
C ALA F 312 12.08 -8.67 -25.44
N TYR F 313 12.43 -9.40 -26.50
CA TYR F 313 13.54 -10.33 -26.42
C TYR F 313 14.84 -9.54 -26.33
N ARG F 314 15.88 -10.20 -25.81
CA ARG F 314 17.17 -9.57 -25.49
C ARG F 314 17.00 -8.38 -24.54
N GLN F 315 16.53 -8.70 -23.33
CA GLN F 315 16.42 -7.70 -22.29
C GLN F 315 17.80 -7.23 -21.85
N PRO F 316 17.91 -5.99 -21.37
CA PRO F 316 19.14 -5.57 -20.69
C PRO F 316 19.42 -6.32 -19.39
N LYS F 317 18.39 -6.90 -18.76
CA LYS F 317 18.61 -7.64 -17.52
C LYS F 317 19.32 -8.96 -17.78
N GLN F 318 19.04 -9.60 -18.92
CA GLN F 318 19.69 -10.85 -19.28
C GLN F 318 20.97 -10.65 -20.07
N LYS F 319 21.41 -9.39 -20.22
CA LYS F 319 22.74 -9.01 -20.71
C LYS F 319 23.00 -9.49 -22.14
N LEU F 320 21.98 -9.40 -22.99
CA LEU F 320 22.14 -9.74 -24.40
C LEU F 320 21.54 -8.67 -25.32
N ASP F 321 21.32 -7.46 -24.80
CA ASP F 321 20.92 -6.35 -25.66
C ASP F 321 22.13 -5.84 -26.45
N PHE F 322 21.86 -4.97 -27.42
CA PHE F 322 22.91 -4.49 -28.31
C PHE F 322 23.92 -3.61 -27.58
N TYR F 323 23.45 -2.82 -26.62
CA TYR F 323 24.32 -1.84 -25.98
C TYR F 323 25.31 -2.49 -25.03
N THR F 324 24.86 -3.47 -24.24
CA THR F 324 25.77 -4.18 -23.34
C THR F 324 26.79 -5.00 -24.12
N LEU F 325 26.35 -5.66 -25.20
CA LEU F 325 27.27 -6.45 -26.03
C LEU F 325 28.29 -5.56 -26.73
N LEU F 326 27.86 -4.39 -27.22
CA LEU F 326 28.77 -3.47 -27.88
C LEU F 326 29.76 -2.85 -26.88
N ASP F 327 29.28 -2.53 -25.68
CA ASP F 327 30.16 -1.95 -24.67
C ASP F 327 31.16 -2.97 -24.14
N ASN F 328 30.78 -4.25 -24.08
CA ASN F 328 31.75 -5.27 -23.73
C ASN F 328 32.74 -5.51 -24.86
N TRP F 329 32.26 -5.45 -26.12
CA TRP F 329 33.12 -5.73 -27.26
C TRP F 329 34.14 -4.63 -27.49
N VAL F 330 33.77 -3.38 -27.26
CA VAL F 330 34.59 -2.24 -27.64
C VAL F 330 35.39 -1.69 -26.46
N LEU F 331 34.72 -1.39 -25.34
CA LEU F 331 35.39 -0.70 -24.24
C LEU F 331 36.36 -1.60 -23.50
N ARG F 332 35.93 -2.83 -23.16
CA ARG F 332 36.72 -3.70 -22.30
C ARG F 332 37.16 -4.98 -23.01
N ASP F 333 37.03 -5.03 -24.34
CA ASP F 333 37.52 -6.09 -25.22
C ASP F 333 36.91 -7.46 -24.91
N GLU F 334 35.76 -7.50 -24.25
CA GLU F 334 35.07 -8.76 -23.97
C GLU F 334 34.22 -9.10 -25.19
N ALA F 335 34.85 -9.75 -26.15
CA ALA F 335 34.19 -10.11 -27.39
C ALA F 335 33.16 -11.21 -27.12
N PRO F 336 31.91 -11.03 -27.55
CA PRO F 336 30.89 -12.06 -27.29
C PRO F 336 30.99 -13.23 -28.27
N ALA F 337 30.01 -14.13 -28.22
CA ALA F 337 29.92 -15.20 -29.19
C ALA F 337 29.65 -14.66 -30.58
N VAL F 338 29.96 -15.47 -31.59
CA VAL F 338 29.88 -15.03 -32.99
C VAL F 338 28.46 -14.74 -33.41
N GLU F 339 27.47 -15.38 -32.77
CA GLU F 339 26.08 -15.03 -33.01
C GLU F 339 25.75 -13.64 -32.47
N GLN F 340 26.25 -13.32 -31.27
CA GLN F 340 26.04 -11.98 -30.73
C GLN F 340 26.85 -10.94 -31.49
N GLN F 341 28.01 -11.33 -32.01
CA GLN F 341 28.76 -10.44 -32.89
C GLN F 341 27.99 -10.16 -34.18
N HIS F 342 27.32 -11.18 -34.72
CA HIS F 342 26.45 -11.00 -35.88
C HIS F 342 25.29 -10.06 -35.54
N TYR F 343 24.73 -10.20 -34.33
CA TYR F 343 23.63 -9.32 -33.92
C TYR F 343 24.09 -7.87 -33.78
N VAL F 344 25.29 -7.66 -33.24
CA VAL F 344 25.82 -6.30 -33.06
C VAL F 344 26.11 -5.66 -34.41
N ILE F 345 26.74 -6.41 -35.32
CA ILE F 345 27.04 -5.87 -36.65
C ILE F 345 25.75 -5.68 -37.46
N ALA F 346 24.73 -6.51 -37.23
CA ALA F 346 23.44 -6.31 -37.88
C ALA F 346 22.74 -5.07 -37.36
N ASN F 347 22.91 -4.73 -36.09
CA ASN F 347 22.40 -3.45 -35.59
C ASN F 347 23.17 -2.27 -36.16
N LEU F 348 24.48 -2.44 -36.37
CA LEU F 348 25.27 -1.38 -36.98
C LEU F 348 24.87 -1.16 -38.43
N ILE F 349 24.55 -2.24 -39.14
CA ILE F 349 23.98 -2.14 -40.48
C ILE F 349 22.62 -1.47 -40.44
N ARG F 350 21.81 -1.83 -39.44
CA ARG F 350 20.49 -1.21 -39.26
C ARG F 350 20.60 0.26 -38.93
N GLY F 351 21.52 0.62 -38.05
CA GLY F 351 21.77 2.00 -37.72
C GLY F 351 20.78 2.55 -36.70
N GLY F 352 21.18 3.66 -36.09
CA GLY F 352 20.32 4.28 -35.09
C GLY F 352 21.08 5.36 -34.35
N VAL F 353 20.32 6.08 -33.53
CA VAL F 353 20.92 7.13 -32.67
C VAL F 353 21.33 6.43 -31.39
N PHE F 354 22.52 5.81 -31.44
CA PHE F 354 23.11 5.22 -30.26
C PHE F 354 23.87 6.29 -29.48
N GLY F 355 24.13 5.99 -28.22
CA GLY F 355 24.81 6.94 -27.35
C GLY F 355 23.82 7.76 -26.54
N GLU F 356 24.35 8.38 -25.49
CA GLU F 356 23.52 9.12 -24.54
C GLU F 356 23.10 10.46 -25.14
N ALA F 357 21.81 10.76 -25.07
CA ALA F 357 21.26 11.99 -25.62
C ALA F 357 21.67 13.20 -24.78
N ILE G 23 49.31 51.89 -31.98
CA ILE G 23 49.30 50.66 -31.20
C ILE G 23 48.51 49.59 -31.96
N LEU G 24 47.54 50.05 -32.77
CA LEU G 24 46.66 49.23 -33.61
C LEU G 24 45.90 48.20 -32.77
N SER G 25 44.99 48.72 -31.96
CA SER G 25 44.10 47.88 -31.17
C SER G 25 43.09 47.17 -32.08
N THR G 26 42.48 46.12 -31.55
CA THR G 26 41.55 45.31 -32.32
C THR G 26 40.24 46.06 -32.54
N ALA G 27 39.75 46.05 -33.79
CA ALA G 27 38.51 46.71 -34.13
C ALA G 27 37.33 45.99 -33.50
N SER G 28 36.30 46.77 -33.15
CA SER G 28 35.18 46.21 -32.40
C SER G 28 34.28 45.37 -33.30
N VAL G 29 33.78 45.94 -34.37
CA VAL G 29 32.94 45.22 -35.33
C VAL G 29 33.78 44.92 -36.57
N LEU G 30 33.68 43.69 -37.05
CA LEU G 30 34.45 43.23 -38.21
C LEU G 30 33.58 42.36 -39.10
N ALA G 31 32.36 42.83 -39.39
CA ALA G 31 31.43 42.07 -40.21
C ALA G 31 31.92 41.98 -41.64
N PHE G 32 31.96 40.77 -42.18
CA PHE G 32 32.42 40.50 -43.53
C PHE G 32 31.29 39.88 -44.34
N GLU G 33 31.09 40.39 -45.55
CA GLU G 33 30.08 39.82 -46.44
C GLU G 33 30.56 38.51 -47.03
N ARG G 34 29.63 37.57 -47.17
CA ARG G 34 29.96 36.26 -47.70
C ARG G 34 30.24 36.34 -49.20
N LYS G 35 31.35 35.75 -49.61
CA LYS G 35 31.64 35.56 -51.03
C LYS G 35 31.32 34.13 -51.42
N LEU G 36 31.30 33.88 -52.72
CA LEU G 36 30.81 32.64 -53.33
C LEU G 36 29.39 32.33 -52.87
N ASP G 37 28.47 33.22 -53.23
CA ASP G 37 27.08 33.10 -52.79
C ASP G 37 26.37 32.00 -53.57
N PRO G 38 25.87 30.96 -52.92
CA PRO G 38 25.09 29.95 -53.65
C PRO G 38 23.60 30.21 -53.58
N SER G 39 22.83 29.55 -54.44
CA SER G 39 21.38 29.60 -54.36
C SER G 39 20.86 28.35 -53.67
N ASP G 40 19.56 28.35 -53.37
CA ASP G 40 18.91 27.17 -52.83
C ASP G 40 18.87 26.09 -53.91
N ALA G 41 19.57 24.98 -53.68
CA ALA G 41 19.78 23.98 -54.72
C ALA G 41 18.53 23.13 -54.85
N LEU G 42 17.75 23.39 -55.90
CA LEU G 42 16.51 22.67 -56.12
C LEU G 42 16.80 21.27 -56.63
N MET G 43 15.99 20.29 -56.21
CA MET G 43 16.13 18.95 -56.73
C MET G 43 14.93 18.57 -57.60
N SER G 44 15.22 17.74 -58.59
CA SER G 44 14.23 17.16 -59.48
C SER G 44 14.62 15.72 -59.75
N ALA G 45 13.73 14.99 -60.40
CA ALA G 45 13.94 13.57 -60.67
C ALA G 45 13.98 13.32 -62.16
N GLY G 46 14.75 12.30 -62.55
CA GLY G 46 14.85 11.96 -63.95
C GLY G 46 15.63 10.68 -64.14
N ALA G 47 16.13 10.51 -65.36
CA ALA G 47 16.85 9.30 -65.73
C ALA G 47 18.24 9.65 -66.25
N TRP G 48 19.18 8.74 -66.01
CA TRP G 48 20.52 8.86 -66.58
C TRP G 48 20.45 8.73 -68.10
N ALA G 49 21.42 9.38 -68.76
CA ALA G 49 21.54 9.62 -70.20
C ALA G 49 20.46 10.53 -70.77
N GLN G 50 19.54 11.04 -69.93
CA GLN G 50 18.63 12.12 -70.29
C GLN G 50 19.02 13.42 -69.59
N ARG G 51 20.26 13.53 -69.12
CA ARG G 51 20.73 14.70 -68.40
C ARG G 51 20.90 15.91 -69.29
N ASP G 52 21.01 15.72 -70.61
CA ASP G 52 21.05 16.85 -71.52
C ASP G 52 19.70 17.54 -71.61
N ALA G 53 18.63 16.76 -71.73
CA ALA G 53 17.27 17.29 -71.72
C ALA G 53 16.67 17.23 -70.31
N SER G 54 17.40 17.79 -69.35
CA SER G 54 16.98 17.78 -67.95
C SER G 54 16.33 19.08 -67.52
N GLN G 55 16.10 20.01 -68.45
CA GLN G 55 15.46 21.27 -68.11
C GLN G 55 13.96 21.09 -67.85
N GLU G 56 13.35 20.04 -68.39
CA GLU G 56 11.93 19.78 -68.22
C GLU G 56 11.67 18.62 -67.28
N TRP G 57 12.61 18.30 -66.40
CA TRP G 57 12.43 17.20 -65.48
C TRP G 57 11.44 17.58 -64.38
N PRO G 58 10.54 16.66 -63.99
CA PRO G 58 9.63 16.96 -62.89
C PRO G 58 10.37 17.03 -61.56
N ALA G 59 9.92 17.93 -60.70
CA ALA G 59 10.60 18.19 -59.44
C ALA G 59 10.30 17.07 -58.44
N VAL G 60 11.18 16.96 -57.45
CA VAL G 60 10.98 16.03 -56.34
C VAL G 60 10.04 16.67 -55.35
N THR G 61 8.91 16.02 -55.08
CA THR G 61 7.94 16.54 -54.15
C THR G 61 8.17 15.96 -52.76
N VAL G 62 7.81 16.73 -51.75
CA VAL G 62 7.99 16.35 -50.35
C VAL G 62 6.64 15.79 -49.87
N ARG G 63 6.53 14.47 -49.82
CA ARG G 63 5.30 13.85 -49.38
C ARG G 63 5.36 13.58 -47.88
N GLU G 64 4.25 13.09 -47.33
CA GLU G 64 4.19 12.74 -45.91
C GLU G 64 3.83 11.26 -45.77
N LYS G 65 4.53 10.58 -44.86
CA LYS G 65 4.23 9.18 -44.59
C LYS G 65 4.28 8.94 -43.09
N SER G 66 3.63 7.86 -42.66
CA SER G 66 3.51 7.54 -41.24
C SER G 66 4.56 6.52 -40.85
N VAL G 67 5.21 6.76 -39.71
CA VAL G 67 6.19 5.83 -39.13
C VAL G 67 5.70 5.42 -37.75
N ARG G 68 5.77 4.12 -37.48
CA ARG G 68 5.55 3.56 -36.15
C ARG G 68 6.85 2.88 -35.72
N GLY G 69 7.33 3.21 -34.53
CA GLY G 69 8.61 2.71 -34.08
C GLY G 69 8.59 2.34 -32.61
N THR G 70 9.49 1.42 -32.26
CA THR G 70 9.79 1.11 -30.88
C THR G 70 11.02 1.89 -30.45
N ILE G 71 11.29 1.86 -29.14
CA ILE G 71 12.42 2.61 -28.61
C ILE G 71 13.71 1.85 -28.91
N SER G 72 14.65 2.52 -29.56
CA SER G 72 15.92 1.92 -29.92
C SER G 72 17.12 2.67 -29.37
N ASN G 73 16.90 3.81 -28.71
CA ASN G 73 18.00 4.58 -28.13
C ASN G 73 18.42 3.97 -26.79
N ARG G 74 19.48 4.54 -26.21
CA ARG G 74 19.96 4.08 -24.92
C ARG G 74 19.00 4.49 -23.81
N LEU G 75 18.81 3.59 -22.86
CA LEU G 75 17.95 3.86 -21.72
C LEU G 75 18.73 4.63 -20.65
N LYS G 76 17.99 5.32 -19.78
CA LYS G 76 18.56 6.15 -18.75
C LYS G 76 18.77 5.39 -17.44
N THR G 77 18.67 4.05 -17.48
CA THR G 77 18.84 3.05 -16.41
C THR G 77 17.66 3.06 -15.44
N LYS G 78 16.78 4.05 -15.58
CA LYS G 78 15.47 4.00 -14.94
C LYS G 78 14.49 3.20 -15.80
N ASP G 79 14.73 3.20 -17.11
CA ASP G 79 13.87 2.51 -18.06
C ASP G 79 14.43 1.16 -18.48
N ARG G 80 15.48 0.67 -17.80
CA ARG G 80 15.97 -0.68 -17.98
C ARG G 80 15.10 -1.73 -17.28
N ASP G 81 14.01 -1.28 -16.67
CA ASP G 81 12.98 -2.18 -16.17
C ASP G 81 12.25 -2.87 -17.31
N PRO G 82 12.22 -4.21 -17.29
CA PRO G 82 11.60 -4.94 -18.41
C PRO G 82 10.17 -4.51 -18.72
N ALA G 83 9.37 -4.22 -17.68
CA ALA G 83 7.98 -3.85 -17.90
C ALA G 83 7.85 -2.47 -18.52
N LYS G 84 8.80 -1.56 -18.21
CA LYS G 84 8.84 -0.27 -18.89
C LYS G 84 9.12 -0.44 -20.38
N LEU G 85 10.02 -1.37 -20.72
CA LEU G 85 10.33 -1.64 -22.12
C LEU G 85 9.14 -2.26 -22.86
N ASP G 86 8.45 -3.22 -22.21
CA ASP G 86 7.27 -3.80 -22.83
C ASP G 86 6.12 -2.79 -22.93
N ALA G 87 6.01 -1.88 -21.96
CA ALA G 87 5.00 -0.82 -22.06
C ALA G 87 5.34 0.16 -23.18
N SER G 88 6.63 0.40 -23.43
CA SER G 88 7.03 1.26 -24.53
C SER G 88 6.77 0.58 -25.87
N ILE G 89 6.92 -0.74 -25.94
CA ILE G 89 6.60 -1.46 -27.17
C ILE G 89 5.09 -1.49 -27.41
N GLN G 90 4.30 -1.72 -26.35
CA GLN G 90 2.85 -1.78 -26.48
C GLN G 90 2.23 -0.43 -26.79
N SER G 91 2.93 0.66 -26.51
CA SER G 91 2.54 2.00 -26.93
C SER G 91 3.67 2.59 -27.77
N PRO G 92 3.81 2.13 -29.02
CA PRO G 92 4.95 2.57 -29.83
C PRO G 92 4.74 4.00 -30.31
N ASN G 93 5.84 4.66 -30.64
CA ASN G 93 5.73 6.06 -31.05
C ASN G 93 5.27 6.15 -32.50
N LEU G 94 4.30 7.03 -32.74
CA LEU G 94 3.73 7.27 -34.04
C LEU G 94 4.10 8.68 -34.48
N GLN G 95 4.68 8.81 -35.67
CA GLN G 95 5.02 10.12 -36.19
C GLN G 95 4.63 10.19 -37.65
N THR G 96 4.47 11.41 -38.13
CA THR G 96 4.39 11.70 -39.56
C THR G 96 5.71 12.33 -39.96
N VAL G 97 6.29 11.87 -41.07
CA VAL G 97 7.57 12.37 -41.53
C VAL G 97 7.41 12.85 -42.96
N ASP G 98 7.96 14.02 -43.25
CA ASP G 98 8.13 14.47 -44.62
C ASP G 98 9.26 13.66 -45.24
N VAL G 99 8.97 13.03 -46.37
CA VAL G 99 9.94 12.19 -47.07
C VAL G 99 10.03 12.67 -48.51
N ALA G 100 11.25 12.69 -49.05
CA ALA G 100 11.49 13.04 -50.43
C ALA G 100 12.00 11.81 -51.15
N ASN G 101 11.26 11.37 -52.16
CA ASN G 101 11.61 10.17 -52.92
C ASN G 101 11.50 10.46 -54.40
N LEU G 102 12.32 9.76 -55.17
CA LEU G 102 12.15 9.76 -56.61
C LEU G 102 10.95 8.87 -56.97
N PRO G 103 10.35 9.08 -58.14
CA PRO G 103 9.39 8.09 -58.64
C PRO G 103 10.08 6.79 -59.01
N SER G 104 9.26 5.73 -59.15
CA SER G 104 9.76 4.40 -59.43
C SER G 104 10.36 4.26 -60.83
N ASP G 105 10.11 5.20 -61.73
CA ASP G 105 10.70 5.20 -63.07
C ASP G 105 11.89 6.14 -63.19
N ALA G 106 12.31 6.77 -62.09
CA ALA G 106 13.40 7.74 -62.10
C ALA G 106 14.51 7.28 -61.17
N ASP G 107 15.73 7.18 -61.70
CA ASP G 107 16.87 6.77 -60.89
C ASP G 107 17.86 7.90 -60.63
N THR G 108 17.81 8.98 -61.38
CA THR G 108 18.78 10.06 -61.30
C THR G 108 18.16 11.26 -60.58
N LEU G 109 18.89 11.78 -59.60
CA LEU G 109 18.51 12.99 -58.88
C LEU G 109 19.30 14.17 -59.42
N LYS G 110 18.59 15.23 -59.81
CA LYS G 110 19.19 16.43 -60.38
C LYS G 110 19.13 17.55 -59.35
N VAL G 111 20.29 18.09 -58.99
CA VAL G 111 20.42 19.12 -57.97
C VAL G 111 21.05 20.34 -58.61
N ARG G 112 20.30 21.44 -58.69
CA ARG G 112 20.73 22.60 -59.44
C ARG G 112 20.83 23.82 -58.53
N PHE G 113 21.93 24.56 -58.68
CA PHE G 113 22.07 25.84 -57.99
C PHE G 113 22.94 26.76 -58.83
N THR G 114 23.05 28.01 -58.40
CA THR G 114 23.89 29.00 -59.04
C THR G 114 24.82 29.63 -58.02
N LEU G 115 26.06 29.89 -58.44
CA LEU G 115 27.10 30.42 -57.57
C LEU G 115 27.57 31.77 -58.11
N ARG G 116 27.64 32.75 -57.20
CA ARG G 116 28.11 34.10 -57.53
C ARG G 116 29.45 34.33 -56.84
N VAL G 117 30.54 34.29 -57.59
CA VAL G 117 31.86 34.56 -57.04
C VAL G 117 32.12 36.06 -57.12
N LEU G 118 32.40 36.68 -55.97
CA LEU G 118 32.54 38.12 -55.88
C LEU G 118 33.95 38.48 -55.42
N GLY G 119 34.37 39.70 -55.80
CA GLY G 119 35.65 40.21 -55.38
C GLY G 119 35.54 41.04 -54.11
N GLY G 120 36.67 41.65 -53.74
CA GLY G 120 36.74 42.45 -52.53
C GLY G 120 36.62 41.64 -51.27
N ALA G 121 37.40 40.56 -51.18
CA ALA G 121 37.30 39.65 -50.04
C ALA G 121 37.83 40.28 -48.76
N GLY G 122 38.90 41.09 -48.87
CA GLY G 122 39.48 41.71 -47.70
C GLY G 122 38.72 42.89 -47.16
N THR G 123 37.82 43.47 -47.95
CA THR G 123 37.08 44.65 -47.51
C THR G 123 35.97 44.24 -46.57
N PRO G 124 35.94 44.75 -45.34
CA PRO G 124 34.84 44.42 -44.43
C PRO G 124 33.60 45.25 -44.74
N SER G 125 32.43 44.64 -44.50
CA SER G 125 31.17 45.36 -44.66
C SER G 125 31.01 46.42 -43.58
N ALA G 126 31.45 46.12 -42.37
CA ALA G 126 31.40 47.05 -41.26
C ALA G 126 32.74 47.04 -40.54
N CYS G 127 33.08 48.18 -39.94
CA CYS G 127 34.32 48.32 -39.19
C CYS G 127 34.15 49.43 -38.17
N ASN G 128 35.06 49.47 -37.20
CA ASN G 128 35.06 50.50 -36.18
C ASN G 128 36.43 51.17 -36.05
N ASP G 129 37.31 50.97 -37.02
CA ASP G 129 38.65 51.56 -36.99
C ASP G 129 39.15 51.69 -38.42
N ALA G 130 39.47 52.92 -38.83
CA ALA G 130 40.05 53.12 -40.15
C ALA G 130 41.46 52.57 -40.22
N ALA G 131 42.20 52.59 -39.10
CA ALA G 131 43.53 52.01 -39.07
C ALA G 131 43.50 50.50 -39.24
N TYR G 132 42.56 49.82 -38.56
CA TYR G 132 42.40 48.38 -38.72
C TYR G 132 41.96 48.03 -40.14
N ARG G 133 41.04 48.81 -40.72
CA ARG G 133 40.58 48.55 -42.07
C ARG G 133 41.71 48.74 -43.08
N ASP G 134 42.52 49.79 -42.90
CA ASP G 134 43.65 50.03 -43.78
C ASP G 134 44.71 48.94 -43.64
N LYS G 135 44.99 48.51 -42.41
CA LYS G 135 45.99 47.46 -42.20
C LYS G 135 45.51 46.10 -42.73
N LEU G 136 44.22 45.80 -42.57
CA LEU G 136 43.69 44.54 -43.09
C LEU G 136 43.67 44.55 -44.61
N LEU G 137 43.31 45.69 -45.21
CA LEU G 137 43.33 45.80 -46.67
C LEU G 137 44.76 45.70 -47.21
N GLN G 138 45.72 46.30 -46.51
CA GLN G 138 47.12 46.19 -46.89
C GLN G 138 47.63 44.75 -46.75
N THR G 139 47.23 44.06 -45.68
CA THR G 139 47.67 42.69 -45.46
C THR G 139 47.11 41.74 -46.53
N VAL G 140 45.83 41.90 -46.88
CA VAL G 140 45.23 41.12 -47.95
C VAL G 140 45.87 41.48 -49.29
N ALA G 141 46.24 42.75 -49.48
CA ALA G 141 46.87 43.20 -50.72
C ALA G 141 48.24 42.57 -50.91
N THR G 142 49.09 42.60 -49.87
CA THR G 142 50.39 41.94 -49.98
C THR G 142 50.27 40.43 -50.06
N TYR G 143 49.21 39.85 -49.46
CA TYR G 143 48.93 38.43 -49.67
C TYR G 143 48.68 38.12 -51.14
N VAL G 144 47.80 38.90 -51.77
CA VAL G 144 47.45 38.69 -53.18
C VAL G 144 48.65 38.94 -54.08
N ASN G 145 49.50 39.91 -53.73
CA ASN G 145 50.71 40.16 -54.51
C ASN G 145 51.71 39.01 -54.39
N ASP G 146 51.86 38.42 -53.20
CA ASP G 146 52.82 37.31 -53.14
C ASP G 146 52.19 36.00 -53.60
N GLN G 147 50.92 35.74 -53.23
CA GLN G 147 50.25 34.51 -53.63
C GLN G 147 48.75 34.78 -53.58
N GLY G 148 48.15 35.00 -54.75
CA GLY G 148 46.74 35.37 -54.82
C GLY G 148 45.78 34.25 -54.52
N PHE G 149 44.52 34.40 -54.94
CA PHE G 149 43.52 33.36 -54.69
C PHE G 149 43.67 32.22 -55.70
N ALA G 150 44.79 31.51 -55.59
CA ALA G 150 45.10 30.41 -56.49
C ALA G 150 44.87 29.05 -55.83
N GLU G 151 45.42 28.86 -54.61
CA GLU G 151 45.19 27.62 -53.89
C GLU G 151 43.75 27.55 -53.38
N LEU G 152 43.22 28.67 -52.88
CA LEU G 152 41.85 28.71 -52.37
C LEU G 152 40.84 28.46 -53.48
N ALA G 153 41.04 29.09 -54.64
CA ALA G 153 40.12 28.86 -55.76
C ALA G 153 40.30 27.47 -56.36
N ARG G 154 41.50 26.90 -56.28
CA ARG G 154 41.69 25.51 -56.69
C ARG G 154 40.91 24.55 -55.79
N ARG G 155 40.93 24.80 -54.48
CA ARG G 155 40.18 23.95 -53.57
C ARG G 155 38.68 24.18 -53.68
N TYR G 156 38.24 25.42 -53.94
CA TYR G 156 36.83 25.70 -54.17
C TYR G 156 36.35 25.06 -55.47
N ALA G 157 37.19 25.06 -56.50
CA ALA G 157 36.86 24.38 -57.75
C ALA G 157 36.85 22.87 -57.57
N HIS G 158 37.69 22.34 -56.67
CA HIS G 158 37.63 20.92 -56.33
C HIS G 158 36.32 20.57 -55.65
N ASN G 159 35.91 21.39 -54.67
CA ASN G 159 34.66 21.13 -53.95
C ASN G 159 33.43 21.42 -54.81
N LEU G 160 33.58 22.20 -55.88
CA LEU G 160 32.54 22.27 -56.89
C LEU G 160 32.56 21.05 -57.80
N ALA G 161 33.75 20.51 -58.06
CA ALA G 161 33.89 19.40 -59.00
C ALA G 161 33.32 18.11 -58.41
N ASN G 162 33.77 17.73 -57.22
CA ASN G 162 33.09 16.66 -56.50
C ASN G 162 31.80 17.21 -55.91
N ALA G 163 30.75 16.40 -55.92
CA ALA G 163 29.44 16.87 -55.47
C ALA G 163 29.34 16.71 -53.96
N ARG G 164 30.13 17.52 -53.25
CA ARG G 164 30.04 17.53 -51.79
C ARG G 164 28.78 18.24 -51.31
N PHE G 165 28.15 19.05 -52.17
CA PHE G 165 26.84 19.60 -51.86
C PHE G 165 25.76 18.54 -51.89
N LEU G 166 26.05 17.38 -52.47
CA LEU G 166 25.20 16.19 -52.33
C LEU G 166 25.71 15.44 -51.12
N TRP G 167 25.25 15.87 -49.94
CA TRP G 167 25.75 15.35 -48.67
C TRP G 167 25.43 13.88 -48.46
N ARG G 168 24.16 13.53 -48.34
CA ARG G 168 23.77 12.12 -48.31
C ARG G 168 23.24 11.64 -49.64
N ASN G 169 23.27 12.48 -50.67
CA ASN G 169 22.95 12.08 -52.03
C ASN G 169 24.18 11.68 -52.83
N ARG G 170 25.26 11.33 -52.14
CA ARG G 170 26.47 10.81 -52.76
C ARG G 170 27.05 9.60 -52.04
N VAL G 171 26.62 9.31 -50.81
CA VAL G 171 27.17 8.21 -50.05
C VAL G 171 26.73 6.85 -50.58
N GLY G 172 25.66 6.81 -51.37
CA GLY G 172 25.23 5.57 -51.98
C GLY G 172 25.01 5.73 -53.47
N ALA G 173 25.46 6.86 -54.02
CA ALA G 173 25.24 7.14 -55.42
C ALA G 173 26.16 6.31 -56.29
N GLU G 174 25.60 5.70 -57.33
CA GLU G 174 26.38 4.84 -58.22
C GLU G 174 27.30 5.66 -59.11
N ALA G 175 26.81 6.74 -59.69
CA ALA G 175 27.60 7.59 -60.56
C ALA G 175 27.12 9.02 -60.43
N VAL G 176 28.05 9.94 -60.16
CA VAL G 176 27.74 11.36 -59.98
C VAL G 176 28.44 12.16 -61.07
N GLU G 177 27.71 13.07 -61.69
CA GLU G 177 28.25 13.98 -62.70
C GLU G 177 27.91 15.41 -62.31
N VAL G 178 28.88 16.31 -62.46
CA VAL G 178 28.69 17.72 -62.11
C VAL G 178 28.98 18.57 -63.34
N ARG G 179 28.02 19.39 -63.74
CA ARG G 179 28.15 20.29 -64.88
C ARG G 179 28.11 21.72 -64.38
N ILE G 180 29.16 22.48 -64.67
CA ILE G 180 29.28 23.86 -64.22
C ILE G 180 29.41 24.75 -65.45
N ASN G 181 28.44 25.64 -65.64
CA ASN G 181 28.39 26.52 -66.79
C ASN G 181 28.67 27.95 -66.34
N HIS G 182 29.56 28.64 -67.07
CA HIS G 182 29.86 30.04 -66.79
C HIS G 182 28.90 30.91 -67.59
N ILE G 183 28.01 31.60 -66.89
CA ILE G 183 26.95 32.38 -67.54
C ILE G 183 27.45 33.80 -67.74
N ARG G 184 27.67 34.19 -68.99
CA ARG G 184 28.07 35.55 -69.35
C ARG G 184 27.02 36.11 -70.30
N GLN G 185 26.41 37.23 -69.90
CA GLN G 185 25.34 37.92 -70.65
C GLN G 185 24.16 37.00 -70.94
N GLY G 186 23.83 36.15 -69.98
CA GLY G 186 22.69 35.25 -70.11
C GLY G 186 22.93 33.99 -70.90
N GLU G 187 24.13 33.80 -71.44
CA GLU G 187 24.46 32.61 -72.20
C GLU G 187 25.73 31.99 -71.64
N VAL G 188 25.98 30.75 -72.04
CA VAL G 188 27.12 30.00 -71.50
C VAL G 188 28.41 30.49 -72.13
N ALA G 189 29.44 30.65 -71.30
CA ALA G 189 30.77 31.03 -71.76
C ALA G 189 31.72 29.83 -71.80
N ARG G 190 31.69 28.99 -70.77
CA ARG G 190 32.50 27.79 -70.73
C ARG G 190 31.79 26.76 -69.84
N ALA G 191 31.73 25.52 -70.33
CA ALA G 191 31.10 24.42 -69.60
C ALA G 191 32.17 23.43 -69.15
N TRP G 192 32.14 23.09 -67.87
CA TRP G 192 33.02 22.10 -67.28
C TRP G 192 32.20 20.89 -66.84
N ARG G 193 32.58 19.71 -67.28
CA ARG G 193 31.93 18.47 -66.88
C ARG G 193 32.91 17.65 -66.05
N PHE G 194 32.48 17.22 -64.87
CA PHE G 194 33.33 16.55 -63.91
C PHE G 194 32.70 15.25 -63.45
N ASP G 195 33.49 14.19 -63.42
CA ASP G 195 33.11 12.95 -62.76
C ASP G 195 33.37 13.13 -61.28
N ALA G 196 32.29 13.33 -60.51
CA ALA G 196 32.42 13.70 -59.10
C ALA G 196 32.87 12.53 -58.22
N LEU G 197 32.86 11.30 -58.74
CA LEU G 197 33.36 10.18 -57.95
C LEU G 197 34.84 9.94 -58.18
N ALA G 198 35.35 10.25 -59.37
CA ALA G 198 36.80 10.17 -59.60
C ALA G 198 37.53 11.25 -58.82
N ILE G 199 36.98 12.46 -58.79
CA ILE G 199 37.52 13.54 -57.96
C ILE G 199 37.04 13.27 -56.54
N GLY G 200 37.93 12.76 -55.70
CA GLY G 200 37.52 12.33 -54.37
C GLY G 200 37.30 13.49 -53.43
N LEU G 201 36.79 13.14 -52.24
CA LEU G 201 36.57 14.11 -51.17
C LEU G 201 37.78 14.26 -50.26
N ARG G 202 38.93 13.68 -50.64
CA ARG G 202 40.09 13.64 -49.78
C ARG G 202 41.28 14.40 -50.35
N ASP G 203 41.69 14.08 -51.58
CA ASP G 203 42.91 14.63 -52.16
C ASP G 203 42.61 15.79 -53.09
N PHE G 204 43.42 16.84 -53.00
CA PHE G 204 43.31 18.02 -53.85
C PHE G 204 44.35 17.90 -54.97
N LYS G 205 43.97 17.18 -56.02
CA LYS G 205 44.85 16.95 -57.16
C LYS G 205 44.72 18.12 -58.14
N ALA G 206 45.32 17.97 -59.32
CA ALA G 206 45.31 19.00 -60.34
C ALA G 206 44.83 18.44 -61.67
N ASP G 207 43.96 19.18 -62.34
CA ASP G 207 43.49 18.83 -63.67
C ASP G 207 43.33 20.12 -64.47
N ALA G 208 43.35 19.98 -65.80
CA ALA G 208 43.31 21.14 -66.69
C ALA G 208 41.98 21.86 -66.61
N GLU G 209 40.86 21.12 -66.60
CA GLU G 209 39.55 21.74 -66.42
C GLU G 209 39.40 22.29 -65.01
N LEU G 210 39.94 21.59 -64.02
CA LEU G 210 39.96 22.10 -62.66
C LEU G 210 40.83 23.35 -62.54
N ASP G 211 41.94 23.41 -63.29
CA ASP G 211 42.77 24.61 -63.27
C ASP G 211 42.08 25.78 -63.97
N ALA G 212 41.33 25.50 -65.04
CA ALA G 212 40.58 26.56 -65.70
C ALA G 212 39.48 27.12 -64.81
N LEU G 213 38.75 26.24 -64.13
CA LEU G 213 37.74 26.69 -63.17
C LEU G 213 38.38 27.41 -61.98
N ALA G 214 39.59 26.98 -61.58
CA ALA G 214 40.31 27.66 -60.52
C ALA G 214 40.73 29.06 -60.95
N GLU G 215 41.16 29.23 -62.20
CA GLU G 215 41.51 30.56 -62.71
C GLU G 215 40.28 31.44 -62.82
N LEU G 216 39.13 30.86 -63.18
CA LEU G 216 37.89 31.64 -63.24
C LEU G 216 37.46 32.12 -61.85
N ILE G 217 37.50 31.24 -60.85
CA ILE G 217 37.16 31.62 -59.48
C ILE G 217 38.21 32.59 -58.92
N ALA G 218 39.47 32.46 -59.36
CA ALA G 218 40.51 33.42 -58.99
C ALA G 218 40.23 34.80 -59.53
N SER G 219 39.80 34.89 -60.80
CA SER G 219 39.44 36.17 -61.38
C SER G 219 38.20 36.76 -60.74
N GLY G 220 37.26 35.90 -60.33
CA GLY G 220 36.10 36.38 -59.60
C GLY G 220 36.44 36.90 -58.21
N LEU G 221 37.33 36.21 -57.50
CA LEU G 221 37.68 36.60 -56.14
C LEU G 221 38.61 37.82 -56.13
N SER G 222 39.42 37.99 -57.18
CA SER G 222 40.32 39.13 -57.25
C SER G 222 39.63 40.43 -57.61
N GLY G 223 38.36 40.38 -58.02
CA GLY G 223 37.66 41.56 -58.46
C GLY G 223 37.92 41.96 -59.89
N SER G 224 38.54 41.09 -60.68
CA SER G 224 38.86 41.39 -62.07
C SER G 224 37.79 40.92 -63.04
N GLY G 225 36.67 40.40 -62.56
CA GLY G 225 35.60 39.97 -63.43
C GLY G 225 34.40 39.52 -62.63
N HIS G 226 33.31 39.28 -63.34
CA HIS G 226 32.07 38.78 -62.77
C HIS G 226 31.93 37.31 -63.11
N VAL G 227 31.78 36.47 -62.09
CA VAL G 227 31.69 35.03 -62.26
C VAL G 227 30.36 34.56 -61.70
N LEU G 228 29.48 34.09 -62.58
CA LEU G 228 28.24 33.42 -62.23
C LEU G 228 28.25 32.03 -62.85
N LEU G 229 27.98 31.02 -62.05
CA LEU G 229 28.05 29.63 -62.48
C LEU G 229 26.71 28.95 -62.22
N GLU G 230 26.30 28.12 -63.16
CA GLU G 230 25.16 27.22 -62.98
C GLU G 230 25.72 25.82 -62.77
N VAL G 231 25.53 25.27 -61.57
CA VAL G 231 26.08 23.99 -61.20
C VAL G 231 24.93 23.01 -61.04
N VAL G 232 24.96 21.95 -61.85
CA VAL G 232 23.93 20.92 -61.89
C VAL G 232 24.59 19.57 -61.61
N ALA G 233 24.07 18.85 -60.63
CA ALA G 233 24.62 17.55 -60.23
C ALA G 233 23.60 16.46 -60.50
N PHE G 234 24.03 15.41 -61.19
CA PHE G 234 23.21 14.25 -61.47
C PHE G 234 23.77 13.06 -60.69
N ALA G 235 22.96 12.49 -59.82
CA ALA G 235 23.38 11.41 -58.94
C ALA G 235 22.52 10.17 -59.16
N ARG G 236 23.16 9.01 -59.25
CA ARG G 236 22.45 7.74 -59.41
C ARG G 236 22.10 7.19 -58.02
N ILE G 237 21.07 7.79 -57.42
CA ILE G 237 20.58 7.29 -56.14
C ILE G 237 19.90 5.95 -56.32
N GLY G 238 19.20 5.75 -57.42
CA GLY G 238 18.45 4.54 -57.69
C GLY G 238 16.98 4.83 -57.92
N ASP G 239 16.30 3.82 -58.45
CA ASP G 239 14.90 3.96 -58.83
C ASP G 239 14.02 4.04 -57.59
N GLY G 240 13.33 5.17 -57.43
CA GLY G 240 12.40 5.33 -56.33
C GLY G 240 13.03 5.55 -54.98
N GLN G 241 14.32 5.81 -54.92
CA GLN G 241 15.05 5.85 -53.66
C GLN G 241 14.77 7.15 -52.91
N GLU G 242 15.14 7.15 -51.64
CA GLU G 242 14.96 8.33 -50.79
C GLU G 242 16.09 9.31 -51.04
N VAL G 243 15.74 10.54 -51.38
CA VAL G 243 16.70 11.61 -51.51
C VAL G 243 16.60 12.50 -50.29
N PHE G 244 17.67 13.22 -50.00
CA PHE G 244 17.86 13.90 -48.72
C PHE G 244 18.03 15.41 -48.95
N PRO G 245 16.96 16.18 -48.87
CA PRO G 245 17.10 17.64 -48.82
C PRO G 245 17.49 18.12 -47.44
N SER G 246 17.56 19.44 -47.31
CA SER G 246 17.78 20.05 -46.01
C SER G 246 16.52 19.91 -45.15
N GLN G 247 16.71 19.85 -43.84
CA GLN G 247 15.64 19.60 -42.89
C GLN G 247 15.39 20.84 -42.06
N GLU G 248 14.12 21.18 -41.85
CA GLU G 248 13.72 22.43 -41.25
C GLU G 248 13.55 22.31 -39.73
N LEU G 249 13.17 23.42 -39.12
CA LEU G 249 12.84 23.46 -37.71
C LEU G 249 11.58 22.64 -37.43
N ILE G 250 11.49 22.15 -36.20
CA ILE G 250 10.31 21.44 -35.73
C ILE G 250 9.72 22.26 -34.59
N LEU G 251 8.48 22.74 -34.77
CA LEU G 251 7.89 23.61 -33.76
C LEU G 251 7.36 22.83 -32.57
N ASP G 252 6.82 21.62 -32.83
CA ASP G 252 6.21 20.73 -31.82
C ASP G 252 5.09 21.43 -31.05
N LYS G 253 4.08 21.85 -31.79
CA LYS G 253 2.93 22.54 -31.22
C LYS G 253 1.64 21.71 -31.27
N GLY G 254 1.75 20.41 -31.55
CA GLY G 254 0.59 19.56 -31.62
C GLY G 254 0.66 18.38 -30.68
N ASP G 255 -0.13 17.34 -30.96
CA ASP G 255 -0.12 16.13 -30.15
C ASP G 255 1.09 15.27 -30.48
N LYS G 256 1.31 14.24 -29.67
CA LYS G 256 2.44 13.33 -29.88
C LYS G 256 2.15 12.27 -30.93
N LYS G 257 0.90 12.09 -31.34
CA LYS G 257 0.61 11.17 -32.43
C LYS G 257 0.86 11.82 -33.78
N GLY G 258 0.13 12.89 -34.09
CA GLY G 258 0.42 13.67 -35.27
C GLY G 258 1.50 14.70 -34.99
N GLN G 259 2.70 14.23 -34.65
CA GLN G 259 3.74 15.12 -34.15
C GLN G 259 4.40 15.91 -35.27
N LYS G 260 4.43 15.35 -36.49
CA LYS G 260 5.20 15.86 -37.63
C LYS G 260 6.67 16.03 -37.25
N SER G 261 7.31 14.88 -37.01
CA SER G 261 8.64 14.87 -36.44
C SER G 261 9.70 15.37 -37.40
N LYS G 262 9.46 15.28 -38.70
CA LYS G 262 10.43 15.74 -39.70
C LYS G 262 9.71 16.47 -40.83
N THR G 263 10.16 17.70 -41.10
CA THR G 263 9.75 18.45 -42.29
C THR G 263 10.99 18.81 -43.09
N LEU G 264 10.91 18.65 -44.40
CA LEU G 264 12.02 18.91 -45.30
C LEU G 264 11.86 20.27 -45.97
N TYR G 265 12.89 20.68 -46.71
CA TYR G 265 12.94 22.00 -47.33
C TYR G 265 12.44 21.93 -48.76
N SER G 266 11.42 22.73 -49.05
CA SER G 266 10.93 22.91 -50.41
C SER G 266 10.53 24.37 -50.58
N VAL G 267 10.57 24.85 -51.82
CA VAL G 267 10.25 26.25 -52.07
C VAL G 267 8.83 26.41 -52.64
N ARG G 268 8.58 25.90 -53.85
CA ARG G 268 7.25 25.87 -54.46
C ARG G 268 7.04 24.45 -54.95
N ASP G 269 6.64 23.56 -54.04
CA ASP G 269 6.38 22.14 -54.30
C ASP G 269 7.56 21.45 -54.99
N ALA G 270 8.77 21.79 -54.55
CA ALA G 270 9.99 21.28 -55.18
C ALA G 270 11.05 21.18 -54.10
N ALA G 271 11.47 19.97 -53.79
CA ALA G 271 12.39 19.73 -52.69
C ALA G 271 13.78 20.29 -53.00
N ALA G 272 14.37 20.96 -52.01
CA ALA G 272 15.57 21.74 -52.25
C ALA G 272 16.49 21.65 -51.03
N ILE G 273 17.76 21.95 -51.26
CA ILE G 273 18.78 21.99 -50.23
C ILE G 273 19.05 23.44 -49.88
N HIS G 274 19.29 23.71 -48.59
CA HIS G 274 19.57 25.06 -48.13
C HIS G 274 20.89 25.56 -48.72
N SER G 275 20.95 26.87 -48.96
CA SER G 275 22.13 27.47 -49.58
C SER G 275 23.33 27.46 -48.65
N GLN G 276 23.10 27.55 -47.33
CA GLN G 276 24.22 27.49 -46.39
C GLN G 276 24.84 26.09 -46.36
N LYS G 277 24.07 25.04 -46.66
CA LYS G 277 24.63 23.70 -46.78
C LYS G 277 25.54 23.60 -47.99
N ILE G 278 25.16 24.22 -49.12
CA ILE G 278 26.00 24.24 -50.31
C ILE G 278 27.26 25.05 -50.06
N GLY G 279 27.13 26.17 -49.35
CA GLY G 279 28.29 26.98 -49.02
C GLY G 279 29.24 26.27 -48.06
N ASN G 280 28.68 25.50 -47.11
CA ASN G 280 29.49 24.69 -46.21
C ASN G 280 30.23 23.60 -46.97
N ALA G 281 29.57 22.99 -47.95
CA ALA G 281 30.22 21.98 -48.76
C ALA G 281 31.33 22.57 -49.63
N LEU G 282 31.12 23.79 -50.13
CA LEU G 282 32.14 24.45 -50.92
C LEU G 282 33.32 24.88 -50.04
N ARG G 283 33.04 25.27 -48.80
CA ARG G 283 34.06 25.73 -47.87
C ARG G 283 34.91 24.61 -47.29
N THR G 284 34.64 23.35 -47.61
CA THR G 284 35.36 22.27 -46.94
C THR G 284 36.70 22.14 -47.67
N ILE G 285 37.63 23.02 -47.33
CA ILE G 285 38.95 23.06 -47.95
C ILE G 285 40.08 22.98 -46.93
N ASP G 286 39.76 23.07 -45.63
CA ASP G 286 40.77 23.18 -44.59
C ASP G 286 41.48 21.85 -44.41
N THR G 287 42.78 21.81 -44.72
CA THR G 287 43.61 20.64 -44.51
C THR G 287 44.86 20.96 -43.71
N TRP G 288 44.83 22.03 -42.91
CA TRP G 288 46.02 22.51 -42.22
C TRP G 288 45.77 22.73 -40.74
N TYR G 289 44.83 21.96 -40.16
CA TYR G 289 44.58 22.06 -38.74
C TYR G 289 45.71 21.37 -37.97
N PRO G 290 45.90 21.70 -36.68
CA PRO G 290 46.98 21.05 -35.91
C PRO G 290 46.81 19.55 -35.72
N ASP G 291 45.60 19.02 -35.85
CA ASP G 291 45.42 17.57 -35.76
C ASP G 291 45.80 16.91 -37.08
N GLU G 292 45.65 15.60 -37.14
CA GLU G 292 46.04 14.84 -38.33
C GLU G 292 45.07 15.08 -39.48
N ASP G 293 45.64 15.35 -40.66
CA ASP G 293 44.85 15.64 -41.84
C ASP G 293 44.49 14.39 -42.64
N GLY G 294 44.82 13.20 -42.14
CA GLY G 294 44.38 11.97 -42.77
C GLY G 294 42.92 11.66 -42.56
N LEU G 295 42.27 12.36 -41.62
CA LEU G 295 40.82 12.24 -41.45
C LEU G 295 40.09 12.79 -42.68
N GLY G 296 40.59 13.89 -43.24
CA GLY G 296 39.97 14.49 -44.39
C GLY G 296 39.81 15.99 -44.21
N PRO G 297 39.54 16.71 -45.30
CA PRO G 297 39.32 18.16 -45.20
C PRO G 297 38.05 18.49 -44.43
N ILE G 298 38.11 19.60 -43.70
CA ILE G 298 36.97 20.11 -42.97
C ILE G 298 36.66 21.52 -43.48
N ALA G 299 35.57 22.08 -42.97
CA ALA G 299 35.13 23.39 -43.41
C ALA G 299 36.03 24.49 -42.85
N VAL G 300 36.37 25.44 -43.69
CA VAL G 300 36.98 26.67 -43.19
C VAL G 300 35.91 27.46 -42.46
N GLU G 301 36.14 27.68 -41.17
CA GLU G 301 35.22 28.28 -40.21
C GLU G 301 36.06 28.51 -38.96
N PRO G 302 35.83 29.59 -38.21
CA PRO G 302 36.69 29.90 -37.05
C PRO G 302 36.56 28.85 -35.96
N TYR G 303 37.72 28.49 -35.39
CA TYR G 303 37.92 27.32 -34.52
C TYR G 303 37.48 26.01 -35.17
N GLY G 304 37.66 25.92 -36.50
CA GLY G 304 37.69 24.70 -37.31
C GLY G 304 36.77 23.55 -36.98
N SER G 305 35.49 23.84 -36.76
CA SER G 305 34.59 22.85 -36.17
C SER G 305 33.91 22.00 -37.23
N VAL G 306 33.70 20.73 -36.89
CA VAL G 306 32.72 19.88 -37.54
C VAL G 306 31.75 19.41 -36.48
N THR G 307 30.44 19.61 -36.74
CA THR G 307 29.45 19.35 -35.71
C THR G 307 29.08 17.88 -35.60
N SER G 308 29.39 17.07 -36.63
CA SER G 308 29.15 15.64 -36.52
C SER G 308 30.15 14.98 -35.58
N GLN G 309 31.43 15.33 -35.71
CA GLN G 309 32.44 14.76 -34.83
C GLN G 309 32.49 15.45 -33.48
N GLY G 310 31.88 16.62 -33.33
CA GLY G 310 31.71 17.25 -32.05
C GLY G 310 32.94 17.90 -31.46
N LYS G 311 34.08 17.83 -32.13
CA LYS G 311 35.33 18.40 -31.65
C LYS G 311 35.70 19.60 -32.53
N ALA G 312 36.50 20.49 -31.97
CA ALA G 312 36.95 21.69 -32.67
C ALA G 312 38.44 21.54 -32.96
N TYR G 313 38.77 21.27 -34.21
CA TYR G 313 40.14 21.44 -34.66
C TYR G 313 40.47 22.93 -34.67
N ARG G 314 41.77 23.25 -34.58
CA ARG G 314 42.28 24.61 -34.38
C ARG G 314 41.67 25.25 -33.13
N GLN G 315 42.03 24.67 -31.98
CA GLN G 315 41.56 25.18 -30.71
C GLN G 315 42.17 26.55 -30.42
N PRO G 316 41.48 27.40 -29.67
CA PRO G 316 42.05 28.73 -29.35
C PRO G 316 43.29 28.67 -28.46
N LYS G 317 43.48 27.61 -27.67
CA LYS G 317 44.70 27.48 -26.88
C LYS G 317 45.91 27.28 -27.76
N GLN G 318 45.79 26.45 -28.80
CA GLN G 318 46.81 26.40 -29.82
C GLN G 318 46.77 27.66 -30.66
N LYS G 319 47.90 28.02 -31.24
CA LYS G 319 48.00 29.26 -32.00
C LYS G 319 47.72 29.05 -33.48
N LEU G 320 46.60 28.38 -33.79
CA LEU G 320 46.29 28.06 -35.18
C LEU G 320 44.82 28.28 -35.52
N ASP G 321 44.02 28.87 -34.63
CA ASP G 321 42.67 29.28 -34.98
C ASP G 321 42.71 30.59 -35.76
N PHE G 322 41.55 30.97 -36.31
CA PHE G 322 41.49 32.10 -37.23
C PHE G 322 41.75 33.43 -36.53
N TYR G 323 41.22 33.61 -35.32
CA TYR G 323 41.29 34.91 -34.68
C TYR G 323 42.69 35.24 -34.17
N THR G 324 43.38 34.26 -33.58
CA THR G 324 44.74 34.49 -33.13
C THR G 324 45.70 34.66 -34.30
N LEU G 325 45.49 33.91 -35.38
CA LEU G 325 46.32 34.08 -36.57
C LEU G 325 46.08 35.43 -37.23
N LEU G 326 44.82 35.91 -37.21
CA LEU G 326 44.51 37.23 -37.74
C LEU G 326 45.11 38.34 -36.88
N ASP G 327 45.10 38.15 -35.56
CA ASP G 327 45.70 39.13 -34.66
C ASP G 327 47.22 39.15 -34.79
N ASN G 328 47.84 38.00 -35.03
CA ASN G 328 49.28 37.97 -35.24
C ASN G 328 49.64 38.54 -36.60
N TRP G 329 48.79 38.34 -37.61
CA TRP G 329 49.10 38.77 -38.96
C TRP G 329 48.93 40.27 -39.14
N VAL G 330 48.00 40.88 -38.40
CA VAL G 330 47.61 42.27 -38.63
C VAL G 330 48.18 43.20 -37.57
N LEU G 331 47.98 42.88 -36.29
CA LEU G 331 48.33 43.80 -35.21
C LEU G 331 49.84 43.91 -35.03
N ARG G 332 50.53 42.76 -34.98
CA ARG G 332 51.96 42.73 -34.70
C ARG G 332 52.76 42.21 -35.88
N ASP G 333 52.12 41.98 -37.03
CA ASP G 333 52.76 41.66 -38.32
C ASP G 333 53.58 40.37 -38.28
N GLU G 334 53.21 39.43 -37.42
CA GLU G 334 53.79 38.08 -37.46
C GLU G 334 53.01 37.30 -38.49
N ALA G 335 53.52 37.26 -39.70
CA ALA G 335 52.87 36.54 -40.79
C ALA G 335 52.99 35.04 -40.55
N PRO G 336 51.89 34.29 -40.56
CA PRO G 336 51.96 32.85 -40.34
C PRO G 336 52.50 32.09 -41.54
N ALA G 337 52.43 30.76 -41.49
CA ALA G 337 52.76 29.94 -42.64
C ALA G 337 51.75 30.17 -43.75
N VAL G 338 52.16 29.81 -44.98
CA VAL G 338 51.35 30.09 -46.17
C VAL G 338 50.04 29.33 -46.15
N GLU G 339 50.04 28.12 -45.60
CA GLU G 339 48.80 27.35 -45.48
C GLU G 339 47.84 27.98 -44.47
N GLN G 340 48.37 28.43 -43.34
CA GLN G 340 47.54 29.10 -42.34
C GLN G 340 47.05 30.45 -42.82
N GLN G 341 47.85 31.14 -43.64
CA GLN G 341 47.38 32.39 -44.21
C GLN G 341 46.35 32.15 -45.31
N HIS G 342 46.43 31.00 -46.00
CA HIS G 342 45.33 30.59 -46.87
C HIS G 342 44.06 30.34 -46.09
N TYR G 343 44.19 29.74 -44.89
CA TYR G 343 43.03 29.52 -44.03
C TYR G 343 42.41 30.84 -43.57
N VAL G 344 43.26 31.82 -43.22
CA VAL G 344 42.76 33.13 -42.79
C VAL G 344 42.05 33.87 -43.92
N ILE G 345 42.64 33.85 -45.13
CA ILE G 345 41.99 34.49 -46.27
C ILE G 345 40.71 33.74 -46.67
N ALA G 346 40.67 32.41 -46.48
CA ALA G 346 39.46 31.67 -46.78
C ALA G 346 38.34 31.98 -45.77
N ASN G 347 38.70 32.24 -44.51
CA ASN G 347 37.72 32.75 -43.56
C ASN G 347 37.23 34.14 -43.95
N LEU G 348 38.12 34.97 -44.47
CA LEU G 348 37.71 36.29 -44.94
C LEU G 348 36.80 36.19 -46.17
N ILE G 349 37.03 35.18 -47.02
CA ILE G 349 36.18 34.96 -48.18
C ILE G 349 34.80 34.48 -47.76
N ARG G 350 34.74 33.53 -46.81
CA ARG G 350 33.46 32.97 -46.40
C ARG G 350 32.61 33.94 -45.59
N GLY G 351 33.19 35.03 -45.09
CA GLY G 351 32.44 36.00 -44.34
C GLY G 351 32.18 35.56 -42.92
N GLY G 352 31.47 36.39 -42.19
CA GLY G 352 31.12 36.12 -40.82
C GLY G 352 31.08 37.40 -40.01
N VAL G 353 30.47 37.30 -38.84
CA VAL G 353 30.47 38.43 -37.89
C VAL G 353 31.71 38.24 -37.03
N PHE G 354 32.83 38.73 -37.54
CA PHE G 354 34.07 38.72 -36.80
C PHE G 354 34.14 39.94 -35.89
N GLY G 355 35.17 39.99 -35.07
CA GLY G 355 35.25 41.10 -34.14
C GLY G 355 34.55 40.80 -32.83
N GLU G 356 35.01 41.45 -31.77
CA GLU G 356 34.52 41.18 -30.43
C GLU G 356 33.23 41.96 -30.17
N ALA G 357 32.81 42.00 -28.92
CA ALA G 357 31.59 42.72 -28.55
C ALA G 357 31.78 43.44 -27.22
N ILE H 23 19.80 89.83 -31.54
CA ILE H 23 21.03 89.04 -31.57
C ILE H 23 20.85 87.89 -32.56
N LEU H 24 19.59 87.69 -32.96
CA LEU H 24 19.15 86.69 -33.96
C LEU H 24 19.56 85.28 -33.49
N SER H 25 18.90 84.87 -32.41
CA SER H 25 19.06 83.51 -31.92
C SER H 25 18.32 82.53 -32.82
N THR H 26 18.86 81.32 -32.94
CA THR H 26 18.22 80.28 -33.72
C THR H 26 16.95 79.78 -33.02
N ALA H 27 16.00 79.32 -33.81
CA ALA H 27 14.70 78.91 -33.29
C ALA H 27 14.81 77.59 -32.55
N SER H 28 13.93 77.40 -31.57
CA SER H 28 13.89 76.15 -30.82
C SER H 28 13.40 74.99 -31.68
N VAL H 29 12.41 75.24 -32.54
CA VAL H 29 11.94 74.26 -33.51
C VAL H 29 12.25 74.78 -34.91
N LEU H 30 12.92 73.96 -35.70
CA LEU H 30 13.23 74.28 -37.09
C LEU H 30 12.98 73.03 -37.93
N ALA H 31 11.80 72.46 -37.77
CA ALA H 31 11.45 71.22 -38.47
C ALA H 31 11.31 71.46 -39.96
N PHE H 32 11.97 70.62 -40.76
CA PHE H 32 11.93 70.70 -42.21
C PHE H 32 11.25 69.47 -42.77
N GLU H 33 10.43 69.67 -43.80
CA GLU H 33 9.84 68.54 -44.49
C GLU H 33 10.87 67.84 -45.35
N ARG H 34 10.54 66.62 -45.78
CA ARG H 34 11.43 65.82 -46.60
C ARG H 34 11.13 66.08 -48.07
N LYS H 35 12.05 66.74 -48.75
CA LYS H 35 12.00 66.80 -50.20
C LYS H 35 12.64 65.54 -50.77
N LEU H 36 12.38 65.30 -52.05
CA LEU H 36 12.65 64.03 -52.73
C LEU H 36 12.03 62.86 -51.96
N ASP H 37 10.70 62.87 -51.91
CA ASP H 37 9.96 61.86 -51.15
C ASP H 37 9.97 60.54 -51.91
N PRO H 38 10.53 59.47 -51.35
CA PRO H 38 10.51 58.18 -52.04
C PRO H 38 9.36 57.29 -51.59
N SER H 39 9.18 56.18 -52.27
CA SER H 39 8.19 55.18 -51.90
C SER H 39 8.89 53.89 -51.50
N ASP H 40 8.12 52.95 -50.95
CA ASP H 40 8.63 51.63 -50.63
C ASP H 40 8.92 50.88 -51.93
N ALA H 41 10.18 50.63 -52.20
CA ALA H 41 10.63 50.11 -53.49
C ALA H 41 10.33 48.61 -53.56
N LEU H 42 9.27 48.25 -54.27
CA LEU H 42 8.89 46.85 -54.39
C LEU H 42 9.84 46.14 -55.36
N MET H 43 10.23 44.92 -55.01
CA MET H 43 11.09 44.12 -55.86
C MET H 43 10.31 42.92 -56.39
N SER H 44 10.29 42.80 -57.71
CA SER H 44 9.77 41.67 -58.45
C SER H 44 10.91 40.97 -59.17
N ALA H 45 10.59 39.90 -59.87
CA ALA H 45 11.58 39.07 -60.52
C ALA H 45 11.21 38.82 -61.97
N GLY H 46 12.22 38.61 -62.80
CA GLY H 46 11.98 38.36 -64.20
C GLY H 46 13.26 37.98 -64.91
N ALA H 47 13.22 38.12 -66.24
CA ALA H 47 14.34 37.76 -67.08
C ALA H 47 14.86 38.98 -67.82
N TRP H 48 16.16 38.99 -68.08
CA TRP H 48 16.77 40.00 -68.94
C TRP H 48 16.26 39.81 -70.37
N ALA H 49 16.21 40.93 -71.10
CA ALA H 49 15.61 41.14 -72.43
C ALA H 49 14.09 40.96 -72.45
N GLN H 50 13.47 40.66 -71.31
CA GLN H 50 12.03 40.77 -71.14
C GLN H 50 11.68 41.87 -70.14
N ARG H 51 12.63 42.74 -69.82
CA ARG H 51 12.43 43.79 -68.85
C ARG H 51 11.67 44.99 -69.41
N ASP H 52 11.48 45.05 -70.72
CA ASP H 52 10.64 46.10 -71.30
C ASP H 52 9.18 45.89 -70.93
N ALA H 53 8.71 44.64 -70.95
CA ALA H 53 7.38 44.30 -70.47
C ALA H 53 7.53 43.65 -69.10
N SER H 54 7.62 44.49 -68.08
CA SER H 54 7.90 44.04 -66.72
C SER H 54 6.84 44.46 -65.72
N GLN H 55 5.67 44.93 -66.18
CA GLN H 55 4.61 45.32 -65.28
C GLN H 55 3.81 44.13 -64.75
N GLU H 56 3.95 42.97 -65.40
CA GLU H 56 3.27 41.75 -65.00
C GLU H 56 4.19 40.79 -64.23
N TRP H 57 5.40 41.24 -63.90
CA TRP H 57 6.41 40.38 -63.28
C TRP H 57 5.99 40.00 -61.87
N PRO H 58 6.11 38.74 -61.48
CA PRO H 58 5.70 38.33 -60.14
C PRO H 58 6.66 38.84 -59.08
N ALA H 59 6.09 39.22 -57.94
CA ALA H 59 6.88 39.81 -56.87
C ALA H 59 7.72 38.75 -56.16
N VAL H 60 8.86 39.18 -55.63
CA VAL H 60 9.72 38.30 -54.86
C VAL H 60 9.08 38.06 -53.50
N THR H 61 8.89 36.79 -53.14
CA THR H 61 8.24 36.43 -51.90
C THR H 61 9.28 36.27 -50.79
N VAL H 62 8.90 36.68 -49.58
CA VAL H 62 9.77 36.57 -48.41
C VAL H 62 9.42 35.24 -47.75
N ARG H 63 10.16 34.19 -48.10
CA ARG H 63 9.88 32.88 -47.56
C ARG H 63 10.72 32.65 -46.30
N GLU H 64 10.60 31.46 -45.72
CA GLU H 64 11.30 31.11 -44.50
C GLU H 64 12.21 29.91 -44.74
N LYS H 65 13.34 29.89 -44.04
CA LYS H 65 14.20 28.72 -44.04
C LYS H 65 14.91 28.63 -42.69
N SER H 66 15.58 27.51 -42.45
CA SER H 66 16.24 27.26 -41.19
C SER H 66 17.75 27.20 -41.38
N VAL H 67 18.48 27.77 -40.43
CA VAL H 67 19.93 27.77 -40.42
C VAL H 67 20.43 27.12 -39.12
N ARG H 68 21.53 26.39 -39.21
CA ARG H 68 22.20 25.82 -38.05
C ARG H 68 23.47 26.63 -37.79
N GLY H 69 23.47 27.42 -36.72
CA GLY H 69 24.58 28.31 -36.48
C GLY H 69 25.69 27.71 -35.66
N THR H 70 26.86 27.54 -36.27
CA THR H 70 28.04 27.07 -35.56
C THR H 70 28.70 28.23 -34.83
N ILE H 71 29.65 27.91 -33.96
CA ILE H 71 30.35 28.91 -33.17
C ILE H 71 31.45 29.51 -34.03
N SER H 72 31.30 30.80 -34.38
CA SER H 72 32.29 31.46 -35.23
C SER H 72 32.62 32.87 -34.75
N ASN H 73 32.32 33.20 -33.50
CA ASN H 73 32.57 34.52 -32.95
C ASN H 73 33.76 34.47 -31.99
N ARG H 74 34.24 35.66 -31.62
CA ARG H 74 35.36 35.75 -30.70
C ARG H 74 34.95 35.31 -29.30
N LEU H 75 35.81 34.53 -28.64
CA LEU H 75 35.51 34.05 -27.31
C LEU H 75 36.02 35.05 -26.27
N LYS H 76 35.43 34.97 -25.07
CA LYS H 76 35.68 35.96 -24.03
C LYS H 76 36.71 35.51 -23.00
N THR H 77 37.66 34.66 -23.40
CA THR H 77 38.81 34.17 -22.63
C THR H 77 38.35 33.40 -21.39
N LYS H 78 37.14 32.84 -21.42
CA LYS H 78 36.64 31.97 -20.36
C LYS H 78 36.14 30.64 -20.88
N ASP H 79 35.53 30.64 -22.06
CA ASP H 79 35.11 29.41 -22.71
C ASP H 79 36.16 28.84 -23.67
N ARG H 80 37.33 29.46 -23.69
CA ARG H 80 38.40 29.07 -24.60
C ARG H 80 38.99 27.71 -24.27
N ASP H 81 38.55 27.09 -23.18
CA ASP H 81 38.94 25.73 -22.87
C ASP H 81 38.34 24.77 -23.89
N PRO H 82 39.03 23.69 -24.24
CA PRO H 82 38.50 22.79 -25.28
C PRO H 82 37.25 22.03 -24.87
N ALA H 83 37.07 21.76 -23.58
CA ALA H 83 35.93 20.96 -23.13
C ALA H 83 34.62 21.69 -23.31
N LYS H 84 34.54 22.95 -22.84
CA LYS H 84 33.29 23.68 -22.96
C LYS H 84 33.04 24.14 -24.40
N LEU H 85 34.11 24.43 -25.14
CA LEU H 85 33.96 24.76 -26.56
C LEU H 85 33.42 23.57 -27.35
N ASP H 86 33.95 22.37 -27.10
CA ASP H 86 33.44 21.18 -27.77
C ASP H 86 32.04 20.81 -27.28
N ALA H 87 31.71 21.15 -26.03
CA ALA H 87 30.34 20.92 -25.55
C ALA H 87 29.35 21.84 -26.22
N SER H 88 29.73 23.10 -26.45
CA SER H 88 28.84 24.03 -27.16
C SER H 88 28.73 23.68 -28.64
N ILE H 89 29.83 23.21 -29.24
CA ILE H 89 29.83 22.83 -30.64
C ILE H 89 29.05 21.53 -30.86
N GLN H 90 29.05 20.64 -29.86
CA GLN H 90 28.28 19.41 -29.92
C GLN H 90 26.78 19.67 -29.95
N SER H 91 26.33 20.74 -29.31
CA SER H 91 24.91 21.11 -29.25
C SER H 91 24.76 22.52 -29.78
N PRO H 92 24.64 22.68 -31.11
CA PRO H 92 24.53 24.02 -31.68
C PRO H 92 23.13 24.59 -31.59
N ASN H 93 22.92 25.76 -32.18
CA ASN H 93 21.67 26.49 -32.08
C ASN H 93 21.07 26.70 -33.45
N LEU H 94 19.76 26.51 -33.55
CA LEU H 94 19.02 26.62 -34.80
C LEU H 94 18.20 27.91 -34.83
N GLN H 95 18.07 28.48 -36.03
CA GLN H 95 17.30 29.69 -36.22
C GLN H 95 16.45 29.56 -37.48
N THR H 96 15.39 30.36 -37.52
CA THR H 96 14.58 30.53 -38.73
C THR H 96 14.78 31.94 -39.26
N VAL H 97 15.13 32.05 -40.53
CA VAL H 97 15.41 33.32 -41.18
C VAL H 97 14.40 33.54 -42.29
N ASP H 98 13.89 34.77 -42.38
CA ASP H 98 13.18 35.20 -43.58
C ASP H 98 14.21 35.43 -44.68
N VAL H 99 14.04 34.76 -45.80
CA VAL H 99 14.95 34.88 -46.92
C VAL H 99 14.15 35.25 -48.17
N ALA H 100 14.70 36.16 -48.97
CA ALA H 100 14.10 36.57 -50.22
C ALA H 100 15.03 36.17 -51.35
N ASN H 101 14.53 35.35 -52.26
CA ASN H 101 15.31 34.85 -53.38
C ASN H 101 14.54 35.08 -54.67
N LEU H 102 15.27 35.13 -55.77
CA LEU H 102 14.65 35.04 -57.07
C LEU H 102 14.20 33.60 -57.31
N PRO H 103 13.22 33.41 -58.20
CA PRO H 103 12.93 32.05 -58.67
C PRO H 103 14.09 31.49 -59.47
N SER H 104 14.08 30.16 -59.60
CA SER H 104 15.16 29.45 -60.30
C SER H 104 15.17 29.69 -61.81
N ASP H 105 14.12 30.28 -62.36
CA ASP H 105 14.07 30.64 -63.78
C ASP H 105 14.08 32.15 -64.00
N ALA H 106 14.42 32.93 -62.98
CA ALA H 106 14.44 34.38 -63.08
C ALA H 106 15.79 34.89 -62.59
N ASP H 107 16.54 35.56 -63.47
CA ASP H 107 17.85 36.08 -63.13
C ASP H 107 17.86 37.56 -62.82
N THR H 108 16.84 38.30 -63.22
CA THR H 108 16.81 39.75 -63.12
C THR H 108 15.91 40.18 -61.98
N LEU H 109 16.43 41.02 -61.09
CA LEU H 109 15.64 41.62 -60.03
C LEU H 109 15.20 43.01 -60.48
N LYS H 110 13.90 43.29 -60.36
CA LYS H 110 13.32 44.58 -60.68
C LYS H 110 12.93 45.27 -59.39
N VAL H 111 13.36 46.51 -59.21
CA VAL H 111 13.05 47.29 -58.02
C VAL H 111 12.40 48.59 -58.49
N ARG H 112 11.18 48.85 -58.02
CA ARG H 112 10.36 49.94 -58.51
C ARG H 112 9.97 50.85 -57.36
N PHE H 113 10.14 52.16 -57.57
CA PHE H 113 9.68 53.14 -56.59
C PHE H 113 9.42 54.47 -57.30
N THR H 114 8.63 55.31 -56.67
CA THR H 114 8.33 56.64 -57.19
C THR H 114 8.93 57.69 -56.27
N LEU H 115 9.71 58.59 -56.86
CA LEU H 115 10.30 59.73 -56.17
C LEU H 115 9.47 60.97 -56.47
N ARG H 116 9.31 61.83 -55.46
CA ARG H 116 8.51 63.04 -55.59
C ARG H 116 9.37 64.24 -55.19
N VAL H 117 9.87 64.98 -56.18
CA VAL H 117 10.72 66.14 -55.94
C VAL H 117 9.81 67.33 -55.66
N LEU H 118 9.75 67.75 -54.40
CA LEU H 118 8.73 68.72 -54.00
C LEU H 118 9.15 70.16 -54.30
N GLY H 119 10.21 70.63 -53.66
CA GLY H 119 10.61 72.01 -53.75
C GLY H 119 10.19 72.82 -52.54
N GLY H 120 10.63 74.07 -52.53
CA GLY H 120 10.47 74.90 -51.34
C GLY H 120 11.32 74.41 -50.19
N ALA H 121 12.58 74.06 -50.45
CA ALA H 121 13.44 73.45 -49.45
C ALA H 121 13.89 74.44 -48.38
N GLY H 122 13.90 75.73 -48.67
CA GLY H 122 14.34 76.70 -47.68
C GLY H 122 13.30 76.95 -46.59
N THR H 123 12.02 76.76 -46.92
CA THR H 123 10.95 77.04 -45.98
C THR H 123 10.78 75.88 -45.01
N PRO H 124 10.89 76.11 -43.70
CA PRO H 124 10.64 75.03 -42.74
C PRO H 124 9.16 74.88 -42.45
N SER H 125 8.79 73.67 -42.03
CA SER H 125 7.39 73.40 -41.70
C SER H 125 7.00 74.08 -40.39
N ALA H 126 7.86 74.03 -39.38
CA ALA H 126 7.61 74.65 -38.10
C ALA H 126 8.78 75.54 -37.73
N CYS H 127 8.49 76.70 -37.16
CA CYS H 127 9.53 77.64 -36.74
C CYS H 127 9.01 78.49 -35.60
N ASN H 128 9.72 78.47 -34.47
CA ASN H 128 9.32 79.29 -33.33
C ASN H 128 9.65 80.76 -33.53
N ASP H 129 10.72 81.07 -34.25
CA ASP H 129 11.16 82.45 -34.47
C ASP H 129 10.82 82.84 -35.90
N ALA H 130 10.07 83.94 -36.05
CA ALA H 130 9.73 84.44 -37.38
C ALA H 130 10.91 85.13 -38.04
N ALA H 131 11.70 85.89 -37.27
CA ALA H 131 12.83 86.61 -37.83
C ALA H 131 13.94 85.67 -38.27
N TYR H 132 14.15 84.59 -37.51
CA TYR H 132 15.12 83.58 -37.91
C TYR H 132 14.65 82.84 -39.17
N ARG H 133 13.35 82.61 -39.28
CA ARG H 133 12.79 82.03 -40.50
C ARG H 133 12.99 82.94 -41.70
N ASP H 134 12.81 84.25 -41.50
CA ASP H 134 13.05 85.22 -42.57
C ASP H 134 14.51 85.26 -42.97
N LYS H 135 15.42 85.19 -41.99
CA LYS H 135 16.85 85.20 -42.30
C LYS H 135 17.28 83.93 -43.01
N LEU H 136 16.73 82.77 -42.61
CA LEU H 136 17.03 81.52 -43.30
C LEU H 136 16.47 81.53 -44.73
N LEU H 137 15.28 82.11 -44.91
CA LEU H 137 14.72 82.23 -46.25
C LEU H 137 15.55 83.15 -47.13
N GLN H 138 16.05 84.25 -46.57
CA GLN H 138 16.95 85.14 -47.30
C GLN H 138 18.27 84.45 -47.63
N THR H 139 18.77 83.61 -46.72
CA THR H 139 20.02 82.88 -46.95
C THR H 139 19.87 81.87 -48.08
N VAL H 140 18.78 81.10 -48.07
CA VAL H 140 18.52 80.14 -49.15
C VAL H 140 18.25 80.87 -50.47
N ALA H 141 17.58 82.03 -50.40
CA ALA H 141 17.30 82.80 -51.61
C ALA H 141 18.57 83.37 -52.23
N THR H 142 19.50 83.86 -51.39
CA THR H 142 20.78 84.33 -51.90
C THR H 142 21.63 83.19 -52.44
N TYR H 143 21.52 82.00 -51.83
CA TYR H 143 22.16 80.81 -52.38
C TYR H 143 21.63 80.49 -53.77
N VAL H 144 20.31 80.46 -53.92
CA VAL H 144 19.66 80.10 -55.18
C VAL H 144 19.96 81.13 -56.26
N ASN H 145 20.00 82.40 -55.87
CA ASN H 145 20.40 83.46 -56.81
C ASN H 145 21.87 83.31 -57.22
N ASP H 146 22.73 82.90 -56.27
CA ASP H 146 24.14 82.69 -56.62
C ASP H 146 24.34 81.35 -57.33
N GLN H 147 24.08 80.24 -56.63
CA GLN H 147 24.23 78.90 -57.19
C GLN H 147 23.00 78.09 -56.80
N GLY H 148 22.10 77.87 -57.75
CA GLY H 148 20.85 77.19 -57.46
C GLY H 148 21.05 75.69 -57.24
N PHE H 149 19.93 74.97 -57.34
CA PHE H 149 19.95 73.51 -57.17
C PHE H 149 20.45 72.82 -58.44
N ALA H 150 21.70 73.12 -58.81
CA ALA H 150 22.28 72.59 -60.03
C ALA H 150 23.29 71.49 -59.76
N GLU H 151 24.22 71.73 -58.83
CA GLU H 151 25.16 70.68 -58.42
C GLU H 151 24.44 69.61 -57.59
N LEU H 152 23.54 70.04 -56.71
CA LEU H 152 22.81 69.11 -55.85
C LEU H 152 21.91 68.19 -56.66
N ALA H 153 21.17 68.75 -57.61
CA ALA H 153 20.31 67.92 -58.45
C ALA H 153 21.12 67.05 -59.40
N ARG H 154 22.31 67.50 -59.80
CA ARG H 154 23.20 66.65 -60.59
C ARG H 154 23.66 65.44 -59.78
N ARG H 155 23.99 65.64 -58.52
CA ARG H 155 24.41 64.51 -57.70
C ARG H 155 23.23 63.61 -57.31
N TYR H 156 22.03 64.19 -57.16
CA TYR H 156 20.84 63.37 -56.92
C TYR H 156 20.49 62.53 -58.14
N ALA H 157 20.63 63.13 -59.34
CA ALA H 157 20.44 62.38 -60.58
C ALA H 157 21.52 61.34 -60.77
N HIS H 158 22.73 61.59 -60.26
CA HIS H 158 23.77 60.57 -60.25
C HIS H 158 23.39 59.41 -59.36
N ASN H 159 22.96 59.70 -58.13
CA ASN H 159 22.59 58.65 -57.18
C ASN H 159 21.32 57.91 -57.59
N LEU H 160 20.49 58.50 -58.44
CA LEU H 160 19.41 57.76 -59.06
C LEU H 160 19.91 56.96 -60.27
N ALA H 161 20.90 57.49 -60.99
CA ALA H 161 21.35 56.87 -62.24
C ALA H 161 22.10 55.58 -61.98
N ASN H 162 23.08 55.61 -61.08
CA ASN H 162 23.60 54.36 -60.54
C ASN H 162 22.64 53.86 -59.48
N ALA H 163 22.42 52.56 -59.45
CA ALA H 163 21.42 52.00 -58.54
C ALA H 163 22.03 51.79 -57.15
N ARG H 164 22.29 52.92 -56.48
CA ARG H 164 22.78 52.86 -55.12
C ARG H 164 21.68 52.45 -54.15
N PHE H 165 20.41 52.62 -54.54
CA PHE H 165 19.31 52.09 -53.74
C PHE H 165 19.25 50.57 -53.77
N LEU H 166 19.87 49.94 -54.77
CA LEU H 166 20.24 48.54 -54.68
C LEU H 166 21.50 48.50 -53.83
N TRP H 167 21.35 48.17 -52.55
CA TRP H 167 22.50 48.25 -51.65
C TRP H 167 23.39 47.02 -51.78
N ARG H 168 22.87 45.85 -51.45
CA ARG H 168 23.57 44.60 -51.67
C ARG H 168 23.05 43.86 -52.89
N ASN H 169 22.12 44.46 -53.64
CA ASN H 169 21.68 43.93 -54.92
C ASN H 169 22.51 44.47 -56.07
N ARG H 170 23.52 45.28 -55.78
CA ARG H 170 24.41 45.87 -56.78
C ARG H 170 25.84 45.37 -56.66
N VAL H 171 26.21 44.75 -55.55
CA VAL H 171 27.61 44.46 -55.25
C VAL H 171 28.18 43.38 -56.16
N GLY H 172 27.35 42.48 -56.65
CA GLY H 172 27.82 41.45 -57.56
C GLY H 172 26.95 41.31 -58.79
N ALA H 173 26.22 42.38 -59.11
CA ALA H 173 25.30 42.34 -60.23
C ALA H 173 26.05 42.40 -61.56
N GLU H 174 25.62 41.57 -62.51
CA GLU H 174 26.29 41.51 -63.81
C GLU H 174 26.02 42.75 -64.64
N ALA H 175 24.78 43.22 -64.64
CA ALA H 175 24.41 44.42 -65.39
C ALA H 175 23.21 45.07 -64.70
N VAL H 176 23.33 46.36 -64.40
CA VAL H 176 22.24 47.12 -63.79
C VAL H 176 21.81 48.21 -64.75
N GLU H 177 20.50 48.33 -64.96
CA GLU H 177 19.92 49.32 -65.85
C GLU H 177 18.80 50.04 -65.11
N VAL H 178 18.83 51.37 -65.13
CA VAL H 178 17.89 52.19 -64.39
C VAL H 178 17.04 52.97 -65.38
N ARG H 179 15.73 52.80 -65.29
CA ARG H 179 14.77 53.52 -66.14
C ARG H 179 13.98 54.49 -65.27
N ILE H 180 14.06 55.77 -65.60
CA ILE H 180 13.40 56.83 -64.84
C ILE H 180 12.41 57.53 -65.77
N ASN H 181 11.14 57.47 -65.43
CA ASN H 181 10.08 58.05 -66.25
C ASN H 181 9.44 59.20 -65.50
N HIS H 182 9.39 60.37 -66.13
CA HIS H 182 8.74 61.54 -65.53
C HIS H 182 7.25 61.43 -65.75
N ILE H 183 6.50 61.21 -64.68
CA ILE H 183 5.07 60.96 -64.75
C ILE H 183 4.34 62.30 -64.70
N ARG H 184 3.74 62.69 -65.82
CA ARG H 184 2.97 63.92 -65.91
C ARG H 184 1.54 63.58 -66.34
N GLN H 185 0.56 63.91 -65.49
CA GLN H 185 -0.87 63.64 -65.70
C GLN H 185 -1.12 62.15 -65.94
N GLY H 186 -0.40 61.30 -65.22
CA GLY H 186 -0.52 59.87 -65.38
C GLY H 186 0.18 59.30 -66.60
N GLU H 187 0.92 60.13 -67.34
CA GLU H 187 1.62 59.69 -68.54
C GLU H 187 3.09 60.03 -68.42
N VAL H 188 3.92 59.27 -69.13
CA VAL H 188 5.36 59.47 -69.09
C VAL H 188 5.70 60.69 -69.92
N ALA H 189 6.17 61.76 -69.26
CA ALA H 189 6.58 62.96 -69.97
C ALA H 189 7.94 62.78 -70.66
N ARG H 190 8.88 62.13 -69.99
CA ARG H 190 10.23 61.98 -70.52
C ARG H 190 10.87 60.75 -69.89
N ALA H 191 11.51 59.92 -70.71
CA ALA H 191 12.10 58.67 -70.26
C ALA H 191 13.63 58.74 -70.31
N TRP H 192 14.26 58.25 -69.24
CA TRP H 192 15.71 58.13 -69.14
C TRP H 192 16.07 56.68 -68.93
N ARG H 193 17.11 56.23 -69.63
CA ARG H 193 17.59 54.85 -69.53
C ARG H 193 19.10 54.89 -69.34
N PHE H 194 19.55 54.58 -68.13
CA PHE H 194 20.95 54.68 -67.76
C PHE H 194 21.53 53.30 -67.49
N ASP H 195 22.76 53.10 -67.94
CA ASP H 195 23.54 51.93 -67.54
C ASP H 195 24.18 52.23 -66.19
N ALA H 196 23.66 51.61 -65.13
CA ALA H 196 24.05 51.98 -63.78
C ALA H 196 25.45 51.52 -63.40
N LEU H 197 26.04 50.60 -64.17
CA LEU H 197 27.40 50.16 -63.88
C LEU H 197 28.43 51.07 -64.52
N ALA H 198 28.10 51.70 -65.65
CA ALA H 198 29.02 52.65 -66.26
C ALA H 198 29.13 53.92 -65.43
N ILE H 199 28.02 54.38 -64.87
CA ILE H 199 28.01 55.52 -63.97
C ILE H 199 28.46 55.00 -62.60
N GLY H 200 29.64 55.42 -62.16
CA GLY H 200 30.21 54.90 -60.94
C GLY H 200 29.52 55.41 -59.70
N LEU H 201 29.85 54.78 -58.58
CA LEU H 201 29.32 55.16 -57.28
C LEU H 201 30.14 56.24 -56.60
N ARG H 202 31.22 56.70 -57.22
CA ARG H 202 32.11 57.68 -56.59
C ARG H 202 32.48 58.86 -57.47
N ASP H 203 32.33 58.77 -58.79
CA ASP H 203 32.69 59.85 -59.70
C ASP H 203 31.42 60.54 -60.19
N PHE H 204 31.36 61.86 -60.02
CA PHE H 204 30.22 62.66 -60.46
C PHE H 204 30.60 63.37 -61.76
N LYS H 205 30.46 62.65 -62.86
CA LYS H 205 30.82 63.16 -64.17
C LYS H 205 29.60 63.83 -64.81
N ALA H 206 29.69 64.14 -66.09
CA ALA H 206 28.65 64.85 -66.82
C ALA H 206 28.18 64.04 -68.01
N ASP H 207 26.86 64.04 -68.23
CA ASP H 207 26.25 63.35 -69.35
C ASP H 207 25.02 64.16 -69.72
N ALA H 208 24.67 64.15 -71.02
CA ALA H 208 23.59 65.00 -71.52
C ALA H 208 22.23 64.58 -70.98
N GLU H 209 21.95 63.27 -70.97
CA GLU H 209 20.71 62.78 -70.36
C GLU H 209 20.72 62.98 -68.85
N LEU H 210 21.89 62.82 -68.23
CA LEU H 210 22.02 63.10 -66.81
C LEU H 210 21.88 64.58 -66.51
N ASP H 211 22.34 65.44 -67.43
CA ASP H 211 22.12 66.88 -67.25
C ASP H 211 20.65 67.24 -67.43
N ALA H 212 19.94 66.55 -68.33
CA ALA H 212 18.50 66.77 -68.46
C ALA H 212 17.74 66.34 -67.21
N LEU H 213 18.14 65.20 -66.62
CA LEU H 213 17.53 64.77 -65.36
C LEU H 213 17.89 65.72 -64.22
N ALA H 214 19.12 66.25 -64.24
CA ALA H 214 19.52 67.26 -63.26
C ALA H 214 18.69 68.53 -63.39
N GLU H 215 18.40 68.94 -64.62
CA GLU H 215 17.57 70.11 -64.84
C GLU H 215 16.12 69.86 -64.40
N LEU H 216 15.63 68.64 -64.58
CA LEU H 216 14.28 68.31 -64.12
C LEU H 216 14.19 68.32 -62.59
N ILE H 217 15.18 67.72 -61.91
CA ILE H 217 15.20 67.76 -60.45
C ILE H 217 15.45 69.19 -59.95
N ALA H 218 16.19 69.99 -60.71
CA ALA H 218 16.36 71.41 -60.38
C ALA H 218 15.05 72.17 -60.47
N SER H 219 14.26 71.90 -61.51
CA SER H 219 12.96 72.55 -61.65
C SER H 219 11.99 72.08 -60.57
N GLY H 220 12.10 70.81 -60.16
CA GLY H 220 11.30 70.32 -59.05
C GLY H 220 11.68 70.96 -57.73
N LEU H 221 12.98 71.10 -57.47
CA LEU H 221 13.45 71.65 -56.21
C LEU H 221 13.27 73.16 -56.12
N SER H 222 13.27 73.85 -57.27
CA SER H 222 13.08 75.30 -57.27
C SER H 222 11.63 75.71 -57.12
N GLY H 223 10.70 74.76 -57.22
CA GLY H 223 9.29 75.07 -57.17
C GLY H 223 8.68 75.50 -58.48
N SER H 224 9.45 75.45 -59.58
CA SER H 224 8.94 75.85 -60.89
C SER H 224 8.13 74.76 -61.57
N GLY H 225 8.08 73.56 -61.00
CA GLY H 225 7.30 72.49 -61.57
C GLY H 225 7.12 71.37 -60.57
N HIS H 226 6.15 70.50 -60.88
CA HIS H 226 5.87 69.32 -60.07
C HIS H 226 6.52 68.12 -60.73
N VAL H 227 7.46 67.49 -60.03
CA VAL H 227 8.25 66.40 -60.59
C VAL H 227 7.96 65.13 -59.81
N LEU H 228 7.42 64.13 -60.51
CA LEU H 228 7.29 62.77 -60.00
C LEU H 228 7.99 61.85 -60.97
N LEU H 229 8.85 60.98 -60.44
CA LEU H 229 9.62 60.05 -61.25
C LEU H 229 9.29 58.62 -60.83
N GLU H 230 9.15 57.74 -61.81
CA GLU H 230 9.03 56.31 -61.59
C GLU H 230 10.37 55.69 -61.96
N VAL H 231 11.07 55.16 -60.97
CA VAL H 231 12.41 54.61 -61.13
C VAL H 231 12.30 53.09 -60.99
N VAL H 232 12.71 52.39 -62.05
CA VAL H 232 12.72 50.94 -62.10
C VAL H 232 14.15 50.49 -62.40
N ALA H 233 14.72 49.68 -61.52
CA ALA H 233 16.08 49.20 -61.67
C ALA H 233 16.06 47.70 -61.91
N PHE H 234 16.73 47.27 -62.98
CA PHE H 234 16.86 45.86 -63.32
C PHE H 234 18.32 45.46 -63.09
N ALA H 235 18.54 44.46 -62.25
CA ALA H 235 19.87 43.99 -61.90
C ALA H 235 19.99 42.51 -62.20
N ARG H 236 21.06 42.12 -62.90
CA ARG H 236 21.34 40.72 -63.18
C ARG H 236 22.09 40.13 -62.01
N ILE H 237 21.39 39.44 -61.13
CA ILE H 237 22.00 38.75 -60.00
C ILE H 237 22.22 37.28 -60.32
N GLY H 238 21.21 36.61 -60.85
CA GLY H 238 21.36 35.21 -61.20
C GLY H 238 20.11 34.40 -60.91
N ASP H 239 20.03 33.20 -61.47
CA ASP H 239 18.86 32.36 -61.31
C ASP H 239 18.81 31.82 -59.89
N GLY H 240 17.79 32.23 -59.13
CA GLY H 240 17.62 31.75 -57.78
C GLY H 240 18.46 32.44 -56.73
N GLN H 241 19.20 33.48 -57.12
CA GLN H 241 20.14 34.13 -56.20
C GLN H 241 19.40 34.91 -55.12
N GLU H 242 20.03 35.02 -53.96
CA GLU H 242 19.43 35.68 -52.82
C GLU H 242 19.46 37.19 -53.02
N VAL H 243 18.30 37.81 -52.95
CA VAL H 243 18.21 39.26 -53.00
C VAL H 243 18.09 39.79 -51.59
N PHE H 244 18.34 41.09 -51.43
CA PHE H 244 18.51 41.70 -50.12
C PHE H 244 17.54 42.88 -49.99
N PRO H 245 16.30 42.62 -49.57
CA PRO H 245 15.39 43.74 -49.28
C PRO H 245 15.67 44.35 -47.92
N SER H 246 14.81 45.28 -47.49
CA SER H 246 14.94 45.84 -46.15
C SER H 246 14.61 44.77 -45.11
N GLN H 247 15.26 44.88 -43.96
CA GLN H 247 15.17 43.90 -42.90
C GLN H 247 14.64 44.57 -41.65
N GLU H 248 13.73 43.89 -40.95
CA GLU H 248 13.06 44.47 -39.80
C GLU H 248 13.78 44.11 -38.51
N LEU H 249 13.56 44.94 -37.49
CA LEU H 249 14.05 44.65 -36.15
C LEU H 249 13.17 43.60 -35.48
N ILE H 250 13.81 42.70 -34.74
CA ILE H 250 13.13 41.64 -34.01
C ILE H 250 13.46 41.82 -32.54
N LEU H 251 12.48 42.23 -31.74
CA LEU H 251 12.71 42.42 -30.31
C LEU H 251 12.80 41.09 -29.59
N ASP H 252 11.87 40.17 -29.89
CA ASP H 252 11.77 38.89 -29.18
C ASP H 252 11.87 37.75 -30.18
N LYS H 253 12.75 36.79 -29.87
CA LYS H 253 12.84 35.58 -30.68
C LYS H 253 11.90 34.49 -30.13
N GLY H 254 12.11 34.10 -28.87
CA GLY H 254 11.22 33.18 -28.19
C GLY H 254 11.23 31.77 -28.75
N ASP H 255 10.18 31.02 -28.40
CA ASP H 255 9.96 29.68 -28.94
C ASP H 255 8.61 29.50 -29.59
N LYS H 256 7.61 30.35 -29.27
CA LYS H 256 6.36 30.35 -30.02
C LYS H 256 6.59 30.78 -31.45
N LYS H 257 7.36 31.86 -31.64
CA LYS H 257 7.97 32.15 -32.92
C LYS H 257 9.25 31.33 -33.01
N GLY H 258 9.38 30.52 -34.05
CA GLY H 258 10.39 29.48 -34.08
C GLY H 258 11.81 29.96 -34.28
N GLN H 259 12.34 30.67 -33.27
CA GLN H 259 13.67 31.27 -33.28
C GLN H 259 13.87 32.18 -34.48
N LYS H 260 12.97 33.14 -34.62
CA LYS H 260 12.98 34.10 -35.73
C LYS H 260 14.13 35.08 -35.53
N SER H 261 15.22 34.89 -36.27
CA SER H 261 16.40 35.73 -36.14
C SER H 261 16.46 36.84 -37.18
N LYS H 262 15.91 36.61 -38.37
CA LYS H 262 15.89 37.61 -39.43
C LYS H 262 14.50 37.71 -40.02
N THR H 263 13.98 38.93 -40.13
CA THR H 263 12.69 39.19 -40.75
C THR H 263 12.88 40.30 -41.78
N LEU H 264 12.55 40.00 -43.03
CA LEU H 264 12.65 40.99 -44.10
C LEU H 264 11.32 41.73 -44.27
N TYR H 265 11.40 42.87 -44.93
CA TYR H 265 10.25 43.77 -45.07
C TYR H 265 9.44 43.42 -46.31
N SER H 266 8.12 43.42 -46.14
CA SER H 266 7.18 43.16 -47.22
C SER H 266 5.88 43.88 -46.92
N VAL H 267 5.20 44.36 -47.97
CA VAL H 267 3.97 45.11 -47.75
C VAL H 267 2.71 44.25 -47.98
N ARG H 268 2.62 43.51 -49.08
CA ARG H 268 1.54 42.57 -49.30
C ARG H 268 2.06 41.39 -50.14
N ASP H 269 2.60 40.38 -49.45
CA ASP H 269 3.20 39.18 -50.06
C ASP H 269 4.23 39.53 -51.13
N ALA H 270 5.02 40.56 -50.86
CA ALA H 270 5.87 41.17 -51.88
C ALA H 270 7.02 41.87 -51.18
N ALA H 271 8.25 41.39 -51.43
CA ALA H 271 9.43 41.95 -50.79
C ALA H 271 9.65 43.40 -51.22
N ALA H 272 10.22 44.20 -50.33
CA ALA H 272 10.38 45.61 -50.58
C ALA H 272 11.51 46.17 -49.74
N ILE H 273 12.04 47.30 -50.17
CA ILE H 273 13.02 48.07 -49.42
C ILE H 273 12.29 49.26 -48.80
N HIS H 274 12.76 49.68 -47.63
CA HIS H 274 12.19 50.85 -46.96
C HIS H 274 12.44 52.10 -47.78
N SER H 275 11.55 53.07 -47.63
CA SER H 275 11.70 54.34 -48.36
C SER H 275 12.91 55.12 -47.87
N GLN H 276 13.19 55.08 -46.56
CA GLN H 276 14.32 55.82 -46.03
C GLN H 276 15.66 55.23 -46.42
N LYS H 277 15.71 53.94 -46.79
CA LYS H 277 16.93 53.38 -47.34
C LYS H 277 17.21 53.92 -48.74
N ILE H 278 16.16 54.07 -49.55
CA ILE H 278 16.28 54.72 -50.85
C ILE H 278 16.67 56.17 -50.68
N GLY H 279 16.14 56.82 -49.64
CA GLY H 279 16.52 58.21 -49.38
C GLY H 279 17.97 58.36 -48.97
N ASN H 280 18.46 57.46 -48.11
CA ASN H 280 19.86 57.49 -47.69
C ASN H 280 20.79 57.19 -48.86
N ALA H 281 20.38 56.29 -49.75
CA ALA H 281 21.18 56.03 -50.94
C ALA H 281 21.16 57.21 -51.90
N LEU H 282 20.04 57.95 -51.95
CA LEU H 282 19.98 59.12 -52.81
C LEU H 282 20.73 60.30 -52.22
N ARG H 283 20.84 60.38 -50.90
CA ARG H 283 21.54 61.47 -50.23
C ARG H 283 23.05 61.32 -50.25
N THR H 284 23.58 60.22 -50.79
CA THR H 284 25.02 59.96 -50.80
C THR H 284 25.68 60.84 -51.86
N ILE H 285 25.79 62.13 -51.55
CA ILE H 285 26.32 63.13 -52.47
C ILE H 285 27.48 63.87 -51.82
N ASP H 286 27.66 63.67 -50.52
CA ASP H 286 28.61 64.47 -49.73
C ASP H 286 30.02 63.99 -50.00
N THR H 287 30.74 64.69 -50.88
CA THR H 287 32.12 64.39 -51.20
C THR H 287 33.09 65.40 -50.59
N TRP H 288 32.62 66.28 -49.71
CA TRP H 288 33.40 67.41 -49.23
C TRP H 288 33.63 67.36 -47.73
N TYR H 289 33.60 66.17 -47.14
CA TYR H 289 33.92 66.04 -45.73
C TYR H 289 35.42 66.25 -45.52
N PRO H 290 35.84 66.69 -44.32
CA PRO H 290 37.27 67.01 -44.10
C PRO H 290 38.22 65.83 -44.24
N ASP H 291 37.74 64.60 -44.13
CA ASP H 291 38.61 63.46 -44.37
C ASP H 291 38.79 63.23 -45.87
N GLU H 292 39.64 62.27 -46.20
CA GLU H 292 39.96 61.99 -47.60
C GLU H 292 38.78 61.35 -48.31
N ASP H 293 38.59 61.71 -49.60
CA ASP H 293 37.51 61.20 -50.41
C ASP H 293 37.88 59.89 -51.12
N GLY H 294 38.84 59.13 -50.58
CA GLY H 294 39.14 57.82 -51.12
C GLY H 294 38.01 56.83 -50.91
N LEU H 295 37.25 56.98 -49.81
CA LEU H 295 36.04 56.20 -49.63
C LEU H 295 34.99 56.57 -50.67
N GLY H 296 34.85 57.86 -50.97
CA GLY H 296 33.85 58.32 -51.89
C GLY H 296 32.81 59.18 -51.20
N PRO H 297 31.64 59.33 -51.81
CA PRO H 297 30.57 60.11 -51.18
C PRO H 297 29.98 59.38 -49.99
N ILE H 298 29.50 60.16 -49.03
CA ILE H 298 28.77 59.65 -47.87
C ILE H 298 27.39 60.27 -47.88
N ALA H 299 26.49 59.66 -47.12
CA ALA H 299 25.11 60.14 -47.05
C ALA H 299 25.03 61.47 -46.33
N VAL H 300 24.19 62.36 -46.85
CA VAL H 300 24.04 63.68 -46.25
C VAL H 300 23.26 63.55 -44.95
N GLU H 301 23.89 63.98 -43.86
CA GLU H 301 23.32 63.87 -42.52
C GLU H 301 24.02 64.88 -41.65
N PRO H 302 23.37 65.40 -40.61
CA PRO H 302 24.11 66.14 -39.58
C PRO H 302 25.15 65.25 -38.91
N TYR H 303 26.34 65.81 -38.73
CA TYR H 303 27.56 65.13 -38.28
C TYR H 303 27.95 63.96 -39.18
N GLY H 304 27.58 64.03 -40.47
CA GLY H 304 28.01 63.17 -41.57
C GLY H 304 28.22 61.69 -41.30
N SER H 305 27.32 61.10 -40.53
CA SER H 305 27.59 59.82 -39.89
C SER H 305 27.34 58.65 -40.83
N VAL H 306 28.27 57.70 -40.81
CA VAL H 306 28.14 56.44 -41.54
C VAL H 306 28.12 55.32 -40.51
N THR H 307 27.05 54.51 -40.54
CA THR H 307 26.92 53.44 -39.56
C THR H 307 27.84 52.26 -39.88
N SER H 308 28.08 52.00 -41.17
CA SER H 308 28.98 50.92 -41.55
C SER H 308 30.43 51.28 -41.23
N GLN H 309 30.81 52.53 -41.44
CA GLN H 309 32.15 52.97 -41.05
C GLN H 309 32.25 53.15 -39.54
N GLY H 310 31.15 53.46 -38.88
CA GLY H 310 31.15 53.64 -37.44
C GLY H 310 31.82 54.90 -36.95
N LYS H 311 32.16 55.82 -37.84
CA LYS H 311 32.92 57.02 -37.51
C LYS H 311 32.27 58.20 -38.20
N ALA H 312 32.10 59.30 -37.46
CA ALA H 312 31.52 60.51 -38.01
C ALA H 312 32.56 61.26 -38.81
N TYR H 313 32.33 61.36 -40.13
CA TYR H 313 32.91 62.46 -40.87
C TYR H 313 32.13 63.72 -40.54
N ARG H 314 32.81 64.86 -40.63
CA ARG H 314 32.29 66.17 -40.22
C ARG H 314 31.81 66.16 -38.76
N GLN H 315 32.76 65.93 -37.87
CA GLN H 315 32.49 65.98 -36.44
C GLN H 315 32.23 67.42 -36.01
N PRO H 316 31.53 67.65 -34.89
CA PRO H 316 31.37 69.03 -34.39
C PRO H 316 32.67 69.70 -33.95
N LYS H 317 33.73 68.95 -33.67
CA LYS H 317 35.00 69.57 -33.26
C LYS H 317 35.67 70.28 -34.43
N GLN H 318 35.77 69.61 -35.57
CA GLN H 318 36.29 70.25 -36.79
C GLN H 318 35.15 71.01 -37.44
N LYS H 319 35.32 72.32 -37.62
CA LYS H 319 34.18 73.19 -37.94
C LYS H 319 33.66 73.00 -39.35
N LEU H 320 33.07 71.82 -39.63
CA LEU H 320 32.57 71.57 -40.97
C LEU H 320 31.28 70.76 -40.99
N ASP H 321 30.63 70.57 -39.83
CA ASP H 321 29.36 69.86 -39.77
C ASP H 321 28.21 70.81 -40.13
N PHE H 322 27.00 70.24 -40.20
CA PHE H 322 25.85 70.99 -40.69
C PHE H 322 25.43 72.08 -39.71
N TYR H 323 25.46 71.80 -38.40
CA TYR H 323 24.90 72.73 -37.44
C TYR H 323 25.76 73.97 -37.27
N THR H 324 27.09 73.81 -37.18
CA THR H 324 27.96 74.97 -37.08
C THR H 324 28.00 75.77 -38.39
N LEU H 325 27.93 75.08 -39.53
CA LEU H 325 27.90 75.78 -40.81
C LEU H 325 26.60 76.55 -41.00
N LEU H 326 25.48 76.01 -40.50
CA LEU H 326 24.21 76.71 -40.58
C LEU H 326 24.18 77.89 -39.61
N ASP H 327 24.76 77.71 -38.41
CA ASP H 327 24.80 78.80 -37.46
C ASP H 327 25.81 79.87 -37.82
N ASN H 328 26.76 79.57 -38.70
CA ASN H 328 27.63 80.60 -39.25
C ASN H 328 27.02 81.28 -40.47
N TRP H 329 26.38 80.50 -41.35
CA TRP H 329 25.87 81.02 -42.60
C TRP H 329 24.66 81.93 -42.38
N VAL H 330 23.82 81.61 -41.39
CA VAL H 330 22.54 82.28 -41.20
C VAL H 330 22.60 83.27 -40.04
N LEU H 331 23.08 82.83 -38.87
CA LEU H 331 23.03 83.68 -37.69
C LEU H 331 24.08 84.78 -37.74
N ARG H 332 25.29 84.47 -38.17
CA ARG H 332 26.40 85.41 -38.15
C ARG H 332 26.87 85.83 -39.53
N ASP H 333 26.11 85.47 -40.58
CA ASP H 333 26.39 85.82 -41.98
C ASP H 333 27.80 85.42 -42.43
N GLU H 334 28.30 84.29 -41.93
CA GLU H 334 29.61 83.77 -42.34
C GLU H 334 29.37 82.69 -43.39
N ALA H 335 29.38 83.11 -44.64
CA ALA H 335 29.09 82.19 -45.74
C ALA H 335 30.23 81.20 -45.92
N PRO H 336 29.95 79.90 -45.92
CA PRO H 336 31.03 78.91 -46.14
C PRO H 336 31.41 78.78 -47.60
N ALA H 337 32.23 77.78 -47.91
CA ALA H 337 32.60 77.49 -49.29
C ALA H 337 31.40 76.98 -50.07
N VAL H 338 31.56 76.95 -51.40
CA VAL H 338 30.45 76.61 -52.29
C VAL H 338 30.02 75.16 -52.11
N GLU H 339 31.00 74.26 -51.95
CA GLU H 339 30.68 72.87 -51.68
C GLU H 339 30.07 72.68 -50.29
N GLN H 340 30.50 73.47 -49.31
CA GLN H 340 29.95 73.33 -47.96
C GLN H 340 28.53 73.88 -47.89
N GLN H 341 28.25 74.96 -48.62
CA GLN H 341 26.88 75.44 -48.66
C GLN H 341 26.00 74.54 -49.51
N HIS H 342 26.59 73.82 -50.48
CA HIS H 342 25.88 72.74 -51.14
C HIS H 342 25.49 71.65 -50.14
N TYR H 343 26.40 71.31 -49.23
CA TYR H 343 26.10 70.32 -48.19
C TYR H 343 24.99 70.81 -47.26
N VAL H 344 25.01 72.09 -46.89
CA VAL H 344 23.99 72.65 -46.01
C VAL H 344 22.62 72.65 -46.68
N ILE H 345 22.55 73.04 -47.95
CA ILE H 345 21.27 73.02 -48.67
C ILE H 345 20.81 71.59 -48.93
N ALA H 346 21.76 70.64 -49.09
CA ALA H 346 21.38 69.24 -49.21
C ALA H 346 20.78 68.70 -47.91
N ASN H 347 21.30 69.18 -46.77
CA ASN H 347 20.66 68.87 -45.48
C ASN H 347 19.26 69.47 -45.39
N LEU H 348 19.08 70.68 -45.92
CA LEU H 348 17.76 71.31 -45.90
C LEU H 348 16.78 70.57 -46.81
N ILE H 349 17.27 70.01 -47.92
CA ILE H 349 16.45 69.17 -48.78
C ILE H 349 16.10 67.87 -48.09
N ARG H 350 17.07 67.30 -47.35
CA ARG H 350 16.84 66.05 -46.62
C ARG H 350 15.80 66.21 -45.52
N GLY H 351 15.86 67.31 -44.78
CA GLY H 351 14.85 67.58 -43.76
C GLY H 351 15.16 66.90 -42.45
N GLY H 352 14.63 67.47 -41.38
CA GLY H 352 14.92 66.94 -40.07
C GLY H 352 14.22 67.69 -38.96
N VAL H 353 14.69 67.44 -37.74
CA VAL H 353 14.15 68.01 -36.51
C VAL H 353 15.27 68.90 -35.97
N PHE H 354 15.92 69.63 -36.88
CA PHE H 354 16.95 70.59 -36.51
C PHE H 354 16.38 71.63 -35.56
N GLY H 355 17.19 72.05 -34.59
CA GLY H 355 16.73 72.96 -33.55
C GLY H 355 17.01 72.37 -32.19
N GLU H 356 17.24 73.24 -31.21
CA GLU H 356 17.62 72.84 -29.87
C GLU H 356 16.39 72.46 -29.05
N ALA H 357 16.57 72.29 -27.75
CA ALA H 357 15.48 71.96 -26.86
C ALA H 357 15.05 73.17 -26.04
N ILE I 23 -26.11 95.84 -14.95
CA ILE I 23 -24.71 96.18 -15.22
C ILE I 23 -24.16 95.29 -16.32
N LEU I 24 -24.92 94.23 -16.64
CA LEU I 24 -24.61 93.25 -17.68
C LEU I 24 -23.24 92.59 -17.47
N SER I 25 -23.17 91.83 -16.37
CA SER I 25 -21.99 91.02 -16.12
C SER I 25 -21.95 89.84 -17.07
N THR I 26 -20.73 89.38 -17.36
CA THR I 26 -20.54 88.22 -18.23
C THR I 26 -20.99 86.95 -17.52
N ALA I 27 -21.56 86.03 -18.28
CA ALA I 27 -21.99 84.74 -17.73
C ALA I 27 -20.78 83.93 -17.30
N SER I 28 -20.88 83.32 -16.11
CA SER I 28 -19.72 82.61 -15.57
C SER I 28 -19.49 81.26 -16.24
N VAL I 29 -20.53 80.67 -16.83
CA VAL I 29 -20.36 79.58 -17.80
C VAL I 29 -20.95 80.05 -19.11
N LEU I 30 -20.22 79.83 -20.20
CA LEU I 30 -20.63 80.23 -21.53
C LEU I 30 -19.99 79.28 -22.53
N ALA I 31 -20.78 78.35 -23.05
CA ALA I 31 -20.24 77.30 -23.88
C ALA I 31 -21.10 77.18 -25.13
N PHE I 32 -20.45 76.86 -26.25
CA PHE I 32 -21.11 76.78 -27.54
C PHE I 32 -20.85 75.42 -28.17
N GLU I 33 -21.84 74.90 -28.90
CA GLU I 33 -21.67 73.65 -29.60
C GLU I 33 -20.73 73.82 -30.79
N ARG I 34 -20.13 72.71 -31.20
CA ARG I 34 -19.31 72.68 -32.41
C ARG I 34 -20.25 72.69 -33.61
N LYS I 35 -20.46 73.87 -34.17
CA LYS I 35 -21.06 73.94 -35.49
C LYS I 35 -20.00 73.60 -36.52
N LEU I 36 -20.44 73.09 -37.67
CA LEU I 36 -19.59 72.46 -38.69
C LEU I 36 -18.73 71.35 -38.08
N ASP I 37 -19.39 70.33 -37.56
CA ASP I 37 -18.70 69.19 -36.99
C ASP I 37 -18.48 68.11 -38.05
N PRO I 38 -17.24 67.85 -38.47
CA PRO I 38 -17.00 66.87 -39.53
C PRO I 38 -16.81 65.46 -38.99
N SER I 39 -17.01 64.50 -39.88
CA SER I 39 -16.67 63.12 -39.56
C SER I 39 -15.17 62.90 -39.75
N ASP I 40 -14.71 61.71 -39.39
CA ASP I 40 -13.30 61.39 -39.57
C ASP I 40 -13.03 61.09 -41.04
N ALA I 41 -12.00 61.73 -41.57
CA ALA I 41 -11.74 61.76 -42.99
C ALA I 41 -11.18 60.42 -43.44
N LEU I 42 -12.08 59.57 -43.95
CA LEU I 42 -11.70 58.24 -44.40
C LEU I 42 -10.83 58.32 -45.65
N MET I 43 -9.71 57.60 -45.63
CA MET I 43 -8.71 57.68 -46.68
C MET I 43 -8.66 56.34 -47.41
N SER I 44 -8.83 56.39 -48.73
CA SER I 44 -8.79 55.23 -49.60
C SER I 44 -7.93 55.57 -50.82
N ALA I 45 -7.74 54.60 -51.70
CA ALA I 45 -6.81 54.73 -52.81
C ALA I 45 -7.46 54.29 -54.11
N GLY I 46 -6.98 54.87 -55.20
CA GLY I 46 -7.49 54.53 -56.51
C GLY I 46 -6.69 55.22 -57.59
N ALA I 47 -7.26 55.24 -58.79
CA ALA I 47 -6.62 55.85 -59.95
C ALA I 47 -7.39 57.08 -60.38
N TRP I 48 -6.67 58.08 -60.86
CA TRP I 48 -7.28 59.26 -61.44
C TRP I 48 -8.04 58.88 -62.72
N ALA I 49 -9.11 59.62 -62.99
CA ALA I 49 -10.17 59.40 -63.98
C ALA I 49 -11.02 58.18 -63.68
N GLN I 50 -10.82 57.50 -62.55
CA GLN I 50 -11.75 56.53 -62.00
C GLN I 50 -12.43 57.07 -60.74
N ARG I 51 -12.42 58.39 -60.56
CA ARG I 51 -12.97 59.01 -59.36
C ARG I 51 -14.48 58.98 -59.32
N ASP I 52 -15.14 58.77 -60.46
CA ASP I 52 -16.59 58.64 -60.48
C ASP I 52 -17.04 57.35 -59.80
N ALA I 53 -16.35 56.26 -60.07
CA ALA I 53 -16.62 54.98 -59.40
C ALA I 53 -15.64 54.77 -58.24
N SER I 54 -15.71 55.67 -57.27
CA SER I 54 -14.83 55.62 -56.10
C SER I 54 -15.52 55.03 -54.88
N GLN I 55 -16.72 54.48 -55.03
CA GLN I 55 -17.41 53.86 -53.91
C GLN I 55 -16.83 52.51 -53.53
N GLU I 56 -16.14 51.84 -54.46
CA GLU I 56 -15.53 50.54 -54.21
C GLU I 56 -14.02 50.63 -54.12
N TRP I 57 -13.48 51.81 -53.84
CA TRP I 57 -12.03 51.99 -53.76
C TRP I 57 -11.51 51.36 -52.48
N PRO I 58 -10.43 50.58 -52.53
CA PRO I 58 -9.89 49.96 -51.31
C PRO I 58 -9.27 51.01 -50.40
N ALA I 59 -9.44 50.79 -49.10
CA ALA I 59 -9.00 51.76 -48.11
C ALA I 59 -7.50 51.69 -47.91
N VAL I 60 -6.92 52.82 -47.54
CA VAL I 60 -5.50 52.88 -47.21
C VAL I 60 -5.31 52.27 -45.82
N THR I 61 -4.44 51.27 -45.73
CA THR I 61 -4.20 50.56 -44.48
C THR I 61 -2.87 51.04 -43.88
N VAL I 62 -2.88 51.20 -42.56
CA VAL I 62 -1.68 51.64 -41.83
C VAL I 62 -0.87 50.39 -41.46
N ARG I 63 0.37 50.34 -41.92
CA ARG I 63 1.26 49.23 -41.63
C ARG I 63 2.36 49.70 -40.69
N GLU I 64 3.15 48.73 -40.22
CA GLU I 64 4.28 49.00 -39.34
C GLU I 64 5.57 48.73 -40.10
N LYS I 65 6.61 49.53 -39.81
CA LYS I 65 7.92 49.27 -40.39
C LYS I 65 8.98 49.73 -39.40
N SER I 66 10.21 49.33 -39.64
CA SER I 66 11.33 49.60 -38.76
C SER I 66 12.28 50.59 -39.43
N VAL I 67 12.82 51.51 -38.63
CA VAL I 67 13.80 52.48 -39.11
C VAL I 67 15.05 52.39 -38.24
N ARG I 68 16.22 52.45 -38.89
CA ARG I 68 17.49 52.58 -38.20
C ARG I 68 18.13 53.88 -38.65
N GLY I 69 17.90 54.94 -37.89
CA GLY I 69 18.53 56.22 -38.14
C GLY I 69 19.84 56.35 -37.37
N THR I 70 20.41 57.55 -37.47
CA THR I 70 21.62 57.90 -36.74
C THR I 70 21.32 59.22 -36.03
N ILE I 71 22.18 59.59 -35.07
CA ILE I 71 21.97 60.81 -34.32
C ILE I 71 22.18 62.03 -35.22
N SER I 72 21.17 62.90 -35.27
CA SER I 72 21.25 64.09 -36.10
C SER I 72 20.69 65.31 -35.38
N ASN I 73 20.40 65.22 -34.08
CA ASN I 73 19.90 66.33 -33.30
C ASN I 73 21.04 67.20 -32.81
N ARG I 74 20.69 68.37 -32.27
CA ARG I 74 21.69 69.30 -31.77
C ARG I 74 22.34 68.76 -30.50
N LEU I 75 23.65 68.97 -30.39
CA LEU I 75 24.41 68.60 -29.21
C LEU I 75 24.69 69.83 -28.36
N LYS I 76 24.67 69.64 -27.04
CA LYS I 76 24.69 70.76 -26.10
C LYS I 76 26.08 70.98 -25.51
N THR I 77 27.13 70.82 -26.32
CA THR I 77 28.54 71.13 -26.06
C THR I 77 29.13 70.33 -24.90
N LYS I 78 28.50 69.23 -24.49
CA LYS I 78 29.12 68.31 -23.55
C LYS I 78 29.36 66.93 -24.14
N ASP I 79 28.67 66.58 -25.22
CA ASP I 79 28.86 65.31 -25.91
C ASP I 79 29.32 65.53 -27.35
N ARG I 80 30.09 66.59 -27.58
CA ARG I 80 30.63 66.88 -28.90
C ARG I 80 32.05 66.34 -29.09
N ASP I 81 32.61 65.66 -28.09
CA ASP I 81 33.90 65.02 -28.27
C ASP I 81 33.77 63.85 -29.24
N PRO I 82 34.80 63.60 -30.05
CA PRO I 82 34.71 62.53 -31.07
C PRO I 82 34.54 61.12 -30.50
N ALA I 83 35.08 60.84 -29.31
CA ALA I 83 34.97 59.50 -28.74
C ALA I 83 33.53 59.18 -28.32
N LYS I 84 32.89 60.11 -27.59
CA LYS I 84 31.51 59.89 -27.16
C LYS I 84 30.55 59.92 -28.34
N LEU I 85 30.80 60.79 -29.32
CA LEU I 85 29.97 60.85 -30.52
C LEU I 85 30.08 59.56 -31.34
N ASP I 86 31.30 59.04 -31.51
CA ASP I 86 31.48 57.78 -32.21
C ASP I 86 30.89 56.61 -31.44
N ALA I 87 30.93 56.65 -30.11
CA ALA I 87 30.26 55.62 -29.31
C ALA I 87 28.75 55.70 -29.46
N SER I 88 28.20 56.91 -29.60
CA SER I 88 26.76 57.06 -29.79
C SER I 88 26.33 56.57 -31.17
N ILE I 89 27.16 56.82 -32.19
CA ILE I 89 26.88 56.28 -33.53
C ILE I 89 27.01 54.76 -33.54
N GLN I 90 27.98 54.22 -32.77
CA GLN I 90 28.22 52.79 -32.76
C GLN I 90 27.06 52.02 -32.13
N SER I 91 26.33 52.65 -31.21
CA SER I 91 25.08 52.08 -30.72
C SER I 91 23.98 52.40 -31.73
N PRO I 92 23.33 51.40 -32.32
CA PRO I 92 22.35 51.68 -33.39
C PRO I 92 21.03 52.20 -32.84
N ASN I 93 20.57 53.31 -33.40
CA ASN I 93 19.31 53.93 -33.02
C ASN I 93 18.20 53.35 -33.88
N LEU I 94 17.21 52.74 -33.23
CA LEU I 94 16.16 52.00 -33.92
C LEU I 94 14.79 52.47 -33.43
N GLN I 95 13.84 52.56 -34.34
CA GLN I 95 12.46 52.85 -33.99
C GLN I 95 11.54 52.00 -34.84
N THR I 96 10.31 51.85 -34.36
CA THR I 96 9.22 51.29 -35.15
C THR I 96 8.25 52.43 -35.44
N VAL I 97 7.84 52.56 -36.70
CA VAL I 97 6.98 53.65 -37.13
C VAL I 97 5.77 53.09 -37.85
N ASP I 98 4.62 53.68 -37.57
CA ASP I 98 3.40 53.40 -38.32
C ASP I 98 3.43 54.24 -39.59
N VAL I 99 3.33 53.60 -40.75
CA VAL I 99 3.38 54.29 -42.03
C VAL I 99 2.13 53.95 -42.83
N ALA I 100 1.60 54.94 -43.53
CA ALA I 100 0.51 54.75 -44.47
C ALA I 100 1.00 55.13 -45.85
N ASN I 101 0.90 54.20 -46.79
CA ASN I 101 1.35 54.39 -48.16
C ASN I 101 0.19 54.10 -49.10
N LEU I 102 0.25 54.70 -50.28
CA LEU I 102 -0.63 54.27 -51.35
C LEU I 102 -0.13 52.93 -51.90
N PRO I 103 -1.02 52.11 -52.44
CA PRO I 103 -0.58 50.94 -53.20
C PRO I 103 0.17 51.35 -54.45
N SER I 104 1.05 50.46 -54.91
CA SER I 104 1.92 50.71 -56.05
C SER I 104 1.18 50.72 -57.41
N ASP I 105 -0.15 50.60 -57.45
CA ASP I 105 -0.91 50.77 -58.68
C ASP I 105 -2.04 51.78 -58.51
N ALA I 106 -1.94 52.66 -57.51
CA ALA I 106 -2.98 53.63 -57.21
C ALA I 106 -2.32 54.96 -56.87
N ASP I 107 -2.38 55.91 -57.81
CA ASP I 107 -1.72 57.20 -57.64
C ASP I 107 -2.62 58.27 -57.04
N THR I 108 -3.87 57.96 -56.75
CA THR I 108 -4.84 58.93 -56.26
C THR I 108 -5.29 58.56 -54.85
N LEU I 109 -5.22 59.52 -53.94
CA LEU I 109 -5.74 59.36 -52.59
C LEU I 109 -7.09 60.05 -52.49
N LYS I 110 -8.10 59.30 -52.07
CA LYS I 110 -9.45 59.82 -51.88
C LYS I 110 -9.72 59.98 -50.39
N VAL I 111 -10.15 61.17 -50.01
CA VAL I 111 -10.39 61.51 -48.61
C VAL I 111 -11.84 61.97 -48.50
N ARG I 112 -12.65 61.24 -47.75
CA ARG I 112 -14.08 61.45 -47.71
C ARG I 112 -14.55 61.67 -46.28
N PHE I 113 -15.32 62.74 -46.06
CA PHE I 113 -15.92 62.95 -44.75
C PHE I 113 -17.29 63.61 -44.93
N THR I 114 -18.05 63.65 -43.83
CA THR I 114 -19.39 64.20 -43.80
C THR I 114 -19.39 65.41 -42.87
N LEU I 115 -19.95 66.52 -43.34
CA LEU I 115 -20.02 67.76 -42.58
C LEU I 115 -21.47 68.10 -42.29
N ARG I 116 -21.76 68.40 -41.02
CA ARG I 116 -23.08 68.82 -40.59
C ARG I 116 -23.01 70.29 -40.19
N VAL I 117 -23.60 71.16 -41.00
CA VAL I 117 -23.76 72.56 -40.65
C VAL I 117 -24.97 72.68 -39.75
N LEU I 118 -24.75 72.93 -38.47
CA LEU I 118 -25.83 72.96 -37.49
C LEU I 118 -26.42 74.35 -37.38
N GLY I 119 -27.72 74.41 -37.08
CA GLY I 119 -28.38 75.68 -36.89
C GLY I 119 -28.23 76.23 -35.49
N GLY I 120 -28.61 77.48 -35.32
CA GLY I 120 -28.46 78.16 -34.06
C GLY I 120 -27.01 78.40 -33.70
N ALA I 121 -26.27 79.03 -34.62
CA ALA I 121 -24.83 79.21 -34.45
C ALA I 121 -24.51 80.16 -33.30
N GLY I 122 -25.33 81.19 -33.11
CA GLY I 122 -25.12 82.11 -32.01
C GLY I 122 -25.76 81.73 -30.71
N THR I 123 -26.40 80.57 -30.64
CA THR I 123 -27.08 80.15 -29.42
C THR I 123 -26.12 79.35 -28.54
N PRO I 124 -25.82 79.82 -27.34
CA PRO I 124 -24.91 79.06 -26.46
C PRO I 124 -25.58 77.85 -25.84
N SER I 125 -24.74 76.86 -25.53
CA SER I 125 -25.24 75.67 -24.84
C SER I 125 -25.60 75.98 -23.39
N ALA I 126 -24.76 76.76 -22.72
CA ALA I 126 -24.98 77.12 -21.32
C ALA I 126 -24.78 78.62 -21.14
N CYS I 127 -25.58 79.20 -20.25
CA CYS I 127 -25.48 80.62 -19.92
C CYS I 127 -26.11 80.84 -18.56
N ASN I 128 -25.39 81.54 -17.69
CA ASN I 128 -25.93 81.82 -16.35
C ASN I 128 -26.98 82.90 -16.41
N ASP I 129 -26.58 84.10 -16.83
CA ASP I 129 -27.45 85.25 -16.80
C ASP I 129 -28.43 85.20 -17.97
N ALA I 130 -29.72 85.39 -17.67
CA ALA I 130 -30.71 85.51 -18.73
C ALA I 130 -30.53 86.81 -19.50
N ALA I 131 -30.12 87.88 -18.81
CA ALA I 131 -29.88 89.15 -19.47
C ALA I 131 -28.70 89.08 -20.43
N TYR I 132 -27.63 88.40 -20.04
CA TYR I 132 -26.49 88.22 -20.94
C TYR I 132 -26.86 87.34 -22.12
N ARG I 133 -27.70 86.34 -21.90
CA ARG I 133 -28.17 85.49 -23.00
C ARG I 133 -29.01 86.29 -23.99
N ASP I 134 -29.90 87.16 -23.47
CA ASP I 134 -30.70 88.02 -24.33
C ASP I 134 -29.84 89.02 -25.10
N LYS I 135 -28.83 89.60 -24.43
CA LYS I 135 -27.94 90.55 -25.09
C LYS I 135 -27.09 89.87 -26.16
N LEU I 136 -26.61 88.66 -25.88
CA LEU I 136 -25.82 87.91 -26.86
C LEU I 136 -26.67 87.49 -28.05
N LEU I 137 -27.92 87.06 -27.80
CA LEU I 137 -28.82 86.71 -28.89
C LEU I 137 -29.19 87.93 -29.72
N GLN I 138 -29.35 89.09 -29.08
CA GLN I 138 -29.64 90.31 -29.81
C GLN I 138 -28.44 90.76 -30.65
N THR I 139 -27.22 90.60 -30.11
CA THR I 139 -26.01 90.93 -30.85
C THR I 139 -25.83 90.04 -32.08
N VAL I 140 -26.04 88.73 -31.91
CA VAL I 140 -25.95 87.80 -33.02
C VAL I 140 -27.07 88.06 -34.04
N ALA I 141 -28.27 88.39 -33.55
CA ALA I 141 -29.39 88.68 -34.44
C ALA I 141 -29.15 89.93 -35.27
N THR I 142 -28.55 90.97 -34.66
CA THR I 142 -28.16 92.15 -35.43
C THR I 142 -27.05 91.83 -36.42
N TYR I 143 -26.16 90.89 -36.07
CA TYR I 143 -25.13 90.48 -37.02
C TYR I 143 -25.74 89.78 -38.24
N VAL I 144 -26.73 88.91 -38.03
CA VAL I 144 -27.39 88.25 -39.16
C VAL I 144 -28.23 89.25 -39.96
N ASN I 145 -28.90 90.18 -39.29
CA ASN I 145 -29.69 91.19 -40.00
C ASN I 145 -28.80 92.16 -40.78
N ASP I 146 -27.58 92.42 -40.32
CA ASP I 146 -26.70 93.34 -41.03
C ASP I 146 -26.07 92.67 -42.26
N GLN I 147 -25.31 91.61 -42.03
CA GLN I 147 -24.62 90.94 -43.13
C GLN I 147 -24.79 89.43 -43.16
N GLY I 148 -25.32 88.81 -42.12
CA GLY I 148 -25.48 87.37 -42.13
C GLY I 148 -24.17 86.64 -41.94
N PHE I 149 -24.24 85.31 -42.13
CA PHE I 149 -23.06 84.47 -42.15
C PHE I 149 -22.44 84.39 -43.54
N ALA I 150 -22.69 85.37 -44.40
CA ALA I 150 -22.37 85.26 -45.82
C ALA I 150 -20.86 85.25 -46.08
N GLU I 151 -20.11 86.10 -45.37
CA GLU I 151 -18.66 86.09 -45.54
C GLU I 151 -18.02 84.88 -44.87
N LEU I 152 -18.51 84.53 -43.67
CA LEU I 152 -17.98 83.39 -42.94
C LEU I 152 -18.24 82.08 -43.67
N ALA I 153 -19.46 81.91 -44.19
CA ALA I 153 -19.75 80.70 -44.97
C ALA I 153 -19.03 80.72 -46.31
N ARG I 154 -18.72 81.90 -46.84
CA ARG I 154 -17.86 81.98 -48.03
C ARG I 154 -16.47 81.46 -47.73
N ARG I 155 -15.92 81.82 -46.56
CA ARG I 155 -14.59 81.35 -46.21
C ARG I 155 -14.59 79.86 -45.83
N TYR I 156 -15.67 79.39 -45.21
CA TYR I 156 -15.81 77.96 -44.92
C TYR I 156 -15.96 77.15 -46.21
N ALA I 157 -16.72 77.67 -47.18
CA ALA I 157 -16.84 77.02 -48.48
C ALA I 157 -15.54 77.08 -49.26
N HIS I 158 -14.75 78.13 -49.05
CA HIS I 158 -13.39 78.17 -49.62
C HIS I 158 -12.53 77.06 -49.05
N ASN I 159 -12.48 76.95 -47.72
CA ASN I 159 -11.68 75.92 -47.06
C ASN I 159 -12.19 74.51 -47.32
N LEU I 160 -13.46 74.36 -47.69
CA LEU I 160 -13.92 73.09 -48.24
C LEU I 160 -13.49 72.93 -49.69
N ALA I 161 -13.44 74.04 -50.44
CA ALA I 161 -13.24 73.98 -51.88
C ALA I 161 -11.80 73.64 -52.24
N ASN I 162 -10.84 74.23 -51.53
CA ASN I 162 -9.47 73.75 -51.61
C ASN I 162 -9.28 72.72 -50.50
N ALA I 163 -8.51 71.68 -50.77
CA ALA I 163 -8.44 70.60 -49.81
C ALA I 163 -7.38 70.87 -48.75
N ARG I 164 -7.64 71.88 -47.90
CA ARG I 164 -6.72 72.16 -46.80
C ARG I 164 -6.74 71.06 -45.76
N PHE I 165 -7.86 70.34 -45.65
CA PHE I 165 -7.98 69.20 -44.76
C PHE I 165 -7.12 68.02 -45.19
N LEU I 166 -6.60 68.03 -46.42
CA LEU I 166 -5.61 67.03 -46.81
C LEU I 166 -4.27 67.30 -46.14
N TRP I 167 -4.01 68.57 -45.80
CA TRP I 167 -2.78 69.04 -45.15
C TRP I 167 -1.53 68.65 -45.94
N ARG I 168 -0.73 67.73 -45.37
CA ARG I 168 0.50 67.31 -46.04
C ARG I 168 0.21 66.44 -47.26
N ASN I 169 -1.00 65.92 -47.40
CA ASN I 169 -1.41 65.28 -48.65
C ASN I 169 -1.65 66.28 -49.76
N ARG I 170 -1.80 67.56 -49.43
CA ARG I 170 -2.02 68.62 -50.40
C ARG I 170 -0.73 69.27 -50.89
N VAL I 171 0.40 68.96 -50.27
CA VAL I 171 1.61 69.74 -50.48
C VAL I 171 2.24 69.44 -51.84
N GLY I 172 2.45 68.16 -52.14
CA GLY I 172 3.09 67.82 -53.39
C GLY I 172 2.22 67.03 -54.34
N ALA I 173 0.94 67.37 -54.40
CA ALA I 173 -0.01 66.66 -55.25
C ALA I 173 -0.06 67.30 -56.63
N GLU I 174 -0.17 66.46 -57.66
CA GLU I 174 -0.23 66.95 -59.03
C GLU I 174 -1.54 67.66 -59.31
N ALA I 175 -2.65 67.12 -58.83
CA ALA I 175 -3.97 67.72 -59.04
C ALA I 175 -4.89 67.28 -57.92
N VAL I 176 -5.56 68.24 -57.29
CA VAL I 176 -6.53 67.97 -56.23
C VAL I 176 -7.89 68.47 -56.70
N GLU I 177 -8.90 67.61 -56.59
CA GLU I 177 -10.27 67.94 -57.01
C GLU I 177 -11.24 67.56 -55.90
N VAL I 178 -12.11 68.49 -55.54
CA VAL I 178 -13.02 68.32 -54.41
C VAL I 178 -14.46 68.27 -54.92
N ARG I 179 -15.17 67.20 -54.56
CA ARG I 179 -16.58 67.02 -54.89
C ARG I 179 -17.39 67.07 -53.61
N ILE I 180 -18.36 67.97 -53.56
CA ILE I 180 -19.16 68.24 -52.36
C ILE I 180 -20.62 68.05 -52.71
N ASN I 181 -21.27 67.10 -52.03
CA ASN I 181 -22.63 66.71 -52.35
C ASN I 181 -23.57 67.07 -51.20
N HIS I 182 -24.61 67.84 -51.48
CA HIS I 182 -25.60 68.18 -50.48
C HIS I 182 -26.63 67.07 -50.37
N ILE I 183 -26.76 66.48 -49.18
CA ILE I 183 -27.67 65.36 -48.94
C ILE I 183 -28.86 65.90 -48.17
N ARG I 184 -30.00 66.04 -48.85
CA ARG I 184 -31.17 66.63 -48.20
C ARG I 184 -31.91 65.59 -47.37
N GLN I 185 -32.43 64.54 -48.00
CA GLN I 185 -33.08 63.45 -47.29
C GLN I 185 -32.32 62.14 -47.43
N GLY I 186 -32.13 61.67 -48.66
CA GLY I 186 -31.31 60.49 -48.90
C GLY I 186 -30.59 60.54 -50.23
N GLU I 187 -30.68 61.68 -50.91
CA GLU I 187 -30.15 61.81 -52.26
C GLU I 187 -29.30 63.06 -52.36
N VAL I 188 -28.49 63.12 -53.41
CA VAL I 188 -27.64 64.27 -53.67
C VAL I 188 -28.52 65.41 -54.20
N ALA I 189 -28.77 66.41 -53.35
CA ALA I 189 -29.60 67.53 -53.76
C ALA I 189 -28.86 68.48 -54.70
N ARG I 190 -27.54 68.65 -54.50
CA ARG I 190 -26.75 69.54 -55.34
C ARG I 190 -25.29 69.09 -55.26
N ALA I 191 -24.65 68.97 -56.42
CA ALA I 191 -23.27 68.52 -56.51
C ALA I 191 -22.38 69.68 -56.94
N TRP I 192 -21.38 69.99 -56.13
CA TRP I 192 -20.36 70.99 -56.43
C TRP I 192 -19.06 70.28 -56.77
N ARG I 193 -18.37 70.78 -57.79
CA ARG I 193 -17.06 70.26 -58.18
C ARG I 193 -16.09 71.43 -58.25
N PHE I 194 -14.95 71.30 -57.57
CA PHE I 194 -13.98 72.36 -57.46
C PHE I 194 -12.59 71.85 -57.79
N ASP I 195 -11.80 72.68 -58.47
CA ASP I 195 -10.38 72.44 -58.65
C ASP I 195 -9.66 73.03 -57.44
N ALA I 196 -9.15 72.15 -56.57
CA ALA I 196 -8.64 72.61 -55.28
C ALA I 196 -7.30 73.31 -55.40
N LEU I 197 -6.52 73.00 -56.43
CA LEU I 197 -5.24 73.67 -56.62
C LEU I 197 -5.40 75.07 -57.20
N ALA I 198 -6.44 75.29 -58.01
CA ALA I 198 -6.67 76.62 -58.59
C ALA I 198 -7.10 77.61 -57.53
N ILE I 199 -7.89 77.16 -56.55
CA ILE I 199 -8.30 78.00 -55.44
C ILE I 199 -7.19 78.00 -54.40
N GLY I 200 -6.63 79.18 -54.13
CA GLY I 200 -5.46 79.27 -53.28
C GLY I 200 -5.78 79.01 -51.81
N LEU I 201 -4.71 78.73 -51.06
CA LEU I 201 -4.82 78.53 -49.63
C LEU I 201 -4.87 79.84 -48.85
N ARG I 202 -4.69 80.98 -49.53
CA ARG I 202 -4.61 82.27 -48.86
C ARG I 202 -5.48 83.36 -49.46
N ASP I 203 -6.06 83.16 -50.65
CA ASP I 203 -6.93 84.15 -51.26
C ASP I 203 -8.37 83.65 -51.20
N PHE I 204 -9.27 84.53 -50.75
CA PHE I 204 -10.69 84.22 -50.65
C PHE I 204 -11.41 85.06 -51.71
N LYS I 205 -11.50 84.51 -52.92
CA LYS I 205 -12.07 85.23 -54.05
C LYS I 205 -13.57 84.91 -54.15
N ALA I 206 -14.18 85.32 -55.26
CA ALA I 206 -15.61 85.14 -55.49
C ALA I 206 -15.82 84.21 -56.68
N ASP I 207 -16.70 83.24 -56.50
CA ASP I 207 -17.07 82.32 -57.58
C ASP I 207 -18.55 81.98 -57.42
N ALA I 208 -19.20 81.60 -58.52
CA ALA I 208 -20.63 81.35 -58.51
C ALA I 208 -20.98 80.08 -57.75
N GLU I 209 -20.24 78.99 -58.01
CA GLU I 209 -20.45 77.75 -57.27
C GLU I 209 -20.05 77.92 -55.81
N LEU I 210 -18.99 78.69 -55.57
CA LEU I 210 -18.57 78.99 -54.21
C LEU I 210 -19.61 79.84 -53.49
N ASP I 211 -20.26 80.76 -54.20
CA ASP I 211 -21.32 81.56 -53.59
C ASP I 211 -22.57 80.72 -53.32
N ALA I 212 -22.86 79.74 -54.17
CA ALA I 212 -23.99 78.85 -53.92
C ALA I 212 -23.72 77.97 -52.70
N LEU I 213 -22.49 77.45 -52.58
CA LEU I 213 -22.11 76.68 -51.40
C LEU I 213 -22.11 77.55 -50.14
N ALA I 214 -21.71 78.82 -50.28
CA ALA I 214 -21.78 79.76 -49.17
C ALA I 214 -23.22 80.03 -48.75
N GLU I 215 -24.13 80.13 -49.72
CA GLU I 215 -25.54 80.33 -49.41
C GLU I 215 -26.11 79.12 -48.69
N LEU I 216 -25.72 77.91 -49.11
CA LEU I 216 -26.20 76.71 -48.43
C LEU I 216 -25.66 76.60 -47.00
N ILE I 217 -24.38 76.90 -46.81
CA ILE I 217 -23.78 76.81 -45.47
C ILE I 217 -24.34 77.91 -44.56
N ALA I 218 -24.57 79.11 -45.11
CA ALA I 218 -25.14 80.19 -44.32
C ALA I 218 -26.61 79.92 -43.98
N SER I 219 -27.35 79.27 -44.88
CA SER I 219 -28.72 78.87 -44.56
C SER I 219 -28.72 77.77 -43.50
N GLY I 220 -27.73 76.89 -43.52
CA GLY I 220 -27.61 75.89 -42.47
C GLY I 220 -27.26 76.49 -41.13
N LEU I 221 -26.42 77.52 -41.12
CA LEU I 221 -26.09 78.21 -39.88
C LEU I 221 -27.26 79.03 -39.35
N SER I 222 -28.02 79.66 -40.25
CA SER I 222 -29.17 80.45 -39.86
C SER I 222 -30.41 79.62 -39.61
N GLY I 223 -30.42 78.35 -40.01
CA GLY I 223 -31.59 77.52 -39.92
C GLY I 223 -31.83 76.97 -38.52
N SER I 224 -32.79 76.06 -38.44
CA SER I 224 -33.13 75.40 -37.19
C SER I 224 -32.67 73.94 -37.13
N GLY I 225 -32.53 73.29 -38.27
CA GLY I 225 -32.07 71.91 -38.31
C GLY I 225 -30.60 71.80 -38.63
N HIS I 226 -30.26 71.07 -39.69
CA HIS I 226 -28.87 70.94 -40.10
C HIS I 226 -28.81 70.71 -41.60
N VAL I 227 -27.65 71.05 -42.17
CA VAL I 227 -27.35 70.85 -43.59
C VAL I 227 -26.25 69.82 -43.70
N LEU I 228 -26.47 68.78 -44.48
CA LEU I 228 -25.55 67.66 -44.58
C LEU I 228 -24.80 67.71 -45.91
N LEU I 229 -23.47 67.63 -45.83
CA LEU I 229 -22.61 67.70 -47.00
C LEU I 229 -21.64 66.54 -46.97
N GLU I 230 -21.36 65.97 -48.13
CA GLU I 230 -20.34 64.93 -48.30
C GLU I 230 -19.18 65.54 -49.06
N VAL I 231 -18.02 65.65 -48.41
CA VAL I 231 -16.85 66.26 -49.02
C VAL I 231 -15.85 65.17 -49.33
N VAL I 232 -15.54 65.00 -50.60
CA VAL I 232 -14.56 64.02 -51.08
C VAL I 232 -13.49 64.79 -51.83
N ALA I 233 -12.22 64.48 -51.52
CA ALA I 233 -11.10 65.13 -52.17
C ALA I 233 -10.20 64.07 -52.77
N PHE I 234 -9.95 64.17 -54.07
CA PHE I 234 -9.03 63.28 -54.77
C PHE I 234 -7.73 64.05 -55.02
N ALA I 235 -6.62 63.50 -54.54
CA ALA I 235 -5.30 64.09 -54.73
C ALA I 235 -4.44 63.14 -55.55
N ARG I 236 -3.86 63.67 -56.63
CA ARG I 236 -2.94 62.89 -57.46
C ARG I 236 -1.54 63.05 -56.88
N ILE I 237 -1.30 62.35 -55.78
CA ILE I 237 -0.03 62.44 -55.08
C ILE I 237 1.07 61.77 -55.88
N GLY I 238 0.82 60.59 -56.39
CA GLY I 238 1.81 59.78 -57.08
C GLY I 238 1.61 58.33 -56.74
N ASP I 239 2.14 57.47 -57.60
CA ASP I 239 1.89 56.03 -57.48
C ASP I 239 2.68 55.45 -56.32
N GLY I 240 1.98 54.86 -55.36
CA GLY I 240 2.66 54.23 -54.23
C GLY I 240 3.23 55.18 -53.21
N GLN I 241 2.89 56.46 -53.28
CA GLN I 241 3.51 57.47 -52.43
C GLN I 241 3.00 57.37 -51.00
N GLU I 242 3.58 58.19 -50.14
CA GLU I 242 3.27 58.17 -48.72
C GLU I 242 2.16 59.17 -48.42
N VAL I 243 1.01 58.67 -47.99
CA VAL I 243 -0.06 59.53 -47.51
C VAL I 243 0.16 59.81 -46.04
N PHE I 244 -0.46 60.89 -45.56
CA PHE I 244 -0.21 61.39 -44.20
C PHE I 244 -1.53 61.52 -43.45
N PRO I 245 -1.98 60.45 -42.80
CA PRO I 245 -3.12 60.57 -41.88
C PRO I 245 -2.70 61.26 -40.59
N SER I 246 -3.67 61.48 -39.73
CA SER I 246 -3.41 62.14 -38.46
C SER I 246 -2.63 61.22 -37.53
N GLN I 247 -1.57 61.74 -36.93
CA GLN I 247 -0.76 60.97 -36.01
C GLN I 247 -1.40 61.01 -34.61
N GLU I 248 -1.50 59.85 -33.97
CA GLU I 248 -2.19 59.77 -32.69
C GLU I 248 -1.30 60.29 -31.57
N LEU I 249 -1.87 61.13 -30.71
CA LEU I 249 -1.16 61.69 -29.56
C LEU I 249 -1.23 60.67 -28.44
N ILE I 250 -0.16 59.90 -28.27
CA ILE I 250 -0.03 58.92 -27.19
C ILE I 250 1.15 59.32 -26.33
N LEU I 251 0.90 59.50 -25.04
CA LEU I 251 1.96 59.87 -24.11
C LEU I 251 2.74 58.64 -23.70
N ASP I 252 4.07 58.73 -23.73
CA ASP I 252 4.91 57.63 -23.28
C ASP I 252 4.85 57.45 -21.77
N LYS I 253 4.62 58.55 -21.04
CA LYS I 253 4.41 58.57 -19.57
C LYS I 253 5.60 58.02 -18.79
N GLY I 254 6.80 58.14 -19.37
CA GLY I 254 8.02 57.70 -18.71
C GLY I 254 8.14 56.21 -18.46
N ASP I 255 7.62 55.39 -19.37
CA ASP I 255 7.71 53.94 -19.20
C ASP I 255 9.11 53.45 -19.53
N LYS I 256 9.47 52.30 -18.95
CA LYS I 256 10.82 51.77 -19.12
C LYS I 256 10.98 51.17 -20.51
N LYS I 257 9.99 50.41 -20.99
CA LYS I 257 10.09 49.76 -22.28
C LYS I 257 9.94 50.77 -23.41
N GLY I 258 10.82 50.66 -24.40
CA GLY I 258 10.73 51.53 -25.56
C GLY I 258 9.52 51.21 -26.40
N GLN I 259 8.91 52.25 -26.96
CA GLN I 259 7.68 52.13 -27.73
C GLN I 259 7.94 52.51 -29.19
N LYS I 260 6.89 52.38 -29.99
CA LYS I 260 6.93 52.87 -31.36
C LYS I 260 6.87 54.39 -31.37
N SER I 261 7.75 55.03 -32.14
CA SER I 261 7.87 56.48 -32.10
C SER I 261 6.71 57.15 -32.81
N LYS I 262 6.26 56.59 -33.94
CA LYS I 262 5.19 57.17 -34.74
C LYS I 262 4.03 56.19 -34.81
N THR I 263 2.84 56.68 -34.46
CA THR I 263 1.61 55.92 -34.58
C THR I 263 0.62 56.72 -35.41
N LEU I 264 -0.25 56.02 -36.13
CA LEU I 264 -1.21 56.67 -37.01
C LEU I 264 -2.63 56.40 -36.53
N TYR I 265 -3.59 56.92 -37.28
CA TYR I 265 -5.00 56.83 -36.92
C TYR I 265 -5.76 56.05 -37.98
N SER I 266 -6.61 55.13 -37.53
CA SER I 266 -7.46 54.36 -38.42
C SER I 266 -8.75 54.03 -37.68
N VAL I 267 -9.80 53.76 -38.45
CA VAL I 267 -11.11 53.42 -37.87
C VAL I 267 -11.36 51.91 -37.91
N ARG I 268 -11.31 51.28 -39.08
CA ARG I 268 -11.42 49.83 -39.16
C ARG I 268 -10.60 49.38 -40.39
N ASP I 269 -9.32 49.12 -40.16
CA ASP I 269 -8.32 48.78 -41.19
C ASP I 269 -8.33 49.81 -42.32
N ALA I 270 -8.44 51.09 -41.96
CA ALA I 270 -8.72 52.14 -42.93
C ALA I 270 -8.21 53.45 -42.34
N ALA I 271 -7.15 54.00 -42.94
CA ALA I 271 -6.49 55.19 -42.39
C ALA I 271 -7.42 56.39 -42.43
N ALA I 272 -7.27 57.26 -41.43
CA ALA I 272 -8.21 58.36 -41.27
C ALA I 272 -7.52 59.54 -40.63
N ILE I 273 -8.10 60.72 -40.82
CA ILE I 273 -7.68 61.95 -40.18
C ILE I 273 -8.69 62.27 -39.08
N HIS I 274 -8.20 62.83 -37.97
CA HIS I 274 -9.08 63.21 -36.87
C HIS I 274 -10.01 64.33 -37.29
N SER I 275 -11.19 64.35 -36.66
CA SER I 275 -12.19 65.36 -36.99
C SER I 275 -11.76 66.76 -36.60
N GLN I 276 -10.97 66.87 -35.52
CA GLN I 276 -10.52 68.18 -35.08
C GLN I 276 -9.48 68.76 -36.03
N LYS I 277 -8.72 67.91 -36.72
CA LYS I 277 -7.80 68.41 -37.74
C LYS I 277 -8.54 68.94 -38.95
N ILE I 278 -9.61 68.25 -39.37
CA ILE I 278 -10.44 68.72 -40.47
C ILE I 278 -11.16 70.01 -40.08
N GLY I 279 -11.59 70.10 -38.82
CA GLY I 279 -12.20 71.32 -38.34
C GLY I 279 -11.23 72.48 -38.27
N ASN I 280 -9.98 72.20 -37.87
CA ASN I 280 -8.95 73.24 -37.84
C ASN I 280 -8.62 73.73 -39.24
N ALA I 281 -8.61 72.83 -40.21
CA ALA I 281 -8.40 73.24 -41.60
C ALA I 281 -9.60 74.02 -42.14
N LEU I 282 -10.81 73.66 -41.71
CA LEU I 282 -12.00 74.37 -42.15
C LEU I 282 -12.09 75.76 -41.52
N ARG I 283 -11.58 75.91 -40.29
CA ARG I 283 -11.62 77.17 -39.58
C ARG I 283 -10.44 78.08 -39.92
N THR I 284 -9.57 77.68 -40.84
CA THR I 284 -8.41 78.49 -41.22
C THR I 284 -8.86 79.61 -42.16
N ILE I 285 -9.56 80.59 -41.56
CA ILE I 285 -10.21 81.65 -42.31
C ILE I 285 -9.79 83.01 -41.75
N ASP I 286 -9.11 83.00 -40.61
CA ASP I 286 -8.77 84.23 -39.89
C ASP I 286 -7.63 84.93 -40.60
N THR I 287 -7.96 85.93 -41.42
CA THR I 287 -6.98 86.79 -42.07
C THR I 287 -7.02 88.20 -41.51
N TRP I 288 -7.45 88.35 -40.25
CA TRP I 288 -7.65 89.67 -39.66
C TRP I 288 -6.86 89.85 -38.36
N TYR I 289 -5.87 89.00 -38.11
CA TYR I 289 -5.06 89.14 -36.91
C TYR I 289 -4.10 90.32 -37.06
N PRO I 290 -3.75 91.00 -35.95
CA PRO I 290 -2.94 92.23 -36.07
C PRO I 290 -1.52 92.01 -36.55
N ASP I 291 -0.99 90.79 -36.47
CA ASP I 291 0.30 90.51 -37.06
C ASP I 291 0.17 90.43 -38.58
N GLU I 292 1.31 90.53 -39.26
CA GLU I 292 1.35 90.49 -40.72
C GLU I 292 0.92 89.13 -41.23
N ASP I 293 0.20 89.13 -42.35
CA ASP I 293 -0.33 87.90 -42.94
C ASP I 293 0.64 87.29 -43.95
N GLY I 294 1.88 87.08 -43.52
CA GLY I 294 2.81 86.31 -44.33
C GLY I 294 2.41 84.85 -44.43
N LEU I 295 1.89 84.30 -43.34
CA LEU I 295 1.33 82.95 -43.37
C LEU I 295 0.04 82.90 -44.19
N GLY I 296 -0.78 83.93 -44.07
CA GLY I 296 -2.11 83.92 -44.62
C GLY I 296 -3.13 83.69 -43.52
N PRO I 297 -4.16 82.91 -43.82
CA PRO I 297 -5.17 82.61 -42.80
C PRO I 297 -4.64 81.68 -41.73
N ILE I 298 -5.14 81.87 -40.51
CA ILE I 298 -4.88 80.97 -39.39
C ILE I 298 -6.22 80.45 -38.91
N ALA I 299 -6.16 79.39 -38.09
CA ALA I 299 -7.37 78.80 -37.56
C ALA I 299 -8.01 79.72 -36.52
N VAL I 300 -9.34 79.74 -36.49
CA VAL I 300 -10.06 80.60 -35.57
C VAL I 300 -9.95 80.01 -34.16
N GLU I 301 -9.12 80.61 -33.33
CA GLU I 301 -8.92 80.19 -31.96
C GLU I 301 -9.07 81.39 -31.03
N PRO I 302 -9.52 81.18 -29.81
CA PRO I 302 -9.33 82.21 -28.78
C PRO I 302 -7.85 82.39 -28.50
N TYR I 303 -7.44 83.66 -28.41
CA TYR I 303 -6.04 84.09 -28.37
C TYR I 303 -5.22 83.57 -29.54
N GLY I 304 -5.86 83.42 -30.71
CA GLY I 304 -5.27 83.13 -32.01
C GLY I 304 -4.12 82.14 -32.12
N SER I 305 -4.23 81.02 -31.42
CA SER I 305 -3.10 80.10 -31.26
C SER I 305 -2.85 79.31 -32.53
N VAL I 306 -1.58 79.28 -32.95
CA VAL I 306 -1.13 78.48 -34.09
C VAL I 306 -0.11 77.49 -33.56
N THR I 307 -0.42 76.19 -33.67
CA THR I 307 0.49 75.17 -33.13
C THR I 307 1.70 74.95 -34.02
N SER I 308 1.59 75.24 -35.33
CA SER I 308 2.73 75.06 -36.23
C SER I 308 3.79 76.14 -36.06
N GLN I 309 3.47 77.25 -35.38
CA GLN I 309 4.43 78.31 -35.15
C GLN I 309 4.92 78.39 -33.71
N GLY I 310 4.14 77.90 -32.75
CA GLY I 310 4.49 78.10 -31.36
C GLY I 310 4.27 79.51 -30.86
N LYS I 311 3.56 80.33 -31.62
CA LYS I 311 3.27 81.71 -31.25
C LYS I 311 1.78 81.95 -31.36
N ALA I 312 1.25 82.75 -30.45
CA ALA I 312 -0.17 83.06 -30.40
C ALA I 312 -0.38 84.51 -30.84
N TYR I 313 -0.98 84.70 -32.00
CA TYR I 313 -1.42 86.02 -32.44
C TYR I 313 -2.72 86.37 -31.72
N ARG I 314 -3.19 87.61 -31.94
CA ARG I 314 -4.39 88.17 -31.31
C ARG I 314 -4.30 88.10 -29.78
N GLN I 315 -3.22 88.67 -29.25
CA GLN I 315 -2.96 88.61 -27.82
C GLN I 315 -3.93 89.51 -27.05
N PRO I 316 -4.23 89.19 -25.79
CA PRO I 316 -5.12 90.06 -25.01
C PRO I 316 -4.50 91.41 -24.62
N LYS I 317 -3.19 91.59 -24.76
CA LYS I 317 -2.63 92.92 -24.51
C LYS I 317 -3.01 93.89 -25.62
N GLN I 318 -3.27 93.39 -26.82
CA GLN I 318 -3.99 94.14 -27.83
C GLN I 318 -5.49 93.89 -27.65
N LYS I 319 -6.28 94.79 -28.21
CA LYS I 319 -7.74 94.66 -28.09
C LYS I 319 -8.33 93.89 -29.27
N LEU I 320 -7.75 92.72 -29.57
CA LEU I 320 -8.20 91.94 -30.72
C LEU I 320 -8.33 90.45 -30.41
N ASP I 321 -8.18 90.04 -29.15
CA ASP I 321 -8.51 88.68 -28.78
C ASP I 321 -10.02 88.52 -28.71
N PHE I 322 -10.46 87.25 -28.69
CA PHE I 322 -11.89 86.95 -28.83
C PHE I 322 -12.69 87.39 -27.60
N TYR I 323 -12.12 87.24 -26.40
CA TYR I 323 -12.86 87.52 -25.18
C TYR I 323 -13.12 89.01 -25.01
N THR I 324 -12.11 89.85 -25.19
CA THR I 324 -12.28 91.29 -25.04
C THR I 324 -13.16 91.85 -26.16
N LEU I 325 -13.07 91.27 -27.36
CA LEU I 325 -13.96 91.67 -28.45
C LEU I 325 -15.40 91.32 -28.15
N LEU I 326 -15.64 90.16 -27.53
CA LEU I 326 -17.00 89.79 -27.16
C LEU I 326 -17.56 90.69 -26.05
N ASP I 327 -16.75 91.01 -25.03
CA ASP I 327 -17.25 91.89 -23.98
C ASP I 327 -17.42 93.33 -24.46
N ASN I 328 -16.66 93.74 -25.48
CA ASN I 328 -16.90 95.05 -26.06
C ASN I 328 -18.16 95.06 -26.92
N TRP I 329 -18.37 94.00 -27.71
CA TRP I 329 -19.51 93.96 -28.62
C TRP I 329 -20.82 93.78 -27.86
N VAL I 330 -20.80 93.00 -26.79
CA VAL I 330 -22.03 92.61 -26.08
C VAL I 330 -22.31 93.53 -24.90
N LEU I 331 -21.35 93.70 -23.99
CA LEU I 331 -21.63 94.41 -22.75
C LEU I 331 -21.58 95.93 -22.95
N ARG I 332 -20.43 96.44 -23.38
CA ARG I 332 -20.23 97.88 -23.49
C ARG I 332 -20.71 98.46 -24.80
N ASP I 333 -21.29 97.62 -25.68
CA ASP I 333 -21.86 97.99 -26.98
C ASP I 333 -20.83 98.60 -27.92
N GLU I 334 -19.53 98.34 -27.69
CA GLU I 334 -18.47 98.78 -28.58
C GLU I 334 -18.35 97.73 -29.68
N ALA I 335 -19.15 97.91 -30.72
CA ALA I 335 -19.13 97.01 -31.86
C ALA I 335 -17.83 97.19 -32.63
N PRO I 336 -17.02 96.14 -32.80
CA PRO I 336 -15.75 96.30 -33.52
C PRO I 336 -15.91 96.42 -35.02
N ALA I 337 -14.79 96.39 -35.73
CA ALA I 337 -14.83 96.38 -37.19
C ALA I 337 -15.47 95.09 -37.69
N VAL I 338 -15.86 95.11 -38.97
CA VAL I 338 -16.62 94.02 -39.57
C VAL I 338 -15.78 92.75 -39.63
N GLU I 339 -14.47 92.90 -39.82
CA GLU I 339 -13.55 91.76 -39.80
C GLU I 339 -13.49 91.12 -38.42
N GLN I 340 -13.46 91.93 -37.37
CA GLN I 340 -13.41 91.37 -36.02
C GLN I 340 -14.76 90.81 -35.60
N GLN I 341 -15.86 91.37 -36.13
CA GLN I 341 -17.17 90.76 -35.92
C GLN I 341 -17.25 89.40 -36.62
N HIS I 342 -16.65 89.28 -37.81
CA HIS I 342 -16.56 88.00 -38.49
C HIS I 342 -15.73 87.01 -37.69
N TYR I 343 -14.64 87.48 -37.08
CA TYR I 343 -13.80 86.62 -36.24
C TYR I 343 -14.55 86.14 -35.00
N VAL I 344 -15.33 87.03 -34.38
CA VAL I 344 -16.09 86.67 -33.17
C VAL I 344 -17.18 85.65 -33.50
N ILE I 345 -17.91 85.87 -34.60
CA ILE I 345 -18.95 84.91 -34.97
C ILE I 345 -18.33 83.60 -35.48
N ALA I 346 -17.13 83.66 -36.05
CA ALA I 346 -16.41 82.44 -36.42
C ALA I 346 -15.98 81.66 -35.18
N ASN I 347 -15.65 82.35 -34.09
CA ASN I 347 -15.42 81.67 -32.82
C ASN I 347 -16.69 81.05 -32.27
N LEU I 348 -17.82 81.75 -32.41
CA LEU I 348 -19.10 81.22 -31.94
C LEU I 348 -19.52 79.98 -32.72
N ILE I 349 -19.28 79.98 -34.03
CA ILE I 349 -19.50 78.79 -34.85
C ILE I 349 -18.51 77.69 -34.46
N ARG I 350 -17.25 78.08 -34.19
CA ARG I 350 -16.25 77.13 -33.72
C ARG I 350 -16.62 76.53 -32.38
N GLY I 351 -17.13 77.35 -31.47
CA GLY I 351 -17.47 76.90 -30.15
C GLY I 351 -16.36 77.17 -29.16
N GLY I 352 -16.44 76.47 -28.04
CA GLY I 352 -15.46 76.62 -26.99
C GLY I 352 -16.13 76.80 -25.64
N VAL I 353 -15.34 76.67 -24.58
CA VAL I 353 -15.85 76.81 -23.23
C VAL I 353 -15.25 78.09 -22.65
N PHE I 354 -16.10 79.05 -22.37
CA PHE I 354 -15.69 80.36 -21.90
C PHE I 354 -16.30 80.62 -20.52
N GLY I 355 -16.13 81.85 -20.03
CA GLY I 355 -16.72 82.25 -18.77
C GLY I 355 -15.72 82.38 -17.63
N GLU I 356 -15.67 83.57 -17.03
CA GLU I 356 -14.81 83.80 -15.88
C GLU I 356 -15.40 83.15 -14.64
N ALA I 357 -14.55 82.99 -13.62
CA ALA I 357 -14.98 82.33 -12.38
C ALA I 357 -15.90 83.23 -11.56
N MET J 1 24.35 44.07 -18.22
CA MET J 1 25.03 43.98 -16.93
C MET J 1 25.72 42.63 -16.78
N ASN J 2 25.22 41.81 -15.84
CA ASN J 2 25.78 40.49 -15.58
C ASN J 2 24.68 39.45 -15.69
N ALA J 3 25.10 38.19 -15.77
CA ALA J 3 24.15 37.09 -15.95
C ALA J 3 23.33 36.85 -14.68
N ILE J 4 22.10 36.41 -14.89
CA ILE J 4 21.19 36.04 -13.80
C ILE J 4 21.05 34.53 -13.83
N HIS J 5 21.46 33.89 -12.74
CA HIS J 5 21.49 32.43 -12.66
C HIS J 5 20.30 31.94 -11.84
N ILE J 6 19.36 31.29 -12.50
CA ILE J 6 18.16 30.75 -11.85
C ILE J 6 18.24 29.23 -12.03
N GLY J 7 18.85 28.56 -11.07
CA GLY J 7 19.06 27.13 -11.15
C GLY J 7 20.00 26.76 -12.29
N PRO J 8 19.52 25.93 -13.21
CA PRO J 8 20.30 25.65 -14.42
C PRO J 8 20.14 26.71 -15.50
N PHE J 9 19.33 27.74 -15.26
CA PHE J 9 19.04 28.77 -16.23
C PHE J 9 20.05 29.91 -16.11
N SER J 10 20.48 30.42 -17.26
CA SER J 10 21.39 31.56 -17.29
C SER J 10 20.81 32.62 -18.22
N ILE J 11 20.54 33.80 -17.68
CA ILE J 11 20.09 34.94 -18.45
C ILE J 11 21.32 35.81 -18.67
N THR J 12 21.91 35.72 -19.85
CA THR J 12 23.10 36.48 -20.18
C THR J 12 22.79 37.52 -21.25
N PRO J 13 23.23 38.75 -21.07
CA PRO J 13 23.00 39.79 -22.08
C PRO J 13 24.06 39.76 -23.17
N ALA J 14 23.67 40.28 -24.33
CA ALA J 14 24.66 40.59 -25.35
C ALA J 14 25.49 41.78 -24.90
N ALA J 15 26.78 41.77 -25.25
CA ALA J 15 27.64 42.88 -24.87
C ALA J 15 27.31 44.15 -25.65
N ARG J 16 26.77 44.01 -26.85
CA ARG J 16 26.33 45.16 -27.62
C ARG J 16 25.00 45.69 -27.10
N GLY J 17 24.87 47.01 -27.11
CA GLY J 17 23.64 47.64 -26.71
C GLY J 17 22.98 48.41 -27.83
N LEU J 18 21.69 48.18 -28.05
CA LEU J 18 20.94 48.89 -29.07
C LEU J 18 20.11 50.00 -28.43
N HIS J 19 19.49 50.81 -29.29
CA HIS J 19 18.75 52.00 -28.89
C HIS J 19 17.35 51.97 -29.47
N TYR J 20 16.62 50.88 -29.23
CA TYR J 20 15.24 50.76 -29.69
C TYR J 20 14.37 51.83 -29.05
N GLY J 21 13.55 52.47 -29.88
CA GLY J 21 12.90 53.70 -29.46
C GLY J 21 13.95 54.79 -29.34
N GLY J 22 13.96 55.45 -28.19
CA GLY J 22 15.02 56.40 -27.90
C GLY J 22 15.91 55.91 -26.78
N LEU J 23 15.34 55.09 -25.91
CA LEU J 23 16.02 54.55 -24.75
C LEU J 23 16.99 53.43 -25.16
N PRO J 24 18.11 53.29 -24.45
CA PRO J 24 19.03 52.18 -24.74
C PRO J 24 18.43 50.84 -24.34
N HIS J 25 18.81 49.81 -25.09
CA HIS J 25 18.30 48.46 -24.89
C HIS J 25 19.44 47.46 -25.02
N HIS J 26 19.22 46.28 -24.48
CA HIS J 26 20.15 45.15 -24.56
C HIS J 26 19.37 43.90 -24.92
N GLN J 27 19.97 43.03 -25.72
CA GLN J 27 19.34 41.78 -26.12
C GLN J 27 19.69 40.72 -25.08
N TRP J 28 18.74 40.40 -24.21
CA TRP J 28 18.96 39.41 -23.17
C TRP J 28 18.59 38.02 -23.66
N THR J 29 19.44 37.05 -23.34
CA THR J 29 19.34 35.69 -23.84
C THR J 29 19.15 34.72 -22.67
N LEU J 30 18.17 33.84 -22.78
CA LEU J 30 17.90 32.84 -21.74
C LEU J 30 18.37 31.47 -22.23
N TYR J 31 19.31 30.87 -21.51
CA TYR J 31 19.81 29.54 -21.82
C TYR J 31 19.45 28.55 -20.72
N TYR J 32 19.12 27.33 -21.12
CA TYR J 32 19.13 26.15 -20.26
C TYR J 32 20.35 25.34 -20.71
N GLY J 33 21.49 25.64 -20.12
CA GLY J 33 22.73 25.04 -20.54
C GLY J 33 23.20 25.59 -21.88
N PRO J 34 23.37 24.69 -22.86
CA PRO J 34 23.76 25.14 -24.21
C PRO J 34 22.60 25.57 -25.09
N ARG J 35 21.36 25.23 -24.73
CA ARG J 35 20.20 25.52 -25.55
C ARG J 35 19.58 26.83 -25.10
N GLU J 36 19.40 27.76 -26.05
CA GLU J 36 18.66 28.97 -25.77
C GLU J 36 17.17 28.74 -26.00
N MET J 37 16.35 29.44 -25.24
CA MET J 37 14.90 29.31 -25.35
C MET J 37 14.20 30.62 -25.67
N ALA J 38 14.71 31.76 -25.20
CA ALA J 38 14.08 33.04 -25.43
C ALA J 38 15.14 34.12 -25.51
N ILE J 39 15.19 34.82 -26.63
CA ILE J 39 16.03 35.99 -26.82
C ILE J 39 15.09 37.18 -26.87
N LYS J 40 15.22 38.11 -25.92
CA LYS J 40 14.31 39.23 -25.80
C LYS J 40 15.07 40.52 -25.59
N THR J 41 14.59 41.59 -26.22
CA THR J 41 15.20 42.91 -26.13
C THR J 41 14.58 43.66 -24.96
N LEU J 42 15.39 44.01 -23.97
CA LEU J 42 14.93 44.61 -22.74
C LEU J 42 15.72 45.89 -22.46
N PRO J 43 15.10 46.87 -21.81
CA PRO J 43 15.79 48.15 -21.55
C PRO J 43 16.93 47.99 -20.54
N ASP J 44 17.89 48.91 -20.63
CA ASP J 44 18.98 48.96 -19.65
C ASP J 44 18.52 49.53 -18.32
N SER J 45 17.36 50.20 -18.29
CA SER J 45 16.79 50.68 -17.04
C SER J 45 16.08 49.58 -16.26
N TYR J 46 15.93 48.40 -16.83
CA TYR J 46 15.32 47.27 -16.13
C TYR J 46 16.23 46.78 -15.01
N THR J 47 15.64 46.49 -13.86
CA THR J 47 16.37 45.85 -12.78
C THR J 47 16.47 44.34 -13.05
N SER J 48 17.21 43.65 -12.19
CA SER J 48 17.37 42.20 -12.34
C SER J 48 16.06 41.46 -12.09
N SER J 49 15.21 41.99 -11.21
CA SER J 49 13.91 41.38 -10.95
C SER J 49 12.99 41.49 -12.16
N GLU J 50 13.04 42.61 -12.88
CA GLU J 50 12.20 42.77 -14.07
C GLU J 50 12.68 41.89 -15.21
N VAL J 51 14.00 41.73 -15.36
CA VAL J 51 14.55 40.82 -16.36
C VAL J 51 14.19 39.38 -16.02
N ARG J 52 14.18 39.04 -14.72
CA ARG J 52 13.74 37.72 -14.29
C ARG J 52 12.25 37.50 -14.58
N ASP J 53 11.42 38.51 -14.32
CA ASP J 53 9.99 38.38 -14.54
C ASP J 53 9.61 38.38 -16.01
N GLU J 54 10.46 38.93 -16.88
CA GLU J 54 10.20 38.84 -18.31
C GLU J 54 10.31 37.40 -18.82
N PHE J 55 11.29 36.65 -18.33
CA PHE J 55 11.50 35.28 -18.75
C PHE J 55 10.85 34.26 -17.82
N SER J 56 10.19 34.72 -16.75
CA SER J 56 9.57 33.81 -15.79
C SER J 56 8.45 32.99 -16.40
N ASP J 57 7.72 33.53 -17.38
CA ASP J 57 6.65 32.77 -18.03
C ASP J 57 7.20 31.61 -18.84
N ILE J 58 8.27 31.84 -19.60
CA ILE J 58 8.90 30.77 -20.37
C ILE J 58 9.57 29.77 -19.44
N ILE J 59 10.12 30.25 -18.32
CA ILE J 59 10.72 29.37 -17.31
C ILE J 59 9.67 28.44 -16.70
N ALA J 60 8.50 28.99 -16.36
CA ALA J 60 7.42 28.18 -15.79
C ALA J 60 6.84 27.23 -16.82
N GLU J 61 6.77 27.66 -18.09
CA GLU J 61 6.30 26.78 -19.16
C GLU J 61 7.25 25.61 -19.38
N PHE J 62 8.56 25.86 -19.34
CA PHE J 62 9.53 24.78 -19.45
C PHE J 62 9.49 23.85 -18.25
N VAL J 63 9.24 24.40 -17.06
CA VAL J 63 9.10 23.58 -15.85
C VAL J 63 7.88 22.68 -15.95
N ILE J 64 6.76 23.22 -16.45
CA ILE J 64 5.53 22.44 -16.63
C ILE J 64 5.73 21.35 -17.69
N ASP J 65 6.43 21.69 -18.78
CA ASP J 65 6.71 20.70 -19.82
C ASP J 65 7.65 19.62 -19.32
N ALA J 66 8.59 19.96 -18.44
CA ALA J 66 9.47 18.96 -17.87
C ALA J 66 8.76 18.06 -16.87
N ARG J 67 7.80 18.63 -16.12
CA ARG J 67 6.98 17.83 -15.22
C ARG J 67 6.09 16.86 -15.99
N HIS J 68 5.50 17.34 -17.08
CA HIS J 68 4.60 16.50 -17.87
C HIS J 68 5.32 15.64 -18.89
N ARG J 69 6.64 15.80 -19.03
CA ARG J 69 7.44 15.01 -19.95
C ARG J 69 8.16 13.85 -19.26
N TYR J 70 8.57 14.04 -18.01
CA TYR J 70 9.29 13.01 -17.27
C TYR J 70 8.53 12.62 -16.01
N ALA J 71 7.20 12.63 -16.09
CA ALA J 71 6.38 12.18 -14.97
C ALA J 71 6.51 10.66 -14.80
N PRO J 72 6.56 10.16 -13.57
CA PRO J 72 6.62 8.72 -13.37
C PRO J 72 5.31 8.04 -13.72
N ASP J 73 5.41 6.75 -14.03
CA ASP J 73 4.23 5.98 -14.37
C ASP J 73 3.35 5.76 -13.15
N VAL J 74 2.07 5.48 -13.39
CA VAL J 74 1.07 5.36 -12.35
C VAL J 74 0.50 3.95 -12.39
N LEU J 75 0.53 3.27 -11.24
CA LEU J 75 -0.12 1.98 -11.08
C LEU J 75 -1.45 2.18 -10.35
N GLU J 76 -2.50 1.60 -10.90
CA GLU J 76 -3.84 1.68 -10.34
C GLU J 76 -4.21 0.32 -9.76
N LEU J 77 -4.58 0.31 -8.49
CA LEU J 77 -5.17 -0.86 -7.86
C LEU J 77 -6.68 -0.77 -8.02
N VAL J 78 -7.27 -1.77 -8.67
CA VAL J 78 -8.69 -1.81 -8.95
C VAL J 78 -9.27 -3.08 -8.34
N ASN J 79 -10.59 -3.12 -8.24
CA ASN J 79 -11.31 -4.28 -7.73
C ASN J 79 -11.45 -5.34 -8.82
N SER J 80 -12.30 -6.33 -8.57
CA SER J 80 -12.53 -7.39 -9.54
C SER J 80 -13.24 -6.90 -10.79
N ASP J 81 -13.99 -5.80 -10.71
CA ASP J 81 -14.62 -5.23 -11.88
C ASP J 81 -13.60 -4.59 -12.81
N GLY J 82 -12.55 -3.99 -12.24
CA GLY J 82 -11.52 -3.38 -13.04
C GLY J 82 -11.83 -1.99 -13.54
N ASP J 83 -12.84 -1.33 -12.97
CA ASP J 83 -13.23 0.01 -13.41
C ASP J 83 -13.09 1.04 -12.31
N ALA J 84 -13.55 0.74 -11.10
CA ALA J 84 -13.39 1.65 -9.98
C ALA J 84 -11.95 1.58 -9.49
N VAL J 85 -11.20 2.66 -9.70
CA VAL J 85 -9.80 2.71 -9.28
C VAL J 85 -9.77 2.90 -7.77
N LEU J 86 -9.41 1.84 -7.05
CA LEU J 86 -9.39 1.91 -5.59
C LEU J 86 -8.18 2.71 -5.10
N ALA J 87 -7.02 2.51 -5.71
CA ALA J 87 -5.81 3.20 -5.27
C ALA J 87 -4.96 3.59 -6.47
N ARG J 88 -4.14 4.61 -6.29
CA ARG J 88 -3.22 5.07 -7.32
C ARG J 88 -1.86 5.36 -6.68
N VAL J 89 -0.80 4.82 -7.27
CA VAL J 89 0.55 5.02 -6.76
C VAL J 89 1.48 5.36 -7.92
N ALA J 90 2.25 6.44 -7.77
CA ALA J 90 3.25 6.82 -8.75
C ALA J 90 4.53 6.05 -8.47
N VAL J 91 4.96 5.23 -9.42
CA VAL J 91 6.09 4.34 -9.23
C VAL J 91 7.27 4.79 -10.08
N SER J 92 8.48 4.60 -9.55
CA SER J 92 9.68 4.89 -10.32
C SER J 92 9.90 3.84 -11.39
N ARG J 93 9.59 2.59 -11.10
CA ARG J 93 9.65 1.51 -12.08
C ARG J 93 8.52 0.52 -11.79
N LEU J 94 8.09 -0.17 -12.84
CA LEU J 94 7.00 -1.12 -12.75
C LEU J 94 7.51 -2.47 -12.23
N PRO J 95 6.63 -3.30 -11.67
CA PRO J 95 7.04 -4.67 -11.31
C PRO J 95 7.39 -5.49 -12.54
N GLU J 96 8.36 -6.40 -12.36
CA GLU J 96 8.80 -7.26 -13.45
C GLU J 96 7.79 -8.35 -13.77
N ALA J 97 6.84 -8.61 -12.87
CA ALA J 97 5.79 -9.60 -13.11
C ALA J 97 4.63 -9.04 -13.92
N LEU J 98 4.73 -7.81 -14.42
CA LEU J 98 3.66 -7.20 -15.17
C LEU J 98 3.55 -7.81 -16.57
N SER J 99 2.34 -8.17 -16.96
CA SER J 99 2.01 -8.62 -18.29
C SER J 99 0.64 -8.07 -18.64
N GLY J 100 0.26 -8.23 -19.92
CA GLY J 100 -1.02 -7.74 -20.41
C GLY J 100 -2.21 -8.32 -19.68
N CYS J 101 -2.99 -7.47 -19.03
CA CYS J 101 -3.90 -7.92 -17.97
C CYS J 101 -5.24 -7.22 -18.04
N ILE J 102 -6.31 -7.99 -17.94
CA ILE J 102 -7.65 -7.49 -17.70
C ILE J 102 -8.16 -8.15 -16.43
N PRO J 103 -8.72 -7.40 -15.48
CA PRO J 103 -9.21 -8.02 -14.25
C PRO J 103 -10.42 -8.92 -14.47
N ASP J 104 -10.54 -9.93 -13.61
CA ASP J 104 -11.64 -10.89 -13.63
C ASP J 104 -12.24 -10.99 -12.24
N ASP J 105 -13.15 -11.94 -12.05
CA ASP J 105 -13.67 -12.25 -10.72
C ASP J 105 -12.87 -13.35 -10.03
N ARG J 106 -11.80 -13.84 -10.67
CA ARG J 106 -10.98 -14.89 -10.08
C ARG J 106 -10.16 -14.36 -8.91
N PHE J 107 -9.81 -13.08 -8.93
CA PHE J 107 -9.06 -12.44 -7.86
C PHE J 107 -9.74 -11.13 -7.49
N PRO J 108 -9.78 -10.78 -6.20
CA PRO J 108 -10.56 -9.61 -5.78
C PRO J 108 -9.90 -8.27 -6.11
N TYR J 109 -8.56 -8.23 -6.09
CA TYR J 109 -7.82 -7.00 -6.33
C TYR J 109 -6.81 -7.22 -7.44
N TRP J 110 -6.68 -6.24 -8.33
CA TRP J 110 -5.79 -6.33 -9.47
C TRP J 110 -4.98 -5.06 -9.57
N LEU J 111 -3.73 -5.17 -10.04
CA LEU J 111 -2.87 -4.03 -10.25
C LEU J 111 -2.63 -3.84 -11.74
N LEU J 112 -2.80 -2.60 -12.22
CA LEU J 112 -2.73 -2.30 -13.64
C LEU J 112 -1.91 -1.05 -13.86
N THR J 113 -1.41 -0.88 -15.08
CA THR J 113 -0.74 0.34 -15.47
C THR J 113 -1.76 1.37 -15.93
N ALA J 114 -1.36 2.64 -15.94
CA ALA J 114 -2.21 3.71 -16.44
C ALA J 114 -2.13 3.86 -17.95
N SER J 115 -1.25 3.12 -18.63
CA SER J 115 -1.16 3.16 -20.07
C SER J 115 -2.37 2.47 -20.70
N ARG J 116 -2.56 2.71 -22.01
CA ARG J 116 -3.77 2.21 -22.67
C ARG J 116 -3.76 0.70 -22.88
N PRO J 117 -2.65 0.03 -23.33
CA PRO J 117 -2.59 -1.41 -23.15
C PRO J 117 -2.12 -1.76 -21.74
N ARG J 118 -3.05 -1.83 -20.79
CA ARG J 118 -2.71 -1.93 -19.37
C ARG J 118 -2.00 -3.23 -19.05
N LEU J 119 -0.90 -3.11 -18.30
CA LEU J 119 -0.13 -4.24 -17.83
C LEU J 119 -0.34 -4.36 -16.33
N GLY J 120 -0.60 -5.57 -15.86
CA GLY J 120 -0.86 -5.74 -14.44
C GLY J 120 -0.74 -7.17 -14.00
N LEU J 121 -1.03 -7.38 -12.72
CA LEU J 121 -0.97 -8.70 -12.10
C LEU J 121 -2.08 -8.81 -11.06
N PRO J 122 -2.57 -10.02 -10.81
CA PRO J 122 -3.46 -10.22 -9.64
C PRO J 122 -2.65 -10.07 -8.36
N VAL J 123 -3.05 -9.13 -7.53
CA VAL J 123 -2.29 -8.78 -6.35
C VAL J 123 -3.19 -8.88 -5.13
N THR J 124 -2.58 -9.16 -3.98
CA THR J 124 -3.25 -9.02 -2.70
C THR J 124 -2.82 -7.70 -2.08
N LEU J 125 -3.47 -7.32 -0.97
CA LEU J 125 -3.17 -6.04 -0.36
C LEU J 125 -1.79 -6.04 0.31
N ASN J 126 -1.34 -7.19 0.81
CA ASN J 126 0.01 -7.28 1.35
C ASN J 126 1.05 -7.22 0.23
N GLU J 127 0.80 -7.91 -0.88
CA GLU J 127 1.75 -7.87 -2.00
C GLU J 127 1.74 -6.51 -2.69
N TYR J 128 0.59 -5.86 -2.76
CA TYR J 128 0.52 -4.50 -3.29
C TYR J 128 1.21 -3.51 -2.36
N THR J 129 1.10 -3.72 -1.05
CA THR J 129 1.84 -2.92 -0.09
C THR J 129 3.34 -3.09 -0.27
N ALA J 130 3.80 -4.34 -0.47
CA ALA J 130 5.21 -4.60 -0.69
C ALA J 130 5.72 -3.97 -1.98
N LEU J 131 4.94 -4.07 -3.06
CA LEU J 131 5.32 -3.48 -4.34
C LEU J 131 5.33 -1.95 -4.27
N ALA J 132 4.38 -1.37 -3.56
CA ALA J 132 4.34 0.09 -3.39
C ALA J 132 5.49 0.57 -2.51
N VAL J 133 5.88 -0.23 -1.52
CA VAL J 133 7.03 0.14 -0.69
C VAL J 133 8.31 0.06 -1.52
N GLU J 134 8.43 -0.98 -2.35
CA GLU J 134 9.67 -1.20 -3.10
C GLU J 134 9.84 -0.19 -4.24
N LEU J 135 8.77 0.11 -4.97
CA LEU J 135 8.91 0.71 -6.29
C LEU J 135 8.36 2.13 -6.43
N SER J 136 7.90 2.76 -5.34
CA SER J 136 7.24 4.06 -5.48
C SER J 136 8.22 5.17 -5.84
N ALA J 137 7.78 6.06 -6.71
CA ALA J 137 8.57 7.21 -7.11
C ALA J 137 8.57 8.27 -6.01
N PRO J 138 9.67 9.00 -5.87
CA PRO J 138 9.69 10.19 -5.02
C PRO J 138 8.89 11.32 -5.68
N PRO J 139 8.50 12.35 -4.91
CA PRO J 139 7.66 13.41 -5.50
C PRO J 139 8.33 14.21 -6.61
N LEU J 140 9.57 14.64 -6.42
CA LEU J 140 10.27 15.40 -7.47
C LEU J 140 11.11 14.48 -8.36
N ALA J 141 10.48 13.44 -8.88
CA ALA J 141 11.19 12.45 -9.69
C ALA J 141 11.49 12.95 -11.10
N TRP J 142 10.72 13.93 -11.60
CA TRP J 142 10.85 14.39 -12.97
C TRP J 142 12.20 15.06 -13.25
N ILE J 143 12.87 15.56 -12.21
CA ILE J 143 14.19 16.16 -12.36
C ILE J 143 15.22 15.09 -12.77
N THR J 144 14.96 13.81 -12.48
CA THR J 144 15.82 12.75 -12.99
C THR J 144 15.75 12.63 -14.50
N GLY J 145 14.67 13.11 -15.13
CA GLY J 145 14.65 13.22 -16.58
C GLY J 145 15.48 14.36 -17.10
N LEU J 146 15.81 15.33 -16.25
CA LEU J 146 16.65 16.46 -16.63
C LEU J 146 18.10 16.28 -16.21
N LEU J 147 18.47 15.08 -15.77
CA LEU J 147 19.82 14.72 -15.41
C LEU J 147 20.29 13.58 -16.29
N PRO J 148 21.59 13.49 -16.58
CA PRO J 148 22.09 12.36 -17.38
C PRO J 148 22.01 11.06 -16.61
N GLY J 149 22.03 9.96 -17.38
CA GLY J 149 21.90 8.65 -16.77
C GLY J 149 23.13 8.22 -15.99
N GLU J 150 24.30 8.76 -16.34
CA GLU J 150 25.54 8.32 -15.71
C GLU J 150 25.76 8.93 -14.33
N VAL J 151 24.94 9.89 -13.90
CA VAL J 151 25.01 10.43 -12.54
C VAL J 151 23.94 9.86 -11.64
N LEU J 152 23.06 9.02 -12.17
CA LEU J 152 22.01 8.38 -11.37
C LEU J 152 22.22 6.88 -11.21
N THR J 153 23.19 6.29 -11.90
CA THR J 153 23.43 4.86 -11.83
C THR J 153 24.04 4.47 -10.49
N HIS J 154 23.69 3.27 -10.02
CA HIS J 154 24.11 2.78 -8.72
C HIS J 154 25.40 1.99 -8.73
N ASP J 155 25.97 1.71 -9.90
CA ASP J 155 27.24 1.01 -9.94
C ASP J 155 28.40 2.00 -9.95
N ALA J 156 29.50 1.61 -9.32
CA ALA J 156 30.60 2.54 -9.09
C ALA J 156 31.37 2.86 -10.38
N GLU J 157 31.62 1.85 -11.20
CA GLU J 157 32.50 2.02 -12.34
C GLU J 157 31.83 2.78 -13.49
N GLU J 158 30.50 2.73 -13.58
CA GLU J 158 29.77 3.42 -14.64
C GLU J 158 29.18 4.75 -14.17
N TRP J 159 29.77 5.35 -13.14
CA TRP J 159 29.25 6.57 -12.54
C TRP J 159 30.24 7.72 -12.72
N ARG J 160 29.74 8.84 -13.23
CA ARG J 160 30.50 10.07 -13.34
C ARG J 160 29.96 11.07 -12.33
N PRO J 161 30.81 11.78 -11.59
CA PRO J 161 30.32 12.84 -10.69
C PRO J 161 29.67 13.97 -11.48
N PRO J 162 28.60 14.55 -10.96
CA PRO J 162 27.89 15.59 -11.70
C PRO J 162 28.68 16.89 -11.78
N THR J 163 28.39 17.66 -12.83
CA THR J 163 29.01 18.96 -13.02
C THR J 163 28.32 20.01 -12.16
N SER J 164 28.73 21.27 -12.32
CA SER J 164 28.07 22.35 -11.60
C SER J 164 26.67 22.62 -12.15
N TRP J 165 26.45 22.34 -13.43
CA TRP J 165 25.13 22.50 -14.03
C TRP J 165 24.13 21.48 -13.49
N GLU J 166 24.53 20.21 -13.46
CA GLU J 166 23.65 19.16 -12.95
C GLU J 166 23.49 19.24 -11.44
N LEU J 167 24.47 19.81 -10.74
CA LEU J 167 24.30 20.09 -9.32
C LEU J 167 23.32 21.25 -9.13
N ARG J 168 23.44 22.30 -9.96
CA ARG J 168 22.54 23.45 -9.89
C ARG J 168 21.13 23.14 -10.36
N HIS J 169 20.91 21.97 -10.97
CA HIS J 169 19.55 21.50 -11.22
C HIS J 169 18.75 21.35 -9.92
N VAL J 170 19.41 20.87 -8.86
CA VAL J 170 18.70 20.41 -7.67
C VAL J 170 19.08 21.16 -6.40
N VAL J 171 20.16 21.94 -6.37
CA VAL J 171 20.74 22.40 -5.12
C VAL J 171 20.36 23.86 -4.80
N GLY J 172 20.70 24.81 -5.69
CA GLY J 172 20.73 26.19 -5.28
C GLY J 172 20.00 27.11 -6.24
N GLU J 173 19.73 28.32 -5.74
CA GLU J 173 19.10 29.45 -6.46
C GLU J 173 17.71 29.01 -6.90
N GLY J 174 17.37 29.14 -8.19
CA GLY J 174 16.08 28.69 -8.65
C GLY J 174 16.10 27.26 -9.15
N SER J 175 16.61 26.35 -8.31
CA SER J 175 16.66 24.94 -8.66
C SER J 175 15.25 24.34 -8.63
N PHE J 176 15.12 23.21 -9.33
CA PHE J 176 13.81 22.58 -9.47
C PHE J 176 13.33 21.91 -8.19
N THR J 177 14.25 21.60 -7.27
CA THR J 177 13.82 21.11 -5.96
C THR J 177 13.24 22.22 -5.10
N GLY J 178 13.69 23.45 -5.33
CA GLY J 178 13.24 24.59 -4.55
C GLY J 178 14.04 24.88 -3.31
N VAL J 179 15.02 24.05 -2.97
CA VAL J 179 15.85 24.25 -1.80
C VAL J 179 17.00 25.20 -2.14
N SER J 180 17.68 25.70 -1.12
CA SER J 180 18.86 26.53 -1.29
C SER J 180 20.11 25.71 -1.04
N GLY J 181 21.27 26.37 -1.13
CA GLY J 181 22.53 25.70 -0.86
C GLY J 181 22.69 25.32 0.61
N ALA J 182 22.19 26.18 1.51
CA ALA J 182 22.32 25.92 2.94
C ALA J 182 21.47 24.74 3.38
N ALA J 183 20.25 24.64 2.84
CA ALA J 183 19.38 23.51 3.18
C ALA J 183 19.92 22.20 2.64
N ALA J 184 20.42 22.20 1.40
CA ALA J 184 20.98 20.98 0.82
C ALA J 184 22.31 20.61 1.46
N ALA J 185 23.03 21.60 2.01
CA ALA J 185 24.21 21.28 2.80
C ALA J 185 23.84 20.73 4.16
N ALA J 186 22.70 21.18 4.72
CA ALA J 186 22.22 20.64 5.99
C ALA J 186 21.72 19.22 5.84
N LEU J 187 21.14 18.88 4.68
CA LEU J 187 20.71 17.50 4.46
C LEU J 187 21.90 16.56 4.31
N LEU J 188 23.00 17.04 3.76
CA LEU J 188 24.18 16.22 3.56
C LEU J 188 25.15 16.23 4.73
N GLY J 189 24.91 17.09 5.73
CA GLY J 189 25.76 17.13 6.89
C GLY J 189 27.10 17.83 6.72
N MET J 190 27.30 18.53 5.61
CA MET J 190 28.54 19.23 5.36
C MET J 190 28.36 20.72 5.62
N SER J 191 29.49 21.42 5.68
CA SER J 191 29.48 22.85 5.94
C SER J 191 28.99 23.63 4.72
N ALA J 192 28.65 24.90 4.95
CA ALA J 192 28.18 25.75 3.87
C ALA J 192 29.28 26.05 2.86
N THR J 193 30.49 26.32 3.34
CA THR J 193 31.61 26.58 2.42
C THR J 193 32.07 25.31 1.71
N ASN J 194 32.00 24.17 2.39
CA ASN J 194 32.40 22.91 1.76
C ASN J 194 31.45 22.52 0.64
N PHE J 195 30.15 22.76 0.82
CA PHE J 195 29.21 22.51 -0.27
C PHE J 195 29.24 23.60 -1.32
N ARG J 196 29.60 24.84 -0.94
CA ARG J 196 29.79 25.90 -1.92
C ARG J 196 31.00 25.63 -2.80
N LYS J 197 31.98 24.90 -2.29
CA LYS J 197 33.07 24.38 -3.13
C LYS J 197 32.53 23.42 -4.17
N TYR J 198 31.56 22.58 -3.80
CA TYR J 198 30.95 21.65 -4.75
C TYR J 198 30.12 22.37 -5.80
N THR J 199 29.35 23.38 -5.38
CA THR J 199 28.44 24.05 -6.32
C THR J 199 29.20 24.93 -7.30
N ALA J 200 30.15 25.73 -6.81
CA ALA J 200 30.89 26.63 -7.68
C ALA J 200 31.91 25.85 -8.50
N GLY J 201 31.93 26.10 -9.80
CA GLY J 201 32.85 25.42 -10.69
C GLY J 201 34.09 26.22 -11.03
N ASP J 202 34.14 26.72 -12.27
CA ASP J 202 35.20 27.56 -12.82
C ASP J 202 36.52 26.79 -12.76
N SER J 203 37.56 27.28 -12.08
CA SER J 203 38.82 26.58 -12.03
C SER J 203 38.75 25.39 -11.08
N ALA J 204 39.77 24.54 -11.15
CA ALA J 204 39.83 23.36 -10.29
C ALA J 204 40.13 23.71 -8.84
N ALA J 205 40.75 24.87 -8.60
CA ALA J 205 41.00 25.30 -7.22
C ALA J 205 39.69 25.72 -6.56
N ASN J 206 39.54 25.29 -5.30
CA ASN J 206 38.32 25.48 -4.50
C ASN J 206 37.09 24.92 -5.21
N ARG J 207 37.26 23.77 -5.87
CA ARG J 207 36.17 23.12 -6.59
C ARG J 207 36.49 21.63 -6.63
N GLN J 208 35.70 20.83 -5.93
CA GLN J 208 35.87 19.39 -5.85
C GLN J 208 34.64 18.71 -6.41
N LYS J 209 34.80 17.44 -6.81
CA LYS J 209 33.70 16.63 -7.26
C LYS J 209 33.05 15.93 -6.07
N ILE J 210 31.71 15.91 -6.05
CA ILE J 210 30.98 15.25 -4.99
C ILE J 210 31.14 13.74 -5.13
N SER J 211 31.12 13.04 -3.99
CA SER J 211 31.35 11.60 -3.99
C SER J 211 30.08 10.85 -4.41
N PHE J 212 30.19 9.53 -4.52
CA PHE J 212 29.08 8.69 -4.90
C PHE J 212 27.99 8.70 -3.83
N ALA J 213 28.38 8.44 -2.59
CA ALA J 213 27.42 8.29 -1.51
C ALA J 213 26.77 9.63 -1.13
N ALA J 214 27.54 10.72 -1.21
CA ALA J 214 26.97 12.03 -0.90
C ALA J 214 25.97 12.48 -1.96
N TRP J 215 26.29 12.26 -3.24
CA TRP J 215 25.37 12.63 -4.32
C TRP J 215 24.11 11.79 -4.27
N HIS J 216 24.26 10.47 -4.02
CA HIS J 216 23.10 9.60 -3.96
C HIS J 216 22.25 9.84 -2.72
N TYR J 217 22.87 10.13 -1.58
CA TYR J 217 22.10 10.49 -0.39
C TYR J 217 21.44 11.87 -0.54
N LEU J 218 22.06 12.78 -1.29
CA LEU J 218 21.43 14.07 -1.55
C LEU J 218 20.20 13.91 -2.43
N LEU J 219 20.28 13.06 -3.45
CA LEU J 219 19.11 12.81 -4.28
C LEU J 219 18.05 12.02 -3.52
N ASP J 220 18.46 11.19 -2.56
CA ASP J 220 17.50 10.51 -1.69
C ASP J 220 16.80 11.49 -0.75
N ARG J 221 17.53 12.44 -0.18
CA ARG J 221 16.95 13.37 0.78
C ARG J 221 16.09 14.41 0.11
N LEU J 222 16.47 14.84 -1.10
CA LEU J 222 15.73 15.86 -1.82
C LEU J 222 14.44 15.34 -2.43
N GLY J 223 14.21 14.03 -2.40
CA GLY J 223 13.03 13.47 -3.03
C GLY J 223 13.10 13.46 -4.54
N VAL J 224 14.28 13.23 -5.11
CA VAL J 224 14.46 13.19 -6.55
C VAL J 224 14.61 11.76 -7.07
N LYS J 225 15.37 10.92 -6.37
CA LYS J 225 15.55 9.54 -6.82
C LYS J 225 15.83 8.69 -5.57
N ARG J 226 15.39 7.43 -5.65
CA ARG J 226 15.61 6.39 -4.63
C ARG J 226 14.97 6.74 -3.29
N ALA J 227 13.90 7.53 -3.31
CA ALA J 227 13.21 7.96 -2.11
C ALA J 227 11.79 7.38 -2.13
N SER J 228 11.63 6.19 -1.57
CA SER J 228 10.31 5.62 -1.38
C SER J 228 9.64 6.29 -0.19
N MET K 1 44.51 -18.83 21.98
CA MET K 1 45.51 -18.59 20.93
C MET K 1 45.47 -17.08 20.64
N ASN K 2 44.37 -16.60 20.09
CA ASN K 2 44.05 -15.17 20.01
C ASN K 2 42.55 -15.02 19.78
N ALA K 3 42.08 -13.78 19.90
CA ALA K 3 40.66 -13.49 19.77
C ALA K 3 40.20 -13.64 18.32
N ILE K 4 39.01 -14.18 18.14
CA ILE K 4 38.39 -14.36 16.83
C ILE K 4 37.29 -13.32 16.69
N HIS K 5 37.38 -12.47 15.68
CA HIS K 5 36.41 -11.41 15.45
C HIS K 5 35.32 -11.93 14.52
N ILE K 6 34.18 -12.30 15.09
CA ILE K 6 33.03 -12.76 14.31
C ILE K 6 31.86 -11.81 14.61
N GLY K 7 31.42 -11.07 13.58
CA GLY K 7 30.47 -10.00 13.74
C GLY K 7 31.00 -8.92 14.66
N PRO K 8 30.14 -8.38 15.52
CA PRO K 8 30.63 -7.53 16.62
C PRO K 8 31.22 -8.33 17.76
N PHE K 9 31.12 -9.66 17.72
CA PHE K 9 31.60 -10.52 18.79
C PHE K 9 33.10 -10.75 18.69
N SER K 10 33.74 -10.80 19.84
CA SER K 10 35.15 -11.19 19.92
C SER K 10 35.26 -12.40 20.85
N ILE K 11 35.80 -13.48 20.32
CA ILE K 11 36.08 -14.68 21.11
C ILE K 11 37.51 -14.53 21.64
N THR K 12 37.62 -14.05 22.88
CA THR K 12 38.92 -13.78 23.48
C THR K 12 39.29 -14.91 24.42
N PRO K 13 40.34 -15.67 24.15
CA PRO K 13 40.82 -16.66 25.10
C PRO K 13 41.61 -16.01 26.23
N ALA K 14 41.76 -16.77 27.31
CA ALA K 14 42.57 -16.31 28.43
C ALA K 14 44.04 -16.55 28.13
N ALA K 15 44.89 -15.67 28.68
CA ALA K 15 46.32 -15.81 28.51
C ALA K 15 46.86 -17.02 29.29
N ARG K 16 46.29 -17.28 30.45
CA ARG K 16 46.73 -18.41 31.26
C ARG K 16 46.22 -19.71 30.65
N GLY K 17 46.94 -20.79 30.88
CA GLY K 17 46.55 -22.08 30.33
C GLY K 17 46.46 -23.16 31.37
N LEU K 18 45.54 -24.10 31.18
CA LEU K 18 45.36 -25.20 32.13
C LEU K 18 45.41 -26.54 31.41
N HIS K 19 45.47 -27.62 32.17
CA HIS K 19 45.50 -28.94 31.57
C HIS K 19 44.44 -29.84 32.18
N TYR K 20 43.18 -29.60 31.86
CA TYR K 20 42.13 -30.46 32.36
C TYR K 20 42.39 -31.86 31.86
N GLY K 21 42.22 -32.84 32.75
CA GLY K 21 42.53 -34.21 32.36
C GLY K 21 43.98 -34.25 31.92
N GLY K 22 44.24 -34.82 30.76
CA GLY K 22 45.60 -34.86 30.24
C GLY K 22 45.76 -33.95 29.05
N LEU K 23 44.80 -33.06 28.83
CA LEU K 23 44.84 -32.17 27.67
C LEU K 23 44.88 -30.72 28.10
N PRO K 24 45.57 -29.88 27.31
CA PRO K 24 45.60 -28.45 27.62
C PRO K 24 44.29 -27.77 27.25
N HIS K 25 43.93 -26.71 27.95
CA HIS K 25 42.68 -26.00 27.69
C HIS K 25 42.86 -24.51 27.84
N HIS K 26 41.86 -23.74 27.44
CA HIS K 26 41.92 -22.28 27.58
C HIS K 26 40.54 -21.68 27.81
N GLN K 27 40.46 -20.70 28.70
CA GLN K 27 39.19 -20.04 28.97
C GLN K 27 38.86 -19.10 27.82
N TRP K 28 37.97 -19.52 26.92
CA TRP K 28 37.51 -18.67 25.83
C TRP K 28 36.24 -17.95 26.25
N THR K 29 36.19 -16.64 26.01
CA THR K 29 35.06 -15.80 26.41
C THR K 29 34.49 -15.09 25.19
N LEU K 30 33.16 -15.09 25.07
CA LEU K 30 32.49 -14.40 23.98
C LEU K 30 32.08 -13.01 24.45
N TYR K 31 32.61 -11.98 23.80
CA TYR K 31 32.31 -10.60 24.13
C TYR K 31 31.41 -10.00 23.05
N TYR K 32 30.24 -9.53 23.45
CA TYR K 32 29.44 -8.62 22.63
C TYR K 32 29.72 -7.22 23.17
N GLY K 33 30.53 -6.46 22.44
CA GLY K 33 30.89 -5.14 22.91
C GLY K 33 31.79 -5.28 24.13
N PRO K 34 31.62 -4.39 25.11
CA PRO K 34 32.41 -4.48 26.33
C PRO K 34 31.76 -5.47 27.28
N ARG K 35 30.72 -6.16 26.83
CA ARG K 35 30.01 -7.08 27.70
C ARG K 35 30.29 -8.52 27.33
N GLU K 36 30.66 -9.32 28.31
CA GLU K 36 30.88 -10.75 28.05
C GLU K 36 29.56 -11.45 27.83
N MET K 37 29.61 -12.66 27.28
CA MET K 37 28.39 -13.42 27.04
C MET K 37 28.52 -14.81 27.64
N ALA K 38 28.61 -15.81 26.78
CA ALA K 38 28.79 -17.17 27.28
C ALA K 38 30.26 -17.54 27.24
N ILE K 39 30.75 -18.15 28.32
CA ILE K 39 32.17 -18.48 28.38
C ILE K 39 32.38 -19.98 28.53
N LYS K 40 33.22 -20.54 27.68
CA LYS K 40 33.49 -21.98 27.75
C LYS K 40 34.97 -22.32 27.65
N THR K 41 35.43 -23.28 28.44
CA THR K 41 36.82 -23.71 28.37
C THR K 41 37.04 -24.58 27.16
N LEU K 42 37.87 -24.12 26.23
CA LEU K 42 38.17 -24.92 25.06
C LEU K 42 39.57 -25.51 25.13
N PRO K 43 39.69 -26.81 24.84
CA PRO K 43 41.00 -27.46 24.84
C PRO K 43 41.91 -26.77 23.85
N ASP K 44 43.19 -26.67 24.18
CA ASP K 44 44.13 -25.98 23.31
C ASP K 44 44.13 -26.58 21.91
N SER K 45 43.95 -27.90 21.82
CA SER K 45 43.96 -28.58 20.52
C SER K 45 42.86 -28.07 19.60
N TYR K 46 41.79 -27.54 20.17
CA TYR K 46 40.67 -27.05 19.36
C TYR K 46 41.13 -26.03 18.33
N THR K 47 40.62 -26.15 17.12
CA THR K 47 40.98 -25.20 16.06
C THR K 47 40.21 -23.91 16.24
N SER K 48 40.69 -22.85 15.60
CA SER K 48 40.00 -21.57 15.68
C SER K 48 38.59 -21.74 15.16
N SER K 49 38.45 -22.51 14.08
CA SER K 49 37.13 -22.77 13.53
C SER K 49 36.27 -23.47 14.57
N GLU K 50 36.85 -24.45 15.25
CA GLU K 50 36.11 -25.16 16.29
C GLU K 50 35.63 -24.18 17.32
N VAL K 51 36.52 -23.28 17.74
CA VAL K 51 36.14 -22.28 18.72
C VAL K 51 34.95 -21.50 18.23
N ARG K 52 35.04 -21.00 17.00
CA ARG K 52 33.97 -20.17 16.47
C ARG K 52 32.65 -20.93 16.41
N ASP K 53 32.67 -22.12 15.81
CA ASP K 53 31.44 -22.87 15.66
C ASP K 53 30.92 -23.29 17.02
N GLU K 54 31.84 -23.49 17.96
CA GLU K 54 31.44 -23.87 19.30
C GLU K 54 30.60 -22.77 19.91
N PHE K 55 31.06 -21.53 19.77
CA PHE K 55 30.32 -20.39 20.31
C PHE K 55 29.23 -19.92 19.36
N SER K 56 29.17 -20.52 18.18
CA SER K 56 28.20 -20.09 17.19
C SER K 56 26.79 -20.13 17.76
N ASP K 57 26.53 -21.08 18.64
CA ASP K 57 25.21 -21.21 19.24
C ASP K 57 24.85 -19.94 19.99
N ILE K 58 25.75 -19.49 20.85
CA ILE K 58 25.51 -18.26 21.60
C ILE K 58 25.38 -17.12 20.63
N ILE K 59 26.23 -17.11 19.62
CA ILE K 59 26.18 -16.06 18.62
C ILE K 59 24.82 -15.99 17.97
N ALA K 60 24.34 -17.13 17.49
CA ALA K 60 23.04 -17.17 16.82
C ALA K 60 21.95 -16.74 17.79
N GLU K 61 22.05 -17.19 19.03
CA GLU K 61 21.05 -16.84 20.03
C GLU K 61 20.95 -15.33 20.16
N PHE K 62 22.10 -14.67 20.29
CA PHE K 62 22.10 -13.24 20.45
C PHE K 62 21.44 -12.56 19.25
N VAL K 63 21.80 -13.01 18.06
CA VAL K 63 21.25 -12.39 16.86
C VAL K 63 19.75 -12.51 16.88
N ILE K 64 19.25 -13.70 17.19
CA ILE K 64 17.80 -13.91 17.24
C ILE K 64 17.19 -13.01 18.29
N ASP K 65 17.82 -12.96 19.46
CA ASP K 65 17.29 -12.12 20.53
C ASP K 65 17.18 -10.70 20.05
N ALA K 66 18.24 -10.19 19.44
CA ALA K 66 18.23 -8.82 18.97
C ALA K 66 17.10 -8.57 17.99
N ARG K 67 16.93 -9.48 17.04
CA ARG K 67 15.88 -9.31 16.05
C ARG K 67 14.56 -9.15 16.75
N HIS K 68 14.28 -10.05 17.69
CA HIS K 68 13.02 -9.98 18.43
C HIS K 68 12.96 -8.71 19.26
N ARG K 69 14.07 -8.35 19.89
CA ARG K 69 14.10 -7.17 20.74
C ARG K 69 13.72 -5.92 19.99
N TYR K 70 14.08 -5.86 18.71
CA TYR K 70 13.81 -4.64 17.95
C TYR K 70 12.91 -4.89 16.75
N ALA K 71 12.07 -5.90 16.81
CA ALA K 71 11.13 -6.12 15.72
C ALA K 71 10.25 -4.88 15.57
N PRO K 72 10.12 -4.38 14.32
CA PRO K 72 9.34 -3.16 14.08
C PRO K 72 7.85 -3.35 14.33
N ASP K 73 7.14 -2.26 14.58
CA ASP K 73 5.70 -2.35 14.83
C ASP K 73 4.96 -2.71 13.56
N VAL K 74 3.73 -3.22 13.69
CA VAL K 74 2.96 -3.62 12.53
C VAL K 74 1.53 -3.08 12.53
N LEU K 75 1.20 -2.29 11.52
CA LEU K 75 -0.17 -1.78 11.41
C LEU K 75 -0.98 -2.65 10.47
N GLU K 76 -2.23 -2.86 10.87
CA GLU K 76 -3.19 -3.70 10.16
C GLU K 76 -4.21 -2.82 9.46
N LEU K 77 -4.38 -3.05 8.17
CA LEU K 77 -5.48 -2.48 7.40
C LEU K 77 -6.64 -3.46 7.46
N VAL K 78 -7.70 -3.06 8.14
CA VAL K 78 -8.86 -3.89 8.41
C VAL K 78 -10.10 -3.22 7.82
N ASN K 79 -11.20 -3.97 7.79
CA ASN K 79 -12.44 -3.52 7.19
C ASN K 79 -13.25 -2.72 8.21
N SER K 80 -14.51 -2.45 7.89
CA SER K 80 -15.37 -1.64 8.76
C SER K 80 -15.69 -2.36 10.07
N ASP K 81 -15.85 -3.69 10.02
CA ASP K 81 -16.08 -4.45 11.25
C ASP K 81 -14.83 -4.51 12.11
N GLY K 82 -13.65 -4.62 11.48
CA GLY K 82 -12.39 -4.60 12.19
C GLY K 82 -11.85 -5.94 12.62
N ASP K 83 -12.66 -7.00 12.54
CA ASP K 83 -12.17 -8.32 12.95
C ASP K 83 -11.26 -8.94 11.90
N ALA K 84 -11.57 -8.74 10.62
CA ALA K 84 -10.80 -9.34 9.53
C ALA K 84 -9.67 -8.40 9.13
N VAL K 85 -8.46 -8.95 9.03
CA VAL K 85 -7.27 -8.18 8.70
C VAL K 85 -6.97 -8.41 7.22
N LEU K 86 -7.23 -7.40 6.40
CA LEU K 86 -6.90 -7.51 4.98
C LEU K 86 -5.41 -7.33 4.72
N ALA K 87 -4.74 -6.43 5.44
CA ALA K 87 -3.34 -6.18 5.16
C ALA K 87 -2.56 -5.96 6.43
N ARG K 88 -1.27 -6.28 6.40
CA ARG K 88 -0.35 -6.02 7.50
C ARG K 88 0.93 -5.40 6.93
N VAL K 89 1.38 -4.31 7.55
CA VAL K 89 2.59 -3.63 7.11
C VAL K 89 3.49 -3.39 8.32
N ALA K 90 4.77 -3.77 8.19
CA ALA K 90 5.75 -3.54 9.25
C ALA K 90 6.21 -2.09 9.18
N VAL K 91 5.82 -1.30 10.17
CA VAL K 91 6.05 0.14 10.12
C VAL K 91 7.46 0.43 10.65
N SER K 92 8.02 1.56 10.23
CA SER K 92 9.33 1.95 10.75
C SER K 92 9.03 2.81 11.94
N ARG K 93 8.22 3.83 11.74
CA ARG K 93 7.80 4.68 12.84
C ARG K 93 6.30 4.86 12.72
N LEU K 94 5.60 4.75 13.83
CA LEU K 94 4.15 4.86 13.78
C LEU K 94 3.78 6.21 13.21
N PRO K 95 2.63 6.29 12.53
CA PRO K 95 2.18 7.58 12.00
C PRO K 95 1.95 8.55 13.14
N GLU K 96 1.74 9.82 12.85
CA GLU K 96 1.59 10.81 13.91
C GLU K 96 0.15 11.27 14.06
N ALA K 97 -0.80 10.48 13.59
CA ALA K 97 -2.20 10.88 13.63
C ALA K 97 -3.12 9.85 14.28
N LEU K 98 -2.63 8.62 14.48
CA LEU K 98 -3.48 7.57 15.03
C LEU K 98 -3.77 7.79 16.51
N SER K 99 -4.94 7.34 16.95
CA SER K 99 -5.33 7.48 18.35
C SER K 99 -6.13 6.26 18.76
N GLY K 100 -6.61 6.22 20.00
CA GLY K 100 -7.45 5.11 20.40
C GLY K 100 -8.50 4.92 19.33
N CYS K 101 -8.48 3.78 18.65
CA CYS K 101 -9.40 3.60 17.53
C CYS K 101 -9.88 2.18 17.31
N ILE K 102 -11.10 2.04 16.79
CA ILE K 102 -11.60 0.72 16.43
C ILE K 102 -12.38 0.94 15.15
N PRO K 103 -12.31 0.00 14.21
CA PRO K 103 -12.95 0.23 12.91
C PRO K 103 -14.44 0.47 13.04
N ASP K 104 -14.96 1.42 12.29
CA ASP K 104 -16.38 1.72 12.33
C ASP K 104 -17.00 1.40 10.98
N ASP K 105 -18.26 0.99 10.98
CA ASP K 105 -18.93 0.64 9.73
C ASP K 105 -18.90 1.81 8.76
N ARG K 106 -18.84 3.02 9.29
CA ARG K 106 -18.80 4.20 8.43
C ARG K 106 -17.70 4.10 7.40
N PHE K 107 -16.49 3.84 7.85
CA PHE K 107 -15.34 3.78 6.94
C PHE K 107 -15.05 2.35 6.51
N PRO K 108 -14.78 2.15 5.22
CA PRO K 108 -14.47 0.81 4.72
C PRO K 108 -13.13 0.32 5.22
N TYR K 109 -12.14 1.20 5.30
CA TYR K 109 -10.80 0.79 5.72
C TYR K 109 -10.31 1.52 6.96
N TRP K 110 -9.67 0.78 7.85
CA TRP K 110 -9.11 1.38 9.07
C TRP K 110 -7.72 0.83 9.32
N LEU K 111 -6.78 1.72 9.66
CA LEU K 111 -5.44 1.32 10.08
C LEU K 111 -5.40 1.25 11.59
N LEU K 112 -4.88 0.15 12.13
CA LEU K 112 -4.79 -0.05 13.57
C LEU K 112 -3.43 -0.63 13.93
N THR K 113 -3.11 -0.60 15.21
CA THR K 113 -1.85 -1.09 15.72
C THR K 113 -2.01 -2.54 16.16
N ALA K 114 -0.90 -3.30 16.10
CA ALA K 114 -0.93 -4.72 16.41
C ALA K 114 -1.21 -4.99 17.90
N SER K 115 -0.92 -4.03 18.77
CA SER K 115 -1.09 -4.25 20.20
C SER K 115 -2.56 -4.22 20.58
N ARG K 116 -2.82 -4.59 21.82
CA ARG K 116 -4.18 -4.54 22.31
C ARG K 116 -4.65 -3.10 22.21
N PRO K 117 -4.02 -2.17 22.95
CA PRO K 117 -4.55 -0.80 22.79
C PRO K 117 -4.47 -0.35 21.34
N ARG K 118 -5.46 -0.73 20.54
CA ARG K 118 -5.46 -0.47 19.10
C ARG K 118 -5.68 1.02 18.85
N LEU K 119 -4.60 1.73 18.58
CA LEU K 119 -4.65 3.12 18.14
C LEU K 119 -4.51 3.15 16.62
N GLY K 120 -5.34 3.93 15.96
CA GLY K 120 -5.34 3.94 14.52
C GLY K 120 -5.98 5.16 13.91
N LEU K 121 -6.38 5.00 12.66
CA LEU K 121 -6.89 6.09 11.83
C LEU K 121 -7.71 5.53 10.67
N PRO K 122 -8.86 6.12 10.35
CA PRO K 122 -9.61 5.66 9.17
C PRO K 122 -9.09 6.30 7.89
N VAL K 123 -8.52 5.47 7.02
CA VAL K 123 -7.90 5.94 5.79
C VAL K 123 -8.45 5.15 4.62
N THR K 124 -8.37 5.76 3.44
CA THR K 124 -8.71 5.06 2.21
C THR K 124 -7.49 4.30 1.72
N LEU K 125 -7.59 3.71 0.52
CA LEU K 125 -6.51 2.86 0.04
C LEU K 125 -5.30 3.66 -0.45
N ASN K 126 -5.54 4.81 -1.08
CA ASN K 126 -4.43 5.63 -1.56
C ASN K 126 -3.66 6.26 -0.39
N GLU K 127 -4.36 6.69 0.65
CA GLU K 127 -3.68 7.17 1.85
C GLU K 127 -2.97 6.03 2.57
N TYR K 128 -3.51 4.81 2.50
CA TYR K 128 -2.81 3.64 3.03
C TYR K 128 -1.50 3.39 2.29
N THR K 129 -1.51 3.53 0.96
CA THR K 129 -0.28 3.40 0.19
C THR K 129 0.70 4.50 0.52
N ALA K 130 0.22 5.73 0.70
CA ALA K 130 1.08 6.84 1.04
C ALA K 130 1.76 6.63 2.39
N LEU K 131 0.99 6.18 3.39
CA LEU K 131 1.55 5.91 4.71
C LEU K 131 2.52 4.73 4.68
N ALA K 132 2.18 3.68 3.93
CA ALA K 132 3.10 2.54 3.80
C ALA K 132 4.37 2.93 3.07
N VAL K 133 4.29 3.86 2.12
CA VAL K 133 5.48 4.34 1.42
C VAL K 133 6.37 5.15 2.35
N GLU K 134 5.81 6.07 3.12
CA GLU K 134 6.69 6.93 3.90
C GLU K 134 7.13 6.33 5.23
N LEU K 135 6.46 5.27 5.73
CA LEU K 135 6.82 4.76 7.06
C LEU K 135 7.13 3.27 7.08
N SER K 136 7.52 2.66 5.96
CA SER K 136 7.83 1.24 5.98
C SER K 136 9.16 0.96 6.67
N ALA K 137 9.20 -0.17 7.36
CA ALA K 137 10.44 -0.64 7.96
C ALA K 137 11.28 -1.40 6.94
N PRO K 138 12.58 -1.11 6.88
CA PRO K 138 13.48 -1.92 6.06
C PRO K 138 13.66 -3.30 6.66
N PRO K 139 14.05 -4.31 5.85
CA PRO K 139 14.07 -5.70 6.35
C PRO K 139 15.04 -5.95 7.50
N LEU K 140 16.12 -5.19 7.63
CA LEU K 140 17.08 -5.36 8.71
C LEU K 140 17.04 -4.18 9.67
N ALA K 141 15.83 -3.69 9.98
CA ALA K 141 15.69 -2.52 10.84
C ALA K 141 15.99 -2.83 12.31
N TRP K 142 15.98 -4.10 12.70
CA TRP K 142 16.20 -4.48 14.10
C TRP K 142 17.60 -4.15 14.59
N ILE K 143 18.57 -4.03 13.67
CA ILE K 143 19.93 -3.60 14.02
C ILE K 143 19.93 -2.16 14.53
N THR K 144 18.94 -1.36 14.15
CA THR K 144 18.80 -0.02 14.72
C THR K 144 18.48 -0.04 16.21
N GLY K 145 17.97 -1.16 16.72
CA GLY K 145 17.88 -1.31 18.17
C GLY K 145 19.25 -1.40 18.83
N LEU K 146 20.20 -2.03 18.15
CA LEU K 146 21.54 -2.21 18.71
C LEU K 146 22.41 -0.97 18.55
N LEU K 147 22.02 -0.05 17.69
CA LEU K 147 22.76 1.20 17.50
C LEU K 147 22.15 2.32 18.33
N PRO K 148 22.96 3.22 18.88
CA PRO K 148 22.41 4.30 19.70
C PRO K 148 21.71 5.34 18.85
N GLY K 149 20.96 6.21 19.53
CA GLY K 149 20.18 7.23 18.83
C GLY K 149 21.01 8.31 18.18
N GLU K 150 22.25 8.51 18.64
CA GLU K 150 23.08 9.57 18.09
C GLU K 150 23.57 9.22 16.69
N VAL K 151 23.86 7.94 16.42
CA VAL K 151 24.35 7.54 15.10
C VAL K 151 23.24 7.30 14.11
N LEU K 152 21.97 7.41 14.52
CA LEU K 152 20.84 7.19 13.63
C LEU K 152 20.04 8.45 13.38
N THR K 153 20.39 9.58 13.99
CA THR K 153 19.66 10.82 13.75
C THR K 153 19.96 11.36 12.35
N HIS K 154 18.95 12.00 11.77
CA HIS K 154 19.09 12.63 10.46
C HIS K 154 19.61 14.06 10.57
N ASP K 155 19.72 14.59 11.78
CA ASP K 155 20.26 15.93 12.01
C ASP K 155 21.75 15.82 12.24
N ALA K 156 22.52 16.65 11.51
CA ALA K 156 23.97 16.53 11.56
C ALA K 156 24.56 17.06 12.86
N GLU K 157 23.89 18.02 13.50
CA GLU K 157 24.39 18.57 14.76
C GLU K 157 24.27 17.56 15.89
N GLU K 158 23.19 16.76 15.88
CA GLU K 158 23.03 15.69 16.85
C GLU K 158 23.67 14.39 16.42
N TRP K 159 24.22 14.33 15.20
CA TRP K 159 24.81 13.11 14.68
C TRP K 159 26.19 12.87 15.30
N ARG K 160 26.43 11.64 15.71
CA ARG K 160 27.73 11.21 16.19
C ARG K 160 28.27 10.14 15.25
N PRO K 161 29.54 10.19 14.86
CA PRO K 161 30.10 9.17 13.97
C PRO K 161 30.17 7.82 14.65
N PRO K 162 29.98 6.73 13.91
CA PRO K 162 30.05 5.40 14.52
C PRO K 162 31.48 5.03 14.88
N THR K 163 31.60 4.20 15.92
CA THR K 163 32.89 3.71 16.37
C THR K 163 33.30 2.51 15.52
N SER K 164 34.40 1.85 15.93
CA SER K 164 34.82 0.63 15.24
C SER K 164 33.85 -0.51 15.50
N TRP K 165 33.30 -0.57 16.72
CA TRP K 165 32.34 -1.62 17.06
C TRP K 165 31.00 -1.39 16.37
N GLU K 166 30.51 -0.15 16.39
CA GLU K 166 29.21 0.18 15.80
C GLU K 166 29.23 0.03 14.29
N LEU K 167 30.33 0.45 13.64
CA LEU K 167 30.50 0.16 12.23
C LEU K 167 30.69 -1.34 11.99
N ARG K 168 31.41 -2.01 12.88
CA ARG K 168 31.72 -3.43 12.74
C ARG K 168 30.53 -4.33 12.98
N HIS K 169 29.40 -3.77 13.43
CA HIS K 169 28.14 -4.52 13.43
C HIS K 169 27.77 -5.00 12.02
N VAL K 170 27.88 -4.13 11.03
CA VAL K 170 27.22 -4.36 9.75
C VAL K 170 28.09 -4.17 8.50
N VAL K 171 29.39 -4.39 8.56
CA VAL K 171 30.26 -4.16 7.40
C VAL K 171 30.76 -5.45 6.76
N GLY K 172 31.32 -6.37 7.56
CA GLY K 172 31.99 -7.51 6.98
C GLY K 172 31.95 -8.72 7.87
N GLU K 173 32.70 -9.77 7.52
CA GLU K 173 32.70 -11.01 8.29
C GLU K 173 31.29 -11.50 8.54
N GLY K 174 31.10 -12.35 9.53
CA GLY K 174 29.77 -12.81 9.88
C GLY K 174 28.91 -11.72 10.51
N SER K 175 28.57 -10.69 9.75
CA SER K 175 27.82 -9.57 10.27
C SER K 175 26.34 -9.90 10.37
N PHE K 176 25.58 -8.97 10.98
CA PHE K 176 24.14 -9.14 11.07
C PHE K 176 23.47 -8.97 9.71
N THR K 177 24.00 -8.07 8.87
CA THR K 177 23.49 -7.95 7.51
C THR K 177 24.09 -8.97 6.56
N GLY K 178 25.19 -9.62 6.95
CA GLY K 178 25.78 -10.70 6.18
C GLY K 178 26.64 -10.28 5.01
N VAL K 179 26.86 -8.97 4.81
CA VAL K 179 27.63 -8.51 3.67
C VAL K 179 29.11 -8.51 4.02
N SER K 180 29.95 -8.41 3.00
CA SER K 180 31.40 -8.38 3.16
C SER K 180 31.92 -6.95 3.02
N GLY K 181 33.22 -6.79 3.28
CA GLY K 181 33.84 -5.48 3.17
C GLY K 181 33.91 -4.98 1.73
N ALA K 182 34.20 -5.88 0.79
CA ALA K 182 34.24 -5.49 -0.62
C ALA K 182 32.85 -5.16 -1.14
N ALA K 183 31.83 -5.90 -0.69
CA ALA K 183 30.46 -5.60 -1.08
C ALA K 183 29.99 -4.26 -0.51
N ALA K 184 30.35 -3.98 0.74
CA ALA K 184 30.00 -2.69 1.34
C ALA K 184 30.78 -1.55 0.72
N ALA K 185 31.99 -1.83 0.23
CA ALA K 185 32.73 -0.82 -0.53
C ALA K 185 32.08 -0.55 -1.88
N ALA K 186 31.64 -1.61 -2.57
CA ALA K 186 31.00 -1.45 -3.86
C ALA K 186 29.63 -0.80 -3.73
N LEU K 187 28.96 -0.95 -2.58
CA LEU K 187 27.72 -0.23 -2.35
C LEU K 187 27.96 1.26 -2.21
N LEU K 188 29.05 1.65 -1.56
CA LEU K 188 29.35 3.06 -1.34
C LEU K 188 30.08 3.71 -2.51
N GLY K 189 30.39 2.96 -3.56
CA GLY K 189 30.94 3.53 -4.76
C GLY K 189 32.45 3.67 -4.81
N MET K 190 33.16 3.18 -3.80
CA MET K 190 34.62 3.28 -3.76
C MET K 190 35.25 1.91 -3.66
N SER K 191 36.59 1.89 -3.69
CA SER K 191 37.33 0.64 -3.74
C SER K 191 37.42 0.02 -2.34
N ALA K 192 38.05 -1.16 -2.28
CA ALA K 192 38.05 -1.95 -1.05
C ALA K 192 39.00 -1.36 0.00
N THR K 193 40.12 -0.79 -0.43
CA THR K 193 41.12 -0.30 0.51
C THR K 193 40.65 0.95 1.26
N ASN K 194 39.94 1.84 0.58
CA ASN K 194 39.43 3.04 1.24
C ASN K 194 38.35 2.70 2.26
N PHE K 195 37.56 1.66 1.99
CA PHE K 195 36.64 1.15 3.02
C PHE K 195 37.39 0.40 4.10
N ARG K 196 38.57 -0.16 3.79
CA ARG K 196 39.35 -0.85 4.80
C ARG K 196 39.99 0.12 5.78
N LYS K 197 40.27 1.35 5.35
CA LYS K 197 40.63 2.38 6.33
C LYS K 197 39.46 2.73 7.24
N TYR K 198 38.23 2.67 6.72
CA TYR K 198 37.07 2.94 7.55
C TYR K 198 36.83 1.82 8.56
N THR K 199 37.02 0.57 8.13
CA THR K 199 36.72 -0.57 8.98
C THR K 199 37.77 -0.76 10.07
N ALA K 200 39.05 -0.65 9.71
CA ALA K 200 40.12 -0.92 10.65
C ALA K 200 40.28 0.25 11.62
N GLY K 201 40.43 -0.08 12.91
CA GLY K 201 40.55 0.94 13.94
C GLY K 201 41.94 1.11 14.48
N ASP K 202 42.10 0.89 15.79
CA ASP K 202 43.36 0.95 16.54
C ASP K 202 43.93 2.37 16.44
N SER K 203 45.11 2.57 15.87
CA SER K 203 45.74 3.89 15.83
C SER K 203 45.03 4.81 14.83
N ALA K 204 45.36 6.10 14.91
CA ALA K 204 44.73 7.11 14.07
C ALA K 204 45.11 6.97 12.61
N ALA K 205 46.25 6.34 12.30
CA ALA K 205 46.59 6.04 10.92
C ALA K 205 45.65 4.96 10.39
N ASN K 206 45.15 5.17 9.17
CA ASN K 206 44.08 4.37 8.55
C ASN K 206 42.85 4.28 9.46
N ARG K 207 42.48 5.41 10.04
CA ARG K 207 41.27 5.53 10.86
C ARG K 207 40.53 6.80 10.48
N GLN K 208 40.32 6.99 9.18
CA GLN K 208 39.42 8.05 8.73
C GLN K 208 37.99 7.68 9.10
N LYS K 209 37.24 8.66 9.58
CA LYS K 209 35.87 8.44 9.99
C LYS K 209 34.93 8.57 8.79
N ILE K 210 33.92 7.70 8.75
CA ILE K 210 32.95 7.76 7.67
C ILE K 210 32.06 8.99 7.86
N SER K 211 31.68 9.61 6.74
CA SER K 211 30.90 10.84 6.79
C SER K 211 29.44 10.52 7.10
N PHE K 212 28.68 11.58 7.37
CA PHE K 212 27.26 11.43 7.69
C PHE K 212 26.47 10.92 6.48
N ALA K 213 26.72 11.50 5.32
CA ALA K 213 26.01 11.10 4.10
C ALA K 213 26.39 9.69 3.68
N ALA K 214 27.67 9.33 3.80
CA ALA K 214 28.11 7.99 3.43
C ALA K 214 27.55 6.93 4.39
N TRP K 215 27.51 7.24 5.68
CA TRP K 215 26.94 6.31 6.66
C TRP K 215 25.44 6.13 6.45
N HIS K 216 24.72 7.21 6.14
CA HIS K 216 23.28 7.07 5.91
C HIS K 216 22.97 6.41 4.57
N TYR K 217 23.79 6.64 3.54
CA TYR K 217 23.59 5.93 2.28
C TYR K 217 23.96 4.45 2.41
N LEU K 218 24.95 4.14 3.24
CA LEU K 218 25.29 2.75 3.51
C LEU K 218 24.18 2.05 4.27
N LEU K 219 23.56 2.74 5.24
CA LEU K 219 22.39 2.21 5.93
C LEU K 219 21.20 2.04 4.98
N ASP K 220 21.08 2.93 4.00
CA ASP K 220 20.05 2.79 2.97
C ASP K 220 20.29 1.56 2.11
N ARG K 221 21.54 1.32 1.71
CA ARG K 221 21.83 0.21 0.80
C ARG K 221 21.77 -1.14 1.51
N LEU K 222 22.07 -1.18 2.80
CA LEU K 222 22.01 -2.42 3.57
C LEU K 222 20.62 -2.74 4.07
N GLY K 223 19.66 -1.84 3.88
CA GLY K 223 18.30 -2.05 4.36
C GLY K 223 18.17 -2.07 5.86
N VAL K 224 18.83 -1.14 6.54
CA VAL K 224 18.79 -1.05 8.00
C VAL K 224 18.03 0.19 8.46
N LYS K 225 18.27 1.32 7.82
CA LYS K 225 17.56 2.56 8.15
C LYS K 225 17.34 3.34 6.86
N ARG K 226 16.23 4.09 6.82
CA ARG K 226 15.78 5.00 5.75
C ARG K 226 15.42 4.28 4.45
N ALA K 227 15.53 2.94 4.40
CA ALA K 227 15.25 2.18 3.20
C ALA K 227 13.77 1.81 3.21
N SER K 228 12.95 2.67 2.60
CA SER K 228 11.52 2.44 2.54
C SER K 228 11.14 1.63 1.30
N PRO M 8 38.33 -47.78 -25.72
CA PRO M 8 38.32 -48.25 -27.12
C PRO M 8 39.67 -48.79 -27.56
N THR M 9 40.67 -47.92 -27.60
CA THR M 9 42.01 -48.32 -28.00
C THR M 9 42.78 -48.85 -26.79
N TRP M 10 43.64 -49.84 -27.03
CA TRP M 10 44.49 -50.36 -25.97
C TRP M 10 45.63 -49.41 -25.63
N GLN M 11 45.99 -48.50 -26.55
CA GLN M 11 47.13 -47.63 -26.35
C GLN M 11 46.87 -46.60 -25.25
N GLU M 12 45.63 -46.08 -25.17
CA GLU M 12 45.31 -45.12 -24.12
C GLU M 12 45.25 -45.80 -22.75
N LEU M 13 44.81 -47.05 -22.70
CA LEU M 13 44.85 -47.80 -21.44
C LEU M 13 46.28 -48.08 -21.00
N ARG M 14 47.15 -48.41 -21.97
CA ARG M 14 48.57 -48.58 -21.69
C ARG M 14 49.20 -47.27 -21.20
N GLN M 15 48.84 -46.15 -21.81
CA GLN M 15 49.32 -44.84 -21.37
C GLN M 15 48.85 -44.51 -19.96
N PHE M 16 47.59 -44.85 -19.65
CA PHE M 16 47.06 -44.55 -18.33
C PHE M 16 47.71 -45.42 -17.25
N ILE M 17 47.93 -46.70 -17.52
CA ILE M 17 48.57 -47.54 -16.50
C ILE M 17 50.05 -47.20 -16.35
N GLU M 18 50.72 -46.79 -17.43
CA GLU M 18 52.11 -46.35 -17.32
C GLU M 18 52.20 -45.02 -16.57
N SER M 19 51.21 -44.14 -16.76
CA SER M 19 51.16 -42.90 -15.99
C SER M 19 50.89 -43.18 -14.52
N PHE M 20 50.06 -44.18 -14.23
CA PHE M 20 49.78 -44.55 -12.84
C PHE M 20 51.03 -45.10 -12.14
N ILE M 21 51.76 -45.99 -12.83
CA ILE M 21 52.95 -46.56 -12.20
C ILE M 21 54.08 -45.52 -12.14
N GLN M 22 54.11 -44.57 -13.07
CA GLN M 22 55.09 -43.48 -12.98
C GLN M 22 54.77 -42.53 -11.85
N GLU M 23 53.48 -42.26 -11.63
CA GLU M 23 53.06 -41.43 -10.50
C GLU M 23 53.37 -42.11 -9.17
N ARG M 24 53.17 -43.43 -9.09
CA ARG M 24 53.54 -44.17 -7.89
C ARG M 24 55.05 -44.19 -7.68
N LEU M 25 55.82 -44.28 -8.78
CA LEU M 25 57.27 -44.28 -8.70
C LEU M 25 57.80 -42.93 -8.19
N GLN M 26 57.27 -41.83 -8.73
CA GLN M 26 57.73 -40.52 -8.27
C GLN M 26 57.20 -40.21 -6.87
N GLY M 27 56.03 -40.75 -6.50
CA GLY M 27 55.56 -40.59 -5.14
C GLY M 27 56.42 -41.30 -4.11
N LYS M 28 56.82 -42.55 -4.41
CA LYS M 28 57.69 -43.25 -3.48
C LYS M 28 59.12 -42.73 -3.52
N LEU M 29 59.52 -42.11 -4.65
CA LEU M 29 60.81 -41.44 -4.69
C LEU M 29 60.82 -40.17 -3.84
N ASP M 30 59.71 -39.42 -3.85
CA ASP M 30 59.61 -38.24 -3.00
C ASP M 30 59.46 -38.64 -1.53
N LYS M 31 58.80 -39.75 -1.26
CA LYS M 31 58.63 -40.22 0.12
C LYS M 31 59.95 -40.75 0.68
N LEU M 32 60.71 -41.49 -0.13
CA LEU M 32 61.98 -42.03 0.34
C LEU M 32 63.06 -40.94 0.43
N GLN M 33 63.03 -39.98 -0.50
CA GLN M 33 64.01 -38.90 -0.62
C GLN M 33 65.44 -39.43 -0.70
N PRO M 34 65.70 -40.45 -1.53
CA PRO M 34 67.04 -41.03 -1.59
C PRO M 34 67.94 -40.33 -2.60
N ASP M 35 69.16 -39.99 -2.18
CA ASP M 35 70.15 -39.37 -3.05
C ASP M 35 71.37 -40.24 -3.29
N GLU M 36 71.44 -41.41 -2.65
CA GLU M 36 72.60 -42.29 -2.79
C GLU M 36 72.14 -43.72 -2.49
N ASP M 37 73.11 -44.62 -2.32
CA ASP M 37 72.94 -46.02 -1.93
C ASP M 37 72.13 -46.85 -2.92
N ASP M 38 72.03 -46.37 -4.17
CA ASP M 38 71.39 -47.06 -5.30
C ASP M 38 69.93 -47.43 -5.02
N LYS M 39 69.22 -46.59 -4.26
CA LYS M 39 67.83 -46.88 -3.96
C LYS M 39 66.92 -46.58 -5.14
N ARG M 40 67.30 -45.63 -6.00
CA ARG M 40 66.48 -45.28 -7.16
C ARG M 40 66.46 -46.43 -8.17
N GLN M 41 67.60 -47.09 -8.37
CA GLN M 41 67.66 -48.22 -9.30
C GLN M 41 66.84 -49.41 -8.79
N THR M 42 66.90 -49.68 -7.48
CA THR M 42 66.10 -50.76 -6.92
C THR M 42 64.61 -50.41 -6.90
N LEU M 43 64.29 -49.12 -6.79
CA LEU M 43 62.89 -48.71 -6.83
C LEU M 43 62.33 -48.79 -8.25
N LEU M 44 63.13 -48.41 -9.25
CA LEU M 44 62.69 -48.47 -10.63
C LEU M 44 62.84 -49.85 -11.26
N ALA M 45 63.52 -50.77 -10.58
CA ALA M 45 63.67 -52.13 -11.09
C ALA M 45 62.48 -53.03 -10.77
N THR M 46 61.51 -52.54 -9.99
CA THR M 46 60.36 -53.35 -9.62
C THR M 46 59.02 -52.63 -9.74
N HIS M 47 59.00 -51.34 -10.02
CA HIS M 47 57.74 -50.60 -10.14
C HIS M 47 57.77 -49.64 -11.31
N ARG M 48 58.35 -50.07 -12.44
CA ARG M 48 58.37 -49.23 -13.63
C ARG M 48 58.05 -49.99 -14.91
N ARG M 49 57.93 -51.32 -14.88
CA ARG M 49 57.71 -52.10 -16.10
C ARG M 49 56.53 -53.04 -15.92
N GLU M 50 56.36 -53.98 -16.86
CA GLU M 50 55.28 -54.97 -16.76
C GLU M 50 55.48 -55.96 -15.63
N ALA M 51 56.73 -56.13 -15.16
CA ALA M 51 57.02 -57.05 -14.07
C ALA M 51 56.35 -56.62 -12.76
N TRP M 52 56.14 -55.31 -12.59
CA TRP M 52 55.33 -54.82 -11.48
C TRP M 52 53.91 -55.38 -11.54
N LEU M 53 53.35 -55.44 -12.75
CA LEU M 53 52.08 -56.15 -12.94
C LEU M 53 52.22 -57.62 -12.56
N ALA M 54 53.35 -58.24 -12.92
CA ALA M 54 53.65 -59.57 -12.42
C ALA M 54 53.80 -59.57 -10.91
N ASP M 55 54.42 -58.52 -10.36
CA ASP M 55 54.44 -58.34 -8.92
C ASP M 55 53.03 -58.11 -8.39
N ALA M 56 52.20 -57.43 -9.18
CA ALA M 56 50.78 -57.28 -8.83
C ALA M 56 50.07 -58.63 -8.85
N ALA M 57 50.56 -59.57 -9.68
CA ALA M 57 50.02 -60.92 -9.65
C ALA M 57 50.33 -61.62 -8.34
N ARG M 58 51.40 -61.22 -7.65
CA ARG M 58 51.67 -61.71 -6.30
C ARG M 58 50.86 -60.98 -5.25
N ARG M 59 50.20 -59.87 -5.62
CA ARG M 59 49.48 -59.06 -4.65
C ARG M 59 47.96 -59.18 -4.76
N VAL M 60 47.44 -59.59 -5.91
CA VAL M 60 45.99 -59.73 -6.06
C VAL M 60 45.48 -61.00 -5.40
N GLY M 61 46.33 -62.01 -5.22
CA GLY M 61 45.91 -63.22 -4.53
C GLY M 61 45.82 -63.06 -3.03
N GLN M 62 46.49 -62.06 -2.46
CA GLN M 62 46.44 -61.80 -1.03
C GLN M 62 45.22 -60.96 -0.66
N LEU M 63 44.86 -59.98 -1.49
CA LEU M 63 43.74 -59.10 -1.24
C LEU M 63 42.43 -59.79 -1.57
N GLN M 64 41.33 -59.25 -1.04
CA GLN M 64 40.01 -59.75 -1.36
C GLN M 64 39.00 -58.62 -1.32
N LEU M 65 38.19 -58.52 -2.38
CA LEU M 65 37.13 -57.54 -2.47
C LEU M 65 35.84 -58.15 -1.92
N VAL M 66 35.33 -57.60 -0.82
CA VAL M 66 34.19 -58.18 -0.12
C VAL M 66 33.16 -57.10 0.18
N THR M 67 31.92 -57.54 0.38
CA THR M 67 30.86 -56.67 0.88
C THR M 67 30.44 -56.99 2.31
N HIS M 68 30.72 -58.20 2.79
CA HIS M 68 30.40 -58.60 4.16
C HIS M 68 31.58 -59.36 4.71
N THR M 69 32.13 -58.89 5.83
CA THR M 69 33.33 -59.47 6.41
C THR M 69 33.09 -59.89 7.86
N LEU M 70 34.00 -60.72 8.35
CA LEU M 70 33.93 -61.31 9.69
C LEU M 70 34.86 -60.63 10.69
N LYS M 71 35.83 -59.88 10.22
CA LYS M 71 36.89 -59.27 11.00
C LYS M 71 36.40 -58.17 11.98
N PRO M 72 35.27 -57.47 11.75
CA PRO M 72 34.64 -56.75 12.87
C PRO M 72 34.29 -57.60 14.07
N ILE M 73 33.81 -58.83 13.88
CA ILE M 73 33.81 -59.79 14.99
C ILE M 73 35.27 -60.18 15.26
N HIS M 74 35.54 -60.64 16.50
CA HIS M 74 36.80 -60.68 17.26
C HIS M 74 38.04 -60.89 16.39
N PRO M 75 38.99 -59.93 16.36
CA PRO M 75 40.01 -59.91 15.29
C PRO M 75 40.99 -61.08 15.30
N ASP M 76 40.96 -61.98 16.27
CA ASP M 76 41.72 -63.21 16.20
C ASP M 76 40.95 -64.34 15.52
N ALA M 77 39.89 -64.02 14.78
CA ALA M 77 39.09 -65.02 14.07
C ALA M 77 39.41 -64.96 12.58
N ARG M 78 39.66 -66.13 11.99
CA ARG M 78 39.98 -66.24 10.57
C ARG M 78 38.87 -67.04 9.89
N GLY M 79 37.94 -66.33 9.25
CA GLY M 79 36.85 -66.98 8.54
C GLY M 79 36.88 -66.68 7.06
N SER M 80 35.79 -66.95 6.36
CA SER M 80 35.70 -66.72 4.93
C SER M 80 34.85 -65.47 4.69
N ASN M 81 35.51 -64.37 4.35
CA ASN M 81 34.81 -63.14 4.00
C ASN M 81 34.33 -63.25 2.56
N LEU M 82 33.04 -63.00 2.33
CA LEU M 82 32.44 -63.27 1.03
C LEU M 82 31.77 -62.03 0.47
N HIS M 83 31.89 -61.88 -0.85
CA HIS M 83 31.27 -60.81 -1.62
C HIS M 83 30.02 -61.38 -2.27
N SER M 84 28.86 -61.08 -1.71
CA SER M 84 27.59 -61.53 -2.27
C SER M 84 26.52 -60.47 -2.05
N LEU M 85 25.75 -60.20 -3.10
CA LEU M 85 24.59 -59.32 -2.99
C LEU M 85 23.39 -60.18 -2.64
N PRO M 86 22.73 -59.95 -1.51
CA PRO M 86 21.56 -60.77 -1.16
C PRO M 86 20.37 -60.48 -2.06
N GLN M 87 19.53 -61.50 -2.22
CA GLN M 87 18.35 -61.37 -3.05
C GLN M 87 17.33 -60.45 -2.38
N ALA M 88 16.57 -59.73 -3.19
CA ALA M 88 15.54 -58.82 -2.68
C ALA M 88 14.39 -59.63 -2.11
N PRO M 89 14.00 -59.41 -0.86
CA PRO M 89 12.92 -60.20 -0.26
C PRO M 89 11.57 -59.83 -0.84
N GLY M 90 10.71 -60.85 -0.99
CA GLY M 90 9.35 -60.61 -1.46
C GLY M 90 8.42 -60.03 -0.42
N GLN M 91 8.74 -60.21 0.87
CA GLN M 91 7.93 -59.65 1.93
C GLN M 91 8.15 -58.14 2.03
N PRO M 92 7.11 -57.37 2.30
CA PRO M 92 7.25 -55.91 2.33
C PRO M 92 7.78 -55.39 3.65
N GLY M 93 8.26 -54.14 3.60
CA GLY M 93 8.58 -53.38 4.79
C GLY M 93 9.79 -53.83 5.58
N LEU M 94 10.89 -54.18 4.90
CA LEU M 94 12.15 -54.45 5.57
C LEU M 94 13.29 -54.21 4.59
N ALA M 95 14.42 -53.75 5.12
CA ALA M 95 15.56 -53.30 4.33
C ALA M 95 16.76 -54.22 4.54
N GLY M 96 17.88 -53.84 3.94
CA GLY M 96 19.10 -54.62 4.07
C GLY M 96 20.13 -54.13 3.08
N SER M 97 21.17 -54.95 2.88
CA SER M 97 22.19 -54.66 1.88
C SER M 97 21.75 -55.01 0.47
N HIS M 98 20.61 -55.67 0.31
CA HIS M 98 20.02 -55.88 -1.00
C HIS M 98 19.53 -54.57 -1.62
N GLU M 99 19.23 -53.56 -0.81
CA GLU M 99 18.83 -52.26 -1.32
C GLU M 99 19.98 -51.51 -1.98
N LEU M 100 21.23 -51.86 -1.65
CA LEU M 100 22.39 -51.25 -2.30
C LEU M 100 22.52 -51.79 -3.72
N GLY M 101 22.19 -50.95 -4.70
CA GLY M 101 22.33 -51.34 -6.09
C GLY M 101 23.60 -50.76 -6.69
N ASP M 102 23.48 -49.69 -7.47
CA ASP M 102 24.65 -49.03 -8.02
C ASP M 102 25.39 -48.21 -6.98
N ARG M 103 24.77 -47.93 -5.84
CA ARG M 103 25.42 -47.20 -4.75
C ARG M 103 26.10 -48.17 -3.79
N LEU M 104 27.01 -48.97 -4.34
CA LEU M 104 27.69 -50.02 -3.60
C LEU M 104 29.19 -49.74 -3.61
N VAL M 105 29.79 -49.72 -2.41
CA VAL M 105 31.23 -49.62 -2.25
C VAL M 105 31.73 -50.94 -1.69
N SER M 106 32.67 -51.57 -2.39
CA SER M 106 33.15 -52.89 -2.02
C SER M 106 34.38 -52.77 -1.13
N ASP M 107 34.32 -53.39 0.04
CA ASP M 107 35.42 -53.32 0.99
C ASP M 107 36.58 -54.20 0.55
N VAL M 108 37.77 -53.86 1.03
CA VAL M 108 39.00 -54.56 0.71
C VAL M 108 39.57 -55.12 2.00
N VAL M 109 39.91 -56.40 2.00
CA VAL M 109 40.54 -57.03 3.15
C VAL M 109 41.84 -57.69 2.71
N GLY M 110 42.80 -57.74 3.61
CA GLY M 110 44.10 -58.31 3.32
C GLY M 110 45.25 -57.51 3.90
N ASN M 111 46.38 -57.50 3.20
CA ASN M 111 47.54 -56.76 3.67
C ASN M 111 47.35 -55.26 3.47
N ALA M 112 48.11 -54.48 4.24
CA ALA M 112 48.08 -53.03 4.16
C ALA M 112 49.08 -52.47 3.15
N ALA M 113 49.77 -53.34 2.42
CA ALA M 113 50.74 -52.92 1.42
C ALA M 113 50.35 -53.27 0.00
N ALA M 114 49.54 -54.32 -0.20
CA ALA M 114 49.09 -54.69 -1.53
C ALA M 114 47.95 -53.81 -2.04
N LEU M 115 47.38 -52.97 -1.16
CA LEU M 115 46.15 -52.23 -1.42
C LEU M 115 46.30 -51.22 -2.56
N ASP M 116 47.54 -50.88 -2.95
CA ASP M 116 47.79 -50.04 -4.11
C ASP M 116 47.18 -50.62 -5.37
N VAL M 117 47.24 -51.96 -5.52
CA VAL M 117 46.70 -52.60 -6.71
C VAL M 117 45.17 -52.51 -6.73
N PHE M 118 44.54 -52.17 -5.60
CA PHE M 118 43.12 -51.91 -5.57
C PHE M 118 42.77 -50.72 -6.46
N LYS M 119 43.57 -49.63 -6.41
CA LYS M 119 43.32 -48.56 -7.37
C LYS M 119 43.72 -48.98 -8.77
N PHE M 120 44.62 -49.94 -8.91
CA PHE M 120 44.91 -50.50 -10.23
C PHE M 120 43.75 -51.34 -10.74
N LEU M 121 42.79 -51.69 -9.88
CA LEU M 121 41.53 -52.27 -10.32
C LEU M 121 40.35 -51.30 -10.19
N SER M 122 40.62 -50.03 -9.86
CA SER M 122 39.52 -49.08 -9.64
C SER M 122 39.71 -47.79 -10.42
N LEU M 123 40.56 -47.78 -11.44
CA LEU M 123 40.70 -46.59 -12.27
C LEU M 123 39.54 -46.49 -13.26
N GLN M 124 39.45 -45.34 -13.92
CA GLN M 124 38.47 -45.09 -14.97
C GLN M 124 39.25 -44.64 -16.20
N TYR M 125 39.72 -45.60 -17.00
CA TYR M 125 40.51 -45.28 -18.18
C TYR M 125 39.63 -44.97 -19.38
N GLN M 126 38.72 -45.89 -19.73
CA GLN M 126 37.78 -45.69 -20.81
C GLN M 126 36.46 -45.10 -20.34
N GLY M 127 36.34 -44.78 -19.05
CA GLY M 127 35.12 -44.27 -18.48
C GLY M 127 34.37 -45.24 -17.59
N LYS M 128 34.92 -46.43 -17.35
CA LYS M 128 34.27 -47.43 -16.52
C LYS M 128 35.31 -48.13 -15.65
N ASN M 129 34.82 -48.80 -14.62
CA ASN M 129 35.69 -49.51 -13.68
C ASN M 129 36.32 -50.73 -14.34
N LEU M 130 37.60 -50.95 -14.07
CA LEU M 130 38.38 -51.95 -14.81
C LEU M 130 38.07 -53.39 -14.38
N LEU M 131 37.42 -53.60 -13.23
CA LEU M 131 36.98 -54.94 -12.88
C LEU M 131 35.85 -55.41 -13.78
N ASN M 132 34.90 -54.51 -14.08
CA ASN M 132 33.87 -54.81 -15.06
C ASN M 132 34.41 -54.79 -16.49
N TRP M 133 35.56 -54.16 -16.71
CA TRP M 133 36.22 -54.26 -18.01
C TRP M 133 36.90 -55.62 -18.17
N LEU M 134 37.43 -56.16 -17.08
CA LEU M 134 38.10 -57.46 -17.11
C LEU M 134 37.15 -58.62 -16.89
N THR M 135 35.90 -58.37 -16.53
CA THR M 135 34.91 -59.45 -16.48
C THR M 135 34.37 -59.80 -17.85
N GLU M 136 34.64 -59.00 -18.87
CA GLU M 136 34.25 -59.27 -20.25
C GLU M 136 35.49 -59.42 -21.11
N ASP M 137 35.37 -60.25 -22.16
CA ASP M 137 36.47 -60.49 -23.09
C ASP M 137 36.42 -59.42 -24.18
N SER M 138 36.85 -58.22 -23.82
CA SER M 138 36.83 -57.09 -24.73
C SER M 138 38.03 -57.14 -25.67
N ALA M 139 37.92 -56.38 -26.78
CA ALA M 139 39.00 -56.31 -27.74
C ALA M 139 40.19 -55.52 -27.20
N GLU M 140 39.91 -54.41 -26.49
CA GLU M 140 40.99 -53.63 -25.89
C GLU M 140 41.58 -54.34 -24.68
N ALA M 141 40.80 -55.22 -24.04
CA ALA M 141 41.31 -56.04 -22.95
C ALA M 141 42.27 -57.10 -23.49
N LEU M 142 43.13 -57.58 -22.60
CA LEU M 142 44.13 -58.64 -22.80
C LEU M 142 45.20 -58.27 -23.82
N GLN M 143 45.29 -57.01 -24.25
CA GLN M 143 46.34 -56.52 -25.13
C GLN M 143 46.96 -55.27 -24.55
N ALA M 144 46.18 -54.52 -23.78
CA ALA M 144 46.67 -53.28 -23.19
C ALA M 144 47.61 -53.52 -22.02
N LEU M 145 47.59 -54.71 -21.42
CA LEU M 145 48.44 -55.02 -20.29
C LEU M 145 49.49 -56.09 -20.56
N SER M 146 49.34 -56.89 -21.62
CA SER M 146 50.28 -57.95 -21.90
C SER M 146 50.40 -58.15 -23.41
N ASP M 147 51.63 -58.33 -23.88
CA ASP M 147 51.85 -58.65 -25.28
C ASP M 147 51.53 -60.11 -25.58
N ASN M 148 51.82 -61.00 -24.64
CA ASN M 148 51.54 -62.42 -24.81
C ASN M 148 50.12 -62.74 -24.38
N ALA M 149 49.52 -63.74 -25.03
CA ALA M 149 48.13 -64.09 -24.77
C ALA M 149 47.98 -64.80 -23.42
N GLU M 150 48.85 -65.77 -23.15
CA GLU M 150 48.72 -66.60 -21.95
C GLU M 150 49.01 -65.80 -20.68
N GLN M 151 49.98 -64.87 -20.75
CA GLN M 151 50.23 -63.97 -19.63
C GLN M 151 49.04 -63.07 -19.37
N ALA M 152 48.37 -62.61 -20.45
CA ALA M 152 47.16 -61.82 -20.30
C ALA M 152 46.04 -62.62 -19.66
N ARG M 153 45.90 -63.90 -20.05
CA ARG M 153 44.85 -64.76 -19.47
C ARG M 153 45.09 -65.00 -17.98
N GLU M 154 46.33 -65.32 -17.60
CA GLU M 154 46.58 -65.58 -16.18
C GLU M 154 46.54 -64.31 -15.35
N TRP M 155 46.94 -63.16 -15.92
CA TRP M 155 46.81 -61.89 -15.21
C TRP M 155 45.35 -61.49 -15.04
N ARG M 156 44.52 -61.74 -16.07
CA ARG M 156 43.10 -61.46 -15.96
C ARG M 156 42.43 -62.35 -14.92
N GLN M 157 42.80 -63.64 -14.89
CA GLN M 157 42.23 -64.56 -13.90
C GLN M 157 42.64 -64.18 -12.48
N ALA M 158 43.93 -63.85 -12.27
CA ALA M 158 44.39 -63.45 -10.95
C ALA M 158 43.79 -62.10 -10.52
N PHE M 159 43.61 -61.18 -11.47
CA PHE M 159 43.07 -59.86 -11.14
C PHE M 159 41.57 -59.92 -10.91
N ILE M 160 40.86 -60.87 -11.54
CA ILE M 160 39.43 -61.04 -11.32
C ILE M 160 39.15 -61.96 -10.14
N GLY M 161 40.14 -62.69 -9.64
CA GLY M 161 39.96 -63.49 -8.45
C GLY M 161 39.88 -62.72 -7.14
N ILE M 162 40.02 -61.39 -7.17
CA ILE M 162 39.90 -60.60 -5.95
C ILE M 162 38.45 -60.49 -5.49
N THR M 163 37.48 -60.78 -6.37
CA THR M 163 36.07 -60.72 -6.03
C THR M 163 35.58 -62.06 -5.47
N THR M 164 35.95 -63.16 -6.12
CA THR M 164 35.56 -64.49 -5.67
C THR M 164 36.21 -64.82 -4.33
N VAL M 165 35.46 -65.51 -3.46
CA VAL M 165 35.95 -65.87 -2.14
C VAL M 165 37.03 -66.94 -2.27
N LYS M 166 38.09 -66.78 -1.47
CA LYS M 166 39.18 -67.75 -1.44
C LYS M 166 38.99 -68.74 -0.30
N GLY M 167 39.57 -69.92 -0.47
CA GLY M 167 39.53 -70.94 0.56
C GLY M 167 38.17 -71.63 0.65
N ALA M 168 38.08 -72.52 1.64
CA ALA M 168 36.83 -73.21 1.90
C ALA M 168 35.83 -72.27 2.56
N PRO M 169 34.53 -72.53 2.40
CA PRO M 169 33.52 -71.78 3.18
C PRO M 169 33.65 -72.10 4.66
N ALA M 170 33.94 -71.08 5.46
CA ALA M 170 34.27 -71.28 6.86
C ALA M 170 33.90 -70.06 7.68
N SER M 171 33.45 -70.32 8.91
CA SER M 171 33.26 -69.28 9.91
C SER M 171 33.96 -69.73 11.18
N HIS M 172 34.74 -68.84 11.78
CA HIS M 172 35.59 -69.19 12.91
C HIS M 172 34.76 -69.38 14.17
N SER M 173 35.40 -69.94 15.20
CA SER M 173 34.75 -70.15 16.50
C SER M 173 34.38 -68.82 17.15
N LEU M 174 35.24 -67.82 17.02
CA LEU M 174 34.95 -66.51 17.61
C LEU M 174 33.86 -65.76 16.85
N ALA M 175 33.52 -66.19 15.64
CA ALA M 175 32.38 -65.63 14.94
C ALA M 175 31.07 -66.09 15.57
N LYS M 176 30.02 -65.34 15.29
CA LYS M 176 28.70 -65.66 15.81
C LYS M 176 28.03 -66.71 14.94
N GLN M 177 27.39 -67.69 15.58
CA GLN M 177 26.54 -68.67 14.90
C GLN M 177 25.29 -68.86 15.74
N LEU M 178 24.12 -68.74 15.11
CA LEU M 178 22.85 -68.67 15.83
C LEU M 178 21.81 -69.58 15.20
N TYR M 179 21.35 -70.58 15.95
CA TYR M 179 20.35 -71.51 15.45
C TYR M 179 19.01 -70.81 15.21
N PHE M 180 18.33 -71.22 14.14
CA PHE M 180 17.02 -70.70 13.79
C PHE M 180 16.06 -71.87 13.63
N PRO M 181 14.94 -71.90 14.35
CA PRO M 181 14.00 -73.03 14.22
C PRO M 181 13.27 -73.00 12.89
N LEU M 182 13.36 -74.11 12.17
CA LEU M 182 12.58 -74.31 10.96
C LEU M 182 11.11 -74.52 11.33
N PRO M 183 10.18 -74.34 10.38
CA PRO M 183 8.77 -74.66 10.68
C PRO M 183 8.54 -76.12 11.03
N GLY M 184 8.97 -77.05 10.17
CA GLY M 184 8.91 -78.44 10.55
C GLY M 184 10.24 -79.10 10.84
N SER M 185 10.57 -79.22 12.14
CA SER M 185 11.60 -80.11 12.69
C SER M 185 12.98 -79.90 12.07
N GLY M 186 13.54 -78.72 12.29
CA GLY M 186 14.87 -78.46 11.77
C GLY M 186 15.48 -77.19 12.34
N TYR M 187 16.76 -77.03 12.07
CA TYR M 187 17.50 -75.82 12.43
C TYR M 187 18.50 -75.49 11.33
N HIS M 188 18.80 -74.19 11.20
CA HIS M 188 19.88 -73.70 10.37
C HIS M 188 20.81 -72.85 11.24
N LEU M 189 22.12 -72.94 10.95
CA LEU M 189 23.10 -72.42 11.89
C LEU M 189 23.37 -70.92 11.75
N LEU M 190 23.32 -70.41 10.51
CA LEU M 190 23.12 -68.99 10.15
C LEU M 190 24.16 -68.06 10.80
N ALA M 191 25.41 -68.22 10.36
CA ALA M 191 26.46 -67.33 10.83
C ALA M 191 26.35 -65.97 10.15
N PRO M 192 26.19 -64.88 10.90
CA PRO M 192 26.13 -63.55 10.28
C PRO M 192 27.49 -62.91 10.08
N LEU M 193 27.56 -62.12 9.02
CA LEU M 193 28.75 -61.34 8.69
C LEU M 193 28.41 -59.85 8.77
N PHE M 194 29.43 -59.05 9.03
CA PHE M 194 29.24 -57.62 9.20
C PHE M 194 29.06 -56.94 7.85
N PRO M 195 27.91 -56.30 7.58
CA PRO M 195 27.69 -55.63 6.29
C PRO M 195 28.43 -54.29 6.20
N THR M 196 29.73 -54.38 5.89
CA THR M 196 30.58 -53.19 5.89
C THR M 196 30.24 -52.25 4.74
N SER M 197 29.74 -52.79 3.63
CA SER M 197 29.25 -51.92 2.55
C SER M 197 28.00 -51.17 2.98
N LEU M 198 27.06 -51.88 3.63
CA LEU M 198 25.84 -51.25 4.12
C LEU M 198 26.14 -50.27 5.25
N VAL M 199 27.07 -50.62 6.13
CA VAL M 199 27.46 -49.74 7.22
C VAL M 199 28.16 -48.49 6.68
N HIS M 200 28.99 -48.66 5.65
CA HIS M 200 29.63 -47.52 5.00
C HIS M 200 28.61 -46.62 4.31
N HIS M 201 27.59 -47.20 3.67
CA HIS M 201 26.53 -46.41 3.05
C HIS M 201 25.73 -45.63 4.09
N VAL M 202 25.38 -46.27 5.21
CA VAL M 202 24.63 -45.60 6.27
C VAL M 202 25.48 -44.52 6.93
N HIS M 203 26.78 -44.77 7.10
CA HIS M 203 27.67 -43.78 7.69
C HIS M 203 27.87 -42.60 6.75
N ALA M 204 27.89 -42.85 5.44
CA ALA M 204 27.97 -41.77 4.46
C ALA M 204 26.71 -40.91 4.48
N LEU M 205 25.54 -41.57 4.56
CA LEU M 205 24.28 -40.83 4.63
C LEU M 205 24.19 -40.01 5.91
N LEU M 206 24.68 -40.56 7.03
CA LEU M 206 24.71 -39.81 8.28
C LEU M 206 25.72 -38.68 8.23
N ARG M 207 26.82 -38.86 7.49
CA ARG M 207 27.79 -37.79 7.29
C ARG M 207 27.17 -36.62 6.51
N GLU M 208 26.41 -36.93 5.46
CA GLU M 208 25.69 -35.87 4.75
C GLU M 208 24.61 -35.24 5.60
N ALA M 209 23.99 -36.03 6.48
CA ALA M 209 22.90 -35.50 7.32
C ALA M 209 23.41 -34.62 8.45
N ARG M 210 24.60 -34.90 9.00
CA ARG M 210 25.08 -34.19 10.18
C ARG M 210 26.19 -33.19 9.90
N PHE M 211 27.03 -33.42 8.88
CA PHE M 211 28.14 -32.52 8.59
C PHE M 211 28.17 -32.07 7.14
N GLY M 212 27.09 -32.26 6.39
CA GLY M 212 27.04 -31.78 5.02
C GLY M 212 26.89 -30.28 4.94
N ASP M 213 27.19 -29.74 3.76
CA ASP M 213 27.10 -28.29 3.56
C ASP M 213 25.65 -27.82 3.55
N ALA M 214 24.78 -28.56 2.87
CA ALA M 214 23.36 -28.22 2.84
C ALA M 214 22.72 -28.39 4.22
N ALA M 215 23.12 -29.44 4.94
CA ALA M 215 22.61 -29.67 6.29
C ALA M 215 23.07 -28.59 7.26
N LYS M 216 24.33 -28.16 7.14
CA LYS M 216 24.82 -27.08 7.99
C LYS M 216 24.18 -25.75 7.63
N ALA M 217 23.90 -25.53 6.34
CA ALA M 217 23.18 -24.33 5.93
C ALA M 217 21.76 -24.30 6.47
N ALA M 218 21.09 -25.46 6.47
CA ALA M 218 19.75 -25.54 7.05
C ALA M 218 19.78 -25.39 8.57
N ARG M 219 20.85 -25.87 9.21
CA ARG M 219 21.02 -25.67 10.65
C ARG M 219 21.23 -24.19 10.98
N GLU M 220 22.00 -23.49 10.13
CA GLU M 220 22.19 -22.05 10.32
C GLU M 220 20.89 -21.29 10.06
N ALA M 221 20.10 -21.74 9.08
CA ALA M 221 18.81 -21.11 8.82
C ALA M 221 17.84 -21.33 9.98
N ARG M 222 17.89 -22.49 10.61
CA ARG M 222 17.13 -22.72 11.84
C ARG M 222 17.63 -21.82 12.97
N SER M 223 18.96 -21.64 13.04
CA SER M 223 19.52 -20.77 14.08
C SER M 223 19.21 -19.31 13.82
N ARG M 224 19.07 -18.92 12.54
CA ARG M 224 18.65 -17.57 12.18
C ARG M 224 17.14 -17.40 12.17
N GLN M 225 16.38 -18.49 12.38
CA GLN M 225 14.91 -18.53 12.35
C GLN M 225 14.35 -17.98 11.03
N GLU M 226 15.02 -18.33 9.93
CA GLU M 226 14.60 -17.91 8.60
C GLU M 226 14.17 -19.13 7.79
N SER M 227 13.61 -18.87 6.61
CA SER M 227 13.15 -19.93 5.73
C SER M 227 14.32 -20.49 4.93
N TRP M 228 14.12 -21.70 4.40
CA TRP M 228 15.14 -22.41 3.62
C TRP M 228 14.41 -23.36 2.70
N PRO M 229 14.94 -23.61 1.49
CA PRO M 229 14.26 -24.52 0.56
C PRO M 229 14.24 -25.98 0.99
N HIS M 230 15.11 -26.39 1.92
CA HIS M 230 15.15 -27.77 2.39
C HIS M 230 15.37 -27.79 3.89
N GLY M 231 14.99 -28.90 4.51
CA GLY M 231 15.15 -29.09 5.93
C GLY M 231 16.42 -29.81 6.28
N PHE M 232 16.47 -30.32 7.51
CA PHE M 232 17.64 -31.03 8.02
C PHE M 232 17.18 -32.03 9.08
N SER M 233 18.16 -32.68 9.71
CA SER M 233 17.91 -33.68 10.74
C SER M 233 18.94 -33.51 11.85
N GLU M 234 18.78 -34.29 12.91
CA GLU M 234 19.69 -34.17 14.04
C GLU M 234 20.37 -35.49 14.41
N TYR M 235 19.63 -36.62 14.31
CA TYR M 235 20.06 -37.96 14.71
C TYR M 235 20.59 -38.00 16.14
N PRO M 236 19.75 -37.87 17.15
CA PRO M 236 20.24 -37.87 18.53
C PRO M 236 20.53 -39.29 19.01
N ASN M 237 21.24 -39.35 20.14
CA ASN M 237 21.53 -40.59 20.89
C ASN M 237 22.27 -41.63 20.05
N LEU M 238 23.17 -41.17 19.19
CA LEU M 238 23.99 -42.08 18.41
C LEU M 238 25.07 -42.69 19.30
N ALA M 239 25.48 -43.90 18.95
CA ALA M 239 26.51 -44.62 19.69
C ALA M 239 27.69 -44.92 18.78
N ILE M 240 28.89 -44.87 19.36
CA ILE M 240 30.14 -45.08 18.64
C ILE M 240 30.72 -46.42 19.06
N GLN M 241 31.02 -47.27 18.08
CA GLN M 241 31.58 -48.60 18.33
C GLN M 241 32.83 -48.75 17.47
N LYS M 242 34.00 -48.52 18.06
CA LYS M 242 35.26 -48.62 17.34
C LYS M 242 35.71 -50.07 17.31
N PHE M 243 35.97 -50.59 16.11
CA PHE M 243 36.35 -51.98 15.96
C PHE M 243 37.85 -52.17 16.19
N GLY M 244 38.68 -51.52 15.37
CA GLY M 244 40.11 -51.52 15.62
C GLY M 244 40.42 -50.65 16.83
N GLY M 245 41.21 -51.19 17.76
CA GLY M 245 41.57 -50.47 18.96
C GLY M 245 42.49 -49.30 18.69
N THR M 246 43.69 -49.60 18.20
CA THR M 246 44.63 -48.57 17.78
C THR M 246 45.00 -48.68 16.31
N LYS M 247 44.60 -49.76 15.63
CA LYS M 247 44.88 -49.95 14.21
C LYS M 247 43.57 -50.26 13.49
N PRO M 248 42.82 -49.22 13.09
CA PRO M 248 41.62 -49.45 12.28
C PRO M 248 41.91 -49.94 10.87
N GLN M 249 43.14 -49.74 10.37
CA GLN M 249 43.51 -50.25 9.06
C GLN M 249 43.62 -51.76 9.04
N ASN M 250 43.86 -52.38 10.20
CA ASN M 250 43.92 -53.83 10.28
C ASN M 250 42.56 -54.48 10.15
N ILE M 251 41.48 -53.72 10.32
CA ILE M 251 40.14 -54.30 10.23
C ILE M 251 39.75 -54.47 8.76
N SER M 252 39.72 -53.37 8.01
CA SER M 252 39.46 -53.33 6.58
C SER M 252 39.84 -51.95 6.07
N GLN M 253 39.74 -51.77 4.75
CA GLN M 253 40.02 -50.47 4.15
C GLN M 253 38.90 -49.48 4.39
N LEU M 254 37.64 -49.94 4.36
CA LEU M 254 36.53 -49.04 4.65
C LEU M 254 36.52 -48.64 6.12
N ASN M 255 36.96 -49.54 7.00
CA ASN M 255 37.14 -49.17 8.40
C ASN M 255 38.39 -48.33 8.61
N ASN M 256 39.27 -48.22 7.60
CA ASN M 256 40.31 -47.21 7.65
C ASN M 256 39.80 -45.87 7.13
N GLU M 257 38.79 -45.89 6.25
CA GLU M 257 38.15 -44.65 5.82
C GLU M 257 37.40 -43.98 6.96
N ARG M 258 36.55 -44.74 7.66
CA ARG M 258 35.89 -44.29 8.89
C ARG M 258 36.57 -45.04 10.03
N ARG M 259 37.46 -44.35 10.75
CA ARG M 259 38.31 -44.98 11.76
C ARG M 259 37.46 -45.40 12.95
N GLY M 260 37.17 -46.69 13.04
CA GLY M 260 36.17 -47.16 13.99
C GLY M 260 34.82 -46.63 13.62
N GLU M 261 34.09 -46.14 14.63
CA GLU M 261 32.91 -45.28 14.48
C GLU M 261 31.79 -45.96 13.68
N ASN M 262 31.25 -47.03 14.28
CA ASN M 262 30.20 -47.81 13.64
C ASN M 262 28.89 -47.04 13.49
N TRP M 263 28.65 -46.03 14.33
CA TRP M 263 27.54 -45.08 14.24
C TRP M 263 26.19 -45.79 14.31
N LEU M 264 25.93 -46.39 15.46
CA LEU M 264 24.72 -47.19 15.66
C LEU M 264 23.51 -46.32 15.98
N LEU M 265 22.36 -46.69 15.39
CA LEU M 265 21.11 -45.95 15.52
C LEU M 265 20.42 -46.27 16.84
N PRO M 266 19.77 -45.28 17.48
CA PRO M 266 19.19 -45.51 18.82
C PRO M 266 17.89 -46.30 18.81
N SER M 267 17.97 -47.63 18.81
CA SER M 267 16.79 -48.49 18.95
C SER M 267 16.50 -48.65 20.45
N LEU M 268 15.88 -47.62 21.02
CA LEU M 268 15.70 -47.60 22.46
C LEU M 268 14.22 -47.63 22.83
N PRO M 269 13.85 -48.31 23.91
CA PRO M 269 12.48 -48.24 24.42
C PRO M 269 12.22 -46.88 25.05
N PRO M 270 10.96 -46.47 25.20
CA PRO M 270 10.69 -45.14 25.77
C PRO M 270 11.03 -45.00 27.25
N ASN M 271 11.18 -46.10 27.98
CA ASN M 271 11.60 -46.05 29.38
C ASN M 271 13.09 -46.28 29.54
N TRP M 272 13.89 -45.91 28.53
CA TRP M 272 15.33 -46.03 28.60
C TRP M 272 15.98 -44.91 29.39
N GLN M 273 15.24 -43.87 29.75
CA GLN M 273 15.73 -42.74 30.51
C GLN M 273 14.77 -42.43 31.66
N ARG M 274 14.40 -43.46 32.41
CA ARG M 274 13.55 -43.34 33.59
C ARG M 274 14.25 -42.49 34.65
N GLN M 275 13.70 -41.31 34.92
CA GLN M 275 14.40 -40.36 35.79
C GLN M 275 14.32 -40.78 37.26
N ASN M 276 13.11 -40.83 37.81
CA ASN M 276 12.86 -41.20 39.20
C ASN M 276 11.36 -41.40 39.36
N VAL M 277 10.97 -41.87 40.53
CA VAL M 277 9.57 -41.93 40.94
C VAL M 277 9.40 -41.00 42.14
N ASN M 278 8.44 -40.09 42.05
CA ASN M 278 8.24 -39.08 43.09
C ASN M 278 6.78 -39.06 43.50
N ALA M 279 6.55 -38.80 44.79
CA ALA M 279 5.21 -38.78 45.34
C ALA M 279 4.73 -37.34 45.48
N PRO M 280 3.65 -36.94 44.81
CA PRO M 280 3.17 -35.55 44.92
C PRO M 280 2.46 -35.26 46.24
N MET M 281 3.23 -34.87 47.26
CA MET M 281 2.64 -34.71 48.60
C MET M 281 1.87 -33.40 48.75
N ARG M 282 2.57 -32.27 48.72
CA ARG M 282 1.97 -30.98 49.05
C ARG M 282 1.50 -30.23 47.82
N HIS M 283 0.75 -30.87 46.93
CA HIS M 283 0.30 -30.25 45.70
C HIS M 283 -1.19 -30.55 45.50
N SER M 284 -1.82 -29.75 44.64
CA SER M 284 -3.28 -29.73 44.55
C SER M 284 -3.85 -30.66 43.50
N SER M 285 -3.18 -30.84 42.36
CA SER M 285 -3.69 -31.71 41.30
C SER M 285 -2.51 -32.38 40.62
N VAL M 286 -2.63 -33.68 40.38
CA VAL M 286 -1.50 -34.45 39.83
C VAL M 286 -1.26 -34.13 38.37
N PHE M 287 -2.32 -33.89 37.59
CA PHE M 287 -2.17 -33.75 36.15
C PHE M 287 -1.57 -32.41 35.76
N GLU M 288 -1.78 -31.37 36.56
CA GLU M 288 -1.31 -30.03 36.24
C GLU M 288 -0.05 -29.63 36.99
N HIS M 289 0.48 -30.48 37.84
CA HIS M 289 1.62 -30.08 38.65
C HIS M 289 2.81 -31.02 38.56
N ASP M 290 2.58 -32.33 38.53
CA ASP M 290 3.67 -33.30 38.51
C ASP M 290 3.63 -34.19 37.28
N PHE M 291 2.46 -34.72 36.92
CA PHE M 291 2.36 -35.56 35.74
C PHE M 291 2.52 -34.74 34.46
N GLY M 292 2.01 -33.51 34.44
CA GLY M 292 2.08 -32.69 33.25
C GLY M 292 3.44 -32.12 32.95
N ARG M 293 4.35 -32.12 33.92
CA ARG M 293 5.69 -31.59 33.74
C ARG M 293 6.68 -32.61 33.18
N THR M 294 6.26 -33.86 32.99
CA THR M 294 7.11 -34.82 32.31
C THR M 294 7.25 -34.45 30.84
N PRO M 295 8.42 -34.68 30.23
CA PRO M 295 8.64 -34.17 28.86
C PRO M 295 7.80 -34.86 27.79
N GLU M 296 7.39 -36.12 28.00
CA GLU M 296 6.60 -36.83 26.99
C GLU M 296 5.23 -36.21 26.82
N VAL M 297 4.50 -36.00 27.92
CA VAL M 297 3.20 -35.33 27.81
C VAL M 297 3.37 -33.86 27.51
N SER M 298 4.55 -33.28 27.78
CA SER M 298 4.82 -31.92 27.35
C SER M 298 4.85 -31.82 25.83
N ARG M 299 5.59 -32.71 25.18
CA ARG M 299 5.62 -32.73 23.72
C ARG M 299 4.26 -33.11 23.14
N LEU M 300 3.51 -33.96 23.84
CA LEU M 300 2.16 -34.29 23.39
C LEU M 300 1.21 -33.10 23.48
N THR M 301 1.33 -32.29 24.54
CA THR M 301 0.46 -31.12 24.69
C THR M 301 0.82 -30.02 23.70
N ARG M 302 2.12 -29.81 23.44
CA ARG M 302 2.51 -28.88 22.36
C ARG M 302 2.06 -29.39 21.00
N THR M 303 2.06 -30.71 20.80
CA THR M 303 1.56 -31.27 19.54
C THR M 303 0.05 -31.06 19.40
N LEU M 304 -0.70 -31.20 20.49
CA LEU M 304 -2.13 -30.91 20.45
C LEU M 304 -2.41 -29.43 20.23
N GLN M 305 -1.56 -28.56 20.80
CA GLN M 305 -1.72 -27.13 20.59
C GLN M 305 -1.43 -26.75 19.14
N ARG M 306 -0.46 -27.43 18.52
CA ARG M 306 -0.17 -27.18 17.11
C ARG M 306 -1.26 -27.74 16.20
N PHE M 307 -1.82 -28.90 16.55
CA PHE M 307 -2.82 -29.53 15.71
C PHE M 307 -4.24 -29.00 15.92
N LEU M 308 -4.48 -28.29 17.02
CA LEU M 308 -5.82 -27.76 17.28
C LEU M 308 -6.13 -26.57 16.38
N ALA M 309 -5.17 -25.67 16.21
CA ALA M 309 -5.35 -24.50 15.34
C ALA M 309 -4.70 -24.82 13.99
N LYS M 310 -5.47 -25.46 13.12
CA LYS M 310 -4.97 -25.87 11.82
C LYS M 310 -6.13 -25.95 10.85
N THR M 311 -5.79 -26.06 9.56
CA THR M 311 -6.80 -26.17 8.52
C THR M 311 -7.46 -27.55 8.56
N VAL M 312 -8.60 -27.65 7.88
CA VAL M 312 -9.44 -28.84 7.93
C VAL M 312 -9.37 -29.64 6.64
N HIS M 313 -8.41 -29.35 5.75
CA HIS M 313 -8.38 -29.95 4.42
C HIS M 313 -8.12 -31.45 4.48
N ASN M 314 -7.25 -31.89 5.38
CA ASN M 314 -7.05 -33.31 5.66
C ASN M 314 -7.77 -33.75 6.92
N ASN M 315 -8.82 -33.01 7.31
CA ASN M 315 -9.37 -32.91 8.66
C ASN M 315 -9.52 -34.25 9.40
N LEU M 316 -10.38 -35.12 8.85
CA LEU M 316 -10.71 -36.39 9.48
C LEU M 316 -9.48 -37.27 9.63
N ALA M 317 -8.64 -37.31 8.58
CA ALA M 317 -7.37 -38.04 8.67
C ALA M 317 -6.49 -37.44 9.75
N ILE M 318 -6.40 -36.10 9.77
CA ILE M 318 -5.70 -35.40 10.84
C ILE M 318 -6.38 -35.69 12.18
N ARG M 319 -7.73 -35.73 12.17
CA ARG M 319 -8.49 -36.05 13.38
C ARG M 319 -8.18 -37.47 13.83
N GLN M 320 -7.99 -38.40 12.89
CA GLN M 320 -7.58 -39.74 13.22
C GLN M 320 -6.24 -39.73 13.92
N ARG M 321 -5.29 -38.97 13.34
CA ARG M 321 -3.99 -38.75 13.99
C ARG M 321 -4.19 -38.07 15.33
N ARG M 322 -5.09 -37.08 15.37
CA ARG M 322 -5.39 -36.38 16.62
C ARG M 322 -5.97 -37.32 17.64
N ALA M 323 -6.85 -38.24 17.19
CA ALA M 323 -7.41 -39.25 18.09
C ALA M 323 -6.29 -40.14 18.63
N GLN M 324 -5.41 -40.57 17.73
CA GLN M 324 -4.24 -41.35 18.13
C GLN M 324 -3.36 -40.55 19.07
N LEU M 325 -3.19 -39.25 18.76
CA LEU M 325 -2.40 -38.36 19.59
C LEU M 325 -2.98 -38.27 20.98
N VAL M 326 -4.31 -38.12 21.07
CA VAL M 326 -4.89 -37.91 22.39
C VAL M 326 -4.88 -39.21 23.17
N ALA M 327 -4.89 -40.35 22.44
CA ALA M 327 -4.81 -41.66 23.08
C ALA M 327 -3.49 -41.82 23.80
N GLN M 328 -2.42 -41.30 23.17
CA GLN M 328 -1.08 -41.40 23.75
C GLN M 328 -1.02 -40.73 25.11
N ILE M 329 -1.72 -39.59 25.26
CA ILE M 329 -1.65 -38.86 26.51
C ILE M 329 -2.29 -39.64 27.64
N CYS M 330 -3.44 -40.28 27.38
CA CYS M 330 -4.07 -41.02 28.46
C CYS M 330 -3.29 -42.29 28.75
N ASP M 331 -2.56 -42.77 27.71
CA ASP M 331 -1.66 -43.90 27.87
C ASP M 331 -0.59 -43.56 28.89
N GLU M 332 -0.03 -42.35 28.76
CA GLU M 332 1.02 -41.90 29.67
C GLU M 332 0.46 -41.72 31.07
N ALA M 333 -0.82 -41.34 31.18
CA ALA M 333 -1.46 -41.22 32.48
C ALA M 333 -1.49 -42.57 33.17
N LEU M 334 -1.86 -43.62 32.42
CA LEU M 334 -1.80 -44.97 32.94
C LEU M 334 -0.37 -45.35 33.25
N GLN M 335 0.57 -44.94 32.39
CA GLN M 335 1.99 -45.18 32.62
C GLN M 335 2.45 -44.48 33.88
N TYR M 336 1.91 -43.27 34.13
CA TYR M 336 2.22 -42.57 35.37
C TYR M 336 1.70 -43.35 36.56
N ALA M 337 0.46 -43.85 36.46
CA ALA M 337 -0.11 -44.69 37.50
C ALA M 337 0.69 -45.98 37.63
N ALA M 338 1.25 -46.44 36.51
CA ALA M 338 2.08 -47.63 36.50
C ALA M 338 3.33 -47.42 37.36
N ARG M 339 3.99 -46.26 37.22
CA ARG M 339 5.14 -46.07 38.09
C ARG M 339 4.71 -45.65 39.49
N LEU M 340 3.44 -45.27 39.67
CA LEU M 340 2.90 -45.12 41.01
C LEU M 340 2.65 -46.47 41.68
N ARG M 341 2.72 -47.57 40.92
CA ARG M 341 2.78 -48.89 41.54
C ARG M 341 4.18 -49.20 42.07
N GLU M 342 5.19 -48.41 41.71
CA GLU M 342 6.55 -48.66 42.17
C GLU M 342 6.90 -47.88 43.44
N LEU M 343 5.97 -47.12 43.98
CA LEU M 343 6.23 -46.26 45.12
C LEU M 343 5.91 -47.01 46.42
N GLU M 344 5.82 -46.26 47.53
CA GLU M 344 5.49 -46.82 48.83
C GLU M 344 4.03 -47.30 48.84
N PRO M 345 3.72 -48.34 49.62
CA PRO M 345 2.32 -48.79 49.71
C PRO M 345 1.38 -47.79 50.34
N GLY M 346 1.86 -46.96 51.26
CA GLY M 346 0.99 -46.08 52.01
C GLY M 346 1.36 -44.61 52.02
N TRP M 347 1.80 -44.10 50.86
CA TRP M 347 2.16 -42.68 50.79
C TRP M 347 0.93 -41.78 50.82
N SER M 348 -0.23 -42.28 50.40
CA SER M 348 -1.44 -41.47 50.36
C SER M 348 -2.04 -41.23 51.74
N ALA M 349 -1.63 -41.99 52.75
CA ALA M 349 -2.15 -41.84 54.10
C ALA M 349 -1.31 -40.88 54.94
N THR M 350 -0.30 -40.24 54.36
CA THR M 350 0.53 -39.31 55.10
C THR M 350 -0.25 -38.02 55.38
N PRO M 351 0.15 -37.28 56.42
CA PRO M 351 -0.57 -36.04 56.76
C PRO M 351 -0.28 -34.93 55.76
N GLY M 352 -1.29 -34.09 55.53
CA GLY M 352 -1.15 -32.98 54.62
C GLY M 352 -2.42 -32.16 54.51
N CYS M 353 -2.28 -30.85 54.30
CA CYS M 353 -3.46 -29.99 54.15
C CYS M 353 -4.12 -30.20 52.80
N GLN M 354 -3.32 -30.33 51.74
CA GLN M 354 -3.84 -30.57 50.40
C GLN M 354 -2.95 -31.58 49.70
N LEU M 355 -3.51 -32.73 49.35
CA LEU M 355 -2.73 -33.77 48.68
C LEU M 355 -3.50 -34.46 47.57
N HIS M 356 -4.52 -33.78 47.01
CA HIS M 356 -5.39 -34.29 45.92
C HIS M 356 -6.05 -35.61 46.31
N ASP M 357 -6.91 -35.53 47.34
CA ASP M 357 -7.57 -36.71 47.86
C ASP M 357 -8.64 -37.26 46.92
N ALA M 358 -9.11 -36.47 45.95
CA ALA M 358 -10.05 -36.98 44.96
C ALA M 358 -9.39 -37.98 44.04
N GLU M 359 -8.11 -37.76 43.70
CA GLU M 359 -7.35 -38.67 42.86
C GLU M 359 -6.65 -39.76 43.66
N GLN M 360 -6.65 -39.67 44.99
CA GLN M 360 -5.84 -40.56 45.82
C GLN M 360 -6.37 -41.99 45.86
N LEU M 361 -7.62 -42.22 45.43
CA LEU M 361 -8.14 -43.58 45.35
C LEU M 361 -7.49 -44.34 44.20
N TRP M 362 -7.06 -43.63 43.15
CA TRP M 362 -6.38 -44.23 42.02
C TRP M 362 -4.87 -44.04 42.06
N LEU M 363 -4.40 -43.01 42.78
CA LEU M 363 -2.96 -42.75 42.90
C LEU M 363 -2.24 -43.87 43.65
N ASP M 364 -2.84 -44.35 44.74
CA ASP M 364 -2.25 -45.39 45.58
C ASP M 364 -3.23 -46.55 45.67
N PRO M 365 -3.09 -47.57 44.81
CA PRO M 365 -3.96 -48.76 44.93
C PRO M 365 -3.56 -49.68 46.07
N LEU M 366 -2.36 -49.54 46.62
CA LEU M 366 -1.86 -50.47 47.63
C LEU M 366 -2.26 -50.11 49.04
N ARG M 367 -2.87 -48.93 49.26
CA ARG M 367 -3.32 -48.56 50.60
C ARG M 367 -4.50 -49.41 51.06
N ALA M 368 -5.21 -50.05 50.13
CA ALA M 368 -6.20 -51.07 50.49
C ALA M 368 -5.57 -52.27 51.20
N GLN M 369 -4.28 -52.53 50.95
CA GLN M 369 -3.57 -53.49 51.78
C GLN M 369 -3.19 -52.90 53.13
N THR M 370 -2.96 -51.58 53.18
CA THR M 370 -2.54 -50.95 54.44
C THR M 370 -3.71 -50.84 55.41
N ASP M 371 -4.87 -50.41 54.92
CA ASP M 371 -6.06 -50.26 55.74
C ASP M 371 -7.02 -51.40 55.42
N GLU M 372 -7.45 -52.13 56.46
CA GLU M 372 -8.33 -53.28 56.25
C GLU M 372 -9.73 -52.83 55.85
N THR M 373 -10.28 -51.83 56.55
CA THR M 373 -11.61 -51.34 56.24
C THR M 373 -11.73 -49.83 56.25
N PHE M 374 -10.65 -49.10 56.55
CA PHE M 374 -10.73 -47.64 56.58
C PHE M 374 -10.83 -47.05 55.18
N LEU M 375 -10.08 -47.61 54.23
CA LEU M 375 -10.13 -47.13 52.85
C LEU M 375 -10.13 -48.22 51.81
N GLN M 376 -10.07 -49.50 52.19
CA GLN M 376 -10.07 -50.59 51.21
C GLN M 376 -11.44 -50.74 50.56
N ARG M 377 -12.51 -50.62 51.35
CA ARG M 377 -13.85 -50.72 50.81
C ARG M 377 -14.30 -49.46 50.09
N ARG M 378 -13.62 -48.33 50.33
CA ARG M 378 -14.00 -47.06 49.72
C ARG M 378 -13.77 -47.07 48.21
N LEU M 379 -12.64 -47.61 47.77
CA LEU M 379 -12.37 -47.69 46.34
C LEU M 379 -13.25 -48.72 45.65
N ARG M 380 -13.63 -49.79 46.37
CA ARG M 380 -14.51 -50.79 45.79
C ARG M 380 -15.93 -50.27 45.65
N GLY M 381 -16.44 -49.60 46.67
CA GLY M 381 -17.80 -49.07 46.61
C GLY M 381 -17.92 -47.87 45.70
N ASP M 382 -16.91 -46.98 45.71
CA ASP M 382 -16.99 -45.78 44.90
C ASP M 382 -16.75 -46.07 43.42
N TRP M 383 -15.79 -46.96 43.12
CA TRP M 383 -15.27 -47.29 41.79
C TRP M 383 -14.85 -46.01 41.06
N PRO M 384 -13.73 -45.40 41.47
CA PRO M 384 -13.41 -44.06 40.96
C PRO M 384 -12.98 -44.02 39.50
N ALA M 385 -13.87 -43.51 38.65
CA ALA M 385 -13.59 -43.35 37.24
C ALA M 385 -13.80 -41.93 36.75
N GLU M 386 -14.25 -41.02 37.62
CA GLU M 386 -14.45 -39.63 37.27
C GLU M 386 -13.15 -38.83 37.26
N VAL M 387 -12.06 -39.40 37.78
CA VAL M 387 -10.79 -38.69 37.91
C VAL M 387 -10.23 -38.31 36.55
N GLY M 388 -10.42 -39.19 35.56
CA GLY M 388 -10.04 -38.88 34.19
C GLY M 388 -10.80 -37.70 33.62
N ASN M 389 -12.05 -37.50 34.06
CA ASN M 389 -12.79 -36.29 33.73
C ASN M 389 -12.07 -35.05 34.24
N ARG M 390 -11.54 -35.12 35.46
CA ARG M 390 -10.64 -34.07 35.95
C ARG M 390 -9.42 -33.95 35.06
N PHE M 391 -8.85 -35.09 34.65
CA PHE M 391 -7.76 -35.09 33.70
C PHE M 391 -8.21 -34.54 32.35
N ALA M 392 -9.48 -34.79 31.99
CA ALA M 392 -10.05 -34.21 30.79
C ALA M 392 -10.12 -32.70 30.89
N ASN M 393 -10.38 -32.18 32.10
CA ASN M 393 -10.29 -30.75 32.34
C ASN M 393 -8.88 -30.24 32.08
N TRP M 394 -7.87 -30.99 32.53
CA TRP M 394 -6.49 -30.66 32.19
C TRP M 394 -6.27 -30.82 30.70
N LEU M 395 -6.92 -31.83 30.10
CA LEU M 395 -6.85 -31.98 28.65
C LEU M 395 -7.61 -30.87 27.95
N ASN M 396 -8.58 -30.25 28.61
CA ASN M 396 -9.21 -29.06 28.05
C ASN M 396 -8.30 -27.84 28.11
N ARG M 397 -7.23 -27.89 28.89
CA ARG M 397 -6.18 -26.89 28.80
C ARG M 397 -5.16 -27.22 27.72
N ALA M 398 -5.29 -28.36 27.06
CA ALA M 398 -4.41 -28.72 25.95
C ALA M 398 -4.94 -28.29 24.60
N VAL M 399 -6.14 -27.73 24.54
CA VAL M 399 -6.75 -27.29 23.29
C VAL M 399 -6.44 -25.82 23.08
N SER M 400 -6.49 -25.39 21.82
CA SER M 400 -6.23 -24.00 21.48
C SER M 400 -7.45 -23.14 21.79
N SER M 401 -7.19 -21.88 22.18
CA SER M 401 -8.25 -20.92 22.47
C SER M 401 -8.60 -20.15 21.20
N ASP M 402 -9.17 -20.87 20.24
CA ASP M 402 -9.56 -20.32 18.96
C ASP M 402 -11.08 -20.42 18.81
N SER M 403 -11.71 -19.29 18.49
CA SER M 403 -13.17 -19.28 18.30
C SER M 403 -13.58 -19.89 16.98
N GLN M 404 -12.66 -20.00 16.01
CA GLN M 404 -12.99 -20.62 14.73
C GLN M 404 -13.23 -22.11 14.87
N ILE M 405 -12.54 -22.77 15.80
CA ILE M 405 -12.80 -24.18 16.07
C ILE M 405 -14.14 -24.36 16.75
N LEU M 406 -14.49 -23.45 17.67
CA LEU M 406 -15.74 -23.55 18.40
C LEU M 406 -16.95 -23.25 17.50
N GLY M 407 -16.78 -22.32 16.56
CA GLY M 407 -17.86 -22.03 15.63
C GLY M 407 -18.12 -23.16 14.65
N SER M 408 -17.06 -23.81 14.19
CA SER M 408 -17.18 -24.91 13.24
C SER M 408 -17.36 -26.24 13.97
N PRO M 409 -17.46 -27.35 13.26
CA PRO M 409 -17.59 -28.66 13.91
C PRO M 409 -16.27 -29.28 14.36
N GLU M 410 -15.17 -28.52 14.30
CA GLU M 410 -13.89 -29.02 14.80
C GLU M 410 -13.94 -29.23 16.31
N ALA M 411 -14.60 -28.32 17.04
CA ALA M 411 -14.81 -28.53 18.47
C ALA M 411 -15.74 -29.70 18.75
N ALA M 412 -16.70 -29.95 17.86
CA ALA M 412 -17.58 -31.11 18.01
C ALA M 412 -16.80 -32.41 17.83
N GLN M 413 -15.91 -32.48 16.84
CA GLN M 413 -15.09 -33.66 16.65
C GLN M 413 -14.08 -33.84 17.79
N TRP M 414 -13.53 -32.73 18.29
CA TRP M 414 -12.63 -32.76 19.43
C TRP M 414 -13.32 -33.29 20.67
N SER M 415 -14.55 -32.81 20.93
CA SER M 415 -15.32 -33.29 22.07
C SER M 415 -15.74 -34.74 21.89
N GLN M 416 -16.01 -35.18 20.66
CA GLN M 416 -16.39 -36.57 20.42
C GLN M 416 -15.23 -37.52 20.69
N GLU M 417 -14.04 -37.20 20.15
CA GLU M 417 -12.89 -38.08 20.39
C GLU M 417 -12.40 -37.98 21.83
N LEU M 418 -12.56 -36.82 22.47
CA LEU M 418 -12.26 -36.68 23.88
C LEU M 418 -13.20 -37.52 24.74
N SER M 419 -14.49 -37.51 24.42
CA SER M 419 -15.46 -38.30 25.17
C SER M 419 -15.22 -39.80 24.99
N LYS M 420 -14.85 -40.22 23.77
CA LYS M 420 -14.56 -41.63 23.53
C LYS M 420 -13.32 -42.07 24.28
N GLU M 421 -12.25 -41.26 24.25
CA GLU M 421 -11.01 -41.69 24.88
C GLU M 421 -11.09 -41.63 26.41
N LEU M 422 -11.80 -40.63 26.97
CA LEU M 422 -12.02 -40.68 28.41
C LEU M 422 -13.08 -41.69 28.82
N THR M 423 -13.96 -42.11 27.91
CA THR M 423 -14.80 -43.27 28.19
C THR M 423 -13.95 -44.53 28.34
N MET M 424 -12.98 -44.71 27.44
CA MET M 424 -12.03 -45.82 27.55
C MET M 424 -11.18 -45.71 28.82
N PHE M 425 -10.75 -44.49 29.16
CA PHE M 425 -9.96 -44.26 30.37
C PHE M 425 -10.76 -44.55 31.64
N LYS M 426 -12.03 -44.14 31.67
CA LYS M 426 -12.88 -44.40 32.83
C LYS M 426 -13.22 -45.88 32.94
N GLU M 427 -13.37 -46.58 31.80
CA GLU M 427 -13.57 -48.02 31.85
C GLU M 427 -12.33 -48.75 32.31
N ILE M 428 -11.13 -48.24 31.96
CA ILE M 428 -9.89 -48.79 32.47
C ILE M 428 -9.79 -48.58 33.98
N LEU M 429 -10.15 -47.37 34.45
CA LEU M 429 -10.08 -47.07 35.87
C LEU M 429 -11.19 -47.75 36.68
N GLU M 430 -12.24 -48.23 36.01
CA GLU M 430 -13.34 -48.87 36.73
C GLU M 430 -12.93 -50.23 37.29
N ASP M 431 -12.32 -51.08 36.46
CA ASP M 431 -11.95 -52.43 36.91
C ASP M 431 -10.52 -52.49 37.42
N GLU M 432 -10.18 -51.59 38.35
CA GLU M 432 -8.90 -51.64 39.04
C GLU M 432 -8.92 -52.59 40.22
N ARG M 433 -10.10 -53.05 40.64
CA ARG M 433 -10.25 -53.89 41.83
C ARG M 433 -9.95 -55.35 41.58
N ASP M 434 -9.87 -55.78 40.31
CA ASP M 434 -9.62 -57.17 39.99
C ASP M 434 -8.15 -57.53 40.16
N VAL N 3 2.01 -68.31 13.69
CA VAL N 3 1.50 -69.24 12.69
C VAL N 3 0.27 -69.96 13.21
N THR N 4 0.00 -69.80 14.51
CA THR N 4 -1.17 -70.42 15.13
C THR N 4 -1.65 -69.54 16.28
N ASP N 5 -2.92 -69.67 16.60
CA ASP N 5 -3.48 -68.95 17.73
C ASP N 5 -3.16 -69.68 19.03
N PRO N 6 -2.60 -69.00 20.03
CA PRO N 6 -2.27 -69.68 21.29
C PRO N 6 -3.51 -70.04 22.09
N GLU N 7 -3.51 -71.24 22.65
CA GLU N 7 -4.58 -71.66 23.54
C GLU N 7 -4.47 -71.01 24.91
N ALA N 8 -3.26 -70.60 25.31
CA ALA N 8 -3.06 -69.96 26.60
C ALA N 8 -1.92 -68.96 26.48
N LEU N 9 -1.88 -68.03 27.43
CA LEU N 9 -0.82 -67.04 27.52
C LEU N 9 -0.18 -67.12 28.89
N LEU N 10 1.12 -67.37 28.93
CA LEU N 10 1.88 -67.49 30.17
C LEU N 10 2.67 -66.20 30.37
N LEU N 11 2.49 -65.55 31.51
CA LEU N 11 3.17 -64.29 31.79
C LEU N 11 4.37 -64.58 32.68
N LEU N 12 5.55 -64.66 32.06
CA LEU N 12 6.78 -64.60 32.83
C LEU N 12 6.93 -63.18 33.36
N PRO N 13 7.15 -62.99 34.66
CA PRO N 13 7.10 -61.66 35.27
C PRO N 13 8.34 -60.83 35.00
N ARG N 14 8.50 -59.76 35.77
CA ARG N 14 9.69 -58.92 35.74
C ARG N 14 10.96 -59.73 35.88
N LEU N 15 11.72 -59.81 34.80
CA LEU N 15 12.98 -60.53 34.71
C LEU N 15 14.08 -59.49 34.54
N SER N 16 15.05 -59.50 35.45
CA SER N 16 16.16 -58.56 35.43
C SER N 16 17.32 -59.25 34.73
N ILE N 17 17.52 -58.90 33.46
CA ILE N 17 18.64 -59.39 32.68
C ILE N 17 19.81 -58.45 32.92
N GLN N 18 20.95 -59.02 33.29
CA GLN N 18 22.01 -58.21 33.87
C GLN N 18 22.81 -57.47 32.81
N ASN N 19 23.48 -58.20 31.92
CA ASN N 19 24.34 -57.59 30.91
C ASN N 19 23.92 -58.11 29.54
N ALA N 20 22.86 -57.52 28.99
CA ALA N 20 22.34 -57.92 27.69
C ALA N 20 23.12 -57.22 26.59
N ASN N 21 23.07 -57.79 25.39
CA ASN N 21 23.80 -57.25 24.25
C ASN N 21 23.10 -55.99 23.78
N ALA N 22 23.66 -54.83 24.13
CA ALA N 22 23.07 -53.55 23.76
C ALA N 22 23.18 -53.27 22.27
N ILE N 23 24.23 -53.74 21.61
CA ILE N 23 24.34 -53.63 20.16
C ILE N 23 23.43 -54.69 19.56
N SER N 24 22.23 -54.28 19.17
CA SER N 24 21.25 -55.23 18.64
C SER N 24 21.59 -55.67 17.23
N SER N 25 22.26 -54.82 16.46
CA SER N 25 22.43 -55.01 15.04
C SER N 25 23.69 -54.26 14.61
N PRO N 26 24.22 -54.53 13.43
CA PRO N 26 25.32 -53.72 12.90
C PRO N 26 24.98 -52.25 12.67
N LEU N 27 23.70 -51.89 12.58
CA LEU N 27 23.29 -50.52 12.39
C LEU N 27 22.61 -49.89 13.60
N THR N 28 22.10 -50.70 14.54
CA THR N 28 21.33 -50.19 15.66
C THR N 28 21.93 -50.65 16.98
N TRP N 29 21.72 -49.84 18.03
CA TRP N 29 22.08 -50.18 19.39
C TRP N 29 20.88 -49.95 20.29
N GLY N 30 20.97 -50.45 21.52
CA GLY N 30 19.94 -50.19 22.50
C GLY N 30 19.27 -51.43 23.04
N PHE N 31 17.95 -51.50 22.86
CA PHE N 31 17.22 -52.70 23.22
C PHE N 31 17.64 -53.86 22.32
N PRO N 32 17.80 -55.07 22.87
CA PRO N 32 18.29 -56.19 22.07
C PRO N 32 17.31 -56.65 21.01
N SER N 33 17.76 -57.61 20.22
CA SER N 33 16.99 -58.10 19.10
C SER N 33 15.77 -58.88 19.59
N PRO N 34 14.63 -58.77 18.90
CA PRO N 34 13.52 -59.69 19.18
C PRO N 34 13.83 -61.13 18.86
N GLY N 35 14.80 -61.38 17.97
CA GLY N 35 15.26 -62.72 17.71
C GLY N 35 15.88 -63.39 18.92
N ALA N 36 16.51 -62.59 19.80
CA ALA N 36 17.00 -63.12 21.07
C ALA N 36 15.86 -63.61 21.95
N PHE N 37 14.75 -62.88 21.97
CA PHE N 37 13.62 -63.27 22.79
C PHE N 37 12.93 -64.50 22.22
N THR N 38 12.76 -64.55 20.91
CA THR N 38 12.16 -65.73 20.28
C THR N 38 13.06 -66.97 20.42
N GLY N 39 14.38 -66.78 20.31
CA GLY N 39 15.30 -67.88 20.56
C GLY N 39 15.32 -68.34 22.00
N PHE N 40 15.14 -67.41 22.94
CA PHE N 40 15.04 -67.78 24.35
C PHE N 40 13.79 -68.61 24.62
N VAL N 41 12.66 -68.22 24.01
CA VAL N 41 11.43 -68.98 24.19
C VAL N 41 11.53 -70.35 23.53
N HIS N 42 12.20 -70.42 22.37
CA HIS N 42 12.42 -71.73 21.76
C HIS N 42 13.39 -72.59 22.55
N ALA N 43 14.37 -71.98 23.23
CA ALA N 43 15.24 -72.74 24.11
C ALA N 43 14.50 -73.22 25.35
N LEU N 44 13.55 -72.41 25.84
CA LEU N 44 12.69 -72.84 26.94
C LEU N 44 11.81 -74.01 26.55
N GLN N 45 11.29 -73.98 25.32
CA GLN N 45 10.50 -75.11 24.81
C GLN N 45 11.38 -76.33 24.57
N ARG N 46 12.63 -76.10 24.16
CA ARG N 46 13.57 -77.19 23.95
C ARG N 46 13.99 -77.85 25.26
N ARG N 47 14.06 -77.07 26.34
CA ARG N 47 14.57 -77.59 27.61
C ARG N 47 13.48 -78.15 28.51
N VAL N 48 12.34 -77.47 28.61
CA VAL N 48 11.32 -77.86 29.58
C VAL N 48 9.95 -77.93 28.92
N GLY N 49 9.83 -77.42 27.71
CA GLY N 49 8.55 -77.46 27.02
C GLY N 49 8.13 -78.85 26.59
N ILE N 50 9.09 -79.66 26.15
CA ILE N 50 8.78 -81.00 25.65
C ILE N 50 8.36 -81.92 26.79
N SER N 51 9.01 -81.79 27.95
CA SER N 51 8.67 -82.61 29.12
C SER N 51 7.30 -82.27 29.70
N LEU N 52 6.79 -81.07 29.46
CA LEU N 52 5.47 -80.67 29.92
C LEU N 52 4.37 -80.90 28.90
N ASP N 53 4.71 -81.52 27.75
CA ASP N 53 3.79 -81.83 26.64
C ASP N 53 3.09 -80.58 26.11
N ILE N 54 3.80 -79.45 26.09
CA ILE N 54 3.26 -78.19 25.59
C ILE N 54 4.25 -77.63 24.57
N GLU N 55 3.77 -76.64 23.81
CA GLU N 55 4.60 -75.92 22.86
C GLU N 55 4.62 -74.44 23.24
N LEU N 56 5.78 -73.82 23.12
CA LEU N 56 5.99 -72.44 23.49
C LEU N 56 6.42 -71.67 22.25
N ASP N 57 5.46 -71.02 21.59
CA ASP N 57 5.72 -70.23 20.40
C ASP N 57 5.06 -68.88 20.55
N GLY N 58 5.80 -67.81 20.24
CA GLY N 58 5.28 -66.47 20.36
C GLY N 58 5.62 -65.82 21.68
N VAL N 59 6.28 -64.66 21.63
CA VAL N 59 6.70 -63.94 22.82
C VAL N 59 6.34 -62.46 22.67
N GLY N 60 5.67 -61.93 23.68
CA GLY N 60 5.39 -60.51 23.76
C GLY N 60 6.27 -59.85 24.81
N ILE N 61 7.03 -58.83 24.39
CA ILE N 61 7.99 -58.14 25.24
C ILE N 61 7.36 -56.87 25.79
N VAL N 62 7.60 -56.57 27.06
CA VAL N 62 6.99 -55.41 27.70
C VAL N 62 8.06 -54.38 28.08
N CYS N 63 9.24 -54.84 28.49
CA CYS N 63 10.42 -54.01 28.79
C CYS N 63 10.12 -52.96 29.87
N HIS N 64 9.96 -53.47 31.10
CA HIS N 64 9.59 -52.61 32.22
C HIS N 64 10.71 -51.62 32.57
N ARG N 65 11.97 -51.96 32.32
CA ARG N 65 13.06 -51.04 32.62
C ARG N 65 14.22 -51.29 31.67
N PHE N 66 14.88 -50.21 31.26
CA PHE N 66 16.08 -50.30 30.43
C PHE N 66 17.13 -49.34 30.99
N GLU N 67 18.35 -49.83 31.14
CA GLU N 67 19.50 -49.00 31.47
C GLU N 67 20.66 -49.42 30.59
N ALA N 68 21.29 -48.45 29.94
CA ALA N 68 22.39 -48.72 29.03
C ALA N 68 23.70 -48.37 29.70
N GLN N 69 24.66 -49.29 29.66
CA GLN N 69 26.00 -49.04 30.20
C GLN N 69 26.80 -48.23 29.17
N ILE N 70 26.44 -46.95 29.09
CA ILE N 70 27.01 -46.01 28.13
C ILE N 70 27.44 -44.77 28.88
N SER N 71 28.17 -43.90 28.16
CA SER N 71 28.55 -42.60 28.68
C SER N 71 28.62 -41.62 27.53
N GLN N 72 28.41 -40.35 27.85
CA GLN N 72 28.52 -39.29 26.86
C GLN N 72 29.82 -38.53 27.07
N PRO N 73 30.80 -38.63 26.18
CA PRO N 73 32.03 -37.86 26.34
C PRO N 73 31.78 -36.38 26.13
N ALA N 74 32.59 -35.56 26.79
CA ALA N 74 32.43 -34.11 26.72
C ALA N 74 32.82 -33.59 25.34
N GLY N 75 32.02 -32.69 24.81
CA GLY N 75 32.24 -32.13 23.51
C GLY N 75 31.61 -32.89 22.36
N LYS N 76 30.97 -34.03 22.62
CA LYS N 76 30.30 -34.82 21.59
C LYS N 76 28.86 -35.06 21.99
N ARG N 77 27.97 -35.03 21.00
CA ARG N 77 26.56 -35.35 21.21
C ARG N 77 26.26 -36.83 21.06
N THR N 78 27.22 -37.63 20.60
CA THR N 78 27.05 -39.06 20.50
C THR N 78 27.42 -39.72 21.82
N LYS N 79 27.44 -41.05 21.85
CA LYS N 79 27.72 -41.80 23.06
C LYS N 79 28.71 -42.92 22.76
N VAL N 80 29.35 -43.43 23.81
CA VAL N 80 30.30 -44.51 23.71
C VAL N 80 29.89 -45.60 24.70
N PHE N 81 30.38 -46.81 24.45
CA PHE N 81 30.03 -47.97 25.27
C PHE N 81 31.10 -48.18 26.34
N ASN N 82 30.65 -48.31 27.59
CA ASN N 82 31.56 -48.70 28.65
C ASN N 82 31.97 -50.15 28.48
N LEU N 83 33.25 -50.42 28.70
CA LEU N 83 33.84 -51.70 28.37
C LEU N 83 34.22 -52.48 29.63
N THR N 84 34.62 -53.73 29.40
CA THR N 84 35.10 -54.61 30.44
C THR N 84 36.57 -54.91 30.18
N ARG N 85 37.36 -54.97 31.25
CA ARG N 85 38.78 -55.28 31.12
C ARG N 85 38.94 -56.78 30.93
N ASN N 86 39.26 -57.18 29.70
CA ASN N 86 39.55 -58.56 29.39
C ASN N 86 40.87 -58.97 30.03
N PRO N 87 41.08 -60.27 30.30
CA PRO N 87 42.35 -60.70 30.87
C PRO N 87 43.51 -60.53 29.89
N LEU N 88 44.71 -60.41 30.45
CA LEU N 88 45.91 -60.21 29.66
C LEU N 88 46.24 -61.44 28.85
N ASN N 89 47.11 -61.25 27.85
CA ASN N 89 47.57 -62.36 27.04
C ASN N 89 48.63 -63.16 27.79
N ARG N 90 49.19 -64.18 27.13
CA ARG N 90 50.19 -65.02 27.76
C ARG N 90 51.54 -64.33 27.90
N ASP N 91 51.77 -63.20 27.21
CA ASP N 91 53.00 -62.44 27.36
C ASP N 91 52.82 -61.24 28.29
N GLY N 92 51.68 -61.14 28.97
CA GLY N 92 51.45 -60.06 29.92
C GLY N 92 50.96 -58.77 29.33
N SER N 93 50.65 -58.72 28.04
CA SER N 93 50.20 -57.51 27.39
C SER N 93 48.68 -57.48 27.31
N THR N 94 48.15 -56.26 27.14
CA THR N 94 46.71 -56.07 26.99
C THR N 94 46.25 -56.57 25.62
N ALA N 95 45.18 -57.35 25.61
CA ALA N 95 44.65 -57.89 24.37
C ALA N 95 43.93 -56.80 23.57
N ALA N 96 43.67 -57.10 22.30
CA ALA N 96 42.92 -56.19 21.44
C ALA N 96 41.48 -56.10 21.91
N ILE N 97 40.96 -54.88 21.99
CA ILE N 97 39.66 -54.63 22.58
C ILE N 97 38.58 -54.70 21.51
N VAL N 98 37.58 -55.54 21.74
CA VAL N 98 36.37 -55.59 20.92
C VAL N 98 35.29 -54.82 21.67
N GLU N 99 34.79 -53.75 21.06
CA GLU N 99 33.85 -52.86 21.74
C GLU N 99 32.50 -53.53 21.85
N GLU N 100 32.18 -54.04 23.03
CA GLU N 100 30.92 -54.72 23.31
C GLU N 100 30.18 -53.94 24.39
N GLY N 101 28.93 -53.59 24.11
CA GLY N 101 28.12 -52.81 25.02
C GLY N 101 27.16 -53.68 25.79
N ARG N 102 26.79 -53.22 26.98
CA ARG N 102 25.96 -53.99 27.89
C ARG N 102 24.77 -53.15 28.33
N ALA N 103 23.69 -53.83 28.72
CA ALA N 103 22.48 -53.15 29.15
C ALA N 103 21.78 -53.99 30.20
N HIS N 104 21.27 -53.32 31.23
CA HIS N 104 20.47 -53.93 32.28
C HIS N 104 19.00 -53.79 31.90
N LEU N 105 18.35 -54.91 31.65
CA LEU N 105 16.96 -54.94 31.21
C LEU N 105 16.08 -55.48 32.33
N GLU N 106 14.81 -55.12 32.28
CA GLU N 106 13.78 -55.70 33.15
C GLU N 106 12.55 -55.86 32.28
N VAL N 107 12.35 -57.07 31.77
CA VAL N 107 11.28 -57.34 30.81
C VAL N 107 10.37 -58.43 31.37
N SER N 108 9.13 -58.43 30.90
CA SER N 108 8.17 -59.49 31.20
C SER N 108 7.65 -60.05 29.88
N LEU N 109 7.48 -61.36 29.82
CA LEU N 109 7.26 -62.05 28.55
C LEU N 109 5.90 -62.75 28.53
N LEU N 110 5.14 -62.52 27.47
CA LEU N 110 3.91 -63.26 27.21
C LEU N 110 4.23 -64.40 26.26
N LEU N 111 3.96 -65.63 26.69
CA LEU N 111 4.33 -66.82 25.93
C LEU N 111 3.07 -67.53 25.46
N GLY N 112 3.02 -67.83 24.17
CA GLY N 112 1.89 -68.56 23.62
C GLY N 112 2.02 -70.06 23.82
N VAL N 113 1.08 -70.65 24.56
CA VAL N 113 1.14 -72.06 24.92
C VAL N 113 -0.01 -72.79 24.22
N HIS N 114 0.33 -73.84 23.48
CA HIS N 114 -0.66 -74.71 22.88
C HIS N 114 -0.16 -76.14 22.94
N GLY N 115 -1.07 -77.07 23.18
CA GLY N 115 -0.75 -78.47 23.32
C GLY N 115 -1.68 -79.15 24.30
N ASP N 116 -1.65 -80.48 24.28
CA ASP N 116 -2.53 -81.26 25.14
C ASP N 116 -2.08 -81.26 26.60
N GLY N 117 -0.82 -80.93 26.87
CA GLY N 117 -0.30 -80.90 28.22
C GLY N 117 -0.94 -79.84 29.10
N LEU N 118 -1.54 -78.81 28.49
CA LEU N 118 -2.34 -77.83 29.22
C LEU N 118 -3.54 -78.50 29.90
N ASP N 119 -4.06 -79.57 29.31
CA ASP N 119 -5.11 -80.35 29.95
C ASP N 119 -4.56 -81.43 30.89
N ASP N 120 -3.24 -81.64 30.90
CA ASP N 120 -2.67 -82.72 31.69
C ASP N 120 -2.04 -82.25 33.00
N HIS N 121 -1.81 -80.95 33.15
CA HIS N 121 -1.16 -80.38 34.33
C HIS N 121 -1.95 -79.17 34.79
N PRO N 122 -1.84 -78.80 36.07
CA PRO N 122 -2.34 -77.50 36.50
C PRO N 122 -1.57 -76.37 35.84
N ALA N 123 -2.26 -75.24 35.66
CA ALA N 123 -1.66 -74.08 35.00
C ALA N 123 -0.49 -73.52 35.80
N GLN N 124 -0.64 -73.46 37.13
CA GLN N 124 0.44 -72.96 37.98
C GLN N 124 1.62 -73.92 38.01
N GLU N 125 1.38 -75.23 37.80
CA GLU N 125 2.48 -76.19 37.79
C GLU N 125 3.39 -76.00 36.58
N ILE N 126 2.81 -75.92 35.38
CA ILE N 126 3.61 -75.71 34.18
C ILE N 126 4.19 -74.31 34.16
N ALA N 127 3.45 -73.33 34.72
CA ALA N 127 3.98 -71.97 34.83
C ALA N 127 5.21 -71.91 35.75
N ARG N 128 5.13 -72.59 36.90
CA ARG N 128 6.27 -72.60 37.82
C ARG N 128 7.44 -73.40 37.24
N GLN N 129 7.14 -74.45 36.48
CA GLN N 129 8.21 -75.23 35.85
C GLN N 129 8.96 -74.42 34.79
N VAL N 130 8.23 -73.69 33.94
CA VAL N 130 8.93 -72.89 32.93
C VAL N 130 9.59 -71.67 33.57
N GLN N 131 9.07 -71.17 34.70
CA GLN N 131 9.73 -70.06 35.38
C GLN N 131 11.03 -70.50 36.04
N GLU N 132 11.03 -71.66 36.71
CA GLU N 132 12.27 -72.14 37.32
C GLU N 132 13.24 -72.67 36.28
N GLN N 133 12.77 -73.03 35.08
CA GLN N 133 13.72 -73.30 34.00
C GLN N 133 14.32 -72.00 33.47
N ALA N 134 13.50 -70.96 33.30
CA ALA N 134 13.98 -69.70 32.75
C ALA N 134 14.83 -68.91 33.74
N GLY N 135 14.75 -69.23 35.04
CA GLY N 135 15.56 -68.53 36.02
C GLY N 135 17.02 -68.92 36.03
N ALA N 136 17.43 -69.92 35.24
CA ALA N 136 18.81 -70.33 35.11
C ALA N 136 19.29 -70.26 33.66
N MET N 137 18.72 -69.33 32.88
CA MET N 137 19.07 -69.18 31.48
C MET N 137 19.52 -67.76 31.16
N ARG N 138 19.72 -67.47 29.87
CA ARG N 138 20.09 -66.15 29.40
C ARG N 138 19.11 -65.70 28.33
N LEU N 139 18.91 -64.39 28.24
CA LEU N 139 17.90 -63.82 27.36
C LEU N 139 18.48 -63.02 26.20
N ALA N 140 19.55 -62.26 26.41
CA ALA N 140 20.21 -61.59 25.30
C ALA N 140 21.73 -61.59 25.49
N GLY N 141 22.25 -62.57 26.19
CA GLY N 141 23.64 -62.56 26.60
C GLY N 141 23.87 -62.16 28.03
N GLY N 142 22.80 -61.96 28.81
CA GLY N 142 22.93 -61.54 30.19
C GLY N 142 22.29 -62.54 31.15
N SER N 143 22.84 -62.62 32.35
CA SER N 143 22.28 -63.47 33.38
C SER N 143 20.97 -62.88 33.90
N ILE N 144 20.05 -63.78 34.25
CA ILE N 144 18.72 -63.39 34.72
C ILE N 144 18.74 -63.39 36.24
N LEU N 145 18.42 -62.24 36.83
CA LEU N 145 18.38 -62.13 38.29
C LEU N 145 17.08 -62.74 38.81
N PRO N 146 17.14 -63.81 39.58
CA PRO N 146 15.92 -64.57 39.90
C PRO N 146 15.20 -64.10 41.15
N TRP N 147 15.44 -62.86 41.59
CA TRP N 147 14.66 -62.17 42.63
C TRP N 147 14.77 -62.89 43.98
N CYS N 148 15.95 -62.75 44.57
CA CYS N 148 16.23 -63.32 45.89
C CYS N 148 16.13 -62.24 46.97
N ASN N 149 15.42 -62.57 48.05
CA ASN N 149 15.39 -61.80 49.31
C ASN N 149 14.89 -60.37 49.14
N GLU N 150 13.95 -60.16 48.22
CA GLU N 150 13.22 -58.92 48.16
C GLU N 150 11.91 -59.06 48.94
N ARG N 151 10.99 -58.11 48.75
CA ARG N 151 9.75 -58.09 49.53
C ARG N 151 8.77 -59.15 49.05
N PHE N 152 8.32 -59.04 47.81
CA PHE N 152 7.22 -59.87 47.33
C PHE N 152 7.55 -60.40 45.93
N PRO N 153 7.91 -61.68 45.81
CA PRO N 153 8.22 -62.22 44.49
C PRO N 153 6.96 -62.44 43.66
N ALA N 154 7.15 -62.46 42.34
CA ALA N 154 6.03 -62.53 41.42
C ALA N 154 6.00 -63.88 40.71
N PRO N 155 5.03 -64.75 41.02
CA PRO N 155 4.84 -65.95 40.19
C PRO N 155 4.19 -65.62 38.86
N ASN N 156 4.04 -66.61 37.99
CA ASN N 156 3.39 -66.38 36.70
C ASN N 156 1.88 -66.32 36.87
N ALA N 157 1.20 -66.11 35.75
CA ALA N 157 -0.25 -66.23 35.68
C ALA N 157 -0.58 -66.71 34.26
N GLU N 158 -0.70 -68.03 34.11
CA GLU N 158 -1.06 -68.61 32.83
C GLU N 158 -2.56 -68.48 32.65
N LEU N 159 -2.98 -67.75 31.62
CA LEU N 159 -4.38 -67.46 31.36
C LEU N 159 -4.78 -68.17 30.08
N LEU N 160 -5.81 -69.00 30.16
CA LEU N 160 -6.26 -69.76 29.00
C LEU N 160 -7.00 -68.83 28.03
N MET N 161 -6.57 -68.83 26.78
CA MET N 161 -7.18 -67.95 25.77
C MET N 161 -8.49 -68.50 25.24
N LEU N 162 -8.84 -69.74 25.55
CA LEU N 162 -10.15 -70.30 25.20
C LEU N 162 -11.14 -69.88 26.28
N GLY N 163 -11.61 -68.64 26.17
CA GLY N 163 -12.55 -68.12 27.14
C GLY N 163 -13.95 -68.66 26.91
N GLY N 164 -14.65 -68.90 28.02
CA GLY N 164 -16.02 -69.35 27.94
C GLY N 164 -16.95 -68.29 27.40
N SER N 165 -16.70 -67.03 27.74
CA SER N 165 -17.48 -65.90 27.25
C SER N 165 -16.54 -64.81 26.76
N ASP N 166 -17.07 -63.94 25.91
CA ASP N 166 -16.27 -62.84 25.38
C ASP N 166 -15.95 -61.81 26.45
N GLU N 167 -16.88 -61.58 27.38
CA GLU N 167 -16.63 -60.62 28.45
C GLU N 167 -15.61 -61.15 29.45
N GLN N 168 -15.65 -62.46 29.73
CA GLN N 168 -14.65 -63.04 30.64
C GLN N 168 -13.27 -63.05 30.00
N ARG N 169 -13.19 -63.33 28.69
CA ARG N 169 -11.93 -63.25 27.97
C ARG N 169 -11.40 -61.82 27.94
N ARG N 170 -12.29 -60.85 27.75
CA ARG N 170 -11.90 -59.44 27.77
C ARG N 170 -11.39 -59.02 29.14
N LYS N 171 -12.06 -59.46 30.21
CA LYS N 171 -11.62 -59.13 31.56
C LYS N 171 -10.28 -59.79 31.88
N ASN N 172 -10.07 -61.03 31.41
CA ASN N 172 -8.79 -61.69 31.60
C ASN N 172 -7.67 -60.97 30.87
N GLN N 173 -7.93 -60.53 29.63
CA GLN N 173 -6.90 -59.81 28.87
C GLN N 173 -6.60 -58.45 29.49
N ARG N 174 -7.61 -57.78 30.03
CA ARG N 174 -7.38 -56.49 30.67
C ARG N 174 -6.63 -56.63 32.00
N ARG N 175 -6.91 -57.71 32.75
CA ARG N 175 -6.14 -57.96 33.97
C ARG N 175 -4.69 -58.32 33.66
N LEU N 176 -4.47 -59.12 32.60
CA LEU N 176 -3.11 -59.45 32.20
C LEU N 176 -2.38 -58.23 31.65
N THR N 177 -3.08 -57.30 31.03
CA THR N 177 -2.46 -56.04 30.62
C THR N 177 -2.15 -55.16 31.82
N ARG N 178 -3.01 -55.21 32.85
CA ARG N 178 -2.76 -54.45 34.07
C ARG N 178 -1.56 -54.98 34.84
N ARG N 179 -1.29 -56.30 34.72
CA ARG N 179 -0.10 -56.86 35.36
C ARG N 179 1.18 -56.30 34.76
N LEU N 180 1.27 -56.27 33.43
CA LEU N 180 2.45 -55.78 32.72
C LEU N 180 2.33 -54.30 32.35
N LEU N 181 1.96 -53.48 33.32
CA LEU N 181 1.62 -52.08 33.04
C LEU N 181 2.81 -51.13 32.82
N PRO N 182 3.91 -51.10 33.67
CA PRO N 182 4.93 -50.07 33.42
C PRO N 182 5.92 -50.45 32.32
N GLY N 183 5.42 -50.66 31.11
CA GLY N 183 6.28 -51.07 30.01
C GLY N 183 5.61 -50.78 28.69
N PHE N 184 6.29 -51.17 27.62
CA PHE N 184 5.85 -50.89 26.27
C PHE N 184 5.98 -52.14 25.41
N ALA N 185 4.89 -52.58 24.81
CA ALA N 185 4.93 -53.68 23.87
C ALA N 185 5.68 -53.27 22.60
N LEU N 186 6.66 -54.08 22.21
CA LEU N 186 7.43 -53.87 21.00
C LEU N 186 6.87 -54.75 19.90
N VAL N 187 6.38 -54.12 18.83
CA VAL N 187 5.70 -54.81 17.74
C VAL N 187 6.40 -54.49 16.44
N SER N 188 6.09 -55.28 15.41
CA SER N 188 6.67 -55.13 14.09
C SER N 188 5.73 -54.35 13.19
N ARG N 189 6.30 -53.50 12.34
CA ARG N 189 5.56 -52.52 11.55
C ARG N 189 5.98 -52.58 10.08
N GLU N 190 5.93 -53.78 9.50
CA GLU N 190 6.26 -53.95 8.09
C GLU N 190 5.29 -53.19 7.19
N ALA N 191 4.00 -53.18 7.55
CA ALA N 191 3.00 -52.47 6.74
C ALA N 191 3.21 -50.95 6.81
N LEU N 192 3.51 -50.43 8.01
CA LEU N 192 3.75 -48.99 8.16
C LEU N 192 5.03 -48.56 7.45
N LEU N 193 6.08 -49.37 7.54
CA LEU N 193 7.33 -49.06 6.85
C LEU N 193 7.16 -49.13 5.33
N GLN N 194 6.39 -50.11 4.85
CA GLN N 194 6.14 -50.21 3.42
C GLN N 194 5.30 -49.05 2.90
N GLN N 195 4.28 -48.64 3.65
CA GLN N 195 3.46 -47.53 3.18
C GLN N 195 4.21 -46.20 3.31
N HIS N 196 5.14 -46.09 4.26
CA HIS N 196 5.98 -44.89 4.32
C HIS N 196 7.01 -44.89 3.19
N LEU N 197 7.46 -46.07 2.78
CA LEU N 197 8.32 -46.19 1.60
C LEU N 197 7.58 -45.77 0.34
N GLU N 198 6.30 -46.16 0.21
CA GLU N 198 5.49 -45.72 -0.92
C GLU N 198 5.24 -44.22 -0.89
N THR N 199 5.05 -43.66 0.31
CA THR N 199 4.87 -42.22 0.46
C THR N 199 6.13 -41.45 0.05
N LEU N 200 7.30 -41.95 0.45
CA LEU N 200 8.55 -41.34 0.02
C LEU N 200 8.81 -41.53 -1.47
N ARG N 201 8.39 -42.67 -2.05
CA ARG N 201 8.56 -42.88 -3.47
C ARG N 201 7.66 -41.96 -4.29
N THR N 202 6.47 -41.64 -3.76
CA THR N 202 5.67 -40.57 -4.37
C THR N 202 6.32 -39.22 -4.16
N THR N 203 6.99 -39.02 -3.02
CA THR N 203 7.71 -37.77 -2.77
C THR N 203 8.95 -37.68 -3.65
N LEU N 204 9.75 -38.74 -3.69
CA LEU N 204 10.94 -38.78 -4.54
C LEU N 204 11.23 -40.22 -4.98
N PRO N 205 11.40 -40.45 -6.29
CA PRO N 205 11.60 -41.83 -6.76
C PRO N 205 12.97 -42.42 -6.39
N GLU N 206 13.19 -43.67 -6.81
CA GLU N 206 14.35 -44.54 -6.52
C GLU N 206 14.83 -44.48 -5.06
N ALA N 207 13.90 -44.39 -4.12
CA ALA N 207 14.22 -44.37 -2.70
C ALA N 207 14.13 -45.78 -2.15
N THR N 208 15.19 -46.22 -1.48
CA THR N 208 15.24 -47.57 -0.96
C THR N 208 14.47 -47.66 0.36
N THR N 209 14.28 -48.90 0.82
CA THR N 209 13.63 -49.13 2.10
C THR N 209 14.50 -48.68 3.27
N LEU N 210 15.82 -48.64 3.07
CA LEU N 210 16.74 -48.15 4.09
C LEU N 210 16.51 -46.66 4.37
N ASP N 211 16.26 -45.87 3.32
CA ASP N 211 16.04 -44.44 3.51
C ASP N 211 14.69 -44.18 4.16
N ALA N 212 13.69 -45.00 3.85
CA ALA N 212 12.39 -44.87 4.51
C ALA N 212 12.48 -45.30 5.96
N LEU N 213 13.32 -46.29 6.27
CA LEU N 213 13.55 -46.67 7.66
C LEU N 213 14.30 -45.57 8.41
N LEU N 214 15.27 -44.93 7.76
CA LEU N 214 16.02 -43.85 8.38
C LEU N 214 15.15 -42.63 8.64
N ASP N 215 14.24 -42.32 7.69
CA ASP N 215 13.37 -41.16 7.83
C ASP N 215 12.37 -41.33 8.96
N LEU N 216 12.02 -42.58 9.29
CA LEU N 216 11.11 -42.88 10.38
C LEU N 216 11.79 -42.93 11.74
N CYS N 217 13.06 -42.55 11.82
CA CYS N 217 13.80 -42.56 13.07
C CYS N 217 14.44 -41.23 13.40
N ARG N 218 14.95 -40.51 12.40
CA ARG N 218 15.49 -39.18 12.64
C ARG N 218 14.37 -38.19 12.87
N ILE N 219 14.70 -37.10 13.58
CA ILE N 219 13.77 -36.01 13.77
C ILE N 219 13.90 -35.06 12.58
N ASN N 220 12.88 -35.02 11.74
CA ASN N 220 12.90 -34.17 10.57
C ASN N 220 12.45 -32.77 10.94
N PHE N 221 13.26 -31.78 10.58
CA PHE N 221 12.93 -30.38 10.83
C PHE N 221 12.47 -29.76 9.51
N GLU N 222 11.26 -29.21 9.52
CA GLU N 222 10.69 -28.64 8.32
C GLU N 222 10.71 -27.11 8.38
N PRO N 223 11.07 -26.44 7.29
CA PRO N 223 11.06 -24.98 7.29
C PRO N 223 9.63 -24.44 7.23
N PRO N 224 9.40 -23.21 7.73
CA PRO N 224 8.07 -22.62 7.65
C PRO N 224 7.65 -22.27 6.22
N TRP N 239 10.01 -23.20 12.28
CA TRP N 239 10.71 -24.46 12.09
C TRP N 239 10.14 -25.53 13.02
N GLN N 240 9.27 -26.36 12.49
CA GLN N 240 8.58 -27.40 13.24
C GLN N 240 9.24 -28.76 12.98
N VAL N 241 8.76 -29.77 13.71
CA VAL N 241 9.28 -31.12 13.62
C VAL N 241 8.22 -32.00 12.96
N ARG N 242 8.62 -32.78 11.97
CA ARG N 242 7.71 -33.71 11.32
C ARG N 242 7.41 -34.86 12.27
N ASP N 243 6.13 -35.06 12.57
CA ASP N 243 5.71 -35.97 13.61
C ASP N 243 5.79 -37.42 13.14
N LYS N 244 5.68 -38.33 14.10
CA LYS N 244 5.70 -39.76 13.86
C LYS N 244 4.49 -40.41 14.52
N PRO N 245 3.97 -41.50 13.95
CA PRO N 245 2.84 -42.20 14.58
C PRO N 245 3.15 -42.80 15.94
N GLY N 246 4.37 -43.28 16.16
CA GLY N 246 4.74 -43.91 17.42
C GLY N 246 6.20 -43.69 17.74
N TRP N 247 6.79 -44.64 18.47
CA TRP N 247 8.20 -44.52 18.83
C TRP N 247 9.09 -44.78 17.62
N LEU N 248 8.78 -45.84 16.86
CA LEU N 248 9.34 -46.14 15.53
C LEU N 248 10.86 -46.32 15.59
N VAL N 249 11.27 -47.36 16.30
CA VAL N 249 12.67 -47.73 16.42
C VAL N 249 13.11 -48.52 15.19
N PRO N 250 14.39 -48.53 14.84
CA PRO N 250 14.87 -49.49 13.84
C PRO N 250 15.26 -50.81 14.48
N ILE N 251 14.60 -51.89 14.12
CA ILE N 251 14.87 -53.18 14.75
C ILE N 251 15.57 -54.09 13.75
N PRO N 252 16.35 -55.07 14.21
CA PRO N 252 16.76 -56.16 13.32
C PRO N 252 15.57 -57.07 13.02
N ALA N 253 15.17 -57.11 11.75
CA ALA N 253 13.95 -57.82 11.35
C ALA N 253 14.22 -59.25 10.92
N GLY N 254 15.45 -59.73 11.01
CA GLY N 254 15.74 -61.10 10.66
C GLY N 254 17.05 -61.21 9.92
N TYR N 255 17.19 -62.31 9.17
CA TYR N 255 18.42 -62.61 8.45
C TYR N 255 18.09 -63.04 7.03
N ASN N 256 18.77 -62.44 6.06
CA ASN N 256 18.61 -62.77 4.65
C ASN N 256 19.81 -63.59 4.18
N ALA N 257 19.57 -64.40 3.14
CA ALA N 257 20.60 -65.31 2.64
C ALA N 257 21.74 -64.55 1.99
N LEU N 258 22.96 -64.93 2.33
CA LEU N 258 24.16 -64.40 1.73
C LEU N 258 24.98 -65.49 1.05
N SER N 259 24.55 -66.75 1.17
CA SER N 259 25.26 -67.90 0.65
C SER N 259 24.26 -69.03 0.49
N PRO N 260 24.55 -70.02 -0.36
CA PRO N 260 23.71 -71.21 -0.40
C PRO N 260 23.82 -72.02 0.89
N LEU N 261 22.75 -72.74 1.20
CA LEU N 261 22.69 -73.55 2.42
C LEU N 261 23.61 -74.74 2.27
N TYR N 262 24.79 -74.66 2.91
CA TYR N 262 25.78 -75.71 2.79
C TYR N 262 25.39 -76.92 3.64
N LEU N 263 26.10 -78.02 3.40
CA LEU N 263 25.87 -79.27 4.12
C LEU N 263 26.30 -79.13 5.59
N PRO N 264 25.73 -79.95 6.49
CA PRO N 264 26.10 -79.85 7.91
C PRO N 264 27.58 -80.08 8.20
N GLY N 265 28.24 -80.96 7.47
CA GLY N 265 29.67 -81.12 7.62
C GLY N 265 30.51 -80.29 6.68
N GLU N 266 29.87 -79.49 5.82
CA GLU N 266 30.62 -78.75 4.81
C GLU N 266 31.36 -77.55 5.40
N VAL N 267 30.70 -76.81 6.30
CA VAL N 267 31.25 -75.54 6.79
C VAL N 267 32.28 -75.84 7.87
N ARG N 268 33.49 -75.32 7.68
CA ARG N 268 34.56 -75.52 8.63
C ARG N 268 34.33 -74.67 9.87
N ASN N 269 34.61 -75.25 11.05
CA ASN N 269 34.46 -74.63 12.37
C ASN N 269 33.04 -74.16 12.65
N ALA N 270 32.05 -74.96 12.26
CA ALA N 270 30.67 -74.67 12.59
C ALA N 270 30.41 -75.00 14.06
N ARG N 271 29.27 -74.52 14.57
CA ARG N 271 28.89 -74.80 15.96
C ARG N 271 28.62 -76.29 16.18
N ASP N 272 27.91 -76.91 15.24
CA ASP N 272 27.77 -78.36 15.24
C ASP N 272 27.78 -78.84 13.80
N ARG N 273 28.24 -80.08 13.61
CA ARG N 273 28.36 -80.68 12.29
C ARG N 273 27.11 -81.45 11.89
N GLU N 274 25.99 -81.22 12.56
CA GLU N 274 24.72 -81.83 12.21
C GLU N 274 23.67 -80.83 11.73
N THR N 275 23.85 -79.54 12.00
CA THR N 275 22.98 -78.45 11.58
C THR N 275 23.56 -77.78 10.34
N PRO N 276 22.80 -77.60 9.27
CA PRO N 276 23.31 -76.89 8.10
C PRO N 276 23.57 -75.42 8.38
N LEU N 277 24.62 -74.88 7.76
CA LEU N 277 25.02 -73.50 7.94
C LEU N 277 24.87 -72.73 6.64
N ARG N 278 24.42 -71.49 6.76
CA ARG N 278 24.30 -70.58 5.63
C ARG N 278 24.70 -69.19 6.12
N PHE N 279 25.63 -68.56 5.42
CA PHE N 279 26.03 -67.21 5.79
C PHE N 279 24.89 -66.23 5.49
N VAL N 280 24.63 -65.32 6.43
CA VAL N 280 23.49 -64.42 6.35
C VAL N 280 23.94 -62.97 6.48
N GLU N 281 23.00 -62.08 6.18
CA GLU N 281 23.12 -60.64 6.40
C GLU N 281 21.92 -60.19 7.22
N ASN N 282 22.13 -59.18 8.07
CA ASN N 282 21.07 -58.70 8.93
C ASN N 282 19.98 -57.99 8.12
N LEU N 283 18.73 -58.28 8.46
CA LEU N 283 17.58 -57.60 7.88
C LEU N 283 17.07 -56.56 8.89
N PHE N 284 16.83 -55.34 8.40
CA PHE N 284 16.44 -54.23 9.24
C PHE N 284 15.01 -53.81 8.92
N GLY N 285 14.17 -53.75 9.95
CA GLY N 285 12.80 -53.31 9.79
C GLY N 285 12.46 -52.22 10.79
N LEU N 286 11.20 -51.84 10.80
CA LEU N 286 10.69 -50.80 11.69
C LEU N 286 9.89 -51.46 12.81
N GLY N 287 10.25 -51.18 14.05
CA GLY N 287 9.47 -51.63 15.18
C GLY N 287 8.81 -50.46 15.88
N GLU N 288 7.79 -50.72 16.68
CA GLU N 288 7.10 -49.67 17.40
C GLU N 288 6.88 -50.10 18.84
N TRP N 289 7.13 -49.16 19.76
CA TRP N 289 6.85 -49.35 21.17
C TRP N 289 5.52 -48.67 21.48
N LEU N 290 4.56 -49.43 21.98
CA LEU N 290 3.25 -48.90 22.31
C LEU N 290 2.91 -49.24 23.76
N SER N 291 2.03 -48.43 24.33
CA SER N 291 1.44 -48.83 25.60
C SER N 291 0.52 -50.02 25.38
N PRO N 292 0.63 -51.08 26.19
CA PRO N 292 -0.04 -52.36 25.87
C PRO N 292 -1.57 -52.32 26.01
N HIS N 293 -2.15 -51.23 26.50
CA HIS N 293 -3.59 -51.05 26.50
C HIS N 293 -4.14 -50.67 25.12
N ARG N 294 -3.28 -50.39 24.15
CA ARG N 294 -3.70 -49.99 22.81
C ARG N 294 -3.71 -51.16 21.84
N VAL N 295 -4.02 -52.37 22.31
CA VAL N 295 -4.09 -53.54 21.47
C VAL N 295 -5.43 -54.23 21.72
N ALA N 296 -5.93 -54.93 20.69
CA ALA N 296 -7.19 -55.64 20.83
C ALA N 296 -7.05 -56.85 21.74
N ALA N 297 -6.00 -57.65 21.53
CA ALA N 297 -5.71 -58.79 22.37
C ALA N 297 -4.20 -58.85 22.59
N LEU N 298 -3.81 -59.42 23.73
CA LEU N 298 -2.39 -59.54 24.06
C LEU N 298 -1.69 -60.63 23.27
N SER N 299 -2.43 -61.48 22.55
CA SER N 299 -1.82 -62.44 21.65
C SER N 299 -1.32 -61.79 20.36
N ASP N 300 -1.70 -60.54 20.10
CA ASP N 300 -1.19 -59.83 18.93
C ASP N 300 0.27 -59.42 19.12
N LEU N 301 0.72 -59.28 20.36
CA LEU N 301 2.07 -58.83 20.67
C LEU N 301 3.10 -59.94 20.56
N LEU N 302 2.69 -61.18 20.29
CA LEU N 302 3.61 -62.31 20.28
C LEU N 302 4.53 -62.25 19.07
N TRP N 303 5.82 -62.40 19.31
CA TRP N 303 6.82 -62.42 18.25
C TRP N 303 7.03 -63.88 17.79
N TYR N 304 6.75 -64.13 16.52
CA TYR N 304 6.84 -65.46 15.95
C TYR N 304 8.01 -65.54 14.98
N HIS N 305 8.65 -66.70 14.95
CA HIS N 305 9.61 -67.02 13.90
C HIS N 305 8.89 -67.20 12.58
N HIS N 306 9.62 -66.97 11.48
CA HIS N 306 9.11 -67.24 10.15
C HIS N 306 10.34 -67.46 9.27
N ALA N 307 10.63 -68.73 8.96
CA ALA N 307 11.89 -69.07 8.34
C ALA N 307 11.89 -68.80 6.83
N GLU N 308 10.98 -69.47 6.10
CA GLU N 308 10.99 -69.54 4.65
C GLU N 308 12.37 -69.94 4.10
N PRO N 309 12.85 -71.13 4.43
CA PRO N 309 14.29 -71.42 4.27
C PRO N 309 14.75 -71.60 2.83
N ASP N 310 13.84 -71.68 1.86
CA ASP N 310 14.26 -71.80 0.46
C ASP N 310 14.75 -70.47 -0.10
N LYS N 311 14.37 -69.36 0.52
CA LYS N 311 14.71 -68.03 0.03
C LYS N 311 15.45 -67.18 1.06
N GLY N 312 16.11 -67.83 2.03
CA GLY N 312 16.69 -67.09 3.14
C GLY N 312 15.62 -66.60 4.07
N LEU N 313 15.58 -65.28 4.32
CA LEU N 313 14.42 -64.59 4.91
C LEU N 313 14.05 -65.09 6.31
N TYR N 314 15.06 -65.44 7.09
CA TYR N 314 14.83 -65.98 8.43
C TYR N 314 14.43 -64.84 9.35
N ARG N 315 13.13 -64.56 9.36
CA ARG N 315 12.59 -63.38 10.02
C ARG N 315 11.95 -63.73 11.36
N TRP N 316 11.78 -62.70 12.17
CA TRP N 316 10.90 -62.73 13.33
C TRP N 316 9.98 -61.53 13.23
N SER N 317 8.71 -61.73 13.57
CA SER N 317 7.73 -60.66 13.38
C SER N 317 6.67 -60.75 14.45
N THR N 318 5.61 -59.95 14.31
CA THR N 318 4.40 -60.07 15.12
C THR N 318 3.23 -60.26 14.16
N PRO N 319 2.95 -61.48 13.72
CA PRO N 319 1.76 -61.73 12.93
C PRO N 319 0.52 -61.64 13.80
N ARG N 320 -0.63 -61.48 13.13
CA ARG N 320 -1.95 -61.25 13.75
C ARG N 320 -1.94 -60.04 14.68
N PHE N 321 -1.21 -58.99 14.29
CA PHE N 321 -1.16 -57.78 15.10
C PHE N 321 -2.37 -56.89 14.81
N VAL N 322 -2.49 -56.41 13.58
CA VAL N 322 -3.62 -55.58 13.19
C VAL N 322 -4.22 -56.11 11.90
N MET O 1 -48.60 -74.50 73.90
CA MET O 1 -47.52 -74.97 73.05
C MET O 1 -48.06 -75.51 71.72
N ASP O 2 -49.37 -75.77 71.69
CA ASP O 2 -50.00 -76.34 70.50
C ASP O 2 -50.21 -75.32 69.38
N HIS O 3 -50.42 -74.06 69.72
CA HIS O 3 -50.71 -73.04 68.72
C HIS O 3 -49.45 -72.28 68.32
N TYR O 4 -49.46 -71.75 67.10
CA TYR O 4 -48.36 -70.94 66.60
C TYR O 4 -48.91 -69.74 65.84
N LEU O 5 -48.12 -68.67 65.83
CA LEU O 5 -48.45 -67.43 65.14
C LEU O 5 -47.23 -66.98 64.35
N ASP O 6 -47.42 -66.70 63.08
CA ASP O 6 -46.35 -66.25 62.20
C ASP O 6 -46.48 -64.75 61.98
N ILE O 7 -45.47 -64.01 62.40
CA ILE O 7 -45.40 -62.56 62.18
C ILE O 7 -44.33 -62.33 61.12
N ARG O 8 -44.74 -61.85 59.94
CA ARG O 8 -43.82 -61.58 58.86
C ARG O 8 -43.63 -60.07 58.74
N LEU O 9 -42.38 -59.65 58.67
CA LEU O 9 -42.05 -58.24 58.51
C LEU O 9 -42.41 -57.81 57.10
N ARG O 10 -43.40 -56.92 56.98
CA ARG O 10 -43.66 -56.29 55.69
C ARG O 10 -42.47 -55.39 55.34
N PRO O 11 -41.98 -55.46 54.10
CA PRO O 11 -40.78 -54.71 53.74
C PRO O 11 -40.98 -53.20 53.79
N ASP O 12 -39.92 -52.50 54.16
CA ASP O 12 -39.97 -51.08 54.42
C ASP O 12 -38.97 -50.36 53.53
N PRO O 13 -39.36 -49.29 52.83
CA PRO O 13 -38.38 -48.49 52.09
C PRO O 13 -37.46 -47.66 52.97
N GLU O 14 -37.69 -47.62 54.29
CA GLU O 14 -36.87 -46.85 55.21
C GLU O 14 -35.83 -47.71 55.94
N PHE O 15 -36.18 -48.94 56.32
CA PHE O 15 -35.30 -49.76 57.15
C PHE O 15 -35.07 -51.12 56.50
N PRO O 16 -33.83 -51.60 56.47
CA PRO O 16 -33.58 -53.03 56.27
C PRO O 16 -34.20 -53.84 57.39
N PRO O 17 -34.59 -55.10 57.13
CA PRO O 17 -35.41 -55.86 58.09
C PRO O 17 -34.71 -56.25 59.39
N ALA O 18 -33.39 -56.04 59.52
CA ALA O 18 -32.70 -56.39 60.76
C ALA O 18 -33.16 -55.51 61.92
N GLN O 19 -33.35 -54.21 61.68
CA GLN O 19 -33.84 -53.33 62.73
C GLN O 19 -35.30 -53.59 63.04
N LEU O 20 -36.08 -54.01 62.05
CA LEU O 20 -37.47 -54.41 62.32
C LEU O 20 -37.50 -55.66 63.20
N MET O 21 -36.61 -56.62 62.94
CA MET O 21 -36.48 -57.79 63.81
C MET O 21 -36.08 -57.39 65.22
N SER O 22 -35.15 -56.45 65.34
CA SER O 22 -34.70 -55.99 66.66
C SER O 22 -35.81 -55.29 67.43
N VAL O 23 -36.58 -54.43 66.76
CA VAL O 23 -37.68 -53.71 67.39
C VAL O 23 -38.79 -54.67 67.81
N LEU O 24 -39.13 -55.62 66.93
CA LEU O 24 -40.15 -56.62 67.26
C LEU O 24 -39.69 -57.52 68.41
N PHE O 25 -38.40 -57.87 68.44
CA PHE O 25 -37.87 -58.70 69.53
C PHE O 25 -37.90 -57.95 70.86
N GLY O 26 -37.55 -56.66 70.85
CA GLY O 26 -37.65 -55.88 72.08
C GLY O 26 -39.07 -55.68 72.55
N LYS O 27 -40.00 -55.48 71.60
CA LYS O 27 -41.40 -55.31 71.97
C LYS O 27 -42.01 -56.60 72.53
N LEU O 28 -41.67 -57.76 71.94
CA LEU O 28 -42.16 -59.01 72.49
C LEU O 28 -41.47 -59.35 73.82
N HIS O 29 -40.23 -58.89 74.00
CA HIS O 29 -39.58 -59.04 75.30
C HIS O 29 -40.28 -58.23 76.37
N GLN O 30 -40.68 -56.99 76.05
CA GLN O 30 -41.43 -56.16 77.00
C GLN O 30 -42.81 -56.77 77.28
N ALA O 31 -43.45 -57.32 76.25
CA ALA O 31 -44.74 -57.98 76.42
C ALA O 31 -44.63 -59.21 77.31
N LEU O 32 -43.54 -59.98 77.15
CA LEU O 32 -43.36 -61.18 77.96
C LEU O 32 -42.95 -60.84 79.38
N VAL O 33 -42.26 -59.72 79.58
CA VAL O 33 -41.99 -59.24 80.93
C VAL O 33 -43.27 -58.80 81.62
N ALA O 34 -44.14 -58.08 80.90
CA ALA O 34 -45.38 -57.58 81.50
C ALA O 34 -46.38 -58.70 81.74
N GLN O 35 -46.44 -59.70 80.85
CA GLN O 35 -47.47 -60.72 80.96
C GLN O 35 -47.08 -61.81 81.96
N GLY O 36 -45.89 -62.37 81.81
CA GLY O 36 -45.47 -63.47 82.64
C GLY O 36 -45.80 -64.82 82.02
N GLY O 37 -45.07 -65.84 82.46
CA GLY O 37 -45.16 -67.16 81.85
C GLY O 37 -43.91 -67.56 81.11
N ASP O 38 -43.80 -68.86 80.80
CA ASP O 38 -42.58 -69.42 80.24
C ASP O 38 -42.91 -70.56 79.29
N ARG O 39 -44.14 -70.57 78.80
CA ARG O 39 -44.56 -71.52 77.79
C ARG O 39 -44.75 -70.84 76.43
N ILE O 40 -43.93 -69.83 76.15
CA ILE O 40 -44.03 -69.05 74.92
C ILE O 40 -42.75 -69.24 74.14
N GLY O 41 -42.85 -69.89 72.96
CA GLY O 41 -41.67 -70.19 72.18
C GLY O 41 -41.40 -69.15 71.09
N VAL O 42 -40.17 -69.20 70.57
CA VAL O 42 -39.72 -68.30 69.51
C VAL O 42 -38.91 -69.12 68.52
N SER O 43 -39.22 -68.99 67.23
CA SER O 43 -38.49 -69.65 66.16
C SER O 43 -38.22 -68.66 65.04
N PHE O 44 -37.48 -69.13 64.03
CA PHE O 44 -37.21 -68.35 62.82
C PHE O 44 -37.43 -69.27 61.63
N PRO O 45 -38.56 -69.11 60.91
CA PRO O 45 -38.96 -70.13 59.92
C PRO O 45 -38.05 -70.19 58.69
N ASP O 46 -37.58 -69.06 58.19
CA ASP O 46 -36.68 -69.02 57.04
C ASP O 46 -35.25 -68.75 57.46
N LEU O 47 -34.81 -69.36 58.57
CA LEU O 47 -33.46 -69.20 59.06
C LEU O 47 -32.48 -69.93 58.14
N ASP O 48 -31.73 -69.17 57.35
CA ASP O 48 -30.69 -69.72 56.49
C ASP O 48 -29.38 -69.73 57.26
N GLU O 49 -28.74 -70.90 57.31
CA GLU O 49 -27.48 -71.07 58.01
C GLU O 49 -26.26 -70.80 57.12
N SER O 50 -26.48 -70.39 55.87
CA SER O 50 -25.36 -70.13 54.96
C SER O 50 -24.60 -68.87 55.37
N ARG O 51 -25.31 -67.79 55.67
CA ARG O 51 -24.68 -66.53 56.07
C ARG O 51 -25.15 -66.08 57.45
N SER O 52 -25.68 -67.02 58.25
CA SER O 52 -26.24 -66.77 59.59
C SER O 52 -27.32 -65.69 59.56
N ARG O 53 -28.19 -65.77 58.56
CA ARG O 53 -29.26 -64.79 58.38
C ARG O 53 -30.48 -65.19 59.20
N LEU O 54 -31.11 -64.18 59.81
CA LEU O 54 -32.33 -64.43 60.59
C LEU O 54 -33.49 -64.80 59.69
N GLY O 55 -33.60 -64.17 58.53
CA GLY O 55 -34.72 -64.40 57.63
C GLY O 55 -35.60 -63.17 57.52
N GLU O 56 -36.89 -63.39 57.27
CA GLU O 56 -37.86 -62.30 57.20
C GLU O 56 -39.16 -62.59 57.93
N ARG O 57 -39.28 -63.75 58.58
CA ARG O 57 -40.46 -64.10 59.36
C ARG O 57 -40.04 -64.52 60.77
N LEU O 58 -41.00 -64.51 61.67
CA LEU O 58 -40.81 -64.93 63.05
C LEU O 58 -41.98 -65.80 63.47
N ARG O 59 -41.69 -66.84 64.25
CA ARG O 59 -42.70 -67.81 64.66
C ARG O 59 -42.78 -67.84 66.17
N ILE O 60 -44.01 -67.75 66.71
CA ILE O 60 -44.26 -67.79 68.14
C ILE O 60 -45.11 -69.01 68.44
N HIS O 61 -44.65 -69.85 69.35
CA HIS O 61 -45.37 -71.06 69.75
C HIS O 61 -45.83 -70.93 71.19
N ALA O 62 -47.13 -71.06 71.41
CA ALA O 62 -47.71 -70.93 72.74
C ALA O 62 -49.09 -71.58 72.75
N SER O 63 -49.79 -71.45 73.87
CA SER O 63 -51.13 -71.99 74.04
C SER O 63 -52.16 -71.01 73.47
N ALA O 64 -53.44 -71.40 73.56
CA ALA O 64 -54.51 -70.55 73.06
C ALA O 64 -54.72 -69.33 73.95
N ASP O 65 -54.81 -69.54 75.27
CA ASP O 65 -55.09 -68.45 76.19
C ASP O 65 -53.91 -67.50 76.31
N ASP O 66 -52.70 -68.04 76.28
CA ASP O 66 -51.50 -67.21 76.35
C ASP O 66 -51.34 -66.34 75.10
N LEU O 67 -51.61 -66.89 73.92
CA LEU O 67 -51.54 -66.09 72.71
C LEU O 67 -52.68 -65.09 72.63
N ARG O 68 -53.86 -65.44 73.16
CA ARG O 68 -54.96 -64.48 73.22
C ARG O 68 -54.63 -63.32 74.15
N ALA O 69 -53.98 -63.60 75.28
CA ALA O 69 -53.54 -62.53 76.17
C ALA O 69 -52.39 -61.74 75.57
N LEU O 70 -51.57 -62.36 74.71
CA LEU O 70 -50.49 -61.65 74.04
C LEU O 70 -51.04 -60.69 72.99
N LEU O 71 -52.04 -61.12 72.23
CA LEU O 71 -52.67 -60.20 71.27
C LEU O 71 -53.53 -59.16 71.98
N ALA O 72 -54.07 -59.49 73.16
CA ALA O 72 -54.81 -58.50 73.94
C ALA O 72 -53.89 -57.49 74.62
N ARG O 73 -52.61 -57.82 74.76
CA ARG O 73 -51.65 -56.89 75.33
C ARG O 73 -51.41 -55.73 74.36
N PRO O 74 -51.30 -54.48 74.86
CA PRO O 74 -51.13 -53.33 73.96
C PRO O 74 -49.71 -53.11 73.45
N TRP O 75 -48.85 -54.13 73.54
CA TRP O 75 -47.51 -54.07 72.99
C TRP O 75 -47.48 -53.95 71.47
N LEU O 76 -48.55 -54.36 70.79
CA LEU O 76 -48.58 -54.43 69.34
C LEU O 76 -48.88 -53.09 68.69
N GLU O 77 -49.17 -52.05 69.48
CA GLU O 77 -49.43 -50.73 68.92
C GLU O 77 -48.15 -50.11 68.38
N GLY O 78 -48.26 -49.48 67.21
CA GLY O 78 -47.12 -48.89 66.55
C GLY O 78 -46.33 -49.83 65.68
N LEU O 79 -46.70 -51.11 65.63
CA LEU O 79 -45.99 -52.09 64.80
C LEU O 79 -46.86 -52.65 63.69
N ARG O 80 -48.09 -52.15 63.51
CA ARG O 80 -48.98 -52.70 62.49
C ARG O 80 -48.56 -52.34 61.08
N ASP O 81 -47.79 -51.26 60.91
CA ASP O 81 -47.35 -50.87 59.57
C ASP O 81 -46.23 -51.79 59.06
N HIS O 82 -45.31 -52.17 59.94
CA HIS O 82 -44.13 -52.92 59.53
C HIS O 82 -44.32 -54.42 59.56
N LEU O 83 -45.32 -54.92 60.26
CA LEU O 83 -45.54 -56.35 60.43
C LEU O 83 -46.93 -56.72 59.96
N GLN O 84 -47.09 -57.98 59.55
CA GLN O 84 -48.41 -58.54 59.35
C GLN O 84 -48.41 -60.00 59.80
N PHE O 85 -49.55 -60.44 60.30
CA PHE O 85 -49.68 -61.74 60.95
C PHE O 85 -51.06 -62.30 60.68
N GLY O 86 -51.18 -63.61 60.82
CA GLY O 86 -52.47 -64.26 60.64
C GLY O 86 -53.23 -64.46 61.93
N GLU O 87 -53.44 -65.72 62.30
CA GLU O 87 -54.16 -66.08 63.51
C GLU O 87 -53.36 -67.11 64.30
N PRO O 88 -53.57 -67.23 65.62
CA PRO O 88 -52.91 -68.30 66.37
C PRO O 88 -53.47 -69.68 66.04
N ALA O 89 -53.07 -70.22 64.89
CA ALA O 89 -53.51 -71.55 64.49
C ALA O 89 -52.61 -72.62 65.09
N VAL O 90 -53.10 -73.86 65.08
CA VAL O 90 -52.38 -75.00 65.65
C VAL O 90 -51.21 -75.37 64.76
N VAL O 91 -50.20 -76.01 65.35
CA VAL O 91 -49.04 -76.51 64.61
C VAL O 91 -49.45 -77.79 63.88
N PRO O 92 -48.78 -78.17 62.79
CA PRO O 92 -49.01 -79.50 62.21
C PRO O 92 -48.57 -80.60 63.16
N HIS O 93 -49.21 -81.77 63.03
CA HIS O 93 -48.90 -82.89 63.92
C HIS O 93 -47.52 -83.52 63.65
N PRO O 94 -47.17 -83.96 62.41
CA PRO O 94 -45.83 -84.58 62.31
C PRO O 94 -44.72 -83.56 62.11
N THR O 95 -44.36 -82.87 63.19
CA THR O 95 -43.36 -81.83 63.16
C THR O 95 -42.23 -82.16 64.12
N PRO O 96 -40.98 -82.26 63.64
CA PRO O 96 -39.85 -82.49 64.54
C PRO O 96 -39.58 -81.25 65.40
N TYR O 97 -39.08 -81.50 66.60
CA TYR O 97 -38.88 -80.44 67.60
C TYR O 97 -37.40 -80.11 67.71
N ARG O 98 -37.09 -78.81 67.81
CA ARG O 98 -35.74 -78.34 68.02
C ARG O 98 -35.75 -77.27 69.11
N GLN O 99 -34.58 -77.05 69.71
CA GLN O 99 -34.46 -76.08 70.80
C GLN O 99 -33.87 -74.77 70.28
N VAL O 100 -34.11 -73.71 71.03
CA VAL O 100 -33.59 -72.38 70.74
C VAL O 100 -32.83 -71.88 71.96
N SER O 101 -31.63 -71.35 71.74
CA SER O 101 -30.74 -70.99 72.83
C SER O 101 -30.12 -69.62 72.59
N ARG O 102 -29.88 -68.89 73.68
CA ARG O 102 -29.14 -67.64 73.63
C ARG O 102 -27.71 -67.92 74.02
N VAL O 103 -26.79 -67.81 73.06
CA VAL O 103 -25.38 -68.10 73.29
C VAL O 103 -24.66 -66.76 73.39
N GLN O 104 -24.35 -66.34 74.62
CA GLN O 104 -23.60 -65.11 74.83
C GLN O 104 -22.12 -65.38 74.60
N ALA O 105 -21.32 -64.31 74.71
CA ALA O 105 -19.89 -64.44 74.46
C ALA O 105 -19.13 -63.48 75.39
N LYS O 106 -17.89 -63.85 75.68
CA LYS O 106 -16.98 -62.99 76.44
C LYS O 106 -16.11 -62.19 75.47
N SER O 107 -16.77 -61.29 74.74
CA SER O 107 -16.09 -60.52 73.70
C SER O 107 -15.18 -59.44 74.25
N ASN O 108 -15.43 -58.97 75.48
CA ASN O 108 -14.59 -57.95 76.09
C ASN O 108 -13.69 -58.58 77.14
N PRO O 109 -12.38 -58.63 76.93
CA PRO O 109 -11.48 -59.04 78.02
C PRO O 109 -11.48 -58.06 79.18
N GLU O 110 -11.67 -56.76 78.91
CA GLU O 110 -11.63 -55.74 79.96
C GLU O 110 -12.79 -55.89 80.93
N ARG O 111 -13.95 -56.36 80.47
CA ARG O 111 -15.08 -56.60 81.36
C ARG O 111 -14.78 -57.72 82.36
N LEU O 112 -14.14 -58.80 81.89
CA LEU O 112 -13.75 -59.88 82.80
C LEU O 112 -12.60 -59.46 83.71
N ARG O 113 -11.72 -58.58 83.23
CA ARG O 113 -10.68 -58.03 84.09
C ARG O 113 -11.27 -57.18 85.21
N ARG O 114 -12.26 -56.34 84.88
CA ARG O 114 -12.96 -55.56 85.90
C ARG O 114 -13.78 -56.44 86.83
N ARG O 115 -14.24 -57.59 86.34
CA ARG O 115 -14.86 -58.57 87.22
C ARG O 115 -13.86 -59.14 88.22
N LEU O 116 -12.65 -59.44 87.73
CA LEU O 116 -11.62 -60.03 88.59
C LEU O 116 -11.02 -59.02 89.57
N MET O 117 -11.18 -57.73 89.31
CA MET O 117 -10.90 -56.74 90.35
C MET O 117 -11.86 -56.90 91.52
N ARG O 118 -13.12 -57.26 91.24
CA ARG O 118 -14.15 -57.35 92.27
C ARG O 118 -14.21 -58.72 92.93
N ARG O 119 -13.33 -59.65 92.58
CA ARG O 119 -13.34 -60.98 93.16
C ARG O 119 -12.03 -61.37 93.85
N HIS O 120 -10.88 -60.93 93.32
CA HIS O 120 -9.60 -61.26 93.91
C HIS O 120 -8.74 -60.05 94.22
N ASP O 121 -9.20 -58.84 93.86
CA ASP O 121 -8.52 -57.56 94.10
C ASP O 121 -7.11 -57.52 93.50
N LEU O 122 -6.96 -58.10 92.32
CA LEU O 122 -5.67 -58.12 91.64
C LEU O 122 -5.40 -56.79 90.96
N SER O 123 -4.16 -56.60 90.52
CA SER O 123 -3.75 -55.39 89.85
C SER O 123 -4.10 -55.44 88.37
N GLU O 124 -3.84 -54.32 87.69
CA GLU O 124 -4.11 -54.24 86.25
C GLU O 124 -3.16 -55.12 85.45
N GLU O 125 -1.87 -55.11 85.82
CA GLU O 125 -0.89 -55.94 85.13
C GLU O 125 -1.09 -57.42 85.42
N GLU O 126 -1.57 -57.75 86.62
CA GLU O 126 -1.93 -59.14 86.92
C GLU O 126 -3.13 -59.58 86.09
N ALA O 127 -4.07 -58.67 85.84
CA ALA O 127 -5.21 -58.98 84.97
C ALA O 127 -4.76 -59.15 83.53
N ARG O 128 -3.81 -58.34 83.07
CA ARG O 128 -3.34 -58.44 81.69
C ARG O 128 -2.50 -59.70 81.47
N LYS O 129 -1.70 -60.08 82.47
CA LYS O 129 -0.90 -61.30 82.34
C LYS O 129 -1.75 -62.55 82.52
N ARG O 130 -2.74 -62.51 83.41
CA ARG O 130 -3.61 -63.65 83.60
C ARG O 130 -4.58 -63.82 82.43
N ILE O 131 -5.17 -62.73 81.98
CA ILE O 131 -6.10 -62.77 80.84
C ILE O 131 -5.54 -61.91 79.71
N PRO O 132 -5.12 -62.51 78.60
CA PRO O 132 -4.62 -61.72 77.46
C PRO O 132 -5.79 -61.17 76.64
N ASP O 133 -5.44 -60.48 75.56
CA ASP O 133 -6.43 -59.87 74.68
C ASP O 133 -6.99 -60.83 73.64
N THR O 134 -6.48 -62.06 73.57
CA THR O 134 -6.93 -63.03 72.59
C THR O 134 -8.09 -63.89 73.10
N VAL O 135 -8.62 -63.59 74.30
CA VAL O 135 -9.73 -64.37 74.86
C VAL O 135 -11.08 -63.96 74.32
N ALA O 136 -11.14 -62.97 73.42
CA ALA O 136 -12.40 -62.53 72.86
C ALA O 136 -13.01 -63.60 71.96
N ARG O 137 -14.31 -63.81 72.10
CA ARG O 137 -15.01 -64.86 71.38
C ARG O 137 -15.75 -64.28 70.19
N ALA O 138 -15.47 -64.83 69.00
CA ALA O 138 -16.19 -64.46 67.79
C ALA O 138 -17.22 -65.56 67.51
N LEU O 139 -18.48 -65.17 67.42
CA LEU O 139 -19.59 -66.12 67.31
C LEU O 139 -20.28 -65.92 65.98
N ASP O 140 -20.28 -66.96 65.15
CA ASP O 140 -20.90 -66.91 63.83
C ASP O 140 -22.32 -67.48 63.88
N LEU O 141 -23.18 -66.79 64.62
CA LEU O 141 -24.57 -67.15 64.81
C LEU O 141 -25.44 -65.96 64.46
N PRO O 142 -26.69 -66.19 64.02
CA PRO O 142 -27.63 -65.09 63.84
C PRO O 142 -27.95 -64.39 65.16
N PHE O 143 -28.12 -63.07 65.08
CA PHE O 143 -28.21 -62.25 66.28
C PHE O 143 -29.12 -61.05 66.01
N VAL O 144 -29.72 -60.55 67.09
CA VAL O 144 -30.44 -59.28 67.09
C VAL O 144 -29.79 -58.37 68.12
N THR O 145 -29.94 -57.06 67.93
CA THR O 145 -29.28 -56.05 68.76
C THR O 145 -30.34 -55.27 69.53
N LEU O 146 -30.12 -55.08 70.84
CA LEU O 146 -31.13 -54.53 71.73
C LEU O 146 -30.53 -53.63 72.83
N ARG O 147 -31.36 -52.76 73.40
CA ARG O 147 -30.94 -51.92 74.53
C ARG O 147 -31.99 -52.08 75.61
N SER O 148 -31.58 -51.93 76.86
CA SER O 148 -32.43 -52.21 78.00
C SER O 148 -32.70 -50.95 78.81
N GLN O 149 -33.88 -50.91 79.43
CA GLN O 149 -34.21 -49.79 80.31
C GLN O 149 -33.46 -49.87 81.63
N SER O 150 -33.25 -51.09 82.13
CA SER O 150 -32.50 -51.27 83.37
C SER O 150 -31.01 -50.99 83.16
N THR O 151 -30.44 -51.55 82.10
CA THR O 151 -29.03 -51.36 81.75
C THR O 151 -28.96 -50.67 80.40
N GLY O 152 -28.51 -49.42 80.39
CA GLY O 152 -28.56 -48.58 79.20
C GLY O 152 -27.59 -48.96 78.10
N GLN O 153 -26.68 -49.91 78.36
CA GLN O 153 -25.76 -50.36 77.33
C GLN O 153 -26.48 -51.16 76.26
N HIS O 154 -26.00 -51.03 75.02
CA HIS O 154 -26.61 -51.74 73.90
C HIS O 154 -25.96 -53.12 73.78
N PHE O 155 -26.79 -54.17 73.84
CA PHE O 155 -26.30 -55.53 73.87
C PHE O 155 -26.78 -56.31 72.65
N ARG O 156 -25.98 -57.28 72.24
CA ARG O 156 -26.31 -58.18 71.14
C ARG O 156 -26.80 -59.50 71.71
N LEU O 157 -27.91 -60.01 71.17
CA LEU O 157 -28.50 -61.26 71.60
C LEU O 157 -28.40 -62.28 70.47
N PHE O 158 -27.48 -63.23 70.61
CA PHE O 158 -27.33 -64.29 69.63
C PHE O 158 -28.40 -65.35 69.84
N ILE O 159 -28.97 -65.84 68.74
CA ILE O 159 -30.00 -66.87 68.77
C ILE O 159 -29.49 -68.05 67.95
N ARG O 160 -29.55 -69.24 68.53
CA ARG O 160 -29.14 -70.46 67.83
C ARG O 160 -30.23 -71.51 67.93
N HIS O 161 -30.60 -72.09 66.80
CA HIS O 161 -31.57 -73.17 66.75
C HIS O 161 -30.85 -74.51 66.84
N GLY O 162 -31.37 -75.39 67.71
CA GLY O 162 -30.71 -76.64 67.99
C GLY O 162 -30.92 -77.67 66.91
N PRO O 163 -30.28 -78.83 67.10
CA PRO O 163 -30.52 -79.97 66.21
C PRO O 163 -31.97 -80.44 66.24
N LEU O 164 -32.41 -81.00 65.13
CA LEU O 164 -33.79 -81.42 64.95
C LEU O 164 -33.99 -82.79 65.59
N GLN O 165 -34.64 -82.80 66.75
CA GLN O 165 -34.97 -84.04 67.44
C GLN O 165 -36.28 -84.61 66.94
N VAL O 166 -36.82 -85.60 67.65
CA VAL O 166 -38.06 -86.25 67.25
C VAL O 166 -39.18 -86.04 68.25
N THR O 167 -38.91 -85.42 69.41
CA THR O 167 -39.93 -85.23 70.42
C THR O 167 -39.61 -83.97 71.22
N ALA O 168 -40.61 -83.50 71.95
CA ALA O 168 -40.48 -82.30 72.77
C ALA O 168 -40.12 -82.68 74.20
N GLU O 169 -39.48 -81.73 74.89
CA GLU O 169 -39.09 -81.89 76.29
C GLU O 169 -39.74 -80.80 77.12
N GLU O 170 -40.20 -81.18 78.31
CA GLU O 170 -40.90 -80.24 79.20
C GLU O 170 -39.89 -79.27 79.80
N GLY O 171 -39.88 -78.04 79.29
CA GLY O 171 -38.96 -77.04 79.79
C GLY O 171 -39.56 -75.66 79.64
N GLY O 172 -39.01 -74.72 80.42
CA GLY O 172 -39.50 -73.36 80.40
C GLY O 172 -38.92 -72.53 79.27
N PHE O 173 -39.40 -71.30 79.17
CA PHE O 173 -38.93 -70.33 78.20
C PHE O 173 -38.55 -69.04 78.92
N THR O 174 -37.55 -68.35 78.39
CA THR O 174 -37.11 -67.09 78.97
C THR O 174 -38.05 -65.96 78.52
N CYS O 175 -37.76 -64.74 79.01
CA CYS O 175 -38.56 -63.58 78.63
CA CYS O 175 -38.56 -63.58 78.63
C CYS O 175 -38.31 -63.15 77.19
N TYR O 176 -37.21 -63.57 76.59
CA TYR O 176 -36.94 -63.29 75.19
C TYR O 176 -37.58 -64.32 74.26
N GLY O 177 -38.24 -65.34 74.81
CA GLY O 177 -38.73 -66.44 74.03
C GLY O 177 -37.72 -67.55 73.82
N LEU O 178 -36.48 -67.37 74.25
CA LEU O 178 -35.48 -68.41 74.19
C LEU O 178 -35.74 -69.45 75.27
N SER O 179 -35.24 -70.66 75.05
CA SER O 179 -35.56 -71.80 75.90
C SER O 179 -34.47 -72.01 76.95
N LYS O 180 -34.88 -72.15 78.20
CA LYS O 180 -34.03 -72.65 79.28
C LYS O 180 -34.13 -74.16 79.43
N GLY O 181 -34.55 -74.87 78.39
CA GLY O 181 -34.79 -76.29 78.44
C GLY O 181 -35.98 -76.70 77.60
N GLY O 182 -36.72 -75.71 77.09
CA GLY O 182 -37.89 -75.98 76.28
C GLY O 182 -37.54 -76.31 74.83
N PHE O 183 -38.57 -76.73 74.09
CA PHE O 183 -38.43 -77.09 72.69
C PHE O 183 -39.59 -76.49 71.90
N VAL O 184 -39.38 -76.27 70.61
CA VAL O 184 -40.42 -75.74 69.73
C VAL O 184 -40.49 -76.59 68.47
N PRO O 185 -41.67 -76.75 67.87
CA PRO O 185 -41.78 -77.51 66.62
C PRO O 185 -41.18 -76.74 65.44
N TRP O 186 -40.84 -77.48 64.40
CA TRP O 186 -40.22 -76.94 63.20
C TRP O 186 -41.01 -77.40 61.98
N PHE O 187 -41.45 -76.44 61.18
CA PHE O 187 -42.19 -76.76 59.96
C PHE O 187 -42.07 -75.64 58.92
N ILE P 23 -39.26 -28.64 16.71
CA ILE P 23 -38.53 -29.77 17.26
C ILE P 23 -38.99 -30.03 18.70
N LEU P 24 -38.94 -28.96 19.50
CA LEU P 24 -39.33 -28.95 20.92
C LEU P 24 -38.54 -29.98 21.72
N SER P 25 -37.23 -29.72 21.80
CA SER P 25 -36.34 -30.55 22.59
C SER P 25 -36.35 -30.10 24.05
N THR P 26 -35.79 -30.96 24.91
CA THR P 26 -35.67 -30.63 26.32
C THR P 26 -34.56 -29.59 26.52
N ALA P 27 -34.77 -28.69 27.48
CA ALA P 27 -33.80 -27.64 27.78
C ALA P 27 -32.54 -28.24 28.40
N SER P 28 -31.39 -27.64 28.07
CA SER P 28 -30.12 -28.12 28.59
C SER P 28 -29.99 -27.88 30.09
N VAL P 29 -30.50 -26.75 30.58
CA VAL P 29 -30.61 -26.52 32.01
C VAL P 29 -32.10 -26.46 32.37
N LEU P 30 -32.48 -27.27 33.35
CA LEU P 30 -33.86 -27.38 33.82
C LEU P 30 -33.82 -27.53 35.35
N ALA P 31 -33.19 -26.57 36.01
CA ALA P 31 -33.21 -26.55 37.46
C ALA P 31 -34.60 -26.18 37.96
N PHE P 32 -35.11 -26.98 38.90
CA PHE P 32 -36.38 -26.73 39.58
C PHE P 32 -36.12 -26.59 41.07
N GLU P 33 -36.63 -25.51 41.66
CA GLU P 33 -36.52 -25.28 43.09
C GLU P 33 -37.39 -26.27 43.85
N ARG P 34 -37.03 -26.51 45.09
CA ARG P 34 -37.84 -27.35 45.97
C ARG P 34 -39.07 -26.57 46.41
N LYS P 35 -40.25 -27.16 46.18
CA LYS P 35 -41.45 -26.72 46.87
C LYS P 35 -41.63 -27.56 48.13
N LEU P 36 -42.46 -27.05 49.05
CA LEU P 36 -42.60 -27.55 50.42
C LEU P 36 -41.25 -27.54 51.14
N ASP P 37 -40.75 -26.34 51.36
CA ASP P 37 -39.47 -26.14 52.04
C ASP P 37 -39.58 -26.53 53.50
N PRO P 38 -38.81 -27.50 53.98
CA PRO P 38 -38.83 -27.83 55.41
C PRO P 38 -37.75 -27.11 56.20
N SER P 39 -38.11 -26.67 57.40
CA SER P 39 -37.10 -26.13 58.31
C SER P 39 -36.30 -27.26 58.91
N ASP P 40 -35.22 -26.90 59.59
CA ASP P 40 -34.32 -27.88 60.18
C ASP P 40 -34.96 -28.38 61.47
N ALA P 41 -35.39 -29.65 61.45
CA ALA P 41 -36.20 -30.18 62.53
C ALA P 41 -35.33 -30.48 63.76
N LEU P 42 -35.67 -29.86 64.88
CA LEU P 42 -34.98 -30.11 66.14
C LEU P 42 -35.54 -31.38 66.78
N MET P 43 -35.04 -31.72 67.96
CA MET P 43 -35.82 -32.55 68.88
C MET P 43 -35.69 -32.01 70.28
N SER P 44 -36.61 -32.44 71.15
CA SER P 44 -36.63 -32.07 72.55
C SER P 44 -37.38 -33.15 73.31
N ALA P 45 -37.24 -33.13 74.64
CA ALA P 45 -37.77 -34.19 75.48
C ALA P 45 -38.79 -33.64 76.46
N GLY P 46 -39.73 -34.50 76.84
CA GLY P 46 -40.75 -34.10 77.79
C GLY P 46 -41.66 -35.27 78.11
N ALA P 47 -42.69 -34.98 78.91
CA ALA P 47 -43.59 -35.99 79.42
C ALA P 47 -44.93 -35.92 78.71
N TRP P 48 -45.54 -37.08 78.48
CA TRP P 48 -46.90 -37.14 77.98
C TRP P 48 -47.87 -36.58 79.02
N ALA P 49 -48.99 -36.04 78.51
CA ALA P 49 -50.01 -35.26 79.22
C ALA P 49 -49.45 -33.96 79.82
N GLN P 50 -48.26 -33.54 79.40
CA GLN P 50 -47.74 -32.20 79.65
C GLN P 50 -47.42 -31.50 78.33
N ARG P 51 -47.76 -32.12 77.20
CA ARG P 51 -47.53 -31.57 75.87
C ARG P 51 -48.38 -30.35 75.58
N ASP P 52 -49.42 -30.08 76.37
CA ASP P 52 -50.12 -28.81 76.27
C ASP P 52 -49.25 -27.67 76.77
N ALA P 53 -48.33 -27.95 77.70
CA ALA P 53 -47.37 -26.96 78.20
C ALA P 53 -45.98 -27.19 77.60
N SER P 54 -45.91 -27.63 76.35
CA SER P 54 -44.64 -27.93 75.70
C SER P 54 -44.08 -26.66 75.05
N GLN P 55 -43.57 -25.78 75.90
CA GLN P 55 -42.94 -24.55 75.46
C GLN P 55 -41.47 -24.46 75.85
N GLU P 56 -41.15 -24.70 77.11
CA GLU P 56 -39.78 -24.64 77.61
C GLU P 56 -39.23 -26.04 77.87
N TRP P 57 -39.56 -26.98 76.98
CA TRP P 57 -39.08 -28.35 77.11
C TRP P 57 -37.59 -28.41 76.82
N PRO P 58 -36.80 -29.11 77.63
CA PRO P 58 -35.35 -29.14 77.42
C PRO P 58 -34.96 -30.06 76.27
N ALA P 59 -34.20 -29.51 75.32
CA ALA P 59 -33.81 -30.25 74.14
C ALA P 59 -32.72 -31.27 74.48
N VAL P 60 -32.78 -32.43 73.81
CA VAL P 60 -31.75 -33.44 74.01
C VAL P 60 -30.47 -33.00 73.31
N THR P 61 -29.34 -33.52 73.78
CA THR P 61 -28.03 -33.09 73.33
C THR P 61 -27.21 -34.28 72.88
N VAL P 62 -26.38 -34.07 71.86
CA VAL P 62 -25.47 -35.11 71.38
C VAL P 62 -24.31 -35.23 72.35
N ARG P 63 -24.09 -36.44 72.86
CA ARG P 63 -23.06 -36.70 73.86
C ARG P 63 -22.04 -37.70 73.34
N GLU P 64 -20.77 -37.44 73.61
CA GLU P 64 -19.70 -38.37 73.27
C GLU P 64 -19.51 -39.38 74.39
N LYS P 65 -19.60 -40.66 74.05
CA LYS P 65 -19.48 -41.74 75.02
C LYS P 65 -18.43 -42.73 74.53
N SER P 66 -17.60 -43.20 75.44
CA SER P 66 -16.51 -44.12 75.12
C SER P 66 -17.01 -45.55 75.21
N VAL P 67 -16.93 -46.28 74.11
CA VAL P 67 -17.35 -47.67 74.08
C VAL P 67 -16.16 -48.59 73.87
N GLN P 95 -12.65 -46.52 71.65
CA GLN P 95 -13.35 -45.76 70.62
C GLN P 95 -14.55 -45.02 71.22
N THR P 96 -14.72 -43.76 70.81
CA THR P 96 -15.79 -42.91 71.30
C THR P 96 -16.77 -42.63 70.17
N VAL P 97 -18.07 -42.78 70.45
CA VAL P 97 -19.12 -42.55 69.49
C VAL P 97 -20.14 -41.58 70.09
N ASP P 98 -20.94 -40.98 69.22
CA ASP P 98 -21.92 -40.00 69.64
C ASP P 98 -23.30 -40.65 69.80
N VAL P 99 -23.95 -40.36 70.93
CA VAL P 99 -25.25 -40.93 71.25
C VAL P 99 -26.18 -39.78 71.67
N ALA P 100 -27.46 -39.93 71.35
CA ALA P 100 -28.50 -39.00 71.77
C ALA P 100 -29.65 -39.78 72.36
N ASN P 101 -30.09 -39.39 73.56
CA ASN P 101 -31.15 -40.09 74.25
C ASN P 101 -31.90 -39.14 75.16
N LEU P 102 -33.10 -39.56 75.55
CA LEU P 102 -33.93 -38.78 76.46
C LEU P 102 -33.36 -38.85 77.87
N PRO P 103 -33.65 -37.83 78.71
CA PRO P 103 -33.33 -37.94 80.14
C PRO P 103 -34.28 -38.89 80.87
N SER P 104 -34.11 -38.99 82.19
CA SER P 104 -34.90 -39.92 82.97
C SER P 104 -36.35 -39.47 83.10
N ASP P 105 -36.57 -38.17 83.29
CA ASP P 105 -37.92 -37.64 83.52
C ASP P 105 -38.57 -37.16 82.22
N ALA P 106 -38.59 -38.02 81.21
CA ALA P 106 -39.23 -37.72 79.94
C ALA P 106 -39.52 -39.02 79.21
N ASP P 107 -40.60 -39.02 78.42
CA ASP P 107 -40.89 -40.15 77.54
C ASP P 107 -41.41 -39.74 76.16
N THR P 108 -41.43 -38.45 75.83
CA THR P 108 -42.01 -37.97 74.60
C THR P 108 -41.02 -37.09 73.84
N LEU P 109 -40.96 -37.26 72.52
CA LEU P 109 -40.12 -36.45 71.66
C LEU P 109 -40.88 -35.20 71.20
N LYS P 110 -40.12 -34.16 70.84
CA LYS P 110 -40.66 -32.83 70.54
C LYS P 110 -39.98 -32.31 69.25
N VAL P 111 -40.09 -33.10 68.19
CA VAL P 111 -39.51 -32.71 66.91
C VAL P 111 -40.35 -31.61 66.29
N ARG P 112 -39.72 -30.45 66.05
CA ARG P 112 -40.43 -29.26 65.57
C ARG P 112 -39.77 -28.75 64.29
N PHE P 113 -40.58 -28.52 63.26
CA PHE P 113 -40.07 -27.91 62.03
C PHE P 113 -41.20 -27.12 61.38
N THR P 114 -40.84 -26.14 60.56
CA THR P 114 -41.82 -25.37 59.80
C THR P 114 -41.72 -25.71 58.33
N LEU P 115 -42.89 -25.85 57.70
CA LEU P 115 -43.00 -26.18 56.29
C LEU P 115 -43.69 -25.04 55.57
N ARG P 116 -43.09 -24.58 54.48
CA ARG P 116 -43.63 -23.49 53.67
C ARG P 116 -44.06 -24.02 52.32
N VAL P 117 -45.31 -23.80 51.97
CA VAL P 117 -45.84 -24.21 50.66
C VAL P 117 -45.77 -22.99 49.75
N LEU P 118 -45.03 -23.11 48.65
CA LEU P 118 -44.68 -21.97 47.82
C LEU P 118 -45.66 -21.76 46.67
N GLY P 119 -45.79 -22.76 45.80
CA GLY P 119 -46.55 -22.63 44.58
C GLY P 119 -45.65 -22.37 43.37
N GLY P 120 -46.27 -22.40 42.20
CA GLY P 120 -45.52 -22.32 40.96
C GLY P 120 -44.67 -23.55 40.73
N ALA P 121 -45.30 -24.72 40.86
CA ALA P 121 -44.58 -25.99 40.78
C ALA P 121 -44.03 -26.25 39.39
N GLY P 122 -44.78 -25.90 38.36
CA GLY P 122 -44.32 -26.13 37.00
C GLY P 122 -43.30 -25.13 36.49
N THR P 123 -43.11 -24.02 37.19
CA THR P 123 -42.17 -23.00 36.74
C THR P 123 -40.74 -23.42 37.09
N PRO P 124 -39.84 -23.56 36.12
CA PRO P 124 -38.44 -23.82 36.45
C PRO P 124 -37.74 -22.55 36.91
N SER P 125 -36.68 -22.75 37.72
CA SER P 125 -35.87 -21.62 38.14
C SER P 125 -34.98 -21.12 37.01
N ALA P 126 -34.38 -22.05 36.26
CA ALA P 126 -33.48 -21.71 35.16
C ALA P 126 -33.75 -22.66 34.01
N CYS P 127 -34.41 -22.17 32.98
CA CYS P 127 -34.72 -22.97 31.79
C CYS P 127 -33.94 -22.42 30.61
N ASN P 128 -33.28 -23.32 29.88
CA ASN P 128 -32.52 -22.91 28.70
C ASN P 128 -33.43 -22.46 27.56
N ASP P 129 -34.52 -23.18 27.34
CA ASP P 129 -35.41 -22.93 26.21
C ASP P 129 -36.71 -22.29 26.70
N ALA P 130 -37.08 -21.18 26.06
CA ALA P 130 -38.33 -20.51 26.42
C ALA P 130 -39.55 -21.22 25.86
N ALA P 131 -39.43 -21.83 24.67
CA ALA P 131 -40.53 -22.58 24.09
C ALA P 131 -40.84 -23.83 24.92
N TYR P 132 -39.80 -24.53 25.38
CA TYR P 132 -39.99 -25.67 26.26
C TYR P 132 -40.60 -25.26 27.59
N ARG P 133 -40.18 -24.10 28.12
CA ARG P 133 -40.74 -23.59 29.37
C ARG P 133 -42.23 -23.25 29.20
N ASP P 134 -42.58 -22.63 28.07
CA ASP P 134 -43.98 -22.31 27.81
C ASP P 134 -44.83 -23.57 27.63
N LYS P 135 -44.31 -24.56 26.90
CA LYS P 135 -45.04 -25.81 26.71
C LYS P 135 -45.20 -26.59 28.01
N LEU P 136 -44.16 -26.60 28.85
CA LEU P 136 -44.24 -27.29 30.13
C LEU P 136 -45.18 -26.57 31.10
N LEU P 137 -45.19 -25.24 31.06
CA LEU P 137 -46.14 -24.48 31.86
C LEU P 137 -47.57 -24.71 31.41
N GLN P 138 -47.78 -24.81 30.09
CA GLN P 138 -49.10 -25.15 29.55
C GLN P 138 -49.52 -26.55 30.00
N THR P 139 -48.59 -27.50 30.01
CA THR P 139 -48.91 -28.86 30.44
C THR P 139 -49.23 -28.93 31.93
N VAL P 140 -48.48 -28.21 32.76
CA VAL P 140 -48.75 -28.19 34.20
C VAL P 140 -50.06 -27.47 34.49
N ALA P 141 -50.36 -26.39 33.76
CA ALA P 141 -51.64 -25.71 33.92
C ALA P 141 -52.80 -26.59 33.47
N THR P 142 -52.59 -27.40 32.42
CA THR P 142 -53.59 -28.36 31.99
C THR P 142 -53.82 -29.42 33.06
N TYR P 143 -52.75 -29.85 33.75
CA TYR P 143 -52.88 -30.74 34.89
C TYR P 143 -53.69 -30.08 36.01
N VAL P 144 -53.47 -28.78 36.24
CA VAL P 144 -54.18 -28.07 37.30
C VAL P 144 -55.68 -27.96 36.98
N ASN P 145 -56.02 -27.71 35.71
CA ASN P 145 -57.44 -27.74 35.33
C ASN P 145 -58.02 -29.16 35.38
N ASP P 146 -57.19 -30.18 35.15
CA ASP P 146 -57.69 -31.55 35.31
C ASP P 146 -57.91 -31.89 36.78
N GLN P 147 -56.95 -31.58 37.65
CA GLN P 147 -57.17 -31.66 39.09
C GLN P 147 -56.33 -30.60 39.78
N GLY P 148 -56.94 -29.88 40.72
CA GLY P 148 -56.28 -28.74 41.33
C GLY P 148 -55.41 -29.08 42.52
N PHE P 149 -54.37 -29.88 42.27
CA PHE P 149 -53.46 -30.42 43.30
C PHE P 149 -54.23 -31.13 44.41
N ALA P 150 -55.16 -31.98 44.01
CA ALA P 150 -56.04 -32.62 44.98
C ALA P 150 -55.36 -33.78 45.69
N GLU P 151 -54.89 -34.77 44.93
CA GLU P 151 -54.35 -35.99 45.51
C GLU P 151 -52.97 -35.77 46.10
N LEU P 152 -52.13 -34.94 45.44
CA LEU P 152 -50.78 -34.69 45.93
C LEU P 152 -50.80 -33.97 47.27
N ALA P 153 -51.67 -32.96 47.42
CA ALA P 153 -51.77 -32.26 48.69
C ALA P 153 -52.35 -33.15 49.78
N ARG P 154 -53.26 -34.06 49.42
CA ARG P 154 -53.80 -35.00 50.39
C ARG P 154 -52.73 -35.98 50.88
N ARG P 155 -51.88 -36.46 49.98
CA ARG P 155 -50.83 -37.39 50.38
C ARG P 155 -49.70 -36.68 51.13
N TYR P 156 -49.43 -35.42 50.78
CA TYR P 156 -48.47 -34.64 51.54
C TYR P 156 -49.03 -34.31 52.93
N ALA P 157 -50.34 -34.09 53.02
CA ALA P 157 -50.98 -33.91 54.33
C ALA P 157 -50.99 -35.20 55.13
N HIS P 158 -50.97 -36.35 54.45
CA HIS P 158 -50.75 -37.62 55.15
C HIS P 158 -49.36 -37.70 55.72
N ASN P 159 -48.33 -37.41 54.90
CA ASN P 159 -46.95 -37.47 55.38
C ASN P 159 -46.65 -36.41 56.43
N LEU P 160 -47.44 -35.33 56.48
CA LEU P 160 -47.45 -34.48 57.66
C LEU P 160 -48.19 -35.15 58.82
N ALA P 161 -49.31 -35.81 58.52
CA ALA P 161 -50.22 -36.30 59.56
C ALA P 161 -49.64 -37.50 60.30
N ASN P 162 -49.10 -38.46 59.57
CA ASN P 162 -48.28 -39.48 60.22
C ASN P 162 -46.86 -38.96 60.33
N ALA P 163 -46.18 -39.35 61.41
CA ALA P 163 -44.82 -38.87 61.65
C ALA P 163 -43.81 -39.71 60.88
N ARG P 164 -43.88 -39.62 59.55
CA ARG P 164 -42.88 -40.26 58.72
C ARG P 164 -41.57 -39.48 58.75
N PHE P 165 -41.64 -38.19 59.10
CA PHE P 165 -40.44 -37.41 59.38
C PHE P 165 -39.77 -37.87 60.67
N LEU P 166 -40.51 -38.57 61.54
CA LEU P 166 -39.93 -39.34 62.64
C LEU P 166 -39.60 -40.71 62.08
N TRP P 167 -38.42 -40.82 61.48
CA TRP P 167 -38.00 -42.04 60.78
C TRP P 167 -37.87 -43.22 61.72
N ARG P 168 -36.89 -43.18 62.62
CA ARG P 168 -36.68 -44.26 63.57
C ARG P 168 -37.18 -43.93 64.96
N ASN P 169 -37.83 -42.77 65.13
CA ASN P 169 -38.44 -42.39 66.39
C ASN P 169 -39.93 -42.74 66.44
N ARG P 170 -40.41 -43.49 65.45
CA ARG P 170 -41.81 -43.90 65.40
C ARG P 170 -42.00 -45.41 65.51
N VAL P 171 -40.96 -46.19 65.27
CA VAL P 171 -41.08 -47.65 65.25
C VAL P 171 -41.31 -48.20 66.65
N GLY P 172 -40.64 -47.65 67.65
CA GLY P 172 -40.76 -48.14 69.01
C GLY P 172 -41.72 -47.34 69.86
N ALA P 173 -42.58 -46.56 69.22
CA ALA P 173 -43.50 -45.67 69.91
C ALA P 173 -44.89 -46.26 69.93
N GLU P 174 -45.49 -46.32 71.12
CA GLU P 174 -46.85 -46.81 71.29
C GLU P 174 -47.90 -45.74 71.13
N ALA P 175 -47.51 -44.46 71.03
CA ALA P 175 -48.45 -43.37 70.88
C ALA P 175 -47.72 -42.22 70.17
N VAL P 176 -48.15 -41.91 68.94
CA VAL P 176 -47.54 -40.87 68.13
C VAL P 176 -48.59 -39.81 67.83
N GLU P 177 -48.22 -38.54 68.02
CA GLU P 177 -49.14 -37.42 67.85
C GLU P 177 -48.45 -36.32 67.06
N VAL P 178 -49.17 -35.71 66.13
CA VAL P 178 -48.66 -34.64 65.30
C VAL P 178 -49.57 -33.41 65.48
N ARG P 179 -48.96 -32.28 65.84
CA ARG P 179 -49.65 -31.01 65.97
C ARG P 179 -49.17 -30.05 64.89
N ILE P 180 -50.09 -29.48 64.13
CA ILE P 180 -49.77 -28.61 63.01
C ILE P 180 -50.50 -27.28 63.20
N ASN P 181 -49.74 -26.20 63.38
CA ASN P 181 -50.29 -24.87 63.50
C ASN P 181 -50.07 -24.11 62.21
N HIS P 182 -51.08 -23.34 61.79
CA HIS P 182 -51.00 -22.53 60.58
C HIS P 182 -50.66 -21.11 60.98
N ILE P 183 -49.38 -20.76 60.91
CA ILE P 183 -48.92 -19.43 61.27
C ILE P 183 -49.16 -18.49 60.10
N ARG P 184 -49.95 -17.44 60.34
CA ARG P 184 -50.20 -16.40 59.35
C ARG P 184 -50.17 -15.07 60.08
N GLN P 185 -49.24 -14.20 59.68
CA GLN P 185 -48.94 -12.91 60.32
C GLN P 185 -48.60 -13.09 61.80
N GLY P 186 -47.86 -14.16 62.07
CA GLY P 186 -47.33 -14.43 63.39
C GLY P 186 -48.29 -15.06 64.37
N GLU P 187 -49.52 -15.35 63.92
CA GLU P 187 -50.55 -15.90 64.80
C GLU P 187 -51.07 -17.20 64.22
N VAL P 188 -51.63 -18.03 65.11
CA VAL P 188 -52.15 -19.34 64.74
C VAL P 188 -53.51 -19.12 64.07
N ALA P 189 -53.54 -19.27 62.75
CA ALA P 189 -54.80 -19.10 62.01
C ALA P 189 -55.73 -20.29 62.22
N ARG P 190 -55.19 -21.50 62.20
CA ARG P 190 -55.99 -22.72 62.28
C ARG P 190 -55.11 -23.85 62.76
N ALA P 191 -55.51 -24.51 63.84
CA ALA P 191 -54.71 -25.57 64.45
C ALA P 191 -55.23 -26.94 64.04
N TRP P 192 -54.34 -27.92 64.10
CA TRP P 192 -54.66 -29.31 63.82
C TRP P 192 -53.90 -30.20 64.78
N ARG P 193 -54.49 -31.33 65.15
CA ARG P 193 -53.86 -32.25 66.08
C ARG P 193 -54.22 -33.67 65.62
N PHE P 194 -53.31 -34.29 64.86
CA PHE P 194 -53.55 -35.58 64.24
C PHE P 194 -53.14 -36.71 65.16
N ASP P 195 -53.21 -37.93 64.65
CA ASP P 195 -52.76 -39.13 65.34
C ASP P 195 -52.17 -40.08 64.32
N ALA P 196 -50.89 -40.39 64.46
CA ALA P 196 -50.21 -41.27 63.51
C ALA P 196 -50.51 -42.74 63.76
N LEU P 197 -51.17 -43.09 64.86
CA LEU P 197 -51.54 -44.48 65.09
C LEU P 197 -52.72 -44.88 64.21
N ALA P 198 -53.72 -44.01 64.09
CA ALA P 198 -54.87 -44.32 63.22
C ALA P 198 -54.50 -44.14 61.75
N ILE P 199 -53.78 -43.07 61.43
CA ILE P 199 -53.37 -42.79 60.05
C ILE P 199 -52.16 -43.67 59.75
N GLY P 200 -52.37 -44.75 59.01
CA GLY P 200 -51.30 -45.69 58.75
C GLY P 200 -50.29 -45.16 57.76
N LEU P 201 -49.13 -45.81 57.75
CA LEU P 201 -48.04 -45.45 56.86
C LEU P 201 -48.13 -46.13 55.50
N ARG P 202 -49.16 -46.95 55.27
CA ARG P 202 -49.32 -47.70 54.04
C ARG P 202 -50.56 -47.32 53.25
N ASP P 203 -51.71 -47.24 53.91
CA ASP P 203 -52.96 -46.91 53.24
C ASP P 203 -53.12 -45.41 53.10
N PHE P 204 -54.06 -45.00 52.25
CA PHE P 204 -54.24 -43.59 51.90
C PHE P 204 -55.72 -43.26 52.04
N LYS P 205 -56.14 -42.94 53.26
CA LYS P 205 -57.53 -42.76 53.66
C LYS P 205 -57.93 -41.28 53.64
N ALA P 206 -59.09 -40.96 54.23
CA ALA P 206 -59.56 -39.59 54.33
C ALA P 206 -60.11 -39.31 55.73
N ASP P 207 -60.05 -38.03 56.13
CA ASP P 207 -60.54 -37.55 57.40
C ASP P 207 -60.81 -36.06 57.26
N ALA P 208 -61.75 -35.52 58.05
CA ALA P 208 -62.30 -34.18 57.80
C ALA P 208 -61.25 -33.09 58.04
N GLU P 209 -60.55 -33.14 59.18
CA GLU P 209 -59.45 -32.22 59.44
C GLU P 209 -58.31 -32.45 58.46
N LEU P 210 -58.14 -33.71 58.08
CA LEU P 210 -57.22 -34.08 57.02
C LEU P 210 -57.56 -33.32 55.76
N ASP P 211 -58.80 -33.41 55.28
CA ASP P 211 -59.14 -32.70 54.05
C ASP P 211 -58.97 -31.20 54.21
N ALA P 212 -59.18 -30.68 55.42
CA ALA P 212 -58.92 -29.24 55.65
C ALA P 212 -57.45 -28.91 55.44
N LEU P 213 -56.56 -29.75 55.96
CA LEU P 213 -55.13 -29.62 55.69
C LEU P 213 -54.81 -29.83 54.22
N ALA P 214 -55.57 -30.71 53.54
CA ALA P 214 -55.37 -30.97 52.13
C ALA P 214 -55.72 -29.75 51.28
N GLU P 215 -56.84 -29.08 51.58
CA GLU P 215 -57.17 -27.86 50.86
C GLU P 215 -56.20 -26.73 51.18
N LEU P 216 -55.67 -26.68 52.41
CA LEU P 216 -54.67 -25.67 52.72
C LEU P 216 -53.37 -25.88 51.94
N ILE P 217 -52.89 -27.13 51.87
CA ILE P 217 -51.68 -27.43 51.12
C ILE P 217 -51.92 -27.25 49.62
N ALA P 218 -53.13 -27.58 49.14
CA ALA P 218 -53.45 -27.40 47.73
C ALA P 218 -53.54 -25.92 47.35
N SER P 219 -54.06 -25.09 48.25
CA SER P 219 -54.09 -23.66 48.00
C SER P 219 -52.69 -23.08 48.04
N GLY P 220 -51.81 -23.63 48.87
CA GLY P 220 -50.41 -23.23 48.84
C GLY P 220 -49.71 -23.62 47.55
N LEU P 221 -49.97 -24.84 47.07
CA LEU P 221 -49.31 -25.33 45.86
C LEU P 221 -49.85 -24.66 44.60
N SER P 222 -51.13 -24.26 44.61
CA SER P 222 -51.70 -23.59 43.44
C SER P 222 -51.16 -22.17 43.30
N GLY P 223 -50.97 -21.48 44.41
CA GLY P 223 -50.51 -20.12 44.41
C GLY P 223 -51.54 -19.09 44.85
N SER P 224 -52.61 -19.51 45.51
CA SER P 224 -53.66 -18.60 45.96
C SER P 224 -53.38 -18.04 47.35
N GLY P 225 -52.25 -18.38 47.96
CA GLY P 225 -51.92 -17.86 49.27
C GLY P 225 -50.59 -18.43 49.72
N HIS P 226 -50.18 -18.01 50.91
CA HIS P 226 -48.94 -18.47 51.51
C HIS P 226 -49.26 -19.31 52.75
N VAL P 227 -48.70 -20.52 52.79
CA VAL P 227 -48.96 -21.48 53.86
C VAL P 227 -47.66 -21.74 54.60
N LEU P 228 -47.65 -21.46 55.90
CA LEU P 228 -46.53 -21.74 56.78
C LEU P 228 -47.06 -22.55 57.96
N LEU P 229 -46.56 -23.78 58.11
CA LEU P 229 -47.08 -24.72 59.10
C LEU P 229 -45.97 -25.08 60.08
N GLU P 230 -46.20 -24.82 61.36
CA GLU P 230 -45.32 -25.30 62.42
C GLU P 230 -45.81 -26.68 62.85
N VAL P 231 -45.00 -27.69 62.60
CA VAL P 231 -45.34 -29.08 62.88
C VAL P 231 -44.48 -29.54 64.05
N VAL P 232 -45.14 -29.97 65.12
CA VAL P 232 -44.50 -30.47 66.34
C VAL P 232 -44.97 -31.91 66.53
N ALA P 233 -44.02 -32.83 66.61
CA ALA P 233 -44.34 -34.24 66.80
C ALA P 233 -44.31 -34.61 68.28
N PHE P 234 -45.00 -35.70 68.60
CA PHE P 234 -45.07 -36.19 69.99
C PHE P 234 -45.17 -37.72 69.93
N ALA P 235 -44.02 -38.39 70.06
CA ALA P 235 -43.97 -39.85 70.04
C ALA P 235 -43.53 -40.36 71.40
N ARG P 236 -44.29 -41.31 71.95
CA ARG P 236 -43.98 -41.93 73.23
C ARG P 236 -42.96 -43.04 73.00
N ILE P 237 -41.70 -42.63 72.84
CA ILE P 237 -40.63 -43.59 72.56
C ILE P 237 -40.19 -44.33 73.82
N GLY P 238 -40.53 -43.82 75.00
CA GLY P 238 -40.18 -44.47 76.26
C GLY P 238 -39.29 -43.60 77.13
N ASP P 239 -39.16 -44.04 78.37
CA ASP P 239 -38.40 -43.30 79.37
C ASP P 239 -36.91 -43.45 79.11
N GLY P 240 -36.28 -42.39 78.62
CA GLY P 240 -34.84 -42.38 78.44
C GLY P 240 -34.31 -43.20 77.27
N GLN P 241 -35.17 -43.59 76.34
CA GLN P 241 -34.73 -44.42 75.23
C GLN P 241 -33.93 -43.61 74.22
N GLU P 242 -33.09 -44.31 73.47
CA GLU P 242 -32.20 -43.66 72.53
C GLU P 242 -32.96 -43.24 71.27
N VAL P 243 -32.76 -42.00 70.85
CA VAL P 243 -33.42 -41.46 69.69
C VAL P 243 -32.43 -41.45 68.52
N PHE P 244 -32.95 -41.19 67.32
CA PHE P 244 -32.17 -41.28 66.08
C PHE P 244 -32.21 -39.95 65.35
N PRO P 245 -31.34 -39.00 65.70
CA PRO P 245 -31.14 -37.83 64.83
C PRO P 245 -30.42 -38.21 63.54
N SER P 246 -30.51 -37.31 62.57
CA SER P 246 -29.76 -37.49 61.34
C SER P 246 -28.28 -37.34 61.63
N GLN P 247 -27.48 -38.22 61.02
CA GLN P 247 -26.09 -38.39 61.42
C GLN P 247 -25.14 -37.67 60.48
N GLU P 248 -24.28 -36.83 61.06
CA GLU P 248 -23.22 -36.12 60.38
C GLU P 248 -22.00 -37.03 60.22
N LEU P 249 -21.12 -36.68 59.27
CA LEU P 249 -19.80 -37.30 59.20
C LEU P 249 -18.72 -36.23 59.22
N LYS P 260 -13.87 -40.03 67.49
CA LYS P 260 -15.20 -39.75 66.98
C LYS P 260 -15.40 -40.35 65.59
N SER P 261 -15.73 -41.64 65.54
CA SER P 261 -15.96 -42.30 64.26
C SER P 261 -17.28 -41.86 63.64
N LYS P 262 -18.35 -41.79 64.44
CA LYS P 262 -19.66 -41.38 63.97
C LYS P 262 -20.20 -40.29 64.89
N THR P 263 -20.66 -39.20 64.30
CA THR P 263 -21.21 -38.08 65.05
C THR P 263 -22.66 -37.84 64.63
N LEU P 264 -23.43 -37.24 65.54
CA LEU P 264 -24.83 -36.92 65.31
C LEU P 264 -24.96 -35.42 65.12
N TYR P 265 -25.70 -35.02 64.09
CA TYR P 265 -25.76 -33.62 63.70
C TYR P 265 -26.63 -32.82 64.67
N SER P 266 -26.20 -31.60 64.98
CA SER P 266 -26.94 -30.70 65.85
C SER P 266 -26.84 -29.29 65.26
N VAL P 267 -27.47 -28.33 65.94
CA VAL P 267 -27.41 -26.95 65.47
C VAL P 267 -26.74 -26.01 66.49
N ARG P 268 -27.33 -25.87 67.69
CA ARG P 268 -26.76 -24.99 68.71
C ARG P 268 -27.17 -25.53 70.08
N ASP P 269 -26.28 -26.35 70.67
CA ASP P 269 -26.46 -26.97 71.99
C ASP P 269 -27.74 -27.81 72.07
N ALA P 270 -28.17 -28.36 70.94
CA ALA P 270 -29.45 -29.03 70.85
C ALA P 270 -29.45 -29.86 69.58
N ALA P 271 -29.73 -31.16 69.71
CA ALA P 271 -29.65 -32.07 68.57
C ALA P 271 -30.82 -31.85 67.62
N ALA P 272 -30.58 -32.12 66.35
CA ALA P 272 -31.55 -31.79 65.31
C ALA P 272 -31.55 -32.87 64.23
N ILE P 273 -32.62 -32.88 63.43
CA ILE P 273 -32.75 -33.71 62.24
C ILE P 273 -32.61 -32.79 61.04
N HIS P 274 -31.99 -33.30 59.98
CA HIS P 274 -31.74 -32.52 58.78
C HIS P 274 -33.03 -32.18 58.05
N SER P 275 -33.01 -31.06 57.32
CA SER P 275 -34.16 -30.65 56.54
C SER P 275 -34.46 -31.61 55.41
N GLN P 276 -33.40 -32.14 54.77
CA GLN P 276 -33.59 -33.01 53.61
C GLN P 276 -34.13 -34.38 54.00
N LYS P 277 -33.92 -34.80 55.26
CA LYS P 277 -34.56 -36.01 55.76
C LYS P 277 -36.07 -35.81 55.86
N ILE P 278 -36.50 -34.64 56.36
CA ILE P 278 -37.92 -34.32 56.45
C ILE P 278 -38.51 -34.21 55.05
N GLY P 279 -37.75 -33.65 54.10
CA GLY P 279 -38.22 -33.57 52.73
C GLY P 279 -38.38 -34.93 52.07
N ASN P 280 -37.41 -35.83 52.28
CA ASN P 280 -37.51 -37.18 51.72
C ASN P 280 -38.63 -37.97 52.38
N ALA P 281 -38.91 -37.70 53.66
CA ALA P 281 -40.07 -38.32 54.30
C ALA P 281 -41.38 -37.80 53.73
N LEU P 282 -41.43 -36.50 53.42
CA LEU P 282 -42.65 -35.92 52.88
C LEU P 282 -42.92 -36.37 51.45
N ARG P 283 -41.87 -36.73 50.69
CA ARG P 283 -42.04 -37.17 49.32
C ARG P 283 -42.57 -38.59 49.20
N THR P 284 -42.69 -39.33 50.31
CA THR P 284 -43.09 -40.73 50.28
C THR P 284 -44.61 -40.81 50.07
N ILE P 285 -45.02 -40.62 48.81
CA ILE P 285 -46.41 -40.71 48.41
C ILE P 285 -46.55 -41.69 47.26
N ASP P 286 -45.42 -42.10 46.68
CA ASP P 286 -45.43 -42.84 45.42
C ASP P 286 -45.85 -44.28 45.67
N THR P 287 -47.08 -44.61 45.27
CA THR P 287 -47.56 -45.99 45.25
C THR P 287 -47.90 -46.46 43.85
N TRP P 288 -47.69 -45.64 42.83
CA TRP P 288 -48.05 -45.98 41.46
C TRP P 288 -46.92 -46.67 40.70
N TYR P 289 -45.81 -46.96 41.38
CA TYR P 289 -44.76 -47.79 40.82
C TYR P 289 -45.25 -49.24 40.74
N PRO P 290 -44.64 -50.07 39.85
CA PRO P 290 -45.05 -51.47 39.76
C PRO P 290 -44.68 -52.27 41.00
N ASP P 291 -45.50 -52.12 42.04
CA ASP P 291 -45.19 -52.65 43.36
C ASP P 291 -45.34 -54.17 43.40
N GLU P 292 -44.34 -54.83 43.98
CA GLU P 292 -44.39 -56.25 44.29
C GLU P 292 -43.90 -56.44 45.73
N ASP P 293 -44.11 -57.66 46.24
CA ASP P 293 -43.70 -58.12 47.56
C ASP P 293 -44.34 -57.33 48.71
N GLY P 294 -45.44 -56.62 48.46
CA GLY P 294 -46.14 -55.93 49.52
C GLY P 294 -45.48 -54.67 50.03
N LEU P 295 -44.62 -54.04 49.24
CA LEU P 295 -44.00 -52.79 49.66
C LEU P 295 -45.01 -51.64 49.63
N GLY P 296 -44.92 -50.74 50.60
CA GLY P 296 -45.80 -49.62 50.68
C GLY P 296 -45.37 -48.46 49.80
N PRO P 297 -45.63 -47.24 50.25
CA PRO P 297 -45.22 -46.06 49.47
C PRO P 297 -43.70 -45.87 49.53
N ILE P 298 -43.15 -45.39 48.42
CA ILE P 298 -41.75 -45.01 48.35
C ILE P 298 -41.66 -43.51 48.09
N ALA P 299 -40.47 -42.96 48.27
CA ALA P 299 -40.26 -41.54 48.03
C ALA P 299 -40.29 -41.24 46.54
N VAL P 300 -40.91 -40.12 46.18
CA VAL P 300 -40.95 -39.70 44.79
C VAL P 300 -39.56 -39.22 44.40
N GLU P 301 -38.84 -40.07 43.67
CA GLU P 301 -37.49 -39.84 43.19
C GLU P 301 -37.47 -40.10 41.69
N PRO P 302 -36.53 -39.50 40.97
CA PRO P 302 -36.27 -39.97 39.61
C PRO P 302 -35.77 -41.40 39.62
N TYR P 303 -36.37 -42.22 38.76
CA TYR P 303 -36.15 -43.67 38.68
C TYR P 303 -36.40 -44.38 40.01
N GLY P 304 -37.37 -43.89 40.78
CA GLY P 304 -38.01 -44.53 41.94
C GLY P 304 -37.17 -45.37 42.88
N SER P 305 -36.02 -44.85 43.29
CA SER P 305 -35.02 -45.65 43.97
C SER P 305 -35.16 -45.56 45.48
N VAL P 306 -34.89 -46.67 46.16
CA VAL P 306 -34.91 -46.74 47.61
C VAL P 306 -33.57 -47.33 48.07
N THR P 307 -33.03 -46.76 49.15
CA THR P 307 -31.74 -47.20 49.65
C THR P 307 -31.85 -48.44 50.54
N SER P 308 -33.00 -48.63 51.18
CA SER P 308 -33.18 -49.76 52.09
C SER P 308 -33.22 -51.09 51.35
N GLN P 309 -33.98 -51.15 50.25
CA GLN P 309 -34.03 -52.36 49.46
C GLN P 309 -32.85 -52.51 48.52
N GLY P 310 -32.08 -51.44 48.30
CA GLY P 310 -30.98 -51.49 47.38
C GLY P 310 -31.38 -51.62 45.93
N LYS P 311 -32.60 -51.27 45.59
CA LYS P 311 -33.12 -51.46 44.24
C LYS P 311 -33.89 -50.21 43.84
N ALA P 312 -34.13 -50.08 42.53
CA ALA P 312 -34.77 -48.90 41.96
C ALA P 312 -36.02 -49.34 41.20
N TYR P 313 -37.19 -49.06 41.76
CA TYR P 313 -38.45 -49.23 41.06
C TYR P 313 -38.60 -48.12 40.01
N ARG P 314 -39.60 -48.27 39.14
CA ARG P 314 -39.80 -47.47 37.94
C ARG P 314 -38.52 -47.47 37.10
N GLN P 315 -38.15 -48.67 36.65
CA GLN P 315 -36.90 -48.87 35.92
C GLN P 315 -36.98 -48.20 34.56
N PRO P 316 -35.88 -47.62 34.08
CA PRO P 316 -35.89 -46.96 32.75
C PRO P 316 -36.08 -47.93 31.59
N LYS P 317 -35.83 -49.22 31.78
CA LYS P 317 -36.19 -50.20 30.75
C LYS P 317 -37.70 -50.34 30.63
N GLN P 318 -38.46 -50.01 31.67
CA GLN P 318 -39.88 -49.78 31.57
C GLN P 318 -40.15 -48.32 31.25
N LYS P 319 -41.35 -48.04 30.76
CA LYS P 319 -41.73 -46.66 30.44
C LYS P 319 -42.46 -46.00 31.61
N LEU P 320 -41.85 -46.07 32.80
CA LEU P 320 -42.48 -45.58 34.01
C LEU P 320 -41.58 -44.70 34.87
N ASP P 321 -40.35 -44.43 34.43
CA ASP P 321 -39.52 -43.47 35.13
C ASP P 321 -39.98 -42.05 34.82
N PHE P 322 -39.49 -41.10 35.62
CA PHE P 322 -40.00 -39.73 35.58
C PHE P 322 -39.62 -39.00 34.30
N TYR P 323 -38.43 -39.27 33.78
CA TYR P 323 -37.94 -38.53 32.62
C TYR P 323 -38.63 -38.97 31.33
N THR P 324 -38.87 -40.27 31.17
CA THR P 324 -39.61 -40.75 30.00
C THR P 324 -41.06 -40.29 30.04
N LEU P 325 -41.62 -40.19 31.24
CA LEU P 325 -42.98 -39.67 31.37
C LEU P 325 -43.04 -38.17 31.05
N LEU P 326 -41.99 -37.41 31.43
CA LEU P 326 -41.92 -36.01 31.01
C LEU P 326 -41.81 -35.86 29.51
N ASP P 327 -40.89 -36.59 28.88
CA ASP P 327 -40.72 -36.47 27.43
C ASP P 327 -41.92 -37.01 26.66
N ASN P 328 -42.68 -37.93 27.25
CA ASN P 328 -43.95 -38.29 26.64
C ASN P 328 -45.00 -37.20 26.83
N TRP P 329 -45.03 -36.58 28.01
CA TRP P 329 -46.12 -35.65 28.33
C TRP P 329 -45.97 -34.32 27.59
N VAL P 330 -44.77 -33.76 27.56
CA VAL P 330 -44.60 -32.36 27.13
C VAL P 330 -43.88 -32.23 25.80
N LEU P 331 -43.42 -33.33 25.20
CA LEU P 331 -42.73 -33.23 23.91
C LEU P 331 -43.50 -33.88 22.78
N ARG P 332 -43.84 -35.16 22.90
CA ARG P 332 -44.57 -35.87 21.86
C ARG P 332 -46.08 -35.89 22.10
N ASP P 333 -46.56 -35.16 23.12
CA ASP P 333 -47.96 -35.06 23.51
C ASP P 333 -48.59 -36.41 23.85
N GLU P 334 -47.79 -37.37 24.29
CA GLU P 334 -48.29 -38.66 24.74
C GLU P 334 -48.62 -38.53 26.22
N ALA P 335 -49.86 -38.15 26.51
CA ALA P 335 -50.29 -37.91 27.88
C ALA P 335 -50.36 -39.22 28.65
N PRO P 336 -49.64 -39.34 29.77
CA PRO P 336 -49.67 -40.60 30.53
C PRO P 336 -50.93 -40.75 31.35
N ALA P 337 -50.95 -41.77 32.21
CA ALA P 337 -52.08 -41.99 33.10
C ALA P 337 -52.13 -40.90 34.17
N VAL P 338 -53.27 -40.89 34.89
CA VAL P 338 -53.49 -39.89 35.94
C VAL P 338 -52.51 -40.11 37.08
N GLU P 339 -52.19 -41.37 37.40
CA GLU P 339 -51.25 -41.68 38.45
C GLU P 339 -49.82 -41.30 38.05
N GLN P 340 -49.46 -41.54 36.79
CA GLN P 340 -48.12 -41.20 36.33
C GLN P 340 -47.91 -39.69 36.28
N GLN P 341 -48.94 -38.93 35.89
CA GLN P 341 -48.80 -37.48 35.91
C GLN P 341 -48.86 -36.94 37.33
N HIS P 342 -49.54 -37.64 38.25
CA HIS P 342 -49.45 -37.31 39.68
C HIS P 342 -48.01 -37.44 40.18
N TYR P 343 -47.36 -38.53 39.81
CA TYR P 343 -45.96 -38.77 40.18
C TYR P 343 -45.03 -37.75 39.53
N VAL P 344 -45.32 -37.37 38.28
CA VAL P 344 -44.51 -36.37 37.56
C VAL P 344 -44.62 -35.01 38.24
N ILE P 345 -45.84 -34.59 38.61
CA ILE P 345 -46.00 -33.30 39.26
C ILE P 345 -45.41 -33.32 40.68
N ALA P 346 -45.45 -34.48 41.35
CA ALA P 346 -44.77 -34.60 42.64
C ALA P 346 -43.26 -34.44 42.52
N ASN P 347 -42.67 -35.04 41.47
CA ASN P 347 -41.24 -34.87 41.22
C ASN P 347 -40.91 -33.44 40.79
N LEU P 348 -41.84 -32.75 40.13
CA LEU P 348 -41.62 -31.33 39.82
C LEU P 348 -41.73 -30.48 41.07
N ILE P 349 -42.57 -30.90 42.02
CA ILE P 349 -42.71 -30.19 43.29
C ILE P 349 -41.42 -30.32 44.11
N ARG P 350 -40.83 -31.52 44.13
CA ARG P 350 -39.62 -31.72 44.92
C ARG P 350 -38.39 -31.02 44.34
N GLY P 351 -38.45 -30.56 43.08
CA GLY P 351 -37.32 -29.92 42.45
C GLY P 351 -36.39 -30.89 41.78
N GLY P 352 -35.38 -30.36 41.11
CA GLY P 352 -34.42 -31.23 40.46
C GLY P 352 -33.48 -30.47 39.56
N VAL P 353 -32.57 -31.21 38.92
CA VAL P 353 -31.55 -30.61 38.08
C VAL P 353 -31.76 -31.07 36.65
N PHE P 354 -33.03 -31.29 36.32
CA PHE P 354 -33.41 -32.02 35.11
C PHE P 354 -32.88 -31.33 33.85
N GLY P 355 -32.67 -32.11 32.81
CA GLY P 355 -32.22 -31.59 31.54
C GLY P 355 -31.13 -32.45 30.94
N GLU P 356 -30.93 -32.29 29.64
CA GLU P 356 -29.99 -33.10 28.88
C GLU P 356 -28.56 -32.57 29.06
N ALA P 357 -27.64 -33.09 28.26
CA ALA P 357 -26.25 -32.65 28.31
C ALA P 357 -25.62 -32.70 26.92
N ILE Q 23 -11.44 12.71 13.29
CA ILE Q 23 -12.02 11.72 12.40
C ILE Q 23 -12.96 10.80 13.20
N LEU Q 24 -12.80 10.83 14.52
CA LEU Q 24 -13.77 10.32 15.50
C LEU Q 24 -14.03 8.82 15.34
N SER Q 25 -13.01 8.04 15.66
CA SER Q 25 -13.19 6.61 15.85
C SER Q 25 -13.42 6.31 17.33
N THR Q 26 -14.03 5.15 17.60
CA THR Q 26 -14.21 4.70 18.97
C THR Q 26 -12.87 4.37 19.61
N ALA Q 27 -12.72 4.74 20.88
CA ALA Q 27 -11.47 4.53 21.59
C ALA Q 27 -11.22 3.05 21.84
N SER Q 28 -9.95 2.65 21.80
CA SER Q 28 -9.59 1.25 21.98
C SER Q 28 -9.82 0.79 23.41
N VAL Q 29 -9.57 1.67 24.38
CA VAL Q 29 -9.98 1.43 25.76
C VAL Q 29 -11.03 2.47 26.13
N LEU Q 30 -12.12 2.01 26.74
CA LEU Q 30 -13.20 2.86 27.20
C LEU Q 30 -13.66 2.37 28.58
N ALA Q 31 -12.69 2.17 29.47
CA ALA Q 31 -12.98 1.66 30.80
C ALA Q 31 -13.79 2.67 31.59
N PHE Q 32 -14.88 2.19 32.18
CA PHE Q 32 -15.80 3.03 32.94
C PHE Q 32 -15.88 2.51 34.37
N GLU Q 33 -15.65 3.40 35.33
CA GLU Q 33 -15.93 3.08 36.71
C GLU Q 33 -17.43 2.92 36.91
N ARG Q 34 -17.82 1.90 37.68
CA ARG Q 34 -19.23 1.67 37.93
C ARG Q 34 -19.79 2.73 38.87
N LYS Q 35 -21.00 3.18 38.57
CA LYS Q 35 -21.77 3.97 39.51
C LYS Q 35 -22.76 3.04 40.20
N LEU Q 36 -23.45 3.58 41.21
CA LEU Q 36 -24.26 2.84 42.17
C LEU Q 36 -23.45 1.72 42.81
N ASP Q 37 -22.42 2.12 43.56
CA ASP Q 37 -21.52 1.17 44.19
C ASP Q 37 -22.15 0.60 45.44
N PRO Q 38 -22.43 -0.71 45.49
CA PRO Q 38 -23.09 -1.28 46.67
C PRO Q 38 -22.10 -1.89 47.67
N SER Q 39 -22.44 -1.82 48.96
CA SER Q 39 -21.65 -2.56 49.94
C SER Q 39 -22.15 -4.00 50.02
N ASP Q 40 -21.41 -4.83 50.74
CA ASP Q 40 -21.77 -6.23 50.89
C ASP Q 40 -22.91 -6.37 51.91
N ALA Q 41 -23.96 -7.07 51.52
CA ALA Q 41 -25.22 -7.08 52.25
C ALA Q 41 -25.19 -8.16 53.33
N LEU Q 42 -25.04 -7.74 54.58
CA LEU Q 42 -24.97 -8.67 55.69
C LEU Q 42 -26.36 -9.18 56.06
N MET Q 43 -26.41 -10.43 56.49
CA MET Q 43 -27.65 -11.13 56.79
C MET Q 43 -27.69 -11.46 58.26
N SER Q 44 -28.75 -11.02 58.94
CA SER Q 44 -29.05 -11.39 60.32
C SER Q 44 -30.48 -11.91 60.36
N ALA Q 45 -30.90 -12.40 61.52
CA ALA Q 45 -32.22 -12.98 61.65
C ALA Q 45 -32.88 -12.54 62.95
N GLY Q 46 -34.20 -12.48 62.93
CA GLY Q 46 -34.97 -12.04 64.07
C GLY Q 46 -36.45 -12.25 63.82
N ALA Q 47 -37.26 -11.62 64.65
CA ALA Q 47 -38.71 -11.71 64.56
C ALA Q 47 -39.29 -10.46 63.94
N TRP Q 48 -40.43 -10.62 63.27
CA TRP Q 48 -41.16 -9.50 62.70
C TRP Q 48 -41.71 -8.61 63.81
N ALA Q 49 -41.85 -7.32 63.51
CA ALA Q 49 -42.24 -6.19 64.36
C ALA Q 49 -41.21 -5.89 65.45
N GLN Q 50 -40.09 -6.60 65.50
CA GLN Q 50 -38.92 -6.22 66.28
C GLN Q 50 -37.89 -5.53 65.41
N ARG Q 51 -38.25 -5.21 64.16
CA ARG Q 51 -37.31 -4.63 63.19
C ARG Q 51 -36.84 -3.26 63.62
N ASP Q 52 -37.70 -2.48 64.30
CA ASP Q 52 -37.30 -1.19 64.85
C ASP Q 52 -36.25 -1.33 65.96
N ALA Q 53 -36.14 -2.51 66.56
CA ALA Q 53 -35.06 -2.83 67.48
C ALA Q 53 -34.13 -3.89 66.86
N SER Q 54 -33.92 -3.81 65.55
CA SER Q 54 -33.09 -4.76 64.84
C SER Q 54 -31.63 -4.33 64.77
N GLN Q 55 -31.17 -3.50 65.70
CA GLN Q 55 -29.79 -3.03 65.66
C GLN Q 55 -28.81 -4.12 66.06
N GLU Q 56 -29.13 -4.87 67.10
CA GLU Q 56 -28.25 -5.90 67.65
C GLU Q 56 -28.79 -7.30 67.39
N TRP Q 57 -29.36 -7.52 66.21
CA TRP Q 57 -29.85 -8.84 65.86
C TRP Q 57 -28.68 -9.79 65.62
N PRO Q 58 -28.83 -11.08 65.99
CA PRO Q 58 -27.74 -12.03 65.75
C PRO Q 58 -27.61 -12.33 64.26
N ALA Q 59 -26.38 -12.32 63.78
CA ALA Q 59 -26.11 -12.50 62.36
C ALA Q 59 -26.33 -13.95 61.96
N VAL Q 60 -26.74 -14.14 60.71
CA VAL Q 60 -26.92 -15.49 60.17
C VAL Q 60 -25.55 -16.12 59.97
N THR Q 61 -25.34 -17.29 60.55
CA THR Q 61 -24.06 -17.98 60.52
C THR Q 61 -24.14 -19.17 59.57
N VAL Q 62 -23.16 -19.26 58.67
CA VAL Q 62 -23.08 -20.38 57.75
C VAL Q 62 -22.65 -21.63 58.51
N ARG Q 63 -23.42 -22.71 58.38
CA ARG Q 63 -23.14 -23.94 59.12
C ARG Q 63 -23.01 -25.11 58.15
N GLU Q 64 -22.48 -26.22 58.65
CA GLU Q 64 -22.27 -27.43 57.87
C GLU Q 64 -23.37 -28.44 58.15
N LYS Q 65 -23.81 -29.13 57.11
CA LYS Q 65 -24.71 -30.27 57.30
C LYS Q 65 -24.39 -31.33 56.25
N SER Q 66 -24.57 -32.59 56.64
CA SER Q 66 -24.18 -33.71 55.77
C SER Q 66 -25.39 -34.20 54.99
N VAL Q 67 -25.16 -34.48 53.70
CA VAL Q 67 -26.20 -34.98 52.81
C VAL Q 67 -25.70 -36.26 52.15
N ARG Q 68 -26.57 -37.26 52.09
CA ARG Q 68 -26.37 -38.38 51.20
C ARG Q 68 -27.52 -38.39 50.20
N GLY Q 69 -27.22 -38.76 48.97
CA GLY Q 69 -28.17 -38.61 47.89
C GLY Q 69 -28.23 -39.83 46.99
N THR Q 70 -29.42 -40.07 46.45
CA THR Q 70 -29.61 -41.07 45.42
C THR Q 70 -29.17 -40.50 44.07
N ILE Q 71 -28.96 -41.40 43.12
CA ILE Q 71 -28.55 -41.00 41.77
C ILE Q 71 -29.81 -40.54 41.02
N SER Q 72 -29.87 -39.24 40.71
CA SER Q 72 -31.10 -38.64 40.24
C SER Q 72 -30.94 -37.78 38.99
N ASN Q 73 -29.78 -37.81 38.34
CA ASN Q 73 -29.66 -37.10 37.07
C ASN Q 73 -30.14 -37.97 35.92
N ARG Q 74 -30.26 -37.36 34.74
CA ARG Q 74 -30.66 -38.10 33.57
C ARG Q 74 -29.52 -38.99 33.08
N LEU Q 75 -29.82 -40.24 32.81
CA LEU Q 75 -28.82 -41.18 32.34
C LEU Q 75 -28.67 -41.11 30.82
N LYS Q 76 -27.54 -41.59 30.33
CA LYS Q 76 -27.16 -41.45 28.92
C LYS Q 76 -27.36 -42.74 28.14
N THR Q 77 -28.45 -43.47 28.42
CA THR Q 77 -28.93 -44.70 27.80
C THR Q 77 -28.00 -45.91 28.01
N LYS Q 78 -26.88 -45.75 28.72
CA LYS Q 78 -26.04 -46.87 29.09
C LYS Q 78 -26.00 -47.11 30.60
N ASP Q 79 -26.42 -46.14 31.39
CA ASP Q 79 -26.62 -46.30 32.83
C ASP Q 79 -28.02 -46.82 33.15
N ARG Q 80 -28.85 -47.08 32.13
CA ARG Q 80 -30.24 -47.47 32.32
C ARG Q 80 -30.42 -48.97 32.50
N ASP Q 81 -29.34 -49.74 32.56
CA ASP Q 81 -29.43 -51.16 32.88
C ASP Q 81 -29.88 -51.32 34.34
N PRO Q 82 -30.70 -52.36 34.63
CA PRO Q 82 -31.23 -52.51 36.00
C PRO Q 82 -30.19 -52.84 37.06
N ALA Q 83 -29.28 -53.76 36.76
CA ALA Q 83 -28.27 -54.17 37.74
C ALA Q 83 -27.24 -53.06 37.98
N LYS Q 84 -26.87 -52.33 36.91
CA LYS Q 84 -25.88 -51.27 37.05
C LYS Q 84 -26.47 -50.07 37.79
N LEU Q 85 -27.74 -49.74 37.51
CA LEU Q 85 -28.41 -48.71 38.30
C LEU Q 85 -28.64 -49.17 39.74
N ASP Q 86 -28.81 -50.48 39.96
CA ASP Q 86 -28.96 -51.00 41.32
C ASP Q 86 -27.65 -50.86 42.10
N ALA Q 87 -26.52 -51.14 41.44
CA ALA Q 87 -25.22 -50.89 42.06
C ALA Q 87 -24.97 -49.40 42.25
N SER Q 88 -25.59 -48.56 41.42
CA SER Q 88 -25.46 -47.12 41.60
C SER Q 88 -26.24 -46.63 42.82
N ILE Q 89 -27.46 -47.12 43.04
CA ILE Q 89 -28.24 -46.63 44.18
C ILE Q 89 -27.72 -47.26 45.47
N GLN Q 90 -27.11 -48.44 45.40
CA GLN Q 90 -26.51 -49.07 46.59
C GLN Q 90 -25.32 -48.29 47.16
N SER Q 91 -24.77 -47.33 46.41
CA SER Q 91 -23.72 -46.45 46.90
C SER Q 91 -24.20 -45.00 46.73
N PRO Q 92 -24.91 -44.46 47.72
CA PRO Q 92 -25.35 -43.06 47.63
C PRO Q 92 -24.18 -42.10 47.75
N ASN Q 93 -24.30 -40.94 47.09
CA ASN Q 93 -23.17 -40.01 47.07
C ASN Q 93 -23.25 -39.09 48.29
N LEU Q 94 -22.08 -38.77 48.84
CA LEU Q 94 -21.97 -38.10 50.12
C LEU Q 94 -21.34 -36.72 49.94
N GLN Q 95 -21.94 -35.71 50.54
CA GLN Q 95 -21.39 -34.37 50.53
C GLN Q 95 -21.61 -33.74 51.90
N THR Q 96 -20.84 -32.69 52.18
CA THR Q 96 -21.11 -31.79 53.29
C THR Q 96 -21.41 -30.41 52.70
N VAL Q 97 -22.66 -29.99 52.81
CA VAL Q 97 -23.11 -28.74 52.22
C VAL Q 97 -23.17 -27.67 53.30
N ASP Q 98 -22.73 -26.47 52.96
CA ASP Q 98 -22.92 -25.34 53.85
C ASP Q 98 -24.33 -24.81 53.64
N VAL Q 99 -25.08 -24.71 54.72
CA VAL Q 99 -26.44 -24.22 54.69
C VAL Q 99 -26.53 -23.01 55.60
N ALA Q 100 -27.45 -22.11 55.27
CA ALA Q 100 -27.74 -20.93 56.08
C ALA Q 100 -29.19 -21.02 56.50
N ASN Q 101 -29.42 -21.16 57.79
CA ASN Q 101 -30.75 -21.30 58.35
C ASN Q 101 -30.98 -20.25 59.42
N LEU Q 102 -32.22 -19.81 59.55
CA LEU Q 102 -32.58 -18.93 60.64
C LEU Q 102 -32.57 -19.70 61.95
N PRO Q 103 -32.41 -18.99 63.08
CA PRO Q 103 -32.78 -19.59 64.37
C PRO Q 103 -34.27 -19.88 64.41
N SER Q 104 -34.63 -20.90 65.21
CA SER Q 104 -36.02 -21.34 65.26
C SER Q 104 -36.93 -20.30 65.89
N ASP Q 105 -36.40 -19.42 66.72
CA ASP Q 105 -37.16 -18.27 67.23
C ASP Q 105 -36.95 -17.03 66.36
N ALA Q 106 -37.10 -17.20 65.05
CA ALA Q 106 -36.88 -16.12 64.09
C ALA Q 106 -37.55 -16.48 62.78
N ASP Q 107 -38.58 -15.72 62.39
CA ASP Q 107 -39.23 -15.92 61.11
C ASP Q 107 -38.86 -14.85 60.09
N THR Q 108 -38.05 -13.88 60.47
CA THR Q 108 -37.75 -12.72 59.65
C THR Q 108 -36.25 -12.64 59.42
N LEU Q 109 -35.86 -12.42 58.18
CA LEU Q 109 -34.46 -12.22 57.80
C LEU Q 109 -34.21 -10.75 57.49
N LYS Q 110 -33.19 -10.18 58.11
CA LYS Q 110 -32.76 -8.80 57.90
C LYS Q 110 -31.50 -8.81 57.04
N VAL Q 111 -31.48 -7.96 56.02
CA VAL Q 111 -30.35 -7.84 55.11
C VAL Q 111 -30.00 -6.37 54.97
N ARG Q 112 -28.74 -6.02 55.21
CA ARG Q 112 -28.31 -4.63 55.27
C ARG Q 112 -27.17 -4.38 54.29
N PHE Q 113 -27.29 -3.32 53.48
CA PHE Q 113 -26.17 -2.86 52.67
C PHE Q 113 -26.23 -1.35 52.53
N THR Q 114 -25.18 -0.77 51.96
CA THR Q 114 -25.15 0.64 51.62
C THR Q 114 -24.82 0.81 50.15
N LEU Q 115 -25.41 1.83 49.54
CA LEU Q 115 -25.23 2.13 48.12
C LEU Q 115 -24.72 3.56 47.98
N ARG Q 116 -23.68 3.73 47.17
CA ARG Q 116 -23.07 5.03 46.91
C ARG Q 116 -23.39 5.46 45.50
N VAL Q 117 -24.00 6.63 45.36
CA VAL Q 117 -24.30 7.21 44.05
C VAL Q 117 -23.26 8.29 43.80
N LEU Q 118 -22.45 8.10 42.76
CA LEU Q 118 -21.26 8.91 42.54
C LEU Q 118 -21.51 10.10 41.60
N GLY Q 119 -21.92 9.80 40.37
CA GLY Q 119 -22.02 10.81 39.33
C GLY Q 119 -20.83 10.76 38.39
N GLY Q 120 -20.89 11.60 37.37
CA GLY Q 120 -19.91 11.58 36.31
C GLY Q 120 -19.97 10.29 35.51
N ALA Q 121 -21.18 9.90 35.12
CA ALA Q 121 -21.39 8.60 34.49
C ALA Q 121 -20.80 8.53 33.09
N GLY Q 122 -20.74 9.66 32.38
CA GLY Q 122 -20.22 9.64 31.03
C GLY Q 122 -18.72 9.79 30.90
N THR Q 123 -18.03 10.06 32.01
CA THR Q 123 -16.58 10.23 31.96
C THR Q 123 -15.89 8.90 32.18
N PRO Q 124 -15.13 8.39 31.21
CA PRO Q 124 -14.41 7.14 31.43
C PRO Q 124 -13.24 7.32 32.37
N SER Q 125 -12.94 6.25 33.12
CA SER Q 125 -11.76 6.27 33.98
C SER Q 125 -10.49 6.14 33.14
N ALA Q 126 -10.52 5.28 32.12
CA ALA Q 126 -9.41 5.12 31.20
C ALA Q 126 -9.94 5.27 29.78
N CYS Q 127 -9.19 6.00 28.95
CA CYS Q 127 -9.57 6.23 27.58
C CYS Q 127 -8.32 6.42 26.74
N ASN Q 128 -8.44 6.21 25.44
CA ASN Q 128 -7.32 6.38 24.52
C ASN Q 128 -7.44 7.66 23.69
N ASP Q 129 -8.56 7.82 22.98
CA ASP Q 129 -8.77 8.96 22.10
C ASP Q 129 -9.43 10.08 22.89
N ALA Q 130 -8.76 11.23 22.95
CA ALA Q 130 -9.33 12.38 23.66
C ALA Q 130 -10.46 13.02 22.86
N ALA Q 131 -10.41 12.93 21.53
CA ALA Q 131 -11.50 13.43 20.71
C ALA Q 131 -12.77 12.60 20.90
N TYR Q 132 -12.62 11.28 20.92
CA TYR Q 132 -13.77 10.41 21.18
C TYR Q 132 -14.27 10.58 22.61
N ARG Q 133 -13.36 10.79 23.56
CA ARG Q 133 -13.76 11.03 24.94
C ARG Q 133 -14.55 12.33 25.07
N ASP Q 134 -14.12 13.38 24.36
CA ASP Q 134 -14.83 14.65 24.41
C ASP Q 134 -16.19 14.55 23.71
N LYS Q 135 -16.26 13.80 22.60
CA LYS Q 135 -17.54 13.62 21.93
C LYS Q 135 -18.51 12.80 22.77
N LEU Q 136 -18.02 11.75 23.45
CA LEU Q 136 -18.86 10.97 24.33
C LEU Q 136 -19.32 11.77 25.54
N LEU Q 137 -18.43 12.63 26.07
CA LEU Q 137 -18.80 13.52 27.16
C LEU Q 137 -19.86 14.52 26.73
N GLN Q 138 -19.75 15.06 25.51
CA GLN Q 138 -20.75 15.98 25.00
C GLN Q 138 -22.07 15.28 24.72
N THR Q 139 -22.02 14.02 24.28
CA THR Q 139 -23.24 13.25 24.05
C THR Q 139 -23.96 12.95 25.36
N VAL Q 140 -23.21 12.58 26.40
CA VAL Q 140 -23.81 12.33 27.70
C VAL Q 140 -24.35 13.63 28.31
N ALA Q 141 -23.63 14.74 28.13
CA ALA Q 141 -24.09 16.03 28.63
C ALA Q 141 -25.33 16.51 27.87
N THR Q 142 -25.41 16.22 26.58
CA THR Q 142 -26.62 16.51 25.80
C THR Q 142 -27.81 15.70 26.32
N TYR Q 143 -27.58 14.41 26.61
CA TYR Q 143 -28.62 13.56 27.18
C TYR Q 143 -29.08 14.08 28.54
N VAL Q 144 -28.15 14.53 29.36
CA VAL Q 144 -28.50 15.12 30.65
C VAL Q 144 -29.27 16.42 30.45
N ASN Q 145 -28.93 17.16 29.38
CA ASN Q 145 -29.58 18.43 29.12
C ASN Q 145 -31.06 18.28 28.76
N ASP Q 146 -31.42 17.33 27.88
CA ASP Q 146 -32.85 17.26 27.57
C ASP Q 146 -33.59 16.41 28.61
N GLN Q 147 -33.05 15.24 28.93
CA GLN Q 147 -33.72 14.29 29.83
C GLN Q 147 -32.70 13.78 30.85
N GLY Q 148 -32.63 14.46 31.99
CA GLY Q 148 -31.68 14.12 33.03
C GLY Q 148 -31.99 12.79 33.72
N PHE Q 149 -31.19 12.50 34.74
CA PHE Q 149 -31.24 11.19 35.39
C PHE Q 149 -32.50 11.01 36.22
N ALA Q 150 -33.65 10.89 35.57
CA ALA Q 150 -34.93 10.80 36.25
C ALA Q 150 -35.60 9.45 36.06
N GLU Q 151 -35.72 8.97 34.82
CA GLU Q 151 -36.32 7.66 34.56
C GLU Q 151 -35.44 6.54 35.08
N LEU Q 152 -34.13 6.63 34.83
CA LEU Q 152 -33.19 5.63 35.35
C LEU Q 152 -33.15 5.65 36.87
N ALA Q 153 -33.17 6.84 37.48
CA ALA Q 153 -33.16 6.94 38.93
C ALA Q 153 -34.46 6.45 39.53
N ARG Q 154 -35.59 6.66 38.84
CA ARG Q 154 -36.86 6.11 39.31
C ARG Q 154 -36.86 4.60 39.24
N ARG Q 155 -36.28 4.03 38.19
CA ARG Q 155 -36.23 2.58 38.07
C ARG Q 155 -35.26 1.97 39.08
N TYR Q 156 -34.13 2.64 39.35
CA TYR Q 156 -33.23 2.21 40.40
C TYR Q 156 -33.86 2.36 41.78
N ALA Q 157 -34.70 3.37 41.96
CA ALA Q 157 -35.46 3.53 43.19
C ALA Q 157 -36.47 2.41 43.38
N HIS Q 158 -37.08 1.97 42.28
CA HIS Q 158 -37.99 0.83 42.34
C HIS Q 158 -37.23 -0.46 42.67
N ASN Q 159 -36.06 -0.65 42.08
CA ASN Q 159 -35.24 -1.82 42.40
C ASN Q 159 -34.68 -1.78 43.81
N LEU Q 160 -34.56 -0.60 44.40
CA LEU Q 160 -34.32 -0.52 45.84
C LEU Q 160 -35.59 -0.80 46.63
N ALA Q 161 -36.76 -0.41 46.09
CA ALA Q 161 -38.02 -0.50 46.84
C ALA Q 161 -38.45 -1.95 47.02
N ASN Q 162 -38.43 -2.73 45.95
CA ASN Q 162 -38.63 -4.16 46.08
C ASN Q 162 -37.29 -4.83 46.36
N ALA Q 163 -37.33 -5.90 47.15
CA ALA Q 163 -36.10 -6.60 47.54
C ALA Q 163 -35.71 -7.58 46.44
N ARG Q 164 -35.27 -7.02 45.31
CA ARG Q 164 -34.75 -7.85 44.23
C ARG Q 164 -33.37 -8.40 44.57
N PHE Q 165 -32.68 -7.75 45.52
CA PHE Q 165 -31.43 -8.27 46.04
C PHE Q 165 -31.63 -9.41 47.02
N LEU Q 166 -32.88 -9.68 47.39
CA LEU Q 166 -33.26 -10.93 48.06
C LEU Q 166 -33.78 -11.87 46.96
N TRP Q 167 -32.84 -12.46 46.22
CA TRP Q 167 -33.10 -13.11 44.94
C TRP Q 167 -34.01 -14.33 44.99
N ARG Q 168 -33.54 -15.44 45.57
CA ARG Q 168 -34.41 -16.53 45.95
C ARG Q 168 -34.93 -16.34 47.37
N ASN Q 169 -34.76 -15.14 47.91
CA ASN Q 169 -34.80 -14.87 49.33
C ASN Q 169 -35.99 -14.00 49.71
N ARG Q 170 -36.80 -13.61 48.72
CA ARG Q 170 -38.15 -13.10 48.93
C ARG Q 170 -39.17 -13.84 48.07
N VAL Q 171 -38.76 -14.93 47.43
CA VAL Q 171 -39.63 -15.68 46.51
C VAL Q 171 -40.79 -16.31 47.29
N GLY Q 172 -40.49 -16.97 48.40
CA GLY Q 172 -41.53 -17.53 49.22
C GLY Q 172 -41.72 -16.77 50.51
N ALA Q 173 -41.73 -15.45 50.44
CA ALA Q 173 -41.86 -14.61 51.62
C ALA Q 173 -43.29 -14.14 51.77
N GLU Q 174 -43.82 -14.27 52.99
CA GLU Q 174 -45.17 -13.80 53.27
C GLU Q 174 -45.27 -12.28 53.22
N ALA Q 175 -44.25 -11.59 53.72
CA ALA Q 175 -44.22 -10.14 53.70
C ALA Q 175 -42.78 -9.67 53.60
N VAL Q 176 -42.54 -8.70 52.71
CA VAL Q 176 -41.22 -8.10 52.51
C VAL Q 176 -41.34 -6.61 52.78
N GLU Q 177 -40.40 -6.07 53.56
CA GLU Q 177 -40.36 -4.66 53.91
C GLU Q 177 -38.95 -4.13 53.66
N VAL Q 178 -38.85 -2.90 53.16
CA VAL Q 178 -37.57 -2.29 52.81
C VAL Q 178 -37.51 -0.90 53.42
N ARG Q 179 -36.44 -0.63 54.17
CA ARG Q 179 -36.16 0.69 54.73
C ARG Q 179 -34.89 1.23 54.09
N ILE Q 180 -34.98 2.42 53.50
CA ILE Q 180 -33.84 3.07 52.85
C ILE Q 180 -33.59 4.39 53.57
N ASN Q 181 -32.51 4.46 54.33
CA ASN Q 181 -32.14 5.66 55.07
C ASN Q 181 -31.05 6.43 54.33
N HIS Q 182 -31.05 7.74 54.50
CA HIS Q 182 -30.10 8.64 53.86
C HIS Q 182 -29.18 9.20 54.94
N ILE Q 183 -27.89 8.88 54.84
CA ILE Q 183 -26.90 9.32 55.81
C ILE Q 183 -26.19 10.55 55.27
N ARG Q 184 -26.11 11.60 56.08
CA ARG Q 184 -25.51 12.86 55.65
C ARG Q 184 -24.19 13.14 56.34
N GLN Q 185 -24.16 13.20 57.67
CA GLN Q 185 -22.95 13.43 58.44
C GLN Q 185 -22.81 12.39 59.54
N GLY Q 186 -23.10 11.13 59.22
CA GLY Q 186 -23.17 10.08 60.20
C GLY Q 186 -24.52 9.95 60.86
N GLU Q 187 -25.46 10.85 60.57
CA GLU Q 187 -26.81 10.81 61.10
C GLU Q 187 -27.79 10.68 59.93
N VAL Q 188 -28.98 10.17 60.23
CA VAL Q 188 -29.98 9.94 59.19
C VAL Q 188 -30.56 11.28 58.74
N ALA Q 189 -30.85 11.40 57.45
CA ALA Q 189 -31.39 12.62 56.89
C ALA Q 189 -32.83 12.43 56.40
N ARG Q 190 -33.05 11.41 55.56
CA ARG Q 190 -34.37 11.10 55.03
C ARG Q 190 -34.57 9.58 55.05
N ALA Q 191 -35.58 9.13 55.78
CA ALA Q 191 -35.90 7.72 55.91
C ALA Q 191 -37.05 7.38 54.98
N TRP Q 192 -36.92 6.24 54.28
CA TRP Q 192 -37.87 5.80 53.28
C TRP Q 192 -38.34 4.39 53.62
N ARG Q 193 -39.35 4.29 54.47
CA ARG Q 193 -39.95 3.01 54.81
C ARG Q 193 -40.91 2.60 53.70
N PHE Q 194 -40.72 1.39 53.17
CA PHE Q 194 -41.47 0.92 52.01
C PHE Q 194 -42.22 -0.36 52.33
N ASP Q 195 -42.83 -0.92 51.30
CA ASP Q 195 -43.53 -2.21 51.39
C ASP Q 195 -43.32 -2.91 50.05
N ALA Q 196 -42.39 -3.87 50.02
CA ALA Q 196 -41.95 -4.47 48.78
C ALA Q 196 -42.98 -5.39 48.14
N LEU Q 197 -44.05 -5.74 48.85
CA LEU Q 197 -45.14 -6.48 48.21
C LEU Q 197 -45.92 -5.58 47.26
N ALA Q 198 -46.12 -4.32 47.64
CA ALA Q 198 -46.88 -3.39 46.80
C ALA Q 198 -46.08 -3.00 45.56
N ILE Q 199 -44.81 -2.67 45.72
CA ILE Q 199 -43.94 -2.33 44.60
C ILE Q 199 -43.57 -3.64 43.91
N GLY Q 200 -44.14 -3.87 42.73
CA GLY Q 200 -43.93 -5.13 42.05
C GLY Q 200 -42.57 -5.23 41.41
N LEU Q 201 -42.25 -6.46 40.99
CA LEU Q 201 -41.02 -6.75 40.29
C LEU Q 201 -41.14 -6.60 38.78
N ARG Q 202 -42.30 -6.13 38.29
CA ARG Q 202 -42.53 -6.00 36.85
C ARG Q 202 -43.04 -4.61 36.48
N ASP Q 203 -43.72 -3.95 37.41
CA ASP Q 203 -44.40 -2.69 37.13
C ASP Q 203 -43.56 -1.53 37.65
N PHE Q 204 -43.22 -0.60 36.75
CA PHE Q 204 -42.49 0.62 37.10
C PHE Q 204 -43.49 1.77 37.18
N LYS Q 205 -44.23 1.81 38.28
CA LYS Q 205 -45.25 2.82 38.50
C LYS Q 205 -44.64 4.07 39.12
N ALA Q 206 -45.47 4.97 39.65
CA ALA Q 206 -45.01 6.20 40.27
C ALA Q 206 -45.56 6.31 41.68
N ASP Q 207 -44.70 6.75 42.60
CA ASP Q 207 -45.08 6.97 43.99
C ASP Q 207 -44.29 8.16 44.52
N ALA Q 208 -44.91 8.91 45.45
CA ALA Q 208 -44.33 10.16 45.93
C ALA Q 208 -43.02 9.93 46.68
N GLU Q 209 -42.98 8.90 47.53
CA GLU Q 209 -41.73 8.53 48.19
C GLU Q 209 -40.72 7.97 47.18
N LEU Q 210 -41.22 7.23 46.19
CA LEU Q 210 -40.35 6.76 45.11
C LEU Q 210 -39.86 7.91 44.24
N ASP Q 211 -40.67 8.94 44.03
CA ASP Q 211 -40.19 10.13 43.34
C ASP Q 211 -39.16 10.89 44.16
N ALA Q 212 -39.31 10.92 45.49
CA ALA Q 212 -38.31 11.57 46.33
C ALA Q 212 -36.98 10.83 46.31
N LEU Q 213 -37.03 9.49 46.37
CA LEU Q 213 -35.82 8.68 46.23
C LEU Q 213 -35.22 8.81 44.84
N ALA Q 214 -36.08 8.94 43.82
CA ALA Q 214 -35.62 9.18 42.46
C ALA Q 214 -34.92 10.52 42.33
N GLU Q 215 -35.42 11.54 43.02
CA GLU Q 215 -34.77 12.86 43.00
C GLU Q 215 -33.43 12.81 43.74
N LEU Q 216 -33.33 12.01 44.80
CA LEU Q 216 -32.05 11.88 45.48
C LEU Q 216 -31.01 11.16 44.62
N ILE Q 217 -31.42 10.05 43.97
CA ILE Q 217 -30.51 9.37 43.05
C ILE Q 217 -30.23 10.24 41.82
N ALA Q 218 -31.17 11.12 41.46
CA ALA Q 218 -30.93 12.10 40.40
C ALA Q 218 -29.84 13.08 40.78
N SER Q 219 -29.88 13.58 42.02
CA SER Q 219 -28.86 14.50 42.50
C SER Q 219 -27.50 13.80 42.62
N GLY Q 220 -27.51 12.52 43.00
CA GLY Q 220 -26.26 11.77 43.06
C GLY Q 220 -25.68 11.50 41.68
N LEU Q 221 -26.51 11.15 40.71
CA LEU Q 221 -26.04 10.77 39.39
C LEU Q 221 -25.63 11.98 38.55
N SER Q 222 -26.21 13.14 38.82
CA SER Q 222 -25.86 14.36 38.10
C SER Q 222 -24.67 15.09 38.72
N GLY Q 223 -24.10 14.57 39.80
CA GLY Q 223 -23.01 15.23 40.47
C GLY Q 223 -23.40 16.38 41.35
N SER Q 224 -24.69 16.53 41.65
CA SER Q 224 -25.14 17.66 42.48
C SER Q 224 -24.72 17.49 43.93
N GLY Q 225 -24.73 16.25 44.43
CA GLY Q 225 -24.33 16.00 45.80
C GLY Q 225 -23.90 14.56 45.98
N HIS Q 226 -23.52 14.24 47.21
CA HIS Q 226 -23.11 12.89 47.57
C HIS Q 226 -24.28 12.15 48.20
N VAL Q 227 -24.54 10.93 47.71
CA VAL Q 227 -25.68 10.14 48.13
C VAL Q 227 -25.18 8.79 48.63
N LEU Q 228 -25.43 8.50 49.91
CA LEU Q 228 -25.13 7.20 50.52
C LEU Q 228 -26.40 6.71 51.19
N LEU Q 229 -26.88 5.55 50.77
CA LEU Q 229 -28.17 5.02 51.23
C LEU Q 229 -27.98 3.69 51.93
N GLU Q 230 -28.50 3.57 53.15
CA GLU Q 230 -28.47 2.33 53.91
C GLU Q 230 -29.80 1.63 53.70
N VAL Q 231 -29.78 0.49 53.03
CA VAL Q 231 -30.98 -0.26 52.68
C VAL Q 231 -31.01 -1.54 53.50
N VAL Q 232 -32.09 -1.70 54.26
CA VAL Q 232 -32.32 -2.87 55.11
C VAL Q 232 -33.64 -3.50 54.68
N ALA Q 233 -33.60 -4.79 54.35
CA ALA Q 233 -34.76 -5.55 53.91
C ALA Q 233 -35.09 -6.63 54.93
N PHE Q 234 -36.34 -6.67 55.37
CA PHE Q 234 -36.85 -7.70 56.27
C PHE Q 234 -37.83 -8.56 55.49
N ALA Q 235 -37.54 -9.85 55.41
CA ALA Q 235 -38.38 -10.81 54.69
C ALA Q 235 -38.89 -11.86 55.67
N ARG Q 236 -40.20 -12.08 55.66
CA ARG Q 236 -40.82 -13.09 56.52
C ARG Q 236 -40.84 -14.41 55.76
N ILE Q 237 -39.80 -15.23 56.00
CA ILE Q 237 -39.74 -16.53 55.36
C ILE Q 237 -40.41 -17.56 56.25
N GLY Q 238 -39.84 -17.80 57.42
CA GLY Q 238 -40.38 -18.80 58.33
C GLY Q 238 -39.42 -19.07 59.46
N ASP Q 239 -39.94 -19.74 60.49
CA ASP Q 239 -39.15 -20.02 61.68
C ASP Q 239 -38.14 -21.12 61.39
N GLY Q 240 -36.86 -20.78 61.48
CA GLY Q 240 -35.81 -21.76 61.25
C GLY Q 240 -35.68 -22.22 59.83
N GLN Q 241 -36.19 -21.46 58.88
CA GLN Q 241 -36.22 -21.87 57.48
C GLN Q 241 -34.87 -21.59 56.83
N GLU Q 242 -34.78 -21.87 55.54
CA GLU Q 242 -33.53 -21.72 54.81
C GLU Q 242 -33.48 -20.37 54.11
N VAL Q 243 -32.41 -19.63 54.36
CA VAL Q 243 -32.13 -18.42 53.61
C VAL Q 243 -31.03 -18.71 52.61
N PHE Q 244 -30.90 -17.86 51.62
CA PHE Q 244 -30.08 -18.15 50.44
C PHE Q 244 -29.08 -17.02 50.22
N PRO Q 245 -27.91 -17.10 50.84
CA PRO Q 245 -26.85 -16.11 50.59
C PRO Q 245 -26.12 -16.42 49.29
N SER Q 246 -25.07 -15.64 49.05
CA SER Q 246 -24.23 -15.86 47.89
C SER Q 246 -23.40 -17.13 48.04
N GLN Q 247 -23.32 -17.91 46.98
CA GLN Q 247 -22.57 -19.16 46.98
C GLN Q 247 -21.18 -18.90 46.39
N GLU Q 248 -20.17 -19.43 47.06
CA GLU Q 248 -18.78 -19.21 46.67
C GLU Q 248 -18.32 -20.27 45.67
N LEU Q 249 -17.01 -20.35 45.49
CA LEU Q 249 -16.37 -21.30 44.60
C LEU Q 249 -15.56 -22.29 45.42
N ILE Q 250 -15.62 -23.56 45.05
CA ILE Q 250 -14.92 -24.63 45.75
C ILE Q 250 -13.79 -25.14 44.88
N LEU Q 251 -12.59 -25.21 45.45
CA LEU Q 251 -11.43 -25.71 44.71
C LEU Q 251 -11.43 -27.24 44.62
N ASP Q 252 -12.21 -27.92 45.47
CA ASP Q 252 -12.36 -29.38 45.52
C ASP Q 252 -11.02 -30.07 45.76
N LYS Q 253 -10.39 -29.70 46.88
CA LYS Q 253 -9.11 -30.26 47.28
C LYS Q 253 -9.23 -31.26 48.42
N GLY Q 254 -10.45 -31.66 48.78
CA GLY Q 254 -10.70 -32.58 49.86
C GLY Q 254 -10.99 -33.99 49.39
N ASP Q 255 -11.64 -34.76 50.26
CA ASP Q 255 -11.99 -36.14 49.96
C ASP Q 255 -13.30 -36.18 49.17
N LYS Q 256 -13.87 -37.38 49.03
CA LYS Q 256 -15.13 -37.54 48.31
C LYS Q 256 -16.33 -37.71 49.22
N LYS Q 257 -16.13 -38.20 50.45
CA LYS Q 257 -17.24 -38.30 51.40
C LYS Q 257 -17.62 -36.92 51.93
N GLY Q 258 -16.66 -36.22 52.53
CA GLY Q 258 -16.84 -34.83 52.89
C GLY Q 258 -16.36 -33.93 51.75
N GLN Q 259 -17.04 -34.00 50.61
CA GLN Q 259 -16.54 -33.39 49.39
C GLN Q 259 -16.64 -31.87 49.40
N LYS Q 260 -17.48 -31.30 50.27
CA LYS Q 260 -17.74 -29.86 50.39
C LYS Q 260 -18.23 -29.28 49.06
N SER Q 261 -19.39 -29.78 48.62
CA SER Q 261 -19.91 -29.44 47.30
C SER Q 261 -20.53 -28.05 47.24
N LYS Q 262 -20.75 -27.40 48.38
CA LYS Q 262 -21.44 -26.12 48.41
C LYS Q 262 -21.00 -25.34 49.64
N THR Q 263 -20.49 -24.13 49.42
CA THR Q 263 -20.17 -23.21 50.50
C THR Q 263 -20.85 -21.87 50.22
N LEU Q 264 -21.20 -21.17 51.30
CA LEU Q 264 -21.93 -19.91 51.22
C LEU Q 264 -21.06 -18.79 51.77
N TYR Q 265 -21.26 -17.58 51.24
CA TYR Q 265 -20.28 -16.52 51.44
C TYR Q 265 -20.57 -15.82 52.76
N SER Q 266 -19.51 -15.45 53.47
CA SER Q 266 -19.64 -14.75 54.74
C SER Q 266 -18.42 -13.85 54.90
N VAL Q 267 -18.53 -12.85 55.76
CA VAL Q 267 -17.38 -11.96 55.97
C VAL Q 267 -16.64 -12.27 57.27
N ARG Q 268 -17.29 -12.13 58.45
CA ARG Q 268 -16.69 -12.44 59.76
C ARG Q 268 -17.78 -13.15 60.56
N ASP Q 269 -17.87 -14.48 60.39
CA ASP Q 269 -18.85 -15.35 61.05
C ASP Q 269 -20.28 -14.84 60.86
N ALA Q 270 -20.58 -14.37 59.66
CA ALA Q 270 -21.83 -13.67 59.39
C ALA Q 270 -22.13 -13.79 57.90
N ALA Q 271 -23.15 -14.57 57.56
CA ALA Q 271 -23.49 -14.83 56.16
C ALA Q 271 -23.94 -13.55 55.47
N ALA Q 272 -23.65 -13.46 54.18
CA ALA Q 272 -23.86 -12.21 53.46
C ALA Q 272 -24.05 -12.49 51.99
N ILE Q 273 -24.48 -11.45 51.26
CA ILE Q 273 -24.65 -11.49 49.82
C ILE Q 273 -23.52 -10.68 49.18
N HIS Q 274 -23.06 -11.14 48.01
CA HIS Q 274 -22.04 -10.42 47.26
C HIS Q 274 -22.55 -9.06 46.79
N SER Q 275 -21.64 -8.09 46.75
CA SER Q 275 -22.01 -6.74 46.33
C SER Q 275 -22.41 -6.69 44.86
N GLN Q 276 -21.75 -7.46 44.01
CA GLN Q 276 -22.11 -7.49 42.60
C GLN Q 276 -23.46 -8.15 42.35
N LYS Q 277 -23.92 -9.02 43.26
CA LYS Q 277 -25.26 -9.56 43.17
C LYS Q 277 -26.31 -8.50 43.47
N ILE Q 278 -26.04 -7.65 44.47
CA ILE Q 278 -26.91 -6.51 44.76
C ILE Q 278 -26.92 -5.54 43.59
N GLY Q 279 -25.74 -5.32 42.99
CA GLY Q 279 -25.66 -4.41 41.85
C GLY Q 279 -26.40 -4.92 40.64
N ASN Q 280 -26.35 -6.23 40.38
CA ASN Q 280 -27.15 -6.82 39.31
C ASN Q 280 -28.63 -6.78 39.63
N ALA Q 281 -28.99 -6.82 40.91
CA ALA Q 281 -30.39 -6.64 41.28
C ALA Q 281 -30.88 -5.21 41.02
N LEU Q 282 -30.07 -4.21 41.36
CA LEU Q 282 -30.45 -2.83 41.05
C LEU Q 282 -30.41 -2.55 39.55
N ARG Q 283 -29.60 -3.27 38.79
CA ARG Q 283 -29.55 -3.04 37.35
C ARG Q 283 -30.74 -3.64 36.59
N THR Q 284 -31.62 -4.39 37.25
CA THR Q 284 -32.71 -5.04 36.54
C THR Q 284 -33.80 -3.97 36.37
N ILE Q 285 -33.63 -3.16 35.32
CA ILE Q 285 -34.55 -2.08 34.99
C ILE Q 285 -34.87 -2.13 33.50
N ASP Q 286 -34.11 -2.94 32.77
CA ASP Q 286 -34.18 -2.93 31.31
C ASP Q 286 -35.44 -3.59 30.79
N THR Q 287 -36.47 -2.78 30.53
CA THR Q 287 -37.72 -3.23 29.94
C THR Q 287 -37.82 -2.92 28.46
N TRP Q 288 -36.71 -2.53 27.83
CA TRP Q 288 -36.75 -2.05 26.46
C TRP Q 288 -36.03 -2.98 25.49
N TYR Q 289 -35.86 -4.24 25.86
CA TYR Q 289 -35.27 -5.21 24.95
C TYR Q 289 -36.25 -5.54 23.82
N PRO Q 290 -35.75 -5.82 22.61
CA PRO Q 290 -36.65 -5.96 21.45
C PRO Q 290 -37.61 -7.14 21.50
N ASP Q 291 -37.39 -8.13 22.36
CA ASP Q 291 -38.34 -9.22 22.50
C ASP Q 291 -39.51 -8.79 23.38
N GLU Q 292 -40.39 -9.74 23.68
CA GLU Q 292 -41.58 -9.43 24.46
C GLU Q 292 -41.22 -9.14 25.91
N ASP Q 293 -41.82 -8.07 26.45
CA ASP Q 293 -41.54 -7.62 27.81
C ASP Q 293 -42.60 -8.09 28.80
N GLY Q 294 -43.40 -9.10 28.42
CA GLY Q 294 -44.34 -9.69 29.36
C GLY Q 294 -43.67 -10.51 30.44
N LEU Q 295 -42.43 -10.96 30.20
CA LEU Q 295 -41.67 -11.63 31.25
C LEU Q 295 -41.32 -10.65 32.38
N GLY Q 296 -40.91 -9.45 32.03
CA GLY Q 296 -40.54 -8.45 33.01
C GLY Q 296 -39.22 -7.80 32.68
N PRO Q 297 -38.71 -6.98 33.59
CA PRO Q 297 -37.41 -6.34 33.36
C PRO Q 297 -36.26 -7.33 33.44
N ILE Q 298 -35.23 -7.07 32.65
CA ILE Q 298 -33.97 -7.79 32.72
C ILE Q 298 -32.89 -6.84 33.19
N ALA Q 299 -31.70 -7.38 33.42
CA ALA Q 299 -30.61 -6.58 33.95
C ALA Q 299 -30.01 -5.67 32.90
N VAL Q 300 -29.51 -4.52 33.35
CA VAL Q 300 -28.72 -3.64 32.49
C VAL Q 300 -27.37 -4.31 32.25
N GLU Q 301 -27.07 -4.56 30.96
CA GLU Q 301 -25.90 -5.29 30.49
C GLU Q 301 -25.82 -5.17 28.97
N PRO Q 302 -24.62 -5.24 28.39
CA PRO Q 302 -24.54 -5.40 26.94
C PRO Q 302 -25.07 -6.76 26.52
N TYR Q 303 -25.74 -6.78 25.36
CA TYR Q 303 -26.41 -7.96 24.77
C TYR Q 303 -27.41 -8.62 25.72
N GLY Q 304 -28.03 -7.82 26.59
CA GLY Q 304 -29.18 -8.16 27.43
C GLY Q 304 -29.27 -9.55 28.05
N SER Q 305 -28.15 -10.06 28.54
CA SER Q 305 -27.96 -11.48 28.77
C SER Q 305 -28.31 -11.84 30.21
N VAL Q 306 -29.44 -12.52 30.39
CA VAL Q 306 -29.83 -13.08 31.67
C VAL Q 306 -29.34 -14.53 31.73
N THR Q 307 -28.67 -14.89 32.82
CA THR Q 307 -28.08 -16.22 32.92
C THR Q 307 -29.08 -17.29 33.32
N SER Q 308 -30.23 -16.91 33.87
CA SER Q 308 -31.25 -17.91 34.21
C SER Q 308 -31.94 -18.43 32.95
N GLN Q 309 -32.29 -17.54 32.04
CA GLN Q 309 -32.91 -17.95 30.78
C GLN Q 309 -31.92 -18.54 29.80
N GLY Q 310 -30.65 -18.13 29.87
CA GLY Q 310 -29.67 -18.59 28.90
C GLY Q 310 -29.84 -18.04 27.50
N LYS Q 311 -30.70 -17.04 27.33
CA LYS Q 311 -31.03 -16.46 26.04
C LYS Q 311 -30.78 -14.96 26.10
N ALA Q 312 -30.09 -14.45 25.09
CA ALA Q 312 -29.76 -13.02 25.04
C ALA Q 312 -30.83 -12.29 24.26
N TYR Q 313 -31.61 -11.46 24.96
CA TYR Q 313 -32.29 -10.38 24.29
C TYR Q 313 -31.30 -9.27 23.99
N ARG Q 314 -31.71 -8.30 23.16
CA ARG Q 314 -30.84 -7.28 22.58
C ARG Q 314 -29.65 -7.92 21.87
N GLN Q 315 -29.95 -8.81 20.94
CA GLN Q 315 -28.91 -9.43 20.14
C GLN Q 315 -28.27 -8.41 19.20
N PRO Q 316 -26.99 -8.56 18.88
CA PRO Q 316 -26.37 -7.66 17.88
C PRO Q 316 -26.91 -7.83 16.48
N LYS Q 317 -27.60 -8.94 16.17
CA LYS Q 317 -28.28 -9.06 14.90
C LYS Q 317 -29.42 -8.04 14.77
N GLN Q 318 -30.17 -7.84 15.86
CA GLN Q 318 -31.27 -6.88 15.85
C GLN Q 318 -30.81 -5.44 16.01
N LYS Q 319 -29.51 -5.22 16.27
CA LYS Q 319 -28.90 -3.89 16.45
C LYS Q 319 -29.56 -3.12 17.60
N LEU Q 320 -29.89 -3.82 18.68
CA LEU Q 320 -30.44 -3.19 19.88
C LEU Q 320 -29.55 -3.41 21.10
N ASP Q 321 -28.30 -3.80 20.90
CA ASP Q 321 -27.37 -3.96 22.01
C ASP Q 321 -26.78 -2.62 22.41
N PHE Q 322 -25.89 -2.63 23.40
CA PHE Q 322 -25.33 -1.37 23.89
C PHE Q 322 -24.30 -0.81 22.93
N TYR Q 323 -23.47 -1.67 22.32
CA TYR Q 323 -22.33 -1.19 21.56
C TYR Q 323 -22.75 -0.56 20.23
N THR Q 324 -23.69 -1.19 19.52
CA THR Q 324 -24.18 -0.63 18.26
C THR Q 324 -24.91 0.68 18.49
N LEU Q 325 -25.74 0.75 19.54
CA LEU Q 325 -26.47 1.97 19.85
C LEU Q 325 -25.53 3.09 20.28
N LEU Q 326 -24.51 2.76 21.06
CA LEU Q 326 -23.53 3.77 21.49
C LEU Q 326 -22.71 4.29 20.32
N ASP Q 327 -22.27 3.40 19.42
CA ASP Q 327 -21.51 3.83 18.26
C ASP Q 327 -22.37 4.66 17.30
N ASN Q 328 -23.63 4.27 17.12
CA ASN Q 328 -24.53 5.07 16.28
C ASN Q 328 -24.82 6.42 16.92
N TRP Q 329 -24.90 6.47 18.25
CA TRP Q 329 -25.19 7.72 18.94
C TRP Q 329 -24.01 8.67 18.88
N VAL Q 330 -22.79 8.16 19.06
CA VAL Q 330 -21.63 9.04 19.20
C VAL Q 330 -21.00 9.34 17.85
N LEU Q 331 -20.69 8.30 17.05
CA LEU Q 331 -19.96 8.54 15.81
C LEU Q 331 -20.87 9.07 14.71
N ARG Q 332 -21.89 8.31 14.34
CA ARG Q 332 -22.77 8.68 13.24
C ARG Q 332 -23.83 9.69 13.65
N ASP Q 333 -23.91 10.03 14.95
CA ASP Q 333 -24.90 10.94 15.54
C ASP Q 333 -26.33 10.48 15.27
N GLU Q 334 -26.54 9.17 15.21
CA GLU Q 334 -27.87 8.59 15.05
C GLU Q 334 -28.40 8.33 16.45
N ALA Q 335 -29.10 9.31 17.01
CA ALA Q 335 -29.64 9.18 18.35
C ALA Q 335 -30.78 8.18 18.34
N PRO Q 336 -30.74 7.14 19.18
CA PRO Q 336 -31.78 6.11 19.14
C PRO Q 336 -33.07 6.56 19.80
N ALA Q 337 -33.99 5.62 20.01
CA ALA Q 337 -35.19 5.89 20.77
C ALA Q 337 -34.81 6.26 22.21
N VAL Q 338 -35.69 7.03 22.85
CA VAL Q 338 -35.39 7.66 24.14
C VAL Q 338 -35.20 6.60 25.23
N GLU Q 339 -35.96 5.52 25.16
CA GLU Q 339 -35.76 4.40 26.06
C GLU Q 339 -34.43 3.70 25.79
N GLN Q 340 -34.00 3.68 24.54
CA GLN Q 340 -32.73 3.03 24.22
C GLN Q 340 -31.55 3.87 24.68
N GLN Q 341 -31.64 5.20 24.61
CA GLN Q 341 -30.56 6.01 25.16
C GLN Q 341 -30.60 6.02 26.69
N HIS Q 342 -31.78 5.81 27.28
CA HIS Q 342 -31.86 5.51 28.72
C HIS Q 342 -31.08 4.24 29.04
N TYR Q 343 -31.25 3.20 28.21
CA TYR Q 343 -30.52 1.94 28.39
C TYR Q 343 -29.02 2.11 28.22
N VAL Q 344 -28.61 2.92 27.23
CA VAL Q 344 -27.19 3.15 26.96
C VAL Q 344 -26.53 3.88 28.13
N ILE Q 345 -27.20 4.91 28.65
CA ILE Q 345 -26.64 5.64 29.78
C ILE Q 345 -26.68 4.81 31.05
N ALA Q 346 -27.67 3.91 31.18
CA ALA Q 346 -27.68 2.97 32.31
C ALA Q 346 -26.52 1.98 32.22
N ASN Q 347 -26.14 1.58 31.00
CA ASN Q 347 -24.95 0.76 30.82
C ASN Q 347 -23.68 1.53 31.19
N LEU Q 348 -23.65 2.83 30.88
CA LEU Q 348 -22.52 3.64 31.31
C LEU Q 348 -22.50 3.83 32.82
N ILE Q 349 -23.68 3.83 33.45
CA ILE Q 349 -23.77 3.92 34.90
C ILE Q 349 -23.25 2.63 35.54
N ARG Q 350 -23.60 1.48 34.98
CA ARG Q 350 -23.12 0.20 35.51
C ARG Q 350 -21.63 -0.03 35.27
N GLY Q 351 -21.01 0.75 34.38
CA GLY Q 351 -19.59 0.62 34.13
C GLY Q 351 -19.26 -0.54 33.21
N GLY Q 352 -18.00 -0.60 32.80
CA GLY Q 352 -17.57 -1.70 31.98
C GLY Q 352 -16.16 -1.51 31.46
N VAL Q 353 -15.76 -2.47 30.64
CA VAL Q 353 -14.47 -2.54 29.97
C VAL Q 353 -14.78 -2.43 28.49
N PHE Q 354 -15.72 -1.54 28.15
CA PHE Q 354 -16.08 -1.25 26.77
C PHE Q 354 -14.86 -0.81 25.98
N GLY Q 355 -14.93 -0.99 24.67
CA GLY Q 355 -13.74 -0.88 23.85
C GLY Q 355 -13.31 -2.26 23.38
N GLU Q 356 -12.11 -2.29 22.80
CA GLU Q 356 -11.62 -3.51 22.18
C GLU Q 356 -11.25 -4.55 23.24
N ALA Q 357 -11.78 -5.76 23.08
CA ALA Q 357 -11.42 -6.87 23.95
C ALA Q 357 -11.49 -8.19 23.19
N ILE R 23 33.21 20.63 23.96
CA ILE R 23 31.99 21.06 23.30
C ILE R 23 30.83 20.98 24.28
N LEU R 24 31.11 20.39 25.44
CA LEU R 24 30.16 20.22 26.56
C LEU R 24 28.91 19.45 26.12
N SER R 25 29.13 18.19 25.79
CA SER R 25 28.03 17.29 25.45
C SER R 25 27.36 16.76 26.72
N THR R 26 26.23 16.09 26.53
CA THR R 26 25.51 15.49 27.64
C THR R 26 26.23 14.24 28.11
N ALA R 27 26.20 14.00 29.42
CA ALA R 27 26.76 12.78 29.98
C ALA R 27 25.93 11.58 29.57
N SER R 28 26.61 10.47 29.28
CA SER R 28 25.92 9.25 28.86
C SER R 28 25.14 8.63 30.01
N VAL R 29 25.71 8.65 31.22
CA VAL R 29 25.03 8.14 32.41
C VAL R 29 24.66 9.34 33.28
N LEU R 30 23.37 9.53 33.49
CA LEU R 30 22.87 10.64 34.29
C LEU R 30 21.75 10.16 35.21
N ALA R 31 22.02 9.08 35.94
CA ALA R 31 21.06 8.58 36.90
C ALA R 31 20.92 9.53 38.09
N PHE R 32 19.69 9.74 38.52
CA PHE R 32 19.38 10.61 39.65
C PHE R 32 18.60 9.83 40.70
N GLU R 33 18.94 10.04 41.97
CA GLU R 33 18.13 9.50 43.04
C GLU R 33 16.87 10.33 43.21
N ARG R 34 15.80 9.69 43.67
CA ARG R 34 14.55 10.40 43.89
C ARG R 34 14.59 11.14 45.23
N LYS R 35 14.13 12.37 45.21
CA LYS R 35 13.76 13.04 46.44
C LYS R 35 12.29 12.78 46.71
N LEU R 36 11.84 13.13 47.93
CA LEU R 36 10.48 12.91 48.42
C LEU R 36 10.11 11.43 48.36
N ASP R 37 10.81 10.64 49.16
CA ASP R 37 10.58 9.19 49.18
C ASP R 37 9.40 8.85 50.07
N PRO R 38 8.33 8.27 49.53
CA PRO R 38 7.21 7.88 50.39
C PRO R 38 7.25 6.43 50.84
N SER R 39 6.79 6.16 52.05
CA SER R 39 6.67 4.79 52.52
C SER R 39 5.39 4.17 51.95
N ASP R 40 5.24 2.86 52.15
CA ASP R 40 4.03 2.17 51.74
C ASP R 40 2.85 2.63 52.60
N ALA R 41 1.74 2.93 51.95
CA ALA R 41 0.61 3.60 52.59
C ALA R 41 -0.34 2.55 53.15
N LEU R 42 -0.27 2.33 54.47
CA LEU R 42 -1.05 1.28 55.10
C LEU R 42 -2.51 1.69 55.24
N MET R 43 -3.42 0.81 54.84
CA MET R 43 -4.85 1.04 54.95
C MET R 43 -5.39 0.39 56.21
N SER R 44 -6.16 1.13 56.98
CA SER R 44 -6.90 0.62 58.11
C SER R 44 -8.37 1.02 57.97
N ALA R 45 -9.19 0.60 58.93
CA ALA R 45 -10.62 0.85 58.89
C ALA R 45 -11.09 1.42 60.21
N GLY R 46 -12.04 2.34 60.15
CA GLY R 46 -12.51 2.98 61.36
C GLY R 46 -13.73 3.84 61.09
N ALA R 47 -14.07 4.66 62.09
CA ALA R 47 -15.25 5.50 62.05
C ALA R 47 -14.86 6.97 62.13
N TRP R 48 -15.70 7.81 61.55
CA TRP R 48 -15.53 9.26 61.62
C TRP R 48 -15.72 9.74 63.06
N ALA R 49 -15.04 10.84 63.39
CA ALA R 49 -14.92 11.52 64.69
C ALA R 49 -14.16 10.71 65.73
N GLN R 50 -13.71 9.50 65.40
CA GLN R 50 -12.76 8.75 66.20
C GLN R 50 -11.35 8.84 65.61
N ARG R 51 -11.14 9.73 64.64
CA ARG R 51 -9.86 9.87 63.96
C ARG R 51 -8.81 10.57 64.82
N ASP R 52 -9.19 11.21 65.92
CA ASP R 52 -8.21 11.76 66.84
C ASP R 52 -7.55 10.69 67.69
N ALA R 53 -8.09 9.47 67.70
CA ALA R 53 -7.54 8.32 68.41
C ALA R 53 -7.54 7.10 67.50
N SER R 54 -6.99 7.26 66.30
CA SER R 54 -6.99 6.20 65.29
C SER R 54 -5.69 5.39 65.29
N GLN R 55 -5.04 5.27 66.45
CA GLN R 55 -3.78 4.55 66.56
C GLN R 55 -3.95 3.07 66.88
N GLU R 56 -5.20 2.61 67.06
CA GLU R 56 -5.46 1.21 67.37
C GLU R 56 -6.37 0.55 66.32
N TRP R 57 -6.70 1.28 65.25
CA TRP R 57 -7.72 0.89 64.28
C TRP R 57 -7.34 -0.41 63.58
N PRO R 58 -8.28 -1.35 63.42
CA PRO R 58 -7.98 -2.59 62.70
C PRO R 58 -7.72 -2.34 61.24
N ALA R 59 -6.75 -3.07 60.70
CA ALA R 59 -6.32 -2.86 59.34
C ALA R 59 -7.32 -3.45 58.35
N VAL R 60 -7.38 -2.85 57.16
CA VAL R 60 -8.22 -3.39 56.09
C VAL R 60 -7.56 -4.66 55.57
N THR R 61 -8.28 -5.76 55.61
CA THR R 61 -7.76 -7.06 55.22
C THR R 61 -8.21 -7.41 53.81
N VAL R 62 -7.26 -7.84 52.98
CA VAL R 62 -7.55 -8.23 51.61
C VAL R 62 -8.23 -9.60 51.66
N ARG R 63 -9.55 -9.61 51.54
CA ARG R 63 -10.30 -10.85 51.58
C ARG R 63 -10.57 -11.31 50.15
N GLU R 64 -11.36 -12.38 50.01
CA GLU R 64 -11.64 -12.98 48.72
C GLU R 64 -13.14 -13.11 48.54
N LYS R 65 -13.61 -12.91 47.30
CA LYS R 65 -15.02 -13.17 47.00
C LYS R 65 -15.14 -13.72 45.59
N SER R 66 -16.19 -14.48 45.35
CA SER R 66 -16.40 -15.13 44.07
C SER R 66 -17.30 -14.28 43.19
N VAL R 67 -16.95 -14.19 41.91
CA VAL R 67 -17.70 -13.41 40.93
C VAL R 67 -18.07 -14.32 39.78
N ARG R 68 -19.34 -14.25 39.37
CA ARG R 68 -19.83 -14.93 38.18
C ARG R 68 -20.20 -13.88 37.14
N GLY R 69 -19.69 -14.02 35.94
CA GLY R 69 -19.90 -13.04 34.91
C GLY R 69 -20.42 -13.65 33.63
N THR R 70 -21.21 -12.86 32.91
CA THR R 70 -21.65 -13.16 31.56
C THR R 70 -20.81 -12.34 30.58
N ILE R 71 -21.20 -12.38 29.31
CA ILE R 71 -20.42 -11.70 28.26
C ILE R 71 -20.76 -10.22 28.29
N SER R 72 -19.73 -9.38 28.43
CA SER R 72 -19.92 -7.94 28.47
C SER R 72 -18.89 -7.19 27.64
N ASN R 73 -18.09 -7.87 26.83
CA ASN R 73 -17.08 -7.24 26.00
C ASN R 73 -17.56 -7.17 24.56
N ARG R 74 -16.84 -6.37 23.75
CA ARG R 74 -17.17 -6.26 22.34
C ARG R 74 -16.80 -7.54 21.62
N LEU R 75 -17.74 -8.08 20.85
CA LEU R 75 -17.52 -9.31 20.10
C LEU R 75 -16.95 -8.98 18.73
N LYS R 76 -16.02 -9.81 18.28
CA LYS R 76 -15.30 -9.56 17.03
C LYS R 76 -16.00 -10.18 15.83
N THR R 77 -17.31 -9.89 15.70
CA THR R 77 -18.17 -10.14 14.54
C THR R 77 -18.40 -11.64 14.26
N LYS R 78 -17.73 -12.53 14.99
CA LYS R 78 -17.94 -13.96 14.88
C LYS R 78 -18.63 -14.55 16.09
N ASP R 79 -18.52 -13.91 17.25
CA ASP R 79 -19.26 -14.29 18.44
C ASP R 79 -20.63 -13.63 18.50
N ARG R 80 -20.98 -12.82 17.51
CA ARG R 80 -22.24 -12.08 17.48
C ARG R 80 -23.42 -12.92 17.02
N ASP R 81 -23.20 -14.17 16.63
CA ASP R 81 -24.30 -15.06 16.30
C ASP R 81 -25.09 -15.39 17.56
N PRO R 82 -26.43 -15.45 17.48
CA PRO R 82 -27.25 -15.76 18.66
C PRO R 82 -26.92 -17.07 19.36
N ALA R 83 -26.65 -18.13 18.60
CA ALA R 83 -26.36 -19.43 19.20
C ALA R 83 -25.00 -19.44 19.89
N LYS R 84 -24.00 -18.84 19.25
CA LYS R 84 -22.66 -18.76 19.84
C LYS R 84 -22.65 -17.86 21.08
N LEU R 85 -23.40 -16.74 21.01
CA LEU R 85 -23.50 -15.86 22.16
C LEU R 85 -24.22 -16.52 23.33
N ASP R 86 -25.30 -17.28 23.03
CA ASP R 86 -26.02 -17.97 24.09
C ASP R 86 -25.20 -19.12 24.68
N ALA R 87 -24.39 -19.79 23.85
CA ALA R 87 -23.47 -20.81 24.36
C ALA R 87 -22.41 -20.19 25.26
N SER R 88 -21.95 -18.98 24.90
CA SER R 88 -21.01 -18.27 25.78
C SER R 88 -21.68 -17.80 27.07
N ILE R 89 -22.99 -17.50 27.02
CA ILE R 89 -23.71 -17.13 28.23
C ILE R 89 -23.86 -18.33 29.16
N GLN R 90 -24.16 -19.51 28.60
CA GLN R 90 -24.32 -20.72 29.40
C GLN R 90 -23.02 -21.23 30.00
N SER R 91 -21.87 -20.71 29.59
CA SER R 91 -20.58 -20.96 30.24
C SER R 91 -20.09 -19.64 30.81
N PRO R 92 -20.54 -19.27 32.02
CA PRO R 92 -20.11 -18.01 32.62
C PRO R 92 -18.66 -18.07 33.07
N ASN R 93 -18.00 -16.91 33.13
CA ASN R 93 -16.60 -16.93 33.56
C ASN R 93 -16.56 -16.71 35.07
N LEU R 94 -16.36 -17.79 35.80
CA LEU R 94 -16.28 -17.73 37.25
C LEU R 94 -14.86 -17.37 37.67
N GLN R 95 -14.74 -16.40 38.56
CA GLN R 95 -13.44 -15.98 39.06
C GLN R 95 -13.53 -15.78 40.56
N THR R 96 -12.36 -15.71 41.20
CA THR R 96 -12.23 -15.23 42.57
C THR R 96 -11.44 -13.93 42.53
N VAL R 97 -11.93 -12.91 43.20
CA VAL R 97 -11.30 -11.61 43.19
C VAL R 97 -10.92 -11.24 44.62
N ASP R 98 -9.70 -10.74 44.77
CA ASP R 98 -9.29 -10.11 46.02
C ASP R 98 -10.04 -8.80 46.17
N VAL R 99 -10.71 -8.64 47.30
CA VAL R 99 -11.57 -7.48 47.55
C VAL R 99 -11.16 -6.87 48.88
N ALA R 100 -11.26 -5.53 48.96
CA ALA R 100 -10.94 -4.79 50.17
C ALA R 100 -12.17 -3.97 50.54
N ASN R 101 -12.84 -4.37 51.60
CA ASN R 101 -14.04 -3.69 52.08
C ASN R 101 -13.87 -3.33 53.54
N LEU R 102 -14.49 -2.22 53.93
CA LEU R 102 -14.56 -1.87 55.32
C LEU R 102 -15.54 -2.79 56.04
N PRO R 103 -15.42 -2.94 57.36
CA PRO R 103 -16.48 -3.59 58.12
C PRO R 103 -17.76 -2.75 58.13
N SER R 104 -18.87 -3.41 58.46
CA SER R 104 -20.17 -2.76 58.38
C SER R 104 -20.37 -1.66 59.41
N ASP R 105 -19.55 -1.61 60.47
CA ASP R 105 -19.58 -0.52 61.42
C ASP R 105 -18.49 0.52 61.16
N ALA R 106 -17.73 0.37 60.08
CA ALA R 106 -16.63 1.27 59.76
C ALA R 106 -16.90 1.94 58.42
N ASP R 107 -16.87 3.27 58.41
CA ASP R 107 -17.03 4.04 57.19
C ASP R 107 -15.79 4.81 56.78
N THR R 108 -14.84 5.01 57.69
CA THR R 108 -13.66 5.83 57.46
C THR R 108 -12.48 4.93 57.08
N LEU R 109 -11.79 5.29 56.00
CA LEU R 109 -10.57 4.61 55.59
C LEU R 109 -9.38 5.49 55.95
N LYS R 110 -8.47 4.94 56.75
CA LYS R 110 -7.26 5.65 57.17
C LYS R 110 -6.08 5.17 56.34
N VAL R 111 -5.28 6.12 55.85
CA VAL R 111 -4.08 5.81 55.07
C VAL R 111 -2.92 6.57 55.69
N ARG R 112 -1.87 5.84 56.08
CA ARG R 112 -0.72 6.45 56.75
C ARG R 112 0.54 6.14 55.98
N PHE R 113 1.31 7.19 55.66
CA PHE R 113 2.61 6.99 55.04
C PHE R 113 3.56 8.08 55.51
N THR R 114 4.85 7.77 55.50
CA THR R 114 5.89 8.73 55.83
C THR R 114 6.61 9.16 54.57
N LEU R 115 6.90 10.46 54.49
CA LEU R 115 7.57 11.05 53.34
C LEU R 115 8.87 11.68 53.82
N ARG R 116 9.97 11.31 53.18
CA ARG R 116 11.30 11.78 53.56
C ARG R 116 11.83 12.68 52.45
N VAL R 117 12.04 13.95 52.79
CA VAL R 117 12.57 14.92 51.83
C VAL R 117 14.08 14.99 52.02
N LEU R 118 14.83 14.72 50.95
CA LEU R 118 16.27 14.50 51.05
C LEU R 118 17.08 15.76 50.75
N GLY R 119 16.91 16.32 49.55
CA GLY R 119 17.73 17.43 49.11
C GLY R 119 18.89 16.96 48.25
N GLY R 120 19.63 17.94 47.75
CA GLY R 120 20.70 17.67 46.80
C GLY R 120 20.18 17.15 45.47
N ALA R 121 19.09 17.75 44.97
CA ALA R 121 18.50 17.29 43.72
C ALA R 121 19.33 17.68 42.51
N GLY R 122 20.21 18.67 42.64
CA GLY R 122 21.09 19.01 41.53
C GLY R 122 22.14 17.94 41.26
N THR R 123 22.68 17.34 42.31
CA THR R 123 23.78 16.39 42.17
C THR R 123 23.28 15.06 41.63
N PRO R 124 23.80 14.58 40.50
CA PRO R 124 23.40 13.26 40.02
C PRO R 124 24.05 12.15 40.84
N SER R 125 23.40 10.99 40.86
CA SER R 125 24.00 9.81 41.46
C SER R 125 25.18 9.31 40.63
N ALA R 126 25.04 9.36 39.31
CA ALA R 126 26.08 8.93 38.39
C ALA R 126 26.22 9.96 37.28
N CYS R 127 27.47 10.32 36.95
CA CYS R 127 27.72 11.27 35.88
C CYS R 127 29.06 10.95 35.23
N ASN R 128 29.03 10.63 33.95
CA ASN R 128 30.25 10.28 33.23
C ASN R 128 31.16 11.48 33.03
N ASP R 129 30.56 12.61 32.65
CA ASP R 129 31.29 13.82 32.34
C ASP R 129 31.35 14.74 33.56
N ALA R 130 32.55 14.89 34.11
CA ALA R 130 32.79 15.88 35.16
C ALA R 130 32.26 17.26 34.76
N ALA R 131 32.79 17.79 33.66
CA ALA R 131 32.48 19.16 33.28
C ALA R 131 30.97 19.34 33.10
N TYR R 132 30.30 18.30 32.58
CA TYR R 132 28.84 18.33 32.51
C TYR R 132 28.22 18.33 33.90
N ARG R 133 28.81 17.60 34.84
CA ARG R 133 28.32 17.61 36.22
C ARG R 133 28.48 18.99 36.85
N ASP R 134 29.61 19.65 36.60
CA ASP R 134 29.83 21.00 37.10
C ASP R 134 28.87 21.99 36.46
N LYS R 135 28.61 21.84 35.15
CA LYS R 135 27.69 22.74 34.46
C LYS R 135 26.25 22.54 34.93
N LEU R 136 25.84 21.29 35.16
CA LEU R 136 24.48 21.03 35.64
C LEU R 136 24.32 21.51 37.08
N LEU R 137 25.36 21.36 37.89
CA LEU R 137 25.34 21.89 39.25
C LEU R 137 25.27 23.42 39.25
N GLN R 138 25.99 24.06 38.33
CA GLN R 138 25.92 25.52 38.21
C GLN R 138 24.56 25.97 37.70
N THR R 139 23.94 25.18 36.82
CA THR R 139 22.60 25.49 36.33
C THR R 139 21.56 25.40 37.43
N VAL R 140 21.62 24.34 38.25
CA VAL R 140 20.70 24.21 39.38
C VAL R 140 20.97 25.28 40.43
N ALA R 141 22.25 25.64 40.63
CA ALA R 141 22.60 26.69 41.57
C ALA R 141 22.09 28.05 41.12
N THR R 142 22.21 28.36 39.83
CA THR R 142 21.67 29.62 39.31
C THR R 142 20.16 29.62 39.30
N TYR R 143 19.53 28.44 39.15
CA TYR R 143 18.08 28.33 39.35
C TYR R 143 17.69 28.72 40.76
N VAL R 144 18.34 28.11 41.76
CA VAL R 144 18.01 28.35 43.17
C VAL R 144 18.32 29.78 43.57
N ASN R 145 19.39 30.35 43.01
CA ASN R 145 19.69 31.76 43.22
C ASN R 145 18.64 32.66 42.57
N ASP R 146 18.09 32.24 41.43
CA ASP R 146 16.98 32.98 40.84
C ASP R 146 15.70 32.77 41.63
N GLN R 147 15.22 31.53 41.69
CA GLN R 147 14.09 31.18 42.53
C GLN R 147 14.35 29.82 43.17
N GLY R 148 14.23 29.75 44.49
CA GLY R 148 14.55 28.53 45.20
C GLY R 148 13.49 27.47 45.00
N PHE R 149 13.62 26.40 45.78
CA PHE R 149 12.62 25.34 45.74
C PHE R 149 11.35 25.81 46.45
N ALA R 150 10.62 26.74 45.84
CA ALA R 150 9.49 27.40 46.49
C ALA R 150 8.18 27.19 45.76
N GLU R 151 8.17 27.29 44.43
CA GLU R 151 6.97 26.95 43.67
C GLU R 151 6.75 25.44 43.64
N LEU R 152 7.83 24.67 43.43
CA LEU R 152 7.73 23.22 43.43
C LEU R 152 7.36 22.69 44.80
N ALA R 153 7.93 23.24 45.86
CA ALA R 153 7.57 22.81 47.21
C ALA R 153 6.16 23.21 47.57
N ARG R 154 5.68 24.36 47.06
CA ARG R 154 4.29 24.74 47.27
C ARG R 154 3.33 23.78 46.57
N ARG R 155 3.66 23.38 45.35
CA ARG R 155 2.79 22.46 44.62
C ARG R 155 2.85 21.05 45.19
N TYR R 156 4.03 20.61 45.64
CA TYR R 156 4.16 19.33 46.34
C TYR R 156 3.42 19.36 47.67
N ALA R 157 3.45 20.49 48.36
CA ALA R 157 2.70 20.63 49.61
C ALA R 157 1.20 20.65 49.36
N HIS R 158 0.76 21.20 48.22
CA HIS R 158 -0.64 21.11 47.84
C HIS R 158 -1.06 19.67 47.56
N ASN R 159 -0.19 18.91 46.89
CA ASN R 159 -0.46 17.49 46.69
C ASN R 159 -0.37 16.69 47.99
N LEU R 160 0.37 17.19 48.98
CA LEU R 160 0.31 16.63 50.32
C LEU R 160 -1.03 16.93 50.99
N ALA R 161 -1.51 18.16 50.83
CA ALA R 161 -2.69 18.63 51.56
C ALA R 161 -3.96 17.95 51.06
N ASN R 162 -4.18 17.91 49.76
CA ASN R 162 -5.25 17.11 49.20
C ASN R 162 -4.80 15.66 49.14
N ALA R 163 -5.75 14.74 49.29
CA ALA R 163 -5.44 13.32 49.32
C ALA R 163 -5.48 12.76 47.89
N ARG R 164 -4.57 13.27 47.06
CA ARG R 164 -4.40 12.71 45.72
C ARG R 164 -3.78 11.32 45.77
N PHE R 165 -3.08 10.99 46.85
CA PHE R 165 -2.61 9.63 47.08
C PHE R 165 -3.75 8.67 47.38
N LEU R 166 -4.92 9.18 47.74
CA LEU R 166 -6.14 8.39 47.81
C LEU R 166 -6.78 8.45 46.43
N TRP R 167 -6.33 7.55 45.55
CA TRP R 167 -6.66 7.62 44.13
C TRP R 167 -8.15 7.40 43.82
N ARG R 168 -8.66 6.20 44.09
CA ARG R 168 -10.07 5.93 43.90
C ARG R 168 -10.84 5.97 45.21
N ASN R 169 -10.17 6.22 46.33
CA ASN R 169 -10.84 6.42 47.60
C ASN R 169 -11.13 7.90 47.87
N ARG R 170 -11.21 8.69 46.80
CA ARG R 170 -11.60 10.09 46.89
C ARG R 170 -12.63 10.49 45.85
N VAL R 171 -12.86 9.67 44.82
CA VAL R 171 -13.81 10.00 43.77
C VAL R 171 -15.26 9.89 44.24
N GLY R 172 -15.50 9.20 45.36
CA GLY R 172 -16.83 9.11 45.90
C GLY R 172 -16.86 9.33 47.40
N ALA R 173 -15.79 9.92 47.92
CA ALA R 173 -15.70 10.19 49.35
C ALA R 173 -16.50 11.43 49.71
N GLU R 174 -17.24 11.35 50.81
CA GLU R 174 -18.06 12.48 51.24
C GLU R 174 -17.19 13.58 51.86
N ALA R 175 -16.22 13.21 52.69
CA ALA R 175 -15.33 14.17 53.32
C ALA R 175 -13.97 13.53 53.55
N VAL R 176 -12.91 14.22 53.14
CA VAL R 176 -11.54 13.73 53.27
C VAL R 176 -10.76 14.73 54.11
N GLU R 177 -9.92 14.21 55.01
CA GLU R 177 -9.10 15.02 55.91
C GLU R 177 -7.68 14.46 55.94
N VAL R 178 -6.70 15.35 55.92
CA VAL R 178 -5.29 14.98 55.88
C VAL R 178 -4.56 15.68 57.03
N ARG R 179 -3.87 14.89 57.86
CA ARG R 179 -3.06 15.39 58.96
C ARG R 179 -1.59 15.07 58.69
N ILE R 180 -0.74 16.09 58.70
CA ILE R 180 0.69 15.95 58.40
C ILE R 180 1.47 16.42 59.62
N ASN R 181 2.33 15.54 60.14
CA ASN R 181 3.16 15.84 61.30
C ASN R 181 4.63 15.84 60.91
N HIS R 182 5.38 16.80 61.44
CA HIS R 182 6.82 16.89 61.22
C HIS R 182 7.52 16.11 62.32
N ILE R 183 8.03 14.93 61.98
CA ILE R 183 8.63 14.02 62.97
C ILE R 183 10.13 14.33 62.98
N ARG R 184 10.55 15.19 63.92
CA ARG R 184 11.95 15.59 63.95
C ARG R 184 12.82 14.58 64.68
N GLN R 185 12.70 14.52 66.00
CA GLN R 185 13.40 13.51 66.80
C GLN R 185 12.45 12.41 67.27
N GLY R 186 11.73 11.78 66.35
CA GLY R 186 10.76 10.79 66.75
C GLY R 186 9.51 11.35 67.41
N GLU R 187 9.30 12.66 67.34
CA GLU R 187 8.19 13.33 67.99
C GLU R 187 7.68 14.42 67.06
N VAL R 188 6.44 14.84 67.28
CA VAL R 188 5.79 15.80 66.39
C VAL R 188 6.38 17.18 66.68
N ALA R 189 7.10 17.73 65.71
CA ALA R 189 7.64 19.07 65.85
C ALA R 189 6.64 20.13 65.41
N ARG R 190 5.78 19.80 64.45
CA ARG R 190 4.77 20.73 63.95
C ARG R 190 3.64 19.94 63.32
N ALA R 191 2.41 20.27 63.68
CA ALA R 191 1.23 19.56 63.21
C ALA R 191 0.45 20.44 62.24
N TRP R 192 -0.08 19.82 61.19
CA TRP R 192 -0.94 20.49 60.21
C TRP R 192 -2.17 19.62 59.98
N ARG R 193 -3.34 20.25 59.96
CA ARG R 193 -4.58 19.58 59.59
C ARG R 193 -5.21 20.32 58.43
N PHE R 194 -5.73 19.58 57.46
CA PHE R 194 -6.20 20.17 56.21
C PHE R 194 -7.57 19.60 55.88
N ASP R 195 -8.16 20.13 54.81
CA ASP R 195 -9.37 19.60 54.20
C ASP R 195 -9.03 19.27 52.75
N ALA R 196 -9.04 17.98 52.42
CA ALA R 196 -8.61 17.55 51.09
C ALA R 196 -9.64 17.83 50.02
N LEU R 197 -10.88 18.13 50.38
CA LEU R 197 -11.90 18.47 49.41
C LEU R 197 -11.97 19.96 49.14
N ALA R 198 -11.66 20.80 50.13
CA ALA R 198 -11.59 22.24 49.90
C ALA R 198 -10.41 22.59 49.01
N ILE R 199 -9.24 22.04 49.32
CA ILE R 199 -8.05 22.18 48.47
C ILE R 199 -8.20 21.18 47.33
N GLY R 200 -8.65 21.66 46.18
CA GLY R 200 -9.00 20.78 45.08
C GLY R 200 -7.79 20.21 44.37
N LEU R 201 -8.08 19.35 43.39
CA LEU R 201 -7.07 18.74 42.56
C LEU R 201 -6.78 19.54 41.30
N ARG R 202 -7.19 20.81 41.26
CA ARG R 202 -7.07 21.61 40.05
C ARG R 202 -6.32 22.92 40.28
N ASP R 203 -6.53 23.55 41.44
CA ASP R 203 -6.04 24.89 41.70
C ASP R 203 -4.89 24.86 42.70
N PHE R 204 -3.81 25.57 42.37
CA PHE R 204 -2.69 25.75 43.29
C PHE R 204 -2.79 27.15 43.88
N LYS R 205 -3.63 27.28 44.92
CA LYS R 205 -3.88 28.55 45.57
C LYS R 205 -2.84 28.78 46.67
N ALA R 206 -3.10 29.77 47.54
CA ALA R 206 -2.20 30.11 48.62
C ALA R 206 -2.92 29.98 49.96
N ASP R 207 -2.24 29.40 50.94
CA ASP R 207 -2.75 29.27 52.30
C ASP R 207 -1.57 29.31 53.25
N ALA R 208 -1.83 29.77 54.49
CA ALA R 208 -0.76 30.00 55.44
C ALA R 208 -0.13 28.69 55.93
N GLU R 209 -0.97 27.72 56.29
CA GLU R 209 -0.46 26.41 56.68
C GLU R 209 0.17 25.69 55.48
N LEU R 210 -0.42 25.88 54.30
CA LEU R 210 0.16 25.34 53.08
C LEU R 210 1.51 25.99 52.78
N ASP R 211 1.64 27.29 53.05
CA ASP R 211 2.91 27.96 52.87
C ASP R 211 3.95 27.49 53.88
N ALA R 212 3.54 27.23 55.12
CA ALA R 212 4.47 26.72 56.12
C ALA R 212 4.98 25.32 55.77
N LEU R 213 4.07 24.46 55.28
CA LEU R 213 4.49 23.16 54.76
C LEU R 213 5.36 23.33 53.51
N ALA R 214 5.12 24.38 52.72
CA ALA R 214 5.95 24.65 51.56
C ALA R 214 7.36 25.05 51.97
N GLU R 215 7.52 25.88 53.01
CA GLU R 215 8.87 26.20 53.47
C GLU R 215 9.54 25.00 54.14
N LEU R 216 8.77 24.11 54.76
CA LEU R 216 9.38 22.89 55.31
C LEU R 216 9.92 21.98 54.21
N ILE R 217 9.12 21.78 53.15
CA ILE R 217 9.60 21.00 52.00
C ILE R 217 10.72 21.75 51.26
N ALA R 218 10.70 23.08 51.31
CA ALA R 218 11.77 23.90 50.72
C ALA R 218 13.09 23.69 51.45
N SER R 219 13.06 23.69 52.78
CA SER R 219 14.25 23.43 53.58
C SER R 219 14.73 21.99 53.41
N GLY R 220 13.80 21.06 53.23
CA GLY R 220 14.20 19.69 52.93
C GLY R 220 14.87 19.55 51.56
N LEU R 221 14.31 20.21 50.54
CA LEU R 221 14.81 20.07 49.18
C LEU R 221 16.09 20.84 48.94
N SER R 222 16.28 21.97 49.63
CA SER R 222 17.51 22.74 49.47
C SER R 222 18.68 22.04 50.15
N GLY R 223 18.46 21.52 51.35
CA GLY R 223 19.52 20.90 52.11
C GLY R 223 19.72 21.59 53.45
N SER R 224 18.75 22.43 53.82
CA SER R 224 18.84 23.16 55.08
C SER R 224 18.67 22.24 56.28
N GLY R 225 17.78 21.25 56.18
CA GLY R 225 17.54 20.36 57.28
C GLY R 225 16.94 19.05 56.81
N HIS R 226 16.71 18.16 57.77
CA HIS R 226 16.11 16.86 57.50
C HIS R 226 14.61 16.94 57.74
N VAL R 227 13.82 16.47 56.78
CA VAL R 227 12.37 16.57 56.83
C VAL R 227 11.78 15.18 56.69
N LEU R 228 11.05 14.75 57.72
CA LEU R 228 10.24 13.55 57.69
C LEU R 228 8.82 13.92 58.09
N LEU R 229 7.85 13.55 57.26
CA LEU R 229 6.45 13.91 57.44
C LEU R 229 5.61 12.65 57.56
N GLU R 230 4.83 12.55 58.63
CA GLU R 230 3.86 11.48 58.79
C GLU R 230 2.50 11.99 58.32
N VAL R 231 1.95 11.35 57.29
CA VAL R 231 0.74 11.80 56.62
C VAL R 231 -0.35 10.77 56.86
N VAL R 232 -1.46 11.21 57.44
CA VAL R 232 -2.61 10.37 57.77
C VAL R 232 -3.82 10.92 57.05
N ALA R 233 -4.58 10.05 56.40
CA ALA R 233 -5.72 10.43 55.58
C ALA R 233 -6.97 9.68 56.05
N PHE R 234 -8.08 10.41 56.09
CA PHE R 234 -9.37 9.85 56.49
C PHE R 234 -10.40 10.20 55.43
N ALA R 235 -11.14 9.19 54.95
CA ALA R 235 -12.09 9.38 53.87
C ALA R 235 -13.46 8.86 54.27
N ARG R 236 -14.49 9.68 54.07
CA ARG R 236 -15.87 9.27 54.32
C ARG R 236 -16.39 8.56 53.09
N ILE R 237 -16.01 7.28 52.96
CA ILE R 237 -16.52 6.46 51.87
C ILE R 237 -17.94 5.98 52.17
N GLY R 238 -18.07 5.17 53.22
CA GLY R 238 -19.35 4.59 53.58
C GLY R 238 -19.16 3.32 54.36
N ASP R 239 -20.21 2.94 55.08
CA ASP R 239 -20.15 1.79 55.98
C ASP R 239 -20.14 0.51 55.16
N GLY R 240 -19.03 -0.23 55.22
CA GLY R 240 -18.92 -1.46 54.48
C GLY R 240 -18.57 -1.32 53.02
N GLN R 241 -18.27 -0.11 52.56
CA GLN R 241 -17.99 0.13 51.15
C GLN R 241 -16.64 -0.44 50.75
N GLU R 242 -16.45 -0.59 49.45
CA GLU R 242 -15.20 -1.13 48.92
C GLU R 242 -14.14 -0.04 48.87
N VAL R 243 -13.03 -0.27 49.53
CA VAL R 243 -11.86 0.59 49.43
C VAL R 243 -10.91 -0.02 48.40
N PHE R 244 -10.11 0.84 47.77
CA PHE R 244 -9.34 0.45 46.59
C PHE R 244 -7.86 0.61 46.88
N PRO R 245 -7.16 -0.46 47.25
CA PRO R 245 -5.70 -0.41 47.37
C PRO R 245 -5.06 -0.56 46.01
N SER R 246 -3.73 -0.52 45.99
CA SER R 246 -3.00 -0.80 44.77
C SER R 246 -3.14 -2.27 44.42
N GLN R 247 -3.13 -2.55 43.12
CA GLN R 247 -3.41 -3.88 42.60
C GLN R 247 -2.12 -4.49 42.08
N GLU R 248 -1.92 -5.77 42.40
CA GLU R 248 -0.68 -6.45 42.06
C GLU R 248 -0.76 -7.06 40.66
N LEU R 249 0.20 -7.91 40.33
CA LEU R 249 0.32 -8.51 39.01
C LEU R 249 0.08 -10.01 39.16
N ILE R 250 -0.63 -10.59 38.19
CA ILE R 250 -1.17 -11.94 38.30
C ILE R 250 -0.29 -12.86 37.45
N LEU R 251 0.15 -13.96 38.06
CA LEU R 251 1.06 -14.88 37.36
C LEU R 251 0.32 -15.73 36.32
N ASP R 252 -0.99 -15.94 36.52
CA ASP R 252 -1.88 -16.67 35.60
C ASP R 252 -1.39 -18.09 35.34
N LYS R 253 -1.38 -18.89 36.40
CA LYS R 253 -0.94 -20.28 36.34
C LYS R 253 -1.99 -21.29 36.75
N GLY R 254 -2.96 -20.91 37.58
CA GLY R 254 -3.94 -21.84 38.10
C GLY R 254 -5.04 -22.14 37.10
N ASP R 255 -6.06 -22.83 37.59
CA ASP R 255 -7.19 -23.22 36.77
C ASP R 255 -8.06 -22.01 36.44
N LYS R 256 -8.88 -22.16 35.40
CA LYS R 256 -9.76 -21.08 34.97
C LYS R 256 -10.96 -20.89 35.89
N LYS R 257 -11.26 -21.88 36.74
CA LYS R 257 -12.34 -21.71 37.71
C LYS R 257 -11.92 -20.76 38.83
N GLY R 258 -10.88 -21.13 39.58
CA GLY R 258 -10.28 -20.23 40.54
C GLY R 258 -9.18 -19.42 39.89
N GLN R 259 -9.56 -18.47 39.02
CA GLN R 259 -8.60 -17.83 38.14
C GLN R 259 -7.72 -16.83 38.88
N LYS R 260 -8.25 -16.18 39.92
CA LYS R 260 -7.61 -15.04 40.61
C LYS R 260 -7.27 -13.94 39.61
N SER R 261 -8.34 -13.32 39.10
CA SER R 261 -8.17 -12.26 38.11
C SER R 261 -7.60 -10.99 38.72
N LYS R 262 -7.92 -10.70 39.98
CA LYS R 262 -7.49 -9.47 40.63
C LYS R 262 -6.82 -9.81 41.97
N THR R 263 -5.65 -9.23 42.20
CA THR R 263 -4.92 -9.40 43.45
C THR R 263 -4.53 -8.02 43.97
N LEU R 264 -4.88 -7.75 45.23
CA LEU R 264 -4.56 -6.48 45.85
C LEU R 264 -3.27 -6.59 46.66
N TYR R 265 -2.74 -5.42 47.04
CA TYR R 265 -1.43 -5.32 47.67
C TYR R 265 -1.59 -5.22 49.19
N SER R 266 -0.91 -6.11 49.90
CA SER R 266 -0.87 -6.09 51.35
C SER R 266 0.56 -6.35 51.81
N VAL R 267 0.91 -5.85 52.99
CA VAL R 267 2.26 -5.98 53.52
C VAL R 267 2.34 -7.03 54.66
N ARG R 268 1.47 -6.95 55.66
CA ARG R 268 1.36 -7.98 56.70
C ARG R 268 -0.11 -8.12 57.07
N ASP R 269 -0.85 -8.94 56.30
CA ASP R 269 -2.30 -9.17 56.46
C ASP R 269 -3.08 -7.86 56.54
N ALA R 270 -2.69 -6.89 55.70
CA ALA R 270 -3.12 -5.51 55.88
C ALA R 270 -2.97 -4.79 54.55
N ALA R 271 -4.10 -4.35 53.98
CA ALA R 271 -4.11 -3.75 52.65
C ALA R 271 -3.32 -2.45 52.63
N ALA R 272 -2.70 -2.17 51.48
CA ALA R 272 -1.82 -1.03 51.37
C ALA R 272 -1.76 -0.56 49.93
N ILE R 273 -1.33 0.68 49.77
CA ILE R 273 -1.05 1.27 48.46
C ILE R 273 0.45 1.22 48.23
N HIS R 274 0.85 1.03 46.97
CA HIS R 274 2.25 1.02 46.62
C HIS R 274 2.87 2.39 46.83
N SER R 275 4.17 2.40 47.18
CA SER R 275 4.86 3.64 47.49
C SER R 275 5.03 4.52 46.27
N GLN R 276 5.30 3.92 45.11
CA GLN R 276 5.49 4.70 43.89
C GLN R 276 4.17 5.29 43.39
N LYS R 277 3.04 4.69 43.75
CA LYS R 277 1.74 5.29 43.46
C LYS R 277 1.52 6.56 44.27
N ILE R 278 1.89 6.52 45.55
CA ILE R 278 1.85 7.71 46.40
C ILE R 278 2.78 8.78 45.87
N GLY R 279 3.99 8.37 45.45
CA GLY R 279 4.95 9.32 44.93
C GLY R 279 4.52 9.94 43.61
N ASN R 280 3.84 9.17 42.76
CA ASN R 280 3.27 9.70 41.53
C ASN R 280 2.14 10.68 41.81
N ALA R 281 1.33 10.39 42.83
CA ALA R 281 0.23 11.29 43.16
C ALA R 281 0.74 12.58 43.78
N LEU R 282 1.82 12.53 44.55
CA LEU R 282 2.44 13.75 45.03
C LEU R 282 3.11 14.51 43.89
N ARG R 283 3.58 13.80 42.88
CA ARG R 283 4.23 14.37 41.70
C ARG R 283 3.27 15.12 40.79
N THR R 284 1.95 14.95 40.97
CA THR R 284 0.96 15.49 40.05
C THR R 284 0.83 17.00 40.20
N ILE R 285 1.84 17.75 39.73
CA ILE R 285 1.89 19.20 39.91
C ILE R 285 2.12 19.90 38.57
N ASP R 286 2.40 19.13 37.52
CA ASP R 286 2.79 19.68 36.23
C ASP R 286 1.56 20.27 35.54
N THR R 287 1.44 21.60 35.56
CA THR R 287 0.39 22.32 34.88
C THR R 287 0.87 23.07 33.64
N TRP R 288 2.17 23.10 33.39
CA TRP R 288 2.75 23.93 32.34
C TRP R 288 2.96 23.18 31.04
N TYR R 289 2.27 22.06 30.85
CA TYR R 289 2.34 21.35 29.58
C TYR R 289 1.59 22.15 28.51
N PRO R 290 2.01 22.02 27.24
CA PRO R 290 1.44 22.89 26.19
C PRO R 290 -0.04 22.66 25.89
N ASP R 291 -0.62 21.56 26.33
CA ASP R 291 -2.06 21.37 26.17
C ASP R 291 -2.81 22.25 27.16
N GLU R 292 -4.13 22.31 26.99
CA GLU R 292 -4.96 23.22 27.77
C GLU R 292 -5.11 22.73 29.20
N ASP R 293 -5.70 23.60 30.03
CA ASP R 293 -5.91 23.31 31.44
C ASP R 293 -7.25 22.63 31.71
N GLY R 294 -7.82 21.96 30.71
CA GLY R 294 -9.06 21.22 30.91
C GLY R 294 -8.90 20.03 31.82
N LEU R 295 -7.74 19.37 31.78
CA LEU R 295 -7.50 18.23 32.66
C LEU R 295 -7.02 18.68 34.04
N GLY R 296 -6.06 19.60 34.08
CA GLY R 296 -5.47 20.03 35.32
C GLY R 296 -4.02 19.58 35.41
N PRO R 297 -3.51 19.46 36.64
CA PRO R 297 -2.11 19.02 36.80
C PRO R 297 -1.94 17.55 36.45
N ILE R 298 -0.78 17.24 35.87
CA ILE R 298 -0.37 15.88 35.56
C ILE R 298 0.91 15.59 36.33
N ALA R 299 1.31 14.32 36.33
CA ALA R 299 2.54 13.93 37.00
C ALA R 299 3.75 14.41 36.22
N VAL R 300 4.81 14.80 36.94
CA VAL R 300 6.02 15.30 36.30
C VAL R 300 6.82 14.12 35.79
N GLU R 301 6.57 13.72 34.56
CA GLU R 301 7.30 12.66 33.92
C GLU R 301 8.12 13.24 32.76
N PRO R 302 9.21 12.58 32.38
CA PRO R 302 9.78 12.87 31.05
C PRO R 302 8.77 12.52 29.98
N TYR R 303 8.61 13.45 29.03
CA TYR R 303 7.55 13.44 28.02
C TYR R 303 6.15 13.37 28.62
N GLY R 304 5.97 13.95 29.81
CA GLY R 304 4.70 14.22 30.49
C GLY R 304 3.58 13.20 30.40
N SER R 305 3.91 11.92 30.59
CA SER R 305 2.98 10.84 30.27
C SER R 305 1.88 10.70 31.32
N VAL R 306 0.69 10.38 30.85
CA VAL R 306 -0.46 10.09 31.70
C VAL R 306 -1.01 8.73 31.28
N THR R 307 -1.08 7.79 32.22
CA THR R 307 -1.48 6.43 31.90
C THR R 307 -2.96 6.33 31.59
N SER R 308 -3.80 7.07 32.33
CA SER R 308 -5.24 6.99 32.15
C SER R 308 -5.69 7.58 30.82
N GLN R 309 -5.09 8.71 30.43
CA GLN R 309 -5.43 9.33 29.15
C GLN R 309 -4.78 8.62 27.96
N GLY R 310 -3.74 7.82 28.20
CA GLY R 310 -3.09 7.10 27.13
C GLY R 310 -2.32 7.95 26.15
N LYS R 311 -1.95 9.16 26.54
CA LYS R 311 -1.29 10.11 25.66
C LYS R 311 -0.18 10.81 26.42
N ALA R 312 0.71 11.47 25.67
CA ALA R 312 1.84 12.18 26.23
C ALA R 312 1.67 13.66 25.98
N TYR R 313 1.39 14.42 27.03
CA TYR R 313 1.63 15.85 27.00
C TYR R 313 3.13 16.09 27.05
N ARG R 314 3.55 17.27 26.61
CA ARG R 314 4.97 17.65 26.41
C ARG R 314 5.67 16.65 25.49
N GLN R 315 5.21 16.62 24.25
CA GLN R 315 5.86 15.82 23.22
C GLN R 315 7.25 16.36 22.91
N PRO R 316 8.18 15.50 22.49
CA PRO R 316 9.45 16.00 21.94
C PRO R 316 9.28 16.77 20.63
N LYS R 317 8.18 16.58 19.91
CA LYS R 317 7.97 17.32 18.66
C LYS R 317 7.64 18.78 18.94
N GLN R 318 6.92 19.06 20.03
CA GLN R 318 6.57 20.43 20.39
C GLN R 318 7.61 21.07 21.30
N LYS R 319 8.74 20.39 21.53
CA LYS R 319 9.95 20.94 22.14
C LYS R 319 9.72 21.43 23.57
N LEU R 320 8.93 20.67 24.34
CA LEU R 320 8.72 20.99 25.74
C LEU R 320 8.87 19.77 26.64
N ASP R 321 9.52 18.72 26.15
CA ASP R 321 9.87 17.60 27.01
C ASP R 321 11.04 17.97 27.91
N PHE R 322 11.32 17.10 28.88
CA PHE R 322 12.35 17.39 29.88
C PHE R 322 13.74 17.39 29.25
N TYR R 323 13.99 16.50 28.29
CA TYR R 323 15.33 16.33 27.76
C TYR R 323 15.74 17.50 26.87
N THR R 324 14.84 17.99 26.01
CA THR R 324 15.15 19.14 25.17
C THR R 324 15.32 20.41 26.01
N LEU R 325 14.48 20.58 27.02
CA LEU R 325 14.60 21.75 27.90
C LEU R 325 15.89 21.72 28.71
N LEU R 326 16.27 20.53 29.21
CA LEU R 326 17.50 20.40 29.97
C LEU R 326 18.73 20.59 29.08
N ASP R 327 18.68 20.07 27.85
CA ASP R 327 19.81 20.23 26.94
C ASP R 327 19.95 21.68 26.47
N ASN R 328 18.84 22.40 26.32
CA ASN R 328 18.95 23.81 26.02
C ASN R 328 19.45 24.60 27.23
N TRP R 329 19.02 24.22 28.43
CA TRP R 329 19.39 24.96 29.63
C TRP R 329 20.86 24.77 29.99
N VAL R 330 21.40 23.58 29.77
CA VAL R 330 22.73 23.23 30.25
C VAL R 330 23.80 23.36 29.16
N LEU R 331 23.57 22.73 28.01
CA LEU R 331 24.62 22.66 26.99
C LEU R 331 24.84 24.00 26.30
N ARG R 332 23.76 24.66 25.89
CA ARG R 332 23.87 25.86 25.07
C ARG R 332 23.31 27.10 25.76
N ASP R 333 23.07 27.02 27.08
CA ASP R 333 22.68 28.13 27.95
C ASP R 333 21.36 28.78 27.56
N GLU R 334 20.52 28.09 26.79
CA GLU R 334 19.21 28.61 26.41
C GLU R 334 18.24 28.28 27.55
N ALA R 335 18.21 29.17 28.54
CA ALA R 335 17.37 28.98 29.70
C ALA R 335 15.90 29.16 29.32
N PRO R 336 15.03 28.21 29.64
CA PRO R 336 13.62 28.34 29.27
C PRO R 336 12.85 29.27 30.20
N ALA R 337 11.54 29.32 30.05
CA ALA R 337 10.69 30.07 30.97
C ALA R 337 10.72 29.43 32.35
N VAL R 338 10.34 30.23 33.36
CA VAL R 338 10.46 29.81 34.76
C VAL R 338 9.52 28.64 35.07
N GLU R 339 8.41 28.52 34.34
CA GLU R 339 7.56 27.34 34.46
C GLU R 339 8.25 26.09 33.94
N GLN R 340 8.94 26.20 32.81
CA GLN R 340 9.69 25.06 32.28
C GLN R 340 10.91 24.76 33.14
N GLN R 341 11.50 25.79 33.76
CA GLN R 341 12.57 25.57 34.73
C GLN R 341 12.05 24.83 35.95
N HIS R 342 10.84 25.16 36.40
CA HIS R 342 10.20 24.42 37.48
C HIS R 342 9.95 22.98 37.09
N TYR R 343 9.54 22.75 35.84
CA TYR R 343 9.30 21.39 35.35
C TYR R 343 10.60 20.57 35.31
N VAL R 344 11.69 21.20 34.87
CA VAL R 344 12.98 20.52 34.79
C VAL R 344 13.51 20.17 36.17
N ILE R 345 13.43 21.13 37.11
CA ILE R 345 13.88 20.87 38.48
C ILE R 345 12.96 19.87 39.17
N ALA R 346 11.67 19.85 38.83
CA ALA R 346 10.76 18.85 39.39
C ALA R 346 11.08 17.45 38.85
N ASN R 347 11.53 17.35 37.60
CA ASN R 347 12.01 16.06 37.11
C ASN R 347 13.31 15.64 37.78
N LEU R 348 14.18 16.61 38.09
CA LEU R 348 15.42 16.29 38.81
C LEU R 348 15.12 15.83 40.23
N ILE R 349 14.11 16.42 40.87
CA ILE R 349 13.65 15.94 42.17
C ILE R 349 13.04 14.55 42.03
N ARG R 350 12.27 14.33 40.95
CA ARG R 350 11.69 13.02 40.69
C ARG R 350 12.75 11.97 40.42
N GLY R 351 13.76 12.31 39.62
CA GLY R 351 14.87 11.42 39.37
C GLY R 351 14.56 10.40 38.29
N GLY R 352 15.62 9.83 37.75
CA GLY R 352 15.46 8.83 36.71
C GLY R 352 16.79 8.51 36.06
N VAL R 353 16.76 7.50 35.20
CA VAL R 353 17.96 7.10 34.45
C VAL R 353 17.94 7.95 33.17
N PHE R 354 18.43 9.18 33.31
CA PHE R 354 18.61 10.04 32.16
C PHE R 354 19.93 9.75 31.48
N GLY R 355 20.05 10.18 30.23
CA GLY R 355 21.24 9.91 29.46
C GLY R 355 21.10 8.67 28.59
N GLU R 356 21.98 8.57 27.61
CA GLU R 356 21.91 7.49 26.63
C GLU R 356 22.41 6.18 27.23
N ALA R 357 21.62 5.12 27.06
CA ALA R 357 21.96 3.82 27.61
C ALA R 357 23.12 3.18 26.84
N ILE S 23 68.44 -8.73 37.63
CA ILE S 23 67.71 -7.78 36.80
C ILE S 23 66.35 -7.50 37.47
N LEU S 24 65.85 -8.49 38.21
CA LEU S 24 64.58 -8.45 38.94
C LEU S 24 63.41 -8.13 38.01
N SER S 25 63.13 -9.10 37.14
CA SER S 25 61.97 -9.01 36.26
C SER S 25 60.67 -9.14 37.06
N THR S 26 59.58 -8.72 36.43
CA THR S 26 58.28 -8.72 37.10
C THR S 26 57.76 -10.15 37.24
N ALA S 27 57.27 -10.48 38.44
CA ALA S 27 56.72 -11.81 38.70
C ALA S 27 55.42 -12.00 37.94
N SER S 28 55.16 -13.24 37.54
CA SER S 28 54.02 -13.52 36.68
C SER S 28 52.72 -13.48 37.47
N VAL S 29 52.61 -14.28 38.52
CA VAL S 29 51.43 -14.29 39.38
C VAL S 29 51.76 -13.56 40.67
N LEU S 30 50.85 -12.70 41.10
CA LEU S 30 51.04 -11.89 42.30
C LEU S 30 49.75 -11.81 43.08
N ALA S 31 49.10 -12.95 43.29
CA ALA S 31 47.83 -13.00 43.99
C ALA S 31 48.02 -12.65 45.47
N PHE S 32 47.22 -11.72 45.96
CA PHE S 32 47.29 -11.25 47.34
C PHE S 32 45.96 -11.54 48.03
N GLU S 33 46.04 -12.08 49.24
CA GLU S 33 44.83 -12.33 50.02
C GLU S 33 44.30 -11.04 50.60
N ARG S 34 42.97 -10.93 50.64
CA ARG S 34 42.33 -9.72 51.15
C ARG S 34 42.48 -9.65 52.67
N LYS S 35 42.90 -8.49 53.16
CA LYS S 35 42.88 -8.20 54.57
C LYS S 35 41.67 -7.31 54.89
N LEU S 36 41.38 -7.18 56.18
CA LEU S 36 40.16 -6.57 56.71
C LEU S 36 38.92 -7.24 56.11
N ASP S 37 38.76 -8.52 56.43
CA ASP S 37 37.67 -9.32 55.88
C ASP S 37 36.36 -8.96 56.56
N PRO S 38 35.35 -8.46 55.82
CA PRO S 38 34.06 -8.22 56.46
C PRO S 38 33.09 -9.39 56.27
N SER S 39 32.02 -9.39 57.03
CA SER S 39 30.95 -10.36 56.84
C SER S 39 29.80 -9.72 56.07
N ASP S 40 28.85 -10.55 55.66
CA ASP S 40 27.63 -10.05 55.03
C ASP S 40 26.81 -9.30 56.07
N ALA S 41 26.66 -8.00 55.86
CA ALA S 41 26.07 -7.12 56.87
C ALA S 41 24.56 -7.27 56.87
N LEU S 42 24.05 -8.01 57.85
CA LEU S 42 22.62 -8.27 57.95
C LEU S 42 21.90 -7.02 58.44
N MET S 43 20.70 -6.79 57.92
CA MET S 43 19.89 -5.69 58.41
C MET S 43 18.66 -6.19 59.15
N SER S 44 18.26 -5.40 60.14
CA SER S 44 17.06 -5.62 60.92
C SER S 44 16.41 -4.28 61.17
N ALA S 45 15.20 -4.30 61.72
CA ALA S 45 14.42 -3.10 61.96
C ALA S 45 14.17 -2.92 63.45
N GLY S 46 14.06 -1.67 63.87
CA GLY S 46 13.80 -1.38 65.25
C GLY S 46 13.55 0.10 65.47
N ALA S 47 13.71 0.52 66.72
CA ALA S 47 13.45 1.90 67.11
C ALA S 47 14.68 2.51 67.74
N TRP S 48 14.83 3.82 67.55
CA TRP S 48 15.88 4.58 68.23
C TRP S 48 15.61 4.58 69.74
N ALA S 49 16.71 4.69 70.51
CA ALA S 49 16.84 4.55 71.96
C ALA S 49 16.55 3.14 72.46
N GLN S 50 16.25 2.18 71.56
CA GLN S 50 16.24 0.77 71.89
C GLN S 50 17.43 0.04 71.27
N ARG S 51 18.47 0.78 70.91
CA ARG S 51 19.65 0.19 70.26
C ARG S 51 20.48 -0.65 71.21
N ASP S 52 20.32 -0.46 72.53
CA ASP S 52 21.02 -1.32 73.48
C ASP S 52 20.42 -2.72 73.47
N ALA S 53 19.09 -2.82 73.49
CA ALA S 53 18.40 -4.11 73.36
C ALA S 53 18.03 -4.41 71.92
N SER S 54 19.03 -4.34 71.04
CA SER S 54 18.82 -4.55 69.61
C SER S 54 19.21 -5.96 69.17
N GLN S 55 19.56 -6.84 70.11
CA GLN S 55 19.90 -8.21 69.76
C GLN S 55 18.68 -9.03 69.37
N GLU S 56 17.49 -8.64 69.82
CA GLU S 56 16.26 -9.35 69.53
C GLU S 56 15.38 -8.61 68.53
N TRP S 57 15.98 -7.73 67.72
CA TRP S 57 15.20 -6.97 66.75
C TRP S 57 14.79 -7.87 65.59
N PRO S 58 13.56 -7.74 65.10
CA PRO S 58 13.15 -8.53 63.92
C PRO S 58 13.86 -8.07 62.67
N ALA S 59 14.18 -9.03 61.81
CA ALA S 59 14.97 -8.74 60.62
C ALA S 59 14.11 -8.06 59.56
N VAL S 60 14.79 -7.37 58.65
CA VAL S 60 14.13 -6.77 57.50
C VAL S 60 13.91 -7.84 56.45
N THR S 61 12.67 -8.06 56.07
CA THR S 61 12.33 -9.06 55.06
C THR S 61 12.26 -8.42 53.69
N VAL S 62 12.56 -9.22 52.67
CA VAL S 62 12.58 -8.77 51.28
C VAL S 62 11.24 -9.20 50.68
N ARG S 63 10.30 -8.26 50.57
CA ARG S 63 9.00 -8.58 50.01
C ARG S 63 8.99 -8.29 48.51
N GLU S 64 7.89 -8.60 47.84
CA GLU S 64 7.73 -8.34 46.42
C GLU S 64 6.54 -7.44 46.20
N LYS S 65 6.70 -6.45 45.33
CA LYS S 65 5.59 -5.56 44.99
C LYS S 65 5.61 -5.29 43.49
N SER S 66 4.44 -4.88 42.97
CA SER S 66 4.27 -4.68 41.54
C SER S 66 4.44 -3.20 41.20
N VAL S 67 5.20 -2.94 40.13
CA VAL S 67 5.38 -1.60 39.60
C VAL S 67 4.86 -1.55 38.17
N ARG S 68 4.11 -0.50 37.87
CA ARG S 68 3.70 -0.18 36.51
C ARG S 68 4.28 1.19 36.17
N GLY S 69 4.95 1.28 35.02
CA GLY S 69 5.64 2.49 34.67
C GLY S 69 5.52 2.81 33.20
N THR S 70 5.63 4.10 32.89
CA THR S 70 5.78 4.57 31.53
C THR S 70 7.26 4.79 31.22
N ILE S 71 7.55 5.01 29.94
CA ILE S 71 8.93 5.19 29.53
C ILE S 71 9.39 6.59 29.92
N SER S 72 10.49 6.67 30.66
CA SER S 72 11.04 7.93 31.11
C SER S 72 12.48 8.16 30.68
N ASN S 73 13.12 7.16 30.05
CA ASN S 73 14.49 7.29 29.59
C ASN S 73 14.53 8.07 28.27
N ARG S 74 15.75 8.34 27.81
CA ARG S 74 15.93 9.04 26.54
C ARG S 74 15.55 8.14 25.37
N LEU S 75 14.91 8.72 24.37
CA LEU S 75 14.54 7.99 23.17
C LEU S 75 15.71 7.94 22.20
N LYS S 76 15.66 6.96 21.30
CA LYS S 76 16.73 6.72 20.34
C LYS S 76 16.51 7.48 19.03
N THR S 77 15.57 8.44 19.02
CA THR S 77 15.14 9.34 17.94
C THR S 77 14.34 8.58 16.88
N LYS S 78 14.29 7.26 16.97
CA LYS S 78 13.32 6.48 16.22
C LYS S 78 11.99 6.44 16.97
N ASP S 79 12.05 6.55 18.29
CA ASP S 79 10.87 6.50 19.15
C ASP S 79 10.40 7.88 19.56
N ARG S 80 10.94 8.94 18.95
CA ARG S 80 10.41 10.29 19.13
C ARG S 80 9.14 10.55 18.34
N ASP S 81 8.66 9.52 17.65
CA ASP S 81 7.33 9.55 17.03
C ASP S 81 6.24 9.58 18.08
N PRO S 82 5.36 10.59 18.01
CA PRO S 82 4.32 10.71 19.04
C PRO S 82 3.48 9.45 19.26
N ALA S 83 3.16 8.75 18.16
CA ALA S 83 2.31 7.56 18.28
C ALA S 83 3.06 6.41 18.93
N LYS S 84 4.38 6.33 18.74
CA LYS S 84 5.19 5.36 19.46
C LYS S 84 5.16 5.63 20.96
N LEU S 85 5.22 6.89 21.34
CA LEU S 85 5.17 7.27 22.75
C LEU S 85 3.80 6.95 23.36
N ASP S 86 2.72 7.26 22.64
CA ASP S 86 1.38 6.92 23.14
C ASP S 86 1.15 5.41 23.17
N ALA S 87 1.73 4.67 22.23
CA ALA S 87 1.65 3.21 22.28
C ALA S 87 2.45 2.64 23.45
N SER S 88 3.55 3.29 23.82
CA SER S 88 4.31 2.86 24.98
C SER S 88 3.57 3.17 26.27
N ILE S 89 2.82 4.27 26.30
CA ILE S 89 2.01 4.59 27.49
C ILE S 89 0.83 3.62 27.59
N GLN S 90 0.17 3.33 26.46
CA GLN S 90 -0.98 2.43 26.47
C GLN S 90 -0.61 0.98 26.77
N SER S 91 0.65 0.61 26.59
CA SER S 91 1.18 -0.67 27.02
C SER S 91 2.34 -0.41 27.97
N PRO S 92 2.06 -0.01 29.20
CA PRO S 92 3.13 0.36 30.13
C PRO S 92 3.85 -0.88 30.65
N ASN S 93 5.10 -0.68 31.08
CA ASN S 93 5.88 -1.84 31.53
C ASN S 93 5.46 -2.24 32.93
N LEU S 94 5.27 -3.54 33.12
CA LEU S 94 4.87 -4.13 34.38
C LEU S 94 6.03 -4.98 34.88
N GLN S 95 6.45 -4.73 36.12
CA GLN S 95 7.51 -5.52 36.72
C GLN S 95 7.13 -5.88 38.15
N THR S 96 7.75 -6.93 38.65
CA THR S 96 7.77 -7.24 40.08
C THR S 96 9.14 -6.88 40.61
N VAL S 97 9.19 -6.18 41.74
CA VAL S 97 10.44 -5.75 42.33
C VAL S 97 10.51 -6.27 43.76
N ASP S 98 11.66 -6.81 44.12
CA ASP S 98 11.96 -7.09 45.52
C ASP S 98 12.24 -5.76 46.21
N VAL S 99 11.52 -5.49 47.29
CA VAL S 99 11.66 -4.24 48.03
C VAL S 99 11.91 -4.60 49.50
N ALA S 100 12.80 -3.84 50.13
CA ALA S 100 13.10 -3.99 51.55
C ALA S 100 12.63 -2.74 52.27
N ASN S 101 11.69 -2.90 53.19
CA ASN S 101 11.12 -1.79 53.93
C ASN S 101 11.10 -2.12 55.41
N LEU S 102 11.20 -1.08 56.23
CA LEU S 102 10.94 -1.23 57.64
C LEU S 102 9.44 -1.33 57.87
N PRO S 103 9.01 -1.91 59.00
CA PRO S 103 7.60 -1.80 59.38
C PRO S 103 7.25 -0.37 59.77
N SER S 104 5.95 -0.10 59.79
CA SER S 104 5.45 1.24 60.07
C SER S 104 5.68 1.69 61.51
N ASP S 105 6.03 0.78 62.42
CA ASP S 105 6.36 1.13 63.80
C ASP S 105 7.87 1.18 64.05
N ALA S 106 8.68 1.01 63.02
CA ALA S 106 10.13 0.96 63.15
C ALA S 106 10.75 2.05 62.29
N ASP S 107 11.57 2.91 62.91
CA ASP S 107 12.25 3.97 62.20
C ASP S 107 13.75 3.77 62.06
N THR S 108 14.34 2.88 62.84
CA THR S 108 15.78 2.68 62.88
C THR S 108 16.15 1.39 62.16
N LEU S 109 17.12 1.49 61.26
CA LEU S 109 17.66 0.34 60.54
C LEU S 109 18.98 -0.06 61.19
N LYS S 110 19.10 -1.35 61.55
CA LYS S 110 20.28 -1.89 62.20
C LYS S 110 21.05 -2.76 61.22
N VAL S 111 22.30 -2.40 60.97
CA VAL S 111 23.15 -3.08 60.00
C VAL S 111 24.36 -3.63 60.74
N ARG S 112 24.49 -4.94 60.78
CA ARG S 112 25.51 -5.59 61.61
C ARG S 112 26.44 -6.42 60.75
N PHE S 113 27.74 -6.29 61.01
CA PHE S 113 28.74 -7.15 60.39
C PHE S 113 29.92 -7.31 61.33
N THR S 114 30.85 -8.19 60.94
CA THR S 114 32.07 -8.41 61.69
C THR S 114 33.28 -8.26 60.77
N LEU S 115 34.35 -7.68 61.30
CA LEU S 115 35.55 -7.39 60.54
C LEU S 115 36.72 -8.13 61.15
N ARG S 116 37.50 -8.81 60.31
CA ARG S 116 38.69 -9.54 60.71
C ARG S 116 39.91 -8.83 60.14
N VAL S 117 40.65 -8.13 60.98
CA VAL S 117 41.88 -7.47 60.54
C VAL S 117 43.03 -8.44 60.70
N LEU S 118 43.74 -8.70 59.60
CA LEU S 118 44.79 -9.71 59.56
C LEU S 118 46.13 -9.07 59.24
N GLY S 119 47.20 -9.73 59.69
CA GLY S 119 48.55 -9.29 59.40
C GLY S 119 49.11 -9.96 58.16
N GLY S 120 50.39 -9.68 57.91
CA GLY S 120 51.06 -10.22 56.73
C GLY S 120 50.55 -9.64 55.43
N ALA S 121 50.45 -8.31 55.37
CA ALA S 121 49.89 -7.64 54.20
C ALA S 121 50.82 -7.75 53.00
N GLY S 122 52.13 -7.67 53.22
CA GLY S 122 53.07 -7.74 52.12
C GLY S 122 53.30 -9.13 51.55
N THR S 123 52.93 -10.16 52.30
CA THR S 123 53.17 -11.52 51.85
C THR S 123 52.13 -11.91 50.79
N PRO S 124 52.55 -12.28 49.58
CA PRO S 124 51.58 -12.72 48.58
C PRO S 124 51.14 -14.16 48.81
N SER S 125 49.88 -14.43 48.45
CA SER S 125 49.38 -15.80 48.53
C SER S 125 50.03 -16.68 47.47
N ALA S 126 50.27 -16.14 46.28
CA ALA S 126 50.94 -16.86 45.22
C ALA S 126 52.00 -15.96 44.60
N CYS S 127 53.05 -16.60 44.08
CA CYS S 127 54.15 -15.88 43.45
C CYS S 127 54.82 -16.81 42.45
N ASN S 128 55.61 -16.22 41.55
CA ASN S 128 56.38 -16.99 40.58
C ASN S 128 57.86 -16.61 40.58
N ASP S 129 58.31 -15.91 41.63
CA ASP S 129 59.71 -15.51 41.71
C ASP S 129 60.05 -15.32 43.18
N ALA S 130 61.05 -16.06 43.66
CA ALA S 130 61.51 -15.87 45.04
C ALA S 130 62.22 -14.55 45.21
N ALA S 131 62.88 -14.05 44.16
CA ALA S 131 63.54 -12.75 44.21
C ALA S 131 62.52 -11.62 44.32
N TYR S 132 61.42 -11.70 43.55
CA TYR S 132 60.35 -10.70 43.65
C TYR S 132 59.67 -10.76 45.01
N ARG S 133 59.43 -11.96 45.53
CA ARG S 133 58.80 -12.09 46.84
C ARG S 133 59.69 -11.54 47.95
N ASP S 134 61.00 -11.82 47.87
CA ASP S 134 61.94 -11.29 48.86
C ASP S 134 62.06 -9.77 48.76
N LYS S 135 62.10 -9.22 47.54
CA LYS S 135 62.19 -7.78 47.38
C LYS S 135 60.92 -7.06 47.82
N LEU S 136 59.75 -7.67 47.55
CA LEU S 136 58.49 -7.06 47.97
C LEU S 136 58.35 -7.12 49.49
N LEU S 137 58.75 -8.24 50.11
CA LEU S 137 58.72 -8.35 51.56
C LEU S 137 59.69 -7.37 52.21
N GLN S 138 60.87 -7.18 51.61
CA GLN S 138 61.83 -6.21 52.11
C GLN S 138 61.31 -4.78 51.96
N THR S 139 60.65 -4.48 50.84
CA THR S 139 60.12 -3.14 50.62
C THR S 139 58.99 -2.81 51.60
N VAL S 140 58.08 -3.78 51.84
CA VAL S 140 57.04 -3.59 52.84
C VAL S 140 57.65 -3.49 54.24
N ALA S 141 58.73 -4.22 54.49
CA ALA S 141 59.39 -4.19 55.80
C ALA S 141 60.01 -2.83 56.09
N THR S 142 60.77 -2.28 55.12
CA THR S 142 61.31 -0.94 55.31
C THR S 142 60.23 0.13 55.33
N TYR S 143 59.11 -0.08 54.63
CA TYR S 143 57.97 0.81 54.77
C TYR S 143 57.45 0.84 56.19
N VAL S 144 57.23 -0.34 56.77
CA VAL S 144 56.71 -0.45 58.14
C VAL S 144 57.71 0.10 59.16
N ASN S 145 59.02 -0.08 58.90
CA ASN S 145 60.02 0.49 59.79
C ASN S 145 60.05 2.02 59.71
N ASP S 146 59.88 2.61 58.52
CA ASP S 146 59.91 4.07 58.50
C ASP S 146 58.54 4.66 58.87
N GLN S 147 57.44 4.05 58.38
CA GLN S 147 56.10 4.54 58.69
C GLN S 147 55.14 3.36 58.52
N GLY S 148 54.72 2.77 59.64
CA GLY S 148 53.90 1.58 59.60
C GLY S 148 52.47 1.83 59.18
N PHE S 149 51.58 0.89 59.50
CA PHE S 149 50.16 1.03 59.14
C PHE S 149 49.46 1.99 60.12
N ALA S 150 49.86 3.25 60.08
CA ALA S 150 49.30 4.26 60.97
C ALA S 150 48.31 5.17 60.24
N GLU S 151 48.71 5.71 59.08
CA GLU S 151 47.79 6.52 58.29
C GLU S 151 46.70 5.66 57.66
N LEU S 152 47.06 4.48 57.16
CA LEU S 152 46.09 3.58 56.54
C LEU S 152 45.07 3.09 57.55
N ALA S 153 45.52 2.71 58.74
CA ALA S 153 44.58 2.25 59.76
C ALA S 153 43.77 3.41 60.33
N ARG S 154 44.32 4.63 60.33
CA ARG S 154 43.54 5.80 60.71
C ARG S 154 42.40 6.05 59.72
N ARG S 155 42.69 5.91 58.44
CA ARG S 155 41.65 6.10 57.43
C ARG S 155 40.64 4.96 57.43
N TYR S 156 41.10 3.72 57.69
CA TYR S 156 40.18 2.59 57.80
C TYR S 156 39.29 2.73 59.03
N ALA S 157 39.85 3.24 60.14
CA ALA S 157 39.05 3.52 61.33
C ALA S 157 38.08 4.67 61.10
N HIS S 158 38.45 5.64 60.26
CA HIS S 158 37.53 6.69 59.87
C HIS S 158 36.37 6.13 59.06
N ASN S 159 36.66 5.28 58.08
CA ASN S 159 35.62 4.68 57.26
C ASN S 159 34.79 3.65 58.01
N LEU S 160 35.31 3.12 59.12
CA LEU S 160 34.47 2.36 60.04
C LEU S 160 33.63 3.28 60.91
N ALA S 161 34.16 4.46 61.25
CA ALA S 161 33.47 5.37 62.15
C ALA S 161 32.25 6.00 61.49
N ASN S 162 32.45 6.61 60.32
CA ASN S 162 31.32 7.01 59.51
C ASN S 162 30.74 5.78 58.83
N ALA S 163 29.42 5.72 58.74
CA ALA S 163 28.76 4.53 58.19
C ALA S 163 28.71 4.62 56.66
N ARG S 164 29.89 4.54 56.05
CA ARG S 164 29.96 4.51 54.60
C ARG S 164 29.52 3.17 54.04
N PHE S 165 29.48 2.12 54.87
CA PHE S 165 28.87 0.87 54.46
C PHE S 165 27.35 0.97 54.37
N LEU S 166 26.77 2.03 54.92
CA LEU S 166 25.38 2.40 54.69
C LEU S 166 25.38 3.33 53.48
N TRP S 167 25.41 2.73 52.29
CA TRP S 167 25.56 3.50 51.06
C TRP S 167 24.39 4.43 50.77
N ARG S 168 23.20 3.87 50.54
CA ARG S 168 22.01 4.69 50.41
C ARG S 168 21.18 4.69 51.69
N ASN S 169 21.66 4.03 52.75
CA ASN S 169 21.04 4.09 54.06
C ASN S 169 21.65 5.17 54.94
N ARG S 170 22.30 6.15 54.33
CA ARG S 170 22.84 7.32 55.04
C ARG S 170 22.56 8.63 54.33
N VAL S 171 22.14 8.60 53.06
CA VAL S 171 21.92 9.84 52.31
C VAL S 171 20.66 10.57 52.76
N GLY S 172 19.76 9.88 53.45
CA GLY S 172 18.58 10.54 53.98
C GLY S 172 18.39 10.23 55.45
N ALA S 173 19.41 9.64 56.07
CA ALA S 173 19.31 9.24 57.46
C ALA S 173 19.40 10.45 58.38
N GLU S 174 18.48 10.52 59.35
CA GLU S 174 18.44 11.66 60.27
C GLU S 174 19.60 11.61 61.26
N ALA S 175 19.87 10.44 61.83
CA ALA S 175 20.95 10.29 62.79
C ALA S 175 21.51 8.88 62.67
N VAL S 176 22.84 8.78 62.51
CA VAL S 176 23.53 7.51 62.35
C VAL S 176 24.48 7.33 63.51
N GLU S 177 24.48 6.13 64.11
CA GLU S 177 25.38 5.76 65.19
C GLU S 177 26.08 4.47 64.82
N VAL S 178 27.39 4.39 65.09
CA VAL S 178 28.17 3.20 64.77
C VAL S 178 28.84 2.71 66.05
N ARG S 179 28.61 1.45 66.39
CA ARG S 179 29.18 0.82 67.57
C ARG S 179 30.12 -0.29 67.11
N ILE S 180 31.39 -0.20 67.52
CA ILE S 180 32.41 -1.16 67.12
C ILE S 180 32.97 -1.80 68.39
N ASN S 181 32.79 -3.11 68.52
CA ASN S 181 33.23 -3.85 69.70
C ASN S 181 34.41 -4.74 69.32
N HIS S 182 35.45 -4.72 70.15
CA HIS S 182 36.62 -5.57 69.94
C HIS S 182 36.38 -6.88 70.68
N ILE S 183 36.20 -7.97 69.94
CA ILE S 183 35.85 -9.26 70.52
C ILE S 183 37.13 -10.03 70.81
N ARG S 184 37.44 -10.22 72.08
CA ARG S 184 38.58 -11.01 72.53
C ARG S 184 38.07 -12.14 73.41
N GLN S 185 38.37 -13.38 73.00
CA GLN S 185 37.93 -14.61 73.67
C GLN S 185 36.42 -14.68 73.84
N GLY S 186 35.69 -14.22 72.82
CA GLY S 186 34.25 -14.28 72.82
C GLY S 186 33.55 -13.18 73.60
N GLU S 187 34.29 -12.28 74.22
CA GLU S 187 33.70 -11.17 74.97
C GLU S 187 34.33 -9.86 74.49
N VAL S 188 33.68 -8.76 74.86
CA VAL S 188 34.10 -7.45 74.40
C VAL S 188 35.35 -7.01 75.15
N ALA S 189 36.31 -6.44 74.42
CA ALA S 189 37.51 -5.87 75.00
C ALA S 189 37.47 -4.35 75.08
N ARG S 190 36.98 -3.71 74.03
CA ARG S 190 36.83 -2.26 74.00
C ARG S 190 35.70 -1.91 73.04
N ALA S 191 34.82 -1.01 73.47
CA ALA S 191 33.69 -0.56 72.66
C ALA S 191 33.89 0.89 72.26
N TRP S 192 33.77 1.17 70.97
CA TRP S 192 33.84 2.52 70.43
C TRP S 192 32.48 2.91 69.87
N ARG S 193 31.98 4.06 70.31
CA ARG S 193 30.72 4.60 69.82
C ARG S 193 31.00 5.88 69.04
N PHE S 194 30.50 5.95 67.81
CA PHE S 194 30.80 7.04 66.91
C PHE S 194 29.52 7.64 66.35
N ASP S 195 29.45 8.97 66.35
CA ASP S 195 28.40 9.68 65.62
C ASP S 195 28.84 9.74 64.16
N ALA S 196 28.21 8.93 63.32
CA ALA S 196 28.67 8.77 61.95
C ALA S 196 28.34 9.97 61.07
N LEU S 197 27.50 10.89 61.53
CA LEU S 197 27.21 12.09 60.75
C LEU S 197 28.17 13.23 61.10
N ALA S 198 28.65 13.28 62.34
CA ALA S 198 29.68 14.27 62.69
C ALA S 198 31.00 13.94 62.01
N ILE S 199 31.37 12.67 61.97
CA ILE S 199 32.54 12.21 61.23
C ILE S 199 32.12 12.15 59.77
N GLY S 200 32.54 13.14 58.98
CA GLY S 200 32.07 13.24 57.61
C GLY S 200 32.73 12.24 56.69
N LEU S 201 32.22 12.20 55.46
CA LEU S 201 32.76 11.35 54.41
C LEU S 201 33.87 12.04 53.62
N ARG S 202 34.32 13.22 54.06
CA ARG S 202 35.27 14.04 53.30
C ARG S 202 36.61 14.20 54.00
N ASP S 203 36.61 14.67 55.24
CA ASP S 203 37.84 15.03 55.93
C ASP S 203 38.28 13.91 56.87
N PHE S 204 39.58 13.63 56.88
CA PHE S 204 40.18 12.64 57.77
C PHE S 204 40.79 13.37 58.97
N LYS S 205 39.95 13.65 59.96
CA LYS S 205 40.38 14.36 61.15
C LYS S 205 40.94 13.36 62.17
N ALA S 206 41.20 13.82 63.39
CA ALA S 206 41.78 12.99 64.44
C ALA S 206 40.94 13.09 65.69
N ASP S 207 40.70 11.94 66.32
CA ASP S 207 40.00 11.86 67.59
C ASP S 207 40.63 10.75 68.42
N ALA S 208 40.45 10.84 69.74
CA ALA S 208 41.09 9.90 70.66
C ALA S 208 40.55 8.48 70.50
N GLU S 209 39.23 8.34 70.37
CA GLU S 209 38.65 7.03 70.11
C GLU S 209 39.01 6.54 68.71
N LEU S 210 39.05 7.47 67.74
CA LEU S 210 39.51 7.12 66.40
C LEU S 210 40.99 6.72 66.40
N ASP S 211 41.81 7.38 67.23
CA ASP S 211 43.22 6.99 67.33
C ASP S 211 43.39 5.65 68.01
N ALA S 212 42.54 5.33 69.00
CA ALA S 212 42.60 4.02 69.64
C ALA S 212 42.20 2.91 68.68
N LEU S 213 41.14 3.13 67.90
CA LEU S 213 40.74 2.17 66.87
C LEU S 213 41.81 2.07 65.78
N ALA S 214 42.47 3.17 65.46
CA ALA S 214 43.56 3.16 64.49
C ALA S 214 44.74 2.35 64.99
N GLU S 215 45.06 2.47 66.28
CA GLU S 215 46.13 1.66 66.86
C GLU S 215 45.77 0.18 66.90
N LEU S 216 44.49 -0.13 67.14
CA LEU S 216 44.05 -1.52 67.12
C LEU S 216 44.15 -2.12 65.72
N ILE S 217 43.70 -1.38 64.71
CA ILE S 217 43.80 -1.86 63.33
C ILE S 217 45.26 -1.91 62.89
N ALA S 218 46.10 -1.01 63.43
CA ALA S 218 47.55 -1.06 63.17
C ALA S 218 48.18 -2.33 63.74
N SER S 219 47.80 -2.69 64.97
CA SER S 219 48.31 -3.92 65.56
C SER S 219 47.79 -5.15 64.84
N GLY S 220 46.56 -5.10 64.32
CA GLY S 220 46.06 -6.18 63.51
C GLY S 220 46.77 -6.33 62.18
N LEU S 221 47.06 -5.20 61.52
CA LEU S 221 47.70 -5.25 60.21
C LEU S 221 49.18 -5.56 60.31
N SER S 222 49.81 -5.21 61.43
CA SER S 222 51.23 -5.50 61.62
C SER S 222 51.51 -6.94 61.97
N GLY S 223 50.48 -7.74 62.26
CA GLY S 223 50.68 -9.10 62.68
C GLY S 223 51.01 -9.28 64.14
N SER S 224 50.85 -8.25 64.95
CA SER S 224 51.17 -8.30 66.38
C SER S 224 49.97 -8.66 67.24
N GLY S 225 48.83 -8.98 66.64
CA GLY S 225 47.66 -9.36 67.41
C GLY S 225 46.53 -9.77 66.49
N HIS S 226 45.49 -10.30 67.12
CA HIS S 226 44.27 -10.71 66.41
C HIS S 226 43.19 -9.68 66.69
N VAL S 227 42.62 -9.11 65.64
CA VAL S 227 41.61 -8.08 65.76
C VAL S 227 40.34 -8.57 65.07
N LEU S 228 39.29 -8.79 65.86
CA LEU S 228 37.95 -9.07 65.37
C LEU S 228 37.01 -8.02 65.95
N LEU S 229 36.22 -7.40 65.09
CA LEU S 229 35.34 -6.31 65.48
C LEU S 229 33.91 -6.64 65.08
N GLU S 230 32.97 -6.30 65.97
CA GLU S 230 31.54 -6.35 65.66
C GLU S 230 31.09 -4.92 65.46
N VAL S 231 30.70 -4.59 64.22
CA VAL S 231 30.32 -3.23 63.85
C VAL S 231 28.82 -3.22 63.57
N VAL S 232 28.09 -2.43 64.34
CA VAL S 232 26.64 -2.30 64.26
C VAL S 232 26.31 -0.84 63.99
N ALA S 233 25.52 -0.59 62.94
CA ALA S 233 25.14 0.76 62.55
C ALA S 233 23.64 0.93 62.70
N PHE S 234 23.23 1.99 63.38
CA PHE S 234 21.83 2.34 63.56
C PHE S 234 21.56 3.63 62.79
N ALA S 235 20.65 3.57 61.83
CA ALA S 235 20.35 4.69 60.96
C ALA S 235 18.88 5.07 61.06
N ARG S 236 18.60 6.37 61.17
CA ARG S 236 17.23 6.87 61.22
C ARG S 236 16.74 7.10 59.79
N ILE S 237 16.39 6.00 59.12
CA ILE S 237 15.80 6.10 57.79
C ILE S 237 14.41 6.69 57.87
N GLY S 238 13.65 6.35 58.91
CA GLY S 238 12.28 6.78 59.06
C GLY S 238 11.32 5.61 59.18
N ASP S 239 10.11 5.93 59.62
CA ASP S 239 9.12 4.91 59.88
C ASP S 239 8.60 4.31 58.58
N GLY S 240 8.82 3.01 58.41
CA GLY S 240 8.30 2.32 57.23
C GLY S 240 9.04 2.59 55.95
N GLN S 241 10.20 3.24 56.01
CA GLN S 241 10.88 3.70 54.81
C GLN S 241 11.57 2.55 54.09
N GLU S 242 11.97 2.82 52.85
CA GLU S 242 12.66 1.84 52.03
C GLU S 242 14.13 1.80 52.40
N VAL S 243 14.62 0.63 52.76
CA VAL S 243 16.04 0.44 53.01
C VAL S 243 16.64 -0.27 51.80
N PHE S 244 17.95 -0.12 51.64
CA PHE S 244 18.63 -0.50 50.40
C PHE S 244 19.71 -1.53 50.70
N PRO S 245 19.41 -2.81 50.55
CA PRO S 245 20.45 -3.84 50.57
C PRO S 245 21.18 -3.91 49.23
N SER S 246 22.10 -4.87 49.15
CA SER S 246 22.77 -5.16 47.90
C SER S 246 21.79 -5.84 46.94
N GLN S 247 22.01 -5.63 45.64
CA GLN S 247 21.11 -6.11 44.60
C GLN S 247 21.80 -7.19 43.79
N GLU S 248 21.07 -8.26 43.49
CA GLU S 248 21.63 -9.46 42.90
C GLU S 248 21.55 -9.44 41.37
N LEU S 249 22.03 -10.51 40.77
CA LEU S 249 21.92 -10.71 39.33
C LEU S 249 20.46 -10.89 38.92
N ILE S 250 20.18 -10.54 37.67
CA ILE S 250 18.87 -10.75 37.09
C ILE S 250 19.04 -11.72 35.93
N LEU S 251 18.41 -12.89 36.02
CA LEU S 251 18.60 -13.92 34.99
C LEU S 251 17.79 -13.62 33.73
N ASP S 252 16.58 -13.06 33.91
CA ASP S 252 15.64 -12.74 32.82
C ASP S 252 15.30 -13.98 31.99
N LYS S 253 14.73 -14.98 32.66
CA LYS S 253 14.35 -16.24 32.02
C LYS S 253 12.84 -16.42 31.94
N GLY S 254 12.07 -15.37 32.17
CA GLY S 254 10.62 -15.47 32.12
C GLY S 254 9.99 -14.50 31.15
N ASP S 255 8.70 -14.22 31.33
CA ASP S 255 8.00 -13.28 30.47
C ASP S 255 8.34 -11.84 30.89
N LYS S 256 7.91 -10.89 30.06
CA LYS S 256 8.16 -9.48 30.33
C LYS S 256 7.17 -8.87 31.31
N LYS S 257 6.07 -9.57 31.62
CA LYS S 257 5.16 -9.07 32.64
C LYS S 257 5.66 -9.45 34.03
N GLY S 258 5.76 -10.74 34.31
CA GLY S 258 6.39 -11.18 35.55
C GLY S 258 7.90 -11.27 35.39
N GLN S 259 8.53 -10.12 35.13
CA GLN S 259 9.93 -10.12 34.75
C GLN S 259 10.85 -10.32 35.95
N LYS S 260 10.42 -9.92 37.15
CA LYS S 260 11.23 -9.84 38.37
C LYS S 260 12.48 -9.01 38.11
N SER S 261 12.25 -7.71 37.89
CA SER S 261 13.30 -6.83 37.42
C SER S 261 14.35 -6.56 38.50
N LYS S 262 14.00 -6.69 39.78
CA LYS S 262 14.94 -6.43 40.86
C LYS S 262 14.78 -7.48 41.94
N THR S 263 15.89 -8.14 42.30
CA THR S 263 15.96 -9.01 43.46
C THR S 263 17.07 -8.51 44.39
N LEU S 264 16.78 -8.47 45.68
CA LEU S 264 17.72 -7.99 46.68
C LEU S 264 18.42 -9.15 47.37
N TYR S 265 19.40 -8.82 48.22
CA TYR S 265 20.24 -9.81 48.87
C TYR S 265 19.69 -10.12 50.26
N SER S 266 19.40 -11.39 50.49
CA SER S 266 19.03 -11.88 51.81
C SER S 266 19.66 -13.26 51.99
N VAL S 267 19.89 -13.64 53.26
CA VAL S 267 20.52 -14.92 53.52
C VAL S 267 19.51 -15.97 53.97
N ARG S 268 18.89 -15.77 55.15
CA ARG S 268 17.81 -16.63 55.64
C ARG S 268 16.69 -15.70 56.07
N ASP S 269 15.89 -15.25 55.09
CA ASP S 269 14.75 -14.33 55.28
C ASP S 269 15.15 -13.08 56.04
N ALA S 270 16.32 -12.53 55.72
CA ALA S 270 16.87 -11.39 56.43
C ALA S 270 17.70 -10.59 55.44
N ALA S 271 17.26 -9.38 55.12
CA ALA S 271 17.90 -8.58 54.09
C ALA S 271 19.29 -8.12 54.54
N ALA S 272 20.25 -8.22 53.62
CA ALA S 272 21.65 -8.05 53.98
C ALA S 272 22.39 -7.36 52.85
N ILE S 273 23.53 -6.77 53.20
CA ILE S 273 24.42 -6.11 52.25
C ILE S 273 25.59 -7.04 51.97
N HIS S 274 26.05 -7.05 50.72
CA HIS S 274 27.18 -7.89 50.33
C HIS S 274 28.46 -7.43 51.05
N SER S 275 29.32 -8.41 51.34
CA SER S 275 30.56 -8.12 52.08
C SER S 275 31.54 -7.30 51.24
N GLN S 276 31.53 -7.48 49.91
CA GLN S 276 32.42 -6.68 49.07
C GLN S 276 32.00 -5.23 49.03
N LYS S 277 30.71 -4.94 49.24
CA LYS S 277 30.26 -3.56 49.37
C LYS S 277 30.79 -2.91 50.65
N ILE S 278 30.79 -3.67 51.75
CA ILE S 278 31.34 -3.18 53.01
C ILE S 278 32.85 -2.97 52.89
N GLY S 279 33.54 -3.90 52.22
CA GLY S 279 34.96 -3.75 52.00
C GLY S 279 35.31 -2.57 51.11
N ASN S 280 34.48 -2.33 50.09
CA ASN S 280 34.64 -1.15 49.23
C ASN S 280 34.44 0.13 50.02
N ALA S 281 33.45 0.15 50.92
CA ALA S 281 33.23 1.32 51.74
C ALA S 281 34.37 1.56 52.71
N LEU S 282 34.95 0.48 53.24
CA LEU S 282 36.10 0.61 54.14
C LEU S 282 37.34 1.06 53.38
N ARG S 283 37.48 0.62 52.12
CA ARG S 283 38.64 0.96 51.30
C ARG S 283 38.61 2.37 50.76
N THR S 284 37.56 3.15 51.00
CA THR S 284 37.47 4.46 50.37
C THR S 284 38.33 5.41 51.20
N ILE S 285 39.65 5.35 50.97
CA ILE S 285 40.62 6.15 51.70
C ILE S 285 41.51 6.97 50.77
N ASP S 286 41.45 6.73 49.45
CA ASP S 286 42.38 7.32 48.50
C ASP S 286 42.07 8.80 48.33
N THR S 287 43.01 9.66 48.75
CA THR S 287 42.88 11.11 48.58
C THR S 287 44.12 11.68 47.90
N TRP S 288 44.86 10.86 47.15
CA TRP S 288 46.13 11.29 46.58
C TRP S 288 46.19 11.01 45.07
N TYR S 289 45.05 11.00 44.40
CA TYR S 289 45.03 10.79 42.95
C TYR S 289 45.52 12.07 42.27
N PRO S 290 45.99 11.98 41.01
CA PRO S 290 46.45 13.20 40.31
C PRO S 290 45.37 14.24 40.05
N ASP S 291 44.10 13.87 40.07
CA ASP S 291 43.03 14.85 39.91
C ASP S 291 42.79 15.57 41.24
N GLU S 292 41.82 16.47 41.24
CA GLU S 292 41.54 17.27 42.43
C GLU S 292 40.85 16.43 43.50
N ASP S 293 41.34 16.56 44.73
CA ASP S 293 40.84 15.79 45.86
C ASP S 293 39.69 16.49 46.58
N GLY S 294 39.22 17.63 46.06
CA GLY S 294 38.04 18.26 46.62
C GLY S 294 36.75 17.56 46.27
N LEU S 295 36.78 16.64 45.31
CA LEU S 295 35.63 15.80 45.02
C LEU S 295 35.32 14.87 46.20
N GLY S 296 36.35 14.33 46.83
CA GLY S 296 36.19 13.44 47.95
C GLY S 296 37.04 12.20 47.80
N PRO S 297 37.20 11.45 48.90
CA PRO S 297 37.98 10.21 48.82
C PRO S 297 37.30 9.16 47.96
N ILE S 298 38.11 8.37 47.28
CA ILE S 298 37.65 7.25 46.47
C ILE S 298 38.27 5.98 47.00
N ALA S 299 37.84 4.86 46.42
CA ALA S 299 38.32 3.56 46.87
C ALA S 299 39.76 3.32 46.41
N VAL S 300 40.57 2.77 47.33
CA VAL S 300 41.86 2.25 46.92
C VAL S 300 41.62 0.98 46.13
N GLU S 301 42.04 1.00 44.87
CA GLU S 301 41.82 -0.02 43.86
C GLU S 301 42.71 0.38 42.69
N PRO S 302 43.30 -0.58 41.95
CA PRO S 302 44.24 -0.23 40.89
C PRO S 302 43.57 0.52 39.74
N TYR S 303 44.26 1.57 39.27
CA TYR S 303 43.73 2.61 38.38
C TYR S 303 42.50 3.30 38.96
N GLY S 304 42.47 3.45 40.28
CA GLY S 304 41.63 4.38 41.05
C GLY S 304 40.22 4.67 40.61
N SER S 305 39.45 3.63 40.30
CA SER S 305 38.18 3.83 39.60
C SER S 305 37.02 4.01 40.56
N VAL S 306 36.08 4.85 40.17
CA VAL S 306 34.73 4.85 40.71
C VAL S 306 33.77 4.61 39.55
N THR S 307 32.90 3.61 39.71
CA THR S 307 32.06 3.18 38.59
C THR S 307 30.84 4.08 38.40
N SER S 308 30.47 4.87 39.42
CA SER S 308 29.36 5.81 39.25
C SER S 308 29.78 6.99 38.38
N GLN S 309 30.97 7.54 38.62
CA GLN S 309 31.45 8.65 37.81
C GLN S 309 32.05 8.20 36.49
N GLY S 310 32.34 6.91 36.34
CA GLY S 310 32.73 6.36 35.06
C GLY S 310 34.14 6.68 34.60
N LYS S 311 34.90 7.45 35.36
CA LYS S 311 36.26 7.82 35.01
C LYS S 311 37.23 7.12 35.95
N ALA S 312 38.47 6.98 35.49
CA ALA S 312 39.52 6.34 36.26
C ALA S 312 40.53 7.40 36.67
N TYR S 313 40.51 7.78 37.93
CA TYR S 313 41.62 8.52 38.51
C TYR S 313 42.83 7.59 38.60
N ARG S 314 44.02 8.20 38.63
CA ARG S 314 45.30 7.50 38.52
C ARG S 314 45.37 6.66 37.24
N GLN S 315 45.36 7.35 36.11
CA GLN S 315 45.45 6.69 34.81
C GLN S 315 46.82 6.06 34.63
N PRO S 316 46.91 4.97 33.85
CA PRO S 316 48.23 4.35 33.62
C PRO S 316 49.21 5.21 32.84
N LYS S 317 48.73 6.17 32.03
CA LYS S 317 49.64 7.06 31.34
C LYS S 317 50.36 7.99 32.31
N GLN S 318 49.64 8.52 33.30
CA GLN S 318 50.29 9.19 34.41
C GLN S 318 51.00 8.16 35.28
N LYS S 319 52.05 8.61 35.97
CA LYS S 319 52.86 7.69 36.78
C LYS S 319 52.37 7.64 38.22
N LEU S 320 51.07 7.42 38.42
CA LEU S 320 50.51 7.42 39.76
C LEU S 320 49.51 6.29 40.00
N ASP S 321 49.36 5.35 39.06
CA ASP S 321 48.57 4.16 39.30
C ASP S 321 49.38 3.16 40.13
N PHE S 322 48.70 2.11 40.58
CA PHE S 322 49.30 1.18 41.54
C PHE S 322 50.41 0.35 40.92
N TYR S 323 50.23 -0.09 39.67
CA TYR S 323 51.17 -1.03 39.08
C TYR S 323 52.49 -0.34 38.71
N THR S 324 52.43 0.86 38.14
CA THR S 324 53.66 1.58 37.80
C THR S 324 54.41 2.03 39.05
N LEU S 325 53.67 2.44 40.09
CA LEU S 325 54.30 2.80 41.36
C LEU S 325 54.93 1.60 42.03
N LEU S 326 54.28 0.43 41.93
CA LEU S 326 54.86 -0.80 42.47
C LEU S 326 56.09 -1.23 41.70
N ASP S 327 56.08 -1.06 40.37
CA ASP S 327 57.24 -1.40 39.56
C ASP S 327 58.41 -0.44 39.82
N ASN S 328 58.11 0.84 40.07
CA ASN S 328 59.17 1.78 40.40
C ASN S 328 59.70 1.54 41.82
N TRP S 329 58.83 1.12 42.73
CA TRP S 329 59.22 0.96 44.12
C TRP S 329 60.05 -0.31 44.33
N VAL S 330 59.80 -1.36 43.55
CA VAL S 330 60.39 -2.68 43.79
C VAL S 330 61.52 -2.98 42.81
N LEU S 331 61.25 -2.83 41.51
CA LEU S 331 62.22 -3.28 40.49
C LEU S 331 63.44 -2.37 40.44
N ARG S 332 63.23 -1.06 40.40
CA ARG S 332 64.32 -0.10 40.26
C ARG S 332 64.49 0.79 41.48
N ASP S 333 63.75 0.51 42.56
CA ASP S 333 63.92 1.12 43.88
C ASP S 333 63.72 2.64 43.87
N GLU S 334 62.90 3.14 42.95
CA GLU S 334 62.49 4.54 42.99
C GLU S 334 61.28 4.62 43.93
N ALA S 335 61.56 4.94 45.18
CA ALA S 335 60.51 5.03 46.18
C ALA S 335 59.64 6.27 45.91
N PRO S 336 58.32 6.12 45.80
CA PRO S 336 57.48 7.29 45.53
C PRO S 336 57.28 8.16 46.75
N ALA S 337 56.39 9.15 46.65
CA ALA S 337 56.01 9.95 47.79
C ALA S 337 55.28 9.09 48.83
N VAL S 338 55.27 9.60 50.07
CA VAL S 338 54.74 8.83 51.19
C VAL S 338 53.25 8.56 51.05
N GLU S 339 52.50 9.51 50.46
CA GLU S 339 51.08 9.29 50.21
C GLU S 339 50.85 8.22 49.14
N GLN S 340 51.64 8.25 48.06
CA GLN S 340 51.52 7.25 47.03
C GLN S 340 51.98 5.88 47.52
N GLN S 341 52.96 5.84 48.42
CA GLN S 341 53.37 4.57 48.99
C GLN S 341 52.33 4.05 49.98
N HIS S 342 51.59 4.96 50.65
CA HIS S 342 50.42 4.55 51.41
C HIS S 342 49.36 3.93 50.51
N TYR S 343 49.17 4.51 49.32
CA TYR S 343 48.23 3.95 48.35
C TYR S 343 48.65 2.56 47.89
N VAL S 344 49.95 2.36 47.65
CA VAL S 344 50.46 1.07 47.21
C VAL S 344 50.28 0.01 48.31
N ILE S 345 50.62 0.37 49.56
CA ILE S 345 50.44 -0.57 50.67
C ILE S 345 48.96 -0.83 50.93
N ALA S 346 48.09 0.15 50.70
CA ALA S 346 46.65 -0.06 50.86
C ALA S 346 46.11 -1.00 49.79
N ASN S 347 46.65 -0.92 48.57
CA ASN S 347 46.30 -1.92 47.54
C ASN S 347 46.80 -3.30 47.94
N LEU S 348 47.97 -3.38 48.57
CA LEU S 348 48.46 -4.68 49.04
C LEU S 348 47.61 -5.21 50.19
N ILE S 349 47.06 -4.32 51.02
CA ILE S 349 46.18 -4.74 52.10
C ILE S 349 44.85 -5.25 51.55
N ARG S 350 44.28 -4.53 50.57
CA ARG S 350 42.98 -4.91 50.03
C ARG S 350 43.03 -6.19 49.20
N GLY S 351 44.21 -6.63 48.78
CA GLY S 351 44.33 -7.84 48.00
C GLY S 351 43.97 -7.62 46.54
N GLY S 352 44.03 -8.70 45.80
CA GLY S 352 43.70 -8.68 44.39
C GLY S 352 44.57 -9.65 43.62
N VAL S 353 44.15 -9.94 42.40
CA VAL S 353 44.95 -10.77 41.49
C VAL S 353 45.85 -9.80 40.73
N PHE S 354 46.97 -9.47 41.36
CA PHE S 354 47.97 -8.64 40.72
C PHE S 354 48.88 -9.50 39.86
N GLY S 355 49.78 -8.86 39.14
CA GLY S 355 50.63 -9.63 38.24
C GLY S 355 50.00 -9.81 36.88
N GLU S 356 50.87 -9.98 35.87
CA GLU S 356 50.44 -10.05 34.50
C GLU S 356 49.99 -11.48 34.16
N ALA S 357 49.80 -11.74 32.87
CA ALA S 357 49.38 -13.06 32.43
C ALA S 357 50.09 -13.45 31.14
N ILE T 23 70.54 -56.73 36.01
CA ILE T 23 70.97 -55.34 36.12
C ILE T 23 70.00 -54.59 37.04
N LEU T 24 68.88 -55.27 37.34
CA LEU T 24 67.82 -54.81 38.25
C LEU T 24 67.25 -53.47 37.78
N SER T 25 66.58 -53.54 36.64
CA SER T 25 65.87 -52.39 36.11
C SER T 25 64.60 -52.14 36.93
N THR T 26 64.22 -50.88 37.04
CA THR T 26 62.99 -50.53 37.74
C THR T 26 61.77 -50.93 36.91
N ALA T 27 60.68 -51.21 37.61
CA ALA T 27 59.48 -51.73 36.96
C ALA T 27 58.77 -50.63 36.19
N SER T 28 58.06 -51.03 35.13
CA SER T 28 57.29 -50.08 34.34
C SER T 28 56.09 -49.54 35.12
N VAL T 29 55.44 -50.38 35.90
CA VAL T 29 54.36 -49.95 36.80
C VAL T 29 54.81 -50.21 38.22
N LEU T 30 54.73 -49.16 39.05
CA LEU T 30 55.05 -49.25 40.47
C LEU T 30 53.98 -48.47 41.25
N ALA T 31 52.72 -48.80 40.96
CA ALA T 31 51.60 -48.10 41.59
C ALA T 31 51.53 -48.42 43.07
N PHE T 32 51.42 -47.37 43.89
CA PHE T 32 51.32 -47.50 45.34
C PHE T 32 49.96 -47.02 45.80
N GLU T 33 49.38 -47.73 46.76
CA GLU T 33 48.14 -47.27 47.37
C GLU T 33 48.40 -46.08 48.28
N ARG T 34 47.33 -45.40 48.64
CA ARG T 34 47.41 -44.22 49.50
C ARG T 34 47.23 -44.66 50.95
N LYS T 35 48.29 -44.58 51.73
CA LYS T 35 48.18 -44.70 53.17
C LYS T 35 47.79 -43.34 53.74
N LEU T 36 47.33 -43.36 55.00
CA LEU T 36 46.66 -42.23 55.66
C LEU T 36 45.50 -41.73 54.80
N ASP T 37 44.50 -42.58 54.63
CA ASP T 37 43.36 -42.27 53.78
C ASP T 37 42.44 -41.27 54.49
N PRO T 38 42.23 -40.08 53.94
CA PRO T 38 41.32 -39.13 54.58
C PRO T 38 39.92 -39.19 54.02
N SER T 39 38.99 -38.47 54.65
CA SER T 39 37.63 -38.34 54.14
C SER T 39 37.37 -36.88 53.77
N ASP T 40 36.23 -36.65 53.13
CA ASP T 40 35.79 -35.29 52.80
C ASP T 40 35.41 -34.59 54.10
N ALA T 41 36.20 -33.58 54.46
CA ALA T 41 36.08 -32.93 55.77
C ALA T 41 34.89 -31.99 55.76
N LEU T 42 33.79 -32.40 56.38
CA LEU T 42 32.59 -31.59 56.41
C LEU T 42 32.75 -30.46 57.42
N MET T 43 32.30 -29.26 57.06
CA MET T 43 32.36 -28.12 57.96
C MET T 43 30.95 -27.73 58.39
N SER T 44 30.75 -27.70 59.70
CA SER T 44 29.56 -27.19 60.35
C SER T 44 29.92 -25.92 61.14
N ALA T 45 28.92 -25.34 61.78
CA ALA T 45 29.10 -24.08 62.48
C ALA T 45 28.52 -24.17 63.88
N GLY T 46 29.08 -23.39 64.78
CA GLY T 46 28.62 -23.38 66.15
C GLY T 46 29.28 -22.30 66.95
N ALA T 47 29.24 -22.46 68.27
CA ALA T 47 29.78 -21.49 69.20
C ALA T 47 30.90 -22.12 70.01
N TRP T 48 31.87 -21.29 70.38
CA TRP T 48 32.90 -21.69 71.33
C TRP T 48 32.29 -21.91 72.70
N ALA T 49 32.89 -22.83 73.46
CA ALA T 49 32.47 -23.40 74.75
C ALA T 49 31.20 -24.23 74.64
N GLN T 50 30.63 -24.40 73.44
CA GLN T 50 29.61 -25.40 73.15
C GLN T 50 30.14 -26.44 72.17
N ARG T 51 31.46 -26.48 71.95
CA ARG T 51 32.07 -27.38 71.00
C ARG T 51 32.21 -28.80 71.53
N ASP T 52 32.00 -29.01 72.84
CA ASP T 52 31.98 -30.36 73.37
C ASP T 52 30.77 -31.14 72.87
N ALA T 53 29.62 -30.48 72.81
CA ALA T 53 28.42 -31.07 72.22
C ALA T 53 28.23 -30.44 70.85
N SER T 54 28.93 -31.00 69.86
CA SER T 54 28.97 -30.43 68.51
C SER T 54 28.52 -31.42 67.45
N GLN T 55 27.89 -32.53 67.82
CA GLN T 55 27.41 -33.49 66.84
C GLN T 55 26.09 -33.08 66.22
N GLU T 56 25.38 -32.13 66.83
CA GLU T 56 24.11 -31.61 66.33
C GLU T 56 24.27 -30.28 65.61
N TRP T 57 25.50 -29.83 65.41
CA TRP T 57 25.76 -28.51 64.84
C TRP T 57 25.32 -28.45 63.38
N PRO T 58 24.63 -27.38 62.97
CA PRO T 58 24.17 -27.31 61.58
C PRO T 58 25.32 -27.05 60.62
N ALA T 59 25.24 -27.67 59.45
CA ALA T 59 26.30 -27.58 58.47
C ALA T 59 26.32 -26.21 57.80
N VAL T 60 27.51 -25.79 57.38
CA VAL T 60 27.66 -24.53 56.65
C VAL T 60 27.14 -24.73 55.24
N THR T 61 26.21 -23.88 54.84
CA THR T 61 25.59 -23.98 53.53
C THR T 61 26.36 -23.16 52.49
N VAL T 62 26.45 -23.69 51.27
CA VAL T 62 27.14 -23.01 50.18
C VAL T 62 26.07 -22.20 49.44
N ARG T 63 25.92 -20.93 49.83
CA ARG T 63 24.90 -20.10 49.23
C ARG T 63 25.50 -19.34 48.03
N GLU T 64 24.70 -18.49 47.41
CA GLU T 64 25.11 -17.73 46.24
C GLU T 64 25.01 -16.25 46.51
N LYS T 65 25.92 -15.48 45.90
CA LYS T 65 25.80 -14.03 45.93
C LYS T 65 26.41 -13.47 44.65
N SER T 66 26.21 -12.17 44.43
CA SER T 66 26.66 -11.52 43.21
C SER T 66 27.75 -10.50 43.54
N VAL T 67 28.76 -10.45 42.66
CA VAL T 67 29.87 -9.50 42.77
C VAL T 67 29.93 -8.66 41.50
N ARG T 68 30.29 -7.38 41.66
CA ARG T 68 30.54 -6.49 40.54
C ARG T 68 32.04 -6.28 40.42
N GLY T 69 32.64 -6.85 39.38
CA GLY T 69 34.08 -6.81 39.25
C GLY T 69 34.60 -5.61 38.50
N THR T 70 35.32 -4.75 39.21
CA THR T 70 35.98 -3.61 38.58
C THR T 70 37.30 -4.04 37.95
N ILE T 71 37.88 -3.16 37.15
CA ILE T 71 39.13 -3.45 36.46
C ILE T 71 40.28 -3.23 37.43
N SER T 72 40.97 -4.31 37.81
CA SER T 72 42.06 -4.21 38.76
C SER T 72 43.27 -5.06 38.36
N ASN T 73 43.36 -5.46 37.10
CA ASN T 73 44.45 -6.29 36.61
C ASN T 73 45.40 -5.46 35.76
N ARG T 74 46.56 -6.05 35.47
CA ARG T 74 47.56 -5.37 34.64
C ARG T 74 47.07 -5.25 33.20
N LEU T 75 47.29 -4.09 32.60
CA LEU T 75 46.87 -3.88 31.23
C LEU T 75 47.97 -4.29 30.27
N LYS T 76 47.58 -4.57 29.02
CA LYS T 76 48.50 -5.14 28.03
C LYS T 76 49.07 -4.10 27.07
N THR T 77 49.21 -2.85 27.53
CA THR T 77 49.84 -1.71 26.85
C THR T 77 49.10 -1.39 25.53
N LYS T 78 47.82 -1.75 25.45
CA LYS T 78 46.98 -1.36 24.34
C LYS T 78 45.69 -0.70 24.76
N ASP T 79 45.12 -1.12 25.88
CA ASP T 79 43.94 -0.46 26.46
C ASP T 79 44.30 0.62 27.48
N ARG T 80 45.60 0.91 27.62
CA ARG T 80 46.08 1.86 28.60
C ARG T 80 45.68 3.29 28.27
N ASP T 81 45.03 3.51 27.12
CA ASP T 81 44.48 4.81 26.81
C ASP T 81 43.32 5.12 27.75
N PRO T 82 43.11 6.39 28.11
CA PRO T 82 42.05 6.70 29.08
C PRO T 82 40.64 6.48 28.54
N ALA T 83 40.44 6.61 27.23
CA ALA T 83 39.09 6.51 26.66
C ALA T 83 38.55 5.09 26.75
N LYS T 84 39.34 4.09 26.32
CA LYS T 84 38.86 2.72 26.36
C LYS T 84 38.85 2.17 27.78
N LEU T 85 39.78 2.62 28.63
CA LEU T 85 39.76 2.23 30.04
C LEU T 85 38.51 2.77 30.73
N ASP T 86 38.16 4.03 30.50
CA ASP T 86 36.95 4.59 31.08
C ASP T 86 35.69 3.98 30.46
N ALA T 87 35.76 3.55 29.21
CA ALA T 87 34.62 2.86 28.60
C ALA T 87 34.40 1.49 29.22
N SER T 88 35.49 0.77 29.52
CA SER T 88 35.35 -0.53 30.18
C SER T 88 34.91 -0.37 31.63
N ILE T 89 35.39 0.68 32.31
CA ILE T 89 35.03 0.93 33.69
C ILE T 89 33.57 1.41 33.80
N GLN T 90 33.10 2.13 32.77
CA GLN T 90 31.70 2.57 32.73
C GLN T 90 30.73 1.39 32.64
N SER T 91 31.13 0.30 32.00
CA SER T 91 30.30 -0.89 31.83
C SER T 91 31.05 -2.09 32.40
N PRO T 92 30.94 -2.32 33.71
CA PRO T 92 31.68 -3.43 34.33
C PRO T 92 30.98 -4.77 34.14
N ASN T 93 31.54 -5.81 34.75
CA ASN T 93 31.06 -7.18 34.56
C ASN T 93 30.63 -7.77 35.90
N LEU T 94 29.50 -8.47 35.87
CA LEU T 94 28.91 -9.06 37.06
C LEU T 94 29.11 -10.56 37.07
N GLN T 95 29.28 -11.12 38.27
CA GLN T 95 29.46 -12.56 38.43
C GLN T 95 28.63 -13.04 39.61
N THR T 96 28.33 -14.33 39.60
CA THR T 96 27.72 -15.02 40.74
C THR T 96 28.73 -15.98 41.33
N VAL T 97 28.96 -15.87 42.63
CA VAL T 97 29.94 -16.68 43.35
C VAL T 97 29.21 -17.53 44.37
N ASP T 98 29.61 -18.80 44.46
CA ASP T 98 29.26 -19.62 45.61
C ASP T 98 30.10 -19.17 46.80
N VAL T 99 29.44 -18.80 47.88
CA VAL T 99 30.11 -18.32 49.08
C VAL T 99 29.64 -19.16 50.26
N ALA T 100 30.57 -19.53 51.13
CA ALA T 100 30.27 -20.27 52.35
C ALA T 100 30.62 -19.39 53.54
N ASN T 101 29.63 -19.11 54.37
CA ASN T 101 29.81 -18.27 55.54
C ASN T 101 29.26 -18.97 56.76
N LEU T 102 29.76 -18.56 57.92
CA LEU T 102 29.12 -18.93 59.17
C LEU T 102 27.82 -18.13 59.31
N PRO T 103 26.87 -18.64 60.11
CA PRO T 103 25.74 -17.81 60.52
C PRO T 103 26.19 -16.65 61.39
N SER T 104 25.32 -15.64 61.47
CA SER T 104 25.62 -14.43 62.23
C SER T 104 25.65 -14.64 63.73
N ASP T 105 25.19 -15.79 64.23
CA ASP T 105 25.27 -16.13 65.64
C ASP T 105 26.23 -17.28 65.91
N ALA T 106 27.07 -17.64 64.95
CA ALA T 106 28.02 -18.74 65.10
C ALA T 106 29.42 -18.23 64.75
N ASP T 107 30.33 -18.29 65.71
CA ASP T 107 31.70 -17.83 65.49
C ASP T 107 32.69 -18.95 65.23
N THR T 108 32.35 -20.18 65.58
CA THR T 108 33.28 -21.30 65.52
C THR T 108 32.96 -22.18 64.33
N LEU T 109 33.97 -22.46 63.51
CA LEU T 109 33.87 -23.40 62.41
C LEU T 109 34.38 -24.76 62.87
N LYS T 110 33.58 -25.80 62.66
CA LYS T 110 33.96 -27.17 62.97
C LYS T 110 34.20 -27.92 61.67
N VAL T 111 35.35 -28.58 61.58
CA VAL T 111 35.71 -29.36 60.39
C VAL T 111 36.02 -30.77 60.85
N ARG T 112 35.30 -31.74 60.28
CA ARG T 112 35.34 -33.11 60.75
C ARG T 112 35.72 -34.04 59.60
N PHE T 113 36.68 -34.93 59.86
CA PHE T 113 37.05 -35.95 58.88
C PHE T 113 37.64 -37.14 59.61
N THR T 114 37.65 -38.29 58.94
CA THR T 114 38.24 -39.50 59.48
C THR T 114 39.45 -39.90 58.65
N LEU T 115 40.57 -40.10 59.33
CA LEU T 115 41.80 -40.57 58.73
C LEU T 115 41.96 -42.06 59.01
N ARG T 116 42.47 -42.79 58.02
CA ARG T 116 42.65 -44.24 58.12
C ARG T 116 44.10 -44.58 57.83
N VAL T 117 44.86 -44.86 58.89
CA VAL T 117 46.28 -45.17 58.76
C VAL T 117 46.38 -46.67 58.45
N LEU T 118 46.72 -47.00 57.20
CA LEU T 118 46.60 -48.38 56.75
C LEU T 118 47.82 -49.21 57.13
N GLY T 119 48.98 -48.87 56.59
CA GLY T 119 50.17 -49.68 56.77
C GLY T 119 50.48 -50.53 55.55
N GLY T 120 51.62 -51.20 55.62
CA GLY T 120 52.14 -51.90 54.45
C GLY T 120 52.56 -50.94 53.36
N ALA T 121 53.27 -49.87 53.71
CA ALA T 121 53.62 -48.83 52.76
C ALA T 121 54.68 -49.26 51.76
N GLY T 122 55.51 -50.26 52.10
CA GLY T 122 56.55 -50.68 51.18
C GLY T 122 56.01 -51.50 50.03
N THR T 123 54.90 -52.19 50.24
CA THR T 123 54.35 -53.08 49.22
C THR T 123 53.55 -52.27 48.20
N PRO T 124 53.88 -52.33 46.92
CA PRO T 124 53.08 -51.65 45.91
C PRO T 124 51.89 -52.48 45.48
N SER T 125 50.86 -51.78 44.99
CA SER T 125 49.65 -52.47 44.53
C SER T 125 49.90 -53.21 43.23
N ALA T 126 50.61 -52.58 42.29
CA ALA T 126 50.93 -53.19 41.02
C ALA T 126 52.43 -53.10 40.78
N CYS T 127 53.01 -54.16 40.22
CA CYS T 127 54.44 -54.19 39.93
C CYS T 127 54.68 -55.14 38.77
N ASN T 128 55.31 -54.64 37.71
CA ASN T 128 55.63 -55.48 36.56
C ASN T 128 56.81 -56.41 36.84
N ASP T 129 57.77 -55.97 37.66
CA ASP T 129 58.96 -56.75 37.96
C ASP T 129 58.85 -57.31 39.37
N ALA T 130 58.97 -58.63 39.49
CA ALA T 130 58.91 -59.27 40.81
C ALA T 130 60.21 -59.06 41.59
N ALA T 131 61.36 -59.11 40.90
CA ALA T 131 62.64 -58.95 41.59
C ALA T 131 62.83 -57.52 42.08
N TYR T 132 62.36 -56.53 41.32
CA TYR T 132 62.41 -55.15 41.76
C TYR T 132 61.47 -54.92 42.94
N ARG T 133 60.32 -55.61 42.94
CA ARG T 133 59.42 -55.54 44.09
C ARG T 133 60.06 -56.14 45.33
N ASP T 134 60.78 -57.26 45.17
CA ASP T 134 61.49 -57.87 46.28
C ASP T 134 62.61 -56.97 46.80
N LYS T 135 63.34 -56.30 45.90
CA LYS T 135 64.39 -55.40 46.31
C LYS T 135 63.84 -54.17 47.02
N LEU T 136 62.70 -53.63 46.55
CA LEU T 136 62.07 -52.50 47.21
C LEU T 136 61.53 -52.90 48.59
N LEU T 137 60.99 -54.11 48.70
CA LEU T 137 60.51 -54.62 49.99
C LEU T 137 61.67 -54.80 50.96
N GLN T 138 62.81 -55.30 50.47
CA GLN T 138 64.00 -55.42 51.31
C GLN T 138 64.54 -54.05 51.73
N THR T 139 64.46 -53.07 50.83
CA THR T 139 64.91 -51.71 51.14
C THR T 139 64.06 -51.07 52.23
N VAL T 140 62.73 -51.18 52.10
CA VAL T 140 61.82 -50.64 53.12
C VAL T 140 61.96 -51.42 54.43
N ALA T 141 62.21 -52.73 54.34
CA ALA T 141 62.39 -53.54 55.55
C ALA T 141 63.67 -53.16 56.29
N THR T 142 64.76 -52.91 55.56
CA THR T 142 66.00 -52.47 56.19
C THR T 142 65.87 -51.06 56.75
N TYR T 143 65.07 -50.21 56.10
CA TYR T 143 64.74 -48.91 56.66
C TYR T 143 64.01 -49.04 57.99
N VAL T 144 62.97 -49.88 58.03
CA VAL T 144 62.14 -50.04 59.21
C VAL T 144 62.94 -50.68 60.35
N ASN T 145 63.82 -51.62 60.01
CA ASN T 145 64.74 -52.19 61.01
C ASN T 145 65.72 -51.14 61.53
N ASP T 146 66.18 -50.23 60.66
CA ASP T 146 67.08 -49.18 61.12
C ASP T 146 66.32 -48.04 61.80
N GLN T 147 65.46 -47.35 61.04
CA GLN T 147 64.67 -46.24 61.56
C GLN T 147 63.24 -46.41 61.04
N GLY T 148 62.33 -46.86 61.90
CA GLY T 148 60.98 -47.12 61.48
C GLY T 148 60.17 -45.85 61.23
N PHE T 149 58.85 -46.02 61.22
CA PHE T 149 57.94 -44.89 61.00
C PHE T 149 57.77 -44.08 62.28
N ALA T 150 58.87 -43.52 62.77
CA ALA T 150 58.88 -42.77 64.01
C ALA T 150 58.95 -41.26 63.78
N GLU T 151 59.89 -40.82 62.95
CA GLU T 151 59.97 -39.40 62.58
C GLU T 151 58.80 -39.02 61.67
N LEU T 152 58.46 -39.91 60.72
CA LEU T 152 57.38 -39.65 59.77
C LEU T 152 56.04 -39.55 60.47
N ALA T 153 55.76 -40.48 61.38
CA ALA T 153 54.50 -40.42 62.12
C ALA T 153 54.47 -39.27 63.10
N ARG T 154 55.63 -38.85 63.61
CA ARG T 154 55.70 -37.65 64.45
C ARG T 154 55.34 -36.41 63.65
N ARG T 155 55.81 -36.31 62.41
CA ARG T 155 55.47 -35.16 61.59
C ARG T 155 54.04 -35.22 61.08
N TYR T 156 53.50 -36.42 60.84
CA TYR T 156 52.10 -36.56 60.48
C TYR T 156 51.19 -36.19 61.64
N ALA T 157 51.58 -36.59 62.86
CA ALA T 157 50.84 -36.17 64.05
C ALA T 157 50.98 -34.69 64.31
N HIS T 158 52.10 -34.08 63.90
CA HIS T 158 52.25 -32.63 63.95
C HIS T 158 51.27 -31.96 63.00
N ASN T 159 51.24 -32.42 61.74
CA ASN T 159 50.36 -31.84 60.72
C ASN T 159 48.89 -32.10 61.00
N LEU T 160 48.57 -33.12 61.80
CA LEU T 160 47.22 -33.27 62.32
C LEU T 160 46.97 -32.36 63.52
N ALA T 161 48.01 -32.15 64.35
CA ALA T 161 47.84 -31.43 65.61
C ALA T 161 47.60 -29.95 65.37
N ASN T 162 48.44 -29.31 64.56
CA ASN T 162 48.07 -28.01 64.03
C ASN T 162 47.12 -28.22 62.86
N ALA T 163 46.12 -27.36 62.76
CA ALA T 163 45.07 -27.57 61.76
C ALA T 163 45.52 -26.97 60.43
N ARG T 164 46.50 -27.64 59.82
CA ARG T 164 46.95 -27.25 58.50
C ARG T 164 45.94 -27.61 57.42
N PHE T 165 45.04 -28.57 57.71
CA PHE T 165 43.93 -28.85 56.81
C PHE T 165 42.91 -27.73 56.79
N LEU T 166 42.89 -26.88 57.80
CA LEU T 166 42.27 -25.56 57.70
C LEU T 166 43.28 -24.69 56.96
N TRP T 167 43.06 -24.51 55.66
CA TRP T 167 44.06 -23.80 54.86
C TRP T 167 43.93 -22.30 55.02
N ARG T 168 42.80 -21.73 54.61
CA ARG T 168 42.52 -20.33 54.85
C ARG T 168 41.53 -20.13 56.00
N ASN T 169 41.15 -21.20 56.68
CA ASN T 169 40.37 -21.12 57.90
C ASN T 169 41.24 -21.03 59.15
N ARG T 170 42.56 -20.99 58.96
CA ARG T 170 43.53 -20.90 60.05
C ARG T 170 44.31 -19.59 60.04
N VAL T 171 44.28 -18.84 58.94
CA VAL T 171 45.20 -17.71 58.75
C VAL T 171 44.85 -16.55 59.66
N GLY T 172 43.59 -16.41 60.06
CA GLY T 172 43.20 -15.35 60.95
C GLY T 172 42.35 -15.84 62.10
N ALA T 173 42.47 -17.13 62.41
CA ALA T 173 41.64 -17.73 63.44
C ALA T 173 42.14 -17.32 64.82
N GLU T 174 41.19 -17.00 65.71
CA GLU T 174 41.55 -16.55 67.06
C GLU T 174 42.07 -17.70 67.91
N ALA T 175 41.44 -18.86 67.82
CA ALA T 175 41.87 -20.03 68.57
C ALA T 175 41.43 -21.28 67.81
N VAL T 176 42.38 -22.19 67.57
CA VAL T 176 42.10 -23.45 66.89
C VAL T 176 42.39 -24.59 67.85
N GLU T 177 41.45 -25.53 67.95
CA GLU T 177 41.58 -26.69 68.82
C GLU T 177 41.26 -27.94 68.01
N VAL T 178 42.14 -28.93 68.08
CA VAL T 178 42.01 -30.15 67.29
C VAL T 178 41.79 -31.32 68.23
N ARG T 179 40.69 -32.04 68.04
CA ARG T 179 40.34 -33.21 68.82
C ARG T 179 40.46 -34.44 67.93
N ILE T 180 41.31 -35.38 68.31
CA ILE T 180 41.55 -36.59 67.54
C ILE T 180 41.17 -37.79 68.41
N ASN T 181 40.20 -38.56 67.95
CA ASN T 181 39.70 -39.71 68.70
C ASN T 181 40.02 -40.99 67.94
N HIS T 182 40.69 -41.93 68.60
CA HIS T 182 41.00 -43.22 67.99
C HIS T 182 39.76 -44.11 68.08
N ILE T 183 39.15 -44.39 66.94
CA ILE T 183 37.89 -45.12 66.89
C ILE T 183 38.21 -46.61 66.82
N ARG T 184 37.92 -47.33 67.89
CA ARG T 184 38.11 -48.78 67.97
C ARG T 184 36.78 -49.44 68.27
N GLN T 185 36.32 -50.30 67.35
CA GLN T 185 35.04 -51.02 67.43
C GLN T 185 33.86 -50.06 67.60
N GLY T 186 33.93 -48.92 66.90
CA GLY T 186 32.90 -47.90 67.01
C GLY T 186 32.96 -47.07 68.26
N GLU T 187 33.99 -47.23 69.09
CA GLU T 187 34.13 -46.49 70.33
C GLU T 187 35.48 -45.79 70.35
N VAL T 188 35.56 -44.70 71.09
CA VAL T 188 36.79 -43.91 71.18
C VAL T 188 37.77 -44.66 72.09
N ALA T 189 38.87 -45.15 71.50
CA ALA T 189 39.89 -45.82 72.28
C ALA T 189 40.74 -44.83 73.07
N ARG T 190 41.10 -43.70 72.46
CA ARG T 190 41.98 -42.73 73.10
C ARG T 190 41.73 -41.37 72.48
N ALA T 191 41.62 -40.34 73.32
CA ALA T 191 41.30 -38.99 72.88
C ALA T 191 42.49 -38.06 73.06
N TRP T 192 42.74 -37.25 72.04
CA TRP T 192 43.79 -36.23 72.05
C TRP T 192 43.14 -34.87 71.82
N ARG T 193 43.58 -33.87 72.58
CA ARG T 193 43.06 -32.52 72.48
C ARG T 193 44.24 -31.56 72.42
N PHE T 194 44.49 -31.01 71.24
CA PHE T 194 45.65 -30.17 70.99
C PHE T 194 45.23 -28.73 70.73
N ASP T 195 45.99 -27.79 71.27
CA ASP T 195 45.86 -26.38 70.90
C ASP T 195 46.66 -26.17 69.61
N ALA T 196 45.96 -25.99 68.50
CA ALA T 196 46.61 -26.00 67.19
C ALA T 196 47.39 -24.72 66.92
N LEU T 197 47.18 -23.66 67.70
CA LEU T 197 47.97 -22.45 67.51
C LEU T 197 49.29 -22.49 68.27
N ALA T 198 49.33 -23.21 69.39
CA ALA T 198 50.60 -23.37 70.11
C ALA T 198 51.57 -24.24 69.33
N ILE T 199 51.07 -25.30 68.70
CA ILE T 199 51.89 -26.15 67.83
C ILE T 199 52.01 -25.42 66.49
N GLY T 200 53.22 -24.97 66.17
CA GLY T 200 53.41 -24.16 64.99
C GLY T 200 53.33 -24.97 63.71
N LEU T 201 53.26 -24.24 62.60
CA LEU T 201 53.21 -24.84 61.27
C LEU T 201 54.59 -25.12 60.70
N ARG T 202 55.66 -24.78 61.42
CA ARG T 202 57.01 -24.94 60.91
C ARG T 202 57.98 -25.63 61.85
N ASP T 203 57.69 -25.69 63.15
CA ASP T 203 58.58 -26.32 64.12
C ASP T 203 58.03 -27.67 64.54
N PHE T 204 58.85 -28.71 64.39
CA PHE T 204 58.46 -30.07 64.76
C PHE T 204 59.10 -30.40 66.10
N LYS T 205 58.43 -29.97 67.17
CA LYS T 205 58.92 -30.18 68.52
C LYS T 205 58.37 -31.49 69.09
N ALA T 206 58.54 -31.70 70.39
CA ALA T 206 58.14 -32.94 71.04
C ALA T 206 57.16 -32.65 72.17
N ASP T 207 56.14 -33.51 72.27
CA ASP T 207 55.14 -33.41 73.32
C ASP T 207 54.68 -34.84 73.61
N ALA T 208 54.31 -35.09 74.87
CA ALA T 208 53.99 -36.44 75.31
C ALA T 208 52.73 -36.99 74.64
N GLU T 209 51.67 -36.17 74.56
CA GLU T 209 50.47 -36.57 73.84
C GLU T 209 50.75 -36.69 72.34
N LEU T 210 51.57 -35.79 71.82
CA LEU T 210 51.97 -35.87 70.42
C LEU T 210 52.85 -37.08 70.16
N ASP T 211 53.67 -37.47 71.14
CA ASP T 211 54.45 -38.71 70.99
C ASP T 211 53.56 -39.94 71.07
N ALA T 212 52.49 -39.89 71.87
CA ALA T 212 51.53 -41.00 71.90
C ALA T 212 50.79 -41.12 70.57
N LEU T 213 50.40 -39.99 69.97
CA LEU T 213 49.77 -40.01 68.66
C LEU T 213 50.75 -40.47 67.59
N ALA T 214 52.02 -40.09 67.72
CA ALA T 214 53.06 -40.56 66.82
C ALA T 214 53.24 -42.07 66.92
N GLU T 215 53.18 -42.61 68.14
CA GLU T 215 53.28 -44.06 68.33
C GLU T 215 52.07 -44.77 67.76
N LEU T 216 50.88 -44.16 67.85
CA LEU T 216 49.69 -44.77 67.27
C LEU T 216 49.75 -44.79 65.75
N ILE T 217 50.18 -43.68 65.13
CA ILE T 217 50.34 -43.66 63.68
C ILE T 217 51.49 -44.57 63.24
N ALA T 218 52.51 -44.73 64.09
CA ALA T 218 53.58 -45.69 63.82
C ALA T 218 53.08 -47.12 63.83
N SER T 219 52.22 -47.46 64.80
CA SER T 219 51.63 -48.79 64.85
C SER T 219 50.68 -49.02 63.67
N GLY T 220 49.98 -47.98 63.24
CA GLY T 220 49.15 -48.09 62.05
C GLY T 220 49.96 -48.29 60.78
N LEU T 221 51.06 -47.56 60.64
CA LEU T 221 51.88 -47.64 59.44
C LEU T 221 52.73 -48.90 59.39
N SER T 222 53.07 -49.46 60.55
CA SER T 222 53.87 -50.68 60.58
C SER T 222 53.04 -51.94 60.32
N GLY T 223 51.72 -51.82 60.32
CA GLY T 223 50.85 -52.97 60.17
C GLY T 223 50.55 -53.72 61.44
N SER T 224 51.01 -53.22 62.59
CA SER T 224 50.77 -53.89 63.86
C SER T 224 49.40 -53.60 64.44
N GLY T 225 48.64 -52.69 63.83
CA GLY T 225 47.29 -52.40 64.30
C GLY T 225 46.52 -51.63 63.25
N HIS T 226 45.20 -51.59 63.44
CA HIS T 226 44.30 -50.86 62.57
C HIS T 226 43.95 -49.54 63.24
N VAL T 227 44.34 -48.43 62.61
CA VAL T 227 44.18 -47.11 63.19
C VAL T 227 43.20 -46.31 62.34
N LEU T 228 42.09 -45.91 62.96
CA LEU T 228 41.16 -44.94 62.40
C LEU T 228 41.01 -43.80 63.40
N LEU T 229 41.15 -42.57 62.91
CA LEU T 229 41.06 -41.38 63.75
C LEU T 229 39.92 -40.50 63.26
N GLU T 230 39.16 -39.95 64.20
CA GLU T 230 38.17 -38.92 63.91
C GLU T 230 38.76 -37.60 64.37
N VAL T 231 39.04 -36.71 63.42
CA VAL T 231 39.68 -35.44 63.68
C VAL T 231 38.64 -34.35 63.48
N VAL T 232 38.40 -33.58 64.54
CA VAL T 232 37.47 -32.46 64.54
C VAL T 232 38.24 -31.21 64.95
N ALA T 233 38.23 -30.19 64.09
CA ALA T 233 38.94 -28.95 64.34
C ALA T 233 37.94 -27.82 64.53
N PHE T 234 38.07 -27.10 65.63
CA PHE T 234 37.25 -25.94 65.94
C PHE T 234 38.10 -24.69 65.82
N ALA T 235 37.70 -23.77 64.96
CA ALA T 235 38.44 -22.54 64.72
C ALA T 235 37.55 -21.33 64.97
N ARG T 236 38.06 -20.37 65.74
CA ARG T 236 37.34 -19.12 66.00
C ARG T 236 37.63 -18.16 64.87
N ILE T 237 36.72 -18.06 63.92
CA ILE T 237 36.84 -17.11 62.82
C ILE T 237 36.04 -15.85 63.09
N GLY T 238 34.79 -16.00 63.53
CA GLY T 238 33.97 -14.84 63.84
C GLY T 238 32.52 -15.03 63.42
N ASP T 239 31.64 -14.18 63.93
CA ASP T 239 30.21 -14.29 63.65
C ASP T 239 29.95 -13.87 62.21
N GLY T 240 29.51 -14.82 61.38
CA GLY T 240 29.19 -14.52 60.00
C GLY T 240 30.36 -14.48 59.05
N GLN T 241 31.57 -14.80 59.54
CA GLN T 241 32.77 -14.67 58.72
C GLN T 241 32.81 -15.71 57.61
N GLU T 242 33.45 -15.35 56.51
CA GLU T 242 33.52 -16.22 55.35
C GLU T 242 34.50 -17.35 55.59
N VAL T 243 34.03 -18.58 55.46
CA VAL T 243 34.89 -19.74 55.55
C VAL T 243 35.26 -20.19 54.15
N PHE T 244 36.29 -21.02 54.06
CA PHE T 244 36.93 -21.34 52.79
C PHE T 244 36.97 -22.86 52.61
N PRO T 245 35.91 -23.45 52.08
CA PRO T 245 35.96 -24.88 51.75
C PRO T 245 36.67 -25.13 50.44
N SER T 246 36.66 -26.38 49.98
CA SER T 246 37.22 -26.67 48.68
C SER T 246 36.38 -26.05 47.58
N GLN T 247 37.05 -25.68 46.49
CA GLN T 247 36.43 -24.96 45.39
C GLN T 247 36.58 -25.78 44.12
N GLU T 248 35.50 -25.84 43.34
CA GLU T 248 35.47 -26.67 42.14
C GLU T 248 35.89 -25.90 40.90
N LEU T 249 36.35 -26.64 39.91
CA LEU T 249 36.64 -26.07 38.60
C LEU T 249 35.36 -25.82 37.82
N ILE T 250 35.33 -24.69 37.12
CA ILE T 250 34.18 -24.31 36.29
C ILE T 250 34.68 -24.18 34.86
N LEU T 251 34.26 -25.12 34.00
CA LEU T 251 34.68 -25.07 32.61
C LEU T 251 33.95 -23.97 31.84
N ASP T 252 32.64 -23.88 32.03
CA ASP T 252 31.80 -22.95 31.28
C ASP T 252 31.06 -22.04 32.23
N LYS T 253 31.12 -20.73 31.97
CA LYS T 253 30.34 -19.76 32.74
C LYS T 253 28.98 -19.54 32.09
N GLY T 254 28.98 -19.06 30.84
CA GLY T 254 27.77 -18.92 30.05
C GLY T 254 26.82 -17.85 30.57
N ASP T 255 25.58 -17.94 30.11
CA ASP T 255 24.51 -17.08 30.59
C ASP T 255 23.29 -17.83 31.10
N LYS T 256 23.12 -19.10 30.72
CA LYS T 256 22.10 -19.94 31.36
C LYS T 256 22.44 -20.16 32.84
N LYS T 257 23.69 -20.49 33.12
CA LYS T 257 24.25 -20.36 34.46
C LYS T 257 24.69 -18.91 34.63
N GLY T 258 24.15 -18.24 35.64
CA GLY T 258 24.25 -16.79 35.72
C GLY T 258 25.62 -16.25 36.06
N GLN T 259 26.57 -16.42 35.12
CA GLN T 259 27.97 -16.02 35.26
C GLN T 259 28.62 -16.62 36.51
N LYS T 260 28.54 -17.94 36.60
CA LYS T 260 29.07 -18.69 37.73
C LYS T 260 30.59 -18.69 37.66
N SER T 261 31.22 -17.86 38.49
CA SER T 261 32.68 -17.75 38.48
C SER T 261 33.35 -18.58 39.57
N LYS T 262 32.68 -18.79 40.70
CA LYS T 262 33.22 -19.59 41.78
C LYS T 262 32.17 -20.59 42.26
N THR T 263 32.57 -21.86 42.36
CA THR T 263 31.70 -22.91 42.89
C THR T 263 32.47 -23.66 43.96
N LEU T 264 31.92 -23.67 45.17
CA LEU T 264 32.54 -24.39 46.27
C LEU T 264 32.00 -25.82 46.36
N TYR T 265 32.74 -26.67 47.07
CA TYR T 265 32.43 -28.10 47.13
C TYR T 265 31.48 -28.40 48.29
N SER T 266 30.48 -29.23 48.02
CA SER T 266 29.51 -29.66 49.01
C SER T 266 29.02 -31.05 48.62
N VAL T 267 28.72 -31.88 49.62
CA VAL T 267 28.29 -33.25 49.33
C VAL T 267 26.77 -33.41 49.42
N ARG T 268 26.13 -32.94 50.49
CA ARG T 268 24.66 -32.92 50.59
C ARG T 268 24.24 -31.72 51.42
N ASP T 269 24.05 -30.57 50.75
CA ASP T 269 23.68 -29.29 51.37
C ASP T 269 24.61 -28.92 52.53
N ALA T 270 25.89 -29.18 52.36
CA ALA T 270 26.84 -29.13 53.47
C ALA T 270 28.23 -28.90 52.89
N ALA T 271 28.84 -27.75 53.23
CA ALA T 271 30.14 -27.40 52.70
C ALA T 271 31.20 -28.38 53.20
N ALA T 272 32.23 -28.60 52.38
CA ALA T 272 33.25 -29.58 52.69
C ALA T 272 34.53 -29.25 51.97
N ILE T 273 35.63 -29.79 52.49
CA ILE T 273 36.93 -29.72 51.85
C ILE T 273 37.20 -31.08 51.21
N HIS T 274 37.93 -31.07 50.10
CA HIS T 274 38.31 -32.30 49.42
C HIS T 274 39.23 -33.13 50.30
N SER T 275 39.19 -34.45 50.11
CA SER T 275 40.06 -35.33 50.88
C SER T 275 41.53 -35.13 50.53
N GLN T 276 41.82 -34.88 49.25
CA GLN T 276 43.21 -34.70 48.83
C GLN T 276 43.81 -33.39 49.32
N LYS T 277 42.99 -32.40 49.65
CA LYS T 277 43.51 -31.19 50.27
C LYS T 277 43.95 -31.46 51.72
N ILE T 278 43.17 -32.28 52.44
CA ILE T 278 43.58 -32.73 53.76
C ILE T 278 44.83 -33.58 53.69
N GLY T 279 44.93 -34.40 52.63
CA GLY T 279 46.13 -35.20 52.44
C GLY T 279 47.37 -34.38 52.15
N ASN T 280 47.24 -33.34 51.31
CA ASN T 280 48.35 -32.46 51.02
C ASN T 280 48.76 -31.65 52.24
N ALA T 281 47.79 -31.25 53.07
CA ALA T 281 48.14 -30.58 54.30
C ALA T 281 48.80 -31.51 55.30
N LEU T 282 48.42 -32.80 55.28
CA LEU T 282 49.05 -33.76 56.18
C LEU T 282 50.45 -34.16 55.69
N ARG T 283 50.68 -34.12 54.38
CA ARG T 283 51.98 -34.48 53.81
C ARG T 283 53.03 -33.39 53.95
N THR T 284 52.67 -32.22 54.50
CA THR T 284 53.60 -31.10 54.62
C THR T 284 54.58 -31.37 55.77
N ILE T 285 55.52 -32.28 55.50
CA ILE T 285 56.49 -32.72 56.50
C ILE T 285 57.90 -32.52 55.97
N ASP T 286 58.02 -32.21 54.68
CA ASP T 286 59.32 -32.20 54.01
C ASP T 286 60.06 -30.92 54.37
N THR T 287 60.98 -31.02 55.33
CA THR T 287 61.82 -29.91 55.76
C THR T 287 63.25 -30.04 55.27
N TRP T 288 63.52 -30.99 54.38
CA TRP T 288 64.90 -31.32 54.01
C TRP T 288 65.17 -31.11 52.53
N TYR T 289 64.43 -30.20 51.90
CA TYR T 289 64.71 -29.86 50.51
C TYR T 289 66.00 -29.04 50.44
N PRO T 290 66.71 -29.07 49.29
CA PRO T 290 68.02 -28.39 49.22
C PRO T 290 67.97 -26.88 49.39
N ASP T 291 66.83 -26.24 49.19
CA ASP T 291 66.72 -24.81 49.47
C ASP T 291 66.58 -24.57 50.97
N GLU T 292 66.58 -23.29 51.35
CA GLU T 292 66.53 -22.92 52.76
C GLU T 292 65.15 -23.22 53.34
N ASP T 293 65.14 -23.64 54.61
CA ASP T 293 63.91 -23.97 55.32
C ASP T 293 63.29 -22.75 56.00
N GLY T 294 63.58 -21.54 55.53
CA GLY T 294 62.91 -20.36 56.04
C GLY T 294 61.43 -20.32 55.71
N LEU T 295 61.06 -20.90 54.56
CA LEU T 295 59.64 -21.08 54.24
C LEU T 295 58.99 -22.07 55.21
N GLY T 296 59.69 -23.15 55.54
CA GLY T 296 59.16 -24.18 56.39
C GLY T 296 58.98 -25.48 55.64
N PRO T 297 58.13 -26.37 56.16
CA PRO T 297 57.87 -27.63 55.47
C PRO T 297 57.06 -27.43 54.21
N ILE T 298 57.28 -28.31 53.24
CA ILE T 298 56.50 -28.36 52.01
C ILE T 298 55.84 -29.72 51.92
N ALA T 299 54.83 -29.82 51.07
CA ALA T 299 54.10 -31.06 50.90
C ALA T 299 54.96 -32.11 50.22
N VAL T 300 54.86 -33.35 50.69
CA VAL T 300 55.65 -34.45 50.13
C VAL T 300 55.08 -34.80 48.77
N GLU T 301 55.92 -34.69 47.75
CA GLU T 301 55.53 -34.94 46.37
C GLU T 301 56.80 -35.23 45.59
N PRO T 302 56.73 -36.03 44.52
CA PRO T 302 57.85 -36.08 43.58
C PRO T 302 58.12 -34.71 42.98
N TYR T 303 59.41 -34.37 42.91
CA TYR T 303 59.93 -33.05 42.54
C TYR T 303 59.40 -31.93 43.44
N GLY T 304 59.04 -32.26 44.69
CA GLY T 304 58.72 -31.35 45.79
C GLY T 304 57.96 -30.08 45.49
N SER T 305 56.96 -30.19 44.63
CA SER T 305 56.39 -29.02 43.97
C SER T 305 55.37 -28.32 44.84
N VAL T 306 55.46 -26.99 44.87
CA VAL T 306 54.49 -26.14 45.54
C VAL T 306 53.83 -25.27 44.47
N THR T 307 52.50 -25.33 44.39
CA THR T 307 51.79 -24.57 43.36
C THR T 307 51.70 -23.09 43.73
N SER T 308 51.60 -22.78 45.02
CA SER T 308 51.56 -21.37 45.43
C SER T 308 52.92 -20.71 45.25
N GLN T 309 54.00 -21.42 45.53
CA GLN T 309 55.33 -20.88 45.27
C GLN T 309 55.66 -20.90 43.78
N GLY T 310 55.09 -21.85 43.04
CA GLY T 310 55.32 -21.93 41.61
C GLY T 310 56.68 -22.46 41.22
N LYS T 311 57.46 -22.96 42.17
CA LYS T 311 58.83 -23.37 41.94
C LYS T 311 59.04 -24.72 42.61
N ALA T 312 59.69 -25.64 41.90
CA ALA T 312 59.98 -26.96 42.44
C ALA T 312 61.18 -26.89 43.36
N TYR T 313 60.96 -27.14 44.64
CA TYR T 313 62.05 -27.62 45.48
C TYR T 313 62.30 -29.09 45.12
N ARG T 314 63.55 -29.53 45.31
CA ARG T 314 64.02 -30.85 44.90
C ARG T 314 63.78 -31.10 43.41
N GLN T 315 64.44 -30.29 42.58
CA GLN T 315 64.37 -30.48 41.14
C GLN T 315 65.15 -31.72 40.75
N PRO T 316 64.86 -32.31 39.57
CA PRO T 316 65.67 -33.46 39.11
C PRO T 316 67.12 -33.13 38.81
N LYS T 317 67.48 -31.85 38.58
CA LYS T 317 68.87 -31.49 38.31
C LYS T 317 69.73 -31.65 39.55
N GLN T 318 69.29 -31.09 40.68
CA GLN T 318 69.99 -31.29 41.95
C GLN T 318 69.55 -32.62 42.54
N LYS T 319 70.51 -33.52 42.77
CA LYS T 319 70.19 -34.92 43.02
C LYS T 319 69.54 -35.15 44.38
N LEU T 320 68.32 -34.65 44.57
CA LEU T 320 67.66 -34.81 45.86
C LEU T 320 66.16 -35.03 45.73
N ASP T 321 65.64 -35.28 44.53
CA ASP T 321 64.23 -35.55 44.33
C ASP T 321 63.92 -37.01 44.63
N PHE T 322 62.63 -37.36 44.58
CA PHE T 322 62.21 -38.69 44.99
C PHE T 322 62.67 -39.78 44.02
N TYR T 323 62.63 -39.50 42.71
CA TYR T 323 62.88 -40.55 41.74
C TYR T 323 64.36 -40.94 41.69
N THR T 324 65.26 -39.96 41.70
CA THR T 324 66.68 -40.27 41.71
C THR T 324 67.11 -40.89 43.03
N LEU T 325 66.52 -40.44 44.15
CA LEU T 325 66.84 -41.04 45.44
C LEU T 325 66.34 -42.47 45.55
N LEU T 326 65.18 -42.75 44.95
CA LEU T 326 64.65 -44.11 44.94
C LEU T 326 65.47 -45.01 44.01
N ASP T 327 65.91 -44.47 42.87
CA ASP T 327 66.72 -45.25 41.95
C ASP T 327 68.15 -45.42 42.43
N ASN T 328 68.60 -44.60 43.38
CA ASN T 328 69.88 -44.84 44.03
C ASN T 328 69.75 -45.79 45.21
N TRP T 329 68.68 -45.63 46.00
CA TRP T 329 68.52 -46.40 47.24
C TRP T 329 68.20 -47.86 46.95
N VAL T 330 67.44 -48.13 45.88
CA VAL T 330 66.93 -49.46 45.61
C VAL T 330 67.70 -50.15 44.50
N LEU T 331 67.89 -49.47 43.36
CA LEU T 331 68.50 -50.12 42.19
C LEU T 331 70.00 -50.29 42.38
N ARG T 332 70.69 -49.27 42.89
CA ARG T 332 72.14 -49.28 42.99
C ARG T 332 72.65 -49.35 44.42
N ASP T 333 71.75 -49.58 45.39
CA ASP T 333 72.07 -49.70 46.83
C ASP T 333 72.85 -48.50 47.38
N GLU T 334 72.54 -47.31 46.89
CA GLU T 334 73.17 -46.08 47.38
C GLU T 334 72.20 -45.44 48.36
N ALA T 335 72.36 -45.78 49.63
CA ALA T 335 71.45 -45.30 50.67
C ALA T 335 71.67 -43.81 50.91
N PRO T 336 70.62 -42.99 50.85
CA PRO T 336 70.78 -41.55 51.11
C PRO T 336 70.85 -41.25 52.61
N ALA T 337 70.82 -39.97 52.94
CA ALA T 337 70.79 -39.54 54.34
C ALA T 337 69.48 -39.95 55.00
N VAL T 338 69.47 -39.87 56.33
CA VAL T 338 68.33 -40.35 57.12
C VAL T 338 67.10 -39.51 56.85
N GLU T 339 67.26 -38.19 56.74
CA GLU T 339 66.14 -37.32 56.40
C GLU T 339 65.67 -37.53 54.96
N GLN T 340 66.60 -37.82 54.04
CA GLN T 340 66.21 -38.04 52.66
C GLN T 340 65.49 -39.38 52.49
N GLN T 341 65.91 -40.40 53.23
CA GLN T 341 65.17 -41.66 53.16
C GLN T 341 63.86 -41.55 53.91
N HIS T 342 63.76 -40.66 54.91
CA HIS T 342 62.46 -40.30 55.46
C HIS T 342 61.55 -39.70 54.40
N TYR T 343 62.10 -38.83 53.56
CA TYR T 343 61.32 -38.23 52.46
C TYR T 343 60.87 -39.29 51.46
N VAL T 344 61.75 -40.25 51.14
CA VAL T 344 61.40 -41.31 50.19
C VAL T 344 60.30 -42.22 50.75
N ILE T 345 60.40 -42.60 52.03
CA ILE T 345 59.35 -43.43 52.63
C ILE T 345 58.06 -42.63 52.80
N ALA T 346 58.16 -41.31 53.01
CA ALA T 346 56.94 -40.48 53.05
C ALA T 346 56.26 -40.42 51.69
N ASN T 347 57.05 -40.43 50.61
CA ASN T 347 56.48 -40.55 49.27
C ASN T 347 55.81 -41.91 49.07
N LEU T 348 56.41 -42.96 49.63
CA LEU T 348 55.82 -44.30 49.52
C LEU T 348 54.52 -44.39 50.32
N ILE T 349 54.44 -43.67 51.44
CA ILE T 349 53.20 -43.60 52.21
C ILE T 349 52.15 -42.80 51.44
N ARG T 350 52.58 -41.73 50.77
CA ARG T 350 51.67 -40.90 49.98
C ARG T 350 51.07 -41.67 48.81
N GLY T 351 51.89 -42.45 48.11
CA GLY T 351 51.38 -43.27 47.03
C GLY T 351 51.30 -42.52 45.72
N GLY T 352 51.36 -43.26 44.62
CA GLY T 352 51.33 -42.63 43.32
C GLY T 352 51.40 -43.63 42.19
N VAL T 353 51.70 -43.11 41.01
CA VAL T 353 51.75 -43.85 39.75
C VAL T 353 53.22 -43.80 39.34
N PHE T 354 54.10 -43.95 40.33
CA PHE T 354 55.54 -44.02 40.08
C PHE T 354 55.86 -45.15 39.11
N GLY T 355 56.83 -44.93 38.23
CA GLY T 355 57.16 -45.87 37.20
C GLY T 355 57.10 -45.21 35.84
N GLU T 356 57.92 -45.71 34.91
CA GLU T 356 58.07 -45.11 33.60
C GLU T 356 56.96 -45.60 32.67
N ALA T 357 57.11 -45.31 31.37
CA ALA T 357 56.12 -45.74 30.38
C ALA T 357 56.65 -46.92 29.58
N ILE U 23 40.96 -90.46 15.87
CA ILE U 23 42.22 -89.84 16.26
C ILE U 23 41.97 -88.83 17.38
N LEU U 24 40.69 -88.51 17.59
CA LEU U 24 40.20 -87.59 18.63
C LEU U 24 40.83 -86.21 18.50
N SER U 25 40.49 -85.56 17.39
CA SER U 25 40.89 -84.16 17.20
C SER U 25 40.07 -83.25 18.12
N THR U 26 40.67 -82.14 18.50
CA THR U 26 40.00 -81.15 19.35
C THR U 26 38.90 -80.46 18.54
N ALA U 27 37.81 -80.13 19.23
CA ALA U 27 36.70 -79.42 18.60
C ALA U 27 37.13 -78.00 18.25
N SER U 28 36.76 -77.56 17.04
CA SER U 28 37.23 -76.26 16.56
C SER U 28 36.48 -75.10 17.21
N VAL U 29 35.26 -75.34 17.69
CA VAL U 29 34.61 -74.43 18.62
C VAL U 29 34.36 -75.21 19.92
N LEU U 30 34.66 -74.58 21.04
CA LEU U 30 34.49 -75.20 22.35
C LEU U 30 34.30 -74.09 23.36
N ALA U 31 33.05 -73.91 23.79
CA ALA U 31 32.70 -72.78 24.63
C ALA U 31 31.86 -73.27 25.80
N PHE U 32 32.05 -72.64 26.95
CA PHE U 32 31.40 -73.05 28.18
C PHE U 32 30.67 -71.86 28.78
N GLU U 33 29.51 -72.12 29.40
CA GLU U 33 28.77 -71.07 30.08
C GLU U 33 29.51 -70.63 31.35
N ARG U 34 29.20 -69.41 31.77
CA ARG U 34 29.69 -68.89 33.04
C ARG U 34 28.89 -69.54 34.16
N LYS U 35 29.43 -70.59 34.74
CA LYS U 35 28.92 -71.07 36.01
C LYS U 35 29.42 -70.15 37.11
N LEU U 36 28.67 -70.08 38.20
CA LEU U 36 28.80 -69.08 39.27
C LEU U 36 28.81 -67.67 38.69
N ASP U 37 27.68 -67.30 38.08
CA ASP U 37 27.52 -65.95 37.54
C ASP U 37 26.90 -65.02 38.58
N PRO U 38 27.64 -64.04 39.08
CA PRO U 38 27.10 -63.17 40.13
C PRO U 38 26.38 -61.95 39.56
N SER U 39 25.54 -61.36 40.40
CA SER U 39 24.93 -60.08 40.05
C SER U 39 25.92 -58.95 40.37
N ASP U 40 25.53 -57.73 40.00
CA ASP U 40 26.37 -56.59 40.29
C ASP U 40 26.26 -56.24 41.76
N ALA U 41 27.42 -56.07 42.39
CA ALA U 41 27.52 -55.96 43.85
C ALA U 41 27.02 -54.59 44.29
N LEU U 42 25.76 -54.54 44.69
CA LEU U 42 25.14 -53.29 45.13
C LEU U 42 25.75 -52.83 46.44
N MET U 43 26.14 -51.56 46.49
CA MET U 43 26.86 -50.99 47.63
C MET U 43 25.97 -49.97 48.32
N SER U 44 25.77 -50.15 49.62
CA SER U 44 24.98 -49.26 50.45
C SER U 44 25.74 -49.01 51.75
N ALA U 45 25.17 -48.15 52.60
CA ALA U 45 25.87 -47.70 53.79
C ALA U 45 24.99 -47.82 55.02
N GLY U 46 25.64 -47.98 56.17
CA GLY U 46 24.92 -48.09 57.42
C GLY U 46 25.87 -48.13 58.59
N ALA U 47 25.35 -48.54 59.73
CA ALA U 47 26.12 -48.62 60.96
C ALA U 47 26.31 -50.08 61.36
N TRP U 48 27.47 -50.38 61.93
CA TRP U 48 27.70 -51.70 62.50
C TRP U 48 26.78 -51.93 63.69
N ALA U 49 26.42 -53.20 63.90
CA ALA U 49 25.39 -53.75 64.79
C ALA U 49 23.97 -53.35 64.38
N GLN U 50 23.79 -52.67 63.25
CA GLN U 50 22.50 -52.52 62.60
C GLN U 50 22.44 -53.32 61.30
N ARG U 51 23.31 -54.33 61.17
CA ARG U 51 23.40 -55.11 59.95
C ARG U 51 22.23 -56.08 59.78
N ASP U 52 21.50 -56.37 60.86
CA ASP U 52 20.32 -57.20 60.75
C ASP U 52 19.20 -56.49 59.99
N ALA U 53 18.99 -55.21 60.28
CA ALA U 53 18.03 -54.39 59.54
C ALA U 53 18.73 -53.57 58.47
N SER U 54 19.35 -54.27 57.52
CA SER U 54 20.08 -53.64 56.44
C SER U 54 19.28 -53.59 55.14
N GLN U 55 18.00 -53.96 55.17
CA GLN U 55 17.17 -53.90 53.98
C GLN U 55 16.77 -52.49 53.61
N GLU U 56 16.79 -51.56 54.56
CA GLU U 56 16.43 -50.17 54.32
C GLU U 56 17.65 -49.25 54.36
N TRP U 57 18.85 -49.80 54.17
CA TRP U 57 20.06 -49.00 54.21
C TRP U 57 20.16 -48.15 52.95
N PRO U 58 20.48 -46.85 53.08
CA PRO U 58 20.60 -46.00 51.89
C PRO U 58 21.81 -46.37 51.06
N ALA U 59 21.66 -46.28 49.75
CA ALA U 59 22.70 -46.71 48.83
C ALA U 59 23.81 -45.67 48.75
N VAL U 60 25.01 -46.16 48.47
CA VAL U 60 26.16 -45.28 48.26
C VAL U 60 26.03 -44.65 46.88
N THR U 61 26.05 -43.32 46.82
CA THR U 61 25.89 -42.59 45.59
C THR U 61 27.24 -42.08 45.10
N VAL U 62 27.47 -42.17 43.79
CA VAL U 62 28.71 -41.72 43.18
C VAL U 62 28.56 -40.24 42.83
N ARG U 63 29.42 -39.40 43.40
CA ARG U 63 29.42 -37.97 43.15
C ARG U 63 30.63 -37.59 42.32
N GLU U 64 30.65 -36.33 41.88
CA GLU U 64 31.75 -35.77 41.11
C GLU U 64 32.51 -34.76 41.97
N LYS U 65 33.81 -34.70 41.79
CA LYS U 65 34.61 -33.67 42.47
C LYS U 65 35.79 -33.32 41.58
N SER U 66 36.45 -32.21 41.92
CA SER U 66 37.55 -31.67 41.14
C SER U 66 38.85 -31.83 41.92
N VAL U 67 39.92 -32.16 41.21
CA VAL U 67 41.25 -32.30 41.80
C VAL U 67 42.21 -31.39 41.04
N ARG U 68 43.09 -30.71 41.77
CA ARG U 68 44.20 -29.96 41.19
C ARG U 68 45.48 -30.56 41.75
N GLY U 69 46.06 -31.50 40.99
CA GLY U 69 47.34 -32.06 41.34
C GLY U 69 48.48 -31.31 40.69
N THR U 70 49.68 -31.85 40.88
CA THR U 70 50.88 -31.33 40.26
C THR U 70 51.57 -32.50 39.58
N ILE U 71 52.54 -32.20 38.72
CA ILE U 71 53.24 -33.25 37.98
C ILE U 71 54.11 -34.06 38.93
N SER U 72 53.89 -35.38 38.93
CA SER U 72 54.65 -36.27 39.80
C SER U 72 55.07 -37.55 39.08
N ASN U 73 54.91 -37.61 37.77
CA ASN U 73 55.30 -38.78 36.98
C ASN U 73 56.78 -38.69 36.62
N ARG U 74 57.31 -39.79 36.10
CA ARG U 74 58.71 -39.84 35.70
C ARG U 74 58.98 -38.98 34.48
N LEU U 75 60.11 -38.28 34.49
CA LEU U 75 60.55 -37.48 33.36
C LEU U 75 61.63 -38.22 32.58
N LYS U 76 61.60 -38.05 31.26
CA LYS U 76 62.42 -38.85 30.36
C LYS U 76 63.67 -38.11 29.89
N THR U 77 64.29 -37.33 30.79
CA THR U 77 65.58 -36.66 30.64
C THR U 77 65.62 -35.63 29.52
N LYS U 78 64.47 -35.19 29.02
CA LYS U 78 64.42 -34.05 28.10
C LYS U 78 63.66 -32.87 28.66
N ASP U 79 62.81 -33.08 29.67
CA ASP U 79 62.09 -32.00 30.33
C ASP U 79 62.45 -31.90 31.81
N ARG U 80 63.71 -32.23 32.14
CA ARG U 80 64.19 -32.13 33.51
C ARG U 80 64.91 -30.82 33.80
N ASP U 81 64.98 -29.91 32.84
CA ASP U 81 65.52 -28.59 33.09
C ASP U 81 64.59 -27.81 34.02
N PRO U 82 65.15 -26.97 34.90
CA PRO U 82 64.30 -26.25 35.86
C PRO U 82 63.31 -25.27 35.24
N ALA U 83 63.64 -24.68 34.09
CA ALA U 83 62.75 -23.71 33.47
C ALA U 83 61.48 -24.38 32.92
N LYS U 84 61.65 -25.48 32.18
CA LYS U 84 60.50 -26.19 31.62
C LYS U 84 59.68 -26.86 32.71
N LEU U 85 60.36 -27.39 33.74
CA LEU U 85 59.65 -28.01 34.86
C LEU U 85 58.85 -26.98 35.65
N ASP U 86 59.43 -25.80 35.90
CA ASP U 86 58.69 -24.73 36.57
C ASP U 86 57.55 -24.20 35.72
N ALA U 87 57.71 -24.18 34.40
CA ALA U 87 56.61 -23.79 33.51
C ALA U 87 55.51 -24.83 33.53
N SER U 88 55.85 -26.11 33.67
CA SER U 88 54.84 -27.16 33.74
C SER U 88 54.09 -27.11 35.06
N ILE U 89 54.78 -26.79 36.16
CA ILE U 89 54.10 -26.60 37.45
C ILE U 89 53.23 -25.35 37.42
N GLN U 90 53.67 -24.30 36.71
CA GLN U 90 52.94 -23.05 36.67
C GLN U 90 51.62 -23.19 35.93
N SER U 91 51.55 -24.11 34.97
CA SER U 91 50.27 -24.47 34.37
C SER U 91 49.56 -25.46 35.28
N PRO U 92 48.37 -25.13 35.78
CA PRO U 92 47.71 -26.00 36.77
C PRO U 92 47.10 -27.24 36.14
N ASN U 93 47.42 -28.39 36.70
CA ASN U 93 46.89 -29.67 36.23
C ASN U 93 45.60 -29.97 36.98
N LEU U 94 44.51 -30.12 36.23
CA LEU U 94 43.18 -30.26 36.80
C LEU U 94 42.48 -31.48 36.21
N GLN U 95 41.74 -32.19 37.05
CA GLN U 95 40.91 -33.29 36.59
C GLN U 95 39.59 -33.27 37.34
N THR U 96 38.59 -33.92 36.75
CA THR U 96 37.34 -34.22 37.43
C THR U 96 37.31 -35.73 37.68
N VAL U 97 36.99 -36.13 38.90
CA VAL U 97 37.01 -37.53 39.28
C VAL U 97 35.66 -37.90 39.88
N ASP U 98 35.18 -39.10 39.53
CA ASP U 98 34.01 -39.68 40.18
C ASP U 98 34.47 -40.34 41.47
N VAL U 99 33.89 -39.95 42.58
CA VAL U 99 34.26 -40.48 43.89
C VAL U 99 33.02 -41.04 44.57
N ALA U 100 33.19 -42.17 45.26
CA ALA U 100 32.16 -42.76 46.10
C ALA U 100 32.67 -42.76 47.53
N ASN U 101 31.91 -42.15 48.42
CA ASN U 101 32.25 -42.04 49.83
C ASN U 101 31.11 -42.60 50.66
N LEU U 102 31.44 -43.05 51.87
CA LEU U 102 30.40 -43.31 52.85
C LEU U 102 29.88 -41.98 53.38
N PRO U 103 28.61 -41.95 53.82
CA PRO U 103 28.13 -40.79 54.58
C PRO U 103 28.87 -40.65 55.89
N SER U 104 28.92 -39.43 56.39
CA SER U 104 29.64 -39.08 57.62
C SER U 104 28.97 -39.60 58.90
N ASP U 105 27.88 -40.37 58.84
CA ASP U 105 27.30 -41.03 59.99
C ASP U 105 27.11 -42.52 59.76
N ALA U 106 27.83 -43.10 58.81
CA ALA U 106 27.69 -44.51 58.46
C ALA U 106 29.08 -45.08 58.22
N ASP U 107 29.58 -45.88 59.17
CA ASP U 107 30.93 -46.43 59.12
C ASP U 107 30.99 -47.81 58.47
N THR U 108 29.85 -48.37 58.06
CA THR U 108 29.79 -49.73 57.54
C THR U 108 29.33 -49.69 56.08
N LEU U 109 30.08 -50.35 55.21
CA LEU U 109 29.70 -50.54 53.82
C LEU U 109 29.12 -51.92 53.64
N LYS U 110 27.90 -52.00 53.11
CA LYS U 110 27.23 -53.26 52.82
C LYS U 110 27.26 -53.51 51.32
N VAL U 111 27.74 -54.69 50.93
CA VAL U 111 27.89 -55.07 49.55
C VAL U 111 27.10 -56.35 49.33
N ARG U 112 26.07 -56.29 48.49
CA ARG U 112 25.13 -57.38 48.34
C ARG U 112 25.04 -57.80 46.88
N PHE U 113 25.15 -59.11 46.62
CA PHE U 113 24.95 -59.63 45.29
C PHE U 113 24.32 -61.01 45.37
N THR U 114 23.87 -61.49 44.22
CA THR U 114 23.21 -62.79 44.10
C THR U 114 24.05 -63.68 43.20
N LEU U 115 24.31 -64.91 43.66
CA LEU U 115 25.12 -65.87 42.95
C LEU U 115 24.26 -67.05 42.54
N ARG U 116 24.35 -67.44 41.27
CA ARG U 116 23.64 -68.61 40.75
C ARG U 116 24.68 -69.67 40.40
N VAL U 117 24.73 -70.73 41.19
CA VAL U 117 25.55 -71.90 40.87
C VAL U 117 24.77 -72.74 39.88
N LEU U 118 25.21 -72.76 38.63
CA LEU U 118 24.50 -73.45 37.56
C LEU U 118 24.96 -74.90 37.46
N GLY U 119 24.04 -75.77 37.05
CA GLY U 119 24.36 -77.16 36.85
C GLY U 119 24.95 -77.43 35.48
N GLY U 120 25.48 -78.64 35.33
CA GLY U 120 26.15 -79.03 34.10
C GLY U 120 27.44 -78.26 33.87
N ALA U 121 28.33 -78.29 34.88
CA ALA U 121 29.54 -77.49 34.83
C ALA U 121 30.50 -77.98 33.74
N GLY U 122 30.56 -79.29 33.53
CA GLY U 122 31.41 -79.83 32.48
C GLY U 122 30.78 -79.91 31.11
N THR U 123 29.56 -79.43 30.95
CA THR U 123 28.87 -79.52 29.67
C THR U 123 29.16 -78.27 28.85
N PRO U 124 29.80 -78.39 27.68
CA PRO U 124 30.08 -77.21 26.87
C PRO U 124 28.83 -76.70 26.16
N SER U 125 28.85 -75.39 25.88
CA SER U 125 27.77 -74.79 25.11
C SER U 125 27.82 -75.22 23.65
N ALA U 126 29.02 -75.25 23.07
CA ALA U 126 29.21 -75.62 21.68
C ALA U 126 30.34 -76.64 21.56
N CYS U 127 30.19 -77.56 20.63
CA CYS U 127 31.19 -78.59 20.36
C CYS U 127 30.99 -79.11 18.96
N ASN U 128 32.06 -79.16 18.16
CA ASN U 128 31.94 -79.67 16.80
C ASN U 128 31.83 -81.19 16.80
N ASP U 129 32.87 -81.86 17.30
CA ASP U 129 32.96 -83.31 17.24
C ASP U 129 32.08 -83.93 18.32
N ALA U 130 31.25 -84.89 17.93
CA ALA U 130 30.48 -85.65 18.90
C ALA U 130 31.39 -86.55 19.73
N ALA U 131 32.45 -87.08 19.11
CA ALA U 131 33.41 -87.93 19.83
C ALA U 131 34.17 -87.13 20.88
N TYR U 132 34.57 -85.91 20.56
CA TYR U 132 35.25 -85.07 21.53
C TYR U 132 34.31 -84.66 22.65
N ARG U 133 33.04 -84.43 22.34
CA ARG U 133 32.05 -84.12 23.37
C ARG U 133 31.83 -85.30 24.31
N ASP U 134 31.77 -86.52 23.75
CA ASP U 134 31.63 -87.72 24.57
C ASP U 134 32.87 -87.95 25.43
N LYS U 135 34.06 -87.72 24.87
CA LYS U 135 35.30 -87.90 25.64
C LYS U 135 35.42 -86.85 26.75
N LEU U 136 35.02 -85.61 26.47
CA LEU U 136 35.06 -84.56 27.49
C LEU U 136 34.04 -84.83 28.58
N LEU U 137 32.84 -85.28 28.22
CA LEU U 137 31.83 -85.64 29.21
C LEU U 137 32.27 -86.83 30.05
N GLN U 138 32.94 -87.80 29.44
CA GLN U 138 33.45 -88.95 30.19
C GLN U 138 34.58 -88.54 31.14
N THR U 139 35.44 -87.61 30.69
CA THR U 139 36.52 -87.11 31.55
C THR U 139 35.97 -86.35 32.75
N VAL U 140 34.99 -85.47 32.52
CA VAL U 140 34.36 -84.74 33.61
C VAL U 140 33.59 -85.68 34.53
N ALA U 141 32.94 -86.70 33.96
CA ALA U 141 32.19 -87.67 34.77
C ALA U 141 33.12 -88.49 35.65
N THR U 142 34.30 -88.87 35.13
CA THR U 142 35.28 -89.55 35.95
C THR U 142 35.83 -88.62 37.03
N TYR U 143 35.93 -87.31 36.74
CA TYR U 143 36.36 -86.36 37.75
C TYR U 143 35.35 -86.26 38.89
N VAL U 144 34.05 -86.22 38.56
CA VAL U 144 33.03 -86.18 39.62
C VAL U 144 32.96 -87.51 40.38
N ASN U 145 33.12 -88.64 39.68
CA ASN U 145 33.11 -89.93 40.35
C ASN U 145 34.34 -90.13 41.24
N ASP U 146 35.48 -89.52 40.90
CA ASP U 146 36.67 -89.68 41.71
C ASP U 146 36.62 -88.80 42.96
N GLN U 147 36.53 -87.47 42.76
CA GLN U 147 36.54 -86.54 43.89
C GLN U 147 35.42 -85.52 43.86
N GLY U 148 34.72 -85.35 42.76
CA GLY U 148 33.65 -84.36 42.70
C GLY U 148 34.20 -82.95 42.60
N PHE U 149 33.28 -81.99 42.73
CA PHE U 149 33.63 -80.59 42.83
C PHE U 149 33.92 -80.16 44.26
N ALA U 150 34.30 -81.10 45.13
CA ALA U 150 34.35 -80.84 46.57
C ALA U 150 35.46 -79.87 46.94
N GLU U 151 36.64 -80.01 46.34
CA GLU U 151 37.72 -79.08 46.63
C GLU U 151 37.49 -77.73 45.96
N LEU U 152 36.99 -77.74 44.72
CA LEU U 152 36.73 -76.50 44.00
C LEU U 152 35.61 -75.70 44.66
N ALA U 153 34.53 -76.37 45.08
CA ALA U 153 33.47 -75.65 45.79
C ALA U 153 33.91 -75.23 47.18
N ARG U 154 34.87 -75.96 47.78
CA ARG U 154 35.47 -75.50 49.03
C ARG U 154 36.21 -74.19 48.82
N ARG U 155 36.96 -74.07 47.74
CA ARG U 155 37.70 -72.85 47.48
C ARG U 155 36.78 -71.71 47.05
N TYR U 156 35.70 -72.02 46.31
CA TYR U 156 34.70 -71.01 45.97
C TYR U 156 33.95 -70.53 47.21
N ALA U 157 33.63 -71.45 48.13
CA ALA U 157 33.01 -71.07 49.40
C ALA U 157 33.97 -70.30 50.28
N HIS U 158 35.27 -70.57 50.18
CA HIS U 158 36.27 -69.76 50.85
C HIS U 158 36.26 -68.33 50.32
N ASN U 159 36.33 -68.18 48.99
CA ASN U 159 36.34 -66.85 48.37
C ASN U 159 35.01 -66.11 48.54
N LEU U 160 33.92 -66.82 48.80
CA LEU U 160 32.71 -66.17 49.27
C LEU U 160 32.81 -65.82 50.75
N ALA U 161 33.50 -66.65 51.53
CA ALA U 161 33.49 -66.52 52.98
C ALA U 161 34.33 -65.34 53.44
N ASN U 162 35.50 -65.14 52.85
CA ASN U 162 36.22 -63.89 53.02
C ASN U 162 35.80 -62.96 51.89
N ALA U 163 35.69 -61.67 52.20
CA ALA U 163 35.13 -60.77 51.20
C ALA U 163 36.20 -60.28 50.25
N ARG U 164 36.73 -61.17 49.42
CA ARG U 164 37.71 -60.77 48.41
C ARG U 164 37.07 -59.92 47.33
N PHE U 165 35.76 -60.09 47.10
CA PHE U 165 35.01 -59.27 46.16
C PHE U 165 34.86 -57.83 46.63
N LEU U 166 35.16 -57.54 47.90
CA LEU U 166 35.24 -56.15 48.33
C LEU U 166 36.48 -55.47 47.79
N TRP U 167 37.53 -56.25 47.51
CA TRP U 167 38.82 -55.80 46.98
C TRP U 167 39.46 -54.72 47.86
N ARG U 168 39.52 -53.49 47.34
CA ARG U 168 40.11 -52.40 48.08
C ARG U 168 39.24 -51.94 49.24
N ASN U 169 37.97 -52.33 49.27
CA ASN U 169 37.14 -52.14 50.46
C ASN U 169 37.51 -53.09 51.58
N ARG U 170 38.25 -54.16 51.28
CA ARG U 170 38.68 -55.15 52.26
C ARG U 170 40.04 -54.82 52.88
N VAL U 171 40.76 -53.83 52.34
CA VAL U 171 42.17 -53.65 52.68
C VAL U 171 42.32 -53.06 54.08
N GLY U 172 41.63 -51.96 54.36
CA GLY U 172 41.80 -51.32 55.64
C GLY U 172 40.53 -51.30 56.48
N ALA U 173 39.79 -52.39 56.45
CA ALA U 173 38.53 -52.49 57.20
C ALA U 173 38.78 -53.05 58.59
N GLU U 174 38.07 -52.50 59.57
CA GLU U 174 38.22 -52.95 60.95
C GLU U 174 37.66 -54.36 61.15
N ALA U 175 36.51 -54.64 60.56
CA ALA U 175 35.88 -55.94 60.67
C ALA U 175 34.99 -56.17 59.47
N VAL U 176 35.16 -57.32 58.81
CA VAL U 176 34.34 -57.71 57.67
C VAL U 176 33.59 -58.98 58.04
N GLU U 177 32.27 -58.99 57.82
CA GLU U 177 31.41 -60.12 58.14
C GLU U 177 30.53 -60.43 56.94
N VAL U 178 30.48 -61.70 56.54
CA VAL U 178 29.78 -62.13 55.33
C VAL U 178 28.62 -63.02 55.71
N ARG U 179 27.42 -62.66 55.27
CA ARG U 179 26.20 -63.43 55.47
C ARG U 179 25.74 -63.97 54.13
N ILE U 180 25.58 -65.28 54.03
CA ILE U 180 25.26 -65.95 52.78
C ILE U 180 23.99 -66.77 52.99
N ASN U 181 22.94 -66.45 52.24
CA ASN U 181 21.62 -67.04 52.42
C ASN U 181 21.25 -67.88 51.21
N HIS U 182 20.92 -69.15 51.44
CA HIS U 182 20.49 -70.02 50.36
C HIS U 182 18.99 -69.83 50.13
N ILE U 183 18.62 -69.43 48.92
CA ILE U 183 17.23 -69.16 48.57
C ILE U 183 16.74 -70.31 47.71
N ARG U 184 15.89 -71.18 48.29
CA ARG U 184 15.44 -72.36 47.57
C ARG U 184 14.28 -72.03 46.64
N GLN U 185 13.16 -71.58 47.20
CA GLN U 185 12.02 -71.14 46.40
C GLN U 185 11.74 -69.66 46.56
N GLY U 186 11.47 -69.21 47.78
CA GLY U 186 11.31 -67.79 48.05
C GLY U 186 11.79 -67.40 49.43
N GLU U 187 12.39 -68.34 50.15
CA GLU U 187 12.76 -68.14 51.54
C GLU U 187 14.21 -68.56 51.75
N VAL U 188 14.77 -68.11 52.87
CA VAL U 188 16.14 -68.45 53.23
C VAL U 188 16.15 -69.89 53.73
N ALA U 189 16.68 -70.80 52.90
CA ALA U 189 16.75 -72.21 53.27
C ALA U 189 17.84 -72.47 54.30
N ARG U 190 18.96 -71.75 54.22
CA ARG U 190 20.07 -71.94 55.14
C ARG U 190 20.90 -70.66 55.18
N ALA U 191 21.21 -70.18 56.38
CA ALA U 191 21.96 -68.95 56.56
C ALA U 191 23.34 -69.26 57.12
N TRP U 192 24.37 -68.83 56.39
CA TRP U 192 25.76 -68.95 56.82
C TRP U 192 26.27 -67.58 57.24
N ARG U 193 27.02 -67.55 58.33
CA ARG U 193 27.65 -66.32 58.80
C ARG U 193 29.14 -66.58 59.00
N PHE U 194 29.97 -65.73 58.42
CA PHE U 194 31.41 -65.92 58.42
C PHE U 194 32.11 -64.64 58.84
N ASP U 195 33.18 -64.78 59.62
CA ASP U 195 34.09 -63.68 59.91
C ASP U 195 35.12 -63.63 58.78
N ALA U 196 35.02 -62.62 57.93
CA ALA U 196 35.81 -62.59 56.70
C ALA U 196 37.27 -62.28 56.96
N LEU U 197 37.57 -61.55 58.04
CA LEU U 197 38.96 -61.24 58.36
C LEU U 197 39.70 -62.43 58.98
N ALA U 198 38.98 -63.29 59.70
CA ALA U 198 39.61 -64.47 60.30
C ALA U 198 40.01 -65.49 59.23
N ILE U 199 39.21 -65.62 58.19
CA ILE U 199 39.54 -66.50 57.08
C ILE U 199 40.47 -65.75 56.13
N GLY U 200 41.67 -66.28 55.94
CA GLY U 200 42.68 -65.57 55.20
C GLY U 200 42.41 -65.53 53.71
N LEU U 201 43.10 -64.62 53.04
CA LEU U 201 43.01 -64.49 51.59
C LEU U 201 43.88 -65.50 50.87
N ARG U 202 44.69 -66.28 51.60
CA ARG U 202 45.64 -67.19 50.97
C ARG U 202 45.64 -68.60 51.54
N ASP U 203 44.97 -68.85 52.66
CA ASP U 203 44.89 -70.19 53.24
C ASP U 203 43.48 -70.74 53.03
N PHE U 204 43.40 -71.98 52.55
CA PHE U 204 42.13 -72.66 52.32
C PHE U 204 42.03 -73.79 53.34
N LYS U 205 41.51 -73.46 54.52
CA LYS U 205 41.44 -74.41 55.61
C LYS U 205 40.10 -75.13 55.59
N ALA U 206 39.80 -75.88 56.66
CA ALA U 206 38.57 -76.66 56.76
C ALA U 206 37.72 -76.13 57.89
N ASP U 207 36.43 -75.93 57.61
CA ASP U 207 35.47 -75.52 58.62
C ASP U 207 34.14 -76.20 58.32
N ALA U 208 33.32 -76.35 59.36
CA ALA U 208 32.07 -77.11 59.22
C ALA U 208 31.05 -76.33 58.38
N GLU U 209 30.87 -75.04 58.68
CA GLU U 209 29.98 -74.19 57.88
C GLU U 209 30.52 -74.02 56.47
N LEU U 210 31.84 -73.92 56.33
CA LEU U 210 32.47 -73.84 55.02
C LEU U 210 32.29 -75.14 54.24
N ASP U 211 32.32 -76.28 54.94
CA ASP U 211 32.10 -77.56 54.27
C ASP U 211 30.63 -77.71 53.86
N ALA U 212 29.71 -77.18 54.66
CA ALA U 212 28.29 -77.22 54.28
C ALA U 212 28.03 -76.34 53.06
N LEU U 213 28.65 -75.15 53.02
CA LEU U 213 28.54 -74.28 51.85
C LEU U 213 29.19 -74.91 50.63
N ALA U 214 30.31 -75.62 50.84
CA ALA U 214 30.97 -76.36 49.76
C ALA U 214 30.08 -77.47 49.24
N GLU U 215 29.37 -78.18 50.14
CA GLU U 215 28.45 -79.22 49.72
C GLU U 215 27.31 -78.65 48.90
N LEU U 216 26.78 -77.49 49.31
CA LEU U 216 25.70 -76.86 48.56
C LEU U 216 26.16 -76.39 47.18
N ILE U 217 27.34 -75.78 47.10
CA ILE U 217 27.85 -75.30 45.81
C ILE U 217 28.22 -76.47 44.90
N ALA U 218 28.77 -77.54 45.47
CA ALA U 218 29.10 -78.72 44.66
C ALA U 218 27.84 -79.46 44.20
N SER U 219 26.78 -79.45 45.01
CA SER U 219 25.51 -80.02 44.55
C SER U 219 24.89 -79.16 43.47
N GLY U 220 25.07 -77.85 43.55
CA GLY U 220 24.61 -76.97 42.47
C GLY U 220 25.37 -77.18 41.18
N LEU U 221 26.69 -77.42 41.29
CA LEU U 221 27.49 -77.69 40.11
C LEU U 221 27.16 -79.06 39.51
N SER U 222 26.93 -80.06 40.36
CA SER U 222 26.59 -81.40 39.90
C SER U 222 25.12 -81.55 39.51
N GLY U 223 24.27 -80.60 39.88
CA GLY U 223 22.84 -80.72 39.66
C GLY U 223 22.44 -80.42 38.24
N SER U 224 21.13 -80.34 38.03
CA SER U 224 20.56 -80.02 36.74
C SER U 224 19.96 -78.61 36.67
N GLY U 225 19.56 -78.04 37.80
CA GLY U 225 19.01 -76.70 37.83
C GLY U 225 20.04 -75.68 38.26
N HIS U 226 19.73 -74.94 39.33
CA HIS U 226 20.66 -73.95 39.85
C HIS U 226 20.44 -73.77 41.34
N VAL U 227 21.49 -73.30 42.01
CA VAL U 227 21.46 -73.00 43.44
C VAL U 227 21.63 -71.50 43.60
N LEU U 228 20.72 -70.87 44.33
CA LEU U 228 20.69 -69.43 44.48
C LEU U 228 21.17 -69.01 45.86
N LEU U 229 22.14 -68.10 45.88
CA LEU U 229 22.74 -67.63 47.13
C LEU U 229 22.73 -66.11 47.14
N GLU U 230 22.48 -65.54 48.30
CA GLU U 230 22.57 -64.09 48.51
C GLU U 230 23.78 -63.83 49.40
N VAL U 231 24.78 -63.14 48.85
CA VAL U 231 26.02 -62.87 49.57
C VAL U 231 26.05 -61.39 49.91
N VAL U 232 26.06 -61.11 51.22
CA VAL U 232 26.13 -59.74 51.74
C VAL U 232 27.38 -59.65 52.60
N ALA U 233 28.17 -58.60 52.39
CA ALA U 233 29.39 -58.39 53.15
C ALA U 233 29.33 -57.01 53.79
N PHE U 234 29.48 -56.96 55.11
CA PHE U 234 29.54 -55.71 55.85
C PHE U 234 30.99 -55.47 56.24
N ALA U 235 31.53 -54.32 55.83
CA ALA U 235 32.89 -53.92 56.15
C ALA U 235 32.87 -52.67 57.00
N ARG U 236 33.56 -52.72 58.15
CA ARG U 236 33.68 -51.56 59.02
C ARG U 236 34.90 -50.77 58.57
N ILE U 237 34.72 -50.04 57.47
CA ILE U 237 35.81 -49.27 56.88
C ILE U 237 36.15 -48.07 57.75
N GLY U 238 35.14 -47.35 58.20
CA GLY U 238 35.32 -46.12 58.93
C GLY U 238 34.26 -45.12 58.53
N ASP U 239 34.03 -44.14 59.40
CA ASP U 239 32.92 -43.21 59.21
C ASP U 239 33.25 -42.21 58.11
N GLY U 240 32.42 -42.18 57.06
CA GLY U 240 32.62 -41.25 55.99
C GLY U 240 33.76 -41.57 55.04
N GLN U 241 34.32 -42.78 55.12
CA GLN U 241 35.51 -43.12 54.38
C GLN U 241 35.18 -43.34 52.89
N GLU U 242 36.23 -43.56 52.12
CA GLU U 242 36.09 -43.70 50.67
C GLU U 242 35.93 -45.18 50.32
N VAL U 243 34.77 -45.52 49.77
CA VAL U 243 34.55 -46.86 49.25
C VAL U 243 35.02 -46.89 47.80
N PHE U 244 35.29 -48.10 47.30
CA PHE U 244 35.92 -48.28 45.99
C PHE U 244 35.06 -49.20 45.14
N PRO U 245 34.08 -48.66 44.42
CA PRO U 245 33.39 -49.46 43.41
C PRO U 245 34.26 -49.68 42.19
N SER U 246 33.73 -50.45 41.25
CA SER U 246 34.46 -50.75 40.04
C SER U 246 34.53 -49.52 39.15
N GLN U 247 35.73 -49.22 38.65
CA GLN U 247 35.93 -48.08 37.77
C GLN U 247 35.58 -48.49 36.34
N GLU U 248 34.83 -47.65 35.64
CA GLU U 248 34.35 -47.99 34.31
C GLU U 248 35.46 -47.79 33.29
N LEU U 249 35.64 -48.77 32.41
CA LEU U 249 36.64 -48.70 31.35
C LEU U 249 36.03 -47.94 30.18
N ILE U 250 36.36 -46.65 30.08
CA ILE U 250 35.92 -45.80 29.00
C ILE U 250 37.15 -45.31 28.24
N LEU U 251 37.19 -45.58 26.95
CA LEU U 251 38.31 -45.15 26.12
C LEU U 251 38.14 -43.69 25.73
N ASP U 252 39.21 -42.91 25.87
CA ASP U 252 39.16 -41.51 25.46
C ASP U 252 39.14 -41.38 23.93
N LYS U 253 39.74 -42.33 23.23
CA LYS U 253 39.71 -42.45 21.76
C LYS U 253 40.33 -41.24 21.06
N GLY U 254 41.26 -40.57 21.74
CA GLY U 254 41.97 -39.43 21.17
C GLY U 254 41.12 -38.21 20.88
N ASP U 255 40.13 -37.94 21.71
CA ASP U 255 39.27 -36.78 21.51
C ASP U 255 39.99 -35.50 21.93
N LYS U 256 39.58 -34.39 21.34
CA LYS U 256 40.23 -33.12 21.62
C LYS U 256 39.85 -32.57 22.99
N LYS U 257 38.57 -32.67 23.35
CA LYS U 257 38.11 -32.13 24.62
C LYS U 257 38.55 -33.03 25.77
N GLY U 258 39.07 -32.41 26.84
CA GLY U 258 39.47 -33.16 28.01
C GLY U 258 38.26 -33.73 28.74
N GLN U 259 38.43 -34.93 29.28
CA GLN U 259 37.35 -35.66 29.94
C GLN U 259 37.67 -35.82 31.42
N LYS U 260 36.72 -36.43 32.13
CA LYS U 260 36.95 -36.80 33.52
C LYS U 260 37.88 -38.01 33.57
N SER U 261 38.90 -37.94 34.43
CA SER U 261 39.92 -38.98 34.45
C SER U 261 39.41 -40.26 35.09
N LYS U 262 38.61 -40.15 36.15
CA LYS U 262 38.11 -41.30 36.88
C LYS U 262 36.58 -41.31 36.81
N THR U 263 36.04 -42.44 36.39
CA THR U 263 34.59 -42.65 36.38
C THR U 263 34.28 -43.93 37.14
N LEU U 264 33.12 -43.97 37.77
CA LEU U 264 32.73 -45.11 38.58
C LEU U 264 31.52 -45.81 37.98
N TYR U 265 31.05 -46.85 38.67
CA TYR U 265 29.97 -47.68 38.19
C TYR U 265 28.80 -47.60 39.16
N SER U 266 27.59 -47.44 38.61
CA SER U 266 26.38 -47.42 39.40
C SER U 266 25.25 -47.98 38.55
N VAL U 267 24.21 -48.49 39.20
CA VAL U 267 23.06 -49.05 38.52
C VAL U 267 21.87 -48.06 38.47
N ARG U 268 21.41 -47.57 39.63
CA ARG U 268 20.38 -46.53 39.65
C ARG U 268 20.61 -45.71 40.92
N ASP U 269 21.43 -44.66 40.78
CA ASP U 269 21.88 -43.81 41.90
C ASP U 269 22.44 -44.63 43.06
N ALA U 270 23.21 -45.66 42.72
CA ALA U 270 23.60 -46.67 43.70
C ALA U 270 24.88 -47.33 43.20
N ALA U 271 25.99 -47.07 43.91
CA ALA U 271 27.30 -47.54 43.47
C ALA U 271 27.37 -49.06 43.47
N ALA U 272 28.12 -49.60 42.51
CA ALA U 272 28.13 -51.04 42.31
C ALA U 272 29.49 -51.48 41.77
N ILE U 273 29.78 -52.76 41.96
CA ILE U 273 30.95 -53.41 41.38
C ILE U 273 30.49 -54.28 40.22
N HIS U 274 31.31 -54.35 39.17
CA HIS U 274 30.99 -55.18 38.01
C HIS U 274 30.96 -56.65 38.40
N SER U 275 30.14 -57.42 37.66
CA SER U 275 29.98 -58.84 37.95
C SER U 275 31.26 -59.62 37.64
N GLN U 276 32.02 -59.17 36.64
CA GLN U 276 33.25 -59.86 36.28
C GLN U 276 34.33 -59.66 37.34
N LYS U 277 34.30 -58.54 38.06
CA LYS U 277 35.24 -58.35 39.16
C LYS U 277 34.92 -59.27 40.33
N ILE U 278 33.63 -59.44 40.64
CA ILE U 278 33.19 -60.37 41.67
C ILE U 278 33.51 -61.80 41.27
N GLY U 279 33.35 -62.12 39.98
CA GLY U 279 33.72 -63.43 39.49
C GLY U 279 35.21 -63.69 39.54
N ASN U 280 36.01 -62.65 39.24
CA ASN U 280 37.46 -62.78 39.34
C ASN U 280 37.91 -62.99 40.77
N ALA U 281 37.26 -62.32 41.71
CA ALA U 281 37.58 -62.54 43.12
C ALA U 281 37.11 -63.92 43.58
N LEU U 282 35.99 -64.40 43.05
CA LEU U 282 35.51 -65.74 43.40
C LEU U 282 36.39 -66.83 42.81
N ARG U 283 36.98 -66.59 41.65
CA ARG U 283 37.83 -67.56 40.97
C ARG U 283 39.28 -67.50 41.44
N THR U 284 39.61 -66.65 42.41
CA THR U 284 40.98 -66.54 42.92
C THR U 284 41.27 -67.71 43.85
N ILE U 285 41.43 -68.89 43.23
CA ILE U 285 41.55 -70.15 43.96
C ILE U 285 42.79 -70.89 43.48
N ASP U 286 43.40 -70.42 42.40
CA ASP U 286 44.50 -71.12 41.76
C ASP U 286 45.77 -70.93 42.58
N THR U 287 46.10 -71.93 43.41
CA THR U 287 47.34 -71.97 44.16
C THR U 287 48.27 -73.07 43.65
N TRP U 288 48.15 -73.43 42.38
CA TRP U 288 48.90 -74.54 41.80
C TRP U 288 49.72 -74.13 40.59
N TYR U 289 49.95 -72.84 40.39
CA TYR U 289 50.76 -72.39 39.26
C TYR U 289 52.23 -72.68 39.54
N PRO U 290 53.03 -72.94 38.48
CA PRO U 290 54.43 -73.36 38.71
C PRO U 290 55.33 -72.28 39.30
N ASP U 291 54.95 -71.01 39.22
CA ASP U 291 55.70 -69.98 39.91
C ASP U 291 55.42 -70.05 41.41
N GLU U 292 56.29 -69.40 42.18
CA GLU U 292 56.17 -69.39 43.64
C GLU U 292 54.91 -68.63 44.07
N ASP U 293 54.28 -69.14 45.13
CA ASP U 293 53.03 -68.56 45.62
C ASP U 293 53.29 -67.50 46.68
N GLY U 294 54.13 -66.52 46.36
CA GLY U 294 54.27 -65.36 47.22
C GLY U 294 53.02 -64.51 47.23
N LEU U 295 52.36 -64.38 46.08
CA LEU U 295 51.06 -63.72 46.03
C LEU U 295 50.00 -64.54 46.73
N GLY U 296 50.04 -65.86 46.57
CA GLY U 296 48.98 -66.72 47.02
C GLY U 296 48.14 -67.17 45.83
N PRO U 297 46.83 -67.24 46.01
CA PRO U 297 45.96 -67.64 44.91
C PRO U 297 45.85 -66.56 43.85
N ILE U 298 45.70 -66.99 42.60
CA ILE U 298 45.42 -66.11 41.48
C ILE U 298 44.09 -66.55 40.86
N ALA U 299 43.54 -65.69 40.03
CA ALA U 299 42.27 -66.00 39.36
C ALA U 299 42.48 -67.09 38.31
N VAL U 300 41.48 -67.96 38.17
CA VAL U 300 41.57 -69.06 37.22
C VAL U 300 41.39 -68.49 35.82
N GLU U 301 42.48 -68.39 35.07
CA GLU U 301 42.48 -67.91 33.70
C GLU U 301 43.22 -68.90 32.82
N PRO U 302 42.84 -68.99 31.55
CA PRO U 302 43.74 -69.63 30.57
C PRO U 302 45.00 -68.81 30.42
N TYR U 303 46.14 -69.50 30.42
CA TYR U 303 47.49 -68.92 30.51
C TYR U 303 47.67 -68.03 31.73
N GLY U 304 46.99 -68.36 32.83
CA GLY U 304 47.14 -67.80 34.16
C GLY U 304 47.37 -66.31 34.34
N SER U 305 46.61 -65.50 33.59
CA SER U 305 46.90 -64.07 33.49
C SER U 305 46.47 -63.33 34.76
N VAL U 306 47.38 -62.51 35.28
CA VAL U 306 47.10 -61.64 36.41
C VAL U 306 47.29 -60.20 35.95
N THR U 307 46.21 -59.41 35.99
CA THR U 307 46.29 -58.04 35.50
C THR U 307 46.99 -57.12 36.48
N SER U 308 46.98 -57.44 37.77
CA SER U 308 47.65 -56.60 38.76
C SER U 308 49.17 -56.74 38.72
N GLN U 309 49.69 -57.76 38.05
CA GLN U 309 51.13 -57.95 37.93
C GLN U 309 51.68 -57.65 36.55
N GLY U 310 50.85 -57.75 35.51
CA GLY U 310 51.37 -57.64 34.16
C GLY U 310 52.15 -58.84 33.68
N LYS U 311 52.07 -59.96 34.41
CA LYS U 311 52.78 -61.18 34.07
C LYS U 311 51.79 -62.33 34.07
N ALA U 312 51.99 -63.26 33.14
CA ALA U 312 51.10 -64.41 32.99
C ALA U 312 51.85 -65.66 33.45
N TYR U 313 51.41 -66.23 34.57
CA TYR U 313 51.88 -67.53 35.01
C TYR U 313 51.20 -68.62 34.20
N ARG U 314 51.62 -69.88 34.42
CA ARG U 314 51.13 -71.06 33.71
C ARG U 314 51.28 -70.90 32.19
N GLN U 315 52.50 -70.63 31.77
CA GLN U 315 52.79 -70.37 30.37
C GLN U 315 52.70 -71.67 29.56
N PRO U 316 52.37 -71.58 28.26
CA PRO U 316 52.32 -72.79 27.44
C PRO U 316 53.68 -73.42 27.15
N LYS U 317 54.79 -72.71 27.39
CA LYS U 317 56.10 -73.35 27.25
C LYS U 317 56.34 -74.37 28.35
N GLN U 318 55.72 -74.19 29.51
CA GLN U 318 55.56 -75.25 30.48
C GLN U 318 54.29 -76.03 30.17
N LYS U 319 54.21 -77.25 30.69
CA LYS U 319 53.03 -78.08 30.44
C LYS U 319 51.99 -77.91 31.55
N LEU U 320 51.65 -76.66 31.86
CA LEU U 320 50.70 -76.38 32.93
C LEU U 320 49.68 -75.32 32.56
N ASP U 321 49.63 -74.87 31.31
CA ASP U 321 48.53 -74.03 30.86
C ASP U 321 47.28 -74.88 30.66
N PHE U 322 46.14 -74.21 30.57
CA PHE U 322 44.85 -74.90 30.57
C PHE U 322 44.63 -75.71 29.30
N TYR U 323 45.08 -75.19 28.15
CA TYR U 323 44.80 -75.85 26.88
C TYR U 323 45.56 -77.16 26.74
N THR U 324 46.86 -77.14 27.03
CA THR U 324 47.67 -78.36 26.92
C THR U 324 47.27 -79.39 27.97
N LEU U 325 46.87 -78.92 29.16
CA LEU U 325 46.36 -79.82 30.19
C LEU U 325 45.05 -80.48 29.76
N LEU U 326 44.18 -79.73 29.08
CA LEU U 326 42.94 -80.32 28.57
C LEU U 326 43.19 -81.33 27.47
N ASP U 327 44.10 -81.02 26.53
CA ASP U 327 44.38 -81.99 25.46
C ASP U 327 45.13 -83.21 25.98
N ASN U 328 45.89 -83.06 27.06
CA ASN U 328 46.50 -84.24 27.67
C ASN U 328 45.48 -85.07 28.43
N TRP U 329 44.57 -84.43 29.16
CA TRP U 329 43.60 -85.16 29.96
C TRP U 329 42.55 -85.84 29.09
N VAL U 330 42.15 -85.21 28.00
CA VAL U 330 41.04 -85.68 27.19
C VAL U 330 41.51 -86.54 26.01
N LEU U 331 42.42 -86.02 25.20
CA LEU U 331 42.79 -86.70 23.96
C LEU U 331 43.78 -87.83 24.21
N ARG U 332 44.94 -87.50 24.75
CA ARG U 332 46.02 -88.47 24.93
C ARG U 332 45.92 -89.26 26.22
N ASP U 333 44.86 -89.02 27.01
CA ASP U 333 44.55 -89.71 28.27
C ASP U 333 45.65 -89.52 29.32
N GLU U 334 46.48 -88.49 29.18
CA GLU U 334 47.50 -88.17 30.18
C GLU U 334 46.82 -87.32 31.25
N ALA U 335 46.25 -88.00 32.22
CA ALA U 335 45.58 -87.32 33.32
C ALA U 335 46.62 -86.64 34.20
N PRO U 336 46.53 -85.34 34.41
CA PRO U 336 47.54 -84.65 35.23
C PRO U 336 47.37 -84.90 36.72
N ALA U 337 48.14 -84.17 37.52
CA ALA U 337 47.98 -84.23 38.97
C ALA U 337 46.62 -83.66 39.38
N VAL U 338 46.23 -83.98 40.62
CA VAL U 338 44.89 -83.64 41.12
C VAL U 338 44.71 -82.14 41.20
N GLU U 339 45.79 -81.42 41.51
CA GLU U 339 45.75 -79.95 41.52
C GLU U 339 45.50 -79.38 40.13
N GLN U 340 46.14 -79.95 39.11
CA GLN U 340 45.93 -79.46 37.76
C GLN U 340 44.57 -79.89 37.21
N GLN U 341 44.06 -81.04 37.66
CA GLN U 341 42.68 -81.41 37.33
C GLN U 341 41.69 -80.44 37.97
N HIS U 342 41.97 -80.01 39.20
CA HIS U 342 41.16 -78.98 39.85
C HIS U 342 41.21 -77.67 39.08
N TYR U 343 42.39 -77.31 38.58
CA TYR U 343 42.54 -76.09 37.78
C TYR U 343 41.78 -76.17 36.46
N VAL U 344 41.81 -77.33 35.81
CA VAL U 344 41.11 -77.52 34.55
C VAL U 344 39.59 -77.45 34.75
N ILE U 345 39.07 -78.12 35.78
CA ILE U 345 37.64 -78.07 36.04
C ILE U 345 37.23 -76.69 36.56
N ALA U 346 38.14 -75.97 37.23
CA ALA U 346 37.85 -74.58 37.60
C ALA U 346 37.78 -73.67 36.38
N ASN U 347 38.57 -73.95 35.35
CA ASN U 347 38.42 -73.25 34.08
C ASN U 347 37.10 -73.59 33.40
N LEU U 348 36.68 -74.86 33.48
CA LEU U 348 35.41 -75.26 32.88
C LEU U 348 34.22 -74.60 33.58
N ILE U 349 34.29 -74.49 34.91
CA ILE U 349 33.29 -73.75 35.65
C ILE U 349 33.36 -72.26 35.32
N ARG U 350 34.59 -71.73 35.16
CA ARG U 350 34.78 -70.35 34.75
C ARG U 350 34.24 -70.09 33.36
N GLY U 351 34.44 -71.03 32.45
CA GLY U 351 34.01 -70.86 31.08
C GLY U 351 35.12 -70.32 30.20
N GLY U 352 34.70 -69.81 29.06
CA GLY U 352 35.63 -69.26 28.10
C GLY U 352 35.36 -69.79 26.70
N VAL U 353 35.96 -69.16 25.71
CA VAL U 353 35.78 -69.55 24.32
C VAL U 353 37.10 -70.12 23.84
N PHE U 354 37.11 -71.40 23.52
CA PHE U 354 38.31 -72.12 23.13
C PHE U 354 38.13 -72.68 21.72
N GLY U 355 39.09 -73.49 21.29
CA GLY U 355 39.01 -74.14 20.00
C GLY U 355 39.94 -73.57 18.95
N GLU U 356 40.80 -74.43 18.40
CA GLU U 356 41.71 -74.01 17.34
C GLU U 356 40.94 -73.87 16.02
N ALA U 357 41.56 -73.17 15.08
CA ALA U 357 40.93 -72.90 13.79
C ALA U 357 40.88 -74.16 12.92
#